data_2G0L
#
_entry.id   2G0L
#
loop_
_entity.id
_entity.type
_entity.pdbx_description
1 polymer NEOCARZINOSTATIN
2 non-polymer 2-PHENYL-4H-CHROMEN-4-ONE
#
_entity_poly.entity_id   1
_entity_poly.type   'polypeptide(L)'
_entity_poly.pdbx_seq_one_letter_code
;HHHHHHLQGAAPTATVTPSSGLSDGTVVKVAGAGLQAGTAYDVGQCAWVDTGVLACNPADFSSVTADANGSASTSLTVRR
SFEGFLFDGTRWGTVDCTTAACQVGLSDAAGNGPEGVAISFN
;
_entity_poly.pdbx_strand_id   A
#
# COMPACT_ATOMS: atom_id res chain seq x y z
N ALA A 10 8.05 -11.29 -17.86
CA ALA A 10 9.31 -10.54 -17.71
C ALA A 10 9.53 -10.16 -16.25
N ALA A 11 10.75 -9.74 -15.93
CA ALA A 11 11.08 -9.38 -14.57
C ALA A 11 10.91 -7.87 -14.34
N PRO A 12 9.93 -7.50 -13.50
CA PRO A 12 9.65 -6.09 -13.18
C PRO A 12 10.66 -5.52 -12.21
N THR A 13 10.60 -4.21 -11.98
CA THR A 13 11.53 -3.57 -11.07
C THR A 13 10.79 -2.77 -10.00
N ALA A 14 10.33 -3.48 -8.98
CA ALA A 14 9.60 -2.84 -7.88
C ALA A 14 10.57 -2.43 -6.79
N THR A 15 10.83 -1.14 -6.69
CA THR A 15 11.74 -0.61 -5.69
C THR A 15 11.01 0.27 -4.69
N VAL A 16 10.67 -0.28 -3.54
CA VAL A 16 9.95 0.48 -2.52
C VAL A 16 10.80 0.64 -1.26
N THR A 17 10.43 1.62 -0.45
CA THR A 17 11.12 1.89 0.79
C THR A 17 10.18 1.78 1.98
N PRO A 18 10.14 0.61 2.63
CA PRO A 18 9.27 0.37 3.79
C PRO A 18 9.75 1.09 5.05
N SER A 19 8.82 1.50 5.89
CA SER A 19 9.15 2.20 7.12
C SER A 19 9.54 1.21 8.22
N SER A 20 10.82 0.89 8.28
CA SER A 20 11.32 -0.04 9.28
C SER A 20 12.05 0.70 10.40
N GLY A 21 11.48 0.66 11.60
CA GLY A 21 12.07 1.33 12.73
C GLY A 21 11.70 2.79 12.82
N LEU A 22 10.55 3.13 12.24
CA LEU A 22 10.09 4.50 12.24
C LEU A 22 8.74 4.58 12.94
N SER A 23 8.34 5.77 13.35
CA SER A 23 7.07 5.97 14.04
C SER A 23 5.93 6.16 13.04
N ASP A 24 4.73 6.40 13.55
CA ASP A 24 3.58 6.61 12.68
C ASP A 24 3.63 8.01 12.10
N GLY A 25 2.99 8.21 10.97
CA GLY A 25 3.00 9.51 10.31
C GLY A 25 4.12 9.59 9.30
N THR A 26 4.87 8.51 9.18
CA THR A 26 5.99 8.42 8.25
C THR A 26 5.48 8.27 6.82
N VAL A 27 6.23 8.83 5.87
CA VAL A 27 5.86 8.75 4.48
C VAL A 27 6.57 7.58 3.79
N VAL A 28 5.79 6.59 3.41
CA VAL A 28 6.31 5.41 2.74
C VAL A 28 6.54 5.71 1.26
N LYS A 29 7.74 5.42 0.79
CA LYS A 29 8.11 5.68 -0.60
C LYS A 29 7.88 4.43 -1.44
N VAL A 30 7.07 4.57 -2.48
CA VAL A 30 6.77 3.46 -3.37
C VAL A 30 7.06 3.80 -4.82
N ALA A 31 7.89 3.00 -5.47
CA ALA A 31 8.25 3.20 -6.87
C ALA A 31 8.25 1.88 -7.62
N GLY A 32 7.24 1.68 -8.44
CA GLY A 32 7.15 0.45 -9.21
C GLY A 32 7.41 0.68 -10.68
N ALA A 33 8.40 -0.02 -11.22
CA ALA A 33 8.74 0.11 -12.62
C ALA A 33 8.56 -1.20 -13.36
N GLY A 34 8.24 -1.13 -14.64
CA GLY A 34 8.03 -2.33 -15.43
C GLY A 34 6.62 -2.85 -15.27
N LEU A 35 5.69 -1.91 -15.11
CA LEU A 35 4.30 -2.24 -14.94
C LEU A 35 3.52 -1.98 -16.23
N GLN A 36 2.20 -2.04 -16.14
CA GLN A 36 1.35 -1.82 -17.31
C GLN A 36 1.03 -0.34 -17.45
N ALA A 37 1.63 0.30 -18.45
CA ALA A 37 1.41 1.71 -18.70
C ALA A 37 -0.06 2.00 -18.98
N GLY A 38 -0.66 2.83 -18.13
CA GLY A 38 -2.06 3.17 -18.29
C GLY A 38 -2.92 2.63 -17.17
N THR A 39 -2.40 1.63 -16.46
CA THR A 39 -3.12 1.04 -15.36
C THR A 39 -2.96 1.87 -14.09
N ALA A 40 -4.04 1.99 -13.32
CA ALA A 40 -4.02 2.73 -12.08
C ALA A 40 -3.72 1.80 -10.92
N TYR A 41 -2.67 2.08 -10.18
CA TYR A 41 -2.27 1.23 -9.06
C TYR A 41 -2.59 1.92 -7.74
N ASP A 42 -3.40 1.26 -6.92
CA ASP A 42 -3.77 1.79 -5.63
C ASP A 42 -2.76 1.34 -4.59
N VAL A 43 -2.26 2.28 -3.81
CA VAL A 43 -1.27 1.98 -2.79
C VAL A 43 -1.65 2.64 -1.47
N GLY A 44 -1.63 1.86 -0.41
CA GLY A 44 -1.95 2.35 0.90
C GLY A 44 -1.32 1.48 1.96
N GLN A 45 -1.60 1.78 3.23
CA GLN A 45 -1.06 0.98 4.32
C GLN A 45 -1.95 -0.24 4.56
N CYS A 46 -2.19 -0.97 3.48
CA CYS A 46 -3.03 -2.16 3.52
C CYS A 46 -2.43 -3.23 4.42
N ALA A 47 -3.00 -3.40 5.60
CA ALA A 47 -2.53 -4.38 6.55
C ALA A 47 -3.57 -5.47 6.74
N TRP A 48 -3.24 -6.45 7.58
CA TRP A 48 -4.13 -7.56 7.86
C TRP A 48 -5.36 -7.06 8.62
N VAL A 49 -6.54 -7.38 8.12
CA VAL A 49 -7.77 -6.95 8.78
C VAL A 49 -8.58 -8.15 9.27
N ASP A 50 -8.43 -9.28 8.58
CA ASP A 50 -9.13 -10.51 8.93
C ASP A 50 -8.31 -11.71 8.48
N THR A 51 -8.78 -12.91 8.78
CA THR A 51 -8.07 -14.12 8.41
C THR A 51 -7.98 -14.27 6.89
N GLY A 52 -6.84 -13.85 6.34
CA GLY A 52 -6.63 -13.93 4.91
C GLY A 52 -7.14 -12.71 4.18
N VAL A 53 -7.66 -11.75 4.94
CA VAL A 53 -8.20 -10.53 4.37
C VAL A 53 -7.38 -9.33 4.81
N LEU A 54 -7.06 -8.47 3.85
CA LEU A 54 -6.30 -7.27 4.14
C LEU A 54 -7.14 -6.06 3.77
N ALA A 55 -6.73 -4.87 4.18
CA ALA A 55 -7.49 -3.67 3.88
C ALA A 55 -6.61 -2.44 3.81
N CYS A 56 -6.88 -1.58 2.82
CA CYS A 56 -6.12 -0.35 2.62
C CYS A 56 -6.82 0.83 3.27
N ASN A 57 -6.15 1.98 3.32
CA ASN A 57 -6.71 3.17 3.93
C ASN A 57 -7.14 4.17 2.86
N PRO A 58 -8.42 4.55 2.84
CA PRO A 58 -8.95 5.50 1.85
C PRO A 58 -8.71 6.95 2.26
N ALA A 59 -8.21 7.14 3.47
CA ALA A 59 -7.94 8.48 3.98
C ALA A 59 -6.67 9.05 3.37
N ASP A 60 -5.53 8.50 3.77
CA ASP A 60 -4.24 8.96 3.26
C ASP A 60 -3.74 8.04 2.15
N PHE A 61 -4.53 7.93 1.09
CA PHE A 61 -4.17 7.08 -0.04
C PHE A 61 -3.86 7.93 -1.26
N SER A 62 -3.00 7.42 -2.12
CA SER A 62 -2.61 8.12 -3.33
C SER A 62 -2.33 7.15 -4.45
N SER A 63 -3.40 6.71 -5.12
CA SER A 63 -3.26 5.79 -6.23
C SER A 63 -2.50 6.47 -7.37
N VAL A 64 -1.53 5.78 -7.93
CA VAL A 64 -0.73 6.33 -9.00
C VAL A 64 -0.88 5.53 -10.28
N THR A 65 -1.00 6.24 -11.40
CA THR A 65 -1.14 5.59 -12.70
C THR A 65 0.25 5.44 -13.32
N ALA A 66 0.44 4.38 -14.11
CA ALA A 66 1.72 4.14 -14.75
C ALA A 66 1.95 5.14 -15.88
N ASP A 67 3.17 5.67 -15.95
CA ASP A 67 3.54 6.64 -16.98
C ASP A 67 3.91 5.96 -18.30
N ALA A 68 4.39 6.74 -19.26
CA ALA A 68 4.78 6.22 -20.57
C ALA A 68 5.99 5.30 -20.48
N ASN A 69 6.66 5.31 -19.35
CA ASN A 69 7.83 4.47 -19.14
C ASN A 69 7.41 3.19 -18.43
N GLY A 70 6.14 3.13 -18.05
CA GLY A 70 5.62 1.96 -17.35
C GLY A 70 6.02 1.96 -15.90
N SER A 71 6.20 3.15 -15.34
CA SER A 71 6.60 3.29 -13.95
C SER A 71 5.55 4.07 -13.15
N ALA A 72 5.49 3.82 -11.85
CA ALA A 72 4.55 4.48 -10.97
C ALA A 72 5.18 4.80 -9.63
N SER A 73 5.37 6.08 -9.34
CA SER A 73 5.97 6.51 -8.09
C SER A 73 4.93 7.24 -7.23
N THR A 74 4.83 6.85 -5.96
CA THR A 74 3.88 7.46 -5.05
C THR A 74 4.42 7.46 -3.61
N SER A 75 3.72 8.14 -2.71
CA SER A 75 4.10 8.22 -1.32
C SER A 75 2.86 8.19 -0.43
N LEU A 76 2.88 7.34 0.59
CA LEU A 76 1.73 7.21 1.49
C LEU A 76 2.13 7.50 2.93
N THR A 77 1.20 8.00 3.72
CA THR A 77 1.45 8.29 5.12
C THR A 77 0.85 7.21 6.00
N VAL A 78 1.70 6.44 6.67
CA VAL A 78 1.25 5.37 7.54
C VAL A 78 0.67 5.91 8.85
N ARG A 79 -0.62 5.69 9.04
CA ARG A 79 -1.29 6.14 10.26
C ARG A 79 -1.32 4.99 11.27
N ARG A 80 -1.61 5.31 12.52
CA ARG A 80 -1.66 4.31 13.57
C ARG A 80 -2.96 3.53 13.47
N SER A 81 -4.04 4.25 13.22
CA SER A 81 -5.37 3.67 13.07
C SER A 81 -5.99 4.18 11.76
N PHE A 82 -6.48 3.27 10.94
CA PHE A 82 -7.07 3.66 9.66
C PHE A 82 -8.27 2.80 9.32
N GLU A 83 -9.11 3.32 8.44
CA GLU A 83 -10.29 2.61 7.99
C GLU A 83 -9.90 1.58 6.94
N GLY A 84 -10.10 0.31 7.23
CA GLY A 84 -9.74 -0.73 6.30
C GLY A 84 -10.77 -0.90 5.19
N PHE A 85 -10.31 -0.80 3.95
CA PHE A 85 -11.20 -0.93 2.80
C PHE A 85 -10.63 -1.92 1.80
N LEU A 86 -11.52 -2.67 1.15
CA LEU A 86 -11.12 -3.65 0.16
C LEU A 86 -10.90 -2.96 -1.18
N PHE A 87 -10.54 -3.72 -2.20
CA PHE A 87 -10.30 -3.14 -3.52
C PHE A 87 -11.60 -2.94 -4.28
N ASP A 88 -12.65 -3.61 -3.82
CA ASP A 88 -13.96 -3.50 -4.47
C ASP A 88 -14.65 -2.20 -4.04
N GLY A 89 -14.43 -1.81 -2.79
CA GLY A 89 -15.03 -0.59 -2.28
C GLY A 89 -15.70 -0.81 -0.94
N THR A 90 -15.78 -2.07 -0.52
CA THR A 90 -16.41 -2.40 0.75
C THR A 90 -15.40 -2.28 1.89
N ARG A 91 -15.86 -1.81 3.04
CA ARG A 91 -15.00 -1.66 4.20
C ARG A 91 -15.06 -2.91 5.07
N TRP A 92 -14.04 -3.10 5.90
CA TRP A 92 -14.00 -4.26 6.79
C TRP A 92 -13.96 -3.82 8.26
N GLY A 93 -13.50 -2.60 8.49
CA GLY A 93 -13.43 -2.09 9.85
C GLY A 93 -12.19 -1.24 10.07
N THR A 94 -12.11 -0.62 11.24
CA THR A 94 -10.97 0.22 11.58
C THR A 94 -9.79 -0.61 12.08
N VAL A 95 -8.69 -0.57 11.33
CA VAL A 95 -7.49 -1.32 11.69
C VAL A 95 -6.60 -0.45 12.57
N ASP A 96 -6.06 -1.04 13.62
CA ASP A 96 -5.20 -0.32 14.55
C ASP A 96 -3.88 -1.04 14.73
N CYS A 97 -2.78 -0.37 14.41
CA CYS A 97 -1.46 -0.97 14.52
C CYS A 97 -0.68 -0.42 15.71
N THR A 98 -1.29 -0.42 16.89
CA THR A 98 -0.62 0.03 18.09
C THR A 98 0.15 -1.13 18.72
N THR A 99 -0.54 -2.25 18.93
CA THR A 99 0.09 -3.42 19.51
C THR A 99 0.49 -4.39 18.40
N ALA A 100 0.00 -4.13 17.20
CA ALA A 100 0.29 -4.95 16.04
C ALA A 100 1.07 -4.13 15.01
N ALA A 101 1.69 -4.82 14.06
CA ALA A 101 2.48 -4.16 13.05
C ALA A 101 1.68 -3.96 11.76
N CYS A 102 1.94 -2.86 11.07
CA CYS A 102 1.23 -2.56 9.84
C CYS A 102 2.09 -2.98 8.65
N GLN A 103 1.62 -2.70 7.44
CA GLN A 103 2.35 -3.05 6.23
C GLN A 103 1.86 -2.20 5.06
N VAL A 104 2.52 -2.35 3.91
CA VAL A 104 2.14 -1.58 2.73
C VAL A 104 1.48 -2.46 1.69
N GLY A 105 0.45 -1.93 1.05
CA GLY A 105 -0.26 -2.67 0.03
C GLY A 105 -0.26 -1.92 -1.28
N LEU A 106 0.14 -2.60 -2.34
CA LEU A 106 0.20 -1.98 -3.67
C LEU A 106 -0.31 -2.95 -4.73
N SER A 107 -1.44 -2.61 -5.34
CA SER A 107 -2.02 -3.44 -6.38
C SER A 107 -2.93 -2.62 -7.29
N ASP A 108 -3.27 -3.17 -8.44
CA ASP A 108 -4.15 -2.48 -9.39
C ASP A 108 -5.61 -2.62 -8.94
N ALA A 109 -6.52 -2.09 -9.74
CA ALA A 109 -7.95 -2.16 -9.43
C ALA A 109 -8.42 -3.60 -9.23
N ALA A 110 -7.82 -4.54 -9.95
CA ALA A 110 -8.18 -5.94 -9.83
C ALA A 110 -7.55 -6.57 -8.60
N GLY A 111 -6.24 -6.41 -8.47
CA GLY A 111 -5.55 -6.95 -7.32
C GLY A 111 -4.23 -7.60 -7.69
N ASN A 112 -3.56 -7.06 -8.70
CA ASN A 112 -2.28 -7.59 -9.14
C ASN A 112 -1.19 -6.55 -8.97
N GLY A 113 0.04 -7.01 -8.80
CA GLY A 113 1.15 -6.10 -8.62
C GLY A 113 2.29 -6.74 -7.85
N PRO A 114 3.12 -5.93 -7.20
CA PRO A 114 4.25 -6.42 -6.41
C PRO A 114 3.79 -7.08 -5.11
N GLU A 115 4.71 -7.76 -4.45
CA GLU A 115 4.39 -8.44 -3.19
C GLU A 115 4.34 -7.43 -2.05
N GLY A 116 3.51 -7.72 -1.05
CA GLY A 116 3.37 -6.83 0.07
C GLY A 116 4.59 -6.80 0.97
N VAL A 117 4.88 -5.63 1.53
CA VAL A 117 6.02 -5.47 2.41
C VAL A 117 5.55 -4.99 3.78
N ALA A 118 6.02 -5.67 4.83
CA ALA A 118 5.63 -5.32 6.18
C ALA A 118 6.53 -4.24 6.77
N ILE A 119 5.98 -3.43 7.65
CA ILE A 119 6.72 -2.37 8.31
C ILE A 119 6.59 -2.51 9.82
N SER A 120 7.44 -1.84 10.56
CA SER A 120 7.40 -1.92 12.02
C SER A 120 7.81 -0.59 12.65
N PHE A 121 7.13 -0.22 13.73
CA PHE A 121 7.41 1.01 14.43
C PHE A 121 8.55 0.80 15.43
N ASN A 122 9.10 1.89 15.94
CA ASN A 122 10.19 1.82 16.89
C ASN A 122 9.68 2.08 18.29
N ALA A 10 8.03 -10.88 -18.37
CA ALA A 10 9.33 -10.23 -18.11
C ALA A 10 9.48 -9.93 -16.62
N ALA A 11 10.68 -9.52 -16.23
CA ALA A 11 10.96 -9.21 -14.84
C ALA A 11 10.81 -7.73 -14.56
N PRO A 12 9.90 -7.36 -13.64
CA PRO A 12 9.68 -5.97 -13.26
C PRO A 12 10.67 -5.52 -12.19
N THR A 13 10.81 -4.21 -12.04
CA THR A 13 11.73 -3.66 -11.06
C THR A 13 10.96 -2.93 -9.95
N ALA A 14 10.79 -3.61 -8.82
CA ALA A 14 10.07 -3.04 -7.70
C ALA A 14 11.06 -2.47 -6.68
N THR A 15 10.96 -1.18 -6.43
CA THR A 15 11.83 -0.51 -5.48
C THR A 15 11.03 0.33 -4.50
N VAL A 16 10.78 -0.22 -3.32
CA VAL A 16 10.02 0.51 -2.31
C VAL A 16 10.87 0.80 -1.08
N THR A 17 10.52 1.87 -0.39
CA THR A 17 11.22 2.27 0.81
C THR A 17 10.34 2.01 2.03
N PRO A 18 10.48 0.83 2.66
CA PRO A 18 9.67 0.45 3.83
C PRO A 18 10.08 1.21 5.09
N SER A 19 9.11 1.50 5.94
CA SER A 19 9.36 2.20 7.18
C SER A 19 9.79 1.21 8.26
N SER A 20 10.97 0.64 8.07
CA SER A 20 11.51 -0.34 9.00
C SER A 20 12.15 0.35 10.20
N GLY A 21 11.41 0.45 11.29
CA GLY A 21 11.94 1.07 12.49
C GLY A 21 11.67 2.56 12.53
N LEU A 22 10.63 3.00 11.84
CA LEU A 22 10.28 4.41 11.81
C LEU A 22 8.96 4.64 12.54
N SER A 23 8.75 5.86 12.99
CA SER A 23 7.53 6.20 13.70
C SER A 23 6.39 6.43 12.73
N ASP A 24 5.19 6.63 13.25
CA ASP A 24 4.02 6.85 12.41
C ASP A 24 4.05 8.28 11.87
N GLY A 25 3.33 8.51 10.77
CA GLY A 25 3.31 9.82 10.16
C GLY A 25 4.36 9.96 9.08
N THR A 26 5.15 8.90 8.91
CA THR A 26 6.20 8.88 7.90
C THR A 26 5.61 8.55 6.53
N VAL A 27 6.30 8.97 5.48
CA VAL A 27 5.82 8.73 4.13
C VAL A 27 6.56 7.56 3.47
N VAL A 28 5.83 6.51 3.18
CA VAL A 28 6.39 5.32 2.55
C VAL A 28 6.51 5.57 1.05
N LYS A 29 7.73 5.56 0.54
CA LYS A 29 7.98 5.79 -0.87
C LYS A 29 7.87 4.49 -1.65
N VAL A 30 6.93 4.44 -2.57
CA VAL A 30 6.72 3.25 -3.40
C VAL A 30 6.98 3.59 -4.86
N ALA A 31 8.04 3.01 -5.42
CA ALA A 31 8.40 3.25 -6.80
C ALA A 31 8.50 1.94 -7.57
N GLY A 32 7.58 1.74 -8.50
CA GLY A 32 7.59 0.52 -9.28
C GLY A 32 7.86 0.79 -10.75
N ALA A 33 8.80 0.05 -11.31
CA ALA A 33 9.17 0.19 -12.72
C ALA A 33 8.95 -1.13 -13.44
N GLY A 34 8.68 -1.06 -14.74
CA GLY A 34 8.44 -2.25 -15.50
C GLY A 34 7.01 -2.73 -15.35
N LEU A 35 6.11 -1.77 -15.18
CA LEU A 35 4.69 -2.04 -15.00
C LEU A 35 3.94 -1.81 -16.30
N GLN A 36 2.62 -1.73 -16.21
CA GLN A 36 1.79 -1.51 -17.38
C GLN A 36 1.51 -0.02 -17.56
N ALA A 37 2.07 0.55 -18.62
CA ALA A 37 1.91 1.97 -18.92
C ALA A 37 0.47 2.33 -19.19
N GLY A 38 -0.14 3.09 -18.28
CA GLY A 38 -1.52 3.50 -18.47
C GLY A 38 -2.48 2.87 -17.47
N THR A 39 -1.97 2.19 -16.46
CA THR A 39 -2.84 1.57 -15.47
C THR A 39 -2.67 2.21 -14.10
N ALA A 40 -3.77 2.33 -13.37
CA ALA A 40 -3.76 2.92 -12.04
C ALA A 40 -3.59 1.83 -10.99
N TYR A 41 -2.84 2.14 -9.93
CA TYR A 41 -2.59 1.19 -8.87
C TYR A 41 -3.05 1.74 -7.53
N ASP A 42 -3.49 0.83 -6.67
CA ASP A 42 -3.96 1.18 -5.34
C ASP A 42 -2.89 0.84 -4.32
N VAL A 43 -2.29 1.85 -3.73
CA VAL A 43 -1.23 1.65 -2.74
C VAL A 43 -1.57 2.35 -1.44
N GLY A 44 -1.49 1.60 -0.35
CA GLY A 44 -1.77 2.14 0.96
C GLY A 44 -1.14 1.28 2.03
N GLN A 45 -1.43 1.57 3.29
CA GLN A 45 -0.88 0.78 4.38
C GLN A 45 -1.79 -0.42 4.65
N CYS A 46 -2.19 -1.08 3.57
CA CYS A 46 -3.07 -2.22 3.65
C CYS A 46 -2.47 -3.35 4.48
N ALA A 47 -2.97 -3.50 5.68
CA ALA A 47 -2.50 -4.55 6.58
C ALA A 47 -3.58 -5.61 6.75
N TRP A 48 -3.27 -6.64 7.52
CA TRP A 48 -4.22 -7.73 7.76
C TRP A 48 -5.43 -7.20 8.50
N VAL A 49 -6.61 -7.36 7.90
CA VAL A 49 -7.83 -6.89 8.52
C VAL A 49 -8.63 -8.07 9.07
N ASP A 50 -8.44 -9.24 8.46
CA ASP A 50 -9.14 -10.44 8.88
C ASP A 50 -8.34 -11.67 8.48
N THR A 51 -8.96 -12.84 8.56
CA THR A 51 -8.32 -14.09 8.22
C THR A 51 -8.07 -14.22 6.72
N GLY A 52 -6.88 -13.84 6.28
CA GLY A 52 -6.53 -13.92 4.88
C GLY A 52 -6.97 -12.69 4.11
N VAL A 53 -7.70 -11.82 4.78
CA VAL A 53 -8.18 -10.60 4.15
C VAL A 53 -7.44 -9.39 4.69
N LEU A 54 -7.08 -8.48 3.79
CA LEU A 54 -6.37 -7.27 4.16
C LEU A 54 -7.23 -6.06 3.83
N ALA A 55 -6.81 -4.87 4.23
CA ALA A 55 -7.58 -3.67 3.95
C ALA A 55 -6.69 -2.44 3.84
N CYS A 56 -6.99 -1.59 2.85
CA CYS A 56 -6.22 -0.37 2.62
C CYS A 56 -6.86 0.84 3.30
N ASN A 57 -6.08 1.91 3.48
CA ASN A 57 -6.58 3.13 4.11
C ASN A 57 -6.95 4.19 3.07
N PRO A 58 -8.25 4.49 2.92
CA PRO A 58 -8.73 5.48 1.96
C PRO A 58 -8.61 6.91 2.49
N ALA A 59 -8.06 7.05 3.69
CA ALA A 59 -7.90 8.36 4.30
C ALA A 59 -6.58 9.02 3.92
N ASP A 60 -5.58 8.23 3.58
CA ASP A 60 -4.27 8.79 3.22
C ASP A 60 -3.59 7.99 2.12
N PHE A 61 -4.37 7.53 1.15
CA PHE A 61 -3.82 6.76 0.04
C PHE A 61 -3.75 7.63 -1.20
N SER A 62 -3.08 7.15 -2.22
CA SER A 62 -2.95 7.91 -3.46
C SER A 62 -3.06 7.00 -4.68
N SER A 63 -4.02 7.30 -5.54
CA SER A 63 -4.22 6.51 -6.74
C SER A 63 -3.19 6.90 -7.80
N VAL A 64 -2.05 6.25 -7.75
CA VAL A 64 -0.97 6.52 -8.69
C VAL A 64 -1.17 5.72 -9.97
N THR A 65 -0.76 6.29 -11.10
CA THR A 65 -0.91 5.62 -12.38
C THR A 65 0.46 5.53 -13.08
N ALA A 66 0.67 4.45 -13.82
CA ALA A 66 1.93 4.25 -14.53
C ALA A 66 2.03 5.23 -15.69
N ASP A 67 3.21 5.83 -15.84
CA ASP A 67 3.46 6.79 -16.90
C ASP A 67 3.79 6.09 -18.22
N ALA A 68 4.13 6.88 -19.24
CA ALA A 68 4.46 6.35 -20.56
C ALA A 68 5.68 5.44 -20.52
N ASN A 69 6.49 5.58 -19.48
CA ASN A 69 7.70 4.76 -19.33
C ASN A 69 7.35 3.45 -18.62
N GLY A 70 6.15 3.38 -18.09
CA GLY A 70 5.72 2.18 -17.38
C GLY A 70 6.22 2.16 -15.95
N SER A 71 6.28 3.33 -15.34
CA SER A 71 6.75 3.46 -13.97
C SER A 71 5.75 4.26 -13.14
N ALA A 72 5.73 4.01 -11.83
CA ALA A 72 4.83 4.71 -10.94
C ALA A 72 5.48 4.93 -9.58
N SER A 73 5.49 6.15 -9.11
CA SER A 73 6.09 6.49 -7.82
C SER A 73 5.10 7.29 -6.98
N THR A 74 4.87 6.86 -5.75
CA THR A 74 3.95 7.54 -4.87
C THR A 74 4.41 7.44 -3.41
N SER A 75 3.86 8.31 -2.58
CA SER A 75 4.19 8.34 -1.16
C SER A 75 2.93 8.21 -0.31
N LEU A 76 2.93 7.24 0.59
CA LEU A 76 1.78 7.00 1.46
C LEU A 76 2.10 7.38 2.90
N THR A 77 1.18 8.07 3.54
CA THR A 77 1.36 8.46 4.92
C THR A 77 0.87 7.37 5.86
N VAL A 78 1.79 6.67 6.50
CA VAL A 78 1.43 5.60 7.43
C VAL A 78 0.85 6.17 8.72
N ARG A 79 -0.40 5.83 8.99
CA ARG A 79 -1.09 6.28 10.19
C ARG A 79 -1.08 5.19 11.24
N ARG A 80 -1.37 5.57 12.48
CA ARG A 80 -1.39 4.61 13.58
C ARG A 80 -2.64 3.74 13.51
N SER A 81 -3.77 4.36 13.26
CA SER A 81 -5.03 3.65 13.16
C SER A 81 -5.74 4.08 11.87
N PHE A 82 -5.98 3.13 10.97
CA PHE A 82 -6.63 3.45 9.72
C PHE A 82 -7.90 2.64 9.51
N GLU A 83 -8.73 3.10 8.60
CA GLU A 83 -9.98 2.41 8.29
C GLU A 83 -9.71 1.36 7.22
N GLY A 84 -10.22 0.16 7.44
CA GLY A 84 -10.02 -0.91 6.49
C GLY A 84 -11.05 -0.94 5.39
N PHE A 85 -10.58 -0.97 4.15
CA PHE A 85 -11.47 -1.01 2.99
C PHE A 85 -11.01 -2.07 2.02
N LEU A 86 -11.95 -2.74 1.37
CA LEU A 86 -11.64 -3.78 0.41
C LEU A 86 -11.55 -3.15 -0.98
N PHE A 87 -10.99 -3.90 -1.94
CA PHE A 87 -10.84 -3.42 -3.30
C PHE A 87 -12.19 -3.41 -4.03
N ASP A 88 -13.09 -4.29 -3.61
CA ASP A 88 -14.41 -4.38 -4.22
C ASP A 88 -15.23 -3.13 -3.89
N GLY A 89 -14.97 -2.56 -2.72
CA GLY A 89 -15.69 -1.36 -2.31
C GLY A 89 -16.20 -1.46 -0.88
N THR A 90 -16.48 -2.68 -0.43
CA THR A 90 -16.98 -2.90 0.92
C THR A 90 -15.91 -2.60 1.96
N ARG A 91 -16.33 -2.19 3.14
CA ARG A 91 -15.41 -1.89 4.23
C ARG A 91 -15.44 -3.02 5.27
N TRP A 92 -14.44 -3.04 6.14
CA TRP A 92 -14.37 -4.06 7.17
C TRP A 92 -14.50 -3.42 8.55
N GLY A 93 -13.72 -2.36 8.78
CA GLY A 93 -13.76 -1.67 10.05
C GLY A 93 -12.54 -0.78 10.26
N THR A 94 -12.00 -0.81 11.46
CA THR A 94 -10.83 -0.01 11.80
C THR A 94 -9.66 -0.89 12.19
N VAL A 95 -8.48 -0.58 11.67
CA VAL A 95 -7.29 -1.35 11.97
C VAL A 95 -6.29 -0.49 12.75
N ASP A 96 -6.08 -0.85 14.00
CA ASP A 96 -5.15 -0.11 14.86
C ASP A 96 -3.80 -0.81 14.89
N CYS A 97 -2.79 -0.13 14.35
CA CYS A 97 -1.45 -0.70 14.31
C CYS A 97 -0.60 -0.20 15.49
N THR A 98 -1.27 0.10 16.61
CA THR A 98 -0.57 0.54 17.79
C THR A 98 0.03 -0.67 18.51
N THR A 99 -0.82 -1.66 18.76
CA THR A 99 -0.39 -2.87 19.41
C THR A 99 -0.22 -3.99 18.38
N ALA A 100 -0.66 -3.73 17.16
CA ALA A 100 -0.55 -4.71 16.08
C ALA A 100 0.52 -4.28 15.08
N ALA A 101 0.69 -5.06 14.03
CA ALA A 101 1.69 -4.75 13.02
C ALA A 101 1.04 -4.23 11.74
N CYS A 102 1.67 -3.23 11.15
CA CYS A 102 1.18 -2.62 9.92
C CYS A 102 2.07 -3.02 8.75
N GLN A 103 1.58 -2.83 7.53
CA GLN A 103 2.35 -3.17 6.34
C GLN A 103 1.91 -2.32 5.17
N VAL A 104 2.66 -2.40 4.07
CA VAL A 104 2.34 -1.65 2.87
C VAL A 104 1.70 -2.56 1.83
N GLY A 105 0.53 -2.18 1.35
CA GLY A 105 -0.15 -2.96 0.36
C GLY A 105 -0.22 -2.24 -0.97
N LEU A 106 0.09 -2.96 -2.04
CA LEU A 106 0.08 -2.38 -3.38
C LEU A 106 -0.44 -3.38 -4.41
N SER A 107 -1.41 -2.94 -5.19
CA SER A 107 -1.99 -3.77 -6.24
C SER A 107 -2.62 -2.89 -7.30
N ASP A 108 -2.94 -3.48 -8.44
CA ASP A 108 -3.56 -2.73 -9.53
C ASP A 108 -5.06 -2.61 -9.32
N ALA A 109 -5.77 -2.13 -10.35
CA ALA A 109 -7.21 -1.98 -10.29
C ALA A 109 -7.92 -3.33 -10.13
N ALA A 110 -7.34 -4.37 -10.72
CA ALA A 110 -7.91 -5.70 -10.61
C ALA A 110 -7.70 -6.26 -9.21
N GLY A 111 -6.51 -6.05 -8.68
CA GLY A 111 -6.21 -6.53 -7.35
C GLY A 111 -5.00 -7.44 -7.31
N ASN A 112 -4.06 -7.23 -8.22
CA ASN A 112 -2.86 -8.05 -8.27
C ASN A 112 -1.63 -7.18 -8.48
N GLY A 113 -0.46 -7.78 -8.35
CA GLY A 113 0.78 -7.06 -8.52
C GLY A 113 1.85 -7.56 -7.58
N PRO A 114 2.84 -6.73 -7.24
CA PRO A 114 3.92 -7.11 -6.33
C PRO A 114 3.40 -7.44 -4.93
N GLU A 115 4.18 -8.18 -4.16
CA GLU A 115 3.78 -8.55 -2.83
C GLU A 115 3.95 -7.40 -1.85
N GLY A 116 3.09 -7.35 -0.84
CA GLY A 116 3.16 -6.30 0.16
C GLY A 116 4.35 -6.45 1.08
N VAL A 117 4.81 -5.33 1.62
CA VAL A 117 5.95 -5.32 2.53
C VAL A 117 5.53 -4.91 3.92
N ALA A 118 5.85 -5.73 4.91
CA ALA A 118 5.49 -5.43 6.29
C ALA A 118 6.45 -4.40 6.87
N ILE A 119 5.93 -3.54 7.73
CA ILE A 119 6.74 -2.52 8.35
C ILE A 119 6.62 -2.60 9.87
N SER A 120 7.42 -1.82 10.58
CA SER A 120 7.39 -1.83 12.02
C SER A 120 7.80 -0.47 12.57
N PHE A 121 7.09 0.00 13.58
CA PHE A 121 7.38 1.28 14.19
C PHE A 121 8.45 1.11 15.26
N ASN A 122 9.21 2.15 15.53
CA ASN A 122 10.25 2.07 16.54
C ASN A 122 9.69 2.33 17.94
N ALA A 10 9.16 -11.07 -18.46
CA ALA A 10 10.12 -10.00 -18.09
C ALA A 10 9.93 -9.62 -16.63
N ALA A 11 11.01 -9.61 -15.87
CA ALA A 11 10.96 -9.27 -14.46
C ALA A 11 11.00 -7.76 -14.23
N PRO A 12 9.97 -7.22 -13.58
CA PRO A 12 9.90 -5.79 -13.27
C PRO A 12 10.75 -5.41 -12.06
N THR A 13 10.82 -4.13 -11.75
CA THR A 13 11.61 -3.65 -10.63
C THR A 13 10.73 -3.01 -9.58
N ALA A 14 10.59 -3.66 -8.44
CA ALA A 14 9.77 -3.14 -7.34
C ALA A 14 10.65 -2.47 -6.29
N THR A 15 11.08 -1.25 -6.57
CA THR A 15 11.92 -0.51 -5.64
C THR A 15 11.08 0.24 -4.61
N VAL A 16 10.76 -0.43 -3.51
CA VAL A 16 9.96 0.17 -2.46
C VAL A 16 10.79 0.48 -1.22
N THR A 17 10.44 1.55 -0.53
CA THR A 17 11.16 1.95 0.68
C THR A 17 10.30 1.71 1.92
N PRO A 18 10.62 0.64 2.69
CA PRO A 18 9.86 0.29 3.90
C PRO A 18 10.15 1.24 5.06
N SER A 19 9.12 1.50 5.86
CA SER A 19 9.24 2.38 7.02
C SER A 19 9.54 1.59 8.28
N SER A 20 10.22 0.46 8.12
CA SER A 20 10.58 -0.39 9.25
C SER A 20 11.52 0.33 10.22
N GLY A 21 11.12 0.39 11.48
CA GLY A 21 11.93 1.05 12.48
C GLY A 21 11.54 2.49 12.69
N LEU A 22 10.60 2.98 11.90
CA LEU A 22 10.16 4.36 11.99
C LEU A 22 8.81 4.46 12.69
N SER A 23 8.37 5.69 12.98
CA SER A 23 7.11 5.92 13.67
C SER A 23 5.97 6.15 12.68
N ASP A 24 4.84 6.63 13.19
CA ASP A 24 3.69 6.91 12.35
C ASP A 24 3.86 8.27 11.67
N GLY A 25 3.22 8.42 10.52
CA GLY A 25 3.32 9.67 9.78
C GLY A 25 4.49 9.65 8.82
N THR A 26 5.13 8.49 8.71
CA THR A 26 6.27 8.32 7.84
C THR A 26 5.84 8.30 6.38
N VAL A 27 6.63 8.94 5.53
CA VAL A 27 6.35 8.98 4.10
C VAL A 27 6.92 7.74 3.42
N VAL A 28 6.06 6.80 3.07
CA VAL A 28 6.49 5.58 2.41
C VAL A 28 6.64 5.82 0.91
N LYS A 29 7.83 5.56 0.40
CA LYS A 29 8.11 5.76 -1.02
C LYS A 29 7.91 4.46 -1.79
N VAL A 30 6.93 4.45 -2.68
CA VAL A 30 6.64 3.28 -3.50
C VAL A 30 6.94 3.59 -4.96
N ALA A 31 8.04 3.05 -5.46
CA ALA A 31 8.44 3.28 -6.84
C ALA A 31 8.50 1.97 -7.62
N GLY A 32 7.61 1.83 -8.58
CA GLY A 32 7.57 0.64 -9.40
C GLY A 32 8.03 0.89 -10.81
N ALA A 33 8.89 0.01 -11.30
CA ALA A 33 9.42 0.12 -12.66
C ALA A 33 9.11 -1.16 -13.44
N GLY A 34 8.93 -1.02 -14.74
CA GLY A 34 8.63 -2.17 -15.57
C GLY A 34 7.18 -2.55 -15.44
N LEU A 35 6.33 -1.56 -15.24
CA LEU A 35 4.89 -1.77 -15.08
C LEU A 35 4.18 -1.62 -16.43
N GLN A 36 2.85 -1.61 -16.39
CA GLN A 36 2.07 -1.46 -17.61
C GLN A 36 1.64 -0.01 -17.78
N ALA A 37 2.30 0.68 -18.70
CA ALA A 37 2.02 2.08 -18.97
C ALA A 37 0.54 2.31 -19.29
N GLY A 38 -0.03 3.36 -18.72
CA GLY A 38 -1.42 3.68 -18.97
C GLY A 38 -2.36 3.21 -17.88
N THR A 39 -1.99 2.15 -17.16
CA THR A 39 -2.86 1.64 -16.11
C THR A 39 -2.64 2.38 -14.79
N ALA A 40 -3.58 2.25 -13.88
CA ALA A 40 -3.50 2.92 -12.59
C ALA A 40 -3.30 1.92 -11.46
N TYR A 41 -2.45 2.28 -10.52
CA TYR A 41 -2.16 1.42 -9.38
C TYR A 41 -2.58 2.12 -8.08
N ASP A 42 -3.30 1.39 -7.24
CA ASP A 42 -3.78 1.93 -5.97
C ASP A 42 -2.88 1.45 -4.83
N VAL A 43 -2.37 2.38 -4.03
CA VAL A 43 -1.49 2.03 -2.93
C VAL A 43 -1.94 2.69 -1.62
N GLY A 44 -1.97 1.89 -0.56
CA GLY A 44 -2.35 2.39 0.75
C GLY A 44 -1.81 1.51 1.85
N GLN A 45 -1.99 1.92 3.09
CA GLN A 45 -1.53 1.11 4.21
C GLN A 45 -2.61 0.10 4.57
N CYS A 46 -2.27 -1.17 4.50
CA CYS A 46 -3.22 -2.22 4.79
C CYS A 46 -2.76 -3.07 5.97
N ALA A 47 -3.61 -3.20 6.96
CA ALA A 47 -3.29 -3.98 8.14
C ALA A 47 -4.11 -5.26 8.17
N TRP A 48 -3.73 -6.17 9.04
CA TRP A 48 -4.44 -7.44 9.19
C TRP A 48 -5.81 -7.19 9.84
N VAL A 49 -6.86 -7.28 9.04
CA VAL A 49 -8.20 -7.04 9.55
C VAL A 49 -8.84 -8.35 10.03
N ASP A 50 -8.30 -9.47 9.54
CA ASP A 50 -8.78 -10.79 9.92
C ASP A 50 -7.73 -11.82 9.56
N THR A 51 -7.98 -13.07 9.91
CA THR A 51 -7.05 -14.14 9.63
C THR A 51 -6.99 -14.44 8.13
N GLY A 52 -6.01 -13.84 7.47
CA GLY A 52 -5.85 -14.03 6.04
C GLY A 52 -6.48 -12.91 5.23
N VAL A 53 -7.01 -11.91 5.93
CA VAL A 53 -7.65 -10.78 5.28
C VAL A 53 -7.04 -9.47 5.75
N LEU A 54 -6.78 -8.58 4.80
CA LEU A 54 -6.20 -7.28 5.10
C LEU A 54 -7.15 -6.19 4.64
N ALA A 55 -6.82 -4.94 4.96
CA ALA A 55 -7.65 -3.81 4.58
C ALA A 55 -6.85 -2.52 4.65
N CYS A 56 -6.98 -1.69 3.62
CA CYS A 56 -6.25 -0.41 3.57
C CYS A 56 -7.18 0.74 3.87
N ASN A 57 -6.61 1.92 4.09
CA ASN A 57 -7.40 3.11 4.39
C ASN A 57 -7.66 3.94 3.15
N PRO A 58 -8.92 4.38 2.97
CA PRO A 58 -9.32 5.20 1.84
C PRO A 58 -9.19 6.69 2.16
N ALA A 59 -8.34 6.99 3.12
CA ALA A 59 -8.12 8.36 3.55
C ALA A 59 -6.78 8.88 3.04
N ASP A 60 -5.70 8.23 3.44
CA ASP A 60 -4.36 8.65 3.04
C ASP A 60 -3.84 7.81 1.89
N PHE A 61 -4.74 7.15 1.18
CA PHE A 61 -4.35 6.32 0.05
C PHE A 61 -4.04 7.21 -1.15
N SER A 62 -3.29 6.68 -2.11
CA SER A 62 -2.93 7.43 -3.29
C SER A 62 -2.83 6.53 -4.51
N SER A 63 -3.56 6.88 -5.55
CA SER A 63 -3.56 6.12 -6.78
C SER A 63 -2.60 6.77 -7.78
N VAL A 64 -1.67 5.98 -8.29
CA VAL A 64 -0.70 6.50 -9.24
C VAL A 64 -0.77 5.71 -10.55
N THR A 65 -0.81 6.43 -11.66
CA THR A 65 -0.87 5.80 -12.96
C THR A 65 0.53 5.71 -13.56
N ALA A 66 0.82 4.59 -14.20
CA ALA A 66 2.11 4.38 -14.83
C ALA A 66 2.29 5.35 -15.99
N ASP A 67 3.45 6.00 -16.03
CA ASP A 67 3.75 6.96 -17.07
C ASP A 67 4.06 6.25 -18.40
N ALA A 68 4.38 7.03 -19.42
CA ALA A 68 4.68 6.48 -20.74
C ALA A 68 5.84 5.49 -20.71
N ASN A 69 6.73 5.64 -19.73
CA ASN A 69 7.89 4.74 -19.59
C ASN A 69 7.49 3.47 -18.86
N GLY A 70 6.34 3.50 -18.21
CA GLY A 70 5.88 2.34 -17.47
C GLY A 70 6.37 2.36 -16.05
N SER A 71 6.59 3.56 -15.51
CA SER A 71 7.07 3.72 -14.15
C SER A 71 6.08 4.54 -13.32
N ALA A 72 6.06 4.32 -12.03
CA ALA A 72 5.16 5.03 -11.13
C ALA A 72 5.76 5.15 -9.74
N SER A 73 5.78 6.36 -9.20
CA SER A 73 6.31 6.59 -7.86
C SER A 73 5.36 7.45 -7.05
N THR A 74 4.93 6.92 -5.91
CA THR A 74 4.01 7.64 -5.05
C THR A 74 4.46 7.55 -3.58
N SER A 75 3.95 8.46 -2.77
CA SER A 75 4.29 8.50 -1.36
C SER A 75 3.03 8.36 -0.51
N LEU A 76 3.07 7.46 0.46
CA LEU A 76 1.92 7.21 1.34
C LEU A 76 2.24 7.56 2.79
N THR A 77 1.26 8.15 3.48
CA THR A 77 1.43 8.51 4.87
C THR A 77 0.91 7.38 5.75
N VAL A 78 1.82 6.59 6.31
CA VAL A 78 1.43 5.48 7.17
C VAL A 78 1.01 5.97 8.56
N ARG A 79 -0.28 5.88 8.83
CA ARG A 79 -0.82 6.28 10.12
C ARG A 79 -0.77 5.11 11.09
N ARG A 80 -1.06 5.36 12.35
CA ARG A 80 -1.04 4.30 13.35
C ARG A 80 -2.41 3.64 13.47
N SER A 81 -3.45 4.37 13.10
CA SER A 81 -4.81 3.86 13.14
C SER A 81 -5.56 4.36 11.91
N PHE A 82 -6.40 3.51 11.33
CA PHE A 82 -7.16 3.88 10.14
C PHE A 82 -8.35 2.96 9.94
N GLU A 83 -9.14 3.26 8.92
CA GLU A 83 -10.31 2.46 8.60
C GLU A 83 -9.98 1.51 7.45
N GLY A 84 -10.18 0.23 7.67
CA GLY A 84 -9.88 -0.76 6.66
C GLY A 84 -11.02 -0.97 5.68
N PHE A 85 -10.68 -1.01 4.39
CA PHE A 85 -11.67 -1.21 3.35
C PHE A 85 -11.30 -2.45 2.54
N LEU A 86 -12.31 -3.19 2.14
CA LEU A 86 -12.09 -4.39 1.34
C LEU A 86 -11.75 -4.01 -0.09
N PHE A 87 -11.26 -4.98 -0.86
CA PHE A 87 -10.90 -4.73 -2.24
C PHE A 87 -12.12 -4.40 -3.08
N ASP A 88 -13.26 -4.99 -2.71
CA ASP A 88 -14.50 -4.74 -3.43
C ASP A 88 -15.02 -3.33 -3.16
N GLY A 89 -14.68 -2.77 -2.00
CA GLY A 89 -15.10 -1.43 -1.68
C GLY A 89 -15.81 -1.33 -0.34
N THR A 90 -16.33 -2.44 0.16
CA THR A 90 -17.04 -2.45 1.43
C THR A 90 -16.08 -2.18 2.59
N ARG A 91 -16.52 -1.37 3.54
CA ARG A 91 -15.69 -1.03 4.70
C ARG A 91 -15.88 -2.06 5.81
N TRP A 92 -14.82 -2.27 6.58
CA TRP A 92 -14.86 -3.21 7.70
C TRP A 92 -14.96 -2.45 9.01
N GLY A 93 -14.03 -1.55 9.25
CA GLY A 93 -14.03 -0.77 10.47
C GLY A 93 -12.67 -0.17 10.75
N THR A 94 -12.52 0.43 11.91
CA THR A 94 -11.26 1.05 12.28
C THR A 94 -10.29 0.00 12.84
N VAL A 95 -9.13 -0.12 12.20
CA VAL A 95 -8.11 -1.06 12.64
C VAL A 95 -6.98 -0.32 13.31
N ASP A 96 -6.00 -1.06 13.81
CA ASP A 96 -4.86 -0.46 14.50
C ASP A 96 -3.55 -1.08 14.06
N CYS A 97 -2.49 -0.29 14.07
CA CYS A 97 -1.16 -0.77 13.69
C CYS A 97 -0.17 -0.52 14.82
N THR A 98 -0.68 -0.15 15.99
CA THR A 98 0.17 0.10 17.15
C THR A 98 0.66 -1.20 17.75
N THR A 99 -0.25 -2.17 17.87
CA THR A 99 0.09 -3.46 18.44
C THR A 99 -0.39 -4.59 17.52
N ALA A 100 -0.59 -4.27 16.26
CA ALA A 100 -1.05 -5.24 15.28
C ALA A 100 -0.17 -5.23 14.04
N ALA A 101 -0.40 -6.18 13.13
CA ALA A 101 0.39 -6.28 11.92
C ALA A 101 -0.07 -5.27 10.87
N CYS A 102 0.85 -4.41 10.46
CA CYS A 102 0.57 -3.39 9.47
C CYS A 102 1.56 -3.50 8.31
N GLN A 103 1.07 -3.39 7.08
CA GLN A 103 1.94 -3.49 5.92
C GLN A 103 1.51 -2.51 4.83
N VAL A 104 2.33 -2.40 3.80
CA VAL A 104 2.03 -1.51 2.67
C VAL A 104 1.39 -2.34 1.56
N GLY A 105 0.22 -1.90 1.11
CA GLY A 105 -0.48 -2.62 0.07
C GLY A 105 -0.53 -1.86 -1.23
N LEU A 106 -0.08 -2.50 -2.29
CA LEU A 106 -0.07 -1.90 -3.62
C LEU A 106 -0.58 -2.91 -4.65
N SER A 107 -1.56 -2.51 -5.43
CA SER A 107 -2.12 -3.38 -6.45
C SER A 107 -2.72 -2.56 -7.59
N ASP A 108 -2.90 -3.20 -8.73
CA ASP A 108 -3.47 -2.53 -9.90
C ASP A 108 -5.00 -2.55 -9.81
N ALA A 109 -5.66 -2.16 -10.90
CA ALA A 109 -7.12 -2.12 -10.94
C ALA A 109 -7.72 -3.53 -10.84
N ALA A 110 -6.97 -4.54 -11.24
CA ALA A 110 -7.44 -5.92 -11.20
C ALA A 110 -7.18 -6.55 -9.84
N GLY A 111 -6.04 -6.21 -9.25
CA GLY A 111 -5.69 -6.74 -7.94
C GLY A 111 -4.41 -7.56 -8.01
N ASN A 112 -3.55 -7.21 -8.95
CA ASN A 112 -2.29 -7.88 -9.14
C ASN A 112 -1.14 -6.89 -9.02
N GLY A 113 0.08 -7.34 -9.28
CA GLY A 113 1.23 -6.48 -9.20
C GLY A 113 2.27 -7.04 -8.25
N PRO A 114 3.27 -6.22 -7.88
CA PRO A 114 4.35 -6.64 -6.97
C PRO A 114 3.82 -6.97 -5.58
N GLU A 115 4.54 -7.82 -4.87
CA GLU A 115 4.16 -8.24 -3.54
C GLU A 115 4.34 -7.10 -2.54
N GLY A 116 3.50 -7.09 -1.51
CA GLY A 116 3.59 -6.06 -0.49
C GLY A 116 4.48 -6.49 0.65
N VAL A 117 5.07 -5.53 1.34
CA VAL A 117 5.96 -5.83 2.45
C VAL A 117 5.40 -5.27 3.76
N ALA A 118 5.67 -5.95 4.86
CA ALA A 118 5.20 -5.52 6.16
C ALA A 118 6.20 -4.55 6.79
N ILE A 119 5.70 -3.68 7.65
CA ILE A 119 6.54 -2.69 8.31
C ILE A 119 6.33 -2.75 9.82
N SER A 120 7.33 -2.32 10.57
CA SER A 120 7.24 -2.31 12.01
C SER A 120 7.65 -0.95 12.56
N PHE A 121 6.88 -0.43 13.49
CA PHE A 121 7.17 0.87 14.09
C PHE A 121 8.15 0.69 15.23
N ASN A 122 8.91 1.73 15.53
CA ASN A 122 9.88 1.66 16.62
C ASN A 122 9.16 1.67 17.97
N ALA A 10 9.20 -11.10 -18.43
CA ALA A 10 9.66 -9.72 -18.18
C ALA A 10 10.05 -9.57 -16.72
N ALA A 11 11.00 -8.69 -16.44
CA ALA A 11 11.46 -8.46 -15.08
C ALA A 11 11.06 -7.08 -14.58
N PRO A 12 10.08 -7.01 -13.67
CA PRO A 12 9.61 -5.76 -13.11
C PRO A 12 10.55 -5.26 -12.00
N THR A 13 10.56 -3.97 -11.77
CA THR A 13 11.42 -3.39 -10.75
C THR A 13 10.60 -2.61 -9.73
N ALA A 14 10.19 -3.29 -8.67
CA ALA A 14 9.41 -2.65 -7.61
C ALA A 14 10.32 -2.08 -6.55
N THR A 15 10.72 -0.83 -6.72
CA THR A 15 11.61 -0.18 -5.78
C THR A 15 10.80 0.54 -4.71
N VAL A 16 10.54 -0.15 -3.62
CA VAL A 16 9.79 0.41 -2.51
C VAL A 16 10.72 0.67 -1.33
N THR A 17 10.43 1.72 -0.57
CA THR A 17 11.23 2.06 0.59
C THR A 17 10.43 1.85 1.87
N PRO A 18 10.62 0.70 2.53
CA PRO A 18 9.90 0.37 3.77
C PRO A 18 10.31 1.28 4.93
N SER A 19 9.37 1.53 5.82
CA SER A 19 9.61 2.39 6.98
C SER A 19 9.78 1.56 8.25
N SER A 20 10.37 0.38 8.12
CA SER A 20 10.59 -0.51 9.25
C SER A 20 11.51 0.14 10.28
N GLY A 21 10.98 0.37 11.48
CA GLY A 21 11.77 0.99 12.53
C GLY A 21 11.41 2.45 12.72
N LEU A 22 10.54 2.97 11.86
CA LEU A 22 10.14 4.35 11.94
C LEU A 22 8.76 4.46 12.60
N SER A 23 8.46 5.63 13.14
CA SER A 23 7.19 5.86 13.81
C SER A 23 6.07 6.10 12.81
N ASP A 24 4.91 6.54 13.31
CA ASP A 24 3.78 6.83 12.45
C ASP A 24 3.97 8.18 11.80
N GLY A 25 3.23 8.43 10.72
CA GLY A 25 3.35 9.69 10.03
C GLY A 25 4.56 9.71 9.12
N THR A 26 5.13 8.54 8.90
CA THR A 26 6.30 8.40 8.06
C THR A 26 5.87 8.18 6.60
N VAL A 27 6.64 8.74 5.68
CA VAL A 27 6.35 8.61 4.26
C VAL A 27 6.99 7.34 3.68
N VAL A 28 6.17 6.56 3.00
CA VAL A 28 6.62 5.33 2.37
C VAL A 28 6.68 5.53 0.86
N LYS A 29 7.87 5.46 0.29
CA LYS A 29 8.04 5.65 -1.14
C LYS A 29 7.81 4.36 -1.91
N VAL A 30 7.02 4.45 -2.97
CA VAL A 30 6.72 3.31 -3.83
C VAL A 30 7.00 3.68 -5.28
N ALA A 31 8.06 3.11 -5.84
CA ALA A 31 8.42 3.37 -7.23
C ALA A 31 8.44 2.07 -8.02
N GLY A 32 7.36 1.82 -8.73
CA GLY A 32 7.26 0.60 -9.52
C GLY A 32 7.60 0.85 -10.98
N ALA A 33 8.69 0.28 -11.43
CA ALA A 33 9.13 0.43 -12.81
C ALA A 33 9.00 -0.91 -13.54
N GLY A 34 8.81 -0.85 -14.84
CA GLY A 34 8.66 -2.06 -15.61
C GLY A 34 7.25 -2.59 -15.57
N LEU A 35 6.30 -1.68 -15.49
CA LEU A 35 4.89 -2.04 -15.44
C LEU A 35 4.21 -1.66 -16.75
N GLN A 36 2.89 -1.83 -16.79
CA GLN A 36 2.12 -1.49 -17.97
C GLN A 36 1.79 -0.01 -17.98
N ALA A 37 2.20 0.67 -19.04
CA ALA A 37 1.95 2.10 -19.18
C ALA A 37 0.46 2.38 -19.27
N GLY A 38 0.01 3.42 -18.56
CA GLY A 38 -1.39 3.77 -18.58
C GLY A 38 -2.24 2.92 -17.65
N THR A 39 -1.63 2.45 -16.57
CA THR A 39 -2.33 1.61 -15.61
C THR A 39 -2.30 2.23 -14.21
N ALA A 40 -3.46 2.30 -13.58
CA ALA A 40 -3.56 2.86 -12.24
C ALA A 40 -3.35 1.78 -11.19
N TYR A 41 -2.68 2.13 -10.11
CA TYR A 41 -2.41 1.19 -9.03
C TYR A 41 -2.97 1.70 -7.71
N ASP A 42 -3.46 0.78 -6.90
CA ASP A 42 -4.03 1.12 -5.61
C ASP A 42 -3.01 0.78 -4.53
N VAL A 43 -2.36 1.80 -3.99
CA VAL A 43 -1.36 1.60 -2.95
C VAL A 43 -1.69 2.39 -1.69
N GLY A 44 -1.76 1.69 -0.56
CA GLY A 44 -2.06 2.34 0.70
C GLY A 44 -1.56 1.53 1.87
N GLN A 45 -1.75 2.03 3.07
CA GLN A 45 -1.33 1.29 4.25
C GLN A 45 -2.42 0.30 4.64
N CYS A 46 -2.08 -0.97 4.63
CA CYS A 46 -3.04 -2.02 4.96
C CYS A 46 -2.53 -2.88 6.09
N ALA A 47 -3.38 -3.77 6.58
CA ALA A 47 -3.02 -4.68 7.65
C ALA A 47 -4.02 -5.83 7.71
N TRP A 48 -3.76 -6.80 8.55
CA TRP A 48 -4.65 -7.94 8.70
C TRP A 48 -5.87 -7.55 9.53
N VAL A 49 -6.93 -7.15 8.85
CA VAL A 49 -8.16 -6.74 9.53
C VAL A 49 -8.97 -7.97 9.95
N ASP A 50 -8.71 -9.09 9.27
CA ASP A 50 -9.39 -10.33 9.57
C ASP A 50 -8.53 -11.51 9.17
N THR A 51 -9.02 -12.72 9.40
CA THR A 51 -8.29 -13.93 9.08
C THR A 51 -8.33 -14.21 7.58
N GLY A 52 -7.36 -13.68 6.86
CA GLY A 52 -7.29 -13.86 5.42
C GLY A 52 -7.75 -12.63 4.66
N VAL A 53 -8.40 -11.73 5.38
CA VAL A 53 -8.90 -10.50 4.78
C VAL A 53 -8.03 -9.31 5.17
N LEU A 54 -7.53 -8.61 4.19
CA LEU A 54 -6.70 -7.44 4.42
C LEU A 54 -7.46 -6.19 4.00
N ALA A 55 -7.09 -5.04 4.54
CA ALA A 55 -7.79 -3.82 4.20
C ALA A 55 -6.92 -2.59 4.44
N CYS A 56 -7.17 -1.55 3.66
CA CYS A 56 -6.44 -0.28 3.77
C CYS A 56 -7.42 0.88 3.85
N ASN A 57 -6.93 2.07 4.11
CA ASN A 57 -7.80 3.24 4.19
C ASN A 57 -7.57 4.17 3.00
N PRO A 58 -8.63 4.43 2.21
CA PRO A 58 -8.55 5.31 1.04
C PRO A 58 -8.38 6.78 1.42
N ALA A 59 -8.51 7.07 2.71
CA ALA A 59 -8.38 8.44 3.21
C ALA A 59 -6.93 8.91 3.15
N ASP A 60 -5.99 7.98 3.25
CA ASP A 60 -4.57 8.33 3.20
C ASP A 60 -3.87 7.56 2.08
N PHE A 61 -4.65 7.15 1.10
CA PHE A 61 -4.11 6.42 -0.04
C PHE A 61 -3.93 7.37 -1.22
N SER A 62 -3.06 7.01 -2.14
CA SER A 62 -2.80 7.85 -3.31
C SER A 62 -3.01 7.07 -4.60
N SER A 63 -3.84 7.60 -5.47
CA SER A 63 -4.12 6.99 -6.75
C SER A 63 -3.01 7.34 -7.73
N VAL A 64 -2.17 6.38 -8.04
CA VAL A 64 -1.07 6.60 -8.96
C VAL A 64 -1.28 5.85 -10.27
N THR A 65 -0.92 6.49 -11.37
CA THR A 65 -1.05 5.89 -12.69
C THR A 65 0.32 5.82 -13.35
N ALA A 66 0.62 4.67 -13.94
CA ALA A 66 1.89 4.46 -14.61
C ALA A 66 2.04 5.40 -15.78
N ASP A 67 3.19 6.07 -15.84
CA ASP A 67 3.47 7.02 -16.90
C ASP A 67 3.69 6.31 -18.24
N ALA A 68 4.10 7.08 -19.24
CA ALA A 68 4.34 6.54 -20.58
C ALA A 68 5.56 5.63 -20.61
N ASN A 69 6.29 5.60 -19.51
CA ASN A 69 7.48 4.77 -19.41
C ASN A 69 7.16 3.47 -18.70
N GLY A 70 5.93 3.37 -18.22
CA GLY A 70 5.50 2.18 -17.51
C GLY A 70 6.00 2.18 -16.08
N SER A 71 6.11 3.36 -15.51
CA SER A 71 6.57 3.49 -14.14
C SER A 71 5.59 4.31 -13.31
N ALA A 72 5.47 3.96 -12.04
CA ALA A 72 4.58 4.66 -11.13
C ALA A 72 5.28 4.97 -9.81
N SER A 73 5.40 6.25 -9.50
CA SER A 73 6.06 6.67 -8.27
C SER A 73 5.07 7.40 -7.36
N THR A 74 4.92 6.90 -6.16
CA THR A 74 4.01 7.50 -5.19
C THR A 74 4.61 7.42 -3.79
N SER A 75 3.98 8.11 -2.85
CA SER A 75 4.44 8.11 -1.48
C SER A 75 3.24 8.17 -0.52
N LEU A 76 3.15 7.20 0.37
CA LEU A 76 2.05 7.14 1.32
C LEU A 76 2.50 7.48 2.73
N THR A 77 1.56 7.89 3.55
CA THR A 77 1.85 8.24 4.93
C THR A 77 1.09 7.28 5.85
N VAL A 78 1.83 6.36 6.46
CA VAL A 78 1.23 5.37 7.34
C VAL A 78 0.94 5.94 8.73
N ARG A 79 -0.30 5.78 9.18
CA ARG A 79 -0.71 6.27 10.49
C ARG A 79 -0.66 5.13 11.52
N ARG A 80 -0.92 5.45 12.78
CA ARG A 80 -0.92 4.44 13.84
C ARG A 80 -2.21 3.62 13.78
N SER A 81 -3.30 4.29 13.38
CA SER A 81 -4.59 3.65 13.25
C SER A 81 -5.22 4.08 11.92
N PHE A 82 -6.06 3.23 11.34
CA PHE A 82 -6.67 3.56 10.06
C PHE A 82 -7.92 2.72 9.80
N GLU A 83 -8.67 3.12 8.79
CA GLU A 83 -9.88 2.42 8.41
C GLU A 83 -9.56 1.21 7.55
N GLY A 84 -10.43 0.22 7.55
CA GLY A 84 -10.22 -0.97 6.76
C GLY A 84 -11.23 -1.07 5.64
N PHE A 85 -10.75 -0.86 4.41
CA PHE A 85 -11.61 -0.92 3.23
C PHE A 85 -11.09 -1.95 2.26
N LEU A 86 -11.99 -2.61 1.57
CA LEU A 86 -11.63 -3.60 0.59
C LEU A 86 -11.30 -2.94 -0.75
N PHE A 87 -10.92 -3.73 -1.74
CA PHE A 87 -10.59 -3.19 -3.06
C PHE A 87 -11.85 -2.84 -3.84
N ASP A 88 -12.98 -3.33 -3.35
CA ASP A 88 -14.25 -3.05 -3.99
C ASP A 88 -14.87 -1.77 -3.43
N GLY A 89 -14.38 -1.34 -2.28
CA GLY A 89 -14.88 -0.11 -1.67
C GLY A 89 -15.69 -0.35 -0.41
N THR A 90 -15.95 -1.61 -0.07
CA THR A 90 -16.71 -1.94 1.12
C THR A 90 -15.81 -1.91 2.36
N ARG A 91 -16.32 -1.36 3.45
CA ARG A 91 -15.55 -1.27 4.68
C ARG A 91 -15.70 -2.54 5.50
N TRP A 92 -14.59 -2.97 6.08
CA TRP A 92 -14.58 -4.18 6.90
C TRP A 92 -14.52 -3.80 8.38
N GLY A 93 -14.09 -2.58 8.66
CA GLY A 93 -14.00 -2.12 10.02
C GLY A 93 -12.82 -1.22 10.24
N THR A 94 -12.33 -1.17 11.47
CA THR A 94 -11.20 -0.33 11.81
C THR A 94 -9.98 -1.18 12.15
N VAL A 95 -8.82 -0.77 11.67
CA VAL A 95 -7.58 -1.48 11.92
C VAL A 95 -6.64 -0.61 12.72
N ASP A 96 -5.78 -1.23 13.51
CA ASP A 96 -4.84 -0.48 14.33
C ASP A 96 -3.46 -1.12 14.31
N CYS A 97 -2.43 -0.29 14.21
CA CYS A 97 -1.07 -0.77 14.18
C CYS A 97 -0.28 -0.24 15.36
N THR A 98 -0.98 0.08 16.45
CA THR A 98 -0.33 0.56 17.65
C THR A 98 0.24 -0.62 18.42
N THR A 99 -0.47 -1.74 18.36
CA THR A 99 -0.06 -2.95 19.02
C THR A 99 0.12 -4.08 17.99
N ALA A 100 0.07 -3.70 16.72
CA ALA A 100 0.20 -4.65 15.64
C ALA A 100 1.10 -4.08 14.55
N ALA A 101 1.50 -4.92 13.62
CA ALA A 101 2.36 -4.49 12.53
C ALA A 101 1.52 -4.05 11.33
N CYS A 102 2.00 -3.01 10.65
CA CYS A 102 1.32 -2.50 9.48
C CYS A 102 2.05 -2.97 8.23
N GLN A 103 1.42 -2.88 7.08
CA GLN A 103 2.07 -3.31 5.85
C GLN A 103 1.61 -2.46 4.66
N VAL A 104 2.44 -2.43 3.63
CA VAL A 104 2.14 -1.65 2.44
C VAL A 104 1.35 -2.49 1.45
N GLY A 105 0.16 -2.02 1.10
CA GLY A 105 -0.68 -2.74 0.17
C GLY A 105 -0.61 -2.13 -1.21
N LEU A 106 0.02 -2.87 -2.12
CA LEU A 106 0.16 -2.41 -3.50
C LEU A 106 -0.44 -3.43 -4.47
N SER A 107 -1.48 -3.02 -5.18
CA SER A 107 -2.14 -3.90 -6.14
C SER A 107 -2.80 -3.08 -7.23
N ASP A 108 -3.13 -3.72 -8.34
CA ASP A 108 -3.78 -3.06 -9.46
C ASP A 108 -5.29 -3.29 -9.40
N ALA A 109 -5.97 -3.07 -10.52
CA ALA A 109 -7.41 -3.27 -10.59
C ALA A 109 -7.76 -4.74 -10.41
N ALA A 110 -6.91 -5.62 -10.93
CA ALA A 110 -7.14 -7.05 -10.83
C ALA A 110 -6.74 -7.57 -9.45
N GLY A 111 -5.57 -7.16 -8.99
CA GLY A 111 -5.11 -7.58 -7.68
C GLY A 111 -3.76 -8.27 -7.73
N ASN A 112 -2.92 -7.85 -8.67
CA ASN A 112 -1.60 -8.42 -8.84
C ASN A 112 -0.53 -7.35 -8.71
N GLY A 113 0.72 -7.72 -8.98
CA GLY A 113 1.81 -6.76 -8.89
C GLY A 113 2.89 -7.23 -7.91
N PRO A 114 3.58 -6.29 -7.26
CA PRO A 114 4.64 -6.63 -6.30
C PRO A 114 4.06 -7.19 -5.00
N GLU A 115 4.87 -7.96 -4.28
CA GLU A 115 4.44 -8.56 -3.02
C GLU A 115 4.38 -7.50 -1.92
N GLY A 116 3.52 -7.73 -0.93
CA GLY A 116 3.37 -6.78 0.16
C GLY A 116 4.55 -6.78 1.11
N VAL A 117 4.81 -5.63 1.71
CA VAL A 117 5.91 -5.50 2.65
C VAL A 117 5.39 -5.10 4.03
N ALA A 118 5.72 -5.90 5.03
CA ALA A 118 5.30 -5.64 6.39
C ALA A 118 6.31 -4.75 7.10
N ILE A 119 5.80 -3.75 7.81
CA ILE A 119 6.66 -2.81 8.54
C ILE A 119 6.20 -2.69 9.99
N SER A 120 7.14 -2.38 10.87
CA SER A 120 6.83 -2.23 12.27
C SER A 120 7.39 -0.91 12.80
N PHE A 121 6.62 -0.25 13.66
CA PHE A 121 7.04 1.00 14.24
C PHE A 121 7.99 0.77 15.40
N ASN A 122 8.67 1.82 15.85
CA ASN A 122 9.59 1.72 16.97
C ASN A 122 8.88 1.98 18.28
N ALA A 10 9.13 -11.47 -17.63
CA ALA A 10 9.98 -10.26 -17.56
C ALA A 10 10.15 -9.81 -16.13
N ALA A 11 11.41 -9.64 -15.71
CA ALA A 11 11.71 -9.20 -14.36
C ALA A 11 11.41 -7.71 -14.20
N PRO A 12 10.55 -7.35 -13.25
CA PRO A 12 10.18 -5.96 -13.00
C PRO A 12 11.09 -5.30 -11.97
N THR A 13 10.71 -4.13 -11.51
CA THR A 13 11.48 -3.41 -10.51
C THR A 13 10.56 -2.85 -9.42
N ALA A 14 10.29 -3.67 -8.41
CA ALA A 14 9.42 -3.26 -7.31
C ALA A 14 10.23 -2.56 -6.23
N THR A 15 10.71 -1.37 -6.55
CA THR A 15 11.50 -0.59 -5.62
C THR A 15 10.62 0.12 -4.59
N VAL A 16 10.59 -0.42 -3.38
CA VAL A 16 9.79 0.16 -2.31
C VAL A 16 10.65 0.51 -1.11
N THR A 17 10.29 1.58 -0.41
CA THR A 17 11.04 2.01 0.76
C THR A 17 10.19 1.85 2.02
N PRO A 18 10.35 0.73 2.72
CA PRO A 18 9.60 0.43 3.95
C PRO A 18 10.01 1.34 5.11
N SER A 19 9.05 1.63 5.99
CA SER A 19 9.30 2.47 7.15
C SER A 19 9.61 1.60 8.37
N SER A 20 10.37 0.54 8.13
CA SER A 20 10.73 -0.40 9.18
C SER A 20 11.58 0.25 10.27
N GLY A 21 10.99 0.40 11.45
CA GLY A 21 11.71 0.97 12.57
C GLY A 21 11.39 2.43 12.79
N LEU A 22 10.48 2.97 11.99
CA LEU A 22 10.10 4.37 12.12
C LEU A 22 8.80 4.50 12.91
N SER A 23 8.26 5.70 12.98
CA SER A 23 7.03 5.93 13.72
C SER A 23 5.87 6.18 12.74
N ASP A 24 4.67 6.39 13.28
CA ASP A 24 3.51 6.65 12.44
C ASP A 24 3.59 8.06 11.87
N GLY A 25 2.96 8.26 10.74
CA GLY A 25 2.99 9.55 10.08
C GLY A 25 4.07 9.62 9.03
N THR A 26 4.88 8.57 8.98
CA THR A 26 5.98 8.47 8.03
C THR A 26 5.44 8.23 6.62
N VAL A 27 6.17 8.74 5.63
CA VAL A 27 5.79 8.59 4.25
C VAL A 27 6.49 7.39 3.61
N VAL A 28 5.70 6.43 3.17
CA VAL A 28 6.23 5.23 2.52
C VAL A 28 6.37 5.48 1.02
N LYS A 29 7.58 5.35 0.51
CA LYS A 29 7.82 5.57 -0.91
C LYS A 29 7.64 4.27 -1.69
N VAL A 30 6.78 4.32 -2.70
CA VAL A 30 6.54 3.15 -3.54
C VAL A 30 6.78 3.51 -4.99
N ALA A 31 7.87 3.01 -5.55
CA ALA A 31 8.22 3.26 -6.93
C ALA A 31 8.27 1.96 -7.71
N GLY A 32 7.18 1.63 -8.37
CA GLY A 32 7.11 0.40 -9.13
C GLY A 32 7.48 0.59 -10.58
N ALA A 33 8.52 -0.09 -11.02
CA ALA A 33 8.97 0.00 -12.40
C ALA A 33 8.76 -1.34 -13.09
N GLY A 34 8.54 -1.32 -14.39
CA GLY A 34 8.31 -2.55 -15.12
C GLY A 34 6.86 -2.97 -15.01
N LEU A 35 6.01 -2.00 -14.78
CA LEU A 35 4.57 -2.24 -14.64
C LEU A 35 3.87 -2.06 -15.98
N GLN A 36 2.56 -1.91 -15.94
CA GLN A 36 1.79 -1.74 -17.16
C GLN A 36 1.43 -0.27 -17.35
N ALA A 37 2.03 0.36 -18.37
CA ALA A 37 1.80 1.76 -18.67
C ALA A 37 0.33 2.02 -18.98
N GLY A 38 -0.21 3.09 -18.41
CA GLY A 38 -1.59 3.44 -18.64
C GLY A 38 -2.52 2.88 -17.59
N THR A 39 -1.99 2.02 -16.73
CA THR A 39 -2.78 1.40 -15.68
C THR A 39 -2.60 2.14 -14.36
N ALA A 40 -3.71 2.37 -13.66
CA ALA A 40 -3.68 3.05 -12.38
C ALA A 40 -3.50 2.06 -11.24
N TYR A 41 -2.53 2.32 -10.39
CA TYR A 41 -2.24 1.45 -9.27
C TYR A 41 -2.67 2.11 -7.97
N ASP A 42 -3.44 1.37 -7.18
CA ASP A 42 -3.92 1.87 -5.90
C ASP A 42 -3.01 1.37 -4.79
N VAL A 43 -2.44 2.30 -4.04
CA VAL A 43 -1.53 1.93 -2.97
C VAL A 43 -1.94 2.58 -1.65
N GLY A 44 -1.99 1.77 -0.61
CA GLY A 44 -2.34 2.27 0.71
C GLY A 44 -1.67 1.44 1.79
N GLN A 45 -1.89 1.78 3.05
CA GLN A 45 -1.29 1.02 4.14
C GLN A 45 -2.18 -0.15 4.51
N CYS A 46 -2.51 -0.95 3.51
CA CYS A 46 -3.37 -2.11 3.67
C CYS A 46 -2.71 -3.19 4.51
N ALA A 47 -3.13 -3.27 5.77
CA ALA A 47 -2.59 -4.26 6.69
C ALA A 47 -3.55 -5.44 6.85
N TRP A 48 -3.05 -6.51 7.46
CA TRP A 48 -3.85 -7.71 7.70
C TRP A 48 -5.07 -7.39 8.54
N VAL A 49 -6.24 -7.52 7.93
CA VAL A 49 -7.48 -7.21 8.63
C VAL A 49 -8.15 -8.50 9.14
N ASP A 50 -7.74 -9.63 8.57
CA ASP A 50 -8.28 -10.92 8.97
C ASP A 50 -7.39 -12.03 8.41
N THR A 51 -7.77 -13.27 8.65
CA THR A 51 -7.00 -14.41 8.18
C THR A 51 -7.06 -14.52 6.65
N GLY A 52 -6.01 -14.06 6.00
CA GLY A 52 -5.95 -14.13 4.55
C GLY A 52 -6.58 -12.92 3.88
N VAL A 53 -7.00 -11.95 4.69
CA VAL A 53 -7.63 -10.74 4.17
C VAL A 53 -6.97 -9.50 4.73
N LEU A 54 -6.76 -8.51 3.88
CA LEU A 54 -6.16 -7.25 4.30
C LEU A 54 -7.14 -6.12 4.01
N ALA A 55 -6.83 -4.92 4.48
CA ALA A 55 -7.72 -3.78 4.25
C ALA A 55 -6.92 -2.50 4.04
N CYS A 56 -7.26 -1.77 2.98
CA CYS A 56 -6.59 -0.52 2.64
C CYS A 56 -7.22 0.66 3.36
N ASN A 57 -6.55 1.81 3.33
CA ASN A 57 -7.05 3.01 3.97
C ASN A 57 -7.57 4.01 2.94
N PRO A 58 -8.86 4.35 3.02
CA PRO A 58 -9.49 5.29 2.10
C PRO A 58 -9.32 6.74 2.56
N ALA A 59 -8.10 7.11 2.94
CA ALA A 59 -7.83 8.45 3.41
C ALA A 59 -6.43 8.91 3.00
N ASP A 60 -5.41 8.26 3.53
CA ASP A 60 -4.03 8.62 3.21
C ASP A 60 -3.49 7.82 2.03
N PHE A 61 -4.41 7.31 1.21
CA PHE A 61 -4.00 6.55 0.04
C PHE A 61 -3.70 7.50 -1.10
N SER A 62 -2.89 7.06 -2.03
CA SER A 62 -2.53 7.89 -3.17
C SER A 62 -2.34 7.04 -4.42
N SER A 63 -3.39 6.99 -5.23
CA SER A 63 -3.37 6.24 -6.47
C SER A 63 -2.38 6.85 -7.45
N VAL A 64 -1.58 6.01 -8.09
CA VAL A 64 -0.60 6.47 -9.04
C VAL A 64 -0.73 5.70 -10.34
N THR A 65 -0.72 6.42 -11.46
CA THR A 65 -0.84 5.79 -12.77
C THR A 65 0.54 5.66 -13.40
N ALA A 66 0.84 4.46 -13.88
CA ALA A 66 2.13 4.19 -14.51
C ALA A 66 2.31 5.07 -15.74
N ASP A 67 3.48 5.67 -15.86
CA ASP A 67 3.81 6.54 -16.98
C ASP A 67 4.13 5.71 -18.22
N ALA A 68 4.46 6.39 -19.31
CA ALA A 68 4.77 5.73 -20.58
C ALA A 68 6.03 4.86 -20.45
N ASN A 69 6.79 5.10 -19.39
CA ASN A 69 8.01 4.34 -19.13
C ASN A 69 7.69 3.06 -18.38
N GLY A 70 6.44 2.95 -17.95
CA GLY A 70 6.01 1.78 -17.21
C GLY A 70 6.41 1.84 -15.75
N SER A 71 6.46 3.04 -15.22
CA SER A 71 6.84 3.25 -13.83
C SER A 71 5.80 4.11 -13.11
N ALA A 72 5.62 3.84 -11.82
CA ALA A 72 4.67 4.57 -11.01
C ALA A 72 5.20 4.78 -9.60
N SER A 73 5.44 6.03 -9.24
CA SER A 73 5.94 6.36 -7.91
C SER A 73 4.90 7.13 -7.11
N THR A 74 4.66 6.69 -5.89
CA THR A 74 3.68 7.33 -5.03
C THR A 74 4.21 7.44 -3.59
N SER A 75 3.56 8.28 -2.79
CA SER A 75 3.96 8.49 -1.40
C SER A 75 2.76 8.30 -0.48
N LEU A 76 2.81 7.28 0.37
CA LEU A 76 1.71 6.98 1.28
C LEU A 76 2.03 7.38 2.71
N THR A 77 1.04 7.89 3.42
CA THR A 77 1.24 8.29 4.80
C THR A 77 0.70 7.20 5.73
N VAL A 78 1.60 6.44 6.34
CA VAL A 78 1.20 5.35 7.23
C VAL A 78 0.78 5.88 8.60
N ARG A 79 -0.49 5.70 8.93
CA ARG A 79 -1.03 6.14 10.21
C ARG A 79 -0.99 5.01 11.24
N ARG A 80 -1.18 5.36 12.50
CA ARG A 80 -1.18 4.38 13.58
C ARG A 80 -2.53 3.67 13.64
N SER A 81 -3.54 4.34 13.11
CA SER A 81 -4.89 3.80 13.06
C SER A 81 -5.57 4.24 11.77
N PHE A 82 -6.05 3.27 11.00
CA PHE A 82 -6.69 3.59 9.74
C PHE A 82 -7.96 2.75 9.56
N GLU A 83 -8.84 3.25 8.71
CA GLU A 83 -10.08 2.57 8.42
C GLU A 83 -9.83 1.49 7.37
N GLY A 84 -10.03 0.24 7.76
CA GLY A 84 -9.81 -0.86 6.84
C GLY A 84 -10.90 -0.98 5.82
N PHE A 85 -10.52 -0.93 4.54
CA PHE A 85 -11.47 -1.02 3.45
C PHE A 85 -11.04 -2.09 2.47
N LEU A 86 -11.98 -2.87 1.99
CA LEU A 86 -11.67 -3.90 1.01
C LEU A 86 -11.43 -3.24 -0.33
N PHE A 87 -10.73 -3.94 -1.22
CA PHE A 87 -10.41 -3.40 -2.54
C PHE A 87 -11.68 -3.13 -3.36
N ASP A 88 -12.77 -3.78 -2.99
CA ASP A 88 -14.04 -3.61 -3.68
C ASP A 88 -14.75 -2.36 -3.16
N GLY A 89 -14.48 -1.98 -1.92
CA GLY A 89 -15.10 -0.80 -1.36
C GLY A 89 -15.80 -1.08 -0.04
N THR A 90 -15.91 -2.34 0.35
CA THR A 90 -16.58 -2.71 1.59
C THR A 90 -15.75 -2.29 2.81
N ARG A 91 -16.41 -1.68 3.78
CA ARG A 91 -15.75 -1.23 4.99
C ARG A 91 -15.68 -2.36 6.01
N TRP A 92 -14.50 -2.61 6.56
CA TRP A 92 -14.32 -3.68 7.53
C TRP A 92 -14.34 -3.11 8.95
N GLY A 93 -13.29 -2.36 9.30
CA GLY A 93 -13.19 -1.79 10.63
C GLY A 93 -11.91 -1.01 10.80
N THR A 94 -11.76 -0.38 11.96
CA THR A 94 -10.56 0.40 12.24
C THR A 94 -9.41 -0.51 12.66
N VAL A 95 -8.32 -0.47 11.90
CA VAL A 95 -7.16 -1.29 12.19
C VAL A 95 -6.17 -0.54 13.07
N ASP A 96 -5.76 -1.16 14.17
CA ASP A 96 -4.81 -0.54 15.08
C ASP A 96 -3.39 -1.04 14.81
N CYS A 97 -2.54 -0.15 14.33
CA CYS A 97 -1.16 -0.50 14.05
C CYS A 97 -0.26 -0.08 15.21
N THR A 98 -0.87 0.13 16.37
CA THR A 98 -0.13 0.49 17.57
C THR A 98 0.29 -0.76 18.30
N THR A 99 -0.64 -1.71 18.40
CA THR A 99 -0.38 -2.97 19.06
C THR A 99 -0.12 -4.06 18.01
N ALA A 100 -0.17 -3.65 16.75
CA ALA A 100 0.06 -4.56 15.64
C ALA A 100 1.05 -3.94 14.67
N ALA A 101 1.27 -4.61 13.55
CA ALA A 101 2.19 -4.13 12.54
C ALA A 101 1.44 -3.76 11.26
N CYS A 102 1.83 -2.66 10.64
CA CYS A 102 1.20 -2.20 9.42
C CYS A 102 1.87 -2.84 8.21
N GLN A 103 1.18 -2.84 7.08
CA GLN A 103 1.72 -3.41 5.85
C GLN A 103 1.38 -2.51 4.68
N VAL A 104 2.12 -2.65 3.59
CA VAL A 104 1.90 -1.84 2.41
C VAL A 104 1.08 -2.60 1.38
N GLY A 105 -0.03 -2.03 0.96
CA GLY A 105 -0.88 -2.67 -0.02
C GLY A 105 -0.84 -1.95 -1.35
N LEU A 106 -0.36 -2.64 -2.38
CA LEU A 106 -0.26 -2.07 -3.71
C LEU A 106 -0.82 -3.02 -4.75
N SER A 107 -1.78 -2.56 -5.53
CA SER A 107 -2.39 -3.38 -6.57
C SER A 107 -2.93 -2.50 -7.69
N ASP A 108 -3.14 -3.10 -8.85
CA ASP A 108 -3.68 -2.37 -10.00
C ASP A 108 -5.19 -2.19 -9.83
N ALA A 109 -5.88 -1.80 -10.89
CA ALA A 109 -7.31 -1.60 -10.83
C ALA A 109 -8.03 -2.92 -10.54
N ALA A 110 -7.46 -4.02 -11.01
CA ALA A 110 -8.04 -5.33 -10.79
C ALA A 110 -7.74 -5.83 -9.37
N GLY A 111 -6.46 -5.87 -9.03
CA GLY A 111 -6.07 -6.31 -7.70
C GLY A 111 -4.78 -7.12 -7.70
N ASN A 112 -3.97 -6.94 -8.73
CA ASN A 112 -2.71 -7.65 -8.84
C ASN A 112 -1.55 -6.66 -8.92
N GLY A 113 -0.34 -7.15 -8.77
CA GLY A 113 0.82 -6.28 -8.85
C GLY A 113 1.98 -6.78 -8.03
N PRO A 114 2.80 -5.87 -7.49
CA PRO A 114 3.96 -6.22 -6.68
C PRO A 114 3.58 -6.85 -5.34
N GLU A 115 4.57 -7.35 -4.62
CA GLU A 115 4.35 -7.98 -3.33
C GLU A 115 4.20 -6.94 -2.22
N GLY A 116 3.40 -7.28 -1.22
CA GLY A 116 3.20 -6.38 -0.09
C GLY A 116 4.30 -6.51 0.93
N VAL A 117 4.72 -5.38 1.49
CA VAL A 117 5.79 -5.38 2.48
C VAL A 117 5.26 -4.99 3.85
N ALA A 118 5.79 -5.61 4.89
CA ALA A 118 5.39 -5.33 6.25
C ALA A 118 6.27 -4.24 6.86
N ILE A 119 5.67 -3.38 7.67
CA ILE A 119 6.41 -2.30 8.30
C ILE A 119 6.05 -2.19 9.79
N SER A 120 7.04 -2.41 10.64
CA SER A 120 6.85 -2.35 12.07
C SER A 120 7.40 -1.03 12.62
N PHE A 121 6.71 -0.46 13.60
CA PHE A 121 7.12 0.79 14.20
C PHE A 121 8.06 0.55 15.38
N ASN A 122 8.78 1.60 15.77
CA ASN A 122 9.72 1.52 16.88
C ASN A 122 9.01 1.80 18.19
N ALA A 10 9.22 -11.12 -18.35
CA ALA A 10 10.15 -10.04 -17.97
C ALA A 10 10.17 -9.86 -16.47
N ALA A 11 11.25 -9.29 -15.95
CA ALA A 11 11.38 -9.06 -14.52
C ALA A 11 11.18 -7.58 -14.19
N PRO A 12 10.07 -7.23 -13.53
CA PRO A 12 9.76 -5.85 -13.15
C PRO A 12 10.71 -5.33 -12.07
N THR A 13 10.90 -4.03 -12.04
CA THR A 13 11.77 -3.41 -11.07
C THR A 13 10.95 -2.60 -10.05
N ALA A 14 10.48 -3.28 -9.01
CA ALA A 14 9.66 -2.63 -7.99
C ALA A 14 10.52 -2.22 -6.80
N THR A 15 10.81 -0.92 -6.73
CA THR A 15 11.61 -0.38 -5.64
C THR A 15 10.70 0.20 -4.56
N VAL A 16 10.78 -0.34 -3.37
CA VAL A 16 9.96 0.14 -2.27
C VAL A 16 10.81 0.47 -1.06
N THR A 17 10.54 1.61 -0.44
CA THR A 17 11.28 2.02 0.73
C THR A 17 10.47 1.72 1.99
N PRO A 18 10.81 0.63 2.69
CA PRO A 18 10.11 0.22 3.90
C PRO A 18 10.50 1.07 5.12
N SER A 19 9.51 1.45 5.89
CA SER A 19 9.73 2.25 7.09
C SER A 19 9.91 1.35 8.31
N SER A 20 10.65 0.26 8.11
CA SER A 20 10.92 -0.70 9.17
C SER A 20 11.74 -0.08 10.29
N GLY A 21 11.09 0.13 11.44
CA GLY A 21 11.76 0.72 12.58
C GLY A 21 11.39 2.17 12.79
N LEU A 22 10.51 2.68 11.94
CA LEU A 22 10.10 4.07 12.03
C LEU A 22 8.70 4.15 12.65
N SER A 23 8.38 5.31 13.23
CA SER A 23 7.09 5.51 13.87
C SER A 23 6.00 5.84 12.86
N ASP A 24 4.84 6.25 13.36
CA ASP A 24 3.72 6.62 12.51
C ASP A 24 3.96 7.99 11.88
N GLY A 25 3.21 8.31 10.85
CA GLY A 25 3.36 9.60 10.19
C GLY A 25 4.54 9.59 9.23
N THR A 26 5.07 8.40 8.97
CA THR A 26 6.19 8.25 8.06
C THR A 26 5.70 8.10 6.63
N VAL A 27 6.46 8.65 5.70
CA VAL A 27 6.12 8.59 4.29
C VAL A 27 6.81 7.41 3.61
N VAL A 28 6.01 6.48 3.13
CA VAL A 28 6.53 5.31 2.43
C VAL A 28 6.66 5.61 0.94
N LYS A 29 7.84 5.41 0.40
CA LYS A 29 8.09 5.68 -1.02
C LYS A 29 7.96 4.41 -1.84
N VAL A 30 7.06 4.43 -2.81
CA VAL A 30 6.85 3.30 -3.69
C VAL A 30 7.21 3.69 -5.13
N ALA A 31 8.09 2.91 -5.75
CA ALA A 31 8.52 3.19 -7.12
C ALA A 31 8.49 1.91 -7.96
N GLY A 32 7.39 1.71 -8.67
CA GLY A 32 7.27 0.52 -9.50
C GLY A 32 7.68 0.80 -10.94
N ALA A 33 8.82 0.25 -11.33
CA ALA A 33 9.32 0.44 -12.69
C ALA A 33 9.10 -0.81 -13.54
N GLY A 34 8.95 -0.61 -14.84
CA GLY A 34 8.74 -1.74 -15.74
C GLY A 34 7.35 -2.33 -15.58
N LEU A 35 6.39 -1.48 -15.28
CA LEU A 35 5.01 -1.92 -15.11
C LEU A 35 4.21 -1.69 -16.39
N GLN A 36 2.91 -1.93 -16.33
CA GLN A 36 2.05 -1.76 -17.49
C GLN A 36 1.62 -0.29 -17.62
N ALA A 37 2.20 0.39 -18.60
CA ALA A 37 1.90 1.80 -18.84
C ALA A 37 0.43 2.01 -19.17
N GLY A 38 -0.14 3.07 -18.62
CA GLY A 38 -1.54 3.40 -18.85
C GLY A 38 -2.48 2.64 -17.93
N THR A 39 -1.97 2.19 -16.81
CA THR A 39 -2.79 1.45 -15.85
C THR A 39 -2.79 2.15 -14.50
N ALA A 40 -3.94 2.17 -13.86
CA ALA A 40 -4.09 2.81 -12.56
C ALA A 40 -3.75 1.82 -11.45
N TYR A 41 -2.80 2.18 -10.60
CA TYR A 41 -2.39 1.33 -9.51
C TYR A 41 -2.89 1.90 -8.19
N ASP A 42 -3.48 1.04 -7.37
CA ASP A 42 -4.00 1.45 -6.08
C ASP A 42 -3.01 1.07 -4.99
N VAL A 43 -2.36 2.07 -4.43
CA VAL A 43 -1.37 1.85 -3.39
C VAL A 43 -1.73 2.63 -2.13
N GLY A 44 -1.91 1.92 -1.04
CA GLY A 44 -2.22 2.58 0.22
C GLY A 44 -1.71 1.79 1.38
N GLN A 45 -1.72 2.38 2.57
CA GLN A 45 -1.28 1.69 3.76
C GLN A 45 -2.40 0.78 4.24
N CYS A 46 -2.09 -0.47 4.50
CA CYS A 46 -3.10 -1.44 4.92
C CYS A 46 -2.56 -2.34 6.01
N ALA A 47 -3.39 -3.27 6.47
CA ALA A 47 -3.00 -4.22 7.50
C ALA A 47 -4.05 -5.31 7.63
N TRP A 48 -3.80 -6.25 8.53
CA TRP A 48 -4.71 -7.36 8.75
C TRP A 48 -5.91 -6.92 9.58
N VAL A 49 -7.04 -6.69 8.90
CA VAL A 49 -8.25 -6.27 9.57
C VAL A 49 -8.91 -7.45 10.27
N ASP A 50 -8.57 -8.65 9.80
CA ASP A 50 -9.08 -9.88 10.37
C ASP A 50 -8.11 -11.01 10.08
N THR A 51 -8.30 -12.15 10.71
CA THR A 51 -7.42 -13.29 10.51
C THR A 51 -7.64 -13.89 9.12
N GLY A 52 -7.01 -13.28 8.13
CA GLY A 52 -7.14 -13.75 6.77
C GLY A 52 -7.56 -12.64 5.84
N VAL A 53 -8.22 -11.64 6.40
CA VAL A 53 -8.71 -10.50 5.63
C VAL A 53 -7.83 -9.27 5.85
N LEU A 54 -7.50 -8.59 4.78
CA LEU A 54 -6.67 -7.39 4.85
C LEU A 54 -7.48 -6.20 4.36
N ALA A 55 -7.13 -5.01 4.81
CA ALA A 55 -7.85 -3.81 4.41
C ALA A 55 -6.95 -2.58 4.42
N CYS A 56 -7.15 -1.70 3.44
CA CYS A 56 -6.37 -0.48 3.33
C CYS A 56 -7.15 0.71 3.85
N ASN A 57 -6.55 1.89 3.79
CA ASN A 57 -7.22 3.11 4.25
C ASN A 57 -7.73 3.93 3.07
N PRO A 58 -9.03 4.29 3.09
CA PRO A 58 -9.64 5.08 2.02
C PRO A 58 -9.34 6.58 2.16
N ALA A 59 -8.69 6.94 3.25
CA ALA A 59 -8.33 8.33 3.50
C ALA A 59 -6.90 8.59 3.05
N ASP A 60 -5.96 7.97 3.73
CA ASP A 60 -4.56 8.14 3.41
C ASP A 60 -4.13 7.13 2.34
N PHE A 61 -4.59 7.38 1.12
CA PHE A 61 -4.26 6.53 -0.02
C PHE A 61 -3.78 7.40 -1.18
N SER A 62 -3.10 6.80 -2.13
CA SER A 62 -2.61 7.54 -3.27
C SER A 62 -2.77 6.74 -4.56
N SER A 63 -3.72 7.15 -5.37
CA SER A 63 -3.96 6.51 -6.65
C SER A 63 -2.91 6.99 -7.66
N VAL A 64 -2.05 6.09 -8.08
CA VAL A 64 -1.01 6.44 -9.03
C VAL A 64 -1.16 5.66 -10.33
N THR A 65 -1.12 6.37 -11.44
CA THR A 65 -1.25 5.73 -12.74
C THR A 65 0.13 5.62 -13.38
N ALA A 66 0.35 4.53 -14.11
CA ALA A 66 1.64 4.32 -14.78
C ALA A 66 1.79 5.28 -15.95
N ASP A 67 2.92 5.96 -16.01
CA ASP A 67 3.19 6.91 -17.08
C ASP A 67 3.63 6.19 -18.35
N ALA A 68 4.01 6.96 -19.37
CA ALA A 68 4.44 6.39 -20.65
C ALA A 68 5.63 5.44 -20.47
N ASN A 69 6.47 5.73 -19.50
CA ASN A 69 7.63 4.89 -19.25
C ASN A 69 7.23 3.61 -18.53
N GLY A 70 5.99 3.56 -18.08
CA GLY A 70 5.48 2.39 -17.38
C GLY A 70 5.93 2.36 -15.93
N SER A 71 6.13 3.53 -15.36
CA SER A 71 6.57 3.63 -13.98
C SER A 71 5.47 4.24 -13.12
N ALA A 72 5.33 3.72 -11.91
CA ALA A 72 4.33 4.20 -10.98
C ALA A 72 4.97 4.48 -9.63
N SER A 73 5.22 5.74 -9.34
CA SER A 73 5.83 6.12 -8.08
C SER A 73 4.87 6.99 -7.28
N THR A 74 4.83 6.77 -5.98
CA THR A 74 3.96 7.54 -5.11
C THR A 74 4.47 7.54 -3.68
N SER A 75 3.74 8.21 -2.79
CA SER A 75 4.13 8.30 -1.39
C SER A 75 2.91 8.11 -0.49
N LEU A 76 3.05 7.28 0.54
CA LEU A 76 1.94 7.00 1.46
C LEU A 76 2.31 7.34 2.90
N THR A 77 1.38 7.95 3.61
CA THR A 77 1.61 8.31 5.01
C THR A 77 1.03 7.21 5.90
N VAL A 78 1.89 6.47 6.57
CA VAL A 78 1.44 5.39 7.44
C VAL A 78 0.88 5.93 8.76
N ARG A 79 -0.31 5.47 9.10
CA ARG A 79 -0.96 5.88 10.34
C ARG A 79 -0.91 4.75 11.35
N ARG A 80 -1.59 4.92 12.47
CA ARG A 80 -1.61 3.90 13.51
C ARG A 80 -3.00 3.28 13.60
N SER A 81 -4.02 4.12 13.52
CA SER A 81 -5.40 3.66 13.57
C SER A 81 -6.14 4.24 12.37
N PHE A 82 -6.74 3.37 11.57
CA PHE A 82 -7.44 3.81 10.38
C PHE A 82 -8.58 2.89 10.01
N GLU A 83 -9.46 3.38 9.15
CA GLU A 83 -10.61 2.59 8.68
C GLU A 83 -10.12 1.53 7.69
N GLY A 84 -10.67 0.34 7.80
CA GLY A 84 -10.27 -0.73 6.91
C GLY A 84 -11.22 -0.90 5.75
N PHE A 85 -10.70 -0.71 4.55
CA PHE A 85 -11.50 -0.83 3.34
C PHE A 85 -10.84 -1.79 2.37
N LEU A 86 -11.65 -2.61 1.72
CA LEU A 86 -11.15 -3.57 0.76
C LEU A 86 -10.78 -2.84 -0.53
N PHE A 87 -10.07 -3.53 -1.42
CA PHE A 87 -9.66 -2.93 -2.69
C PHE A 87 -10.87 -2.61 -3.57
N ASP A 88 -11.98 -3.31 -3.34
CA ASP A 88 -13.19 -3.08 -4.11
C ASP A 88 -13.97 -1.90 -3.56
N GLY A 89 -13.71 -1.55 -2.30
CA GLY A 89 -14.40 -0.43 -1.69
C GLY A 89 -15.21 -0.81 -0.46
N THR A 90 -15.42 -2.11 -0.25
CA THR A 90 -16.20 -2.58 0.91
C THR A 90 -15.42 -2.38 2.20
N ARG A 91 -16.05 -1.75 3.18
CA ARG A 91 -15.40 -1.54 4.47
C ARG A 91 -15.59 -2.76 5.35
N TRP A 92 -14.57 -3.09 6.12
CA TRP A 92 -14.63 -4.25 7.00
C TRP A 92 -14.72 -3.81 8.46
N GLY A 93 -14.12 -2.67 8.77
CA GLY A 93 -14.14 -2.17 10.12
C GLY A 93 -13.00 -1.20 10.38
N THR A 94 -12.41 -1.29 11.56
CA THR A 94 -11.32 -0.41 11.94
C THR A 94 -10.03 -1.20 12.16
N VAL A 95 -8.97 -0.78 11.49
CA VAL A 95 -7.68 -1.44 11.60
C VAL A 95 -6.76 -0.62 12.50
N ASP A 96 -5.95 -1.30 13.30
CA ASP A 96 -5.04 -0.62 14.22
C ASP A 96 -3.69 -1.32 14.23
N CYS A 97 -2.62 -0.53 14.11
CA CYS A 97 -1.26 -1.05 14.12
C CYS A 97 -0.46 -0.48 15.29
N THR A 98 -1.10 -0.36 16.44
CA THR A 98 -0.41 0.15 17.63
C THR A 98 0.33 -0.97 18.34
N THR A 99 -0.28 -2.14 18.40
CA THR A 99 0.32 -3.29 19.04
C THR A 99 0.72 -4.34 17.99
N ALA A 100 0.57 -3.98 16.73
CA ALA A 100 0.91 -4.85 15.63
C ALA A 100 1.61 -4.07 14.52
N ALA A 101 1.99 -4.74 13.45
CA ALA A 101 2.67 -4.09 12.35
C ALA A 101 1.71 -3.88 11.18
N CYS A 102 1.97 -2.82 10.41
CA CYS A 102 1.15 -2.49 9.27
C CYS A 102 1.80 -3.00 7.99
N GLN A 103 1.10 -2.92 6.87
CA GLN A 103 1.61 -3.37 5.59
C GLN A 103 1.37 -2.33 4.50
N VAL A 104 1.98 -2.54 3.35
CA VAL A 104 1.82 -1.65 2.22
C VAL A 104 1.06 -2.35 1.11
N GLY A 105 -0.12 -1.85 0.79
CA GLY A 105 -0.94 -2.48 -0.24
C GLY A 105 -0.70 -1.85 -1.60
N LEU A 106 -0.15 -2.64 -2.52
CA LEU A 106 0.13 -2.18 -3.86
C LEU A 106 -0.44 -3.15 -4.87
N SER A 107 -1.50 -2.73 -5.56
CA SER A 107 -2.14 -3.58 -6.57
C SER A 107 -2.57 -2.77 -7.77
N ASP A 108 -2.67 -3.42 -8.92
CA ASP A 108 -3.09 -2.77 -10.15
C ASP A 108 -4.62 -2.68 -10.23
N ALA A 109 -5.13 -2.32 -11.40
CA ALA A 109 -6.57 -2.19 -11.62
C ALA A 109 -7.28 -3.54 -11.44
N ALA A 110 -6.59 -4.62 -11.76
CA ALA A 110 -7.15 -5.96 -11.63
C ALA A 110 -7.00 -6.47 -10.20
N GLY A 111 -5.77 -6.45 -9.71
CA GLY A 111 -5.51 -6.90 -8.35
C GLY A 111 -4.25 -7.72 -8.24
N ASN A 112 -3.22 -7.33 -8.99
CA ASN A 112 -1.94 -8.01 -8.97
C ASN A 112 -0.83 -7.00 -8.85
N GLY A 113 0.40 -7.43 -9.04
CA GLY A 113 1.54 -6.54 -8.94
C GLY A 113 2.61 -7.08 -8.03
N PRO A 114 3.39 -6.19 -7.37
CA PRO A 114 4.46 -6.60 -6.47
C PRO A 114 3.94 -7.28 -5.19
N GLU A 115 4.84 -7.88 -4.44
CA GLU A 115 4.49 -8.56 -3.20
C GLU A 115 4.18 -7.56 -2.09
N GLY A 116 3.36 -7.99 -1.13
CA GLY A 116 3.01 -7.12 -0.03
C GLY A 116 4.17 -6.96 0.95
N VAL A 117 4.46 -5.73 1.31
CA VAL A 117 5.56 -5.45 2.22
C VAL A 117 5.01 -5.08 3.61
N ALA A 118 5.62 -5.64 4.65
CA ALA A 118 5.21 -5.36 6.01
C ALA A 118 6.18 -4.39 6.67
N ILE A 119 5.64 -3.46 7.45
CA ILE A 119 6.46 -2.47 8.13
C ILE A 119 6.10 -2.39 9.61
N SER A 120 7.12 -2.50 10.45
CA SER A 120 6.93 -2.43 11.90
C SER A 120 7.47 -1.12 12.44
N PHE A 121 6.83 -0.58 13.46
CA PHE A 121 7.24 0.67 14.05
C PHE A 121 8.16 0.43 15.24
N ASN A 122 8.68 1.51 15.80
CA ASN A 122 9.57 1.41 16.96
C ASN A 122 8.80 1.70 18.24
N ALA A 10 8.35 -11.18 -18.31
CA ALA A 10 9.22 -10.01 -18.07
C ALA A 10 9.50 -9.87 -16.59
N ALA A 11 10.70 -9.43 -16.26
CA ALA A 11 11.10 -9.25 -14.87
C ALA A 11 10.96 -7.78 -14.48
N PRO A 12 9.93 -7.44 -13.69
CA PRO A 12 9.69 -6.06 -13.25
C PRO A 12 10.69 -5.60 -12.20
N THR A 13 10.75 -4.31 -11.99
CA THR A 13 11.66 -3.74 -11.00
C THR A 13 10.87 -3.02 -9.91
N ALA A 14 10.68 -3.69 -8.78
CA ALA A 14 9.94 -3.12 -7.68
C ALA A 14 10.88 -2.44 -6.69
N THR A 15 10.82 -1.12 -6.63
CA THR A 15 11.68 -0.36 -5.73
C THR A 15 10.85 0.33 -4.64
N VAL A 16 10.56 -0.41 -3.57
CA VAL A 16 9.79 0.15 -2.46
C VAL A 16 10.69 0.28 -1.23
N THR A 17 10.47 1.33 -0.46
CA THR A 17 11.26 1.56 0.74
C THR A 17 10.36 1.51 1.97
N PRO A 18 10.39 0.39 2.71
CA PRO A 18 9.59 0.20 3.91
C PRO A 18 10.07 1.05 5.08
N SER A 19 9.13 1.54 5.88
CA SER A 19 9.46 2.37 7.03
C SER A 19 9.69 1.51 8.28
N SER A 20 10.56 0.52 8.16
CA SER A 20 10.88 -0.37 9.27
C SER A 20 11.68 0.35 10.34
N GLY A 21 11.06 0.57 11.49
CA GLY A 21 11.72 1.25 12.58
C GLY A 21 11.26 2.68 12.75
N LEU A 22 10.51 3.17 11.78
CA LEU A 22 10.01 4.53 11.82
C LEU A 22 8.62 4.54 12.43
N SER A 23 8.27 5.62 13.11
CA SER A 23 6.96 5.73 13.75
C SER A 23 5.86 6.07 12.74
N ASP A 24 4.64 6.23 13.23
CA ASP A 24 3.51 6.56 12.36
C ASP A 24 3.63 8.00 11.89
N GLY A 25 2.95 8.31 10.78
CA GLY A 25 3.01 9.64 10.22
C GLY A 25 4.09 9.75 9.17
N THR A 26 4.85 8.67 9.02
CA THR A 26 5.93 8.60 8.05
C THR A 26 5.40 8.27 6.66
N VAL A 27 6.02 8.86 5.64
CA VAL A 27 5.61 8.63 4.26
C VAL A 27 6.44 7.52 3.62
N VAL A 28 5.77 6.45 3.25
CA VAL A 28 6.42 5.31 2.62
C VAL A 28 6.69 5.60 1.15
N LYS A 29 7.88 5.23 0.67
CA LYS A 29 8.24 5.46 -0.72
C LYS A 29 7.91 4.22 -1.57
N VAL A 30 7.00 4.40 -2.51
CA VAL A 30 6.62 3.32 -3.41
C VAL A 30 6.94 3.69 -4.85
N ALA A 31 7.84 2.94 -5.46
CA ALA A 31 8.22 3.18 -6.84
C ALA A 31 8.24 1.88 -7.61
N GLY A 32 7.28 1.70 -8.50
CA GLY A 32 7.21 0.50 -9.29
C GLY A 32 7.50 0.76 -10.75
N ALA A 33 8.49 0.06 -11.28
CA ALA A 33 8.87 0.22 -12.68
C ALA A 33 8.79 -1.12 -13.39
N GLY A 34 8.27 -1.10 -14.61
CA GLY A 34 8.13 -2.33 -15.37
C GLY A 34 6.70 -2.78 -15.40
N LEU A 35 5.80 -1.88 -15.02
CA LEU A 35 4.37 -2.18 -14.99
C LEU A 35 3.75 -1.80 -16.33
N GLN A 36 2.48 -2.18 -16.50
CA GLN A 36 1.77 -1.88 -17.74
C GLN A 36 1.37 -0.40 -17.75
N ALA A 37 1.92 0.35 -18.70
CA ALA A 37 1.64 1.78 -18.83
C ALA A 37 0.15 2.04 -19.05
N GLY A 38 -0.36 3.09 -18.42
CA GLY A 38 -1.75 3.44 -18.56
C GLY A 38 -2.61 2.91 -17.42
N THR A 39 -2.17 1.80 -16.84
CA THR A 39 -2.91 1.17 -15.75
C THR A 39 -2.76 1.96 -14.46
N ALA A 40 -3.85 2.09 -13.72
CA ALA A 40 -3.84 2.82 -12.46
C ALA A 40 -3.60 1.86 -11.30
N TYR A 41 -2.61 2.16 -10.48
CA TYR A 41 -2.29 1.31 -9.34
C TYR A 41 -2.65 2.03 -8.03
N ASP A 42 -3.39 1.33 -7.18
CA ASP A 42 -3.80 1.87 -5.90
C ASP A 42 -2.82 1.43 -4.81
N VAL A 43 -2.34 2.39 -4.04
CA VAL A 43 -1.40 2.09 -2.97
C VAL A 43 -1.88 2.65 -1.64
N GLY A 44 -1.73 1.85 -0.59
CA GLY A 44 -2.12 2.27 0.74
C GLY A 44 -1.53 1.36 1.80
N GLN A 45 -1.80 1.67 3.07
CA GLN A 45 -1.30 0.85 4.16
C GLN A 45 -2.24 -0.31 4.42
N CYS A 46 -2.19 -1.30 3.54
CA CYS A 46 -3.06 -2.46 3.65
C CYS A 46 -2.50 -3.46 4.67
N ALA A 47 -3.14 -3.54 5.83
CA ALA A 47 -2.71 -4.45 6.87
C ALA A 47 -3.75 -5.54 7.08
N TRP A 48 -3.46 -6.49 7.97
CA TRP A 48 -4.38 -7.59 8.25
C TRP A 48 -5.64 -7.08 8.94
N VAL A 49 -6.75 -7.13 8.22
CA VAL A 49 -8.04 -6.68 8.75
C VAL A 49 -8.89 -7.89 9.13
N ASP A 50 -8.50 -9.06 8.64
CA ASP A 50 -9.21 -10.30 8.91
C ASP A 50 -8.26 -11.48 8.75
N THR A 51 -8.80 -12.69 8.65
CA THR A 51 -8.00 -13.90 8.50
C THR A 51 -7.44 -13.99 7.08
N GLY A 52 -6.21 -13.51 6.91
CA GLY A 52 -5.58 -13.55 5.60
C GLY A 52 -6.10 -12.48 4.68
N VAL A 53 -6.88 -11.56 5.24
CA VAL A 53 -7.45 -10.48 4.47
C VAL A 53 -6.77 -9.16 4.82
N LEU A 54 -6.20 -8.53 3.82
CA LEU A 54 -5.53 -7.25 4.01
C LEU A 54 -6.34 -6.14 3.33
N ALA A 55 -6.47 -5.01 4.01
CA ALA A 55 -7.22 -3.89 3.46
C ALA A 55 -6.54 -2.57 3.82
N CYS A 56 -6.71 -1.57 2.96
CA CYS A 56 -6.08 -0.27 3.19
C CYS A 56 -7.13 0.84 3.25
N ASN A 57 -6.80 1.92 3.92
CA ASN A 57 -7.70 3.06 4.06
C ASN A 57 -7.59 4.01 2.87
N PRO A 58 -8.72 4.45 2.32
CA PRO A 58 -8.74 5.36 1.19
C PRO A 58 -8.64 6.82 1.63
N ALA A 59 -8.57 7.03 2.93
CA ALA A 59 -8.46 8.36 3.49
C ALA A 59 -7.06 8.92 3.33
N ASP A 60 -6.06 8.05 3.41
CA ASP A 60 -4.67 8.47 3.27
C ASP A 60 -3.98 7.72 2.13
N PHE A 61 -4.76 7.04 1.32
CA PHE A 61 -4.21 6.31 0.19
C PHE A 61 -3.93 7.26 -0.96
N SER A 62 -3.06 6.86 -1.87
CA SER A 62 -2.71 7.68 -3.01
C SER A 62 -2.45 6.80 -4.22
N SER A 63 -3.41 6.75 -5.13
CA SER A 63 -3.28 5.95 -6.33
C SER A 63 -2.38 6.64 -7.34
N VAL A 64 -1.61 5.87 -8.07
CA VAL A 64 -0.71 6.41 -9.06
C VAL A 64 -0.83 5.64 -10.37
N THR A 65 -1.04 6.36 -11.46
CA THR A 65 -1.17 5.75 -12.76
C THR A 65 0.20 5.55 -13.39
N ALA A 66 0.40 4.39 -14.01
CA ALA A 66 1.67 4.08 -14.65
C ALA A 66 1.91 5.00 -15.83
N ASP A 67 3.04 5.69 -15.82
CA ASP A 67 3.40 6.62 -16.88
C ASP A 67 3.71 5.88 -18.18
N ALA A 68 4.07 6.64 -19.21
CA ALA A 68 4.38 6.08 -20.52
C ALA A 68 5.69 5.29 -20.51
N ASN A 69 6.43 5.38 -19.42
CA ASN A 69 7.70 4.67 -19.29
C ASN A 69 7.46 3.36 -18.56
N GLY A 70 6.23 3.18 -18.07
CA GLY A 70 5.87 1.97 -17.36
C GLY A 70 6.25 2.05 -15.89
N SER A 71 6.28 3.25 -15.35
CA SER A 71 6.63 3.45 -13.96
C SER A 71 5.53 4.16 -13.18
N ALA A 72 5.51 3.95 -11.88
CA ALA A 72 4.52 4.57 -11.00
C ALA A 72 5.13 4.78 -9.63
N SER A 73 5.14 6.01 -9.14
CA SER A 73 5.70 6.31 -7.84
C SER A 73 4.80 7.26 -7.05
N THR A 74 4.74 7.04 -5.74
CA THR A 74 3.94 7.88 -4.87
C THR A 74 4.35 7.67 -3.40
N SER A 75 3.89 8.56 -2.53
CA SER A 75 4.19 8.48 -1.10
C SER A 75 2.92 8.21 -0.30
N LEU A 76 3.01 7.29 0.65
CA LEU A 76 1.87 6.93 1.48
C LEU A 76 2.12 7.26 2.95
N THR A 77 1.23 8.03 3.54
CA THR A 77 1.36 8.39 4.94
C THR A 77 0.73 7.32 5.82
N VAL A 78 1.56 6.45 6.37
CA VAL A 78 1.09 5.37 7.22
C VAL A 78 0.64 5.89 8.59
N ARG A 79 -0.60 5.57 8.95
CA ARG A 79 -1.16 5.99 10.23
C ARG A 79 -1.07 4.86 11.25
N ARG A 80 -1.33 5.18 12.50
CA ARG A 80 -1.29 4.20 13.58
C ARG A 80 -2.59 3.41 13.59
N SER A 81 -3.69 4.09 13.32
CA SER A 81 -5.01 3.48 13.30
C SER A 81 -5.73 3.90 12.02
N PHE A 82 -6.29 2.93 11.31
CA PHE A 82 -7.00 3.21 10.06
C PHE A 82 -8.14 2.23 9.84
N GLU A 83 -8.96 2.51 8.84
CA GLU A 83 -10.07 1.63 8.52
C GLU A 83 -9.74 0.82 7.26
N GLY A 84 -9.83 -0.49 7.36
CA GLY A 84 -9.54 -1.34 6.24
C GLY A 84 -10.62 -1.29 5.18
N PHE A 85 -10.22 -0.96 3.96
CA PHE A 85 -11.14 -0.87 2.84
C PHE A 85 -10.63 -1.71 1.68
N LEU A 86 -11.54 -2.25 0.90
CA LEU A 86 -11.16 -3.05 -0.25
C LEU A 86 -11.01 -2.17 -1.48
N PHE A 87 -10.65 -2.77 -2.61
CA PHE A 87 -10.46 -2.00 -3.85
C PHE A 87 -11.78 -1.61 -4.49
N ASP A 88 -12.88 -2.05 -3.90
CA ASP A 88 -14.21 -1.74 -4.42
C ASP A 88 -14.88 -0.64 -3.59
N GLY A 89 -14.28 -0.35 -2.42
CA GLY A 89 -14.83 0.67 -1.54
C GLY A 89 -15.50 0.07 -0.31
N THR A 90 -15.50 -1.25 -0.22
CA THR A 90 -16.12 -1.94 0.90
C THR A 90 -15.24 -1.82 2.15
N ARG A 91 -15.88 -1.55 3.28
CA ARG A 91 -15.16 -1.40 4.54
C ARG A 91 -15.23 -2.72 5.31
N TRP A 92 -14.12 -3.09 5.95
CA TRP A 92 -14.07 -4.33 6.70
C TRP A 92 -14.03 -4.08 8.21
N GLY A 93 -13.30 -3.05 8.62
CA GLY A 93 -13.20 -2.74 10.03
C GLY A 93 -12.01 -1.85 10.33
N THR A 94 -11.90 -1.41 11.58
CA THR A 94 -10.80 -0.56 11.99
C THR A 94 -9.57 -1.38 12.40
N VAL A 95 -8.46 -1.14 11.73
CA VAL A 95 -7.21 -1.82 12.02
C VAL A 95 -6.32 -0.89 12.83
N ASP A 96 -5.81 -1.37 13.94
CA ASP A 96 -4.95 -0.56 14.79
C ASP A 96 -3.56 -1.18 14.91
N CYS A 97 -2.55 -0.39 14.59
CA CYS A 97 -1.17 -0.85 14.65
C CYS A 97 -0.45 -0.29 15.88
N THR A 98 -1.20 -0.01 16.93
CA THR A 98 -0.61 0.50 18.16
C THR A 98 0.00 -0.66 18.94
N THR A 99 -0.64 -1.83 18.83
CA THR A 99 -0.17 -3.02 19.52
C THR A 99 0.25 -4.08 18.50
N ALA A 100 0.44 -3.65 17.26
CA ALA A 100 0.84 -4.53 16.17
C ALA A 100 1.62 -3.75 15.12
N ALA A 101 1.83 -4.34 13.95
CA ALA A 101 2.55 -3.68 12.88
C ALA A 101 1.67 -3.48 11.66
N CYS A 102 1.88 -2.37 10.96
CA CYS A 102 1.11 -2.06 9.76
C CYS A 102 1.84 -2.61 8.54
N GLN A 103 1.17 -2.60 7.39
CA GLN A 103 1.79 -3.10 6.17
C GLN A 103 1.54 -2.15 5.01
N VAL A 104 2.36 -2.27 3.99
CA VAL A 104 2.23 -1.45 2.79
C VAL A 104 1.76 -2.31 1.63
N GLY A 105 0.66 -1.93 1.02
CA GLY A 105 0.13 -2.70 -0.08
C GLY A 105 -0.10 -1.87 -1.33
N LEU A 106 0.25 -2.43 -2.47
CA LEU A 106 0.08 -1.76 -3.75
C LEU A 106 -0.39 -2.77 -4.80
N SER A 107 -1.50 -2.47 -5.44
CA SER A 107 -2.05 -3.36 -6.46
C SER A 107 -2.95 -2.58 -7.42
N ASP A 108 -3.33 -3.23 -8.51
CA ASP A 108 -4.18 -2.60 -9.51
C ASP A 108 -5.64 -2.96 -9.24
N ALA A 109 -6.49 -2.66 -10.21
CA ALA A 109 -7.92 -2.95 -10.10
C ALA A 109 -8.19 -4.45 -10.02
N ALA A 110 -7.31 -5.25 -10.62
CA ALA A 110 -7.45 -6.69 -10.59
C ALA A 110 -6.92 -7.28 -9.30
N GLY A 111 -6.42 -6.39 -8.43
CA GLY A 111 -5.89 -6.80 -7.15
C GLY A 111 -4.60 -7.59 -7.28
N ASN A 112 -3.79 -7.25 -8.27
CA ASN A 112 -2.52 -7.93 -8.50
C ASN A 112 -1.37 -6.94 -8.51
N GLY A 113 -0.17 -7.43 -8.26
CA GLY A 113 1.00 -6.59 -8.24
C GLY A 113 2.08 -7.13 -7.32
N PRO A 114 3.08 -6.31 -6.98
CA PRO A 114 4.17 -6.71 -6.07
C PRO A 114 3.66 -7.19 -4.71
N GLU A 115 4.47 -8.00 -4.05
CA GLU A 115 4.13 -8.53 -2.74
C GLU A 115 4.11 -7.43 -1.69
N GLY A 116 3.20 -7.53 -0.74
CA GLY A 116 3.08 -6.53 0.31
C GLY A 116 4.19 -6.65 1.33
N VAL A 117 4.63 -5.51 1.84
CA VAL A 117 5.70 -5.47 2.82
C VAL A 117 5.19 -4.97 4.17
N ALA A 118 5.57 -5.64 5.23
CA ALA A 118 5.14 -5.25 6.58
C ALA A 118 6.15 -4.30 7.20
N ILE A 119 5.66 -3.35 7.98
CA ILE A 119 6.52 -2.37 8.63
C ILE A 119 6.19 -2.22 10.11
N SER A 120 7.20 -2.35 10.94
CA SER A 120 7.04 -2.23 12.38
C SER A 120 7.55 -0.88 12.86
N PHE A 121 6.81 -0.25 13.76
CA PHE A 121 7.20 1.03 14.31
C PHE A 121 8.18 0.81 15.47
N ASN A 122 8.88 1.85 15.88
CA ASN A 122 9.83 1.73 16.98
C ASN A 122 9.12 1.78 18.31
N ALA A 10 9.13 -11.45 -17.97
CA ALA A 10 10.03 -10.30 -17.78
C ALA A 10 10.06 -9.90 -16.31
N ALA A 11 11.24 -9.54 -15.81
CA ALA A 11 11.38 -9.13 -14.42
C ALA A 11 11.41 -7.62 -14.31
N PRO A 12 10.43 -7.02 -13.61
CA PRO A 12 10.37 -5.58 -13.44
C PRO A 12 11.25 -5.10 -12.29
N THR A 13 11.12 -3.83 -11.93
CA THR A 13 11.90 -3.25 -10.86
C THR A 13 11.00 -2.65 -9.78
N ALA A 14 10.81 -3.39 -8.70
CA ALA A 14 9.98 -2.93 -7.60
C ALA A 14 10.83 -2.25 -6.54
N THR A 15 11.05 -0.96 -6.73
CA THR A 15 11.84 -0.17 -5.80
C THR A 15 10.94 0.47 -4.74
N VAL A 16 10.80 -0.20 -3.62
CA VAL A 16 9.97 0.30 -2.54
C VAL A 16 10.80 0.59 -1.30
N THR A 17 10.53 1.72 -0.67
CA THR A 17 11.22 2.12 0.55
C THR A 17 10.26 2.07 1.73
N PRO A 18 10.28 0.95 2.48
CA PRO A 18 9.40 0.76 3.63
C PRO A 18 9.89 1.49 4.87
N SER A 19 8.95 1.91 5.72
CA SER A 19 9.27 2.61 6.95
C SER A 19 9.50 1.62 8.10
N SER A 20 10.33 0.62 7.83
CA SER A 20 10.64 -0.41 8.82
C SER A 20 11.42 0.15 9.99
N GLY A 21 10.78 0.20 11.15
CA GLY A 21 11.42 0.71 12.34
C GLY A 21 11.09 2.16 12.61
N LEU A 22 10.47 2.82 11.64
CA LEU A 22 10.10 4.22 11.78
C LEU A 22 8.76 4.35 12.48
N SER A 23 8.51 5.52 13.07
CA SER A 23 7.26 5.76 13.77
C SER A 23 6.11 6.00 12.78
N ASP A 24 4.90 6.16 13.31
CA ASP A 24 3.74 6.40 12.46
C ASP A 24 3.79 7.82 11.92
N GLY A 25 3.09 8.03 10.80
CA GLY A 25 3.07 9.33 10.19
C GLY A 25 4.09 9.43 9.07
N THR A 26 5.00 8.46 9.05
CA THR A 26 6.06 8.41 8.04
C THR A 26 5.46 8.12 6.66
N VAL A 27 6.08 8.68 5.63
CA VAL A 27 5.60 8.49 4.27
C VAL A 27 6.41 7.41 3.56
N VAL A 28 5.73 6.34 3.16
CA VAL A 28 6.36 5.22 2.46
C VAL A 28 6.53 5.56 0.99
N LYS A 29 7.71 5.29 0.45
CA LYS A 29 7.99 5.58 -0.95
C LYS A 29 7.87 4.33 -1.80
N VAL A 30 7.01 4.39 -2.80
CA VAL A 30 6.79 3.27 -3.70
C VAL A 30 7.08 3.67 -5.14
N ALA A 31 8.07 3.03 -5.74
CA ALA A 31 8.45 3.33 -7.12
C ALA A 31 8.52 2.05 -7.94
N GLY A 32 7.45 1.78 -8.67
CA GLY A 32 7.41 0.59 -9.50
C GLY A 32 7.78 0.88 -10.93
N ALA A 33 8.88 0.32 -11.38
CA ALA A 33 9.34 0.51 -12.74
C ALA A 33 9.20 -0.80 -13.51
N GLY A 34 8.69 -0.71 -14.72
CA GLY A 34 8.51 -1.90 -15.53
C GLY A 34 7.12 -2.47 -15.35
N LEU A 35 6.17 -1.59 -15.12
CA LEU A 35 4.78 -1.99 -14.94
C LEU A 35 4.00 -1.80 -16.23
N GLN A 36 2.69 -2.01 -16.17
CA GLN A 36 1.85 -1.85 -17.34
C GLN A 36 1.51 -0.38 -17.54
N ALA A 37 2.09 0.23 -18.57
CA ALA A 37 1.87 1.63 -18.87
C ALA A 37 0.40 1.91 -19.18
N GLY A 38 -0.10 3.03 -18.66
CA GLY A 38 -1.49 3.41 -18.90
C GLY A 38 -2.45 2.82 -17.89
N THR A 39 -1.91 2.19 -16.85
CA THR A 39 -2.74 1.57 -15.82
C THR A 39 -2.61 2.33 -14.51
N ALA A 40 -3.69 2.36 -13.74
CA ALA A 40 -3.70 3.04 -12.46
C ALA A 40 -3.46 2.03 -11.33
N TYR A 41 -2.59 2.38 -10.40
CA TYR A 41 -2.27 1.51 -9.28
C TYR A 41 -2.72 2.14 -7.97
N ASP A 42 -3.59 1.44 -7.26
CA ASP A 42 -4.10 1.91 -5.97
C ASP A 42 -3.18 1.41 -4.86
N VAL A 43 -2.44 2.31 -4.26
CA VAL A 43 -1.51 1.95 -3.20
C VAL A 43 -1.86 2.67 -1.90
N GLY A 44 -2.08 1.91 -0.83
CA GLY A 44 -2.37 2.51 0.45
C GLY A 44 -1.84 1.68 1.59
N GLN A 45 -1.99 2.18 2.81
CA GLN A 45 -1.55 1.44 3.98
C GLN A 45 -2.62 0.45 4.38
N CYS A 46 -2.25 -0.81 4.50
CA CYS A 46 -3.20 -1.85 4.85
C CYS A 46 -2.66 -2.73 5.97
N ALA A 47 -3.52 -3.58 6.52
CA ALA A 47 -3.14 -4.50 7.58
C ALA A 47 -4.23 -5.54 7.77
N TRP A 48 -3.95 -6.53 8.62
CA TRP A 48 -4.92 -7.58 8.89
C TRP A 48 -6.04 -7.05 9.79
N VAL A 49 -7.27 -7.17 9.31
CA VAL A 49 -8.42 -6.69 10.05
C VAL A 49 -9.22 -7.87 10.62
N ASP A 50 -9.15 -9.01 9.94
CA ASP A 50 -9.86 -10.21 10.38
C ASP A 50 -9.05 -11.44 9.98
N THR A 51 -9.52 -12.62 10.40
CA THR A 51 -8.83 -13.87 10.09
C THR A 51 -8.75 -14.10 8.58
N GLY A 52 -7.59 -13.79 8.00
CA GLY A 52 -7.39 -13.97 6.59
C GLY A 52 -7.92 -12.81 5.78
N VAL A 53 -8.29 -11.73 6.45
CA VAL A 53 -8.83 -10.56 5.78
C VAL A 53 -7.99 -9.32 6.07
N LEU A 54 -7.56 -8.64 5.02
CA LEU A 54 -6.78 -7.44 5.15
C LEU A 54 -7.62 -6.27 4.66
N ALA A 55 -7.15 -5.05 4.90
CA ALA A 55 -7.88 -3.87 4.47
C ALA A 55 -6.97 -2.65 4.42
N CYS A 56 -7.14 -1.83 3.39
CA CYS A 56 -6.33 -0.62 3.22
C CYS A 56 -7.11 0.62 3.63
N ASN A 57 -6.39 1.70 3.88
CA ASN A 57 -7.01 2.97 4.26
C ASN A 57 -7.23 3.83 3.02
N PRO A 58 -8.49 4.17 2.72
CA PRO A 58 -8.85 4.98 1.57
C PRO A 58 -8.85 6.48 1.87
N ALA A 59 -8.05 6.89 2.84
CA ALA A 59 -7.99 8.29 3.21
C ALA A 59 -6.63 8.87 2.88
N ASP A 60 -5.56 8.20 3.30
CA ASP A 60 -4.20 8.66 3.05
C ASP A 60 -3.55 7.88 1.91
N PHE A 61 -4.39 7.32 1.04
CA PHE A 61 -3.89 6.56 -0.10
C PHE A 61 -3.63 7.49 -1.27
N SER A 62 -2.97 6.99 -2.30
CA SER A 62 -2.68 7.79 -3.48
C SER A 62 -2.51 6.91 -4.71
N SER A 63 -3.55 6.86 -5.54
CA SER A 63 -3.51 6.06 -6.75
C SER A 63 -2.56 6.71 -7.77
N VAL A 64 -1.58 5.96 -8.21
CA VAL A 64 -0.62 6.48 -9.16
C VAL A 64 -0.81 5.84 -10.53
N THR A 65 -0.77 6.66 -11.57
CA THR A 65 -0.94 6.17 -12.92
C THR A 65 0.42 5.89 -13.55
N ALA A 66 0.52 4.81 -14.29
CA ALA A 66 1.77 4.45 -14.95
C ALA A 66 2.04 5.37 -16.14
N ASP A 67 3.21 5.98 -16.15
CA ASP A 67 3.58 6.91 -17.22
C ASP A 67 3.86 6.16 -18.52
N ALA A 68 4.26 6.91 -19.55
CA ALA A 68 4.54 6.36 -20.87
C ALA A 68 5.81 5.49 -20.85
N ASN A 69 6.57 5.60 -19.78
CA ASN A 69 7.80 4.82 -19.64
C ASN A 69 7.48 3.48 -19.01
N GLY A 70 6.43 3.46 -18.21
CA GLY A 70 6.01 2.25 -17.53
C GLY A 70 6.43 2.26 -16.08
N SER A 71 6.50 3.46 -15.51
CA SER A 71 6.90 3.63 -14.13
C SER A 71 5.79 4.31 -13.32
N ALA A 72 5.82 4.11 -12.01
CA ALA A 72 4.83 4.71 -11.11
C ALA A 72 5.45 4.98 -9.75
N SER A 73 5.50 6.24 -9.36
CA SER A 73 6.08 6.63 -8.08
C SER A 73 5.03 7.33 -7.21
N THR A 74 4.89 6.88 -5.97
CA THR A 74 3.94 7.47 -5.04
C THR A 74 4.44 7.35 -3.61
N SER A 75 3.93 8.19 -2.73
CA SER A 75 4.32 8.19 -1.33
C SER A 75 3.07 8.15 -0.45
N LEU A 76 2.96 7.14 0.41
CA LEU A 76 1.79 6.99 1.27
C LEU A 76 2.12 7.23 2.73
N THR A 77 1.31 8.05 3.38
CA THR A 77 1.50 8.35 4.80
C THR A 77 0.89 7.23 5.64
N VAL A 78 1.74 6.45 6.30
CA VAL A 78 1.27 5.34 7.10
C VAL A 78 0.89 5.76 8.53
N ARG A 79 -0.39 5.64 8.83
CA ARG A 79 -0.90 5.97 10.16
C ARG A 79 -0.90 4.72 11.01
N ARG A 80 -1.00 4.87 12.33
CA ARG A 80 -1.01 3.72 13.23
C ARG A 80 -2.41 3.13 13.33
N SER A 81 -3.41 3.98 13.36
CA SER A 81 -4.79 3.54 13.44
C SER A 81 -5.57 4.09 12.25
N PHE A 82 -6.34 3.24 11.57
CA PHE A 82 -7.08 3.66 10.40
C PHE A 82 -8.25 2.72 10.09
N GLU A 83 -9.15 3.17 9.23
CA GLU A 83 -10.28 2.36 8.81
C GLU A 83 -9.83 1.44 7.67
N GLY A 84 -10.31 0.21 7.69
CA GLY A 84 -9.94 -0.74 6.67
C GLY A 84 -11.00 -0.94 5.63
N PHE A 85 -10.60 -0.88 4.36
CA PHE A 85 -11.52 -1.06 3.25
C PHE A 85 -10.99 -2.15 2.33
N LEU A 86 -11.90 -2.94 1.78
CA LEU A 86 -11.51 -4.02 0.87
C LEU A 86 -11.23 -3.43 -0.51
N PHE A 87 -10.70 -4.24 -1.42
CA PHE A 87 -10.39 -3.78 -2.76
C PHE A 87 -11.67 -3.45 -3.52
N ASP A 88 -12.74 -4.14 -3.17
CA ASP A 88 -14.03 -3.90 -3.81
C ASP A 88 -14.61 -2.55 -3.38
N GLY A 89 -14.21 -2.07 -2.21
CA GLY A 89 -14.68 -0.79 -1.72
C GLY A 89 -15.41 -0.88 -0.40
N THR A 90 -15.85 -2.08 -0.03
CA THR A 90 -16.58 -2.27 1.22
C THR A 90 -15.65 -2.18 2.43
N ARG A 91 -16.08 -1.44 3.45
CA ARG A 91 -15.30 -1.31 4.67
C ARG A 91 -15.50 -2.52 5.55
N TRP A 92 -14.44 -2.96 6.21
CA TRP A 92 -14.55 -4.12 7.09
C TRP A 92 -14.60 -3.66 8.54
N GLY A 93 -13.95 -2.55 8.82
CA GLY A 93 -13.93 -2.02 10.17
C GLY A 93 -12.72 -1.15 10.41
N THR A 94 -12.23 -1.15 11.63
CA THR A 94 -11.07 -0.35 11.99
C THR A 94 -9.85 -1.24 12.22
N VAL A 95 -8.71 -0.83 11.69
CA VAL A 95 -7.47 -1.58 11.84
C VAL A 95 -6.48 -0.77 12.66
N ASP A 96 -5.77 -1.43 13.55
CA ASP A 96 -4.80 -0.76 14.40
C ASP A 96 -3.44 -1.45 14.35
N CYS A 97 -2.39 -0.66 14.18
CA CYS A 97 -1.04 -1.18 14.12
C CYS A 97 -0.18 -0.64 15.26
N THR A 98 -0.77 -0.51 16.44
CA THR A 98 -0.03 -0.04 17.60
C THR A 98 0.75 -1.19 18.20
N THR A 99 0.06 -2.30 18.45
CA THR A 99 0.70 -3.48 19.01
C THR A 99 0.93 -4.53 17.91
N ALA A 100 0.72 -4.13 16.67
CA ALA A 100 0.89 -5.01 15.52
C ALA A 100 1.60 -4.28 14.39
N ALA A 101 1.78 -4.96 13.27
CA ALA A 101 2.47 -4.38 12.12
C ALA A 101 1.52 -4.12 10.97
N CYS A 102 1.85 -3.13 10.16
CA CYS A 102 1.05 -2.76 9.00
C CYS A 102 1.78 -3.20 7.74
N GLN A 103 1.10 -3.19 6.61
CA GLN A 103 1.73 -3.59 5.34
C GLN A 103 1.37 -2.63 4.23
N VAL A 104 2.25 -2.52 3.25
CA VAL A 104 2.03 -1.64 2.10
C VAL A 104 1.21 -2.36 1.03
N GLY A 105 0.01 -1.87 0.77
CA GLY A 105 -0.84 -2.49 -0.22
C GLY A 105 -0.74 -1.81 -1.56
N LEU A 106 0.09 -2.37 -2.43
CA LEU A 106 0.29 -1.83 -3.76
C LEU A 106 -0.25 -2.78 -4.81
N SER A 107 -1.42 -2.48 -5.34
CA SER A 107 -2.03 -3.32 -6.35
C SER A 107 -2.63 -2.49 -7.47
N ASP A 108 -2.83 -3.11 -8.63
CA ASP A 108 -3.41 -2.43 -9.78
C ASP A 108 -4.93 -2.48 -9.72
N ALA A 109 -5.59 -2.06 -10.80
CA ALA A 109 -7.05 -2.05 -10.87
C ALA A 109 -7.61 -3.46 -10.71
N ALA A 110 -6.89 -4.46 -11.21
CA ALA A 110 -7.31 -5.84 -11.09
C ALA A 110 -7.08 -6.37 -9.69
N GLY A 111 -5.88 -6.15 -9.16
CA GLY A 111 -5.57 -6.59 -7.82
C GLY A 111 -4.28 -7.38 -7.74
N ASN A 112 -3.36 -7.11 -8.66
CA ASN A 112 -2.07 -7.80 -8.68
C ASN A 112 -0.94 -6.79 -8.78
N GLY A 113 0.29 -7.28 -8.81
CA GLY A 113 1.44 -6.41 -8.91
C GLY A 113 2.57 -6.86 -7.99
N PRO A 114 3.29 -5.91 -7.37
CA PRO A 114 4.39 -6.23 -6.46
C PRO A 114 3.90 -6.87 -5.16
N GLU A 115 4.80 -7.53 -4.46
CA GLU A 115 4.45 -8.20 -3.21
C GLU A 115 4.45 -7.22 -2.04
N GLY A 116 3.40 -7.29 -1.24
CA GLY A 116 3.26 -6.40 -0.09
C GLY A 116 4.37 -6.56 0.93
N VAL A 117 4.72 -5.47 1.58
CA VAL A 117 5.78 -5.47 2.58
C VAL A 117 5.24 -5.05 3.94
N ALA A 118 5.63 -5.77 4.98
CA ALA A 118 5.19 -5.47 6.33
C ALA A 118 6.15 -4.50 7.01
N ILE A 119 5.59 -3.51 7.69
CA ILE A 119 6.38 -2.49 8.37
C ILE A 119 5.95 -2.36 9.83
N SER A 120 6.93 -2.25 10.72
CA SER A 120 6.65 -2.10 12.14
C SER A 120 7.21 -0.79 12.64
N PHE A 121 6.53 -0.21 13.63
CA PHE A 121 6.95 1.06 14.20
C PHE A 121 7.79 0.83 15.44
N ASN A 122 8.55 1.84 15.85
CA ASN A 122 9.40 1.72 17.04
C ASN A 122 8.63 2.13 18.29
N ALA A 10 9.07 -11.15 -18.67
CA ALA A 10 9.77 -9.88 -18.42
C ALA A 10 9.73 -9.54 -16.94
N ALA A 11 10.89 -9.62 -16.28
CA ALA A 11 10.98 -9.32 -14.87
C ALA A 11 11.03 -7.82 -14.63
N PRO A 12 10.04 -7.27 -13.91
CA PRO A 12 9.98 -5.84 -13.61
C PRO A 12 10.92 -5.45 -12.48
N THR A 13 10.98 -4.16 -12.17
CA THR A 13 11.84 -3.67 -11.12
C THR A 13 11.02 -3.02 -10.01
N ALA A 14 11.02 -3.64 -8.85
CA ALA A 14 10.27 -3.14 -7.71
C ALA A 14 11.18 -2.44 -6.71
N THR A 15 10.99 -1.14 -6.57
CA THR A 15 11.78 -0.35 -5.64
C THR A 15 10.88 0.29 -4.59
N VAL A 16 10.76 -0.35 -3.43
CA VAL A 16 9.92 0.17 -2.36
C VAL A 16 10.75 0.51 -1.14
N THR A 17 10.32 1.50 -0.41
CA THR A 17 11.02 1.93 0.80
C THR A 17 10.19 1.60 2.03
N PRO A 18 10.61 0.57 2.79
CA PRO A 18 9.90 0.15 4.00
C PRO A 18 10.11 1.11 5.16
N SER A 19 9.10 1.22 6.01
CA SER A 19 9.16 2.11 7.16
C SER A 19 9.34 1.30 8.45
N SER A 20 9.93 0.11 8.32
CA SER A 20 10.16 -0.77 9.45
C SER A 20 11.16 -0.14 10.44
N GLY A 21 10.69 0.10 11.67
CA GLY A 21 11.54 0.68 12.68
C GLY A 21 11.38 2.18 12.76
N LEU A 22 10.33 2.71 12.16
CA LEU A 22 10.08 4.14 12.17
C LEU A 22 8.74 4.44 12.83
N SER A 23 8.50 5.71 13.13
CA SER A 23 7.27 6.13 13.76
C SER A 23 6.13 6.23 12.74
N ASP A 24 4.96 6.67 13.20
CA ASP A 24 3.81 6.81 12.32
C ASP A 24 3.90 8.11 11.54
N GLY A 25 3.19 8.17 10.41
CA GLY A 25 3.22 9.36 9.58
C GLY A 25 4.43 9.39 8.66
N THR A 26 5.18 8.29 8.66
CA THR A 26 6.36 8.17 7.83
C THR A 26 5.98 8.04 6.36
N VAL A 27 6.75 8.67 5.50
CA VAL A 27 6.51 8.65 4.07
C VAL A 27 6.97 7.33 3.44
N VAL A 28 6.01 6.50 3.05
CA VAL A 28 6.31 5.24 2.42
C VAL A 28 6.48 5.45 0.92
N LYS A 29 7.72 5.43 0.47
CA LYS A 29 8.03 5.64 -0.94
C LYS A 29 7.89 4.34 -1.74
N VAL A 30 7.02 4.37 -2.74
CA VAL A 30 6.80 3.20 -3.60
C VAL A 30 7.04 3.59 -5.05
N ALA A 31 8.01 2.96 -5.68
CA ALA A 31 8.34 3.23 -7.07
C ALA A 31 8.50 1.93 -7.85
N GLY A 32 7.65 1.74 -8.84
CA GLY A 32 7.73 0.54 -9.65
C GLY A 32 8.07 0.85 -11.09
N ALA A 33 9.02 0.09 -11.64
CA ALA A 33 9.44 0.25 -13.01
C ALA A 33 9.23 -1.04 -13.79
N GLY A 34 8.92 -0.92 -15.07
CA GLY A 34 8.67 -2.08 -15.90
C GLY A 34 7.25 -2.56 -15.77
N LEU A 35 6.34 -1.61 -15.61
CA LEU A 35 4.92 -1.91 -15.48
C LEU A 35 4.18 -1.51 -16.75
N GLN A 36 2.90 -1.81 -16.81
CA GLN A 36 2.09 -1.48 -17.97
C GLN A 36 1.84 0.02 -18.05
N ALA A 37 2.44 0.67 -19.05
CA ALA A 37 2.29 2.10 -19.22
C ALA A 37 0.85 2.47 -19.56
N GLY A 38 0.23 3.28 -18.73
CA GLY A 38 -1.14 3.70 -18.96
C GLY A 38 -2.14 3.04 -18.03
N THR A 39 -1.65 2.39 -16.98
CA THR A 39 -2.52 1.74 -16.03
C THR A 39 -2.58 2.52 -14.71
N ALA A 40 -3.44 2.09 -13.80
CA ALA A 40 -3.58 2.73 -12.51
C ALA A 40 -3.26 1.76 -11.38
N TYR A 41 -2.34 2.15 -10.52
CA TYR A 41 -1.94 1.31 -9.40
C TYR A 41 -2.54 1.83 -8.10
N ASP A 42 -3.33 0.99 -7.46
CA ASP A 42 -3.98 1.33 -6.20
C ASP A 42 -3.03 1.03 -5.05
N VAL A 43 -2.53 2.07 -4.40
CA VAL A 43 -1.59 1.92 -3.30
C VAL A 43 -2.22 2.35 -1.99
N GLY A 44 -2.20 1.46 -0.99
CA GLY A 44 -2.75 1.78 0.29
C GLY A 44 -2.02 1.08 1.42
N GLN A 45 -2.01 1.70 2.59
CA GLN A 45 -1.34 1.11 3.75
C GLN A 45 -2.25 0.07 4.41
N CYS A 46 -2.57 -0.96 3.65
CA CYS A 46 -3.45 -2.02 4.11
C CYS A 46 -2.81 -2.87 5.19
N ALA A 47 -3.33 -2.78 6.41
CA ALA A 47 -2.82 -3.54 7.53
C ALA A 47 -3.65 -4.81 7.72
N TRP A 48 -3.15 -5.73 8.53
CA TRP A 48 -3.85 -6.98 8.80
C TRP A 48 -5.19 -6.71 9.48
N VAL A 49 -6.28 -7.10 8.83
CA VAL A 49 -7.61 -6.91 9.37
C VAL A 49 -8.22 -8.26 9.77
N ASP A 50 -7.63 -9.32 9.26
CA ASP A 50 -8.08 -10.68 9.55
C ASP A 50 -6.97 -11.64 9.18
N THR A 51 -7.22 -12.93 9.30
CA THR A 51 -6.21 -13.93 8.96
C THR A 51 -6.06 -14.06 7.46
N GLY A 52 -5.14 -13.29 6.90
CA GLY A 52 -4.90 -13.31 5.47
C GLY A 52 -5.57 -12.15 4.77
N VAL A 53 -6.50 -11.53 5.47
CA VAL A 53 -7.23 -10.39 4.93
C VAL A 53 -6.63 -9.09 5.44
N LEU A 54 -6.41 -8.16 4.52
CA LEU A 54 -5.84 -6.86 4.87
C LEU A 54 -6.89 -5.77 4.66
N ALA A 55 -6.62 -4.57 5.16
CA ALA A 55 -7.56 -3.45 5.00
C ALA A 55 -6.82 -2.12 5.07
N CYS A 56 -7.11 -1.24 4.12
CA CYS A 56 -6.48 0.07 4.07
C CYS A 56 -7.52 1.18 4.09
N ASN A 57 -7.09 2.40 4.39
CA ASN A 57 -8.00 3.54 4.43
C ASN A 57 -7.94 4.34 3.12
N PRO A 58 -9.11 4.56 2.50
CA PRO A 58 -9.20 5.31 1.23
C PRO A 58 -8.90 6.80 1.41
N ALA A 59 -8.78 7.24 2.66
CA ALA A 59 -8.48 8.63 2.94
C ALA A 59 -6.98 8.91 2.85
N ASP A 60 -6.18 7.85 2.75
CA ASP A 60 -4.74 8.02 2.64
C ASP A 60 -4.17 7.25 1.46
N PHE A 61 -5.03 6.52 0.76
CA PHE A 61 -4.61 5.75 -0.40
C PHE A 61 -4.19 6.68 -1.53
N SER A 62 -3.41 6.17 -2.46
CA SER A 62 -2.96 6.96 -3.59
C SER A 62 -2.91 6.10 -4.85
N SER A 63 -3.81 6.36 -5.77
CA SER A 63 -3.86 5.61 -7.02
C SER A 63 -2.93 6.25 -8.05
N VAL A 64 -1.68 5.84 -8.03
CA VAL A 64 -0.68 6.37 -8.95
C VAL A 64 -0.80 5.72 -10.33
N THR A 65 -0.82 6.55 -11.36
CA THR A 65 -0.93 6.07 -12.73
C THR A 65 0.46 5.82 -13.33
N ALA A 66 0.55 4.82 -14.18
CA ALA A 66 1.81 4.50 -14.82
C ALA A 66 2.05 5.44 -16.00
N ASP A 67 3.21 6.09 -16.01
CA ASP A 67 3.57 7.02 -17.07
C ASP A 67 3.85 6.29 -18.37
N ALA A 68 4.22 7.06 -19.40
CA ALA A 68 4.50 6.51 -20.72
C ALA A 68 5.76 5.64 -20.70
N ASN A 69 6.55 5.73 -19.64
CA ASN A 69 7.76 4.94 -19.52
C ASN A 69 7.47 3.61 -18.83
N GLY A 70 6.25 3.49 -18.30
CA GLY A 70 5.85 2.28 -17.63
C GLY A 70 6.31 2.26 -16.18
N SER A 71 6.35 3.45 -15.59
CA SER A 71 6.78 3.58 -14.21
C SER A 71 5.72 4.30 -13.37
N ALA A 72 5.69 4.01 -12.08
CA ALA A 72 4.74 4.64 -11.18
C ALA A 72 5.34 4.80 -9.79
N SER A 73 5.37 6.04 -9.30
CA SER A 73 5.93 6.32 -7.98
C SER A 73 4.94 7.14 -7.15
N THR A 74 4.79 6.77 -5.89
CA THR A 74 3.88 7.47 -5.00
C THR A 74 4.40 7.43 -3.56
N SER A 75 3.81 8.26 -2.72
CA SER A 75 4.20 8.34 -1.32
C SER A 75 2.97 8.12 -0.42
N LEU A 76 2.96 7.00 0.29
CA LEU A 76 1.85 6.66 1.17
C LEU A 76 2.15 7.07 2.61
N THR A 77 1.13 7.58 3.29
CA THR A 77 1.27 7.98 4.68
C THR A 77 0.66 6.93 5.59
N VAL A 78 1.51 6.20 6.31
CA VAL A 78 1.03 5.15 7.20
C VAL A 78 0.61 5.72 8.55
N ARG A 79 -0.64 5.50 8.91
CA ARG A 79 -1.18 5.97 10.17
C ARG A 79 -1.02 4.90 11.25
N ARG A 80 -1.18 5.29 12.50
CA ARG A 80 -1.09 4.37 13.62
C ARG A 80 -2.41 3.63 13.80
N SER A 81 -3.50 4.39 13.81
CA SER A 81 -4.83 3.81 13.95
C SER A 81 -5.73 4.42 12.87
N PHE A 82 -6.27 3.56 12.01
CA PHE A 82 -7.10 4.03 10.90
C PHE A 82 -8.24 3.06 10.63
N GLU A 83 -9.04 3.36 9.62
CA GLU A 83 -10.17 2.52 9.23
C GLU A 83 -9.75 1.56 8.13
N GLY A 84 -10.18 0.32 8.23
CA GLY A 84 -9.84 -0.66 7.23
C GLY A 84 -10.99 -0.90 6.26
N PHE A 85 -10.70 -0.83 4.97
CA PHE A 85 -11.71 -1.05 3.94
C PHE A 85 -11.33 -2.25 3.10
N LEU A 86 -12.32 -2.91 2.51
CA LEU A 86 -12.06 -4.06 1.67
C LEU A 86 -11.57 -3.62 0.30
N PHE A 87 -11.13 -4.59 -0.50
CA PHE A 87 -10.60 -4.32 -1.85
C PHE A 87 -11.68 -3.69 -2.72
N ASP A 88 -12.93 -4.06 -2.48
CA ASP A 88 -14.04 -3.53 -3.27
C ASP A 88 -14.45 -2.14 -2.77
N GLY A 89 -14.12 -1.83 -1.53
CA GLY A 89 -14.47 -0.53 -0.98
C GLY A 89 -15.35 -0.61 0.25
N THR A 90 -15.89 -1.79 0.53
CA THR A 90 -16.75 -1.97 1.70
C THR A 90 -15.94 -1.84 2.99
N ARG A 91 -16.38 -0.94 3.87
CA ARG A 91 -15.68 -0.73 5.14
C ARG A 91 -15.87 -1.92 6.06
N TRP A 92 -14.77 -2.44 6.58
CA TRP A 92 -14.83 -3.58 7.50
C TRP A 92 -14.92 -3.09 8.93
N GLY A 93 -14.08 -2.13 9.26
CA GLY A 93 -14.07 -1.56 10.60
C GLY A 93 -12.76 -0.88 10.89
N THR A 94 -12.67 -0.24 12.05
CA THR A 94 -11.45 0.46 12.43
C THR A 94 -10.39 -0.52 12.89
N VAL A 95 -9.16 -0.29 12.48
CA VAL A 95 -8.05 -1.16 12.85
C VAL A 95 -7.01 -0.37 13.64
N ASP A 96 -6.08 -1.08 14.24
CA ASP A 96 -5.04 -0.43 15.02
C ASP A 96 -3.68 -1.07 14.77
N CYS A 97 -2.69 -0.25 14.49
CA CYS A 97 -1.34 -0.73 14.25
C CYS A 97 -0.45 -0.45 15.45
N THR A 98 -1.08 -0.11 16.58
CA THR A 98 -0.34 0.16 17.79
C THR A 98 -0.06 -1.14 18.54
N THR A 99 -1.13 -1.86 18.85
CA THR A 99 -0.99 -3.12 19.57
C THR A 99 -0.89 -4.28 18.58
N ALA A 100 -1.15 -4.00 17.31
CA ALA A 100 -1.09 -5.01 16.27
C ALA A 100 -0.03 -4.67 15.23
N ALA A 101 0.03 -5.44 14.16
CA ALA A 101 0.99 -5.20 13.11
C ALA A 101 0.45 -4.23 12.08
N CYS A 102 1.32 -3.80 11.17
CA CYS A 102 0.93 -2.88 10.11
C CYS A 102 1.75 -3.17 8.86
N GLN A 103 1.18 -2.90 7.70
CA GLN A 103 1.88 -3.15 6.46
C GLN A 103 1.35 -2.25 5.35
N VAL A 104 1.95 -2.35 4.17
CA VAL A 104 1.56 -1.54 3.03
C VAL A 104 1.57 -2.39 1.76
N GLY A 105 0.58 -2.20 0.90
CA GLY A 105 0.52 -2.96 -0.33
C GLY A 105 -0.03 -2.16 -1.48
N LEU A 106 0.23 -2.64 -2.69
CA LEU A 106 -0.25 -1.97 -3.89
C LEU A 106 -0.60 -3.00 -4.96
N SER A 107 -1.63 -2.70 -5.72
CA SER A 107 -2.07 -3.59 -6.79
C SER A 107 -2.71 -2.77 -7.91
N ASP A 108 -2.64 -3.29 -9.13
CA ASP A 108 -3.23 -2.59 -10.28
C ASP A 108 -4.75 -2.66 -10.25
N ALA A 109 -5.38 -2.16 -11.30
CA ALA A 109 -6.84 -2.16 -11.42
C ALA A 109 -7.43 -3.56 -11.25
N ALA A 110 -6.71 -4.57 -11.72
CA ALA A 110 -7.15 -5.95 -11.62
C ALA A 110 -6.90 -6.50 -10.22
N GLY A 111 -5.74 -6.16 -9.67
CA GLY A 111 -5.39 -6.63 -8.33
C GLY A 111 -4.11 -7.43 -8.31
N ASN A 112 -3.20 -7.14 -9.22
CA ASN A 112 -1.93 -7.84 -9.30
C ASN A 112 -0.78 -6.85 -9.14
N GLY A 113 0.43 -7.34 -9.27
CA GLY A 113 1.60 -6.49 -9.14
C GLY A 113 2.63 -7.07 -8.18
N PRO A 114 3.41 -6.22 -7.51
CA PRO A 114 4.43 -6.67 -6.56
C PRO A 114 3.80 -7.25 -5.30
N GLU A 115 4.60 -7.97 -4.53
CA GLU A 115 4.13 -8.60 -3.31
C GLU A 115 4.02 -7.57 -2.18
N GLY A 116 3.07 -7.78 -1.28
CA GLY A 116 2.87 -6.88 -0.16
C GLY A 116 4.08 -6.81 0.77
N VAL A 117 4.28 -5.66 1.39
CA VAL A 117 5.43 -5.46 2.28
C VAL A 117 4.95 -5.16 3.70
N ALA A 118 5.45 -5.95 4.66
CA ALA A 118 5.09 -5.76 6.05
C ALA A 118 6.10 -4.84 6.74
N ILE A 119 5.61 -3.98 7.62
CA ILE A 119 6.48 -3.05 8.34
C ILE A 119 6.15 -3.07 9.84
N SER A 120 6.88 -2.26 10.60
CA SER A 120 6.68 -2.15 12.02
C SER A 120 7.16 -0.79 12.51
N PHE A 121 6.60 -0.33 13.61
CA PHE A 121 6.99 0.95 14.18
C PHE A 121 8.09 0.75 15.21
N ASN A 122 8.68 1.84 15.67
CA ASN A 122 9.75 1.75 16.66
C ASN A 122 9.17 1.84 18.07
N ALA A 10 9.88 -11.26 -18.27
CA ALA A 10 9.89 -9.81 -17.95
C ALA A 10 10.00 -9.59 -16.45
N ALA A 11 11.18 -9.21 -16.01
CA ALA A 11 11.40 -8.96 -14.59
C ALA A 11 11.27 -7.46 -14.30
N PRO A 12 10.22 -7.07 -13.57
CA PRO A 12 9.97 -5.67 -13.23
C PRO A 12 10.91 -5.16 -12.15
N THR A 13 10.82 -3.87 -11.84
CA THR A 13 11.66 -3.27 -10.83
C THR A 13 10.82 -2.70 -9.69
N ALA A 14 10.58 -3.50 -8.67
CA ALA A 14 9.80 -3.07 -7.52
C ALA A 14 10.70 -2.33 -6.52
N THR A 15 10.93 -1.05 -6.79
CA THR A 15 11.78 -0.24 -5.93
C THR A 15 10.96 0.55 -4.91
N VAL A 16 10.59 -0.12 -3.83
CA VAL A 16 9.82 0.52 -2.77
C VAL A 16 10.70 0.81 -1.56
N THR A 17 10.28 1.75 -0.72
CA THR A 17 11.04 2.10 0.47
C THR A 17 10.18 2.02 1.71
N PRO A 18 10.09 0.82 2.33
CA PRO A 18 9.29 0.62 3.54
C PRO A 18 9.89 1.30 4.77
N SER A 19 9.04 1.66 5.72
CA SER A 19 9.51 2.31 6.94
C SER A 19 9.49 1.33 8.11
N SER A 20 10.68 0.95 8.56
CA SER A 20 10.79 0.02 9.68
C SER A 20 11.60 0.64 10.81
N GLY A 21 10.94 0.88 11.93
CA GLY A 21 11.60 1.46 13.07
C GLY A 21 11.24 2.92 13.25
N LEU A 22 10.55 3.46 12.27
CA LEU A 22 10.14 4.86 12.31
C LEU A 22 8.73 4.96 12.88
N SER A 23 8.41 6.10 13.48
CA SER A 23 7.10 6.33 14.08
C SER A 23 6.02 6.49 13.00
N ASP A 24 4.78 6.60 13.45
CA ASP A 24 3.65 6.76 12.55
C ASP A 24 3.61 8.17 11.98
N GLY A 25 2.98 8.31 10.83
CA GLY A 25 2.89 9.61 10.18
C GLY A 25 4.02 9.80 9.19
N THR A 26 4.83 8.76 9.05
CA THR A 26 5.96 8.78 8.12
C THR A 26 5.48 8.47 6.70
N VAL A 27 6.12 9.09 5.72
CA VAL A 27 5.76 8.90 4.33
C VAL A 27 6.56 7.76 3.71
N VAL A 28 5.86 6.72 3.27
CA VAL A 28 6.47 5.56 2.65
C VAL A 28 6.48 5.72 1.13
N LYS A 29 7.65 5.59 0.52
CA LYS A 29 7.76 5.73 -0.92
C LYS A 29 7.57 4.41 -1.64
N VAL A 30 6.75 4.43 -2.68
CA VAL A 30 6.48 3.25 -3.49
C VAL A 30 6.66 3.59 -4.96
N ALA A 31 7.74 3.12 -5.55
CA ALA A 31 8.03 3.38 -6.96
C ALA A 31 8.26 2.08 -7.71
N GLY A 32 7.24 1.64 -8.43
CA GLY A 32 7.35 0.42 -9.19
C GLY A 32 7.58 0.67 -10.66
N ALA A 33 8.60 0.05 -11.22
CA ALA A 33 8.91 0.20 -12.62
C ALA A 33 8.71 -1.13 -13.34
N GLY A 34 8.47 -1.05 -14.65
CA GLY A 34 8.23 -2.25 -15.42
C GLY A 34 6.80 -2.72 -15.33
N LEU A 35 5.91 -1.78 -15.04
CA LEU A 35 4.49 -2.07 -14.92
C LEU A 35 3.79 -1.82 -16.24
N GLN A 36 2.47 -1.91 -16.25
CA GLN A 36 1.70 -1.71 -17.46
C GLN A 36 1.30 -0.24 -17.61
N ALA A 37 1.91 0.43 -18.58
CA ALA A 37 1.64 1.84 -18.84
C ALA A 37 0.19 2.09 -19.17
N GLY A 38 -0.38 3.12 -18.57
CA GLY A 38 -1.77 3.45 -18.81
C GLY A 38 -2.69 2.94 -17.72
N THR A 39 -2.25 1.92 -17.02
CA THR A 39 -3.04 1.33 -15.96
C THR A 39 -2.82 2.06 -14.64
N ALA A 40 -3.86 2.07 -13.80
CA ALA A 40 -3.78 2.72 -12.50
C ALA A 40 -3.45 1.69 -11.42
N TYR A 41 -2.61 2.07 -10.49
CA TYR A 41 -2.22 1.19 -9.41
C TYR A 41 -2.59 1.80 -8.07
N ASP A 42 -3.52 1.16 -7.38
CA ASP A 42 -3.98 1.63 -6.08
C ASP A 42 -3.01 1.18 -4.99
N VAL A 43 -2.36 2.15 -4.37
CA VAL A 43 -1.40 1.89 -3.31
C VAL A 43 -1.78 2.60 -2.03
N GLY A 44 -1.83 1.85 -0.93
CA GLY A 44 -2.16 2.43 0.34
C GLY A 44 -1.63 1.61 1.49
N GLN A 45 -1.74 2.13 2.71
CA GLN A 45 -1.27 1.41 3.89
C GLN A 45 -2.36 0.42 4.31
N CYS A 46 -1.97 -0.81 4.57
CA CYS A 46 -2.92 -1.84 4.95
C CYS A 46 -2.40 -2.67 6.12
N ALA A 47 -3.25 -3.55 6.65
CA ALA A 47 -2.88 -4.40 7.75
C ALA A 47 -3.83 -5.58 7.87
N TRP A 48 -3.55 -6.47 8.81
CA TRP A 48 -4.37 -7.64 9.04
C TRP A 48 -5.65 -7.24 9.75
N VAL A 49 -6.74 -7.09 8.99
CA VAL A 49 -8.01 -6.69 9.56
C VAL A 49 -8.85 -7.91 9.95
N ASP A 50 -8.84 -8.94 9.13
CA ASP A 50 -9.61 -10.15 9.40
C ASP A 50 -8.77 -11.38 9.11
N THR A 51 -9.34 -12.55 9.37
CA THR A 51 -8.64 -13.81 9.15
C THR A 51 -8.48 -14.08 7.65
N GLY A 52 -7.35 -13.67 7.10
CA GLY A 52 -7.09 -13.89 5.70
C GLY A 52 -7.52 -12.72 4.85
N VAL A 53 -8.25 -11.79 5.44
CA VAL A 53 -8.72 -10.62 4.73
C VAL A 53 -7.90 -9.41 5.12
N LEU A 54 -7.31 -8.78 4.12
CA LEU A 54 -6.49 -7.61 4.35
C LEU A 54 -7.21 -6.38 3.81
N ALA A 55 -6.93 -5.22 4.36
CA ALA A 55 -7.58 -3.99 3.92
C ALA A 55 -6.68 -2.78 4.11
N CYS A 56 -6.77 -1.82 3.20
CA CYS A 56 -5.96 -0.61 3.26
C CYS A 56 -6.82 0.57 3.68
N ASN A 57 -6.16 1.69 3.98
CA ASN A 57 -6.86 2.90 4.39
C ASN A 57 -7.08 3.84 3.22
N PRO A 58 -8.34 4.28 3.01
CA PRO A 58 -8.69 5.19 1.93
C PRO A 58 -8.55 6.67 2.31
N ALA A 59 -8.21 6.92 3.57
CA ALA A 59 -8.06 8.28 4.05
C ALA A 59 -6.66 8.80 3.73
N ASP A 60 -5.69 7.89 3.75
CA ASP A 60 -4.30 8.24 3.46
C ASP A 60 -3.74 7.33 2.37
N PHE A 61 -4.28 7.45 1.16
CA PHE A 61 -3.81 6.64 0.04
C PHE A 61 -3.74 7.49 -1.23
N SER A 62 -3.16 6.94 -2.28
CA SER A 62 -3.04 7.64 -3.56
C SER A 62 -2.99 6.63 -4.71
N SER A 63 -3.94 6.73 -5.62
CA SER A 63 -3.99 5.84 -6.76
C SER A 63 -3.08 6.38 -7.86
N VAL A 64 -1.84 5.91 -7.87
CA VAL A 64 -0.86 6.35 -8.84
C VAL A 64 -1.04 5.63 -10.17
N THR A 65 -0.96 6.37 -11.26
CA THR A 65 -1.10 5.80 -12.58
C THR A 65 0.28 5.58 -13.20
N ALA A 66 0.41 4.54 -14.00
CA ALA A 66 1.68 4.24 -14.64
C ALA A 66 1.90 5.16 -15.84
N ASP A 67 3.09 5.75 -15.90
CA ASP A 67 3.43 6.67 -16.98
C ASP A 67 3.74 5.90 -18.25
N ALA A 68 4.08 6.62 -19.32
CA ALA A 68 4.39 6.01 -20.61
C ALA A 68 5.59 5.05 -20.52
N ASN A 69 6.52 5.36 -19.62
CA ASN A 69 7.71 4.52 -19.44
C ASN A 69 7.36 3.23 -18.71
N GLY A 70 6.23 3.26 -17.99
CA GLY A 70 5.80 2.08 -17.27
C GLY A 70 6.23 2.13 -15.81
N SER A 71 6.37 3.33 -15.28
CA SER A 71 6.77 3.50 -13.88
C SER A 71 5.69 4.22 -13.09
N ALA A 72 5.50 3.79 -11.85
CA ALA A 72 4.51 4.39 -10.97
C ALA A 72 5.14 4.74 -9.62
N SER A 73 5.50 6.01 -9.47
CA SER A 73 6.11 6.48 -8.23
C SER A 73 5.09 7.23 -7.37
N THR A 74 4.95 6.81 -6.13
CA THR A 74 4.02 7.46 -5.22
C THR A 74 4.56 7.42 -3.78
N SER A 75 3.86 8.08 -2.87
CA SER A 75 4.27 8.13 -1.48
C SER A 75 3.04 8.17 -0.58
N LEU A 76 2.96 7.24 0.37
CA LEU A 76 1.81 7.15 1.26
C LEU A 76 2.21 7.34 2.72
N THR A 77 1.38 8.06 3.47
CA THR A 77 1.63 8.29 4.88
C THR A 77 1.03 7.16 5.72
N VAL A 78 1.86 6.44 6.45
CA VAL A 78 1.40 5.33 7.27
C VAL A 78 0.92 5.79 8.64
N ARG A 79 -0.35 5.54 8.93
CA ARG A 79 -0.94 5.90 10.20
C ARG A 79 -0.91 4.69 11.13
N ARG A 80 -0.99 4.95 12.44
CA ARG A 80 -0.96 3.89 13.44
C ARG A 80 -2.32 3.20 13.55
N SER A 81 -3.38 4.00 13.51
CA SER A 81 -4.73 3.49 13.60
C SER A 81 -5.54 4.01 12.42
N PHE A 82 -6.22 3.10 11.70
CA PHE A 82 -6.98 3.50 10.53
C PHE A 82 -8.11 2.53 10.22
N GLU A 83 -8.99 2.92 9.32
CA GLU A 83 -10.09 2.08 8.90
C GLU A 83 -9.65 1.23 7.72
N GLY A 84 -10.00 -0.06 7.75
CA GLY A 84 -9.62 -0.95 6.67
C GLY A 84 -10.68 -1.04 5.59
N PHE A 85 -10.27 -0.83 4.36
CA PHE A 85 -11.18 -0.86 3.22
C PHE A 85 -10.66 -1.82 2.17
N LEU A 86 -11.58 -2.47 1.48
CA LEU A 86 -11.22 -3.40 0.43
C LEU A 86 -10.86 -2.64 -0.84
N PHE A 87 -10.29 -3.33 -1.81
CA PHE A 87 -9.90 -2.69 -3.06
C PHE A 87 -11.12 -2.16 -3.81
N ASP A 88 -12.26 -2.82 -3.60
CA ASP A 88 -13.51 -2.41 -4.24
C ASP A 88 -14.00 -1.09 -3.67
N GLY A 89 -13.61 -0.77 -2.44
CA GLY A 89 -14.01 0.47 -1.83
C GLY A 89 -14.91 0.29 -0.63
N THR A 90 -15.28 -0.95 -0.33
CA THR A 90 -16.14 -1.22 0.82
C THR A 90 -15.32 -1.31 2.09
N ARG A 91 -15.86 -0.75 3.17
CA ARG A 91 -15.20 -0.77 4.46
C ARG A 91 -15.37 -2.14 5.11
N TRP A 92 -14.31 -2.64 5.72
CA TRP A 92 -14.37 -3.93 6.40
C TRP A 92 -14.46 -3.73 7.90
N GLY A 93 -13.64 -2.82 8.41
CA GLY A 93 -13.64 -2.52 9.82
C GLY A 93 -12.42 -1.73 10.23
N THR A 94 -12.38 -1.30 11.48
CA THR A 94 -11.27 -0.52 11.98
C THR A 94 -10.06 -1.41 12.26
N VAL A 95 -8.86 -0.94 11.94
CA VAL A 95 -7.63 -1.69 12.17
C VAL A 95 -6.69 -0.87 13.03
N ASP A 96 -5.83 -1.54 13.78
CA ASP A 96 -4.88 -0.85 14.63
C ASP A 96 -3.50 -1.49 14.51
N CYS A 97 -2.50 -0.66 14.27
CA CYS A 97 -1.13 -1.13 14.11
C CYS A 97 -0.27 -0.67 15.28
N THR A 98 -0.89 -0.34 16.40
CA THR A 98 -0.16 0.09 17.58
C THR A 98 0.37 -1.14 18.32
N THR A 99 -0.41 -2.21 18.29
CA THR A 99 -0.03 -3.45 18.95
C THR A 99 -0.01 -4.59 17.93
N ALA A 100 -0.08 -4.23 16.65
CA ALA A 100 -0.07 -5.21 15.56
C ALA A 100 0.87 -4.78 14.45
N ALA A 101 1.19 -5.70 13.55
CA ALA A 101 2.09 -5.41 12.45
C ALA A 101 1.34 -4.77 11.28
N CYS A 102 1.88 -3.66 10.79
CA CYS A 102 1.28 -2.94 9.68
C CYS A 102 2.03 -3.28 8.39
N GLN A 103 1.44 -2.97 7.25
CA GLN A 103 2.08 -3.25 5.97
C GLN A 103 1.60 -2.28 4.90
N VAL A 104 2.09 -2.45 3.69
CA VAL A 104 1.71 -1.59 2.57
C VAL A 104 1.26 -2.45 1.39
N GLY A 105 0.18 -2.03 0.74
CA GLY A 105 -0.33 -2.78 -0.39
C GLY A 105 -0.32 -1.97 -1.68
N LEU A 106 0.16 -2.58 -2.74
CA LEU A 106 0.24 -1.92 -4.04
C LEU A 106 -0.20 -2.90 -5.13
N SER A 107 -1.40 -2.69 -5.66
CA SER A 107 -1.93 -3.58 -6.69
C SER A 107 -2.68 -2.80 -7.76
N ASP A 108 -3.02 -3.48 -8.85
CA ASP A 108 -3.74 -2.88 -9.96
C ASP A 108 -5.26 -2.92 -9.69
N ALA A 109 -6.05 -2.80 -10.75
CA ALA A 109 -7.49 -2.82 -10.65
C ALA A 109 -8.00 -4.21 -10.27
N ALA A 110 -7.32 -5.25 -10.75
CA ALA A 110 -7.71 -6.62 -10.45
C ALA A 110 -7.26 -7.01 -9.06
N GLY A 111 -6.10 -6.49 -8.65
CA GLY A 111 -5.58 -6.80 -7.34
C GLY A 111 -4.30 -7.63 -7.41
N ASN A 112 -3.58 -7.46 -8.51
CA ASN A 112 -2.33 -8.18 -8.72
C ASN A 112 -1.16 -7.21 -8.79
N GLY A 113 0.05 -7.74 -8.86
CA GLY A 113 1.22 -6.89 -8.93
C GLY A 113 2.32 -7.37 -8.00
N PRO A 114 3.22 -6.48 -7.57
CA PRO A 114 4.32 -6.82 -6.67
C PRO A 114 3.81 -7.30 -5.30
N GLU A 115 4.63 -8.07 -4.62
CA GLU A 115 4.29 -8.60 -3.31
C GLU A 115 4.25 -7.50 -2.26
N GLY A 116 3.32 -7.61 -1.32
CA GLY A 116 3.20 -6.61 -0.27
C GLY A 116 4.39 -6.61 0.66
N VAL A 117 4.62 -5.50 1.33
CA VAL A 117 5.75 -5.37 2.24
C VAL A 117 5.26 -4.96 3.64
N ALA A 118 5.79 -5.62 4.65
CA ALA A 118 5.42 -5.32 6.03
C ALA A 118 6.31 -4.22 6.59
N ILE A 119 5.75 -3.42 7.49
CA ILE A 119 6.50 -2.33 8.11
C ILE A 119 6.31 -2.38 9.62
N SER A 120 7.10 -1.60 10.34
CA SER A 120 7.01 -1.57 11.78
C SER A 120 7.48 -0.23 12.32
N PHE A 121 7.00 0.12 13.49
CA PHE A 121 7.35 1.37 14.14
C PHE A 121 8.29 1.10 15.30
N ASN A 122 8.75 2.14 15.98
CA ASN A 122 9.64 1.96 17.11
C ASN A 122 8.82 1.80 18.39
N ALA A 10 8.97 -11.61 -17.63
CA ALA A 10 9.63 -10.28 -17.51
C ALA A 10 9.79 -9.91 -16.03
N ALA A 11 11.02 -9.65 -15.61
CA ALA A 11 11.29 -9.29 -14.23
C ALA A 11 11.02 -7.81 -13.98
N PRO A 12 10.02 -7.50 -13.13
CA PRO A 12 9.65 -6.13 -12.81
C PRO A 12 10.58 -5.52 -11.76
N THR A 13 10.61 -4.21 -11.67
CA THR A 13 11.46 -3.52 -10.71
C THR A 13 10.62 -2.90 -9.58
N ALA A 14 10.61 -3.57 -8.44
CA ALA A 14 9.86 -3.08 -7.29
C ALA A 14 10.79 -2.38 -6.31
N THR A 15 10.81 -1.06 -6.38
CA THR A 15 11.65 -0.27 -5.49
C THR A 15 10.81 0.50 -4.48
N VAL A 16 10.57 -0.11 -3.33
CA VAL A 16 9.77 0.52 -2.29
C VAL A 16 10.57 0.70 -1.01
N THR A 17 10.26 1.75 -0.28
CA THR A 17 10.94 2.04 0.98
C THR A 17 10.02 1.78 2.16
N PRO A 18 10.23 0.67 2.87
CA PRO A 18 9.41 0.30 4.03
C PRO A 18 9.80 1.06 5.29
N SER A 19 8.83 1.26 6.17
CA SER A 19 9.06 1.95 7.42
C SER A 19 9.34 0.95 8.54
N SER A 20 10.61 0.60 8.71
CA SER A 20 11.01 -0.33 9.74
C SER A 20 11.77 0.40 10.84
N GLY A 21 11.11 0.57 11.98
CA GLY A 21 11.71 1.25 13.11
C GLY A 21 11.23 2.67 13.23
N LEU A 22 10.62 3.17 12.18
CA LEU A 22 10.11 4.53 12.16
C LEU A 22 8.72 4.57 12.78
N SER A 23 8.33 5.74 13.27
CA SER A 23 7.02 5.91 13.89
C SER A 23 5.95 6.15 12.82
N ASP A 24 4.71 6.32 13.25
CA ASP A 24 3.62 6.57 12.33
C ASP A 24 3.70 8.00 11.82
N GLY A 25 3.06 8.24 10.67
CA GLY A 25 3.09 9.56 10.08
C GLY A 25 4.21 9.69 9.07
N THR A 26 5.07 8.68 9.04
CA THR A 26 6.20 8.65 8.13
C THR A 26 5.73 8.47 6.68
N VAL A 27 6.45 9.09 5.76
CA VAL A 27 6.13 9.02 4.34
C VAL A 27 6.71 7.76 3.72
N VAL A 28 5.83 6.88 3.27
CA VAL A 28 6.25 5.63 2.63
C VAL A 28 6.36 5.84 1.12
N LYS A 29 7.51 5.50 0.56
CA LYS A 29 7.74 5.66 -0.86
C LYS A 29 7.53 4.35 -1.61
N VAL A 30 6.65 4.39 -2.60
CA VAL A 30 6.35 3.21 -3.40
C VAL A 30 6.61 3.51 -4.87
N ALA A 31 7.64 2.88 -5.44
CA ALA A 31 8.00 3.08 -6.83
C ALA A 31 8.08 1.76 -7.57
N GLY A 32 7.14 1.55 -8.48
CA GLY A 32 7.12 0.33 -9.25
C GLY A 32 7.42 0.59 -10.71
N ALA A 33 8.48 -0.03 -11.23
CA ALA A 33 8.86 0.14 -12.61
C ALA A 33 8.82 -1.19 -13.34
N GLY A 34 8.73 -1.13 -14.66
CA GLY A 34 8.67 -2.34 -15.46
C GLY A 34 7.28 -2.93 -15.46
N LEU A 35 6.29 -2.08 -15.25
CA LEU A 35 4.90 -2.51 -15.20
C LEU A 35 4.18 -2.15 -16.50
N GLN A 36 2.87 -2.37 -16.54
CA GLN A 36 2.09 -2.08 -17.72
C GLN A 36 1.72 -0.59 -17.76
N ALA A 37 2.18 0.09 -18.81
CA ALA A 37 1.93 1.51 -18.95
C ALA A 37 0.45 1.78 -19.22
N GLY A 38 -0.11 2.75 -18.53
CA GLY A 38 -1.50 3.10 -18.71
C GLY A 38 -2.43 2.41 -17.73
N THR A 39 -1.93 2.15 -16.53
CA THR A 39 -2.74 1.50 -15.50
C THR A 39 -2.62 2.25 -14.18
N ALA A 40 -3.73 2.32 -13.45
CA ALA A 40 -3.74 3.00 -12.16
C ALA A 40 -3.71 1.98 -11.04
N TYR A 41 -2.85 2.23 -10.05
CA TYR A 41 -2.71 1.32 -8.92
C TYR A 41 -3.24 1.93 -7.64
N ASP A 42 -3.93 1.10 -6.87
CA ASP A 42 -4.50 1.52 -5.59
C ASP A 42 -3.49 1.24 -4.49
N VAL A 43 -2.64 2.22 -4.22
CA VAL A 43 -1.60 2.06 -3.20
C VAL A 43 -1.99 2.67 -1.87
N GLY A 44 -1.94 1.86 -0.83
CA GLY A 44 -2.26 2.31 0.51
C GLY A 44 -1.65 1.39 1.54
N GLN A 45 -1.79 1.75 2.82
CA GLN A 45 -1.24 0.92 3.88
C GLN A 45 -2.18 -0.25 4.18
N CYS A 46 -2.34 -1.12 3.19
CA CYS A 46 -3.20 -2.28 3.32
C CYS A 46 -2.64 -3.27 4.33
N ALA A 47 -3.18 -3.23 5.54
CA ALA A 47 -2.75 -4.12 6.60
C ALA A 47 -3.80 -5.18 6.87
N TRP A 48 -3.48 -6.12 7.75
CA TRP A 48 -4.40 -7.20 8.10
C TRP A 48 -5.66 -6.67 8.77
N VAL A 49 -6.78 -6.74 8.06
CA VAL A 49 -8.06 -6.29 8.58
C VAL A 49 -8.84 -7.47 9.14
N ASP A 50 -8.49 -8.66 8.67
CA ASP A 50 -9.14 -9.89 9.10
C ASP A 50 -8.13 -11.03 9.00
N THR A 51 -8.58 -12.26 9.21
CA THR A 51 -7.70 -13.42 9.16
C THR A 51 -7.28 -13.73 7.73
N GLY A 52 -6.21 -13.10 7.27
CA GLY A 52 -5.70 -13.32 5.93
C GLY A 52 -6.18 -12.26 4.96
N VAL A 53 -7.14 -11.45 5.41
CA VAL A 53 -7.69 -10.40 4.59
C VAL A 53 -7.06 -9.07 4.95
N LEU A 54 -6.59 -8.35 3.95
CA LEU A 54 -5.96 -7.06 4.17
C LEU A 54 -6.87 -5.94 3.66
N ALA A 55 -6.62 -4.73 4.13
CA ALA A 55 -7.41 -3.58 3.71
C ALA A 55 -6.64 -2.29 3.93
N CYS A 56 -6.84 -1.33 3.03
CA CYS A 56 -6.15 -0.05 3.10
C CYS A 56 -7.15 1.07 3.38
N ASN A 57 -6.67 2.21 3.83
CA ASN A 57 -7.54 3.34 4.13
C ASN A 57 -7.60 4.31 2.97
N PRO A 58 -8.82 4.57 2.46
CA PRO A 58 -9.04 5.47 1.34
C PRO A 58 -8.95 6.94 1.76
N ALA A 59 -8.54 7.16 3.00
CA ALA A 59 -8.40 8.49 3.55
C ALA A 59 -6.97 8.98 3.50
N ASP A 60 -6.03 8.06 3.26
CA ASP A 60 -4.61 8.42 3.19
C ASP A 60 -3.90 7.69 2.07
N PHE A 61 -4.65 7.01 1.21
CA PHE A 61 -4.07 6.28 0.10
C PHE A 61 -3.92 7.20 -1.13
N SER A 62 -3.26 6.70 -2.16
CA SER A 62 -3.07 7.48 -3.37
C SER A 62 -3.07 6.58 -4.59
N SER A 63 -3.89 6.95 -5.58
CA SER A 63 -3.97 6.18 -6.82
C SER A 63 -2.99 6.74 -7.85
N VAL A 64 -1.88 6.03 -8.04
CA VAL A 64 -0.87 6.45 -8.99
C VAL A 64 -1.01 5.66 -10.29
N THR A 65 -0.76 6.32 -11.41
CA THR A 65 -0.87 5.66 -12.71
C THR A 65 0.51 5.47 -13.34
N ALA A 66 0.68 4.35 -14.01
CA ALA A 66 1.94 4.06 -14.69
C ALA A 66 2.15 5.03 -15.83
N ASP A 67 3.26 5.74 -15.81
CA ASP A 67 3.58 6.73 -16.84
C ASP A 67 3.92 6.06 -18.17
N ALA A 68 4.34 6.87 -19.13
CA ALA A 68 4.70 6.37 -20.46
C ALA A 68 5.94 5.47 -20.41
N ASN A 69 6.63 5.52 -19.29
CA ASN A 69 7.83 4.72 -19.11
C ASN A 69 7.47 3.38 -18.49
N GLY A 70 6.23 3.26 -18.04
CA GLY A 70 5.77 2.05 -17.42
C GLY A 70 6.15 1.99 -15.96
N SER A 71 6.23 3.15 -15.34
CA SER A 71 6.60 3.23 -13.94
C SER A 71 5.63 4.11 -13.16
N ALA A 72 5.44 3.78 -11.89
CA ALA A 72 4.55 4.54 -11.03
C ALA A 72 5.18 4.73 -9.65
N SER A 73 5.48 5.98 -9.31
CA SER A 73 6.08 6.30 -8.03
C SER A 73 5.18 7.25 -7.23
N THR A 74 4.81 6.83 -6.03
CA THR A 74 3.95 7.63 -5.17
C THR A 74 4.38 7.51 -3.71
N SER A 75 3.78 8.31 -2.85
CA SER A 75 4.10 8.30 -1.43
C SER A 75 2.83 8.24 -0.58
N LEU A 76 2.88 7.44 0.48
CA LEU A 76 1.72 7.27 1.36
C LEU A 76 2.06 7.65 2.78
N THR A 77 1.04 7.98 3.55
CA THR A 77 1.22 8.35 4.95
C THR A 77 0.67 7.24 5.84
N VAL A 78 1.56 6.53 6.51
CA VAL A 78 1.17 5.42 7.38
C VAL A 78 0.58 5.93 8.70
N ARG A 79 -0.64 5.52 8.99
CA ARG A 79 -1.31 5.91 10.21
C ARG A 79 -1.23 4.78 11.24
N ARG A 80 -1.60 5.10 12.49
CA ARG A 80 -1.58 4.12 13.56
C ARG A 80 -2.88 3.31 13.59
N SER A 81 -4.00 4.02 13.50
CA SER A 81 -5.31 3.39 13.51
C SER A 81 -6.12 3.93 12.34
N PHE A 82 -6.25 3.14 11.30
CA PHE A 82 -6.97 3.55 10.09
C PHE A 82 -8.12 2.62 9.77
N GLU A 83 -9.01 3.07 8.90
CA GLU A 83 -10.15 2.27 8.50
C GLU A 83 -9.82 1.51 7.23
N GLY A 84 -9.80 0.18 7.34
CA GLY A 84 -9.49 -0.65 6.20
C GLY A 84 -10.67 -0.82 5.27
N PHE A 85 -10.44 -0.62 3.99
CA PHE A 85 -11.48 -0.75 3.00
C PHE A 85 -11.12 -1.84 2.00
N LEU A 86 -12.13 -2.49 1.47
CA LEU A 86 -11.93 -3.55 0.50
C LEU A 86 -11.82 -2.96 -0.89
N PHE A 87 -11.50 -3.80 -1.86
CA PHE A 87 -11.35 -3.35 -3.24
C PHE A 87 -12.70 -3.02 -3.88
N ASP A 88 -13.78 -3.46 -3.23
CA ASP A 88 -15.12 -3.20 -3.74
C ASP A 88 -15.59 -1.80 -3.31
N GLY A 89 -14.98 -1.27 -2.26
CA GLY A 89 -15.34 0.06 -1.79
C GLY A 89 -16.00 0.05 -0.43
N THR A 90 -16.15 -1.12 0.18
CA THR A 90 -16.77 -1.23 1.49
C THR A 90 -15.72 -1.36 2.60
N ARG A 91 -16.01 -0.79 3.76
CA ARG A 91 -15.11 -0.87 4.89
C ARG A 91 -15.28 -2.19 5.63
N TRP A 92 -14.19 -2.75 6.11
CA TRP A 92 -14.25 -4.01 6.83
C TRP A 92 -14.02 -3.79 8.33
N GLY A 93 -13.39 -2.66 8.67
CA GLY A 93 -13.14 -2.36 10.06
C GLY A 93 -11.91 -1.52 10.26
N THR A 94 -11.66 -1.12 11.50
CA THR A 94 -10.49 -0.31 11.83
C THR A 94 -9.29 -1.20 12.12
N VAL A 95 -8.16 -0.88 11.51
CA VAL A 95 -6.93 -1.63 11.71
C VAL A 95 -5.96 -0.80 12.52
N ASP A 96 -5.47 -1.38 13.60
CA ASP A 96 -4.52 -0.70 14.46
C ASP A 96 -3.20 -1.44 14.49
N CYS A 97 -2.11 -0.68 14.47
CA CYS A 97 -0.78 -1.27 14.48
C CYS A 97 0.08 -0.68 15.60
N THR A 98 -0.51 -0.52 16.78
CA THR A 98 0.23 0.00 17.93
C THR A 98 0.98 -1.14 18.61
N THR A 99 0.31 -2.27 18.75
CA THR A 99 0.90 -3.44 19.39
C THR A 99 0.95 -4.60 18.40
N ALA A 100 0.65 -4.31 17.13
CA ALA A 100 0.66 -5.32 16.09
C ALA A 100 1.47 -4.84 14.90
N ALA A 101 1.76 -5.76 13.98
CA ALA A 101 2.53 -5.43 12.80
C ALA A 101 1.65 -4.83 11.72
N CYS A 102 2.25 -4.00 10.88
CA CYS A 102 1.53 -3.33 9.80
C CYS A 102 2.25 -3.62 8.48
N GLN A 103 1.65 -3.24 7.36
CA GLN A 103 2.26 -3.46 6.06
C GLN A 103 1.67 -2.51 5.02
N VAL A 104 2.35 -2.42 3.88
CA VAL A 104 1.90 -1.56 2.80
C VAL A 104 1.57 -2.40 1.57
N GLY A 105 0.43 -2.12 0.94
CA GLY A 105 0.03 -2.89 -0.21
C GLY A 105 -0.15 -2.04 -1.46
N LEU A 106 0.12 -2.63 -2.60
CA LEU A 106 0.00 -1.95 -3.87
C LEU A 106 -0.47 -2.95 -4.95
N SER A 107 -1.56 -2.62 -5.62
CA SER A 107 -2.09 -3.49 -6.66
C SER A 107 -2.92 -2.68 -7.65
N ASP A 108 -3.22 -3.27 -8.80
CA ASP A 108 -4.01 -2.60 -9.82
C ASP A 108 -5.51 -2.72 -9.50
N ALA A 109 -6.35 -2.42 -10.49
CA ALA A 109 -7.79 -2.49 -10.33
C ALA A 109 -8.26 -3.92 -10.09
N ALA A 110 -7.58 -4.88 -10.70
CA ALA A 110 -7.92 -6.28 -10.55
C ALA A 110 -7.37 -6.85 -9.25
N GLY A 111 -6.06 -6.75 -9.06
CA GLY A 111 -5.45 -7.24 -7.85
C GLY A 111 -4.11 -7.90 -8.10
N ASN A 112 -3.31 -7.27 -8.96
CA ASN A 112 -1.98 -7.78 -9.28
C ASN A 112 -0.94 -6.70 -9.06
N GLY A 113 0.29 -7.11 -8.80
CA GLY A 113 1.36 -6.17 -8.58
C GLY A 113 2.44 -6.74 -7.69
N PRO A 114 3.53 -5.98 -7.45
CA PRO A 114 4.65 -6.43 -6.60
C PRO A 114 4.18 -6.80 -5.19
N GLU A 115 4.81 -7.83 -4.62
CA GLU A 115 4.46 -8.29 -3.28
C GLU A 115 4.58 -7.18 -2.24
N GLY A 116 3.58 -7.11 -1.37
CA GLY A 116 3.56 -6.10 -0.33
C GLY A 116 4.70 -6.24 0.67
N VAL A 117 5.03 -5.16 1.34
CA VAL A 117 6.11 -5.16 2.31
C VAL A 117 5.59 -4.82 3.70
N ALA A 118 6.01 -5.59 4.69
CA ALA A 118 5.61 -5.37 6.06
C ALA A 118 6.42 -4.24 6.68
N ILE A 119 5.80 -3.50 7.59
CA ILE A 119 6.47 -2.41 8.26
C ILE A 119 6.33 -2.56 9.77
N SER A 120 7.17 -1.89 10.51
CA SER A 120 7.13 -1.97 11.97
C SER A 120 7.57 -0.66 12.58
N PHE A 121 6.88 -0.23 13.63
CA PHE A 121 7.21 1.00 14.31
C PHE A 121 8.05 0.71 15.55
N ASN A 122 8.55 1.76 16.19
CA ASN A 122 9.36 1.61 17.38
C ASN A 122 8.48 1.71 18.62
N ALA A 10 8.86 -11.32 -18.33
CA ALA A 10 9.69 -10.12 -18.08
C ALA A 10 9.84 -9.88 -16.59
N ALA A 11 11.06 -9.61 -16.15
CA ALA A 11 11.34 -9.35 -14.75
C ALA A 11 11.05 -7.89 -14.42
N PRO A 12 10.23 -7.64 -13.39
CA PRO A 12 9.87 -6.28 -12.98
C PRO A 12 11.01 -5.57 -12.24
N THR A 13 10.74 -4.34 -11.86
CA THR A 13 11.73 -3.52 -11.15
C THR A 13 11.06 -2.71 -10.06
N ALA A 14 10.81 -3.34 -8.92
CA ALA A 14 10.16 -2.69 -7.80
C ALA A 14 11.18 -2.12 -6.82
N THR A 15 11.10 -0.82 -6.57
CA THR A 15 12.00 -0.16 -5.65
C THR A 15 11.21 0.60 -4.59
N VAL A 16 10.95 -0.04 -3.46
CA VAL A 16 10.20 0.60 -2.40
C VAL A 16 11.05 0.75 -1.13
N THR A 17 10.76 1.79 -0.36
CA THR A 17 11.48 2.05 0.87
C THR A 17 10.56 1.79 2.08
N PRO A 18 10.72 0.64 2.73
CA PRO A 18 9.90 0.26 3.88
C PRO A 18 10.33 0.95 5.18
N SER A 19 9.37 1.56 5.86
CA SER A 19 9.62 2.26 7.11
C SER A 19 9.88 1.26 8.23
N SER A 20 11.13 0.94 8.48
CA SER A 20 11.50 0.00 9.52
C SER A 20 12.21 0.74 10.66
N GLY A 21 11.50 0.93 11.76
CA GLY A 21 12.07 1.61 12.90
C GLY A 21 11.69 3.08 12.93
N LEU A 22 10.78 3.45 12.05
CA LEU A 22 10.33 4.84 11.95
C LEU A 22 8.96 4.97 12.57
N SER A 23 8.72 6.10 13.24
CA SER A 23 7.44 6.35 13.90
C SER A 23 6.32 6.62 12.90
N ASP A 24 5.11 6.83 13.41
CA ASP A 24 3.93 7.11 12.58
C ASP A 24 4.06 8.47 11.93
N GLY A 25 3.47 8.61 10.75
CA GLY A 25 3.54 9.86 10.02
C GLY A 25 4.67 9.85 9.03
N THR A 26 5.42 8.75 9.01
CA THR A 26 6.54 8.61 8.09
C THR A 26 6.03 8.38 6.67
N VAL A 27 6.67 9.04 5.72
CA VAL A 27 6.29 8.93 4.32
C VAL A 27 7.03 7.76 3.65
N VAL A 28 6.26 6.82 3.13
CA VAL A 28 6.82 5.65 2.47
C VAL A 28 7.02 5.92 0.98
N LYS A 29 8.16 5.47 0.44
CA LYS A 29 8.46 5.67 -0.97
C LYS A 29 8.06 4.44 -1.78
N VAL A 30 7.20 4.65 -2.75
CA VAL A 30 6.74 3.58 -3.63
C VAL A 30 7.10 3.90 -5.08
N ALA A 31 8.14 3.26 -5.59
CA ALA A 31 8.58 3.47 -6.96
C ALA A 31 8.62 2.15 -7.72
N GLY A 32 7.58 1.89 -8.48
CA GLY A 32 7.51 0.66 -9.25
C GLY A 32 7.79 0.89 -10.72
N ALA A 33 8.73 0.13 -11.26
CA ALA A 33 9.08 0.24 -12.67
C ALA A 33 8.84 -1.09 -13.38
N GLY A 34 8.42 -1.02 -14.63
CA GLY A 34 8.15 -2.23 -15.39
C GLY A 34 6.71 -2.68 -15.22
N LEU A 35 5.85 -1.72 -14.89
CA LEU A 35 4.44 -2.00 -14.68
C LEU A 35 3.68 -1.84 -16.00
N GLN A 36 2.35 -1.85 -15.94
CA GLN A 36 1.54 -1.72 -17.14
C GLN A 36 1.24 -0.26 -17.41
N ALA A 37 1.86 0.30 -18.44
CA ALA A 37 1.66 1.69 -18.81
C ALA A 37 0.19 1.95 -19.14
N GLY A 38 -0.40 2.95 -18.52
CA GLY A 38 -1.79 3.29 -18.77
C GLY A 38 -2.74 2.77 -17.70
N THR A 39 -2.22 2.04 -16.73
CA THR A 39 -3.08 1.52 -15.67
C THR A 39 -2.87 2.27 -14.36
N ALA A 40 -3.86 2.19 -13.48
CA ALA A 40 -3.81 2.86 -12.19
C ALA A 40 -3.58 1.85 -11.08
N TYR A 41 -2.79 2.23 -10.10
CA TYR A 41 -2.49 1.35 -8.98
C TYR A 41 -2.98 1.95 -7.66
N ASP A 42 -3.61 1.11 -6.86
CA ASP A 42 -4.13 1.52 -5.57
C ASP A 42 -3.13 1.11 -4.49
N VAL A 43 -2.37 2.07 -3.99
CA VAL A 43 -1.37 1.79 -2.98
C VAL A 43 -1.65 2.55 -1.68
N GLY A 44 -1.76 1.81 -0.59
CA GLY A 44 -2.01 2.40 0.71
C GLY A 44 -1.55 1.48 1.82
N GLN A 45 -1.71 1.92 3.06
CA GLN A 45 -1.33 1.10 4.20
C GLN A 45 -2.46 0.14 4.53
N CYS A 46 -2.15 -1.14 4.63
CA CYS A 46 -3.16 -2.14 4.91
C CYS A 46 -2.79 -2.99 6.12
N ALA A 47 -3.80 -3.61 6.71
CA ALA A 47 -3.61 -4.47 7.87
C ALA A 47 -4.58 -5.64 7.83
N TRP A 48 -4.42 -6.59 8.75
CA TRP A 48 -5.28 -7.75 8.81
C TRP A 48 -6.69 -7.35 9.25
N VAL A 49 -7.63 -7.40 8.32
CA VAL A 49 -9.01 -7.03 8.61
C VAL A 49 -9.86 -8.26 8.90
N ASP A 50 -9.41 -9.41 8.42
CA ASP A 50 -10.13 -10.66 8.63
C ASP A 50 -9.16 -11.83 8.47
N THR A 51 -9.67 -13.05 8.67
CA THR A 51 -8.87 -14.25 8.56
C THR A 51 -8.52 -14.53 7.10
N GLY A 52 -7.30 -14.18 6.71
CA GLY A 52 -6.86 -14.41 5.35
C GLY A 52 -7.24 -13.27 4.43
N VAL A 53 -7.75 -12.19 5.01
CA VAL A 53 -8.15 -11.02 4.25
C VAL A 53 -7.60 -9.76 4.88
N LEU A 54 -7.01 -8.89 4.06
CA LEU A 54 -6.46 -7.64 4.55
C LEU A 54 -7.27 -6.48 4.00
N ALA A 55 -6.98 -5.27 4.48
CA ALA A 55 -7.70 -4.09 4.02
C ALA A 55 -6.90 -2.82 4.29
N CYS A 56 -7.07 -1.82 3.44
CA CYS A 56 -6.37 -0.55 3.58
C CYS A 56 -7.35 0.61 3.75
N ASN A 57 -6.84 1.80 4.03
CA ASN A 57 -7.68 2.98 4.20
C ASN A 57 -7.61 3.87 2.96
N PRO A 58 -8.75 4.03 2.27
CA PRO A 58 -8.84 4.85 1.05
C PRO A 58 -8.97 6.33 1.38
N ALA A 59 -8.66 6.70 2.61
CA ALA A 59 -8.74 8.08 3.03
C ALA A 59 -7.35 8.69 3.12
N ASP A 60 -6.33 7.84 3.18
CA ASP A 60 -4.96 8.32 3.28
C ASP A 60 -4.08 7.67 2.24
N PHE A 61 -4.71 7.12 1.20
CA PHE A 61 -3.97 6.46 0.13
C PHE A 61 -3.72 7.45 -1.00
N SER A 62 -2.98 7.02 -2.00
CA SER A 62 -2.69 7.86 -3.15
C SER A 62 -2.63 7.02 -4.42
N SER A 63 -3.68 7.12 -5.23
CA SER A 63 -3.76 6.37 -6.47
C SER A 63 -2.77 6.90 -7.50
N VAL A 64 -1.82 6.07 -7.89
CA VAL A 64 -0.82 6.47 -8.85
C VAL A 64 -1.04 5.75 -10.17
N THR A 65 -0.77 6.43 -11.27
CA THR A 65 -0.94 5.83 -12.58
C THR A 65 0.42 5.63 -13.24
N ALA A 66 0.54 4.61 -14.07
CA ALA A 66 1.79 4.33 -14.76
C ALA A 66 1.98 5.27 -15.93
N ASP A 67 3.22 5.74 -16.10
CA ASP A 67 3.56 6.65 -17.18
C ASP A 67 3.90 5.87 -18.45
N ALA A 68 4.34 6.59 -19.48
CA ALA A 68 4.71 5.98 -20.76
C ALA A 68 5.91 5.03 -20.61
N ASN A 69 6.64 5.18 -19.52
CA ASN A 69 7.81 4.34 -19.28
C ASN A 69 7.40 3.10 -18.51
N GLY A 70 6.14 3.04 -18.12
CA GLY A 70 5.63 1.91 -17.38
C GLY A 70 6.05 1.97 -15.92
N SER A 71 6.20 3.18 -15.40
CA SER A 71 6.61 3.36 -14.02
C SER A 71 5.59 4.20 -13.26
N ALA A 72 5.49 3.94 -11.96
CA ALA A 72 4.57 4.66 -11.11
C ALA A 72 5.18 4.90 -9.73
N SER A 73 5.48 6.15 -9.43
CA SER A 73 6.07 6.51 -8.15
C SER A 73 5.10 7.35 -7.34
N THR A 74 4.98 7.05 -6.06
CA THR A 74 4.08 7.78 -5.17
C THR A 74 4.55 7.63 -3.72
N SER A 75 4.08 8.52 -2.87
CA SER A 75 4.45 8.49 -1.47
C SER A 75 3.21 8.33 -0.59
N LEU A 76 3.30 7.52 0.46
CA LEU A 76 2.18 7.28 1.36
C LEU A 76 2.55 7.62 2.80
N THR A 77 1.60 8.18 3.54
CA THR A 77 1.83 8.51 4.92
C THR A 77 1.20 7.46 5.82
N VAL A 78 2.04 6.67 6.48
CA VAL A 78 1.56 5.60 7.35
C VAL A 78 1.06 6.13 8.70
N ARG A 79 -0.20 5.85 8.99
CA ARG A 79 -0.81 6.27 10.25
C ARG A 79 -0.74 5.12 11.24
N ARG A 80 -0.90 5.44 12.52
CA ARG A 80 -0.86 4.43 13.57
C ARG A 80 -2.14 3.60 13.58
N SER A 81 -3.24 4.25 13.22
CA SER A 81 -4.55 3.59 13.17
C SER A 81 -5.30 4.04 11.92
N PHE A 82 -6.13 3.16 11.36
CA PHE A 82 -6.88 3.50 10.15
C PHE A 82 -8.02 2.51 9.92
N GLU A 83 -8.88 2.82 8.95
CA GLU A 83 -10.01 1.97 8.63
C GLU A 83 -9.60 0.91 7.62
N GLY A 84 -10.36 -0.18 7.56
CA GLY A 84 -10.05 -1.24 6.64
C GLY A 84 -11.10 -1.35 5.55
N PHE A 85 -10.68 -1.23 4.29
CA PHE A 85 -11.60 -1.32 3.17
C PHE A 85 -11.13 -2.38 2.20
N LEU A 86 -12.09 -3.08 1.60
CA LEU A 86 -11.77 -4.10 0.63
C LEU A 86 -11.39 -3.46 -0.70
N PHE A 87 -10.89 -4.24 -1.63
CA PHE A 87 -10.48 -3.71 -2.93
C PHE A 87 -11.69 -3.40 -3.81
N ASP A 88 -12.88 -3.55 -3.25
CA ASP A 88 -14.12 -3.26 -3.96
C ASP A 88 -14.64 -1.88 -3.58
N GLY A 89 -14.19 -1.38 -2.44
CA GLY A 89 -14.61 -0.08 -1.98
C GLY A 89 -15.46 -0.13 -0.71
N THR A 90 -15.82 -1.34 -0.29
CA THR A 90 -16.63 -1.50 0.92
C THR A 90 -15.72 -1.70 2.14
N ARG A 91 -16.13 -1.14 3.27
CA ARG A 91 -15.36 -1.27 4.50
C ARG A 91 -15.64 -2.59 5.18
N TRP A 92 -14.65 -3.08 5.91
CA TRP A 92 -14.78 -4.34 6.63
C TRP A 92 -14.48 -4.15 8.11
N GLY A 93 -14.36 -2.90 8.52
CA GLY A 93 -14.08 -2.60 9.91
C GLY A 93 -12.94 -1.63 10.08
N THR A 94 -12.37 -1.60 11.27
CA THR A 94 -11.26 -0.70 11.57
C THR A 94 -10.04 -1.51 12.01
N VAL A 95 -8.85 -1.02 11.69
CA VAL A 95 -7.63 -1.72 12.04
C VAL A 95 -6.66 -0.78 12.76
N ASP A 96 -5.66 -1.36 13.40
CA ASP A 96 -4.68 -0.57 14.13
C ASP A 96 -3.29 -1.19 13.98
N CYS A 97 -2.27 -0.34 13.93
CA CYS A 97 -0.90 -0.81 13.78
C CYS A 97 -0.05 -0.45 15.00
N THR A 98 -0.71 -0.10 16.10
CA THR A 98 0.01 0.23 17.32
C THR A 98 0.44 -1.04 18.03
N THR A 99 -0.49 -1.97 18.15
CA THR A 99 -0.21 -3.25 18.80
C THR A 99 -0.22 -4.38 17.77
N ALA A 100 -0.36 -4.03 16.50
CA ALA A 100 -0.39 -5.02 15.43
C ALA A 100 0.62 -4.65 14.35
N ALA A 101 0.81 -5.56 13.40
CA ALA A 101 1.74 -5.35 12.31
C ALA A 101 1.12 -4.51 11.21
N CYS A 102 1.92 -3.67 10.59
CA CYS A 102 1.44 -2.82 9.50
C CYS A 102 2.18 -3.16 8.21
N GLN A 103 1.52 -3.03 7.08
CA GLN A 103 2.15 -3.33 5.80
C GLN A 103 1.59 -2.44 4.70
N VAL A 104 2.32 -2.31 3.60
CA VAL A 104 1.88 -1.49 2.49
C VAL A 104 1.30 -2.35 1.38
N GLY A 105 0.10 -2.01 0.94
CA GLY A 105 -0.55 -2.76 -0.11
C GLY A 105 -0.32 -2.14 -1.47
N LEU A 106 0.36 -2.87 -2.34
CA LEU A 106 0.65 -2.38 -3.68
C LEU A 106 0.00 -3.28 -4.72
N SER A 107 -1.11 -2.82 -5.30
CA SER A 107 -1.81 -3.61 -6.31
C SER A 107 -2.59 -2.71 -7.27
N ASP A 108 -2.93 -3.25 -8.42
CA ASP A 108 -3.67 -2.52 -9.43
C ASP A 108 -5.15 -2.50 -9.08
N ALA A 109 -5.96 -1.90 -9.96
CA ALA A 109 -7.40 -1.81 -9.75
C ALA A 109 -8.03 -3.18 -9.54
N ALA A 110 -7.46 -4.20 -10.17
CA ALA A 110 -7.98 -5.56 -10.04
C ALA A 110 -7.51 -6.18 -8.72
N GLY A 111 -6.22 -6.07 -8.45
CA GLY A 111 -5.66 -6.63 -7.23
C GLY A 111 -4.37 -7.39 -7.45
N ASN A 112 -3.67 -7.06 -8.53
CA ASN A 112 -2.41 -7.73 -8.85
C ASN A 112 -1.26 -6.73 -8.80
N GLY A 113 -0.05 -7.24 -8.73
CA GLY A 113 1.12 -6.39 -8.69
C GLY A 113 2.18 -6.94 -7.77
N PRO A 114 3.10 -6.09 -7.28
CA PRO A 114 4.16 -6.53 -6.36
C PRO A 114 3.60 -6.95 -5.01
N GLU A 115 4.35 -7.76 -4.28
CA GLU A 115 3.91 -8.24 -2.98
C GLU A 115 4.08 -7.15 -1.91
N GLY A 116 3.15 -7.10 -0.98
CA GLY A 116 3.20 -6.11 0.07
C GLY A 116 4.30 -6.35 1.08
N VAL A 117 4.95 -5.28 1.52
CA VAL A 117 6.02 -5.37 2.49
C VAL A 117 5.54 -4.86 3.86
N ALA A 118 5.88 -5.61 4.91
CA ALA A 118 5.49 -5.24 6.26
C ALA A 118 6.49 -4.26 6.86
N ILE A 119 5.98 -3.33 7.63
CA ILE A 119 6.81 -2.31 8.28
C ILE A 119 6.56 -2.34 9.78
N SER A 120 7.36 -1.58 10.53
CA SER A 120 7.21 -1.52 11.98
C SER A 120 7.73 -0.20 12.52
N PHE A 121 7.04 0.33 13.52
CA PHE A 121 7.44 1.58 14.15
C PHE A 121 8.42 1.29 15.27
N ASN A 122 9.14 2.32 15.71
CA ASN A 122 10.12 2.16 16.77
C ASN A 122 9.41 2.10 18.12
N ALA A 10 9.38 -11.34 -17.92
CA ALA A 10 10.08 -10.06 -17.65
C ALA A 10 10.06 -9.74 -16.16
N ALA A 11 11.23 -9.59 -15.57
CA ALA A 11 11.33 -9.27 -14.16
C ALA A 11 11.24 -7.76 -13.94
N PRO A 12 10.18 -7.30 -13.25
CA PRO A 12 9.95 -5.88 -12.98
C PRO A 12 10.90 -5.34 -11.92
N THR A 13 10.95 -4.02 -11.82
CA THR A 13 11.80 -3.35 -10.84
C THR A 13 10.99 -2.93 -9.63
N ALA A 14 11.10 -3.71 -8.55
CA ALA A 14 10.38 -3.42 -7.34
C ALA A 14 11.23 -2.57 -6.39
N THR A 15 11.12 -1.27 -6.52
CA THR A 15 11.87 -0.35 -5.69
C THR A 15 10.96 0.31 -4.66
N VAL A 16 10.96 -0.23 -3.45
CA VAL A 16 10.13 0.30 -2.39
C VAL A 16 10.94 0.57 -1.14
N THR A 17 10.64 1.68 -0.46
CA THR A 17 11.35 2.04 0.75
C THR A 17 10.42 1.93 1.97
N PRO A 18 10.54 0.85 2.75
CA PRO A 18 9.72 0.61 3.92
C PRO A 18 10.17 1.39 5.17
N SER A 19 9.22 1.83 5.97
CA SER A 19 9.50 2.58 7.18
C SER A 19 9.73 1.64 8.37
N SER A 20 10.58 0.63 8.15
CA SER A 20 10.90 -0.35 9.16
C SER A 20 11.71 0.26 10.31
N GLY A 21 11.07 0.44 11.47
CA GLY A 21 11.76 0.99 12.62
C GLY A 21 11.43 2.44 12.87
N LEU A 22 10.57 3.01 12.03
CA LEU A 22 10.20 4.40 12.16
C LEU A 22 8.86 4.53 12.89
N SER A 23 8.41 5.75 13.11
CA SER A 23 7.15 5.99 13.79
C SER A 23 6.04 6.29 12.79
N ASP A 24 4.82 6.49 13.28
CA ASP A 24 3.69 6.80 12.41
C ASP A 24 3.83 8.21 11.86
N GLY A 25 3.09 8.50 10.80
CA GLY A 25 3.16 9.80 10.19
C GLY A 25 4.26 9.88 9.15
N THR A 26 5.03 8.81 9.05
CA THR A 26 6.11 8.73 8.10
C THR A 26 5.56 8.44 6.71
N VAL A 27 6.16 9.03 5.69
CA VAL A 27 5.73 8.84 4.33
C VAL A 27 6.50 7.70 3.67
N VAL A 28 5.78 6.66 3.26
CA VAL A 28 6.38 5.51 2.61
C VAL A 28 6.49 5.76 1.11
N LYS A 29 7.66 5.51 0.54
CA LYS A 29 7.87 5.72 -0.89
C LYS A 29 7.76 4.42 -1.66
N VAL A 30 6.96 4.45 -2.72
CA VAL A 30 6.76 3.30 -3.59
C VAL A 30 7.04 3.69 -5.03
N ALA A 31 8.11 3.16 -5.60
CA ALA A 31 8.48 3.45 -6.98
C ALA A 31 8.63 2.17 -7.79
N GLY A 32 7.57 1.80 -8.47
CA GLY A 32 7.60 0.58 -9.27
C GLY A 32 7.95 0.85 -10.72
N ALA A 33 8.89 0.10 -11.25
CA ALA A 33 9.31 0.25 -12.63
C ALA A 33 9.10 -1.07 -13.37
N GLY A 34 8.76 -0.98 -14.65
CA GLY A 34 8.53 -2.18 -15.43
C GLY A 34 7.11 -2.68 -15.24
N LEU A 35 6.20 -1.73 -15.08
CA LEU A 35 4.78 -2.04 -14.88
C LEU A 35 4.02 -1.88 -16.19
N GLN A 36 2.69 -1.92 -16.11
CA GLN A 36 1.87 -1.79 -17.29
C GLN A 36 1.45 -0.34 -17.51
N ALA A 37 2.05 0.29 -18.51
CA ALA A 37 1.75 1.69 -18.84
C ALA A 37 0.29 1.83 -19.26
N GLY A 38 -0.44 2.65 -18.53
CA GLY A 38 -1.85 2.86 -18.84
C GLY A 38 -2.76 2.54 -17.67
N THR A 39 -2.40 1.52 -16.91
CA THR A 39 -3.20 1.12 -15.75
C THR A 39 -2.82 1.92 -14.50
N ALA A 40 -3.66 1.84 -13.48
CA ALA A 40 -3.41 2.56 -12.24
C ALA A 40 -3.22 1.59 -11.08
N TYR A 41 -2.37 1.96 -10.15
CA TYR A 41 -2.08 1.13 -8.99
C TYR A 41 -2.44 1.89 -7.71
N ASP A 42 -3.32 1.29 -6.91
CA ASP A 42 -3.74 1.90 -5.66
C ASP A 42 -2.82 1.44 -4.55
N VAL A 43 -2.31 2.38 -3.77
CA VAL A 43 -1.40 2.05 -2.68
C VAL A 43 -1.91 2.56 -1.34
N GLY A 44 -1.87 1.70 -0.33
CA GLY A 44 -2.29 2.07 1.00
C GLY A 44 -1.64 1.19 2.05
N GLN A 45 -1.84 1.51 3.32
CA GLN A 45 -1.26 0.70 4.40
C GLN A 45 -2.18 -0.46 4.72
N CYS A 46 -2.46 -1.26 3.69
CA CYS A 46 -3.34 -2.41 3.83
C CYS A 46 -2.72 -3.49 4.71
N ALA A 47 -3.14 -3.52 5.96
CA ALA A 47 -2.63 -4.50 6.91
C ALA A 47 -3.63 -5.63 7.11
N TRP A 48 -3.21 -6.65 7.87
CA TRP A 48 -4.05 -7.80 8.15
C TRP A 48 -5.31 -7.37 8.89
N VAL A 49 -6.46 -7.49 8.22
CA VAL A 49 -7.72 -7.10 8.81
C VAL A 49 -8.50 -8.32 9.29
N ASP A 50 -8.24 -9.47 8.66
CA ASP A 50 -8.89 -10.72 9.02
C ASP A 50 -8.05 -11.89 8.54
N THR A 51 -8.58 -13.10 8.71
CA THR A 51 -7.89 -14.32 8.30
C THR A 51 -7.69 -14.37 6.78
N GLY A 52 -6.49 -13.98 6.36
CA GLY A 52 -6.18 -13.98 4.95
C GLY A 52 -6.82 -12.83 4.22
N VAL A 53 -7.23 -11.82 4.98
CA VAL A 53 -7.88 -10.64 4.41
C VAL A 53 -7.17 -9.39 4.90
N LEU A 54 -6.89 -8.48 3.99
CA LEU A 54 -6.24 -7.24 4.33
C LEU A 54 -7.15 -6.08 3.96
N ALA A 55 -6.83 -4.89 4.43
CA ALA A 55 -7.64 -3.72 4.14
C ALA A 55 -6.80 -2.46 4.14
N CYS A 56 -6.97 -1.64 3.09
CA CYS A 56 -6.21 -0.40 2.96
C CYS A 56 -6.94 0.74 3.65
N ASN A 57 -6.27 1.86 3.82
CA ASN A 57 -6.86 3.03 4.45
C ASN A 57 -7.41 3.99 3.40
N PRO A 58 -8.70 4.32 3.48
CA PRO A 58 -9.34 5.23 2.53
C PRO A 58 -9.12 6.71 2.89
N ALA A 59 -8.56 6.95 4.07
CA ALA A 59 -8.29 8.30 4.54
C ALA A 59 -7.06 8.87 3.86
N ASP A 60 -5.99 8.09 3.81
CA ASP A 60 -4.74 8.52 3.20
C ASP A 60 -4.29 7.53 2.13
N PHE A 61 -4.81 7.69 0.93
CA PHE A 61 -4.46 6.81 -0.17
C PHE A 61 -4.16 7.64 -1.41
N SER A 62 -3.41 7.06 -2.34
CA SER A 62 -3.07 7.75 -3.57
C SER A 62 -2.91 6.76 -4.71
N SER A 63 -3.81 6.85 -5.68
CA SER A 63 -3.76 5.99 -6.84
C SER A 63 -2.76 6.53 -7.85
N VAL A 64 -1.67 5.79 -8.03
CA VAL A 64 -0.65 6.21 -8.97
C VAL A 64 -0.75 5.41 -10.26
N THR A 65 -0.84 6.11 -11.37
CA THR A 65 -0.92 5.45 -12.66
C THR A 65 0.45 5.31 -13.27
N ALA A 66 0.65 4.23 -14.02
CA ALA A 66 1.93 3.99 -14.66
C ALA A 66 2.11 4.95 -15.82
N ASP A 67 3.26 5.59 -15.88
CA ASP A 67 3.57 6.53 -16.94
C ASP A 67 3.83 5.79 -18.25
N ALA A 68 4.11 6.53 -19.32
CA ALA A 68 4.36 5.93 -20.63
C ALA A 68 5.58 5.00 -20.60
N ASN A 69 6.46 5.22 -19.64
CA ASN A 69 7.66 4.41 -19.49
C ASN A 69 7.35 3.11 -18.77
N GLY A 70 6.19 3.07 -18.13
CA GLY A 70 5.79 1.89 -17.40
C GLY A 70 6.27 1.93 -15.96
N SER A 71 6.32 3.12 -15.41
CA SER A 71 6.76 3.30 -14.03
C SER A 71 5.72 4.06 -13.22
N ALA A 72 5.75 3.89 -11.91
CA ALA A 72 4.81 4.55 -11.04
C ALA A 72 5.45 4.93 -9.71
N SER A 73 5.57 6.22 -9.46
CA SER A 73 6.17 6.71 -8.22
C SER A 73 5.11 7.37 -7.35
N THR A 74 4.97 6.89 -6.13
CA THR A 74 3.99 7.44 -5.21
C THR A 74 4.52 7.38 -3.78
N SER A 75 3.77 7.96 -2.86
CA SER A 75 4.14 7.98 -1.46
C SER A 75 2.88 8.13 -0.61
N LEU A 76 2.80 7.39 0.48
CA LEU A 76 1.63 7.45 1.36
C LEU A 76 2.04 7.62 2.81
N THR A 77 1.26 8.41 3.53
CA THR A 77 1.52 8.65 4.94
C THR A 77 0.86 7.56 5.78
N VAL A 78 1.68 6.71 6.39
CA VAL A 78 1.17 5.61 7.20
C VAL A 78 0.73 6.11 8.58
N ARG A 79 -0.49 5.76 8.97
CA ARG A 79 -1.04 6.14 10.25
C ARG A 79 -0.97 4.97 11.22
N ARG A 80 -1.12 5.25 12.49
CA ARG A 80 -1.08 4.22 13.52
C ARG A 80 -2.38 3.41 13.50
N SER A 81 -3.49 4.12 13.56
CA SER A 81 -4.80 3.52 13.52
C SER A 81 -5.53 4.02 12.28
N PHE A 82 -6.19 3.12 11.55
CA PHE A 82 -6.89 3.52 10.34
C PHE A 82 -8.12 2.64 10.10
N GLU A 83 -8.87 2.98 9.06
CA GLU A 83 -10.06 2.23 8.71
C GLU A 83 -9.74 1.27 7.56
N GLY A 84 -10.27 0.06 7.65
CA GLY A 84 -10.03 -0.92 6.62
C GLY A 84 -11.00 -0.81 5.47
N PHE A 85 -10.47 -0.74 4.26
CA PHE A 85 -11.29 -0.61 3.06
C PHE A 85 -10.90 -1.68 2.05
N LEU A 86 -11.89 -2.29 1.42
CA LEU A 86 -11.64 -3.31 0.42
C LEU A 86 -11.62 -2.72 -0.98
N PHE A 87 -11.10 -3.48 -1.95
CA PHE A 87 -11.02 -3.01 -3.33
C PHE A 87 -12.35 -3.23 -4.05
N ASP A 88 -13.39 -2.59 -3.54
CA ASP A 88 -14.72 -2.69 -4.13
C ASP A 88 -15.62 -1.57 -3.63
N GLY A 89 -15.26 -1.01 -2.49
CA GLY A 89 -16.04 0.08 -1.93
C GLY A 89 -16.63 -0.23 -0.57
N THR A 90 -16.51 -1.49 -0.15
CA THR A 90 -17.02 -1.91 1.13
C THR A 90 -15.97 -1.73 2.23
N ARG A 91 -16.39 -1.19 3.37
CA ARG A 91 -15.49 -0.99 4.49
C ARG A 91 -15.54 -2.19 5.43
N TRP A 92 -14.43 -2.46 6.10
CA TRP A 92 -14.37 -3.58 7.03
C TRP A 92 -14.59 -3.12 8.46
N GLY A 93 -13.78 -2.16 8.88
CA GLY A 93 -13.87 -1.63 10.22
C GLY A 93 -12.61 -0.87 10.60
N THR A 94 -12.53 -0.43 11.84
CA THR A 94 -11.35 0.29 12.29
C THR A 94 -10.29 -0.65 12.86
N VAL A 95 -9.06 -0.48 12.41
CA VAL A 95 -7.95 -1.32 12.86
C VAL A 95 -6.84 -0.47 13.46
N ASP A 96 -6.05 -1.06 14.34
CA ASP A 96 -4.97 -0.34 14.99
C ASP A 96 -3.65 -1.10 14.87
N CYS A 97 -2.57 -0.37 14.61
CA CYS A 97 -1.24 -0.96 14.49
C CYS A 97 -0.32 -0.50 15.63
N THR A 98 -0.92 -0.15 16.77
CA THR A 98 -0.14 0.28 17.92
C THR A 98 0.45 -0.93 18.63
N THR A 99 -0.30 -2.02 18.63
CA THR A 99 0.14 -3.26 19.27
C THR A 99 0.31 -4.36 18.21
N ALA A 100 0.46 -3.95 16.96
CA ALA A 100 0.62 -4.89 15.87
C ALA A 100 1.55 -4.33 14.80
N ALA A 101 1.73 -5.07 13.72
CA ALA A 101 2.59 -4.64 12.64
C ALA A 101 1.78 -4.39 11.37
N CYS A 102 2.01 -3.25 10.74
CA CYS A 102 1.29 -2.89 9.51
C CYS A 102 2.11 -3.30 8.29
N GLN A 103 1.57 -3.05 7.11
CA GLN A 103 2.26 -3.39 5.87
C GLN A 103 1.76 -2.50 4.74
N VAL A 104 2.55 -2.41 3.68
CA VAL A 104 2.20 -1.59 2.53
C VAL A 104 1.62 -2.44 1.42
N GLY A 105 0.42 -2.11 0.99
CA GLY A 105 -0.23 -2.87 -0.05
C GLY A 105 -0.52 -2.04 -1.28
N LEU A 106 -0.25 -2.60 -2.45
CA LEU A 106 -0.49 -1.92 -3.70
C LEU A 106 -1.01 -2.91 -4.74
N SER A 107 -2.03 -2.52 -5.47
CA SER A 107 -2.60 -3.40 -6.48
C SER A 107 -3.25 -2.60 -7.60
N ASP A 108 -3.43 -3.26 -8.73
CA ASP A 108 -4.06 -2.66 -9.90
C ASP A 108 -5.57 -2.78 -9.81
N ALA A 109 -6.26 -2.54 -10.92
CA ALA A 109 -7.72 -2.63 -10.96
C ALA A 109 -8.19 -4.06 -10.67
N ALA A 110 -7.39 -5.04 -11.07
CA ALA A 110 -7.73 -6.43 -10.84
C ALA A 110 -7.38 -6.85 -9.42
N GLY A 111 -6.19 -6.48 -8.97
CA GLY A 111 -5.76 -6.82 -7.63
C GLY A 111 -4.42 -7.51 -7.61
N ASN A 112 -3.60 -7.25 -8.62
CA ASN A 112 -2.28 -7.86 -8.72
C ASN A 112 -1.20 -6.78 -8.71
N GLY A 113 0.04 -7.20 -8.87
CA GLY A 113 1.16 -6.27 -8.86
C GLY A 113 2.30 -6.76 -8.00
N PRO A 114 3.18 -5.86 -7.54
CA PRO A 114 4.33 -6.20 -6.69
C PRO A 114 3.90 -6.78 -5.33
N GLU A 115 4.85 -7.41 -4.65
CA GLU A 115 4.59 -8.03 -3.35
C GLU A 115 4.43 -6.98 -2.26
N GLY A 116 3.67 -7.31 -1.22
CA GLY A 116 3.46 -6.40 -0.12
C GLY A 116 4.61 -6.42 0.87
N VAL A 117 4.98 -5.24 1.37
CA VAL A 117 6.09 -5.13 2.31
C VAL A 117 5.59 -4.79 3.70
N ALA A 118 5.97 -5.59 4.68
CA ALA A 118 5.56 -5.35 6.06
C ALA A 118 6.39 -4.23 6.68
N ILE A 119 5.76 -3.42 7.52
CA ILE A 119 6.43 -2.32 8.18
C ILE A 119 6.15 -2.30 9.67
N SER A 120 7.20 -2.34 10.46
CA SER A 120 7.08 -2.32 11.91
C SER A 120 7.53 -0.98 12.47
N PHE A 121 6.83 -0.53 13.50
CA PHE A 121 7.15 0.74 14.13
C PHE A 121 8.09 0.53 15.31
N ASN A 122 8.69 1.59 15.80
CA ASN A 122 9.60 1.49 16.93
C ASN A 122 8.83 1.61 18.24
N ALA A 10 8.51 -11.83 -17.97
CA ALA A 10 9.03 -10.46 -17.84
C ALA A 10 9.10 -10.07 -16.37
N ALA A 11 10.31 -9.83 -15.88
CA ALA A 11 10.52 -9.45 -14.50
C ALA A 11 10.47 -7.94 -14.33
N PRO A 12 9.58 -7.44 -13.46
CA PRO A 12 9.43 -6.00 -13.21
C PRO A 12 10.53 -5.46 -12.29
N THR A 13 10.42 -4.21 -11.89
CA THR A 13 11.39 -3.59 -11.02
C THR A 13 10.71 -2.86 -9.85
N ALA A 14 10.44 -3.57 -8.77
CA ALA A 14 9.81 -2.98 -7.61
C ALA A 14 10.87 -2.35 -6.72
N THR A 15 10.66 -1.10 -6.32
CA THR A 15 11.62 -0.40 -5.47
C THR A 15 10.92 0.49 -4.45
N VAL A 16 10.43 -0.12 -3.39
CA VAL A 16 9.75 0.62 -2.33
C VAL A 16 10.69 0.87 -1.16
N THR A 17 10.36 1.86 -0.35
CA THR A 17 11.18 2.19 0.80
C THR A 17 10.41 1.93 2.09
N PRO A 18 10.68 0.79 2.77
CA PRO A 18 10.00 0.43 4.01
C PRO A 18 10.43 1.33 5.17
N SER A 19 9.45 1.80 5.94
CA SER A 19 9.70 2.67 7.08
C SER A 19 9.97 1.87 8.35
N SER A 20 10.61 0.72 8.21
CA SER A 20 10.92 -0.15 9.33
C SER A 20 11.95 0.52 10.24
N GLY A 21 11.56 0.72 11.50
CA GLY A 21 12.45 1.34 12.46
C GLY A 21 12.10 2.78 12.71
N LEU A 22 11.08 3.26 12.01
CA LEU A 22 10.65 4.64 12.14
C LEU A 22 9.36 4.72 12.95
N SER A 23 8.72 5.88 12.96
CA SER A 23 7.49 6.06 13.71
C SER A 23 6.31 6.32 12.78
N ASP A 24 5.17 6.67 13.33
CA ASP A 24 3.98 6.95 12.54
C ASP A 24 4.08 8.34 11.92
N GLY A 25 3.30 8.57 10.87
CA GLY A 25 3.33 9.86 10.21
C GLY A 25 4.45 9.95 9.20
N THR A 26 5.24 8.89 9.11
CA THR A 26 6.36 8.84 8.19
C THR A 26 5.87 8.68 6.76
N VAL A 27 6.53 9.38 5.85
CA VAL A 27 6.18 9.32 4.43
C VAL A 27 6.79 8.08 3.79
N VAL A 28 5.95 7.13 3.41
CA VAL A 28 6.40 5.89 2.78
C VAL A 28 6.48 6.07 1.27
N LYS A 29 7.65 5.76 0.72
CA LYS A 29 7.86 5.89 -0.72
C LYS A 29 7.59 4.57 -1.43
N VAL A 30 6.73 4.62 -2.42
CA VAL A 30 6.38 3.44 -3.20
C VAL A 30 6.66 3.71 -4.68
N ALA A 31 7.70 3.07 -5.20
CA ALA A 31 8.07 3.23 -6.59
C ALA A 31 8.13 1.89 -7.30
N GLY A 32 7.25 1.70 -8.26
CA GLY A 32 7.23 0.45 -9.01
C GLY A 32 7.50 0.68 -10.48
N ALA A 33 8.47 -0.03 -11.02
CA ALA A 33 8.83 0.09 -12.42
C ALA A 33 8.61 -1.24 -13.13
N GLY A 34 8.49 -1.20 -14.45
CA GLY A 34 8.26 -2.40 -15.21
C GLY A 34 6.83 -2.87 -15.09
N LEU A 35 5.94 -1.93 -14.80
CA LEU A 35 4.52 -2.22 -14.65
C LEU A 35 3.81 -2.00 -15.97
N GLN A 36 2.50 -2.23 -15.98
CA GLN A 36 1.71 -2.03 -17.18
C GLN A 36 1.38 -0.54 -17.33
N ALA A 37 1.97 0.08 -18.34
CA ALA A 37 1.77 1.50 -18.61
C ALA A 37 0.31 1.81 -18.87
N GLY A 38 -0.18 2.88 -18.24
CA GLY A 38 -1.56 3.29 -18.43
C GLY A 38 -2.51 2.75 -17.37
N THR A 39 -2.00 2.03 -16.39
CA THR A 39 -2.85 1.47 -15.35
C THR A 39 -2.75 2.27 -14.06
N ALA A 40 -3.74 2.13 -13.20
CA ALA A 40 -3.75 2.85 -11.93
C ALA A 40 -3.54 1.89 -10.77
N TYR A 41 -2.52 2.17 -9.97
CA TYR A 41 -2.20 1.32 -8.83
C TYR A 41 -2.67 1.97 -7.53
N ASP A 42 -3.50 1.25 -6.79
CA ASP A 42 -4.01 1.73 -5.51
C ASP A 42 -3.07 1.25 -4.41
N VAL A 43 -2.32 2.18 -3.84
CA VAL A 43 -1.37 1.83 -2.80
C VAL A 43 -1.72 2.49 -1.47
N GLY A 44 -1.78 1.67 -0.43
CA GLY A 44 -2.09 2.17 0.89
C GLY A 44 -1.53 1.26 1.97
N GLN A 45 -1.75 1.59 3.23
CA GLN A 45 -1.27 0.75 4.32
C GLN A 45 -2.32 -0.32 4.60
N CYS A 46 -1.95 -1.57 4.41
CA CYS A 46 -2.87 -2.66 4.62
C CYS A 46 -2.41 -3.59 5.74
N ALA A 47 -3.36 -4.05 6.53
CA ALA A 47 -3.10 -4.97 7.62
C ALA A 47 -4.22 -5.98 7.71
N TRP A 48 -4.09 -6.94 8.63
CA TRP A 48 -5.11 -7.96 8.80
C TRP A 48 -6.41 -7.35 9.31
N VAL A 49 -7.38 -7.21 8.42
CA VAL A 49 -8.67 -6.64 8.78
C VAL A 49 -9.63 -7.72 9.27
N ASP A 50 -9.37 -8.96 8.85
CA ASP A 50 -10.20 -10.09 9.25
C ASP A 50 -9.37 -11.37 9.28
N THR A 51 -10.06 -12.50 9.30
CA THR A 51 -9.42 -13.81 9.36
C THR A 51 -8.81 -14.21 8.01
N GLY A 52 -7.60 -13.72 7.75
CA GLY A 52 -6.92 -14.05 6.51
C GLY A 52 -7.09 -12.98 5.46
N VAL A 53 -7.97 -12.04 5.72
CA VAL A 53 -8.23 -10.96 4.79
C VAL A 53 -7.56 -9.68 5.26
N LEU A 54 -6.83 -9.04 4.36
CA LEU A 54 -6.15 -7.79 4.67
C LEU A 54 -6.89 -6.63 4.03
N ALA A 55 -6.67 -5.43 4.52
CA ALA A 55 -7.33 -4.25 3.98
C ALA A 55 -6.47 -3.02 4.15
N CYS A 56 -6.52 -2.11 3.18
CA CYS A 56 -5.74 -0.88 3.22
C CYS A 56 -6.60 0.29 3.63
N ASN A 57 -5.97 1.43 3.90
CA ASN A 57 -6.68 2.63 4.31
C ASN A 57 -7.17 3.41 3.09
N PRO A 58 -8.43 3.89 3.12
CA PRO A 58 -9.01 4.65 2.02
C PRO A 58 -8.91 6.16 2.20
N ALA A 59 -8.41 6.59 3.34
CA ALA A 59 -8.28 8.02 3.62
C ALA A 59 -6.93 8.55 3.17
N ASP A 60 -5.87 8.18 3.90
CA ASP A 60 -4.53 8.66 3.57
C ASP A 60 -3.84 7.76 2.56
N PHE A 61 -4.55 7.47 1.47
CA PHE A 61 -4.00 6.65 0.40
C PHE A 61 -4.06 7.44 -0.89
N SER A 62 -3.30 7.02 -1.89
CA SER A 62 -3.28 7.71 -3.16
C SER A 62 -3.12 6.72 -4.30
N SER A 63 -3.90 6.92 -5.35
CA SER A 63 -3.84 6.07 -6.52
C SER A 63 -2.91 6.69 -7.56
N VAL A 64 -1.81 6.03 -7.83
CA VAL A 64 -0.85 6.53 -8.80
C VAL A 64 -0.94 5.73 -10.09
N THR A 65 -0.90 6.42 -11.21
CA THR A 65 -0.99 5.75 -12.50
C THR A 65 0.41 5.52 -13.07
N ALA A 66 0.58 4.39 -13.73
CA ALA A 66 1.86 4.07 -14.35
C ALA A 66 2.03 4.87 -15.62
N ASP A 67 3.10 5.66 -15.67
CA ASP A 67 3.38 6.50 -16.83
C ASP A 67 3.67 5.67 -18.07
N ALA A 68 3.86 6.35 -19.19
CA ALA A 68 4.14 5.69 -20.46
C ALA A 68 5.47 4.94 -20.43
N ASN A 69 6.27 5.24 -19.40
CA ASN A 69 7.57 4.59 -19.23
C ASN A 69 7.38 3.27 -18.51
N GLY A 70 6.24 3.13 -17.83
CA GLY A 70 5.94 1.92 -17.10
C GLY A 70 6.35 2.00 -15.65
N SER A 71 6.41 3.22 -15.13
CA SER A 71 6.80 3.43 -13.74
C SER A 71 5.72 4.20 -12.97
N ALA A 72 5.65 3.94 -11.68
CA ALA A 72 4.68 4.59 -10.81
C ALA A 72 5.30 4.87 -9.44
N SER A 73 5.41 6.14 -9.10
CA SER A 73 5.99 6.54 -7.83
C SER A 73 5.00 7.40 -7.05
N THR A 74 4.85 7.11 -5.77
CA THR A 74 3.95 7.87 -4.91
C THR A 74 4.42 7.81 -3.47
N SER A 75 3.80 8.60 -2.60
CA SER A 75 4.15 8.64 -1.19
C SER A 75 2.90 8.58 -0.33
N LEU A 76 2.90 7.67 0.64
CA LEU A 76 1.76 7.51 1.53
C LEU A 76 2.14 7.84 2.97
N THR A 77 1.22 8.47 3.68
CA THR A 77 1.45 8.83 5.06
C THR A 77 0.87 7.76 5.98
N VAL A 78 1.74 6.93 6.54
CA VAL A 78 1.30 5.84 7.42
C VAL A 78 0.78 6.37 8.75
N ARG A 79 -0.42 5.96 9.10
CA ARG A 79 -1.05 6.37 10.35
C ARG A 79 -1.08 5.19 11.32
N ARG A 80 -1.29 5.47 12.60
CA ARG A 80 -1.33 4.42 13.61
C ARG A 80 -2.71 3.76 13.62
N SER A 81 -3.72 4.52 13.24
CA SER A 81 -5.08 4.03 13.17
C SER A 81 -5.65 4.30 11.78
N PHE A 82 -6.18 3.28 11.13
CA PHE A 82 -6.74 3.43 9.80
C PHE A 82 -7.96 2.54 9.58
N GLU A 83 -8.79 2.93 8.62
CA GLU A 83 -9.98 2.17 8.31
C GLU A 83 -9.64 1.12 7.25
N GLY A 84 -9.95 -0.13 7.55
CA GLY A 84 -9.67 -1.19 6.60
C GLY A 84 -10.70 -1.23 5.49
N PHE A 85 -10.24 -1.08 4.26
CA PHE A 85 -11.14 -1.09 3.11
C PHE A 85 -10.65 -2.07 2.06
N LEU A 86 -11.58 -2.67 1.34
CA LEU A 86 -11.23 -3.63 0.31
C LEU A 86 -10.98 -2.89 -1.00
N PHE A 87 -10.21 -3.51 -1.89
CA PHE A 87 -9.86 -2.91 -3.18
C PHE A 87 -11.06 -2.67 -4.10
N ASP A 88 -12.21 -3.21 -3.74
CA ASP A 88 -13.41 -3.04 -4.55
C ASP A 88 -14.29 -1.91 -4.01
N GLY A 89 -13.85 -1.29 -2.92
CA GLY A 89 -14.59 -0.18 -2.35
C GLY A 89 -15.42 -0.56 -1.15
N THR A 90 -15.45 -1.85 -0.82
CA THR A 90 -16.23 -2.33 0.30
C THR A 90 -15.49 -2.12 1.62
N ARG A 91 -16.23 -1.71 2.66
CA ARG A 91 -15.65 -1.48 3.97
C ARG A 91 -15.66 -2.76 4.79
N TRP A 92 -14.97 -2.75 5.92
CA TRP A 92 -14.91 -3.92 6.78
C TRP A 92 -14.82 -3.51 8.25
N GLY A 93 -13.72 -2.86 8.61
CA GLY A 93 -13.53 -2.43 9.98
C GLY A 93 -12.26 -1.65 10.18
N THR A 94 -12.17 -0.93 11.28
CA THR A 94 -10.99 -0.14 11.60
C THR A 94 -9.89 -1.04 12.17
N VAL A 95 -8.71 -0.98 11.57
CA VAL A 95 -7.59 -1.81 12.00
C VAL A 95 -6.59 -1.00 12.82
N ASP A 96 -6.11 -1.60 13.91
CA ASP A 96 -5.14 -0.95 14.78
C ASP A 96 -3.72 -1.28 14.32
N CYS A 97 -2.91 -0.25 14.13
CA CYS A 97 -1.54 -0.43 13.71
C CYS A 97 -0.60 -0.06 14.85
N THR A 98 -1.12 -0.13 16.07
CA THR A 98 -0.34 0.19 17.26
C THR A 98 0.31 -1.08 17.80
N THR A 99 -0.52 -2.05 18.15
CA THR A 99 -0.03 -3.31 18.68
C THR A 99 0.21 -4.30 17.53
N ALA A 100 -0.33 -3.97 16.37
CA ALA A 100 -0.18 -4.80 15.19
C ALA A 100 0.82 -4.19 14.23
N ALA A 101 0.93 -4.77 13.05
CA ALA A 101 1.85 -4.27 12.05
C ALA A 101 1.16 -4.17 10.70
N CYS A 102 1.47 -3.11 9.97
CA CYS A 102 0.86 -2.90 8.66
C CYS A 102 1.90 -3.06 7.56
N GLN A 103 1.43 -3.37 6.37
CA GLN A 103 2.33 -3.54 5.23
C GLN A 103 1.83 -2.72 4.05
N VAL A 104 2.74 -2.43 3.12
CA VAL A 104 2.39 -1.65 1.95
C VAL A 104 1.67 -2.54 0.93
N GLY A 105 0.46 -2.17 0.55
CA GLY A 105 -0.29 -2.94 -0.40
C GLY A 105 -0.28 -2.33 -1.78
N LEU A 106 0.27 -3.06 -2.75
CA LEU A 106 0.34 -2.59 -4.12
C LEU A 106 -0.63 -3.37 -4.99
N SER A 107 -1.85 -2.87 -5.13
CA SER A 107 -2.85 -3.54 -5.92
C SER A 107 -3.35 -2.64 -7.05
N ASP A 108 -3.23 -3.12 -8.29
CA ASP A 108 -3.68 -2.36 -9.45
C ASP A 108 -5.18 -2.49 -9.59
N ALA A 109 -5.72 -2.03 -10.72
CA ALA A 109 -7.15 -2.09 -10.99
C ALA A 109 -7.66 -3.52 -10.94
N ALA A 110 -6.83 -4.47 -11.38
CA ALA A 110 -7.21 -5.87 -11.38
C ALA A 110 -7.04 -6.48 -10.00
N GLY A 111 -6.08 -5.95 -9.26
CA GLY A 111 -5.82 -6.43 -7.91
C GLY A 111 -4.49 -7.14 -7.80
N ASN A 112 -3.66 -7.01 -8.82
CA ASN A 112 -2.35 -7.64 -8.84
C ASN A 112 -1.25 -6.59 -8.72
N GLY A 113 -0.01 -7.03 -8.92
CA GLY A 113 1.11 -6.12 -8.84
C GLY A 113 2.25 -6.68 -8.02
N PRO A 114 3.24 -5.86 -7.67
CA PRO A 114 4.40 -6.28 -6.88
C PRO A 114 3.98 -6.74 -5.49
N GLU A 115 4.83 -7.57 -4.87
CA GLU A 115 4.53 -8.08 -3.54
C GLU A 115 4.68 -6.99 -2.49
N GLY A 116 3.76 -6.97 -1.53
CA GLY A 116 3.79 -5.96 -0.49
C GLY A 116 4.91 -6.19 0.51
N VAL A 117 5.30 -5.12 1.20
CA VAL A 117 6.37 -5.19 2.19
C VAL A 117 5.86 -4.72 3.54
N ALA A 118 6.12 -5.49 4.58
CA ALA A 118 5.69 -5.16 5.93
C ALA A 118 6.67 -4.20 6.59
N ILE A 119 6.12 -3.23 7.32
CA ILE A 119 6.94 -2.25 8.01
C ILE A 119 6.83 -2.44 9.52
N SER A 120 7.73 -1.85 10.26
CA SER A 120 7.72 -1.97 11.72
C SER A 120 8.00 -0.63 12.37
N PHE A 121 7.23 -0.29 13.40
CA PHE A 121 7.42 0.96 14.11
C PHE A 121 8.35 0.79 15.29
N ASN A 122 9.17 1.81 15.54
CA ASN A 122 10.11 1.78 16.64
C ASN A 122 9.41 2.10 17.96
N ALA A 10 7.50 -11.25 -17.78
CA ALA A 10 8.86 -10.67 -17.88
C ALA A 10 9.38 -10.28 -16.49
N ALA A 11 10.61 -9.81 -16.44
CA ALA A 11 11.23 -9.41 -15.19
C ALA A 11 10.73 -8.03 -14.75
N PRO A 12 10.04 -7.96 -13.60
CA PRO A 12 9.53 -6.71 -13.06
C PRO A 12 10.60 -6.00 -12.22
N THR A 13 10.33 -4.77 -11.84
CA THR A 13 11.27 -4.01 -11.04
C THR A 13 10.57 -3.29 -9.89
N ALA A 14 10.66 -3.86 -8.70
CA ALA A 14 10.04 -3.27 -7.52
C ALA A 14 11.08 -2.59 -6.65
N THR A 15 10.91 -1.29 -6.45
CA THR A 15 11.83 -0.52 -5.64
C THR A 15 11.08 0.25 -4.56
N VAL A 16 10.54 -0.47 -3.58
CA VAL A 16 9.79 0.16 -2.51
C VAL A 16 10.61 0.22 -1.23
N THR A 17 10.53 1.35 -0.54
CA THR A 17 11.28 1.54 0.70
C THR A 17 10.35 1.41 1.91
N PRO A 18 10.52 0.35 2.70
CA PRO A 18 9.70 0.12 3.90
C PRO A 18 10.08 1.05 5.04
N SER A 19 9.10 1.43 5.85
CA SER A 19 9.33 2.32 6.98
C SER A 19 9.74 1.53 8.23
N SER A 20 10.48 0.45 8.02
CA SER A 20 10.94 -0.41 9.10
C SER A 20 11.90 0.34 10.01
N GLY A 21 11.50 0.51 11.26
CA GLY A 21 12.33 1.20 12.23
C GLY A 21 11.92 2.65 12.42
N LEU A 22 11.00 3.11 11.59
CA LEU A 22 10.54 4.48 11.65
C LEU A 22 9.21 4.57 12.39
N SER A 23 8.92 5.74 12.94
CA SER A 23 7.69 5.96 13.70
C SER A 23 6.51 6.22 12.75
N ASP A 24 5.35 6.50 13.34
CA ASP A 24 4.16 6.78 12.55
C ASP A 24 4.22 8.18 11.98
N GLY A 25 3.57 8.39 10.84
CA GLY A 25 3.58 9.69 10.21
C GLY A 25 4.69 9.81 9.19
N THR A 26 5.53 8.78 9.14
CA THR A 26 6.64 8.75 8.20
C THR A 26 6.13 8.43 6.79
N VAL A 27 6.65 9.14 5.82
CA VAL A 27 6.26 8.97 4.43
C VAL A 27 6.85 7.68 3.86
N VAL A 28 5.98 6.85 3.29
CA VAL A 28 6.39 5.59 2.68
C VAL A 28 6.69 5.83 1.20
N LYS A 29 7.90 5.47 0.78
CA LYS A 29 8.29 5.65 -0.61
C LYS A 29 8.01 4.40 -1.43
N VAL A 30 7.07 4.52 -2.37
CA VAL A 30 6.70 3.40 -3.22
C VAL A 30 7.08 3.71 -4.67
N ALA A 31 7.88 2.84 -5.27
CA ALA A 31 8.31 3.02 -6.65
C ALA A 31 8.30 1.68 -7.39
N GLY A 32 7.43 1.57 -8.39
CA GLY A 32 7.35 0.35 -9.17
C GLY A 32 7.66 0.60 -10.63
N ALA A 33 8.51 -0.24 -11.21
CA ALA A 33 8.88 -0.09 -12.62
C ALA A 33 8.62 -1.39 -13.38
N GLY A 34 8.29 -1.26 -14.65
CA GLY A 34 8.01 -2.43 -15.45
C GLY A 34 6.56 -2.87 -15.30
N LEU A 35 5.71 -1.90 -14.98
CA LEU A 35 4.29 -2.16 -14.80
C LEU A 35 3.53 -1.95 -16.11
N GLN A 36 2.22 -1.96 -16.05
CA GLN A 36 1.39 -1.76 -17.23
C GLN A 36 1.11 -0.27 -17.41
N ALA A 37 1.76 0.32 -18.39
CA ALA A 37 1.60 1.75 -18.67
C ALA A 37 0.16 2.11 -18.98
N GLY A 38 -0.30 3.23 -18.45
CA GLY A 38 -1.66 3.69 -18.69
C GLY A 38 -2.65 3.10 -17.70
N THR A 39 -2.16 2.38 -16.71
CA THR A 39 -3.02 1.77 -15.70
C THR A 39 -2.83 2.46 -14.35
N ALA A 40 -3.89 2.48 -13.55
CA ALA A 40 -3.84 3.11 -12.24
C ALA A 40 -3.59 2.08 -11.15
N TYR A 41 -2.61 2.35 -10.32
CA TYR A 41 -2.27 1.45 -9.22
C TYR A 41 -2.62 2.10 -7.88
N ASP A 42 -3.47 1.43 -7.12
CA ASP A 42 -3.91 1.92 -5.83
C ASP A 42 -2.98 1.44 -4.74
N VAL A 43 -2.47 2.37 -3.94
CA VAL A 43 -1.55 2.04 -2.87
C VAL A 43 -2.03 2.59 -1.54
N GLY A 44 -2.04 1.73 -0.52
CA GLY A 44 -2.46 2.14 0.80
C GLY A 44 -1.82 1.27 1.86
N GLN A 45 -1.99 1.64 3.13
CA GLN A 45 -1.41 0.85 4.21
C GLN A 45 -2.30 -0.35 4.52
N CYS A 46 -2.38 -1.26 3.57
CA CYS A 46 -3.19 -2.47 3.71
C CYS A 46 -2.62 -3.36 4.79
N ALA A 47 -3.24 -3.32 5.97
CA ALA A 47 -2.79 -4.12 7.09
C ALA A 47 -3.70 -5.32 7.31
N TRP A 48 -3.25 -6.22 8.19
CA TRP A 48 -3.98 -7.43 8.52
C TRP A 48 -5.27 -7.10 9.28
N VAL A 49 -6.40 -7.19 8.59
CA VAL A 49 -7.68 -6.89 9.20
C VAL A 49 -8.41 -8.17 9.60
N ASP A 50 -8.22 -9.22 8.83
CA ASP A 50 -8.87 -10.50 9.10
C ASP A 50 -7.93 -11.64 8.76
N THR A 51 -8.33 -12.87 9.10
CA THR A 51 -7.51 -14.03 8.82
C THR A 51 -7.38 -14.26 7.32
N GLY A 52 -6.27 -13.78 6.76
CA GLY A 52 -6.02 -13.93 5.34
C GLY A 52 -6.61 -12.79 4.54
N VAL A 53 -7.04 -11.74 5.25
CA VAL A 53 -7.63 -10.58 4.59
C VAL A 53 -6.96 -9.29 5.07
N LEU A 54 -6.54 -8.48 4.12
CA LEU A 54 -5.91 -7.21 4.45
C LEU A 54 -6.86 -6.07 4.10
N ALA A 55 -6.56 -4.88 4.58
CA ALA A 55 -7.40 -3.72 4.32
C ALA A 55 -6.57 -2.44 4.30
N CYS A 56 -6.76 -1.64 3.27
CA CYS A 56 -6.01 -0.39 3.12
C CYS A 56 -6.85 0.79 3.60
N ASN A 57 -6.20 1.93 3.81
CA ASN A 57 -6.88 3.13 4.26
C ASN A 57 -7.48 3.90 3.08
N PRO A 58 -8.75 4.31 3.18
CA PRO A 58 -9.44 5.04 2.12
C PRO A 58 -9.34 6.56 2.30
N ALA A 59 -8.60 6.99 3.31
CA ALA A 59 -8.46 8.41 3.59
C ALA A 59 -7.12 8.93 3.08
N ASP A 60 -6.04 8.52 3.72
CA ASP A 60 -4.71 8.97 3.34
C ASP A 60 -4.08 8.04 2.30
N PHE A 61 -4.87 7.68 1.30
CA PHE A 61 -4.38 6.80 0.24
C PHE A 61 -4.07 7.62 -1.00
N SER A 62 -3.37 7.04 -1.95
CA SER A 62 -3.02 7.72 -3.17
C SER A 62 -2.85 6.75 -4.34
N SER A 63 -3.71 6.86 -5.33
CA SER A 63 -3.64 6.01 -6.50
C SER A 63 -2.71 6.63 -7.53
N VAL A 64 -1.65 5.92 -7.86
CA VAL A 64 -0.69 6.43 -8.82
C VAL A 64 -0.81 5.72 -10.17
N THR A 65 -0.83 6.49 -11.23
CA THR A 65 -0.94 5.93 -12.57
C THR A 65 0.44 5.66 -13.16
N ALA A 66 0.53 4.62 -13.95
CA ALA A 66 1.78 4.25 -14.60
C ALA A 66 2.06 5.20 -15.76
N ASP A 67 3.24 5.80 -15.75
CA ASP A 67 3.64 6.74 -16.79
C ASP A 67 3.98 6.02 -18.09
N ALA A 68 4.39 6.80 -19.09
CA ALA A 68 4.74 6.27 -20.40
C ALA A 68 6.03 5.45 -20.34
N ASN A 69 6.72 5.49 -19.21
CA ASN A 69 7.95 4.75 -19.03
C ASN A 69 7.63 3.40 -18.39
N GLY A 70 6.35 3.21 -18.07
CA GLY A 70 5.90 1.97 -17.45
C GLY A 70 6.26 1.91 -15.98
N SER A 71 6.30 3.05 -15.33
CA SER A 71 6.64 3.10 -13.92
C SER A 71 5.65 3.97 -13.14
N ALA A 72 5.70 3.87 -11.82
CA ALA A 72 4.82 4.64 -10.96
C ALA A 72 5.41 4.78 -9.55
N SER A 73 5.47 6.00 -9.06
CA SER A 73 6.00 6.27 -7.73
C SER A 73 5.01 7.12 -6.95
N THR A 74 4.90 6.87 -5.66
CA THR A 74 3.99 7.62 -4.81
C THR A 74 4.48 7.60 -3.36
N SER A 75 3.89 8.45 -2.54
CA SER A 75 4.24 8.55 -1.13
C SER A 75 2.98 8.48 -0.27
N LEU A 76 2.95 7.53 0.66
CA LEU A 76 1.79 7.33 1.53
C LEU A 76 2.07 7.78 2.95
N THR A 77 1.04 8.27 3.61
CA THR A 77 1.14 8.71 5.00
C THR A 77 0.57 7.62 5.90
N VAL A 78 1.46 6.91 6.59
CA VAL A 78 1.05 5.81 7.47
C VAL A 78 0.48 6.33 8.79
N ARG A 79 -0.74 5.91 9.08
CA ARG A 79 -1.43 6.27 10.30
C ARG A 79 -1.37 5.10 11.28
N ARG A 80 -1.50 5.40 12.58
CA ARG A 80 -1.46 4.35 13.59
C ARG A 80 -2.83 3.66 13.67
N SER A 81 -3.88 4.42 13.37
CA SER A 81 -5.24 3.89 13.39
C SER A 81 -5.96 4.37 12.14
N PHE A 82 -6.43 3.44 11.31
CA PHE A 82 -7.10 3.80 10.08
C PHE A 82 -8.29 2.91 9.78
N GLU A 83 -9.10 3.32 8.81
CA GLU A 83 -10.26 2.55 8.39
C GLU A 83 -9.84 1.53 7.34
N GLY A 84 -10.23 0.28 7.53
CA GLY A 84 -9.87 -0.76 6.58
C GLY A 84 -10.86 -0.87 5.44
N PHE A 85 -10.34 -0.90 4.21
CA PHE A 85 -11.18 -1.00 3.03
C PHE A 85 -10.65 -2.07 2.10
N LEU A 86 -11.55 -2.83 1.51
CA LEU A 86 -11.18 -3.89 0.58
C LEU A 86 -10.99 -3.30 -0.81
N PHE A 87 -10.41 -4.07 -1.71
CA PHE A 87 -10.16 -3.59 -3.07
C PHE A 87 -11.44 -3.60 -3.91
N ASP A 88 -12.48 -4.27 -3.41
CA ASP A 88 -13.75 -4.32 -4.13
C ASP A 88 -14.56 -3.05 -3.91
N GLY A 89 -14.30 -2.37 -2.80
CA GLY A 89 -15.00 -1.13 -2.50
C GLY A 89 -15.73 -1.17 -1.17
N THR A 90 -15.76 -2.34 -0.56
CA THR A 90 -16.42 -2.51 0.73
C THR A 90 -15.42 -2.37 1.88
N ARG A 91 -15.91 -1.95 3.04
CA ARG A 91 -15.04 -1.79 4.20
C ARG A 91 -15.08 -3.06 5.05
N TRP A 92 -14.09 -3.24 5.91
CA TRP A 92 -14.04 -4.42 6.76
C TRP A 92 -13.90 -4.03 8.24
N GLY A 93 -13.94 -2.74 8.53
CA GLY A 93 -13.82 -2.29 9.89
C GLY A 93 -12.57 -1.46 10.12
N THR A 94 -12.43 -0.93 11.31
CA THR A 94 -11.28 -0.13 11.66
C THR A 94 -10.06 -1.00 11.98
N VAL A 95 -8.91 -0.63 11.42
CA VAL A 95 -7.68 -1.36 11.66
C VAL A 95 -6.73 -0.50 12.47
N ASP A 96 -6.46 -0.93 13.69
CA ASP A 96 -5.58 -0.19 14.57
C ASP A 96 -4.20 -0.85 14.64
N CYS A 97 -3.19 -0.13 14.18
CA CYS A 97 -1.83 -0.63 14.17
C CYS A 97 -1.04 -0.11 15.36
N THR A 98 -1.74 0.28 16.42
CA THR A 98 -1.07 0.77 17.62
C THR A 98 -0.35 -0.38 18.31
N THR A 99 -1.00 -1.53 18.35
CA THR A 99 -0.42 -2.71 18.96
C THR A 99 -0.35 -3.85 17.94
N ALA A 100 -0.79 -3.57 16.72
CA ALA A 100 -0.78 -4.57 15.65
C ALA A 100 0.26 -4.24 14.61
N ALA A 101 0.80 -5.26 13.97
CA ALA A 101 1.82 -5.08 12.95
C ALA A 101 1.21 -4.56 11.65
N CYS A 102 1.46 -3.30 11.37
CA CYS A 102 0.96 -2.66 10.16
C CYS A 102 1.80 -3.06 8.96
N GLN A 103 1.20 -2.99 7.77
CA GLN A 103 1.90 -3.34 6.54
C GLN A 103 1.39 -2.46 5.41
N VAL A 104 2.06 -2.50 4.27
CA VAL A 104 1.65 -1.68 3.13
C VAL A 104 1.36 -2.54 1.91
N GLY A 105 0.37 -2.13 1.12
CA GLY A 105 0.01 -2.89 -0.06
C GLY A 105 -0.13 -1.99 -1.27
N LEU A 106 0.29 -2.50 -2.42
CA LEU A 106 0.22 -1.76 -3.68
C LEU A 106 -0.18 -2.70 -4.81
N SER A 107 -1.30 -2.39 -5.46
CA SER A 107 -1.78 -3.20 -6.57
C SER A 107 -2.73 -2.39 -7.46
N ASP A 108 -2.98 -2.88 -8.67
CA ASP A 108 -3.86 -2.18 -9.60
C ASP A 108 -5.33 -2.47 -9.27
N ALA A 109 -6.23 -2.07 -10.16
CA ALA A 109 -7.66 -2.27 -9.97
C ALA A 109 -8.01 -3.76 -9.88
N ALA A 110 -7.23 -4.60 -10.55
CA ALA A 110 -7.46 -6.05 -10.53
C ALA A 110 -6.81 -6.69 -9.31
N GLY A 111 -6.05 -5.89 -8.57
CA GLY A 111 -5.38 -6.39 -7.39
C GLY A 111 -4.13 -7.17 -7.71
N ASN A 112 -3.43 -6.76 -8.76
CA ASN A 112 -2.20 -7.41 -9.17
C ASN A 112 -1.03 -6.44 -9.11
N GLY A 113 0.18 -6.97 -9.23
CA GLY A 113 1.36 -6.16 -9.16
C GLY A 113 2.36 -6.73 -8.18
N PRO A 114 3.22 -5.89 -7.57
CA PRO A 114 4.21 -6.35 -6.59
C PRO A 114 3.53 -6.84 -5.31
N GLU A 115 4.28 -7.53 -4.47
CA GLU A 115 3.74 -8.05 -3.22
C GLU A 115 3.73 -6.97 -2.14
N GLY A 116 3.04 -7.26 -1.05
CA GLY A 116 2.96 -6.33 0.05
C GLY A 116 4.22 -6.35 0.89
N VAL A 117 4.53 -5.24 1.52
CA VAL A 117 5.72 -5.13 2.35
C VAL A 117 5.35 -4.98 3.81
N ALA A 118 5.98 -5.77 4.67
CA ALA A 118 5.72 -5.72 6.09
C ALA A 118 6.60 -4.66 6.74
N ILE A 119 5.97 -3.69 7.39
CA ILE A 119 6.70 -2.62 8.03
C ILE A 119 6.61 -2.75 9.55
N SER A 120 7.46 -2.04 10.27
CA SER A 120 7.45 -2.09 11.71
C SER A 120 7.97 -0.78 12.28
N PHE A 121 7.28 -0.28 13.28
CA PHE A 121 7.68 0.97 13.92
C PHE A 121 8.71 0.69 15.00
N ASN A 122 9.31 1.74 15.53
CA ASN A 122 10.33 1.59 16.57
C ASN A 122 9.67 1.61 17.94
N ALA A 10 9.08 -11.69 -18.32
CA ALA A 10 9.82 -10.46 -17.97
C ALA A 10 9.96 -10.33 -16.46
N ALA A 11 10.90 -9.50 -16.02
CA ALA A 11 11.14 -9.30 -14.60
C ALA A 11 10.89 -7.86 -14.20
N PRO A 12 9.81 -7.60 -13.45
CA PRO A 12 9.46 -6.26 -12.98
C PRO A 12 10.41 -5.79 -11.88
N THR A 13 10.65 -4.49 -11.82
CA THR A 13 11.54 -3.93 -10.82
C THR A 13 10.75 -3.11 -9.78
N ALA A 14 10.48 -3.73 -8.65
CA ALA A 14 9.74 -3.07 -7.58
C ALA A 14 10.69 -2.51 -6.53
N THR A 15 10.75 -1.19 -6.44
CA THR A 15 11.62 -0.53 -5.49
C THR A 15 10.79 0.24 -4.46
N VAL A 16 10.58 -0.37 -3.31
CA VAL A 16 9.81 0.26 -2.24
C VAL A 16 10.66 0.50 -1.01
N THR A 17 10.37 1.58 -0.31
CA THR A 17 11.09 1.94 0.90
C THR A 17 10.19 1.74 2.12
N PRO A 18 10.24 0.56 2.76
CA PRO A 18 9.40 0.23 3.91
C PRO A 18 9.89 0.88 5.20
N SER A 19 8.95 1.38 5.98
CA SER A 19 9.24 2.04 7.25
C SER A 19 9.59 1.01 8.33
N SER A 20 10.87 0.66 8.40
CA SER A 20 11.33 -0.30 9.39
C SER A 20 12.07 0.43 10.51
N GLY A 21 11.36 0.67 11.60
CA GLY A 21 11.94 1.38 12.73
C GLY A 21 11.57 2.84 12.70
N LEU A 22 10.45 3.13 12.05
CA LEU A 22 9.96 4.49 11.95
C LEU A 22 8.54 4.60 12.49
N SER A 23 8.29 5.63 13.28
CA SER A 23 6.99 5.85 13.88
C SER A 23 5.95 6.24 12.82
N ASP A 24 4.70 6.39 13.23
CA ASP A 24 3.64 6.76 12.30
C ASP A 24 3.80 8.21 11.89
N GLY A 25 3.22 8.58 10.75
CA GLY A 25 3.33 9.93 10.24
C GLY A 25 4.41 10.01 9.18
N THR A 26 5.24 8.98 9.13
CA THR A 26 6.33 8.91 8.17
C THR A 26 5.79 8.59 6.76
N VAL A 27 6.49 9.08 5.75
CA VAL A 27 6.09 8.86 4.37
C VAL A 27 6.78 7.65 3.78
N VAL A 28 5.97 6.71 3.31
CA VAL A 28 6.48 5.49 2.69
C VAL A 28 6.64 5.73 1.19
N LYS A 29 7.82 5.44 0.67
CA LYS A 29 8.08 5.65 -0.75
C LYS A 29 7.84 4.37 -1.54
N VAL A 30 6.92 4.44 -2.48
CA VAL A 30 6.58 3.31 -3.32
C VAL A 30 6.88 3.63 -4.78
N ALA A 31 7.82 2.90 -5.36
CA ALA A 31 8.19 3.12 -6.75
C ALA A 31 8.24 1.81 -7.53
N GLY A 32 7.28 1.63 -8.41
CA GLY A 32 7.24 0.42 -9.22
C GLY A 32 7.64 0.70 -10.65
N ALA A 33 8.64 -0.02 -11.13
CA ALA A 33 9.11 0.13 -12.49
C ALA A 33 8.94 -1.16 -13.27
N GLY A 34 8.45 -1.07 -14.49
CA GLY A 34 8.23 -2.25 -15.30
C GLY A 34 6.83 -2.79 -15.11
N LEU A 35 5.90 -1.88 -14.85
CA LEU A 35 4.50 -2.24 -14.63
C LEU A 35 3.70 -2.06 -15.91
N GLN A 36 2.38 -2.04 -15.78
CA GLN A 36 1.50 -1.88 -16.93
C GLN A 36 1.27 -0.41 -17.24
N ALA A 37 1.92 0.07 -18.28
CA ALA A 37 1.79 1.46 -18.69
C ALA A 37 0.40 1.71 -19.27
N GLY A 38 -0.47 2.32 -18.47
CA GLY A 38 -1.82 2.60 -18.93
C GLY A 38 -2.83 2.38 -17.82
N THR A 39 -2.50 1.52 -16.87
CA THR A 39 -3.38 1.22 -15.76
C THR A 39 -2.92 1.94 -14.50
N ALA A 40 -3.79 2.05 -13.51
CA ALA A 40 -3.44 2.72 -12.27
C ALA A 40 -3.31 1.71 -11.14
N TYR A 41 -2.55 2.07 -10.11
CA TYR A 41 -2.34 1.20 -8.97
C TYR A 41 -2.74 1.92 -7.69
N ASP A 42 -3.58 1.27 -6.90
CA ASP A 42 -4.04 1.85 -5.64
C ASP A 42 -3.09 1.44 -4.52
N VAL A 43 -2.60 2.42 -3.77
CA VAL A 43 -1.66 2.14 -2.70
C VAL A 43 -2.15 2.67 -1.36
N GLY A 44 -1.90 1.90 -0.32
CA GLY A 44 -2.27 2.29 1.03
C GLY A 44 -1.59 1.39 2.04
N GLN A 45 -1.73 1.67 3.32
CA GLN A 45 -1.13 0.82 4.34
C GLN A 45 -2.04 -0.38 4.59
N CYS A 46 -2.29 -1.12 3.52
CA CYS A 46 -3.13 -2.30 3.56
C CYS A 46 -2.55 -3.38 4.46
N ALA A 47 -3.16 -3.57 5.61
CA ALA A 47 -2.71 -4.56 6.56
C ALA A 47 -3.71 -5.70 6.70
N TRP A 48 -3.25 -6.79 7.29
CA TRP A 48 -4.07 -7.97 7.51
C TRP A 48 -5.21 -7.65 8.48
N VAL A 49 -6.43 -7.56 7.95
CA VAL A 49 -7.59 -7.24 8.77
C VAL A 49 -8.40 -8.50 9.10
N ASP A 50 -8.34 -9.49 8.22
CA ASP A 50 -9.07 -10.73 8.44
C ASP A 50 -8.26 -11.91 7.92
N THR A 51 -8.85 -13.10 7.96
CA THR A 51 -8.17 -14.30 7.52
C THR A 51 -8.00 -14.32 6.00
N GLY A 52 -6.89 -13.77 5.55
CA GLY A 52 -6.60 -13.73 4.12
C GLY A 52 -7.08 -12.43 3.49
N VAL A 53 -7.82 -11.66 4.26
CA VAL A 53 -8.34 -10.39 3.78
C VAL A 53 -7.55 -9.23 4.37
N LEU A 54 -7.12 -8.33 3.51
CA LEU A 54 -6.37 -7.16 3.94
C LEU A 54 -7.23 -5.93 3.75
N ALA A 55 -6.80 -4.79 4.29
CA ALA A 55 -7.56 -3.57 4.18
C ALA A 55 -6.67 -2.35 4.13
N CYS A 56 -6.93 -1.46 3.18
CA CYS A 56 -6.15 -0.23 3.02
C CYS A 56 -6.85 0.93 3.73
N ASN A 57 -6.14 2.04 3.88
CA ASN A 57 -6.68 3.21 4.56
C ASN A 57 -7.18 4.24 3.55
N PRO A 58 -8.50 4.51 3.54
CA PRO A 58 -9.10 5.47 2.62
C PRO A 58 -8.87 6.93 3.05
N ALA A 59 -8.57 7.11 4.34
CA ALA A 59 -8.34 8.43 4.89
C ALA A 59 -7.00 8.99 4.41
N ASP A 60 -6.08 8.10 4.07
CA ASP A 60 -4.75 8.51 3.62
C ASP A 60 -4.20 7.55 2.57
N PHE A 61 -4.86 7.49 1.41
CA PHE A 61 -4.42 6.60 0.35
C PHE A 61 -4.01 7.42 -0.88
N SER A 62 -3.36 6.76 -1.83
CA SER A 62 -2.93 7.43 -3.04
C SER A 62 -2.91 6.46 -4.22
N SER A 63 -3.74 6.74 -5.21
CA SER A 63 -3.80 5.90 -6.40
C SER A 63 -2.90 6.51 -7.48
N VAL A 64 -1.77 5.88 -7.74
CA VAL A 64 -0.83 6.37 -8.72
C VAL A 64 -1.01 5.66 -10.07
N THR A 65 -0.96 6.43 -11.14
CA THR A 65 -1.11 5.88 -12.48
C THR A 65 0.26 5.63 -13.11
N ALA A 66 0.41 4.54 -13.83
CA ALA A 66 1.67 4.22 -14.48
C ALA A 66 1.86 5.10 -15.70
N ASP A 67 3.04 5.69 -15.81
CA ASP A 67 3.35 6.58 -16.94
C ASP A 67 3.63 5.77 -18.20
N ALA A 68 3.90 6.48 -19.29
CA ALA A 68 4.18 5.84 -20.58
C ALA A 68 5.52 5.11 -20.57
N ASN A 69 6.21 5.15 -19.44
CA ASN A 69 7.50 4.48 -19.31
C ASN A 69 7.30 3.19 -18.53
N GLY A 70 6.09 2.99 -18.01
CA GLY A 70 5.79 1.79 -17.26
C GLY A 70 6.26 1.90 -15.82
N SER A 71 6.27 3.11 -15.30
CA SER A 71 6.71 3.35 -13.94
C SER A 71 5.67 4.13 -13.14
N ALA A 72 5.55 3.80 -11.86
CA ALA A 72 4.61 4.47 -10.97
C ALA A 72 5.27 4.76 -9.63
N SER A 73 5.49 6.03 -9.36
CA SER A 73 6.11 6.45 -8.11
C SER A 73 5.10 7.23 -7.28
N THR A 74 4.99 6.89 -5.99
CA THR A 74 4.06 7.56 -5.11
C THR A 74 4.57 7.57 -3.66
N SER A 75 3.91 8.37 -2.83
CA SER A 75 4.26 8.50 -1.43
C SER A 75 3.02 8.31 -0.55
N LEU A 76 3.11 7.38 0.40
CA LEU A 76 1.99 7.09 1.29
C LEU A 76 2.31 7.45 2.74
N THR A 77 1.40 8.14 3.39
CA THR A 77 1.58 8.52 4.78
C THR A 77 1.03 7.44 5.70
N VAL A 78 1.91 6.76 6.43
CA VAL A 78 1.49 5.70 7.32
C VAL A 78 0.95 6.25 8.65
N ARG A 79 -0.20 5.73 9.06
CA ARG A 79 -0.82 6.15 10.32
C ARG A 79 -0.82 4.97 11.29
N ARG A 80 -1.10 5.24 12.55
CA ARG A 80 -1.13 4.19 13.56
C ARG A 80 -2.47 3.47 13.55
N SER A 81 -3.52 4.22 13.28
CA SER A 81 -4.86 3.66 13.21
C SER A 81 -5.57 4.17 11.97
N PHE A 82 -6.31 3.31 11.29
CA PHE A 82 -7.00 3.68 10.06
C PHE A 82 -8.20 2.77 9.79
N GLU A 83 -9.08 3.20 8.92
CA GLU A 83 -10.24 2.40 8.56
C GLU A 83 -9.82 1.36 7.53
N GLY A 84 -10.41 0.18 7.61
CA GLY A 84 -10.07 -0.87 6.68
C GLY A 84 -11.00 -0.89 5.48
N PHE A 85 -10.44 -0.76 4.29
CA PHE A 85 -11.24 -0.75 3.07
C PHE A 85 -10.70 -1.73 2.05
N LEU A 86 -11.61 -2.41 1.37
CA LEU A 86 -11.23 -3.37 0.35
C LEU A 86 -11.01 -2.63 -0.97
N PHE A 87 -10.47 -3.32 -1.96
CA PHE A 87 -10.19 -2.72 -3.26
C PHE A 87 -11.48 -2.43 -4.03
N ASP A 88 -12.57 -3.04 -3.59
CA ASP A 88 -13.87 -2.84 -4.23
C ASP A 88 -14.60 -1.65 -3.61
N GLY A 89 -14.12 -1.21 -2.45
CA GLY A 89 -14.73 -0.08 -1.79
C GLY A 89 -15.44 -0.47 -0.51
N THR A 90 -15.68 -1.76 -0.32
CA THR A 90 -16.35 -2.22 0.88
C THR A 90 -15.43 -2.11 2.09
N ARG A 91 -16.01 -1.80 3.24
CA ARG A 91 -15.24 -1.64 4.46
C ARG A 91 -15.29 -2.92 5.29
N TRP A 92 -14.22 -3.16 6.03
CA TRP A 92 -14.14 -4.35 6.88
C TRP A 92 -13.98 -3.93 8.33
N GLY A 93 -14.22 -2.66 8.60
CA GLY A 93 -14.11 -2.14 9.93
C GLY A 93 -12.93 -1.21 10.08
N THR A 94 -12.31 -1.22 11.25
CA THR A 94 -11.15 -0.38 11.50
C THR A 94 -9.92 -1.23 11.80
N VAL A 95 -8.77 -0.79 11.32
CA VAL A 95 -7.52 -1.51 11.53
C VAL A 95 -6.61 -0.68 12.43
N ASP A 96 -6.12 -1.28 13.51
CA ASP A 96 -5.25 -0.58 14.43
C ASP A 96 -3.86 -1.20 14.44
N CYS A 97 -2.85 -0.36 14.34
CA CYS A 97 -1.46 -0.82 14.34
C CYS A 97 -0.68 -0.20 15.51
N THR A 98 -1.35 -0.01 16.64
CA THR A 98 -0.69 0.53 17.82
C THR A 98 0.23 -0.53 18.43
N THR A 99 -0.29 -1.73 18.55
CA THR A 99 0.49 -2.84 19.09
C THR A 99 0.68 -3.90 18.00
N ALA A 100 -0.14 -3.79 16.95
CA ALA A 100 -0.07 -4.71 15.84
C ALA A 100 0.90 -4.23 14.77
N ALA A 101 1.53 -5.15 14.07
CA ALA A 101 2.48 -4.81 13.04
C ALA A 101 1.76 -4.41 11.76
N CYS A 102 2.01 -3.19 11.32
CA CYS A 102 1.38 -2.67 10.11
C CYS A 102 2.19 -3.07 8.88
N GLN A 103 1.62 -2.83 7.70
CA GLN A 103 2.28 -3.16 6.45
C GLN A 103 1.76 -2.28 5.32
N VAL A 104 2.49 -2.24 4.22
CA VAL A 104 2.10 -1.42 3.07
C VAL A 104 2.03 -2.29 1.82
N GLY A 105 0.99 -2.08 1.02
CA GLY A 105 0.85 -2.85 -0.20
C GLY A 105 0.18 -2.05 -1.30
N LEU A 106 0.38 -2.49 -2.54
CA LEU A 106 -0.22 -1.82 -3.68
C LEU A 106 -0.59 -2.84 -4.74
N SER A 107 -1.64 -2.54 -5.49
CA SER A 107 -2.09 -3.43 -6.55
C SER A 107 -2.89 -2.64 -7.58
N ASP A 108 -3.09 -3.24 -8.74
CA ASP A 108 -3.85 -2.61 -9.82
C ASP A 108 -5.35 -2.77 -9.59
N ALA A 109 -6.15 -2.38 -10.57
CA ALA A 109 -7.59 -2.47 -10.48
C ALA A 109 -8.06 -3.91 -10.27
N ALA A 110 -7.29 -4.87 -10.76
CA ALA A 110 -7.64 -6.28 -10.60
C ALA A 110 -7.26 -6.76 -9.21
N GLY A 111 -6.15 -6.25 -8.71
CA GLY A 111 -5.70 -6.65 -7.39
C GLY A 111 -4.41 -7.43 -7.42
N ASN A 112 -3.61 -7.20 -8.46
CA ASN A 112 -2.34 -7.89 -8.60
C ASN A 112 -1.21 -6.91 -8.83
N GLY A 113 0.00 -7.41 -8.89
CA GLY A 113 1.16 -6.56 -9.10
C GLY A 113 2.32 -6.99 -8.24
N PRO A 114 2.87 -6.09 -7.42
CA PRO A 114 3.98 -6.41 -6.53
C PRO A 114 3.48 -7.01 -5.21
N GLU A 115 4.41 -7.48 -4.40
CA GLU A 115 4.06 -8.09 -3.12
C GLU A 115 4.04 -7.05 -2.01
N GLY A 116 3.18 -7.28 -1.01
CA GLY A 116 3.07 -6.36 0.11
C GLY A 116 4.22 -6.51 1.09
N VAL A 117 4.69 -5.40 1.64
CA VAL A 117 5.80 -5.44 2.58
C VAL A 117 5.36 -4.93 3.95
N ALA A 118 5.78 -5.64 4.99
CA ALA A 118 5.44 -5.26 6.36
C ALA A 118 6.40 -4.19 6.88
N ILE A 119 5.94 -3.43 7.86
CA ILE A 119 6.75 -2.36 8.43
C ILE A 119 6.73 -2.45 9.96
N SER A 120 7.53 -1.63 10.62
CA SER A 120 7.61 -1.62 12.07
C SER A 120 7.85 -0.21 12.58
N PHE A 121 7.18 0.15 13.66
CA PHE A 121 7.32 1.47 14.25
C PHE A 121 8.47 1.48 15.24
N ASN A 122 8.99 2.67 15.53
CA ASN A 122 10.10 2.83 16.46
C ASN A 122 9.65 2.57 17.89
N ALA A 10 8.95 -11.28 -18.63
CA ALA A 10 9.63 -9.99 -18.40
C ALA A 10 9.87 -9.77 -16.91
N ALA A 11 11.04 -9.27 -16.57
CA ALA A 11 11.38 -9.02 -15.18
C ALA A 11 11.31 -7.54 -14.86
N PRO A 12 10.31 -7.13 -14.04
CA PRO A 12 10.13 -5.74 -13.64
C PRO A 12 11.01 -5.36 -12.45
N THR A 13 10.88 -4.14 -11.99
CA THR A 13 11.66 -3.66 -10.86
C THR A 13 10.76 -3.01 -9.82
N ALA A 14 10.63 -3.64 -8.67
CA ALA A 14 9.80 -3.13 -7.60
C ALA A 14 10.63 -2.44 -6.53
N THR A 15 10.96 -1.18 -6.77
CA THR A 15 11.74 -0.40 -5.82
C THR A 15 10.83 0.20 -4.76
N VAL A 16 11.01 -0.20 -3.51
CA VAL A 16 10.19 0.32 -2.42
C VAL A 16 11.03 0.70 -1.21
N THR A 17 10.66 1.79 -0.56
CA THR A 17 11.36 2.25 0.62
C THR A 17 10.51 2.02 1.86
N PRO A 18 10.79 0.93 2.60
CA PRO A 18 10.04 0.59 3.80
C PRO A 18 10.42 1.44 5.01
N SER A 19 9.41 1.83 5.77
CA SER A 19 9.61 2.65 6.96
C SER A 19 9.90 1.78 8.19
N SER A 20 10.58 0.67 7.95
CA SER A 20 10.95 -0.26 9.01
C SER A 20 11.91 0.38 10.00
N GLY A 21 11.42 0.66 11.19
CA GLY A 21 12.25 1.27 12.21
C GLY A 21 11.90 2.73 12.41
N LEU A 22 10.98 3.24 11.61
CA LEU A 22 10.57 4.63 11.71
C LEU A 22 9.28 4.73 12.51
N SER A 23 8.94 5.92 12.93
CA SER A 23 7.73 6.13 13.73
C SER A 23 6.50 6.29 12.85
N ASP A 24 5.33 6.44 13.47
CA ASP A 24 4.09 6.62 12.72
C ASP A 24 4.02 8.03 12.15
N GLY A 25 3.34 8.18 11.02
CA GLY A 25 3.22 9.47 10.38
C GLY A 25 4.27 9.66 9.30
N THR A 26 5.23 8.74 9.27
CA THR A 26 6.30 8.78 8.30
C THR A 26 5.77 8.40 6.91
N VAL A 27 6.45 8.87 5.87
CA VAL A 27 6.05 8.60 4.50
C VAL A 27 6.73 7.35 3.94
N VAL A 28 5.95 6.54 3.23
CA VAL A 28 6.44 5.34 2.60
C VAL A 28 6.55 5.57 1.10
N LYS A 29 7.73 5.34 0.53
CA LYS A 29 7.93 5.56 -0.89
C LYS A 29 7.80 4.26 -1.68
N VAL A 30 7.01 4.33 -2.75
CA VAL A 30 6.80 3.19 -3.63
C VAL A 30 7.11 3.58 -5.07
N ALA A 31 8.16 2.99 -5.63
CA ALA A 31 8.55 3.29 -7.00
C ALA A 31 8.53 2.03 -7.87
N GLY A 32 7.39 1.78 -8.50
CA GLY A 32 7.28 0.61 -9.34
C GLY A 32 7.74 0.90 -10.77
N ALA A 33 8.69 0.11 -11.24
CA ALA A 33 9.21 0.29 -12.60
C ALA A 33 9.00 -0.99 -13.42
N GLY A 34 8.57 -0.83 -14.66
CA GLY A 34 8.33 -1.97 -15.51
C GLY A 34 6.93 -2.50 -15.31
N LEU A 35 6.02 -1.59 -14.98
CA LEU A 35 4.63 -1.94 -14.75
C LEU A 35 3.83 -1.84 -16.04
N GLN A 36 2.50 -1.86 -15.92
CA GLN A 36 1.64 -1.77 -17.08
C GLN A 36 1.21 -0.32 -17.30
N ALA A 37 1.78 0.30 -18.32
CA ALA A 37 1.48 1.70 -18.64
C ALA A 37 -0.01 1.92 -18.90
N GLY A 38 -0.53 3.02 -18.37
CA GLY A 38 -1.94 3.33 -18.56
C GLY A 38 -2.83 2.75 -17.49
N THR A 39 -2.25 1.99 -16.59
CA THR A 39 -3.01 1.37 -15.51
C THR A 39 -2.75 2.07 -14.18
N ALA A 40 -3.79 2.19 -13.37
CA ALA A 40 -3.69 2.82 -12.07
C ALA A 40 -3.34 1.78 -11.01
N TYR A 41 -2.56 2.18 -10.04
CA TYR A 41 -2.15 1.28 -8.98
C TYR A 41 -2.63 1.79 -7.63
N ASP A 42 -3.31 0.91 -6.92
CA ASP A 42 -3.83 1.23 -5.61
C ASP A 42 -2.79 0.93 -4.55
N VAL A 43 -2.21 1.98 -3.98
CA VAL A 43 -1.19 1.82 -2.97
C VAL A 43 -1.60 2.54 -1.68
N GLY A 44 -1.74 1.78 -0.61
CA GLY A 44 -2.10 2.35 0.66
C GLY A 44 -1.59 1.51 1.82
N GLN A 45 -1.73 2.01 3.04
CA GLN A 45 -1.30 1.28 4.21
C GLN A 45 -2.42 0.34 4.66
N CYS A 46 -2.10 -0.93 4.83
CA CYS A 46 -3.11 -1.90 5.21
C CYS A 46 -2.67 -2.74 6.40
N ALA A 47 -3.64 -3.33 7.07
CA ALA A 47 -3.39 -4.18 8.21
C ALA A 47 -4.34 -5.35 8.20
N TRP A 48 -4.16 -6.29 9.13
CA TRP A 48 -5.02 -7.44 9.23
C TRP A 48 -6.38 -7.04 9.80
N VAL A 49 -7.37 -6.96 8.94
CA VAL A 49 -8.71 -6.58 9.36
C VAL A 49 -9.50 -7.81 9.80
N ASP A 50 -9.04 -8.97 9.39
CA ASP A 50 -9.70 -10.23 9.74
C ASP A 50 -8.74 -11.40 9.55
N THR A 51 -9.25 -12.60 9.79
CA THR A 51 -8.46 -13.81 9.64
C THR A 51 -8.10 -14.05 8.18
N GLY A 52 -6.87 -13.70 7.82
CA GLY A 52 -6.43 -13.88 6.45
C GLY A 52 -6.96 -12.81 5.52
N VAL A 53 -7.54 -11.76 6.11
CA VAL A 53 -8.10 -10.68 5.33
C VAL A 53 -7.42 -9.36 5.67
N LEU A 54 -6.97 -8.65 4.64
CA LEU A 54 -6.30 -7.37 4.82
C LEU A 54 -7.18 -6.24 4.32
N ALA A 55 -6.91 -5.03 4.79
CA ALA A 55 -7.68 -3.87 4.37
C ALA A 55 -6.90 -2.57 4.63
N CYS A 56 -7.06 -1.60 3.74
CA CYS A 56 -6.37 -0.32 3.85
C CYS A 56 -7.35 0.83 3.99
N ASN A 57 -6.85 2.02 4.27
CA ASN A 57 -7.70 3.20 4.42
C ASN A 57 -7.61 4.09 3.18
N PRO A 58 -8.74 4.28 2.49
CA PRO A 58 -8.81 5.11 1.29
C PRO A 58 -8.63 6.59 1.58
N ALA A 59 -8.67 6.95 2.86
CA ALA A 59 -8.51 8.34 3.27
C ALA A 59 -7.08 8.82 3.07
N ASP A 60 -6.12 7.92 3.29
CA ASP A 60 -4.70 8.27 3.15
C ASP A 60 -4.05 7.52 2.00
N PHE A 61 -4.85 7.04 1.07
CA PHE A 61 -4.33 6.30 -0.08
C PHE A 61 -4.14 7.26 -1.27
N SER A 62 -3.27 6.88 -2.18
CA SER A 62 -3.01 7.70 -3.37
C SER A 62 -3.10 6.86 -4.63
N SER A 63 -3.90 7.32 -5.58
CA SER A 63 -4.09 6.62 -6.84
C SER A 63 -3.04 7.06 -7.86
N VAL A 64 -1.96 6.31 -7.93
CA VAL A 64 -0.88 6.60 -8.87
C VAL A 64 -1.06 5.77 -10.14
N THR A 65 -0.77 6.35 -11.29
CA THR A 65 -0.91 5.64 -12.54
C THR A 65 0.46 5.48 -13.20
N ALA A 66 0.63 4.39 -13.94
CA ALA A 66 1.89 4.13 -14.61
C ALA A 66 2.04 5.04 -15.82
N ASP A 67 3.16 5.74 -15.88
CA ASP A 67 3.43 6.66 -16.97
C ASP A 67 3.81 5.93 -18.25
N ALA A 68 4.18 6.70 -19.27
CA ALA A 68 4.57 6.13 -20.57
C ALA A 68 5.82 5.27 -20.46
N ASN A 69 6.58 5.46 -19.38
CA ASN A 69 7.81 4.69 -19.17
C ASN A 69 7.50 3.41 -18.41
N GLY A 70 6.23 3.23 -18.07
CA GLY A 70 5.83 2.05 -17.33
C GLY A 70 6.26 2.13 -15.88
N SER A 71 6.29 3.34 -15.36
CA SER A 71 6.70 3.54 -13.98
C SER A 71 5.59 4.23 -13.17
N ALA A 72 5.54 3.91 -11.89
CA ALA A 72 4.55 4.50 -10.99
C ALA A 72 5.15 4.72 -9.61
N SER A 73 5.60 5.93 -9.36
CA SER A 73 6.19 6.28 -8.08
C SER A 73 5.23 7.15 -7.28
N THR A 74 5.05 6.80 -6.02
CA THR A 74 4.16 7.55 -5.16
C THR A 74 4.61 7.47 -3.69
N SER A 75 4.10 8.36 -2.87
CA SER A 75 4.44 8.40 -1.45
C SER A 75 3.17 8.33 -0.60
N LEU A 76 3.16 7.40 0.36
CA LEU A 76 1.99 7.21 1.23
C LEU A 76 2.33 7.55 2.67
N THR A 77 1.32 7.92 3.45
CA THR A 77 1.53 8.26 4.84
C THR A 77 0.92 7.17 5.74
N VAL A 78 1.75 6.56 6.57
CA VAL A 78 1.28 5.50 7.45
C VAL A 78 0.81 6.03 8.81
N ARG A 79 -0.44 5.75 9.13
CA ARG A 79 -1.03 6.16 10.40
C ARG A 79 -1.01 4.99 11.37
N ARG A 80 -1.15 5.29 12.66
CA ARG A 80 -1.14 4.26 13.69
C ARG A 80 -2.49 3.52 13.71
N SER A 81 -3.57 4.26 13.56
CA SER A 81 -4.91 3.69 13.55
C SER A 81 -5.65 4.14 12.30
N PHE A 82 -6.43 3.24 11.69
CA PHE A 82 -7.15 3.58 10.48
C PHE A 82 -8.30 2.62 10.22
N GLU A 83 -9.03 2.86 9.15
CA GLU A 83 -10.16 2.02 8.78
C GLU A 83 -9.73 0.97 7.76
N GLY A 84 -10.51 -0.09 7.65
CA GLY A 84 -10.19 -1.14 6.71
C GLY A 84 -11.18 -1.25 5.57
N PHE A 85 -10.69 -1.03 4.35
CA PHE A 85 -11.53 -1.09 3.16
C PHE A 85 -10.89 -2.00 2.12
N LEU A 86 -11.71 -2.50 1.21
CA LEU A 86 -11.22 -3.37 0.15
C LEU A 86 -10.90 -2.53 -1.08
N PHE A 87 -10.48 -3.17 -2.17
CA PHE A 87 -10.14 -2.44 -3.38
C PHE A 87 -11.35 -2.26 -4.28
N ASP A 88 -12.52 -2.63 -3.76
CA ASP A 88 -13.76 -2.49 -4.51
C ASP A 88 -14.60 -1.34 -3.97
N GLY A 89 -14.34 -0.96 -2.72
CA GLY A 89 -15.07 0.13 -2.10
C GLY A 89 -15.85 -0.32 -0.88
N THR A 90 -15.82 -1.62 -0.62
CA THR A 90 -16.53 -2.18 0.53
C THR A 90 -15.67 -2.08 1.79
N ARG A 91 -16.31 -1.78 2.92
CA ARG A 91 -15.59 -1.68 4.18
C ARG A 91 -15.74 -2.96 4.97
N TRP A 92 -14.69 -3.35 5.66
CA TRP A 92 -14.70 -4.57 6.46
C TRP A 92 -14.82 -4.23 7.94
N GLY A 93 -14.12 -3.19 8.36
CA GLY A 93 -14.16 -2.77 9.74
C GLY A 93 -13.06 -1.80 10.07
N THR A 94 -12.58 -1.83 11.30
CA THR A 94 -11.52 -0.92 11.73
C THR A 94 -10.25 -1.71 12.06
N VAL A 95 -9.10 -1.06 11.89
CA VAL A 95 -7.82 -1.70 12.17
C VAL A 95 -6.93 -0.77 13.01
N ASP A 96 -5.91 -1.34 13.61
CA ASP A 96 -4.98 -0.57 14.43
C ASP A 96 -3.60 -1.20 14.44
N CYS A 97 -2.59 -0.41 14.17
CA CYS A 97 -1.22 -0.91 14.14
C CYS A 97 -0.44 -0.45 15.36
N THR A 98 -1.12 -0.26 16.48
CA THR A 98 -0.46 0.15 17.71
C THR A 98 0.10 -1.08 18.40
N THR A 99 -0.58 -2.20 18.22
CA THR A 99 -0.16 -3.46 18.80
C THR A 99 -0.12 -4.54 17.72
N ALA A 100 -0.20 -4.10 16.46
CA ALA A 100 -0.17 -5.00 15.33
C ALA A 100 0.81 -4.48 14.28
N ALA A 101 1.02 -5.26 13.22
CA ALA A 101 1.93 -4.87 12.17
C ALA A 101 1.20 -4.26 10.98
N CYS A 102 1.79 -3.21 10.42
CA CYS A 102 1.21 -2.53 9.27
C CYS A 102 1.99 -2.92 8.01
N GLN A 103 1.29 -3.06 6.90
CA GLN A 103 1.93 -3.41 5.64
C GLN A 103 1.46 -2.50 4.53
N VAL A 104 2.22 -2.45 3.45
CA VAL A 104 1.88 -1.60 2.32
C VAL A 104 1.19 -2.40 1.24
N GLY A 105 -0.03 -2.02 0.92
CA GLY A 105 -0.78 -2.69 -0.12
C GLY A 105 -0.63 -1.98 -1.44
N LEU A 106 -0.04 -2.66 -2.40
CA LEU A 106 0.19 -2.08 -3.73
C LEU A 106 -0.25 -3.07 -4.81
N SER A 107 -1.34 -2.75 -5.49
CA SER A 107 -1.85 -3.61 -6.54
C SER A 107 -2.58 -2.77 -7.59
N ASP A 108 -2.67 -3.30 -8.81
CA ASP A 108 -3.34 -2.60 -9.90
C ASP A 108 -4.85 -2.82 -9.83
N ALA A 109 -5.57 -2.38 -10.87
CA ALA A 109 -7.01 -2.54 -10.93
C ALA A 109 -7.43 -4.01 -10.85
N ALA A 110 -6.60 -4.89 -11.39
CA ALA A 110 -6.90 -6.32 -11.35
C ALA A 110 -6.62 -6.90 -9.97
N GLY A 111 -5.98 -6.11 -9.13
CA GLY A 111 -5.66 -6.55 -7.78
C GLY A 111 -4.38 -7.34 -7.71
N ASN A 112 -3.51 -7.13 -8.70
CA ASN A 112 -2.23 -7.83 -8.74
C ASN A 112 -1.08 -6.84 -8.79
N GLY A 113 0.13 -7.36 -8.75
CA GLY A 113 1.30 -6.51 -8.79
C GLY A 113 2.39 -7.03 -7.87
N PRO A 114 3.22 -6.14 -7.31
CA PRO A 114 4.29 -6.53 -6.40
C PRO A 114 3.73 -7.12 -5.10
N GLU A 115 4.55 -7.91 -4.43
CA GLU A 115 4.14 -8.53 -3.17
C GLU A 115 4.10 -7.49 -2.06
N GLY A 116 3.14 -7.64 -1.16
CA GLY A 116 2.98 -6.70 -0.07
C GLY A 116 4.16 -6.71 0.89
N VAL A 117 4.63 -5.53 1.26
CA VAL A 117 5.75 -5.39 2.18
C VAL A 117 5.26 -4.92 3.54
N ALA A 118 5.69 -5.61 4.60
CA ALA A 118 5.30 -5.28 5.96
C ALA A 118 6.34 -4.39 6.61
N ILE A 119 5.89 -3.43 7.40
CA ILE A 119 6.79 -2.51 8.09
C ILE A 119 6.53 -2.52 9.59
N SER A 120 7.44 -1.91 10.35
CA SER A 120 7.31 -1.85 11.79
C SER A 120 7.84 -0.52 12.30
N PHE A 121 7.31 -0.07 13.44
CA PHE A 121 7.71 1.20 14.03
C PHE A 121 8.67 0.97 15.19
N ASN A 122 9.41 2.01 15.53
CA ASN A 122 10.38 1.93 16.63
C ASN A 122 9.70 2.22 17.96
N ALA A 10 8.38 -11.48 -17.82
CA ALA A 10 9.20 -10.26 -17.64
C ALA A 10 9.32 -9.93 -16.17
N ALA A 11 10.54 -9.69 -15.71
CA ALA A 11 10.79 -9.35 -14.32
C ALA A 11 10.79 -7.84 -14.10
N PRO A 12 9.84 -7.33 -13.32
CA PRO A 12 9.75 -5.90 -13.04
C PRO A 12 10.71 -5.48 -11.93
N THR A 13 10.87 -4.18 -11.76
CA THR A 13 11.76 -3.66 -10.74
C THR A 13 10.98 -2.87 -9.70
N ALA A 14 10.70 -3.50 -8.57
CA ALA A 14 9.97 -2.85 -7.50
C ALA A 14 10.93 -2.23 -6.48
N THR A 15 10.92 -0.93 -6.39
CA THR A 15 11.79 -0.22 -5.47
C THR A 15 10.99 0.62 -4.48
N VAL A 16 10.64 0.03 -3.35
CA VAL A 16 9.87 0.73 -2.34
C VAL A 16 10.72 0.98 -1.09
N THR A 17 10.44 2.07 -0.40
CA THR A 17 11.17 2.42 0.80
C THR A 17 10.30 2.18 2.04
N PRO A 18 10.52 1.05 2.73
CA PRO A 18 9.74 0.71 3.93
C PRO A 18 10.07 1.61 5.13
N SER A 19 9.07 1.87 5.96
CA SER A 19 9.23 2.71 7.13
C SER A 19 9.58 1.89 8.36
N SER A 20 10.31 0.80 8.16
CA SER A 20 10.72 -0.07 9.25
C SER A 20 11.71 0.65 10.16
N GLY A 21 11.35 0.77 11.44
CA GLY A 21 12.21 1.42 12.40
C GLY A 21 11.88 2.89 12.54
N LEU A 22 10.63 3.25 12.27
CA LEU A 22 10.20 4.63 12.37
C LEU A 22 8.85 4.70 13.09
N SER A 23 8.38 5.91 13.31
CA SER A 23 7.10 6.11 14.00
C SER A 23 5.98 6.33 12.99
N ASP A 24 4.83 6.80 13.47
CA ASP A 24 3.69 7.08 12.61
C ASP A 24 3.88 8.42 11.92
N GLY A 25 3.13 8.66 10.86
CA GLY A 25 3.25 9.91 10.13
C GLY A 25 4.43 9.88 9.17
N THR A 26 5.01 8.70 9.01
CA THR A 26 6.15 8.51 8.12
C THR A 26 5.68 8.35 6.69
N VAL A 27 6.44 8.91 5.77
CA VAL A 27 6.12 8.82 4.35
C VAL A 27 6.81 7.62 3.71
N VAL A 28 6.02 6.80 3.06
CA VAL A 28 6.54 5.62 2.39
C VAL A 28 6.59 5.83 0.89
N LYS A 29 7.78 5.75 0.32
CA LYS A 29 7.95 5.93 -1.11
C LYS A 29 7.71 4.59 -1.81
N VAL A 30 6.75 4.57 -2.71
CA VAL A 30 6.43 3.37 -3.45
C VAL A 30 6.70 3.59 -4.94
N ALA A 31 7.65 2.83 -5.47
CA ALA A 31 8.00 2.95 -6.89
C ALA A 31 8.08 1.56 -7.52
N GLY A 32 7.46 1.42 -8.68
CA GLY A 32 7.47 0.14 -9.37
C GLY A 32 7.65 0.30 -10.86
N ALA A 33 8.75 -0.23 -11.38
CA ALA A 33 9.04 -0.16 -12.80
C ALA A 33 8.74 -1.50 -13.45
N GLY A 34 8.21 -1.47 -14.67
CA GLY A 34 7.88 -2.69 -15.36
C GLY A 34 6.45 -3.11 -15.09
N LEU A 35 5.61 -2.12 -14.81
CA LEU A 35 4.20 -2.37 -14.51
C LEU A 35 3.35 -2.12 -15.75
N GLN A 36 2.03 -2.24 -15.59
CA GLN A 36 1.11 -2.04 -16.70
C GLN A 36 0.95 -0.56 -17.00
N ALA A 37 1.67 -0.09 -18.02
CA ALA A 37 1.64 1.31 -18.42
C ALA A 37 0.24 1.72 -18.87
N GLY A 38 -0.26 2.80 -18.30
CA GLY A 38 -1.58 3.28 -18.64
C GLY A 38 -2.64 2.86 -17.64
N THR A 39 -2.22 2.07 -16.65
CA THR A 39 -3.12 1.59 -15.63
C THR A 39 -2.81 2.26 -14.29
N ALA A 40 -3.84 2.50 -13.49
CA ALA A 40 -3.68 3.12 -12.19
C ALA A 40 -3.49 2.08 -11.10
N TYR A 41 -2.52 2.31 -10.23
CA TYR A 41 -2.22 1.39 -9.14
C TYR A 41 -2.63 1.99 -7.81
N ASP A 42 -3.42 1.24 -7.06
CA ASP A 42 -3.92 1.67 -5.76
C ASP A 42 -2.89 1.32 -4.70
N VAL A 43 -2.40 2.33 -4.00
CA VAL A 43 -1.40 2.12 -2.97
C VAL A 43 -1.81 2.77 -1.65
N GLY A 44 -1.81 1.98 -0.58
CA GLY A 44 -2.14 2.51 0.73
C GLY A 44 -1.58 1.63 1.83
N GLN A 45 -1.80 2.02 3.07
CA GLN A 45 -1.33 1.21 4.20
C GLN A 45 -2.39 0.18 4.53
N CYS A 46 -2.00 -1.07 4.57
CA CYS A 46 -2.94 -2.13 4.84
C CYS A 46 -2.40 -3.09 5.88
N ALA A 47 -3.30 -3.81 6.54
CA ALA A 47 -2.93 -4.76 7.56
C ALA A 47 -4.03 -5.80 7.72
N TRP A 48 -3.83 -6.75 8.62
CA TRP A 48 -4.82 -7.79 8.86
C TRP A 48 -6.13 -7.19 9.36
N VAL A 49 -7.15 -7.23 8.51
CA VAL A 49 -8.45 -6.70 8.86
C VAL A 49 -9.36 -7.84 9.31
N ASP A 50 -8.94 -9.05 8.98
CA ASP A 50 -9.66 -10.26 9.33
C ASP A 50 -8.68 -11.44 9.27
N THR A 51 -9.16 -12.65 9.52
CA THR A 51 -8.29 -13.81 9.50
C THR A 51 -7.91 -14.15 8.06
N GLY A 52 -6.72 -13.72 7.66
CA GLY A 52 -6.25 -13.98 6.32
C GLY A 52 -6.67 -12.92 5.32
N VAL A 53 -7.37 -11.91 5.81
CA VAL A 53 -7.84 -10.82 4.97
C VAL A 53 -7.18 -9.53 5.38
N LEU A 54 -6.72 -8.77 4.40
CA LEU A 54 -6.07 -7.50 4.65
C LEU A 54 -6.77 -6.39 3.88
N ALA A 55 -6.83 -5.21 4.47
CA ALA A 55 -7.48 -4.07 3.84
C ALA A 55 -6.68 -2.79 4.08
N CYS A 56 -6.77 -1.86 3.15
CA CYS A 56 -6.03 -0.59 3.27
C CYS A 56 -6.97 0.52 3.71
N ASN A 57 -6.41 1.72 3.91
CA ASN A 57 -7.19 2.86 4.35
C ASN A 57 -7.57 3.76 3.16
N PRO A 58 -8.84 4.16 3.07
CA PRO A 58 -9.32 5.02 1.99
C PRO A 58 -9.17 6.50 2.33
N ALA A 59 -8.76 6.79 3.56
CA ALA A 59 -8.60 8.17 3.99
C ALA A 59 -7.26 8.76 3.59
N ASP A 60 -6.23 7.92 3.49
CA ASP A 60 -4.90 8.39 3.13
C ASP A 60 -4.26 7.55 2.03
N PHE A 61 -5.07 6.92 1.20
CA PHE A 61 -4.55 6.11 0.11
C PHE A 61 -4.16 6.99 -1.06
N SER A 62 -3.43 6.44 -2.01
CA SER A 62 -3.00 7.21 -3.17
C SER A 62 -2.89 6.31 -4.39
N SER A 63 -3.56 6.71 -5.47
CA SER A 63 -3.53 5.94 -6.70
C SER A 63 -2.57 6.59 -7.69
N VAL A 64 -1.56 5.84 -8.11
CA VAL A 64 -0.57 6.34 -9.06
C VAL A 64 -0.72 5.63 -10.40
N THR A 65 -0.69 6.40 -11.47
CA THR A 65 -0.83 5.84 -12.80
C THR A 65 0.53 5.55 -13.42
N ALA A 66 0.68 4.33 -13.96
CA ALA A 66 1.92 3.94 -14.60
C ALA A 66 2.15 4.79 -15.85
N ASP A 67 3.29 5.46 -15.88
CA ASP A 67 3.63 6.35 -16.99
C ASP A 67 4.10 5.58 -18.21
N ALA A 68 4.47 6.32 -19.26
CA ALA A 68 4.93 5.74 -20.51
C ALA A 68 6.25 4.98 -20.36
N ASN A 69 6.96 5.25 -19.27
CA ASN A 69 8.23 4.58 -19.03
C ASN A 69 7.98 3.28 -18.28
N GLY A 70 6.72 3.02 -17.96
CA GLY A 70 6.35 1.82 -17.25
C GLY A 70 6.67 1.91 -15.79
N SER A 71 6.78 3.13 -15.28
CA SER A 71 7.10 3.35 -13.88
C SER A 71 5.91 3.94 -13.13
N ALA A 72 6.00 3.95 -11.81
CA ALA A 72 4.95 4.48 -10.95
C ALA A 72 5.49 4.74 -9.54
N SER A 73 5.69 6.00 -9.20
CA SER A 73 6.21 6.36 -7.90
C SER A 73 5.26 7.30 -7.18
N THR A 74 4.99 7.01 -5.91
CA THR A 74 4.10 7.81 -5.09
C THR A 74 4.54 7.79 -3.62
N SER A 75 3.95 8.67 -2.82
CA SER A 75 4.29 8.77 -1.40
C SER A 75 3.04 8.57 -0.55
N LEU A 76 3.12 7.66 0.41
CA LEU A 76 1.99 7.36 1.28
C LEU A 76 2.30 7.67 2.74
N THR A 77 1.33 8.26 3.44
CA THR A 77 1.50 8.59 4.85
C THR A 77 0.87 7.48 5.71
N VAL A 78 1.69 6.83 6.52
CA VAL A 78 1.20 5.74 7.37
C VAL A 78 0.70 6.25 8.73
N ARG A 79 -0.53 5.90 9.04
CA ARG A 79 -1.14 6.27 10.31
C ARG A 79 -1.02 5.10 11.29
N ARG A 80 -1.18 5.37 12.57
CA ARG A 80 -1.09 4.34 13.59
C ARG A 80 -2.33 3.42 13.53
N SER A 81 -3.49 4.03 13.34
CA SER A 81 -4.73 3.29 13.22
C SER A 81 -5.48 3.79 11.99
N PHE A 82 -6.16 2.88 11.29
CA PHE A 82 -6.88 3.27 10.09
C PHE A 82 -8.11 2.41 9.86
N GLU A 83 -8.90 2.77 8.88
CA GLU A 83 -10.11 2.05 8.54
C GLU A 83 -9.82 1.08 7.39
N GLY A 84 -10.06 -0.21 7.64
CA GLY A 84 -9.80 -1.22 6.64
C GLY A 84 -10.91 -1.31 5.60
N PHE A 85 -10.58 -0.99 4.36
CA PHE A 85 -11.54 -1.03 3.27
C PHE A 85 -11.00 -1.87 2.13
N LEU A 86 -11.90 -2.54 1.41
CA LEU A 86 -11.50 -3.36 0.29
C LEU A 86 -11.34 -2.49 -0.95
N PHE A 87 -10.75 -3.05 -2.00
CA PHE A 87 -10.52 -2.30 -3.24
C PHE A 87 -11.84 -1.88 -3.89
N ASP A 88 -12.90 -2.63 -3.59
CA ASP A 88 -14.20 -2.32 -4.15
C ASP A 88 -14.90 -1.21 -3.36
N GLY A 89 -14.44 -1.00 -2.12
CA GLY A 89 -15.03 0.04 -1.29
C GLY A 89 -15.74 -0.49 -0.06
N THR A 90 -15.92 -1.80 0.04
CA THR A 90 -16.60 -2.38 1.18
C THR A 90 -15.75 -2.26 2.45
N ARG A 91 -16.35 -1.72 3.50
CA ARG A 91 -15.65 -1.57 4.77
C ARG A 91 -15.67 -2.90 5.51
N TRP A 92 -14.58 -3.22 6.19
CA TRP A 92 -14.50 -4.47 6.93
C TRP A 92 -14.40 -4.19 8.43
N GLY A 93 -13.62 -3.20 8.80
CA GLY A 93 -13.45 -2.85 10.20
C GLY A 93 -12.27 -1.92 10.40
N THR A 94 -12.09 -1.46 11.62
CA THR A 94 -11.00 -0.56 11.94
C THR A 94 -9.73 -1.34 12.26
N VAL A 95 -8.70 -1.15 11.45
CA VAL A 95 -7.44 -1.85 11.64
C VAL A 95 -6.48 -1.00 12.48
N ASP A 96 -5.84 -1.62 13.45
CA ASP A 96 -4.92 -0.91 14.31
C ASP A 96 -3.50 -1.42 14.12
N CYS A 97 -2.60 -0.52 13.74
CA CYS A 97 -1.22 -0.87 13.53
C CYS A 97 -0.38 -0.43 14.72
N THR A 98 -1.05 -0.17 15.84
CA THR A 98 -0.37 0.25 17.05
C THR A 98 0.17 -0.99 17.78
N THR A 99 -0.72 -1.95 18.01
CA THR A 99 -0.34 -3.18 18.68
C THR A 99 -0.16 -4.32 17.69
N ALA A 100 -0.57 -4.09 16.44
CA ALA A 100 -0.45 -5.11 15.41
C ALA A 100 0.51 -4.67 14.31
N ALA A 101 0.93 -5.59 13.47
CA ALA A 101 1.85 -5.30 12.39
C ALA A 101 1.15 -4.56 11.26
N CYS A 102 1.90 -3.77 10.52
CA CYS A 102 1.36 -3.00 9.42
C CYS A 102 2.19 -3.24 8.17
N GLN A 103 1.62 -2.99 6.99
CA GLN A 103 2.36 -3.19 5.75
C GLN A 103 1.83 -2.28 4.65
N VAL A 104 2.58 -2.19 3.56
CA VAL A 104 2.20 -1.36 2.43
C VAL A 104 1.55 -2.22 1.35
N GLY A 105 0.38 -1.79 0.88
CA GLY A 105 -0.31 -2.54 -0.14
C GLY A 105 -0.41 -1.76 -1.44
N LEU A 106 -0.02 -2.40 -2.54
CA LEU A 106 -0.08 -1.78 -3.84
C LEU A 106 -0.55 -2.80 -4.88
N SER A 107 -1.56 -2.42 -5.66
CA SER A 107 -2.10 -3.29 -6.68
C SER A 107 -2.71 -2.47 -7.82
N ASP A 108 -2.86 -3.09 -8.98
CA ASP A 108 -3.44 -2.42 -10.14
C ASP A 108 -4.96 -2.38 -10.03
N ALA A 109 -5.62 -1.97 -11.10
CA ALA A 109 -7.08 -1.88 -11.14
C ALA A 109 -7.72 -3.24 -10.84
N ALA A 110 -7.07 -4.31 -11.31
CA ALA A 110 -7.58 -5.65 -11.08
C ALA A 110 -7.28 -6.11 -9.65
N GLY A 111 -6.01 -6.03 -9.28
CA GLY A 111 -5.60 -6.43 -7.94
C GLY A 111 -4.29 -7.19 -7.95
N ASN A 112 -3.49 -6.98 -8.97
CA ASN A 112 -2.20 -7.64 -9.09
C ASN A 112 -1.08 -6.61 -8.97
N GLY A 113 0.16 -7.08 -9.02
CA GLY A 113 1.30 -6.20 -8.92
C GLY A 113 2.33 -6.71 -7.94
N PRO A 114 3.32 -5.88 -7.58
CA PRO A 114 4.38 -6.25 -6.64
C PRO A 114 3.82 -6.65 -5.28
N GLU A 115 4.42 -7.68 -4.67
CA GLU A 115 4.00 -8.16 -3.38
C GLU A 115 4.08 -7.07 -2.31
N GLY A 116 3.10 -7.05 -1.43
CA GLY A 116 3.07 -6.06 -0.36
C GLY A 116 4.25 -6.20 0.57
N VAL A 117 4.77 -5.08 1.03
CA VAL A 117 5.93 -5.08 1.92
C VAL A 117 5.52 -4.71 3.34
N ALA A 118 5.95 -5.53 4.30
CA ALA A 118 5.63 -5.30 5.70
C ALA A 118 6.57 -4.27 6.32
N ILE A 119 6.06 -3.52 7.28
CA ILE A 119 6.85 -2.51 7.96
C ILE A 119 6.83 -2.75 9.47
N SER A 120 7.65 -2.01 10.20
CA SER A 120 7.72 -2.16 11.64
C SER A 120 7.94 -0.81 12.31
N PHE A 121 7.19 -0.54 13.37
CA PHE A 121 7.30 0.72 14.10
C PHE A 121 8.40 0.62 15.16
N ASN A 122 8.96 1.76 15.53
CA ASN A 122 10.02 1.80 16.52
C ASN A 122 9.43 1.82 17.93
N ALA A 10 8.78 -10.66 -18.30
CA ALA A 10 10.00 -9.88 -18.00
C ALA A 10 10.16 -9.72 -16.49
N ALA A 11 11.31 -9.23 -16.07
CA ALA A 11 11.58 -9.04 -14.66
C ALA A 11 11.44 -7.56 -14.29
N PRO A 12 10.37 -7.19 -13.57
CA PRO A 12 10.12 -5.82 -13.16
C PRO A 12 10.96 -5.44 -11.95
N THR A 13 10.94 -4.17 -11.58
CA THR A 13 11.70 -3.69 -10.44
C THR A 13 10.80 -2.97 -9.45
N ALA A 14 10.72 -3.50 -8.23
CA ALA A 14 9.91 -2.90 -7.19
C ALA A 14 10.78 -2.44 -6.03
N THR A 15 11.15 -1.17 -6.03
CA THR A 15 11.99 -0.62 -4.99
C THR A 15 11.21 0.39 -4.15
N VAL A 16 10.70 -0.07 -3.02
CA VAL A 16 9.94 0.80 -2.14
C VAL A 16 10.75 1.12 -0.89
N THR A 17 10.37 2.18 -0.19
CA THR A 17 11.05 2.57 1.03
C THR A 17 10.19 2.22 2.24
N PRO A 18 10.49 1.10 2.92
CA PRO A 18 9.73 0.66 4.09
C PRO A 18 10.00 1.55 5.31
N SER A 19 8.96 1.73 6.12
CA SER A 19 9.08 2.56 7.32
C SER A 19 9.41 1.70 8.54
N SER A 20 10.08 0.59 8.32
CA SER A 20 10.46 -0.32 9.39
C SER A 20 11.40 0.37 10.37
N GLY A 21 10.90 0.64 11.58
CA GLY A 21 11.70 1.29 12.59
C GLY A 21 11.32 2.75 12.77
N LEU A 22 10.43 3.23 11.91
CA LEU A 22 9.98 4.61 11.98
C LEU A 22 8.71 4.72 12.80
N SER A 23 8.20 5.93 12.95
CA SER A 23 6.99 6.15 13.73
C SER A 23 5.80 6.44 12.81
N ASP A 24 4.68 6.86 13.39
CA ASP A 24 3.49 7.16 12.60
C ASP A 24 3.58 8.57 12.04
N GLY A 25 3.02 8.77 10.86
CA GLY A 25 3.05 10.06 10.22
C GLY A 25 4.15 10.15 9.19
N THR A 26 4.92 9.08 9.10
CA THR A 26 6.02 9.02 8.15
C THR A 26 5.50 8.68 6.75
N VAL A 27 6.17 9.22 5.74
CA VAL A 27 5.78 9.00 4.37
C VAL A 27 6.54 7.83 3.75
N VAL A 28 5.79 6.82 3.32
CA VAL A 28 6.35 5.64 2.69
C VAL A 28 6.37 5.84 1.18
N LYS A 29 7.54 5.72 0.58
CA LYS A 29 7.67 5.89 -0.85
C LYS A 29 7.59 4.56 -1.58
N VAL A 30 6.74 4.52 -2.59
CA VAL A 30 6.55 3.33 -3.39
C VAL A 30 6.95 3.60 -4.83
N ALA A 31 7.93 2.85 -5.33
CA ALA A 31 8.40 3.03 -6.69
C ALA A 31 8.41 1.70 -7.43
N GLY A 32 7.60 1.61 -8.47
CA GLY A 32 7.53 0.41 -9.26
C GLY A 32 7.81 0.67 -10.73
N ALA A 33 8.78 -0.02 -11.28
CA ALA A 33 9.15 0.15 -12.67
C ALA A 33 9.02 -1.17 -13.41
N GLY A 34 8.54 -1.11 -14.64
CA GLY A 34 8.36 -2.31 -15.43
C GLY A 34 6.97 -2.87 -15.30
N LEU A 35 6.01 -1.98 -15.09
CA LEU A 35 4.61 -2.37 -14.92
C LEU A 35 3.85 -2.18 -16.23
N GLN A 36 2.54 -1.96 -16.12
CA GLN A 36 1.70 -1.78 -17.31
C GLN A 36 1.42 -0.31 -17.52
N ALA A 37 1.95 0.24 -18.61
CA ALA A 37 1.75 1.64 -18.94
C ALA A 37 0.27 1.92 -19.19
N GLY A 38 -0.32 2.82 -18.43
CA GLY A 38 -1.71 3.16 -18.62
C GLY A 38 -2.60 2.72 -17.48
N THR A 39 -2.17 1.70 -16.74
CA THR A 39 -2.97 1.21 -15.62
C THR A 39 -2.66 1.99 -14.35
N ALA A 40 -3.68 2.14 -13.50
CA ALA A 40 -3.52 2.85 -12.23
C ALA A 40 -3.38 1.85 -11.09
N TYR A 41 -2.43 2.12 -10.22
CA TYR A 41 -2.17 1.24 -9.09
C TYR A 41 -2.53 1.93 -7.79
N ASP A 42 -3.39 1.27 -7.02
CA ASP A 42 -3.82 1.80 -5.74
C ASP A 42 -2.90 1.30 -4.65
N VAL A 43 -2.28 2.23 -3.96
CA VAL A 43 -1.35 1.89 -2.90
C VAL A 43 -1.73 2.57 -1.59
N GLY A 44 -1.74 1.80 -0.50
CA GLY A 44 -2.05 2.35 0.80
C GLY A 44 -1.54 1.45 1.90
N GLN A 45 -1.65 1.90 3.14
CA GLN A 45 -1.22 1.09 4.26
C GLN A 45 -2.32 0.09 4.60
N CYS A 46 -1.98 -1.18 4.62
CA CYS A 46 -2.96 -2.21 4.90
C CYS A 46 -2.46 -3.15 5.98
N ALA A 47 -3.38 -3.82 6.64
CA ALA A 47 -3.05 -4.77 7.69
C ALA A 47 -4.13 -5.83 7.79
N TRP A 48 -3.96 -6.75 8.74
CA TRP A 48 -4.93 -7.81 8.94
C TRP A 48 -6.17 -7.26 9.64
N VAL A 49 -7.28 -7.24 8.91
CA VAL A 49 -8.53 -6.75 9.45
C VAL A 49 -9.40 -7.91 9.92
N ASP A 50 -9.14 -9.09 9.36
CA ASP A 50 -9.90 -10.29 9.70
C ASP A 50 -9.04 -11.53 9.45
N THR A 51 -9.64 -12.72 9.57
CA THR A 51 -8.92 -13.97 9.37
C THR A 51 -8.55 -14.17 7.90
N GLY A 52 -7.37 -13.71 7.53
CA GLY A 52 -6.91 -13.87 6.16
C GLY A 52 -7.33 -12.69 5.29
N VAL A 53 -8.07 -11.77 5.87
CA VAL A 53 -8.54 -10.61 5.13
C VAL A 53 -7.73 -9.37 5.49
N LEU A 54 -7.28 -8.67 4.46
CA LEU A 54 -6.48 -7.46 4.66
C LEU A 54 -7.26 -6.26 4.15
N ALA A 55 -6.96 -5.09 4.69
CA ALA A 55 -7.64 -3.86 4.30
C ALA A 55 -6.71 -2.67 4.40
N CYS A 56 -6.82 -1.75 3.45
CA CYS A 56 -5.97 -0.56 3.43
C CYS A 56 -6.73 0.68 3.88
N ASN A 57 -6.00 1.72 4.21
CA ASN A 57 -6.59 2.97 4.65
C ASN A 57 -7.01 3.82 3.45
N PRO A 58 -8.30 4.17 3.38
CA PRO A 58 -8.85 4.98 2.29
C PRO A 58 -8.80 6.48 2.59
N ALA A 59 -7.86 6.91 3.41
CA ALA A 59 -7.73 8.31 3.76
C ALA A 59 -6.42 8.89 3.24
N ASP A 60 -5.31 8.36 3.74
CA ASP A 60 -3.98 8.83 3.33
C ASP A 60 -3.45 7.99 2.16
N PHE A 61 -4.35 7.42 1.39
CA PHE A 61 -3.96 6.62 0.23
C PHE A 61 -3.77 7.53 -0.98
N SER A 62 -3.09 7.01 -2.00
CA SER A 62 -2.84 7.80 -3.21
C SER A 62 -2.71 6.89 -4.42
N SER A 63 -3.71 6.90 -5.28
CA SER A 63 -3.70 6.10 -6.49
C SER A 63 -2.74 6.72 -7.50
N VAL A 64 -1.85 5.92 -8.05
CA VAL A 64 -0.88 6.41 -9.01
C VAL A 64 -1.07 5.76 -10.36
N THR A 65 -1.06 6.57 -11.41
CA THR A 65 -1.21 6.06 -12.76
C THR A 65 0.17 5.79 -13.35
N ALA A 66 0.29 4.70 -14.09
CA ALA A 66 1.57 4.34 -14.70
C ALA A 66 1.81 5.20 -15.93
N ASP A 67 2.99 5.81 -15.98
CA ASP A 67 3.35 6.67 -17.11
C ASP A 67 3.48 5.84 -18.38
N ALA A 68 3.70 6.54 -19.50
CA ALA A 68 3.83 5.90 -20.80
C ALA A 68 5.03 4.94 -20.88
N ASN A 69 5.92 5.03 -19.90
CA ASN A 69 7.10 4.18 -19.87
C ASN A 69 6.83 2.92 -19.07
N GLY A 70 5.73 2.92 -18.32
CA GLY A 70 5.38 1.76 -17.53
C GLY A 70 5.91 1.85 -16.11
N SER A 71 6.06 3.07 -15.62
CA SER A 71 6.56 3.29 -14.28
C SER A 71 5.49 3.96 -13.42
N ALA A 72 5.52 3.69 -12.12
CA ALA A 72 4.55 4.26 -11.20
C ALA A 72 5.17 4.44 -9.81
N SER A 73 5.19 5.68 -9.33
CA SER A 73 5.74 5.98 -8.02
C SER A 73 4.81 6.92 -7.28
N THR A 74 4.67 6.71 -5.98
CA THR A 74 3.82 7.54 -5.15
C THR A 74 4.26 7.47 -3.68
N SER A 75 3.66 8.31 -2.85
CA SER A 75 4.00 8.36 -1.43
C SER A 75 2.75 8.22 -0.56
N LEU A 76 2.83 7.37 0.46
CA LEU A 76 1.71 7.14 1.37
C LEU A 76 2.13 7.42 2.81
N THR A 77 1.26 8.08 3.56
CA THR A 77 1.55 8.39 4.95
C THR A 77 1.05 7.27 5.85
N VAL A 78 1.96 6.63 6.56
CA VAL A 78 1.60 5.51 7.44
C VAL A 78 1.10 6.01 8.80
N ARG A 79 -0.06 5.52 9.21
CA ARG A 79 -0.65 5.88 10.48
C ARG A 79 -0.60 4.70 11.45
N ARG A 80 -0.77 4.98 12.74
CA ARG A 80 -0.75 3.94 13.76
C ARG A 80 -2.07 3.18 13.75
N SER A 81 -3.14 3.92 13.51
CA SER A 81 -4.48 3.37 13.44
C SER A 81 -5.18 3.92 12.20
N PHE A 82 -6.04 3.12 11.58
CA PHE A 82 -6.73 3.55 10.37
C PHE A 82 -7.94 2.69 10.06
N GLU A 83 -8.76 3.14 9.13
CA GLU A 83 -9.94 2.41 8.71
C GLU A 83 -9.55 1.39 7.65
N GLY A 84 -10.23 0.25 7.64
CA GLY A 84 -9.93 -0.80 6.69
C GLY A 84 -10.86 -0.77 5.51
N PHE A 85 -10.29 -0.65 4.31
CA PHE A 85 -11.08 -0.58 3.10
C PHE A 85 -10.61 -1.62 2.11
N LEU A 86 -11.54 -2.18 1.37
CA LEU A 86 -11.23 -3.18 0.37
C LEU A 86 -11.07 -2.49 -0.99
N PHE A 87 -10.38 -3.13 -1.92
CA PHE A 87 -10.15 -2.53 -3.25
C PHE A 87 -11.44 -2.44 -4.06
N ASP A 88 -12.45 -3.21 -3.68
CA ASP A 88 -13.73 -3.20 -4.38
C ASP A 88 -14.55 -1.96 -4.00
N GLY A 89 -14.20 -1.36 -2.87
CA GLY A 89 -14.91 -0.17 -2.42
C GLY A 89 -15.73 -0.41 -1.17
N THR A 90 -15.73 -1.64 -0.67
CA THR A 90 -16.47 -1.97 0.53
C THR A 90 -15.58 -1.86 1.77
N ARG A 91 -16.18 -1.46 2.88
CA ARG A 91 -15.43 -1.31 4.13
C ARG A 91 -15.61 -2.56 5.00
N TRP A 92 -14.59 -2.87 5.80
CA TRP A 92 -14.64 -4.03 6.68
C TRP A 92 -14.71 -3.59 8.14
N GLY A 93 -14.13 -2.44 8.42
CA GLY A 93 -14.12 -1.92 9.77
C GLY A 93 -12.88 -1.09 10.03
N THR A 94 -12.44 -1.04 11.28
CA THR A 94 -11.25 -0.28 11.63
C THR A 94 -10.09 -1.21 11.95
N VAL A 95 -8.87 -0.76 11.68
CA VAL A 95 -7.67 -1.55 11.94
C VAL A 95 -6.69 -0.74 12.78
N ASP A 96 -5.86 -1.43 13.54
CA ASP A 96 -4.89 -0.76 14.39
C ASP A 96 -3.55 -1.49 14.34
N CYS A 97 -2.46 -0.74 14.20
CA CYS A 97 -1.14 -1.34 14.13
C CYS A 97 -0.25 -0.82 15.26
N THR A 98 -0.86 -0.50 16.40
CA THR A 98 -0.10 -0.02 17.54
C THR A 98 0.82 -1.13 18.06
N THR A 99 0.30 -2.36 18.04
CA THR A 99 1.09 -3.51 18.47
C THR A 99 1.18 -4.52 17.34
N ALA A 100 0.27 -4.41 16.38
CA ALA A 100 0.25 -5.30 15.24
C ALA A 100 1.18 -4.81 14.14
N ALA A 101 1.35 -5.60 13.10
CA ALA A 101 2.21 -5.25 11.99
C ALA A 101 1.41 -4.79 10.79
N CYS A 102 1.83 -3.68 10.21
CA CYS A 102 1.16 -3.11 9.05
C CYS A 102 2.01 -3.37 7.81
N GLN A 103 1.41 -3.36 6.64
CA GLN A 103 2.14 -3.58 5.41
C GLN A 103 1.67 -2.64 4.31
N VAL A 104 2.55 -2.40 3.34
CA VAL A 104 2.22 -1.53 2.22
C VAL A 104 1.52 -2.35 1.15
N GLY A 105 0.26 -2.03 0.91
CA GLY A 105 -0.51 -2.75 -0.08
C GLY A 105 -0.66 -1.98 -1.36
N LEU A 106 -0.16 -2.57 -2.43
CA LEU A 106 -0.24 -1.97 -3.75
C LEU A 106 -0.76 -2.98 -4.75
N SER A 107 -1.78 -2.61 -5.51
CA SER A 107 -2.36 -3.50 -6.49
C SER A 107 -2.88 -2.72 -7.69
N ASP A 108 -2.98 -3.40 -8.83
CA ASP A 108 -3.47 -2.79 -10.06
C ASP A 108 -4.99 -2.74 -10.05
N ALA A 109 -5.58 -2.44 -11.21
CA ALA A 109 -7.02 -2.36 -11.35
C ALA A 109 -7.68 -3.70 -11.01
N ALA A 110 -6.99 -4.80 -11.32
CA ALA A 110 -7.50 -6.13 -11.06
C ALA A 110 -7.26 -6.54 -9.61
N GLY A 111 -6.00 -6.45 -9.17
CA GLY A 111 -5.66 -6.81 -7.80
C GLY A 111 -4.33 -7.53 -7.70
N ASN A 112 -3.46 -7.29 -8.67
CA ASN A 112 -2.14 -7.93 -8.69
C ASN A 112 -1.05 -6.86 -8.70
N GLY A 113 0.19 -7.29 -8.87
CA GLY A 113 1.30 -6.35 -8.91
C GLY A 113 2.44 -6.82 -8.03
N PRO A 114 3.39 -5.92 -7.71
CA PRO A 114 4.54 -6.24 -6.85
C PRO A 114 4.11 -6.75 -5.48
N GLU A 115 4.97 -7.54 -4.85
CA GLU A 115 4.69 -8.11 -3.54
C GLU A 115 4.55 -7.03 -2.48
N GLY A 116 3.73 -7.29 -1.47
CA GLY A 116 3.53 -6.32 -0.41
C GLY A 116 4.72 -6.30 0.54
N VAL A 117 4.93 -5.17 1.20
CA VAL A 117 6.06 -5.03 2.11
C VAL A 117 5.57 -4.72 3.52
N ALA A 118 6.00 -5.51 4.48
CA ALA A 118 5.59 -5.32 5.87
C ALA A 118 6.44 -4.26 6.54
N ILE A 119 5.83 -3.50 7.44
CA ILE A 119 6.53 -2.46 8.17
C ILE A 119 6.18 -2.52 9.64
N SER A 120 6.98 -1.88 10.46
CA SER A 120 6.75 -1.86 11.90
C SER A 120 7.30 -0.57 12.48
N PHE A 121 6.67 -0.11 13.56
CA PHE A 121 7.09 1.13 14.21
C PHE A 121 8.09 0.82 15.32
N ASN A 122 8.82 1.82 15.75
CA ASN A 122 9.79 1.65 16.82
C ASN A 122 9.09 1.68 18.17
N ALA A 10 8.74 -10.65 -17.84
CA ALA A 10 9.98 -9.90 -17.58
C ALA A 10 10.07 -9.53 -16.10
N ALA A 11 11.28 -9.33 -15.61
CA ALA A 11 11.50 -8.98 -14.21
C ALA A 11 11.27 -7.48 -13.99
N PRO A 12 10.24 -7.13 -13.21
CA PRO A 12 9.93 -5.74 -12.91
C PRO A 12 10.75 -5.20 -11.74
N THR A 13 10.86 -3.88 -11.64
CA THR A 13 11.62 -3.28 -10.58
C THR A 13 10.72 -2.78 -9.45
N ALA A 14 10.80 -3.43 -8.30
CA ALA A 14 10.01 -3.04 -7.15
C ALA A 14 10.84 -2.22 -6.18
N THR A 15 11.15 -0.99 -6.56
CA THR A 15 11.96 -0.10 -5.75
C THR A 15 11.10 0.62 -4.71
N VAL A 16 10.85 -0.04 -3.60
CA VAL A 16 10.05 0.54 -2.53
C VAL A 16 10.87 0.66 -1.25
N THR A 17 10.61 1.71 -0.48
CA THR A 17 11.32 1.94 0.77
C THR A 17 10.37 1.80 1.96
N PRO A 18 10.52 0.72 2.74
CA PRO A 18 9.67 0.47 3.91
C PRO A 18 10.09 1.30 5.13
N SER A 19 9.11 1.78 5.88
CA SER A 19 9.37 2.57 7.07
C SER A 19 9.57 1.67 8.30
N SER A 20 10.53 0.77 8.20
CA SER A 20 10.82 -0.15 9.29
C SER A 20 11.59 0.53 10.41
N GLY A 21 10.98 0.59 11.59
CA GLY A 21 11.62 1.21 12.74
C GLY A 21 11.21 2.66 12.93
N LEU A 22 10.51 3.21 11.95
CA LEU A 22 10.07 4.60 12.03
C LEU A 22 8.67 4.67 12.63
N SER A 23 8.29 5.85 13.10
CA SER A 23 6.99 6.05 13.72
C SER A 23 5.93 6.38 12.66
N ASP A 24 4.71 6.66 13.11
CA ASP A 24 3.64 7.00 12.19
C ASP A 24 3.84 8.40 11.62
N GLY A 25 3.12 8.72 10.56
CA GLY A 25 3.26 10.02 9.94
C GLY A 25 4.35 10.02 8.90
N THR A 26 5.11 8.93 8.86
CA THR A 26 6.19 8.77 7.92
C THR A 26 5.64 8.45 6.53
N VAL A 27 6.30 8.95 5.50
CA VAL A 27 5.86 8.71 4.14
C VAL A 27 6.62 7.55 3.51
N VAL A 28 5.89 6.53 3.10
CA VAL A 28 6.47 5.36 2.46
C VAL A 28 6.77 5.65 0.99
N LYS A 29 7.99 5.36 0.58
CA LYS A 29 8.40 5.60 -0.81
C LYS A 29 8.06 4.40 -1.68
N VAL A 30 7.16 4.61 -2.64
CA VAL A 30 6.75 3.52 -3.52
C VAL A 30 7.04 3.89 -4.98
N ALA A 31 7.94 3.15 -5.60
CA ALA A 31 8.31 3.39 -6.99
C ALA A 31 8.40 2.07 -7.76
N GLY A 32 7.48 1.87 -8.67
CA GLY A 32 7.48 0.65 -9.46
C GLY A 32 7.87 0.92 -10.89
N ALA A 33 8.86 0.18 -11.38
CA ALA A 33 9.32 0.33 -12.75
C ALA A 33 9.13 -0.97 -13.52
N GLY A 34 8.87 -0.86 -14.81
CA GLY A 34 8.65 -2.06 -15.61
C GLY A 34 7.24 -2.59 -15.45
N LEU A 35 6.31 -1.66 -15.24
CA LEU A 35 4.92 -2.01 -15.06
C LEU A 35 4.16 -1.86 -16.37
N GLN A 36 2.85 -1.65 -16.27
CA GLN A 36 2.01 -1.50 -17.46
C GLN A 36 1.66 -0.03 -17.66
N ALA A 37 2.16 0.56 -18.73
CA ALA A 37 1.90 1.96 -19.04
C ALA A 37 0.42 2.23 -19.24
N GLY A 38 -0.08 3.30 -18.63
CA GLY A 38 -1.48 3.67 -18.77
C GLY A 38 -2.41 2.89 -17.86
N THR A 39 -1.95 2.58 -16.64
CA THR A 39 -2.78 1.87 -15.69
C THR A 39 -2.80 2.58 -14.34
N ALA A 40 -3.87 2.42 -13.59
CA ALA A 40 -3.99 3.05 -12.28
C ALA A 40 -3.78 2.02 -11.17
N TYR A 41 -2.95 2.38 -10.20
CA TYR A 41 -2.64 1.48 -9.09
C TYR A 41 -3.23 2.02 -7.79
N ASP A 42 -3.57 1.11 -6.90
CA ASP A 42 -4.13 1.47 -5.61
C ASP A 42 -3.19 1.00 -4.51
N VAL A 43 -2.55 1.95 -3.84
CA VAL A 43 -1.61 1.62 -2.79
C VAL A 43 -1.96 2.32 -1.48
N GLY A 44 -1.96 1.56 -0.40
CA GLY A 44 -2.24 2.11 0.92
C GLY A 44 -1.70 1.20 1.99
N GLN A 45 -1.89 1.56 3.26
CA GLN A 45 -1.42 0.73 4.36
C GLN A 45 -2.53 -0.25 4.73
N CYS A 46 -2.23 -1.53 4.66
CA CYS A 46 -3.21 -2.54 4.97
C CYS A 46 -2.71 -3.48 6.05
N ALA A 47 -3.62 -4.09 6.77
CA ALA A 47 -3.28 -5.03 7.82
C ALA A 47 -4.24 -6.21 7.78
N TRP A 48 -3.88 -7.28 8.45
CA TRP A 48 -4.71 -8.48 8.51
C TRP A 48 -6.01 -8.17 9.25
N VAL A 49 -7.10 -8.14 8.50
CA VAL A 49 -8.40 -7.84 9.07
C VAL A 49 -9.25 -9.10 9.18
N ASP A 50 -8.80 -10.17 8.53
CA ASP A 50 -9.52 -11.44 8.56
C ASP A 50 -8.63 -12.54 7.99
N THR A 51 -9.12 -13.78 8.03
CA THR A 51 -8.37 -14.91 7.52
C THR A 51 -8.14 -14.81 6.02
N GLY A 52 -6.96 -14.31 5.64
CA GLY A 52 -6.62 -14.17 4.24
C GLY A 52 -7.16 -12.88 3.65
N VAL A 53 -7.68 -12.01 4.53
CA VAL A 53 -8.25 -10.74 4.10
C VAL A 53 -7.54 -9.59 4.78
N LEU A 54 -7.23 -8.56 4.00
CA LEU A 54 -6.58 -7.38 4.53
C LEU A 54 -7.42 -6.16 4.20
N ALA A 55 -7.06 -5.02 4.75
CA ALA A 55 -7.80 -3.81 4.50
C ALA A 55 -6.87 -2.60 4.54
N CYS A 56 -6.90 -1.79 3.49
CA CYS A 56 -6.05 -0.61 3.40
C CYS A 56 -6.84 0.64 3.74
N ASN A 57 -6.14 1.76 3.87
CA ASN A 57 -6.77 3.04 4.19
C ASN A 57 -7.05 3.84 2.93
N PRO A 58 -8.32 4.22 2.71
CA PRO A 58 -8.73 5.00 1.55
C PRO A 58 -8.58 6.51 1.77
N ALA A 59 -8.41 6.93 3.01
CA ALA A 59 -8.26 8.35 3.32
C ALA A 59 -6.88 8.86 2.92
N ASP A 60 -5.83 8.16 3.34
CA ASP A 60 -4.47 8.57 3.03
C ASP A 60 -3.88 7.66 1.96
N PHE A 61 -4.67 7.36 0.93
CA PHE A 61 -4.22 6.49 -0.15
C PHE A 61 -3.71 7.34 -1.32
N SER A 62 -3.04 6.69 -2.26
CA SER A 62 -2.51 7.40 -3.41
C SER A 62 -2.82 6.66 -4.72
N SER A 63 -3.72 7.23 -5.51
CA SER A 63 -4.09 6.64 -6.79
C SER A 63 -3.11 7.07 -7.88
N VAL A 64 -1.95 6.41 -7.90
CA VAL A 64 -0.92 6.74 -8.88
C VAL A 64 -1.12 5.95 -10.17
N THR A 65 -0.79 6.56 -11.28
CA THR A 65 -0.91 5.92 -12.58
C THR A 65 0.47 5.75 -13.20
N ALA A 66 0.64 4.69 -13.98
CA ALA A 66 1.90 4.43 -14.63
C ALA A 66 2.07 5.36 -15.83
N ASP A 67 3.26 5.95 -15.94
CA ASP A 67 3.57 6.87 -17.04
C ASP A 67 3.72 6.11 -18.36
N ALA A 68 4.05 6.83 -19.42
CA ALA A 68 4.22 6.23 -20.75
C ALA A 68 5.47 5.37 -20.82
N ASN A 69 6.29 5.40 -19.77
CA ASN A 69 7.51 4.61 -19.74
C ASN A 69 7.24 3.30 -19.03
N GLY A 70 6.16 3.25 -18.27
CA GLY A 70 5.79 2.05 -17.56
C GLY A 70 6.25 2.11 -16.12
N SER A 71 6.30 3.30 -15.57
CA SER A 71 6.73 3.49 -14.19
C SER A 71 5.68 4.24 -13.38
N ALA A 72 5.57 3.90 -12.10
CA ALA A 72 4.62 4.54 -11.21
C ALA A 72 5.28 4.86 -9.88
N SER A 73 5.45 6.14 -9.59
CA SER A 73 6.08 6.57 -8.34
C SER A 73 5.09 7.38 -7.51
N THR A 74 4.96 7.04 -6.24
CA THR A 74 4.04 7.75 -5.36
C THR A 74 4.53 7.71 -3.91
N SER A 75 3.80 8.38 -3.03
CA SER A 75 4.15 8.45 -1.63
C SER A 75 2.93 8.12 -0.77
N LEU A 76 3.11 7.29 0.27
CA LEU A 76 2.01 6.90 1.14
C LEU A 76 2.29 7.26 2.60
N THR A 77 1.40 8.03 3.20
CA THR A 77 1.57 8.41 4.60
C THR A 77 0.99 7.33 5.52
N VAL A 78 1.86 6.64 6.25
CA VAL A 78 1.43 5.58 7.13
C VAL A 78 0.92 6.15 8.46
N ARG A 79 -0.25 5.69 8.88
CA ARG A 79 -0.86 6.14 10.12
C ARG A 79 -0.86 5.01 11.15
N ARG A 80 -1.04 5.37 12.42
CA ARG A 80 -1.07 4.38 13.48
C ARG A 80 -2.45 3.76 13.59
N SER A 81 -3.46 4.56 13.27
CA SER A 81 -4.84 4.11 13.29
C SER A 81 -5.51 4.53 12.00
N PHE A 82 -6.02 3.57 11.24
CA PHE A 82 -6.65 3.88 9.96
C PHE A 82 -7.94 3.11 9.77
N GLU A 83 -8.68 3.47 8.73
CA GLU A 83 -9.93 2.83 8.41
C GLU A 83 -9.68 1.71 7.40
N GLY A 84 -9.92 0.48 7.82
CA GLY A 84 -9.70 -0.66 6.95
C GLY A 84 -10.79 -0.80 5.91
N PHE A 85 -10.38 -0.79 4.64
CA PHE A 85 -11.33 -0.91 3.55
C PHE A 85 -10.90 -2.02 2.62
N LEU A 86 -11.87 -2.75 2.10
CA LEU A 86 -11.59 -3.84 1.18
C LEU A 86 -11.45 -3.30 -0.23
N PHE A 87 -10.96 -4.14 -1.13
CA PHE A 87 -10.76 -3.73 -2.52
C PHE A 87 -12.08 -3.39 -3.20
N ASP A 88 -13.14 -4.08 -2.78
CA ASP A 88 -14.46 -3.84 -3.35
C ASP A 88 -15.05 -2.53 -2.83
N GLY A 89 -14.54 -2.08 -1.69
CA GLY A 89 -15.02 -0.84 -1.11
C GLY A 89 -15.69 -1.06 0.23
N THR A 90 -15.82 -2.31 0.63
CA THR A 90 -16.46 -2.65 1.91
C THR A 90 -15.62 -2.14 3.07
N ARG A 91 -16.28 -1.46 4.00
CA ARG A 91 -15.61 -0.92 5.18
C ARG A 91 -15.71 -1.92 6.32
N TRP A 92 -14.57 -2.19 6.97
CA TRP A 92 -14.55 -3.13 8.07
C TRP A 92 -14.55 -2.39 9.40
N GLY A 93 -13.69 -1.39 9.51
CA GLY A 93 -13.60 -0.61 10.72
C GLY A 93 -12.22 -0.04 10.93
N THR A 94 -12.00 0.55 12.09
CA THR A 94 -10.71 1.14 12.40
C THR A 94 -9.71 0.06 12.84
N VAL A 95 -8.62 -0.06 12.10
CA VAL A 95 -7.59 -1.04 12.41
C VAL A 95 -6.45 -0.36 13.16
N ASP A 96 -6.04 -0.97 14.27
CA ASP A 96 -4.96 -0.40 15.08
C ASP A 96 -3.62 -1.00 14.68
N CYS A 97 -2.65 -0.12 14.49
CA CYS A 97 -1.30 -0.53 14.13
C CYS A 97 -0.33 -0.16 15.26
N THR A 98 -0.88 0.08 16.44
CA THR A 98 -0.10 0.44 17.61
C THR A 98 0.30 -0.82 18.37
N THR A 99 -0.59 -1.81 18.34
CA THR A 99 -0.35 -3.08 19.01
C THR A 99 -0.06 -4.18 17.99
N ALA A 100 0.12 -3.78 16.73
CA ALA A 100 0.38 -4.73 15.65
C ALA A 100 1.29 -4.11 14.60
N ALA A 101 1.31 -4.72 13.42
CA ALA A 101 2.12 -4.24 12.31
C ALA A 101 1.28 -4.19 11.03
N CYS A 102 1.58 -3.25 10.15
CA CYS A 102 0.84 -3.11 8.91
C CYS A 102 1.75 -3.28 7.70
N GLN A 103 1.18 -3.65 6.57
CA GLN A 103 1.94 -3.86 5.36
C GLN A 103 1.51 -2.91 4.25
N VAL A 104 2.34 -2.77 3.25
CA VAL A 104 2.06 -1.89 2.12
C VAL A 104 1.28 -2.64 1.05
N GLY A 105 0.08 -2.16 0.76
CA GLY A 105 -0.76 -2.80 -0.24
C GLY A 105 -0.45 -2.36 -1.65
N LEU A 106 0.21 -3.24 -2.41
CA LEU A 106 0.55 -2.95 -3.79
C LEU A 106 -0.41 -3.68 -4.72
N SER A 107 -1.38 -2.97 -5.26
CA SER A 107 -2.35 -3.58 -6.16
C SER A 107 -2.65 -2.68 -7.35
N ASP A 108 -3.03 -3.30 -8.47
CA ASP A 108 -3.36 -2.58 -9.69
C ASP A 108 -4.87 -2.48 -9.85
N ALA A 109 -5.33 -2.21 -11.06
CA ALA A 109 -6.76 -2.11 -11.36
C ALA A 109 -7.45 -3.44 -11.06
N ALA A 110 -6.77 -4.54 -11.34
CA ALA A 110 -7.31 -5.87 -11.09
C ALA A 110 -7.08 -6.28 -9.64
N GLY A 111 -5.83 -6.19 -9.19
CA GLY A 111 -5.51 -6.56 -7.84
C GLY A 111 -4.29 -7.45 -7.74
N ASN A 112 -3.38 -7.29 -8.70
CA ASN A 112 -2.16 -8.08 -8.73
C ASN A 112 -0.94 -7.17 -8.65
N GLY A 113 0.24 -7.76 -8.69
CA GLY A 113 1.46 -6.97 -8.64
C GLY A 113 2.47 -7.57 -7.67
N PRO A 114 3.54 -6.83 -7.35
CA PRO A 114 4.59 -7.28 -6.42
C PRO A 114 4.05 -7.58 -5.03
N GLU A 115 4.75 -8.42 -4.29
CA GLU A 115 4.33 -8.79 -2.95
C GLU A 115 4.45 -7.62 -1.99
N GLY A 116 3.51 -7.54 -1.05
CA GLY A 116 3.52 -6.48 -0.07
C GLY A 116 4.47 -6.76 1.08
N VAL A 117 5.13 -5.71 1.56
CA VAL A 117 6.07 -5.84 2.66
C VAL A 117 5.46 -5.28 3.94
N ALA A 118 5.60 -6.01 5.04
CA ALA A 118 5.06 -5.59 6.32
C ALA A 118 6.08 -4.74 7.08
N ILE A 119 5.65 -3.54 7.47
CA ILE A 119 6.52 -2.63 8.19
C ILE A 119 6.14 -2.61 9.67
N SER A 120 7.05 -2.17 10.50
CA SER A 120 6.80 -2.12 11.93
C SER A 120 7.34 -0.82 12.51
N PHE A 121 6.60 -0.25 13.46
CA PHE A 121 6.98 0.98 14.10
C PHE A 121 7.87 0.70 15.30
N ASN A 122 8.44 1.74 15.89
CA ASN A 122 9.30 1.60 17.05
C ASN A 122 8.49 1.73 18.33
N ALA A 10 8.61 -11.03 -18.01
CA ALA A 10 9.65 -9.99 -17.91
C ALA A 10 9.94 -9.67 -16.45
N ALA A 11 11.17 -9.30 -16.15
CA ALA A 11 11.56 -8.97 -14.78
C ALA A 11 11.22 -7.52 -14.45
N PRO A 12 10.33 -7.32 -13.46
CA PRO A 12 9.94 -5.98 -13.04
C PRO A 12 11.02 -5.32 -12.18
N THR A 13 10.96 -4.00 -12.07
CA THR A 13 11.95 -3.27 -11.30
C THR A 13 11.28 -2.45 -10.20
N ALA A 14 10.62 -3.14 -9.28
CA ALA A 14 9.93 -2.49 -8.18
C ALA A 14 10.92 -2.10 -7.08
N THR A 15 10.97 -0.81 -6.77
CA THR A 15 11.86 -0.31 -5.74
C THR A 15 11.07 0.43 -4.68
N VAL A 16 10.89 -0.21 -3.53
CA VAL A 16 10.13 0.38 -2.44
C VAL A 16 10.99 0.56 -1.18
N THR A 17 10.78 1.64 -0.48
CA THR A 17 11.53 1.92 0.73
C THR A 17 10.61 1.79 1.95
N PRO A 18 10.79 0.71 2.72
CA PRO A 18 9.99 0.45 3.91
C PRO A 18 10.33 1.39 5.07
N SER A 19 9.34 1.66 5.90
CA SER A 19 9.53 2.55 7.05
C SER A 19 9.69 1.74 8.33
N SER A 20 10.27 0.56 8.22
CA SER A 20 10.49 -0.30 9.37
C SER A 20 11.49 0.33 10.34
N GLY A 21 11.01 0.69 11.51
CA GLY A 21 11.86 1.31 12.52
C GLY A 21 11.51 2.77 12.70
N LEU A 22 10.65 3.27 11.83
CA LEU A 22 10.23 4.65 11.88
C LEU A 22 8.92 4.78 12.65
N SER A 23 8.54 6.00 12.98
CA SER A 23 7.31 6.26 13.72
C SER A 23 6.12 6.48 12.80
N ASP A 24 4.95 6.73 13.39
CA ASP A 24 3.74 6.98 12.61
C ASP A 24 3.80 8.37 12.00
N GLY A 25 3.12 8.55 10.89
CA GLY A 25 3.12 9.83 10.22
C GLY A 25 4.24 9.90 9.20
N THR A 26 4.99 8.81 9.10
CA THR A 26 6.10 8.72 8.17
C THR A 26 5.58 8.40 6.77
N VAL A 27 6.21 9.01 5.78
CA VAL A 27 5.84 8.80 4.41
C VAL A 27 6.66 7.67 3.78
N VAL A 28 5.97 6.65 3.31
CA VAL A 28 6.60 5.50 2.66
C VAL A 28 6.83 5.81 1.19
N LYS A 29 8.00 5.44 0.68
CA LYS A 29 8.34 5.68 -0.72
C LYS A 29 8.06 4.45 -1.57
N VAL A 30 7.17 4.61 -2.54
CA VAL A 30 6.80 3.52 -3.44
C VAL A 30 7.14 3.89 -4.87
N ALA A 31 8.20 3.29 -5.40
CA ALA A 31 8.62 3.55 -6.77
C ALA A 31 8.59 2.26 -7.60
N GLY A 32 7.51 2.07 -8.35
CA GLY A 32 7.40 0.88 -9.16
C GLY A 32 7.81 1.11 -10.60
N ALA A 33 8.61 0.20 -11.15
CA ALA A 33 9.07 0.30 -12.52
C ALA A 33 8.89 -1.04 -13.22
N GLY A 34 8.74 -1.00 -14.54
CA GLY A 34 8.54 -2.23 -15.29
C GLY A 34 7.14 -2.75 -15.11
N LEU A 35 6.19 -1.82 -15.02
CA LEU A 35 4.79 -2.15 -14.84
C LEU A 35 4.04 -1.97 -16.14
N GLN A 36 2.74 -2.27 -16.13
CA GLN A 36 1.91 -2.12 -17.31
C GLN A 36 1.53 -0.65 -17.48
N ALA A 37 2.11 -0.02 -18.49
CA ALA A 37 1.84 1.39 -18.78
C ALA A 37 0.37 1.60 -19.18
N GLY A 38 -0.23 2.64 -18.63
CA GLY A 38 -1.62 2.94 -18.95
C GLY A 38 -2.58 2.51 -17.86
N THR A 39 -2.16 1.57 -17.03
CA THR A 39 -3.00 1.06 -15.95
C THR A 39 -2.76 1.83 -14.66
N ALA A 40 -3.80 1.93 -13.85
CA ALA A 40 -3.71 2.64 -12.57
C ALA A 40 -3.40 1.65 -11.45
N TYR A 41 -2.74 2.14 -10.42
CA TYR A 41 -2.38 1.31 -9.29
C TYR A 41 -2.91 1.92 -8.01
N ASP A 42 -3.40 1.05 -7.13
CA ASP A 42 -3.94 1.47 -5.85
C ASP A 42 -2.94 1.12 -4.77
N VAL A 43 -2.38 2.14 -4.14
CA VAL A 43 -1.38 1.92 -3.09
C VAL A 43 -1.76 2.66 -1.82
N GLY A 44 -1.79 1.94 -0.70
CA GLY A 44 -2.10 2.54 0.57
C GLY A 44 -1.61 1.68 1.72
N GLN A 45 -1.80 2.14 2.94
CA GLN A 45 -1.40 1.36 4.10
C GLN A 45 -2.49 0.35 4.41
N CYS A 46 -2.11 -0.91 4.49
CA CYS A 46 -3.07 -1.97 4.74
C CYS A 46 -2.54 -2.95 5.79
N ALA A 47 -3.45 -3.76 6.32
CA ALA A 47 -3.09 -4.76 7.31
C ALA A 47 -4.23 -5.78 7.45
N TRP A 48 -4.05 -6.75 8.32
CA TRP A 48 -5.06 -7.77 8.55
C TRP A 48 -6.27 -7.17 9.28
N VAL A 49 -7.40 -7.12 8.60
CA VAL A 49 -8.61 -6.58 9.20
C VAL A 49 -9.46 -7.72 9.76
N ASP A 50 -9.33 -8.89 9.17
CA ASP A 50 -10.06 -10.07 9.60
C ASP A 50 -9.20 -11.31 9.40
N THR A 51 -9.79 -12.48 9.61
CA THR A 51 -9.09 -13.75 9.45
C THR A 51 -8.74 -14.01 8.00
N GLY A 52 -7.52 -13.66 7.62
CA GLY A 52 -7.06 -13.88 6.25
C GLY A 52 -7.54 -12.79 5.31
N VAL A 53 -8.17 -11.77 5.87
CA VAL A 53 -8.69 -10.65 5.07
C VAL A 53 -7.85 -9.40 5.31
N LEU A 54 -7.36 -8.82 4.22
CA LEU A 54 -6.56 -7.61 4.29
C LEU A 54 -7.39 -6.42 3.84
N ALA A 55 -7.04 -5.23 4.33
CA ALA A 55 -7.76 -4.02 3.98
C ALA A 55 -6.86 -2.80 4.06
N CYS A 56 -7.01 -1.88 3.10
CA CYS A 56 -6.20 -0.66 3.07
C CYS A 56 -6.99 0.54 3.58
N ASN A 57 -6.32 1.68 3.65
CA ASN A 57 -6.96 2.91 4.09
C ASN A 57 -7.12 3.89 2.94
N PRO A 58 -8.35 4.23 2.57
CA PRO A 58 -8.64 5.14 1.46
C PRO A 58 -8.58 6.61 1.86
N ALA A 59 -8.28 6.87 3.12
CA ALA A 59 -8.21 8.25 3.61
C ALA A 59 -6.84 8.85 3.32
N ASP A 60 -5.82 8.01 3.42
CA ASP A 60 -4.44 8.46 3.18
C ASP A 60 -3.80 7.64 2.06
N PHE A 61 -4.59 7.29 1.06
CA PHE A 61 -4.08 6.52 -0.06
C PHE A 61 -3.69 7.43 -1.21
N SER A 62 -2.86 6.94 -2.11
CA SER A 62 -2.42 7.74 -3.25
C SER A 62 -2.83 7.08 -4.56
N SER A 63 -3.52 7.84 -5.40
CA SER A 63 -3.95 7.36 -6.69
C SER A 63 -2.86 7.59 -7.73
N VAL A 64 -2.03 6.58 -7.95
CA VAL A 64 -0.94 6.68 -8.90
C VAL A 64 -1.21 5.81 -10.12
N THR A 65 -0.82 6.29 -11.29
CA THR A 65 -1.03 5.55 -12.51
C THR A 65 0.30 5.36 -13.24
N ALA A 66 0.40 4.29 -14.02
CA ALA A 66 1.63 4.00 -14.75
C ALA A 66 1.77 4.96 -15.92
N ASP A 67 2.87 5.70 -15.94
CA ASP A 67 3.14 6.68 -16.99
C ASP A 67 3.55 6.02 -18.30
N ALA A 68 3.91 6.83 -19.28
CA ALA A 68 4.32 6.35 -20.60
C ALA A 68 5.61 5.53 -20.54
N ASN A 69 6.28 5.58 -19.39
CA ASN A 69 7.53 4.84 -19.21
C ASN A 69 7.27 3.54 -18.48
N GLY A 70 6.00 3.31 -18.12
CA GLY A 70 5.63 2.09 -17.42
C GLY A 70 6.10 2.10 -15.98
N SER A 71 6.02 3.26 -15.35
CA SER A 71 6.44 3.41 -13.97
C SER A 71 5.39 4.15 -13.15
N ALA A 72 5.39 3.91 -11.85
CA ALA A 72 4.45 4.54 -10.95
C ALA A 72 5.12 4.80 -9.60
N SER A 73 5.52 6.03 -9.37
CA SER A 73 6.16 6.42 -8.13
C SER A 73 5.24 7.34 -7.34
N THR A 74 5.04 7.02 -6.08
CA THR A 74 4.16 7.82 -5.22
C THR A 74 4.59 7.71 -3.76
N SER A 75 3.96 8.48 -2.89
CA SER A 75 4.28 8.48 -1.48
C SER A 75 3.03 8.18 -0.64
N LEU A 76 3.19 7.35 0.39
CA LEU A 76 2.06 6.98 1.25
C LEU A 76 2.34 7.33 2.70
N THR A 77 1.34 7.86 3.39
CA THR A 77 1.50 8.22 4.79
C THR A 77 0.93 7.12 5.68
N VAL A 78 1.79 6.47 6.45
CA VAL A 78 1.35 5.39 7.33
C VAL A 78 0.97 5.93 8.72
N ARG A 79 -0.26 5.66 9.12
CA ARG A 79 -0.75 6.08 10.42
C ARG A 79 -0.70 4.90 11.40
N ARG A 80 -0.87 5.19 12.69
CA ARG A 80 -0.83 4.15 13.72
C ARG A 80 -2.07 3.26 13.66
N SER A 81 -3.23 3.89 13.52
CA SER A 81 -4.50 3.18 13.42
C SER A 81 -5.30 3.74 12.26
N PHE A 82 -6.03 2.88 11.56
CA PHE A 82 -6.82 3.33 10.41
C PHE A 82 -8.00 2.41 10.15
N GLU A 83 -8.89 2.85 9.26
CA GLU A 83 -10.05 2.08 8.86
C GLU A 83 -9.68 1.18 7.69
N GLY A 84 -10.12 -0.07 7.74
CA GLY A 84 -9.80 -1.00 6.69
C GLY A 84 -10.87 -1.07 5.62
N PHE A 85 -10.48 -0.88 4.37
CA PHE A 85 -11.40 -0.91 3.25
C PHE A 85 -10.96 -1.93 2.23
N LEU A 86 -11.91 -2.59 1.59
CA LEU A 86 -11.61 -3.59 0.59
C LEU A 86 -11.37 -2.91 -0.76
N PHE A 87 -10.81 -3.66 -1.70
CA PHE A 87 -10.48 -3.14 -3.03
C PHE A 87 -11.74 -2.75 -3.82
N ASP A 88 -12.89 -3.32 -3.45
CA ASP A 88 -14.13 -3.02 -4.15
C ASP A 88 -14.72 -1.69 -3.68
N GLY A 89 -14.45 -1.31 -2.44
CA GLY A 89 -14.97 -0.06 -1.93
C GLY A 89 -15.68 -0.20 -0.60
N THR A 90 -16.07 -1.42 -0.26
CA THR A 90 -16.76 -1.67 1.00
C THR A 90 -15.76 -1.79 2.15
N ARG A 91 -16.12 -1.23 3.31
CA ARG A 91 -15.24 -1.29 4.48
C ARG A 91 -15.50 -2.55 5.28
N TRP A 92 -14.52 -2.96 6.07
CA TRP A 92 -14.65 -4.16 6.88
C TRP A 92 -14.62 -3.81 8.36
N GLY A 93 -13.95 -2.71 8.69
CA GLY A 93 -13.85 -2.29 10.07
C GLY A 93 -12.63 -1.42 10.30
N THR A 94 -12.11 -1.43 11.51
CA THR A 94 -10.95 -0.64 11.85
C THR A 94 -9.75 -1.53 12.15
N VAL A 95 -8.58 -1.11 11.67
CA VAL A 95 -7.35 -1.86 11.88
C VAL A 95 -6.39 -1.05 12.74
N ASP A 96 -5.75 -1.71 13.69
CA ASP A 96 -4.82 -1.02 14.59
C ASP A 96 -3.42 -1.56 14.43
N CYS A 97 -2.49 -0.67 14.10
CA CYS A 97 -1.10 -1.07 13.95
C CYS A 97 -0.27 -0.55 15.13
N THR A 98 -0.95 -0.36 16.25
CA THR A 98 -0.31 0.11 17.47
C THR A 98 0.22 -1.10 18.24
N THR A 99 -0.64 -2.10 18.39
CA THR A 99 -0.27 -3.32 19.09
C THR A 99 0.12 -4.40 18.08
N ALA A 100 -0.33 -4.23 16.85
CA ALA A 100 -0.04 -5.17 15.78
C ALA A 100 0.88 -4.54 14.75
N ALA A 101 1.19 -5.29 13.69
CA ALA A 101 2.07 -4.79 12.65
C ALA A 101 1.27 -4.19 11.50
N CYS A 102 1.94 -3.41 10.67
CA CYS A 102 1.32 -2.76 9.54
C CYS A 102 2.10 -3.08 8.27
N GLN A 103 1.49 -2.97 7.11
CA GLN A 103 2.18 -3.26 5.86
C GLN A 103 1.71 -2.35 4.73
N VAL A 104 2.44 -2.37 3.64
CA VAL A 104 2.13 -1.56 2.47
C VAL A 104 1.41 -2.38 1.41
N GLY A 105 0.26 -1.90 0.95
CA GLY A 105 -0.49 -2.60 -0.07
C GLY A 105 -0.43 -1.89 -1.39
N LEU A 106 0.03 -2.59 -2.42
CA LEU A 106 0.16 -2.01 -3.75
C LEU A 106 -0.25 -3.01 -4.82
N SER A 107 -1.33 -2.71 -5.53
CA SER A 107 -1.83 -3.58 -6.60
C SER A 107 -2.62 -2.77 -7.61
N ASP A 108 -2.94 -3.38 -8.74
CA ASP A 108 -3.72 -2.72 -9.78
C ASP A 108 -5.21 -2.87 -9.51
N ALA A 109 -6.04 -2.43 -10.45
CA ALA A 109 -7.50 -2.52 -10.31
C ALA A 109 -7.97 -3.97 -10.13
N ALA A 110 -7.25 -4.91 -10.75
CA ALA A 110 -7.60 -6.31 -10.65
C ALA A 110 -7.17 -6.86 -9.29
N GLY A 111 -5.98 -6.49 -8.85
CA GLY A 111 -5.49 -6.94 -7.57
C GLY A 111 -4.22 -7.77 -7.68
N ASN A 112 -3.36 -7.40 -8.62
CA ASN A 112 -2.10 -8.11 -8.82
C ASN A 112 -0.97 -7.13 -9.00
N GLY A 113 0.26 -7.61 -8.88
CA GLY A 113 1.42 -6.76 -9.04
C GLY A 113 2.53 -7.10 -8.06
N PRO A 114 3.29 -6.10 -7.58
CA PRO A 114 4.39 -6.33 -6.63
C PRO A 114 3.90 -6.89 -5.30
N GLU A 115 4.76 -7.65 -4.65
CA GLU A 115 4.44 -8.25 -3.37
C GLU A 115 4.45 -7.20 -2.26
N GLY A 116 3.46 -7.28 -1.38
CA GLY A 116 3.35 -6.34 -0.28
C GLY A 116 4.56 -6.38 0.66
N VAL A 117 4.83 -5.26 1.31
CA VAL A 117 5.96 -5.17 2.23
C VAL A 117 5.48 -4.87 3.63
N ALA A 118 5.94 -5.64 4.61
CA ALA A 118 5.54 -5.45 5.99
C ALA A 118 6.48 -4.46 6.67
N ILE A 119 5.93 -3.57 7.49
CA ILE A 119 6.72 -2.59 8.20
C ILE A 119 6.40 -2.61 9.68
N SER A 120 7.22 -1.95 10.48
CA SER A 120 7.01 -1.90 11.91
C SER A 120 7.45 -0.56 12.48
N PHE A 121 6.79 -0.13 13.55
CA PHE A 121 7.12 1.14 14.18
C PHE A 121 8.11 0.90 15.31
N ASN A 122 8.70 1.97 15.82
CA ASN A 122 9.67 1.85 16.91
C ASN A 122 8.96 1.96 18.25
N ALA A 10 8.98 -11.23 -18.37
CA ALA A 10 9.46 -9.86 -18.18
C ALA A 10 9.59 -9.52 -16.70
N ALA A 11 10.81 -9.53 -16.21
CA ALA A 11 11.08 -9.23 -14.81
C ALA A 11 11.01 -7.73 -14.54
N PRO A 12 10.13 -7.31 -13.62
CA PRO A 12 9.96 -5.90 -13.26
C PRO A 12 10.99 -5.46 -12.23
N THR A 13 10.97 -4.18 -11.89
CA THR A 13 11.91 -3.65 -10.92
C THR A 13 11.19 -2.88 -9.82
N ALA A 14 10.54 -3.61 -8.93
CA ALA A 14 9.83 -3.00 -7.82
C ALA A 14 10.80 -2.46 -6.80
N THR A 15 10.85 -1.15 -6.65
CA THR A 15 11.73 -0.50 -5.70
C THR A 15 10.91 0.25 -4.66
N VAL A 16 10.83 -0.29 -3.46
CA VAL A 16 10.05 0.35 -2.41
C VAL A 16 10.91 0.60 -1.16
N THR A 17 10.62 1.71 -0.47
CA THR A 17 11.33 2.06 0.74
C THR A 17 10.40 1.93 1.94
N PRO A 18 10.47 0.81 2.67
CA PRO A 18 9.61 0.58 3.83
C PRO A 18 10.00 1.43 5.04
N SER A 19 9.01 1.83 5.82
CA SER A 19 9.25 2.65 7.01
C SER A 19 9.56 1.78 8.23
N SER A 20 10.30 0.70 8.01
CA SER A 20 10.67 -0.21 9.07
C SER A 20 11.61 0.46 10.06
N GLY A 21 11.28 0.39 11.34
CA GLY A 21 12.11 1.00 12.36
C GLY A 21 11.71 2.43 12.65
N LEU A 22 10.59 2.86 12.08
CA LEU A 22 10.13 4.22 12.27
C LEU A 22 8.78 4.24 13.00
N SER A 23 8.13 5.39 13.04
CA SER A 23 6.86 5.54 13.71
C SER A 23 5.75 5.87 12.71
N ASP A 24 4.57 6.20 13.22
CA ASP A 24 3.44 6.54 12.36
C ASP A 24 3.61 7.97 11.84
N GLY A 25 2.97 8.26 10.72
CA GLY A 25 3.08 9.57 10.13
C GLY A 25 4.20 9.65 9.12
N THR A 26 4.91 8.54 8.96
CA THR A 26 6.02 8.45 8.03
C THR A 26 5.51 8.28 6.61
N VAL A 27 6.27 8.80 5.66
CA VAL A 27 5.90 8.71 4.26
C VAL A 27 6.61 7.52 3.60
N VAL A 28 5.82 6.61 3.07
CA VAL A 28 6.35 5.43 2.41
C VAL A 28 6.62 5.72 0.94
N LYS A 29 7.82 5.42 0.48
CA LYS A 29 8.20 5.65 -0.91
C LYS A 29 7.96 4.39 -1.73
N VAL A 30 7.12 4.52 -2.74
CA VAL A 30 6.80 3.40 -3.62
C VAL A 30 7.16 3.72 -5.06
N ALA A 31 8.09 2.97 -5.62
CA ALA A 31 8.51 3.17 -7.00
C ALA A 31 8.36 1.87 -7.79
N GLY A 32 7.23 1.74 -8.48
CA GLY A 32 6.98 0.56 -9.26
C GLY A 32 7.48 0.71 -10.69
N ALA A 33 8.68 0.22 -10.95
CA ALA A 33 9.25 0.29 -12.28
C ALA A 33 9.05 -1.02 -13.02
N GLY A 34 8.64 -0.93 -14.27
CA GLY A 34 8.41 -2.12 -15.06
C GLY A 34 6.97 -2.59 -14.98
N LEU A 35 6.06 -1.62 -14.83
CA LEU A 35 4.63 -1.93 -14.73
C LEU A 35 3.97 -1.66 -16.08
N GLN A 36 2.66 -1.86 -16.15
CA GLN A 36 1.93 -1.65 -17.38
C GLN A 36 1.54 -0.19 -17.51
N ALA A 37 2.22 0.51 -18.43
CA ALA A 37 1.97 1.92 -18.68
C ALA A 37 0.51 2.20 -19.02
N GLY A 38 -0.06 3.22 -18.39
CA GLY A 38 -1.43 3.57 -18.65
C GLY A 38 -2.40 3.03 -17.61
N THR A 39 -1.93 2.07 -16.83
CA THR A 39 -2.75 1.45 -15.79
C THR A 39 -2.55 2.16 -14.46
N ALA A 40 -3.63 2.23 -13.67
CA ALA A 40 -3.56 2.86 -12.36
C ALA A 40 -3.37 1.81 -11.28
N TYR A 41 -2.44 2.05 -10.38
CA TYR A 41 -2.16 1.11 -9.30
C TYR A 41 -2.57 1.70 -7.96
N ASP A 42 -3.25 0.89 -7.16
CA ASP A 42 -3.72 1.31 -5.85
C ASP A 42 -2.69 0.96 -4.78
N VAL A 43 -2.21 1.96 -4.07
CA VAL A 43 -1.21 1.75 -3.04
C VAL A 43 -1.61 2.42 -1.73
N GLY A 44 -1.63 1.65 -0.67
CA GLY A 44 -1.97 2.17 0.64
C GLY A 44 -1.39 1.31 1.75
N GLN A 45 -1.64 1.68 2.99
CA GLN A 45 -1.12 0.90 4.12
C GLN A 45 -2.08 -0.24 4.46
N CYS A 46 -2.45 -0.99 3.43
CA CYS A 46 -3.37 -2.10 3.57
C CYS A 46 -2.80 -3.20 4.45
N ALA A 47 -3.23 -3.24 5.70
CA ALA A 47 -2.77 -4.22 6.65
C ALA A 47 -3.85 -5.26 6.93
N TRP A 48 -3.54 -6.21 7.80
CA TRP A 48 -4.47 -7.27 8.17
C TRP A 48 -5.68 -6.73 8.93
N VAL A 49 -6.86 -6.89 8.35
CA VAL A 49 -8.09 -6.42 8.97
C VAL A 49 -8.85 -7.60 9.57
N ASP A 50 -8.50 -8.80 9.13
CA ASP A 50 -9.14 -10.03 9.60
C ASP A 50 -8.24 -11.22 9.27
N THR A 51 -8.69 -12.42 9.59
CA THR A 51 -7.92 -13.63 9.33
C THR A 51 -7.85 -13.89 7.83
N GLY A 52 -6.71 -13.55 7.24
CA GLY A 52 -6.51 -13.76 5.81
C GLY A 52 -7.10 -12.64 4.99
N VAL A 53 -7.65 -11.64 5.67
CA VAL A 53 -8.27 -10.50 5.00
C VAL A 53 -7.50 -9.22 5.32
N LEU A 54 -7.21 -8.45 4.29
CA LEU A 54 -6.49 -7.21 4.44
C LEU A 54 -7.37 -6.07 3.94
N ALA A 55 -7.03 -4.84 4.27
CA ALA A 55 -7.82 -3.70 3.85
C ALA A 55 -6.98 -2.42 3.79
N CYS A 56 -7.26 -1.58 2.80
CA CYS A 56 -6.53 -0.33 2.63
C CYS A 56 -7.26 0.83 3.31
N ASN A 57 -6.58 1.97 3.40
CA ASN A 57 -7.17 3.15 4.03
C ASN A 57 -7.55 4.19 2.97
N PRO A 58 -8.84 4.49 2.80
CA PRO A 58 -9.32 5.45 1.81
C PRO A 58 -9.17 6.90 2.28
N ALA A 59 -8.61 7.06 3.47
CA ALA A 59 -8.42 8.39 4.03
C ALA A 59 -7.02 8.94 3.74
N ASP A 60 -6.07 8.04 3.52
CA ASP A 60 -4.69 8.45 3.27
C ASP A 60 -4.05 7.59 2.18
N PHE A 61 -4.80 7.29 1.13
CA PHE A 61 -4.26 6.48 0.03
C PHE A 61 -3.94 7.36 -1.17
N SER A 62 -3.36 6.75 -2.20
CA SER A 62 -3.01 7.47 -3.41
C SER A 62 -3.05 6.54 -4.62
N SER A 63 -3.73 7.01 -5.67
CA SER A 63 -3.85 6.25 -6.90
C SER A 63 -2.79 6.73 -7.89
N VAL A 64 -1.77 5.91 -8.10
CA VAL A 64 -0.70 6.29 -9.02
C VAL A 64 -0.92 5.69 -10.40
N THR A 65 -0.91 6.55 -11.41
CA THR A 65 -1.09 6.11 -12.78
C THR A 65 0.29 5.87 -13.41
N ALA A 66 0.43 4.73 -14.07
CA ALA A 66 1.69 4.39 -14.70
C ALA A 66 1.98 5.33 -15.86
N ASP A 67 3.15 5.96 -15.82
CA ASP A 67 3.55 6.91 -16.85
C ASP A 67 3.91 6.21 -18.16
N ALA A 68 4.27 6.99 -19.16
CA ALA A 68 4.63 6.47 -20.48
C ALA A 68 5.92 5.65 -20.45
N ASN A 69 6.60 5.66 -19.31
CA ASN A 69 7.84 4.91 -19.16
C ASN A 69 7.56 3.57 -18.51
N GLY A 70 6.36 3.44 -17.94
CA GLY A 70 5.99 2.22 -17.27
C GLY A 70 6.39 2.23 -15.82
N SER A 71 6.53 3.43 -15.27
CA SER A 71 6.92 3.59 -13.88
C SER A 71 5.77 4.17 -13.06
N ALA A 72 5.81 3.93 -11.76
CA ALA A 72 4.78 4.42 -10.86
C ALA A 72 5.38 4.78 -9.50
N SER A 73 5.81 6.02 -9.37
CA SER A 73 6.39 6.51 -8.12
C SER A 73 5.36 7.33 -7.35
N THR A 74 5.13 6.95 -6.10
CA THR A 74 4.18 7.65 -5.25
C THR A 74 4.61 7.57 -3.78
N SER A 75 3.93 8.34 -2.94
CA SER A 75 4.24 8.38 -1.52
C SER A 75 2.96 8.21 -0.69
N LEU A 76 3.03 7.39 0.35
CA LEU A 76 1.87 7.14 1.20
C LEU A 76 2.14 7.47 2.66
N THR A 77 1.13 7.95 3.36
CA THR A 77 1.27 8.27 4.77
C THR A 77 0.70 7.16 5.64
N VAL A 78 1.57 6.48 6.38
CA VAL A 78 1.13 5.39 7.24
C VAL A 78 0.66 5.90 8.59
N ARG A 79 -0.57 5.57 8.95
CA ARG A 79 -1.15 5.98 10.23
C ARG A 79 -1.01 4.86 11.24
N ARG A 80 -1.13 5.21 12.52
CA ARG A 80 -1.03 4.22 13.59
C ARG A 80 -2.33 3.44 13.67
N SER A 81 -3.42 4.08 13.24
CA SER A 81 -4.74 3.48 13.21
C SER A 81 -5.51 4.01 12.00
N PHE A 82 -6.28 3.14 11.35
CA PHE A 82 -7.03 3.54 10.18
C PHE A 82 -8.24 2.63 9.96
N GLU A 83 -9.06 2.98 8.99
CA GLU A 83 -10.24 2.19 8.68
C GLU A 83 -9.97 1.37 7.42
N GLY A 84 -10.13 0.07 7.52
CA GLY A 84 -9.87 -0.80 6.40
C GLY A 84 -11.02 -0.86 5.41
N PHE A 85 -10.68 -0.74 4.13
CA PHE A 85 -11.67 -0.78 3.07
C PHE A 85 -11.26 -1.78 2.00
N LEU A 86 -12.22 -2.46 1.44
CA LEU A 86 -11.96 -3.44 0.40
C LEU A 86 -11.92 -2.74 -0.96
N PHE A 87 -11.47 -3.45 -1.98
CA PHE A 87 -11.37 -2.88 -3.32
C PHE A 87 -12.74 -2.53 -3.90
N ASP A 88 -13.77 -3.24 -3.44
CA ASP A 88 -15.13 -2.99 -3.91
C ASP A 88 -15.68 -1.70 -3.30
N GLY A 89 -15.13 -1.32 -2.15
CA GLY A 89 -15.57 -0.10 -1.50
C GLY A 89 -16.19 -0.34 -0.15
N THR A 90 -16.40 -1.61 0.19
CA THR A 90 -17.00 -1.97 1.48
C THR A 90 -15.97 -1.86 2.61
N ARG A 91 -16.40 -1.34 3.75
CA ARG A 91 -15.54 -1.20 4.90
C ARG A 91 -15.62 -2.45 5.77
N TRP A 92 -14.51 -3.18 5.87
CA TRP A 92 -14.49 -4.40 6.67
C TRP A 92 -14.52 -4.06 8.16
N GLY A 93 -13.67 -3.12 8.55
CA GLY A 93 -13.60 -2.71 9.93
C GLY A 93 -12.41 -1.82 10.20
N THR A 94 -12.22 -1.43 11.45
CA THR A 94 -11.12 -0.58 11.82
C THR A 94 -9.84 -1.40 12.02
N VAL A 95 -8.72 -0.87 11.55
CA VAL A 95 -7.43 -1.55 11.68
C VAL A 95 -6.51 -0.72 12.55
N ASP A 96 -5.92 -1.35 13.55
CA ASP A 96 -5.03 -0.64 14.45
C ASP A 96 -3.62 -1.23 14.39
N CYS A 97 -2.64 -0.35 14.34
CA CYS A 97 -1.25 -0.76 14.30
C CYS A 97 -0.50 -0.16 15.48
N THR A 98 -1.19 -0.01 16.60
CA THR A 98 -0.58 0.52 17.81
C THR A 98 0.04 -0.62 18.60
N THR A 99 -0.70 -1.72 18.72
CA THR A 99 -0.23 -2.90 19.41
C THR A 99 0.21 -3.95 18.40
N ALA A 100 0.07 -3.60 17.13
CA ALA A 100 0.43 -4.48 16.03
C ALA A 100 1.29 -3.74 15.02
N ALA A 101 1.74 -4.44 14.01
CA ALA A 101 2.58 -3.86 12.98
C ALA A 101 1.80 -3.71 11.67
N CYS A 102 2.07 -2.64 10.95
CA CYS A 102 1.40 -2.37 9.69
C CYS A 102 2.20 -2.90 8.52
N GLN A 103 1.71 -2.65 7.31
CA GLN A 103 2.36 -3.08 6.09
C GLN A 103 1.90 -2.22 4.92
N VAL A 104 2.51 -2.39 3.77
CA VAL A 104 2.16 -1.61 2.60
C VAL A 104 1.56 -2.50 1.51
N GLY A 105 0.38 -2.12 1.03
CA GLY A 105 -0.29 -2.87 -0.01
C GLY A 105 -0.27 -2.13 -1.33
N LEU A 106 0.27 -2.77 -2.35
CA LEU A 106 0.36 -2.18 -3.68
C LEU A 106 -0.07 -3.18 -4.74
N SER A 107 -1.17 -2.91 -5.40
CA SER A 107 -1.69 -3.79 -6.44
C SER A 107 -2.59 -3.02 -7.40
N ASP A 108 -2.93 -3.65 -8.52
CA ASP A 108 -3.81 -3.03 -9.51
C ASP A 108 -5.26 -3.24 -9.11
N ALA A 109 -6.18 -2.84 -9.98
CA ALA A 109 -7.61 -2.98 -9.71
C ALA A 109 -8.01 -4.44 -9.52
N ALA A 110 -7.31 -5.34 -10.20
CA ALA A 110 -7.60 -6.77 -10.10
C ALA A 110 -6.97 -7.35 -8.83
N GLY A 111 -5.95 -6.68 -8.32
CA GLY A 111 -5.28 -7.14 -7.11
C GLY A 111 -3.98 -7.87 -7.41
N ASN A 112 -3.33 -7.50 -8.50
CA ASN A 112 -2.06 -8.12 -8.89
C ASN A 112 -0.95 -7.09 -8.95
N GLY A 113 0.27 -7.54 -9.10
CA GLY A 113 1.41 -6.65 -9.18
C GLY A 113 2.54 -7.11 -8.30
N PRO A 114 3.17 -6.21 -7.53
CA PRO A 114 4.28 -6.54 -6.65
C PRO A 114 3.79 -7.17 -5.34
N GLU A 115 4.73 -7.60 -4.51
CA GLU A 115 4.38 -8.21 -3.23
C GLU A 115 4.36 -7.16 -2.13
N GLY A 116 3.50 -7.37 -1.14
CA GLY A 116 3.38 -6.44 -0.03
C GLY A 116 4.58 -6.50 0.89
N VAL A 117 4.87 -5.39 1.55
CA VAL A 117 6.00 -5.31 2.47
C VAL A 117 5.52 -4.96 3.87
N ALA A 118 5.97 -5.72 4.85
CA ALA A 118 5.60 -5.49 6.24
C ALA A 118 6.54 -4.50 6.90
N ILE A 119 5.99 -3.50 7.58
CA ILE A 119 6.80 -2.50 8.24
C ILE A 119 6.59 -2.52 9.76
N SER A 120 7.69 -2.66 10.48
CA SER A 120 7.65 -2.71 11.92
C SER A 120 7.96 -1.33 12.51
N PHE A 121 7.20 -0.95 13.53
CA PHE A 121 7.40 0.34 14.19
C PHE A 121 8.42 0.21 15.32
N ASN A 122 9.12 1.30 15.62
CA ASN A 122 10.11 1.28 16.69
C ASN A 122 9.48 1.66 18.01
N ALA A 10 8.50 -10.95 -18.07
CA ALA A 10 9.41 -9.80 -17.88
C ALA A 10 9.72 -9.62 -16.39
N ALA A 11 10.94 -9.19 -16.09
CA ALA A 11 11.34 -8.97 -14.72
C ALA A 11 11.15 -7.51 -14.33
N PRO A 12 10.16 -7.24 -13.45
CA PRO A 12 9.87 -5.89 -12.99
C PRO A 12 10.79 -5.46 -11.84
N THR A 13 10.78 -4.17 -11.55
CA THR A 13 11.60 -3.63 -10.48
C THR A 13 10.76 -2.82 -9.50
N ALA A 14 10.38 -3.47 -8.40
CA ALA A 14 9.57 -2.82 -7.37
C ALA A 14 10.46 -2.14 -6.35
N THR A 15 10.73 -0.87 -6.57
CA THR A 15 11.56 -0.08 -5.68
C THR A 15 10.72 0.54 -4.56
N VAL A 16 10.70 -0.10 -3.40
CA VAL A 16 9.93 0.40 -2.28
C VAL A 16 10.83 0.72 -1.09
N THR A 17 10.51 1.80 -0.39
CA THR A 17 11.27 2.21 0.79
C THR A 17 10.38 2.16 2.03
N PRO A 18 10.42 1.03 2.76
CA PRO A 18 9.60 0.83 3.97
C PRO A 18 10.06 1.69 5.14
N SER A 19 9.15 1.96 6.06
CA SER A 19 9.44 2.76 7.23
C SER A 19 9.72 1.89 8.46
N SER A 20 10.26 0.70 8.23
CA SER A 20 10.58 -0.22 9.31
C SER A 20 11.62 0.39 10.25
N GLY A 21 11.18 0.77 11.44
CA GLY A 21 12.06 1.37 12.41
C GLY A 21 11.68 2.81 12.69
N LEU A 22 10.79 3.34 11.87
CA LEU A 22 10.33 4.72 12.01
C LEU A 22 8.95 4.74 12.64
N SER A 23 8.62 5.85 13.29
CA SER A 23 7.33 6.01 13.94
C SER A 23 6.22 6.28 12.91
N ASP A 24 4.98 6.33 13.36
CA ASP A 24 3.86 6.58 12.46
C ASP A 24 3.89 8.02 11.97
N GLY A 25 3.25 8.27 10.84
CA GLY A 25 3.24 9.60 10.27
C GLY A 25 4.33 9.74 9.21
N THR A 26 5.17 8.72 9.11
CA THR A 26 6.25 8.70 8.15
C THR A 26 5.72 8.37 6.76
N VAL A 27 6.34 8.95 5.73
CA VAL A 27 5.92 8.72 4.37
C VAL A 27 6.67 7.56 3.74
N VAL A 28 5.93 6.59 3.24
CA VAL A 28 6.50 5.41 2.59
C VAL A 28 6.56 5.65 1.08
N LYS A 29 7.72 5.41 0.50
CA LYS A 29 7.90 5.61 -0.93
C LYS A 29 7.70 4.30 -1.69
N VAL A 30 6.83 4.32 -2.69
CA VAL A 30 6.55 3.15 -3.50
C VAL A 30 6.75 3.48 -4.99
N ALA A 31 7.83 2.99 -5.56
CA ALA A 31 8.14 3.24 -6.97
C ALA A 31 8.20 1.94 -7.74
N GLY A 32 7.12 1.60 -8.42
CA GLY A 32 7.08 0.37 -9.19
C GLY A 32 7.47 0.59 -10.64
N ALA A 33 8.55 -0.05 -11.06
CA ALA A 33 9.01 0.06 -12.43
C ALA A 33 8.76 -1.26 -13.17
N GLY A 34 8.35 -1.17 -14.42
CA GLY A 34 8.06 -2.37 -15.19
C GLY A 34 6.60 -2.74 -15.10
N LEU A 35 5.76 -1.73 -14.93
CA LEU A 35 4.32 -1.93 -14.83
C LEU A 35 3.65 -1.69 -16.17
N GLN A 36 2.36 -1.94 -16.24
CA GLN A 36 1.61 -1.75 -17.48
C GLN A 36 1.16 -0.29 -17.60
N ALA A 37 1.73 0.42 -18.56
CA ALA A 37 1.40 1.82 -18.78
C ALA A 37 -0.09 2.02 -19.07
N GLY A 38 -0.64 3.11 -18.54
CA GLY A 38 -2.05 3.41 -18.76
C GLY A 38 -2.95 2.81 -17.71
N THR A 39 -2.38 2.03 -16.81
CA THR A 39 -3.14 1.39 -15.75
C THR A 39 -2.97 2.15 -14.43
N ALA A 40 -3.99 2.10 -13.59
CA ALA A 40 -3.97 2.76 -12.30
C ALA A 40 -3.65 1.75 -11.21
N TYR A 41 -2.77 2.13 -10.29
CA TYR A 41 -2.37 1.24 -9.21
C TYR A 41 -2.77 1.81 -7.85
N ASP A 42 -3.42 0.99 -7.05
CA ASP A 42 -3.88 1.37 -5.72
C ASP A 42 -2.81 1.06 -4.70
N VAL A 43 -2.44 2.06 -3.91
CA VAL A 43 -1.43 1.90 -2.89
C VAL A 43 -1.90 2.45 -1.56
N GLY A 44 -1.79 1.65 -0.50
CA GLY A 44 -2.19 2.09 0.82
C GLY A 44 -1.53 1.27 1.90
N GLN A 45 -1.77 1.60 3.16
CA GLN A 45 -1.18 0.86 4.26
C GLN A 45 -2.05 -0.36 4.55
N CYS A 46 -2.25 -1.15 3.52
CA CYS A 46 -3.08 -2.35 3.60
C CYS A 46 -2.49 -3.39 4.52
N ALA A 47 -3.08 -3.53 5.70
CA ALA A 47 -2.63 -4.51 6.68
C ALA A 47 -3.71 -5.56 6.91
N TRP A 48 -3.46 -6.47 7.84
CA TRP A 48 -4.40 -7.54 8.14
C TRP A 48 -5.67 -6.98 8.77
N VAL A 49 -6.80 -7.30 8.18
CA VAL A 49 -8.10 -6.83 8.68
C VAL A 49 -8.88 -8.00 9.27
N ASP A 50 -8.52 -9.21 8.87
CA ASP A 50 -9.16 -10.42 9.34
C ASP A 50 -8.22 -11.60 9.10
N THR A 51 -8.72 -12.82 9.27
CA THR A 51 -7.93 -14.02 9.08
C THR A 51 -7.66 -14.25 7.60
N GLY A 52 -6.47 -13.85 7.15
CA GLY A 52 -6.11 -14.02 5.76
C GLY A 52 -6.62 -12.89 4.88
N VAL A 53 -7.34 -11.95 5.49
CA VAL A 53 -7.90 -10.84 4.75
C VAL A 53 -7.19 -9.54 5.12
N LEU A 54 -6.89 -8.73 4.12
CA LEU A 54 -6.20 -7.47 4.33
C LEU A 54 -7.05 -6.32 3.82
N ALA A 55 -6.75 -5.10 4.25
CA ALA A 55 -7.51 -3.93 3.83
C ALA A 55 -6.65 -2.68 3.84
N CYS A 56 -6.89 -1.78 2.88
CA CYS A 56 -6.13 -0.54 2.77
C CYS A 56 -6.86 0.60 3.47
N ASN A 57 -6.18 1.73 3.63
CA ASN A 57 -6.78 2.89 4.29
C ASN A 57 -7.46 3.80 3.26
N PRO A 58 -8.76 4.07 3.44
CA PRO A 58 -9.53 4.92 2.52
C PRO A 58 -9.44 6.41 2.83
N ALA A 59 -8.53 6.78 3.72
CA ALA A 59 -8.38 8.17 4.09
C ALA A 59 -7.12 8.77 3.46
N ASP A 60 -5.96 8.43 4.00
CA ASP A 60 -4.71 8.97 3.49
C ASP A 60 -4.02 8.00 2.54
N PHE A 61 -4.63 7.80 1.37
CA PHE A 61 -4.06 6.92 0.35
C PHE A 61 -3.81 7.73 -0.91
N SER A 62 -3.06 7.18 -1.86
CA SER A 62 -2.77 7.89 -3.09
C SER A 62 -2.56 6.93 -4.26
N SER A 63 -3.58 6.81 -5.10
CA SER A 63 -3.51 5.95 -6.27
C SER A 63 -2.62 6.61 -7.34
N VAL A 64 -1.75 5.83 -7.94
CA VAL A 64 -0.84 6.35 -8.95
C VAL A 64 -1.03 5.65 -10.29
N THR A 65 -0.92 6.43 -11.36
CA THR A 65 -1.08 5.89 -12.70
C THR A 65 0.29 5.59 -13.31
N ALA A 66 0.38 4.52 -14.08
CA ALA A 66 1.64 4.15 -14.71
C ALA A 66 1.96 5.12 -15.84
N ASP A 67 3.16 5.67 -15.81
CA ASP A 67 3.59 6.63 -16.81
C ASP A 67 4.03 5.93 -18.11
N ALA A 68 4.40 6.74 -19.10
CA ALA A 68 4.83 6.22 -20.40
C ALA A 68 6.07 5.34 -20.29
N ASN A 69 6.89 5.59 -19.27
CA ASN A 69 8.11 4.83 -19.06
C ASN A 69 7.81 3.48 -18.40
N GLY A 70 6.54 3.27 -18.07
CA GLY A 70 6.12 2.03 -17.44
C GLY A 70 6.48 1.98 -15.98
N SER A 71 6.37 3.13 -15.32
CA SER A 71 6.70 3.22 -13.92
C SER A 71 5.66 4.04 -13.17
N ALA A 72 5.50 3.76 -11.88
CA ALA A 72 4.55 4.47 -11.05
C ALA A 72 5.12 4.69 -9.65
N SER A 73 5.42 5.95 -9.34
CA SER A 73 5.96 6.30 -8.03
C SER A 73 4.92 7.07 -7.22
N THR A 74 4.70 6.62 -6.01
CA THR A 74 3.74 7.25 -5.12
C THR A 74 4.25 7.24 -3.68
N SER A 75 3.60 8.01 -2.82
CA SER A 75 3.98 8.10 -1.42
C SER A 75 2.78 7.78 -0.54
N LEU A 76 3.00 7.07 0.56
CA LEU A 76 1.92 6.72 1.46
C LEU A 76 2.27 7.09 2.91
N THR A 77 1.47 7.95 3.51
CA THR A 77 1.69 8.35 4.89
C THR A 77 1.07 7.30 5.81
N VAL A 78 1.91 6.39 6.31
CA VAL A 78 1.44 5.33 7.18
C VAL A 78 1.00 5.87 8.55
N ARG A 79 -0.27 5.67 8.85
CA ARG A 79 -0.84 6.11 10.12
C ARG A 79 -0.81 4.96 11.12
N ARG A 80 -0.92 5.28 12.40
CA ARG A 80 -0.91 4.27 13.44
C ARG A 80 -2.23 3.52 13.47
N SER A 81 -3.31 4.23 13.20
CA SER A 81 -4.64 3.65 13.17
C SER A 81 -5.35 4.08 11.88
N PHE A 82 -5.97 3.12 11.20
CA PHE A 82 -6.66 3.40 9.95
C PHE A 82 -7.94 2.57 9.82
N GLU A 83 -8.65 2.77 8.72
CA GLU A 83 -9.88 2.04 8.46
C GLU A 83 -9.63 1.01 7.37
N GLY A 84 -10.28 -0.14 7.46
CA GLY A 84 -10.09 -1.16 6.46
C GLY A 84 -11.00 -1.00 5.26
N PHE A 85 -10.43 -0.90 4.07
CA PHE A 85 -11.20 -0.75 2.85
C PHE A 85 -10.75 -1.77 1.81
N LEU A 86 -11.70 -2.36 1.12
CA LEU A 86 -11.40 -3.33 0.09
C LEU A 86 -11.26 -2.66 -1.27
N PHE A 87 -10.76 -3.40 -2.25
CA PHE A 87 -10.57 -2.87 -3.60
C PHE A 87 -11.90 -2.62 -4.30
N ASP A 88 -12.92 -3.35 -3.88
CA ASP A 88 -14.25 -3.23 -4.48
C ASP A 88 -14.97 -1.98 -3.96
N GLY A 89 -14.45 -1.40 -2.89
CA GLY A 89 -15.05 -0.20 -2.34
C GLY A 89 -15.81 -0.44 -1.05
N THR A 90 -15.84 -1.68 -0.56
CA THR A 90 -16.54 -2.00 0.67
C THR A 90 -15.63 -1.79 1.88
N ARG A 91 -16.19 -1.26 2.97
CA ARG A 91 -15.44 -1.03 4.18
C ARG A 91 -15.56 -2.26 5.09
N TRP A 92 -14.52 -2.50 5.89
CA TRP A 92 -14.53 -3.65 6.78
C TRP A 92 -14.68 -3.19 8.24
N GLY A 93 -13.72 -2.42 8.70
CA GLY A 93 -13.76 -1.94 10.07
C GLY A 93 -12.50 -1.16 10.43
N THR A 94 -12.46 -0.62 11.63
CA THR A 94 -11.30 0.14 12.09
C THR A 94 -10.15 -0.77 12.48
N VAL A 95 -8.99 -0.56 11.88
CA VAL A 95 -7.81 -1.36 12.16
C VAL A 95 -6.77 -0.53 12.92
N ASP A 96 -6.25 -1.06 14.00
CA ASP A 96 -5.27 -0.35 14.79
C ASP A 96 -3.90 -1.03 14.71
N CYS A 97 -2.88 -0.26 14.39
CA CYS A 97 -1.53 -0.77 14.29
C CYS A 97 -0.66 -0.23 15.42
N THR A 98 -1.30 0.09 16.54
CA THR A 98 -0.57 0.59 17.70
C THR A 98 -0.01 -0.58 18.48
N THR A 99 -0.79 -1.65 18.55
CA THR A 99 -0.37 -2.86 19.26
C THR A 99 -0.18 -4.00 18.27
N ALA A 100 -0.03 -3.64 17.00
CA ALA A 100 0.16 -4.62 15.94
C ALA A 100 1.13 -4.07 14.90
N ALA A 101 1.62 -4.94 14.03
CA ALA A 101 2.54 -4.53 12.99
C ALA A 101 1.81 -4.23 11.69
N CYS A 102 1.91 -2.98 11.24
CA CYS A 102 1.26 -2.56 10.01
C CYS A 102 2.11 -2.93 8.80
N GLN A 103 1.56 -2.77 7.61
CA GLN A 103 2.29 -3.08 6.39
C GLN A 103 1.79 -2.24 5.24
N VAL A 104 2.47 -2.31 4.10
CA VAL A 104 2.10 -1.55 2.92
C VAL A 104 1.66 -2.46 1.80
N GLY A 105 0.60 -2.07 1.10
CA GLY A 105 0.09 -2.88 0.00
C GLY A 105 -0.11 -2.08 -1.27
N LEU A 106 0.12 -2.71 -2.40
CA LEU A 106 -0.03 -2.05 -3.70
C LEU A 106 -0.46 -3.07 -4.75
N SER A 107 -1.50 -2.73 -5.51
CA SER A 107 -2.00 -3.61 -6.56
C SER A 107 -2.73 -2.80 -7.63
N ASP A 108 -2.97 -3.42 -8.79
CA ASP A 108 -3.68 -2.76 -9.88
C ASP A 108 -5.19 -2.82 -9.65
N ALA A 109 -5.94 -2.35 -10.63
CA ALA A 109 -7.41 -2.33 -10.55
C ALA A 109 -7.98 -3.73 -10.39
N ALA A 110 -7.33 -4.73 -10.98
CA ALA A 110 -7.78 -6.11 -10.88
C ALA A 110 -7.45 -6.69 -9.51
N GLY A 111 -6.28 -6.34 -9.00
CA GLY A 111 -5.88 -6.82 -7.70
C GLY A 111 -4.58 -7.60 -7.74
N ASN A 112 -3.74 -7.31 -8.72
CA ASN A 112 -2.46 -7.99 -8.87
C ASN A 112 -1.33 -6.98 -8.89
N GLY A 113 -0.10 -7.48 -8.87
CA GLY A 113 1.06 -6.62 -8.90
C GLY A 113 2.15 -7.11 -7.97
N PRO A 114 3.17 -6.28 -7.71
CA PRO A 114 4.30 -6.64 -6.83
C PRO A 114 3.82 -7.08 -5.45
N GLU A 115 4.59 -7.96 -4.81
CA GLU A 115 4.27 -8.46 -3.49
C GLU A 115 4.34 -7.36 -2.45
N GLY A 116 3.51 -7.48 -1.41
CA GLY A 116 3.48 -6.50 -0.36
C GLY A 116 4.66 -6.61 0.57
N VAL A 117 4.81 -5.64 1.47
CA VAL A 117 5.91 -5.62 2.41
C VAL A 117 5.42 -5.23 3.81
N ALA A 118 5.83 -6.01 4.81
CA ALA A 118 5.44 -5.74 6.18
C ALA A 118 6.47 -4.84 6.86
N ILE A 119 6.01 -3.93 7.70
CA ILE A 119 6.89 -3.01 8.40
C ILE A 119 6.61 -3.00 9.89
N SER A 120 7.38 -2.21 10.62
CA SER A 120 7.21 -2.09 12.06
C SER A 120 7.70 -0.73 12.53
N PHE A 121 7.06 -0.18 13.55
CA PHE A 121 7.44 1.11 14.09
C PHE A 121 8.36 0.91 15.29
N ASN A 122 9.20 1.89 15.59
CA ASN A 122 10.11 1.78 16.72
C ASN A 122 9.34 1.77 18.02
N ALA A 10 9.36 -11.39 -17.81
CA ALA A 10 9.43 -9.93 -17.58
C ALA A 10 9.45 -9.62 -16.09
N ALA A 11 10.65 -9.48 -15.52
CA ALA A 11 10.81 -9.18 -14.11
C ALA A 11 10.82 -7.68 -13.89
N PRO A 12 9.82 -7.16 -13.16
CA PRO A 12 9.69 -5.74 -12.88
C PRO A 12 10.57 -5.28 -11.71
N THR A 13 10.65 -3.98 -11.51
CA THR A 13 11.43 -3.40 -10.44
C THR A 13 10.52 -2.93 -9.31
N ALA A 14 10.35 -3.77 -8.30
CA ALA A 14 9.51 -3.44 -7.16
C ALA A 14 10.34 -2.81 -6.05
N THR A 15 10.80 -1.59 -6.29
CA THR A 15 11.61 -0.87 -5.33
C THR A 15 10.76 0.00 -4.41
N VAL A 16 10.65 -0.39 -3.15
CA VAL A 16 9.88 0.37 -2.18
C VAL A 16 10.71 0.64 -0.94
N THR A 17 10.46 1.76 -0.29
CA THR A 17 11.18 2.14 0.91
C THR A 17 10.37 1.80 2.17
N PRO A 18 10.84 0.80 2.94
CA PRO A 18 10.15 0.38 4.15
C PRO A 18 10.40 1.35 5.33
N SER A 19 9.39 1.50 6.17
CA SER A 19 9.49 2.38 7.33
C SER A 19 9.70 1.56 8.59
N SER A 20 10.41 0.46 8.46
CA SER A 20 10.69 -0.43 9.57
C SER A 20 11.61 0.22 10.60
N GLY A 21 11.09 0.42 11.80
CA GLY A 21 11.88 1.02 12.85
C GLY A 21 11.59 2.51 13.00
N LEU A 22 10.62 3.01 12.26
CA LEU A 22 10.25 4.41 12.33
C LEU A 22 8.96 4.60 13.11
N SER A 23 8.44 5.82 13.13
CA SER A 23 7.20 6.10 13.85
C SER A 23 6.05 6.34 12.87
N ASP A 24 4.83 6.46 13.40
CA ASP A 24 3.67 6.71 12.54
C ASP A 24 3.74 8.13 11.99
N GLY A 25 3.15 8.33 10.83
CA GLY A 25 3.18 9.64 10.22
C GLY A 25 4.28 9.75 9.19
N THR A 26 5.13 8.74 9.14
CA THR A 26 6.22 8.72 8.19
C THR A 26 5.69 8.42 6.80
N VAL A 27 6.28 9.07 5.79
CA VAL A 27 5.85 8.88 4.42
C VAL A 27 6.59 7.73 3.77
N VAL A 28 5.83 6.75 3.29
CA VAL A 28 6.40 5.58 2.63
C VAL A 28 6.57 5.85 1.15
N LYS A 29 7.76 5.63 0.63
CA LYS A 29 8.03 5.88 -0.77
C LYS A 29 7.88 4.61 -1.59
N VAL A 30 7.09 4.68 -2.65
CA VAL A 30 6.84 3.55 -3.53
C VAL A 30 7.25 3.89 -4.95
N ALA A 31 8.11 3.06 -5.55
CA ALA A 31 8.56 3.28 -6.91
C ALA A 31 8.57 1.98 -7.69
N GLY A 32 7.48 1.70 -8.39
CA GLY A 32 7.38 0.48 -9.16
C GLY A 32 7.64 0.73 -10.63
N ALA A 33 8.66 0.07 -11.17
CA ALA A 33 9.00 0.22 -12.57
C ALA A 33 8.87 -1.11 -13.28
N GLY A 34 8.55 -1.06 -14.57
CA GLY A 34 8.38 -2.28 -15.34
C GLY A 34 6.99 -2.84 -15.20
N LEU A 35 6.04 -1.97 -14.90
CA LEU A 35 4.65 -2.37 -14.74
C LEU A 35 3.88 -2.12 -16.03
N GLN A 36 2.57 -2.32 -15.99
CA GLN A 36 1.75 -2.12 -17.18
C GLN A 36 1.38 -0.64 -17.33
N ALA A 37 2.00 -0.01 -18.32
CA ALA A 37 1.76 1.41 -18.60
C ALA A 37 0.31 1.65 -18.99
N GLY A 38 -0.26 2.76 -18.53
CA GLY A 38 -1.64 3.08 -18.84
C GLY A 38 -2.61 2.42 -17.89
N THR A 39 -2.14 2.07 -16.70
CA THR A 39 -2.98 1.43 -15.71
C THR A 39 -2.82 2.11 -14.35
N ALA A 40 -3.91 2.23 -13.61
CA ALA A 40 -3.88 2.86 -12.30
C ALA A 40 -3.63 1.83 -11.22
N TYR A 41 -2.59 2.06 -10.42
CA TYR A 41 -2.24 1.16 -9.34
C TYR A 41 -2.64 1.78 -8.00
N ASP A 42 -3.53 1.10 -7.30
CA ASP A 42 -4.00 1.56 -6.01
C ASP A 42 -2.97 1.24 -4.94
N VAL A 43 -2.48 2.28 -4.27
CA VAL A 43 -1.48 2.11 -3.24
C VAL A 43 -1.89 2.78 -1.93
N GLY A 44 -1.92 1.99 -0.87
CA GLY A 44 -2.28 2.49 0.44
C GLY A 44 -1.68 1.61 1.52
N GLN A 45 -1.89 1.95 2.78
CA GLN A 45 -1.35 1.14 3.87
C GLN A 45 -2.29 -0.04 4.14
N CYS A 46 -2.41 -0.92 3.17
CA CYS A 46 -3.26 -2.10 3.28
C CYS A 46 -2.63 -3.13 4.20
N ALA A 47 -3.21 -3.31 5.37
CA ALA A 47 -2.72 -4.27 6.34
C ALA A 47 -3.78 -5.32 6.67
N TRP A 48 -3.44 -6.19 7.60
CA TRP A 48 -4.34 -7.26 8.01
C TRP A 48 -5.53 -6.71 8.80
N VAL A 49 -6.71 -6.78 8.20
CA VAL A 49 -7.92 -6.30 8.84
C VAL A 49 -8.69 -7.47 9.47
N ASP A 50 -8.42 -8.67 8.97
CA ASP A 50 -9.07 -9.89 9.45
C ASP A 50 -8.25 -11.09 9.02
N THR A 51 -8.62 -12.26 9.51
CA THR A 51 -7.92 -13.50 9.18
C THR A 51 -8.01 -13.79 7.68
N GLY A 52 -6.93 -13.52 6.97
CA GLY A 52 -6.91 -13.77 5.54
C GLY A 52 -7.51 -12.63 4.74
N VAL A 53 -7.74 -11.50 5.40
CA VAL A 53 -8.33 -10.35 4.74
C VAL A 53 -7.44 -9.11 4.93
N LEU A 54 -7.17 -8.43 3.82
CA LEU A 54 -6.35 -7.23 3.84
C LEU A 54 -7.19 -6.03 3.46
N ALA A 55 -6.84 -4.86 3.99
CA ALA A 55 -7.60 -3.64 3.67
C ALA A 55 -6.79 -2.38 3.95
N CYS A 56 -7.09 -1.31 3.22
CA CYS A 56 -6.39 -0.04 3.38
C CYS A 56 -7.38 1.08 3.70
N ASN A 57 -6.87 2.28 3.96
CA ASN A 57 -7.72 3.42 4.29
C ASN A 57 -7.84 4.37 3.09
N PRO A 58 -9.08 4.65 2.65
CA PRO A 58 -9.34 5.54 1.52
C PRO A 58 -9.15 7.02 1.87
N ALA A 59 -8.73 7.29 3.09
CA ALA A 59 -8.53 8.68 3.53
C ALA A 59 -7.07 9.10 3.37
N ASP A 60 -6.19 8.14 3.12
CA ASP A 60 -4.77 8.46 2.97
C ASP A 60 -4.13 7.77 1.77
N PHE A 61 -4.88 6.89 1.12
CA PHE A 61 -4.36 6.17 -0.05
C PHE A 61 -4.16 7.12 -1.23
N SER A 62 -3.29 6.74 -2.15
CA SER A 62 -3.02 7.55 -3.32
C SER A 62 -2.70 6.67 -4.52
N SER A 63 -3.72 6.41 -5.32
CA SER A 63 -3.57 5.58 -6.51
C SER A 63 -2.74 6.29 -7.56
N VAL A 64 -1.65 5.65 -7.97
CA VAL A 64 -0.76 6.22 -8.97
C VAL A 64 -0.88 5.46 -10.27
N THR A 65 -0.97 6.18 -11.38
CA THR A 65 -1.08 5.53 -12.68
C THR A 65 0.30 5.33 -13.29
N ALA A 66 0.48 4.21 -13.96
CA ALA A 66 1.75 3.92 -14.60
C ALA A 66 1.89 4.78 -15.86
N ASP A 67 2.94 5.59 -15.88
CA ASP A 67 3.20 6.49 -17.00
C ASP A 67 3.60 5.71 -18.25
N ALA A 68 3.87 6.43 -19.33
CA ALA A 68 4.25 5.81 -20.60
C ALA A 68 5.62 5.12 -20.51
N ASN A 69 6.29 5.30 -19.39
CA ASN A 69 7.59 4.70 -19.17
C ASN A 69 7.42 3.37 -18.45
N GLY A 70 6.18 3.09 -18.06
CA GLY A 70 5.87 1.85 -17.37
C GLY A 70 6.29 1.92 -15.93
N SER A 71 6.19 3.10 -15.33
CA SER A 71 6.58 3.30 -13.94
C SER A 71 5.49 4.04 -13.16
N ALA A 72 5.44 3.79 -11.87
CA ALA A 72 4.46 4.44 -11.00
C ALA A 72 5.06 4.69 -9.62
N SER A 73 5.20 5.95 -9.26
CA SER A 73 5.76 6.33 -7.97
C SER A 73 4.72 7.08 -7.15
N THR A 74 4.65 6.78 -5.87
CA THR A 74 3.69 7.44 -4.98
C THR A 74 4.22 7.43 -3.54
N SER A 75 3.57 8.19 -2.68
CA SER A 75 3.97 8.27 -1.28
C SER A 75 2.75 8.24 -0.38
N LEU A 76 2.78 7.38 0.63
CA LEU A 76 1.65 7.25 1.56
C LEU A 76 2.08 7.53 2.99
N THR A 77 1.20 8.20 3.73
CA THR A 77 1.48 8.51 5.11
C THR A 77 0.86 7.46 6.01
N VAL A 78 1.68 6.53 6.47
CA VAL A 78 1.22 5.43 7.31
C VAL A 78 0.77 5.93 8.69
N ARG A 79 -0.51 5.74 8.99
CA ARG A 79 -1.08 6.13 10.27
C ARG A 79 -0.93 4.99 11.28
N ARG A 80 -1.11 5.30 12.56
CA ARG A 80 -1.00 4.30 13.61
C ARG A 80 -2.25 3.41 13.63
N SER A 81 -3.40 4.04 13.48
CA SER A 81 -4.68 3.33 13.46
C SER A 81 -5.49 3.86 12.29
N PHE A 82 -6.09 2.95 11.53
CA PHE A 82 -6.88 3.33 10.38
C PHE A 82 -8.01 2.35 10.11
N GLU A 83 -8.97 2.79 9.31
CA GLU A 83 -10.11 1.98 8.95
C GLU A 83 -9.78 1.16 7.70
N GLY A 84 -10.06 -0.13 7.73
CA GLY A 84 -9.77 -0.98 6.61
C GLY A 84 -10.90 -1.05 5.61
N PHE A 85 -10.59 -0.79 4.34
CA PHE A 85 -11.58 -0.83 3.28
C PHE A 85 -11.11 -1.75 2.17
N LEU A 86 -12.05 -2.45 1.55
CA LEU A 86 -11.73 -3.37 0.47
C LEU A 86 -11.53 -2.60 -0.83
N PHE A 87 -11.11 -3.29 -1.87
CA PHE A 87 -10.87 -2.66 -3.17
C PHE A 87 -12.15 -2.08 -3.74
N ASP A 88 -13.29 -2.65 -3.34
CA ASP A 88 -14.59 -2.19 -3.81
C ASP A 88 -15.07 -0.98 -3.02
N GLY A 89 -14.44 -0.70 -1.90
CA GLY A 89 -14.81 0.44 -1.08
C GLY A 89 -15.62 0.08 0.14
N THR A 90 -15.74 -1.21 0.42
CA THR A 90 -16.51 -1.66 1.58
C THR A 90 -15.61 -1.77 2.82
N ARG A 91 -16.07 -1.20 3.93
CA ARG A 91 -15.32 -1.25 5.17
C ARG A 91 -15.45 -2.63 5.80
N TRP A 92 -14.31 -3.26 6.07
CA TRP A 92 -14.31 -4.58 6.67
C TRP A 92 -14.17 -4.48 8.18
N GLY A 93 -13.37 -3.53 8.62
CA GLY A 93 -13.15 -3.32 10.04
C GLY A 93 -12.08 -2.29 10.30
N THR A 94 -11.59 -2.24 11.53
CA THR A 94 -10.56 -1.29 11.89
C THR A 94 -9.21 -1.98 12.05
N VAL A 95 -8.16 -1.34 11.57
CA VAL A 95 -6.82 -1.91 11.68
C VAL A 95 -5.98 -1.06 12.62
N ASP A 96 -5.56 -1.64 13.71
CA ASP A 96 -4.74 -0.93 14.68
C ASP A 96 -3.31 -1.42 14.65
N CYS A 97 -2.42 -0.57 14.15
CA CYS A 97 -1.01 -0.92 14.06
C CYS A 97 -0.25 -0.37 15.25
N THR A 98 -0.98 -0.03 16.32
CA THR A 98 -0.35 0.49 17.53
C THR A 98 0.21 -0.68 18.34
N THR A 99 -0.59 -1.72 18.48
CA THR A 99 -0.18 -2.89 19.23
C THR A 99 0.14 -4.05 18.27
N ALA A 100 -0.15 -3.83 16.99
CA ALA A 100 0.11 -4.86 15.98
C ALA A 100 1.05 -4.32 14.91
N ALA A 101 1.34 -5.15 13.92
CA ALA A 101 2.23 -4.77 12.82
C ALA A 101 1.43 -4.09 11.72
N CYS A 102 2.13 -3.50 10.77
CA CYS A 102 1.49 -2.81 9.66
C CYS A 102 2.19 -3.17 8.36
N GLN A 103 1.62 -2.81 7.22
CA GLN A 103 2.22 -3.12 5.93
C GLN A 103 1.68 -2.19 4.84
N VAL A 104 2.28 -2.27 3.66
CA VAL A 104 1.88 -1.44 2.54
C VAL A 104 1.22 -2.29 1.46
N GLY A 105 0.15 -1.77 0.86
CA GLY A 105 -0.53 -2.50 -0.18
C GLY A 105 -0.45 -1.77 -1.51
N LEU A 106 -0.03 -2.49 -2.53
CA LEU A 106 0.12 -1.91 -3.87
C LEU A 106 -0.29 -2.93 -4.93
N SER A 107 -1.32 -2.61 -5.69
CA SER A 107 -1.80 -3.48 -6.75
C SER A 107 -2.57 -2.67 -7.79
N ASP A 108 -2.78 -3.25 -8.96
CA ASP A 108 -3.53 -2.59 -10.02
C ASP A 108 -5.03 -2.72 -9.79
N ALA A 109 -5.83 -2.31 -10.76
CA ALA A 109 -7.29 -2.39 -10.66
C ALA A 109 -7.76 -3.84 -10.45
N ALA A 110 -7.00 -4.79 -10.99
CA ALA A 110 -7.35 -6.19 -10.85
C ALA A 110 -6.89 -6.69 -9.48
N GLY A 111 -5.64 -6.42 -9.15
CA GLY A 111 -5.11 -6.84 -7.87
C GLY A 111 -3.85 -7.66 -7.99
N ASN A 112 -2.97 -7.27 -8.90
CA ASN A 112 -1.71 -7.98 -9.11
C ASN A 112 -0.58 -7.00 -9.38
N GLY A 113 0.65 -7.48 -9.25
CA GLY A 113 1.81 -6.63 -9.49
C GLY A 113 2.96 -7.00 -8.58
N PRO A 114 3.52 -6.03 -7.85
CA PRO A 114 4.62 -6.27 -6.93
C PRO A 114 4.15 -6.88 -5.62
N GLU A 115 5.06 -7.52 -4.89
CA GLU A 115 4.71 -8.15 -3.62
C GLU A 115 4.69 -7.12 -2.49
N GLY A 116 3.71 -7.25 -1.60
CA GLY A 116 3.58 -6.32 -0.48
C GLY A 116 4.68 -6.48 0.55
N VAL A 117 4.98 -5.39 1.25
CA VAL A 117 6.02 -5.40 2.27
C VAL A 117 5.45 -4.96 3.62
N ALA A 118 5.87 -5.64 4.68
CA ALA A 118 5.40 -5.32 6.02
C ALA A 118 6.37 -4.38 6.72
N ILE A 119 5.83 -3.51 7.58
CA ILE A 119 6.65 -2.54 8.30
C ILE A 119 6.29 -2.55 9.78
N SER A 120 7.27 -2.29 10.64
CA SER A 120 7.04 -2.26 12.07
C SER A 120 7.48 -0.92 12.64
N PHE A 121 6.74 -0.44 13.63
CA PHE A 121 7.06 0.83 14.28
C PHE A 121 8.03 0.61 15.43
N ASN A 122 8.80 1.65 15.73
CA ASN A 122 9.79 1.58 16.81
C ASN A 122 9.13 1.67 18.17
N ALA A 10 9.14 -11.33 -18.26
CA ALA A 10 9.68 -10.00 -17.93
C ALA A 10 9.92 -9.88 -16.43
N ALA A 11 10.93 -9.10 -16.05
CA ALA A 11 11.26 -8.90 -14.66
C ALA A 11 11.01 -7.44 -14.26
N PRO A 12 10.01 -7.20 -13.41
CA PRO A 12 9.65 -5.85 -12.96
C PRO A 12 10.75 -5.22 -12.12
N THR A 13 10.80 -3.89 -12.12
CA THR A 13 11.80 -3.16 -11.36
C THR A 13 11.15 -2.46 -10.16
N ALA A 14 10.79 -3.25 -9.16
CA ALA A 14 10.18 -2.70 -7.96
C ALA A 14 11.24 -2.07 -7.07
N THR A 15 10.95 -0.89 -6.55
CA THR A 15 11.89 -0.19 -5.69
C THR A 15 11.15 0.59 -4.60
N VAL A 16 10.66 -0.11 -3.59
CA VAL A 16 9.95 0.52 -2.50
C VAL A 16 10.85 0.73 -1.29
N THR A 17 10.61 1.79 -0.54
CA THR A 17 11.41 2.08 0.63
C THR A 17 10.59 1.87 1.90
N PRO A 18 10.90 0.83 2.68
CA PRO A 18 10.17 0.51 3.92
C PRO A 18 10.48 1.51 5.04
N SER A 19 9.55 1.62 5.98
CA SER A 19 9.71 2.52 7.11
C SER A 19 9.95 1.72 8.39
N SER A 20 10.59 0.57 8.24
CA SER A 20 10.89 -0.31 9.36
C SER A 20 11.79 0.38 10.38
N GLY A 21 11.23 0.69 11.54
CA GLY A 21 11.99 1.34 12.59
C GLY A 21 11.59 2.79 12.78
N LEU A 22 10.74 3.28 11.91
CA LEU A 22 10.28 4.65 12.00
C LEU A 22 8.89 4.70 12.64
N SER A 23 8.55 5.83 13.23
CA SER A 23 7.25 5.99 13.87
C SER A 23 6.17 6.30 12.84
N ASP A 24 4.92 6.39 13.28
CA ASP A 24 3.83 6.68 12.36
C ASP A 24 3.94 8.10 11.83
N GLY A 25 3.38 8.33 10.65
CA GLY A 25 3.46 9.64 10.04
C GLY A 25 4.49 9.68 8.93
N THR A 26 5.28 8.61 8.85
CA THR A 26 6.32 8.50 7.84
C THR A 26 5.70 8.31 6.46
N VAL A 27 6.28 8.94 5.45
CA VAL A 27 5.77 8.83 4.10
C VAL A 27 6.51 7.74 3.33
N VAL A 28 5.92 6.58 3.28
CA VAL A 28 6.49 5.42 2.60
C VAL A 28 6.63 5.69 1.10
N LYS A 29 7.83 5.52 0.58
CA LYS A 29 8.10 5.73 -0.83
C LYS A 29 7.87 4.44 -1.61
N VAL A 30 6.84 4.41 -2.42
CA VAL A 30 6.54 3.25 -3.22
C VAL A 30 6.78 3.53 -4.70
N ALA A 31 7.87 2.99 -5.22
CA ALA A 31 8.22 3.18 -6.61
C ALA A 31 8.28 1.85 -7.33
N GLY A 32 7.72 1.80 -8.52
CA GLY A 32 7.73 0.58 -9.30
C GLY A 32 7.88 0.84 -10.77
N ALA A 33 8.88 0.23 -11.37
CA ALA A 33 9.13 0.37 -12.80
C ALA A 33 8.87 -0.95 -13.52
N GLY A 34 8.73 -0.90 -14.82
CA GLY A 34 8.46 -2.11 -15.57
C GLY A 34 7.02 -2.53 -15.45
N LEU A 35 6.15 -1.55 -15.22
CA LEU A 35 4.72 -1.80 -15.05
C LEU A 35 4.00 -1.56 -16.37
N GLN A 36 2.68 -1.71 -16.36
CA GLN A 36 1.88 -1.52 -17.55
C GLN A 36 1.45 -0.06 -17.71
N ALA A 37 2.00 0.60 -18.71
CA ALA A 37 1.69 2.01 -18.98
C ALA A 37 0.21 2.21 -19.26
N GLY A 38 -0.44 3.04 -18.45
CA GLY A 38 -1.84 3.31 -18.64
C GLY A 38 -2.70 2.74 -17.53
N THR A 39 -2.13 1.81 -16.78
CA THR A 39 -2.86 1.18 -15.68
C THR A 39 -2.73 2.00 -14.40
N ALA A 40 -3.81 2.06 -13.64
CA ALA A 40 -3.82 2.78 -12.39
C ALA A 40 -3.46 1.86 -11.23
N TYR A 41 -2.43 2.22 -10.50
CA TYR A 41 -1.98 1.43 -9.37
C TYR A 41 -2.37 2.10 -8.07
N ASP A 42 -3.15 1.39 -7.27
CA ASP A 42 -3.62 1.91 -5.99
C ASP A 42 -2.74 1.41 -4.87
N VAL A 43 -2.18 2.34 -4.11
CA VAL A 43 -1.31 2.00 -3.02
C VAL A 43 -1.70 2.74 -1.75
N GLY A 44 -1.93 2.00 -0.67
CA GLY A 44 -2.27 2.60 0.60
C GLY A 44 -1.77 1.75 1.75
N GLN A 45 -1.97 2.21 2.97
CA GLN A 45 -1.55 1.43 4.13
C GLN A 45 -2.65 0.45 4.49
N CYS A 46 -2.29 -0.81 4.60
CA CYS A 46 -3.26 -1.83 4.92
C CYS A 46 -2.75 -2.73 6.04
N ALA A 47 -3.64 -3.55 6.59
CA ALA A 47 -3.27 -4.47 7.65
C ALA A 47 -4.31 -5.56 7.75
N TRP A 48 -4.11 -6.50 8.68
CA TRP A 48 -5.04 -7.60 8.86
C TRP A 48 -6.31 -7.13 9.56
N VAL A 49 -7.38 -7.02 8.79
CA VAL A 49 -8.66 -6.59 9.34
C VAL A 49 -9.45 -7.80 9.83
N ASP A 50 -9.09 -8.96 9.31
CA ASP A 50 -9.73 -10.21 9.69
C ASP A 50 -8.77 -11.37 9.41
N THR A 51 -9.18 -12.59 9.72
CA THR A 51 -8.33 -13.74 9.49
C THR A 51 -8.16 -13.99 7.99
N GLY A 52 -6.99 -13.63 7.48
CA GLY A 52 -6.72 -13.81 6.07
C GLY A 52 -7.25 -12.67 5.22
N VAL A 53 -7.88 -11.70 5.86
CA VAL A 53 -8.43 -10.57 5.14
C VAL A 53 -7.70 -9.28 5.51
N LEU A 54 -7.15 -8.63 4.51
CA LEU A 54 -6.44 -7.39 4.71
C LEU A 54 -7.30 -6.23 4.19
N ALA A 55 -7.06 -5.04 4.70
CA ALA A 55 -7.84 -3.88 4.27
C ALA A 55 -7.04 -2.59 4.43
N CYS A 56 -7.30 -1.62 3.56
CA CYS A 56 -6.60 -0.33 3.59
C CYS A 56 -7.58 0.80 3.87
N ASN A 57 -7.05 2.02 3.95
CA ASN A 57 -7.88 3.20 4.22
C ASN A 57 -8.00 4.08 2.97
N PRO A 58 -9.24 4.28 2.50
CA PRO A 58 -9.52 5.10 1.31
C PRO A 58 -9.49 6.60 1.61
N ALA A 59 -8.40 7.05 2.22
CA ALA A 59 -8.22 8.46 2.54
C ALA A 59 -6.76 8.83 2.45
N ASP A 60 -5.91 8.08 3.15
CA ASP A 60 -4.49 8.34 3.15
C ASP A 60 -3.84 7.69 1.93
N PHE A 61 -4.64 6.92 1.20
CA PHE A 61 -4.15 6.24 0.00
C PHE A 61 -3.85 7.26 -1.10
N SER A 62 -2.89 6.93 -1.94
CA SER A 62 -2.51 7.82 -3.02
C SER A 62 -2.26 7.03 -4.30
N SER A 63 -3.33 6.84 -5.07
CA SER A 63 -3.26 6.10 -6.32
C SER A 63 -2.28 6.78 -7.28
N VAL A 64 -1.58 5.97 -8.05
CA VAL A 64 -0.63 6.48 -9.02
C VAL A 64 -0.80 5.77 -10.36
N THR A 65 -0.97 6.54 -11.42
CA THR A 65 -1.14 5.97 -12.74
C THR A 65 0.23 5.75 -13.38
N ALA A 66 0.39 4.63 -14.07
CA ALA A 66 1.65 4.32 -14.72
C ALA A 66 1.85 5.20 -15.94
N ASP A 67 3.00 5.83 -16.02
CA ASP A 67 3.34 6.72 -17.13
C ASP A 67 3.70 5.93 -18.37
N ALA A 68 3.98 6.64 -19.46
CA ALA A 68 4.35 6.03 -20.73
C ALA A 68 5.67 5.27 -20.62
N ASN A 69 6.45 5.60 -19.60
CA ASN A 69 7.74 4.94 -19.37
C ASN A 69 7.51 3.59 -18.71
N GLY A 70 6.31 3.40 -18.17
CA GLY A 70 5.97 2.18 -17.50
C GLY A 70 6.40 2.19 -16.05
N SER A 71 6.39 3.37 -15.46
CA SER A 71 6.80 3.53 -14.09
C SER A 71 5.71 4.20 -13.25
N ALA A 72 5.80 4.05 -11.94
CA ALA A 72 4.85 4.63 -11.01
C ALA A 72 5.52 4.88 -9.67
N SER A 73 5.42 6.09 -9.17
CA SER A 73 6.02 6.46 -7.89
C SER A 73 5.01 7.23 -7.05
N THR A 74 4.81 6.79 -5.82
CA THR A 74 3.87 7.44 -4.92
C THR A 74 4.39 7.41 -3.48
N SER A 75 3.79 8.21 -2.61
CA SER A 75 4.17 8.29 -1.22
C SER A 75 2.95 8.09 -0.33
N LEU A 76 3.08 7.22 0.67
CA LEU A 76 1.97 6.92 1.56
C LEU A 76 2.31 7.22 3.02
N THR A 77 1.49 8.04 3.65
CA THR A 77 1.68 8.39 5.04
C THR A 77 1.09 7.31 5.93
N VAL A 78 1.96 6.45 6.48
CA VAL A 78 1.51 5.36 7.32
C VAL A 78 1.11 5.86 8.71
N ARG A 79 -0.18 5.78 8.99
CA ARG A 79 -0.71 6.21 10.27
C ARG A 79 -0.64 5.06 11.26
N ARG A 80 -0.90 5.35 12.53
CA ARG A 80 -0.86 4.33 13.57
C ARG A 80 -2.12 3.47 13.53
N SER A 81 -3.25 4.12 13.26
CA SER A 81 -4.53 3.42 13.16
C SER A 81 -5.29 3.93 11.94
N PHE A 82 -6.16 3.10 11.38
CA PHE A 82 -6.92 3.48 10.19
C PHE A 82 -8.13 2.57 9.97
N GLU A 83 -8.95 2.92 9.00
CA GLU A 83 -10.15 2.14 8.68
C GLU A 83 -9.80 0.99 7.74
N GLY A 84 -10.61 -0.05 7.76
CA GLY A 84 -10.37 -1.19 6.91
C GLY A 84 -11.38 -1.30 5.79
N PHE A 85 -10.90 -1.10 4.56
CA PHE A 85 -11.76 -1.16 3.39
C PHE A 85 -11.17 -2.14 2.38
N LEU A 86 -12.03 -2.83 1.66
CA LEU A 86 -11.60 -3.79 0.67
C LEU A 86 -11.23 -3.05 -0.62
N PHE A 87 -10.52 -3.74 -1.51
CA PHE A 87 -10.09 -3.15 -2.77
C PHE A 87 -11.27 -2.91 -3.70
N ASP A 88 -12.39 -3.56 -3.42
CA ASP A 88 -13.59 -3.41 -4.24
C ASP A 88 -14.42 -2.22 -3.77
N GLY A 89 -14.22 -1.81 -2.52
CA GLY A 89 -14.95 -0.67 -1.99
C GLY A 89 -15.72 -0.99 -0.72
N THR A 90 -15.96 -2.27 -0.47
CA THR A 90 -16.70 -2.69 0.71
C THR A 90 -15.89 -2.44 1.98
N ARG A 91 -16.54 -1.94 3.03
CA ARG A 91 -15.85 -1.69 4.27
C ARG A 91 -15.96 -2.91 5.19
N TRP A 92 -14.87 -3.23 5.87
CA TRP A 92 -14.85 -4.39 6.77
C TRP A 92 -14.90 -3.93 8.23
N GLY A 93 -14.18 -2.87 8.55
CA GLY A 93 -14.17 -2.37 9.91
C GLY A 93 -13.03 -1.39 10.14
N THR A 94 -12.29 -1.61 11.21
CA THR A 94 -11.18 -0.73 11.56
C THR A 94 -9.92 -1.54 11.91
N VAL A 95 -8.76 -0.99 11.62
CA VAL A 95 -7.50 -1.65 11.89
C VAL A 95 -6.58 -0.75 12.70
N ASP A 96 -5.65 -1.34 13.44
CA ASP A 96 -4.72 -0.59 14.25
C ASP A 96 -3.33 -1.21 14.21
N CYS A 97 -2.32 -0.39 13.97
CA CYS A 97 -0.95 -0.85 13.90
C CYS A 97 -0.15 -0.41 15.12
N THR A 98 -0.84 -0.08 16.22
CA THR A 98 -0.18 0.36 17.43
C THR A 98 0.50 -0.85 18.09
N THR A 99 -0.14 -2.00 17.98
CA THR A 99 0.37 -3.23 18.54
C THR A 99 0.41 -4.31 17.46
N ALA A 100 0.48 -3.87 16.21
CA ALA A 100 0.51 -4.77 15.06
C ALA A 100 1.43 -4.22 13.97
N ALA A 101 1.68 -5.03 12.95
CA ALA A 101 2.55 -4.61 11.85
C ALA A 101 1.73 -4.14 10.66
N CYS A 102 2.01 -2.92 10.21
CA CYS A 102 1.31 -2.34 9.07
C CYS A 102 1.86 -2.91 7.78
N GLN A 103 1.01 -3.01 6.77
CA GLN A 103 1.40 -3.55 5.48
C GLN A 103 1.23 -2.51 4.39
N VAL A 104 2.04 -2.60 3.35
CA VAL A 104 1.97 -1.69 2.22
C VAL A 104 1.13 -2.31 1.11
N GLY A 105 -0.07 -1.77 0.91
CA GLY A 105 -0.97 -2.29 -0.09
C GLY A 105 -0.68 -1.76 -1.48
N LEU A 106 0.25 -2.39 -2.17
CA LEU A 106 0.62 -1.99 -3.52
C LEU A 106 -0.03 -2.92 -4.54
N SER A 107 -1.19 -2.54 -5.05
CA SER A 107 -1.89 -3.37 -6.02
C SER A 107 -2.29 -2.58 -7.25
N ASP A 108 -2.61 -3.30 -8.32
CA ASP A 108 -3.04 -2.69 -9.56
C ASP A 108 -4.56 -2.50 -9.56
N ALA A 109 -5.13 -2.10 -10.69
CA ALA A 109 -6.57 -1.89 -10.82
C ALA A 109 -7.36 -3.15 -10.52
N ALA A 110 -6.80 -4.30 -10.86
CA ALA A 110 -7.45 -5.58 -10.61
C ALA A 110 -7.29 -6.01 -9.16
N GLY A 111 -6.05 -5.98 -8.68
CA GLY A 111 -5.78 -6.36 -7.31
C GLY A 111 -4.61 -7.30 -7.19
N ASN A 112 -3.65 -7.16 -8.10
CA ASN A 112 -2.45 -8.00 -8.08
C ASN A 112 -1.21 -7.14 -8.25
N GLY A 113 -0.07 -7.77 -8.46
CA GLY A 113 1.16 -7.03 -8.63
C GLY A 113 2.28 -7.55 -7.74
N PRO A 114 3.04 -6.67 -7.08
CA PRO A 114 4.14 -7.05 -6.20
C PRO A 114 3.64 -7.66 -4.90
N GLU A 115 4.48 -8.42 -4.22
CA GLU A 115 4.13 -9.04 -2.95
C GLU A 115 4.04 -8.00 -1.85
N GLY A 116 3.02 -8.12 -1.00
CA GLY A 116 2.84 -7.19 0.09
C GLY A 116 4.00 -7.17 1.05
N VAL A 117 4.33 -6.00 1.57
CA VAL A 117 5.44 -5.85 2.49
C VAL A 117 4.94 -5.35 3.85
N ALA A 118 5.46 -5.93 4.92
CA ALA A 118 5.09 -5.54 6.27
C ALA A 118 6.16 -4.66 6.89
N ILE A 119 5.74 -3.62 7.61
CA ILE A 119 6.67 -2.71 8.26
C ILE A 119 6.23 -2.45 9.70
N SER A 120 7.21 -2.39 10.60
CA SER A 120 6.92 -2.14 12.01
C SER A 120 7.56 -0.84 12.46
N PHE A 121 6.99 -0.25 13.51
CA PHE A 121 7.47 1.01 14.06
C PHE A 121 8.57 0.74 15.09
N ASN A 122 8.99 1.77 15.80
CA ASN A 122 10.03 1.62 16.81
C ASN A 122 9.43 1.75 18.21
N ALA A 10 9.47 -10.38 -19.14
CA ALA A 10 10.52 -9.51 -18.55
C ALA A 10 10.30 -9.35 -17.06
N ALA A 11 11.38 -9.17 -16.31
CA ALA A 11 11.31 -9.00 -14.87
C ALA A 11 11.20 -7.53 -14.50
N PRO A 12 10.16 -7.14 -13.73
CA PRO A 12 9.96 -5.74 -13.31
C PRO A 12 10.86 -5.34 -12.15
N THR A 13 11.02 -4.04 -11.97
CA THR A 13 11.85 -3.52 -10.90
C THR A 13 11.00 -2.78 -9.88
N ALA A 14 10.77 -3.41 -8.72
CA ALA A 14 9.98 -2.80 -7.67
C ALA A 14 10.87 -2.18 -6.62
N THR A 15 10.93 -0.85 -6.60
CA THR A 15 11.75 -0.13 -5.64
C THR A 15 10.89 0.50 -4.55
N VAL A 16 10.76 -0.19 -3.43
CA VAL A 16 9.96 0.30 -2.32
C VAL A 16 10.82 0.47 -1.07
N THR A 17 10.59 1.53 -0.32
CA THR A 17 11.35 1.77 0.90
C THR A 17 10.44 1.63 2.13
N PRO A 18 10.46 0.46 2.78
CA PRO A 18 9.64 0.21 3.96
C PRO A 18 10.18 0.93 5.21
N SER A 19 9.27 1.52 5.98
CA SER A 19 9.64 2.23 7.19
C SER A 19 9.85 1.28 8.38
N SER A 20 10.77 0.35 8.22
CA SER A 20 11.06 -0.64 9.25
C SER A 20 11.77 0.01 10.44
N GLY A 21 11.05 0.15 11.54
CA GLY A 21 11.63 0.74 12.74
C GLY A 21 11.32 2.21 12.91
N LEU A 22 10.41 2.73 12.09
CA LEU A 22 10.03 4.12 12.17
C LEU A 22 8.62 4.26 12.71
N SER A 23 8.36 5.38 13.39
CA SER A 23 7.05 5.64 13.97
C SER A 23 6.02 5.99 12.89
N ASP A 24 4.79 6.21 13.31
CA ASP A 24 3.73 6.55 12.36
C ASP A 24 3.92 7.97 11.84
N GLY A 25 3.36 8.24 10.67
CA GLY A 25 3.51 9.55 10.06
C GLY A 25 4.64 9.57 9.07
N THR A 26 5.33 8.44 8.95
CA THR A 26 6.45 8.33 8.03
C THR A 26 5.95 8.19 6.58
N VAL A 27 6.65 8.83 5.67
CA VAL A 27 6.29 8.78 4.26
C VAL A 27 6.94 7.56 3.61
N VAL A 28 6.11 6.60 3.22
CA VAL A 28 6.58 5.39 2.58
C VAL A 28 6.79 5.64 1.10
N LYS A 29 7.97 5.29 0.61
CA LYS A 29 8.31 5.48 -0.79
C LYS A 29 7.97 4.24 -1.61
N VAL A 30 7.13 4.43 -2.62
CA VAL A 30 6.72 3.35 -3.50
C VAL A 30 7.00 3.70 -4.95
N ALA A 31 8.01 3.07 -5.53
CA ALA A 31 8.38 3.32 -6.92
C ALA A 31 8.45 2.03 -7.71
N GLY A 32 7.48 1.82 -8.58
CA GLY A 32 7.47 0.61 -9.40
C GLY A 32 7.83 0.90 -10.83
N ALA A 33 8.83 0.19 -11.34
CA ALA A 33 9.28 0.37 -12.71
C ALA A 33 9.14 -0.94 -13.49
N GLY A 34 8.89 -0.81 -14.79
CA GLY A 34 8.72 -1.99 -15.63
C GLY A 34 7.31 -2.52 -15.56
N LEU A 35 6.35 -1.62 -15.36
CA LEU A 35 4.96 -1.99 -15.26
C LEU A 35 4.23 -1.69 -16.57
N GLN A 36 2.94 -1.98 -16.60
CA GLN A 36 2.12 -1.75 -17.77
C GLN A 36 1.66 -0.30 -17.81
N ALA A 37 2.15 0.45 -18.78
CA ALA A 37 1.81 1.85 -18.92
C ALA A 37 0.32 2.04 -19.21
N GLY A 38 -0.23 3.14 -18.69
CA GLY A 38 -1.63 3.44 -18.90
C GLY A 38 -2.52 2.82 -17.83
N THR A 39 -1.97 1.91 -17.06
CA THR A 39 -2.72 1.24 -16.01
C THR A 39 -2.73 2.07 -14.72
N ALA A 40 -3.84 1.97 -13.98
CA ALA A 40 -3.98 2.68 -12.72
C ALA A 40 -3.54 1.78 -11.58
N TYR A 41 -2.70 2.29 -10.69
CA TYR A 41 -2.22 1.51 -9.57
C TYR A 41 -2.68 2.10 -8.25
N ASP A 42 -3.21 1.24 -7.40
CA ASP A 42 -3.71 1.67 -6.10
C ASP A 42 -2.74 1.23 -5.02
N VAL A 43 -2.24 2.19 -4.27
CA VAL A 43 -1.29 1.92 -3.20
C VAL A 43 -1.71 2.62 -1.92
N GLY A 44 -1.90 1.84 -0.86
CA GLY A 44 -2.29 2.42 0.41
C GLY A 44 -1.75 1.63 1.58
N GLN A 45 -1.91 2.17 2.77
CA GLN A 45 -1.47 1.48 3.97
C GLN A 45 -2.53 0.48 4.40
N CYS A 46 -2.15 -0.76 4.57
CA CYS A 46 -3.10 -1.79 4.96
C CYS A 46 -2.57 -2.61 6.13
N ALA A 47 -3.43 -3.46 6.67
CA ALA A 47 -3.07 -4.31 7.79
C ALA A 47 -4.08 -5.45 7.90
N TRP A 48 -3.82 -6.37 8.82
CA TRP A 48 -4.71 -7.50 9.04
C TRP A 48 -5.95 -7.06 9.79
N VAL A 49 -7.03 -6.83 9.07
CA VAL A 49 -8.28 -6.41 9.67
C VAL A 49 -9.02 -7.61 10.25
N ASP A 50 -8.80 -8.78 9.66
CA ASP A 50 -9.43 -10.01 10.09
C ASP A 50 -8.46 -11.17 9.92
N THR A 51 -8.95 -12.39 10.06
CA THR A 51 -8.13 -13.57 9.90
C THR A 51 -7.89 -13.86 8.42
N GLY A 52 -6.80 -13.33 7.90
CA GLY A 52 -6.47 -13.53 6.50
C GLY A 52 -6.97 -12.40 5.64
N VAL A 53 -8.00 -11.72 6.10
CA VAL A 53 -8.56 -10.60 5.37
C VAL A 53 -7.77 -9.33 5.65
N LEU A 54 -7.29 -8.71 4.60
CA LEU A 54 -6.51 -7.49 4.71
C LEU A 54 -7.29 -6.34 4.11
N ALA A 55 -6.99 -5.12 4.54
CA ALA A 55 -7.69 -3.95 4.02
C ALA A 55 -6.83 -2.70 4.16
N CYS A 56 -6.88 -1.83 3.14
CA CYS A 56 -6.10 -0.60 3.16
C CYS A 56 -6.96 0.59 3.53
N ASN A 57 -6.30 1.70 3.87
CA ASN A 57 -7.00 2.91 4.25
C ASN A 57 -7.16 3.87 3.07
N PRO A 58 -8.41 4.19 2.71
CA PRO A 58 -8.70 5.11 1.61
C PRO A 58 -8.76 6.57 2.06
N ALA A 59 -8.45 6.82 3.32
CA ALA A 59 -8.48 8.17 3.86
C ALA A 59 -7.17 8.90 3.62
N ASP A 60 -6.10 8.14 3.46
CA ASP A 60 -4.78 8.71 3.22
C ASP A 60 -4.00 7.91 2.20
N PHE A 61 -4.72 7.32 1.25
CA PHE A 61 -4.11 6.52 0.20
C PHE A 61 -3.64 7.41 -0.94
N SER A 62 -2.74 6.91 -1.76
CA SER A 62 -2.20 7.67 -2.88
C SER A 62 -2.19 6.82 -4.15
N SER A 63 -3.20 7.00 -4.98
CA SER A 63 -3.29 6.26 -6.23
C SER A 63 -2.40 6.89 -7.29
N VAL A 64 -1.61 6.08 -7.97
CA VAL A 64 -0.72 6.57 -9.00
C VAL A 64 -0.87 5.76 -10.28
N THR A 65 -1.05 6.45 -11.39
CA THR A 65 -1.20 5.79 -12.67
C THR A 65 0.14 5.71 -13.38
N ALA A 66 0.36 4.60 -14.08
CA ALA A 66 1.60 4.41 -14.81
C ALA A 66 1.76 5.45 -15.91
N ASP A 67 2.95 6.05 -15.98
CA ASP A 67 3.24 7.08 -16.98
C ASP A 67 3.40 6.45 -18.38
N ALA A 68 3.98 7.20 -19.30
CA ALA A 68 4.19 6.72 -20.66
C ALA A 68 5.39 5.80 -20.76
N ASN A 69 6.05 5.57 -19.63
CA ASN A 69 7.22 4.69 -19.57
C ASN A 69 6.87 3.41 -18.82
N GLY A 70 5.70 3.40 -18.21
CA GLY A 70 5.26 2.24 -17.47
C GLY A 70 5.78 2.25 -16.04
N SER A 71 5.99 3.44 -15.52
CA SER A 71 6.50 3.61 -14.17
C SER A 71 5.44 4.25 -13.26
N ALA A 72 5.45 3.87 -12.00
CA ALA A 72 4.51 4.42 -11.03
C ALA A 72 5.19 4.68 -9.70
N SER A 73 5.34 5.95 -9.36
CA SER A 73 5.98 6.33 -8.11
C SER A 73 5.05 7.21 -7.28
N THR A 74 4.96 6.93 -5.98
CA THR A 74 4.10 7.70 -5.10
C THR A 74 4.59 7.60 -3.65
N SER A 75 3.95 8.37 -2.78
CA SER A 75 4.30 8.41 -1.37
C SER A 75 3.06 8.16 -0.52
N LEU A 76 3.18 7.29 0.48
CA LEU A 76 2.05 6.95 1.34
C LEU A 76 2.27 7.40 2.77
N THR A 77 1.20 7.88 3.40
CA THR A 77 1.25 8.32 4.79
C THR A 77 0.75 7.20 5.69
N VAL A 78 1.65 6.56 6.42
CA VAL A 78 1.27 5.47 7.30
C VAL A 78 0.80 5.99 8.65
N ARG A 79 -0.50 5.81 8.91
CA ARG A 79 -1.09 6.22 10.18
C ARG A 79 -1.01 5.07 11.17
N ARG A 80 -1.26 5.37 12.44
CA ARG A 80 -1.22 4.36 13.49
C ARG A 80 -2.53 3.56 13.51
N SER A 81 -3.62 4.24 13.23
CA SER A 81 -4.94 3.62 13.20
C SER A 81 -5.68 4.09 11.96
N PHE A 82 -6.42 3.20 11.31
CA PHE A 82 -7.14 3.56 10.09
C PHE A 82 -8.26 2.58 9.77
N GLU A 83 -9.20 3.00 8.94
CA GLU A 83 -10.29 2.13 8.54
C GLU A 83 -9.84 1.25 7.39
N GLY A 84 -10.20 -0.02 7.44
CA GLY A 84 -9.82 -0.94 6.39
C GLY A 84 -10.89 -1.10 5.34
N PHE A 85 -10.54 -0.86 4.10
CA PHE A 85 -11.47 -0.98 2.99
C PHE A 85 -10.99 -2.05 2.03
N LEU A 86 -11.92 -2.84 1.51
CA LEU A 86 -11.58 -3.89 0.57
C LEU A 86 -11.34 -3.29 -0.81
N PHE A 87 -10.92 -4.12 -1.75
CA PHE A 87 -10.64 -3.65 -3.11
C PHE A 87 -11.92 -3.15 -3.78
N ASP A 88 -13.04 -3.79 -3.48
CA ASP A 88 -14.31 -3.41 -4.05
C ASP A 88 -14.84 -2.13 -3.43
N GLY A 89 -14.36 -1.80 -2.23
CA GLY A 89 -14.81 -0.59 -1.58
C GLY A 89 -15.45 -0.85 -0.23
N THR A 90 -15.99 -2.04 -0.04
CA THR A 90 -16.64 -2.38 1.23
C THR A 90 -15.66 -2.34 2.39
N ARG A 91 -16.03 -1.62 3.44
CA ARG A 91 -15.19 -1.52 4.63
C ARG A 91 -15.43 -2.69 5.56
N TRP A 92 -14.36 -3.38 5.92
CA TRP A 92 -14.44 -4.54 6.79
C TRP A 92 -14.45 -4.13 8.25
N GLY A 93 -13.90 -2.95 8.52
CA GLY A 93 -13.86 -2.44 9.88
C GLY A 93 -12.66 -1.53 10.08
N THR A 94 -12.39 -1.21 11.33
CA THR A 94 -11.27 -0.34 11.66
C THR A 94 -10.05 -1.17 12.06
N VAL A 95 -8.90 -0.84 11.50
CA VAL A 95 -7.67 -1.54 11.81
C VAL A 95 -6.75 -0.64 12.63
N ASP A 96 -6.00 -1.23 13.55
CA ASP A 96 -5.10 -0.46 14.38
C ASP A 96 -3.73 -1.11 14.44
N CYS A 97 -2.70 -0.28 14.39
CA CYS A 97 -1.32 -0.77 14.46
C CYS A 97 -0.56 -0.12 15.61
N THR A 98 -1.27 0.19 16.70
CA THR A 98 -0.65 0.81 17.86
C THR A 98 0.11 -0.24 18.67
N THR A 99 -0.33 -1.48 18.59
CA THR A 99 0.33 -2.57 19.28
C THR A 99 0.58 -3.73 18.31
N ALA A 100 0.51 -3.42 17.02
CA ALA A 100 0.72 -4.40 15.98
C ALA A 100 1.54 -3.80 14.83
N ALA A 101 1.83 -4.60 13.83
CA ALA A 101 2.60 -4.15 12.68
C ALA A 101 1.70 -3.95 11.47
N CYS A 102 1.96 -2.90 10.72
CA CYS A 102 1.17 -2.58 9.53
C CYS A 102 1.90 -3.08 8.28
N GLN A 103 1.38 -2.75 7.11
CA GLN A 103 2.00 -3.16 5.85
C GLN A 103 1.57 -2.23 4.72
N VAL A 104 2.23 -2.33 3.59
CA VAL A 104 1.90 -1.48 2.45
C VAL A 104 1.28 -2.32 1.34
N GLY A 105 0.10 -1.91 0.90
CA GLY A 105 -0.60 -2.60 -0.16
C GLY A 105 -0.44 -1.91 -1.49
N LEU A 106 0.03 -2.64 -2.48
CA LEU A 106 0.25 -2.09 -3.80
C LEU A 106 -0.24 -3.07 -4.87
N SER A 107 -1.28 -2.68 -5.60
CA SER A 107 -1.83 -3.52 -6.64
C SER A 107 -2.40 -2.68 -7.79
N ASP A 108 -2.66 -3.33 -8.91
CA ASP A 108 -3.21 -2.66 -10.08
C ASP A 108 -4.73 -2.63 -10.01
N ALA A 109 -5.37 -2.17 -11.08
CA ALA A 109 -6.82 -2.08 -11.14
C ALA A 109 -7.48 -3.46 -11.04
N ALA A 110 -6.77 -4.49 -11.51
CA ALA A 110 -7.29 -5.84 -11.46
C ALA A 110 -7.22 -6.38 -10.04
N GLY A 111 -6.10 -6.11 -9.38
CA GLY A 111 -5.93 -6.55 -8.00
C GLY A 111 -4.72 -7.43 -7.82
N ASN A 112 -3.74 -7.29 -8.70
CA ASN A 112 -2.52 -8.10 -8.60
C ASN A 112 -1.30 -7.21 -8.82
N GLY A 113 -0.13 -7.81 -8.71
CA GLY A 113 1.10 -7.07 -8.90
C GLY A 113 2.20 -7.56 -7.97
N PRO A 114 3.01 -6.64 -7.41
CA PRO A 114 4.10 -7.01 -6.49
C PRO A 114 3.57 -7.57 -5.18
N GLU A 115 4.45 -8.20 -4.41
CA GLU A 115 4.07 -8.78 -3.13
C GLU A 115 4.05 -7.70 -2.05
N GLY A 116 3.14 -7.82 -1.11
CA GLY A 116 3.02 -6.85 -0.04
C GLY A 116 4.14 -6.97 0.98
N VAL A 117 4.59 -5.83 1.49
CA VAL A 117 5.66 -5.81 2.48
C VAL A 117 5.16 -5.21 3.79
N ALA A 118 5.50 -5.87 4.90
CA ALA A 118 5.08 -5.40 6.22
C ALA A 118 6.01 -4.31 6.73
N ILE A 119 5.45 -3.41 7.54
CA ILE A 119 6.21 -2.31 8.12
C ILE A 119 5.93 -2.21 9.62
N SER A 120 6.96 -2.42 10.42
CA SER A 120 6.82 -2.35 11.87
C SER A 120 7.39 -1.05 12.40
N PHE A 121 6.75 -0.50 13.42
CA PHE A 121 7.19 0.75 14.02
C PHE A 121 8.16 0.45 15.16
N ASN A 122 8.75 1.48 15.74
CA ASN A 122 9.68 1.28 16.85
C ASN A 122 8.92 1.31 18.16
N ALA A 10 8.93 -11.72 -18.09
CA ALA A 10 9.89 -10.62 -17.82
C ALA A 10 10.17 -10.51 -16.33
N ALA A 11 11.00 -9.54 -15.94
CA ALA A 11 11.33 -9.34 -14.55
C ALA A 11 11.20 -7.87 -14.17
N PRO A 12 10.09 -7.50 -13.52
CA PRO A 12 9.84 -6.12 -13.10
C PRO A 12 10.75 -5.71 -11.93
N THR A 13 10.65 -4.45 -11.54
CA THR A 13 11.45 -3.94 -10.43
C THR A 13 10.57 -3.30 -9.37
N ALA A 14 10.61 -3.87 -8.16
CA ALA A 14 9.82 -3.35 -7.05
C ALA A 14 10.68 -2.53 -6.09
N THR A 15 10.92 -1.28 -6.44
CA THR A 15 11.72 -0.40 -5.60
C THR A 15 10.85 0.26 -4.56
N VAL A 16 10.74 -0.38 -3.41
CA VAL A 16 9.93 0.13 -2.31
C VAL A 16 10.77 0.44 -1.08
N THR A 17 10.64 1.66 -0.57
CA THR A 17 11.38 2.07 0.61
C THR A 17 10.46 2.03 1.82
N PRO A 18 10.62 1.03 2.70
CA PRO A 18 9.80 0.89 3.89
C PRO A 18 10.23 1.79 5.04
N SER A 19 9.35 1.92 6.02
CA SER A 19 9.60 2.75 7.19
C SER A 19 9.83 1.89 8.42
N SER A 20 10.45 0.73 8.23
CA SER A 20 10.72 -0.18 9.33
C SER A 20 11.70 0.42 10.33
N GLY A 21 11.21 0.70 11.53
CA GLY A 21 12.04 1.29 12.56
C GLY A 21 11.73 2.75 12.77
N LEU A 22 10.94 3.32 11.87
CA LEU A 22 10.56 4.72 11.95
C LEU A 22 9.21 4.85 12.65
N SER A 23 8.89 6.05 13.12
CA SER A 23 7.64 6.29 13.81
C SER A 23 6.47 6.39 12.84
N ASP A 24 5.27 6.62 13.36
CA ASP A 24 4.09 6.75 12.52
C ASP A 24 4.06 8.12 11.86
N GLY A 25 3.26 8.26 10.83
CA GLY A 25 3.18 9.54 10.12
C GLY A 25 4.26 9.68 9.07
N THR A 26 5.18 8.73 9.05
CA THR A 26 6.27 8.74 8.09
C THR A 26 5.76 8.43 6.69
N VAL A 27 6.31 9.13 5.71
CA VAL A 27 5.92 8.93 4.33
C VAL A 27 6.69 7.78 3.69
N VAL A 28 5.96 6.81 3.20
CA VAL A 28 6.55 5.64 2.55
C VAL A 28 6.74 5.92 1.06
N LYS A 29 7.85 5.46 0.50
CA LYS A 29 8.12 5.67 -0.92
C LYS A 29 7.93 4.38 -1.70
N VAL A 30 7.00 4.40 -2.64
CA VAL A 30 6.73 3.24 -3.47
C VAL A 30 6.96 3.58 -4.93
N ALA A 31 7.97 2.94 -5.52
CA ALA A 31 8.30 3.18 -6.92
C ALA A 31 8.33 1.87 -7.68
N GLY A 32 7.23 1.56 -8.36
CA GLY A 32 7.15 0.34 -9.13
C GLY A 32 7.56 0.55 -10.57
N ALA A 33 8.51 -0.25 -11.03
CA ALA A 33 9.00 -0.15 -12.39
C ALA A 33 8.75 -1.46 -13.12
N GLY A 34 8.47 -1.37 -14.41
CA GLY A 34 8.20 -2.56 -15.20
C GLY A 34 6.75 -2.97 -15.09
N LEU A 35 5.90 -2.00 -14.82
CA LEU A 35 4.48 -2.23 -14.67
C LEU A 35 3.76 -1.99 -16.00
N GLN A 36 2.45 -2.22 -16.01
CA GLN A 36 1.66 -2.03 -17.22
C GLN A 36 1.22 -0.57 -17.34
N ALA A 37 1.82 0.13 -18.30
CA ALA A 37 1.52 1.55 -18.53
C ALA A 37 0.04 1.77 -18.79
N GLY A 38 -0.52 2.81 -18.16
CA GLY A 38 -1.92 3.13 -18.34
C GLY A 38 -2.78 2.63 -17.19
N THR A 39 -2.32 1.57 -16.54
CA THR A 39 -3.05 0.99 -15.43
C THR A 39 -2.83 1.77 -14.15
N ALA A 40 -3.90 2.01 -13.40
CA ALA A 40 -3.81 2.74 -12.15
C ALA A 40 -3.55 1.77 -11.00
N TYR A 41 -2.50 2.06 -10.24
CA TYR A 41 -2.13 1.21 -9.13
C TYR A 41 -2.54 1.85 -7.80
N ASP A 42 -3.25 1.07 -7.00
CA ASP A 42 -3.72 1.51 -5.70
C ASP A 42 -2.67 1.26 -4.64
N VAL A 43 -2.28 2.30 -3.93
CA VAL A 43 -1.27 2.19 -2.89
C VAL A 43 -1.80 2.70 -1.57
N GLY A 44 -1.55 1.94 -0.51
CA GLY A 44 -1.99 2.33 0.81
C GLY A 44 -1.45 1.40 1.87
N GLN A 45 -1.69 1.74 3.13
CA GLN A 45 -1.22 0.92 4.24
C GLN A 45 -2.19 -0.26 4.44
N CYS A 46 -2.31 -1.08 3.41
CA CYS A 46 -3.19 -2.23 3.44
C CYS A 46 -2.63 -3.33 4.33
N ALA A 47 -3.11 -3.40 5.55
CA ALA A 47 -2.67 -4.40 6.50
C ALA A 47 -3.71 -5.49 6.69
N TRP A 48 -3.46 -6.39 7.62
CA TRP A 48 -4.35 -7.49 7.91
C TRP A 48 -5.68 -7.00 8.46
N VAL A 49 -6.69 -6.93 7.60
CA VAL A 49 -8.01 -6.50 8.00
C VAL A 49 -8.80 -7.68 8.55
N ASP A 50 -8.37 -8.87 8.17
CA ASP A 50 -8.99 -10.12 8.61
C ASP A 50 -7.99 -11.25 8.42
N THR A 51 -8.42 -12.47 8.68
CA THR A 51 -7.56 -13.62 8.53
C THR A 51 -7.40 -13.98 7.05
N GLY A 52 -6.34 -13.44 6.44
CA GLY A 52 -6.08 -13.70 5.03
C GLY A 52 -6.50 -12.55 4.16
N VAL A 53 -7.39 -11.71 4.66
CA VAL A 53 -7.88 -10.56 3.91
C VAL A 53 -7.15 -9.29 4.36
N LEU A 54 -6.70 -8.50 3.39
CA LEU A 54 -6.00 -7.26 3.67
C LEU A 54 -6.79 -6.08 3.11
N ALA A 55 -6.66 -4.93 3.75
CA ALA A 55 -7.37 -3.73 3.30
C ALA A 55 -6.68 -2.47 3.78
N CYS A 56 -6.91 -1.36 3.09
CA CYS A 56 -6.31 -0.09 3.45
C CYS A 56 -7.39 0.99 3.61
N ASN A 57 -7.00 2.13 4.16
CA ASN A 57 -7.92 3.24 4.37
C ASN A 57 -7.86 4.23 3.21
N PRO A 58 -9.02 4.52 2.60
CA PRO A 58 -9.13 5.45 1.48
C PRO A 58 -8.96 6.91 1.92
N ALA A 59 -9.03 7.14 3.23
CA ALA A 59 -8.89 8.50 3.76
C ALA A 59 -7.45 8.97 3.64
N ASP A 60 -6.52 8.02 3.54
CA ASP A 60 -5.11 8.35 3.42
C ASP A 60 -4.42 7.42 2.43
N PHE A 61 -5.03 7.26 1.27
CA PHE A 61 -4.46 6.40 0.24
C PHE A 61 -3.97 7.24 -0.92
N SER A 62 -3.18 6.64 -1.81
CA SER A 62 -2.66 7.37 -2.94
C SER A 62 -2.75 6.53 -4.22
N SER A 63 -3.48 7.05 -5.20
CA SER A 63 -3.64 6.38 -6.46
C SER A 63 -2.62 6.89 -7.47
N VAL A 64 -1.80 6.00 -7.98
CA VAL A 64 -0.78 6.36 -8.95
C VAL A 64 -0.87 5.48 -10.19
N THR A 65 -0.91 6.11 -11.35
CA THR A 65 -1.01 5.38 -12.60
C THR A 65 0.37 5.20 -13.22
N ALA A 66 0.56 4.10 -13.92
CA ALA A 66 1.82 3.82 -14.58
C ALA A 66 2.01 4.74 -15.78
N ASP A 67 3.13 5.43 -15.79
CA ASP A 67 3.44 6.37 -16.87
C ASP A 67 3.81 5.63 -18.15
N ALA A 68 4.15 6.38 -19.19
CA ALA A 68 4.52 5.81 -20.50
C ALA A 68 5.72 4.87 -20.38
N ASN A 69 6.56 5.09 -19.39
CA ASN A 69 7.74 4.27 -19.19
C ASN A 69 7.41 3.03 -18.36
N GLY A 70 6.15 2.92 -17.95
CA GLY A 70 5.71 1.79 -17.16
C GLY A 70 6.18 1.86 -15.73
N SER A 71 6.20 3.05 -15.17
CA SER A 71 6.63 3.24 -13.80
C SER A 71 5.60 4.03 -12.99
N ALA A 72 5.53 3.74 -11.69
CA ALA A 72 4.61 4.41 -10.80
C ALA A 72 5.28 4.76 -9.48
N SER A 73 5.57 6.04 -9.29
CA SER A 73 6.22 6.51 -8.07
C SER A 73 5.22 7.31 -7.22
N THR A 74 4.97 6.84 -6.00
CA THR A 74 4.03 7.52 -5.13
C THR A 74 4.53 7.53 -3.68
N SER A 75 3.82 8.28 -2.84
CA SER A 75 4.16 8.41 -1.43
C SER A 75 2.92 8.12 -0.59
N LEU A 76 3.09 7.35 0.47
CA LEU A 76 1.98 6.98 1.34
C LEU A 76 2.23 7.38 2.78
N THR A 77 1.19 7.87 3.44
CA THR A 77 1.28 8.28 4.84
C THR A 77 0.71 7.19 5.75
N VAL A 78 1.57 6.48 6.45
CA VAL A 78 1.13 5.40 7.33
C VAL A 78 0.69 5.93 8.68
N ARG A 79 -0.54 5.62 9.07
CA ARG A 79 -1.09 6.03 10.35
C ARG A 79 -1.01 4.89 11.35
N ARG A 80 -1.18 5.20 12.63
CA ARG A 80 -1.12 4.20 13.69
C ARG A 80 -2.33 3.28 13.64
N SER A 81 -3.50 3.85 13.41
CA SER A 81 -4.72 3.08 13.33
C SER A 81 -5.53 3.53 12.11
N PHE A 82 -6.07 2.58 11.35
CA PHE A 82 -6.83 2.93 10.16
C PHE A 82 -8.01 2.01 9.95
N GLU A 83 -8.88 2.36 9.00
CA GLU A 83 -10.05 1.56 8.68
C GLU A 83 -9.80 0.80 7.38
N GLY A 84 -10.03 -0.51 7.41
CA GLY A 84 -9.81 -1.31 6.23
C GLY A 84 -10.99 -1.29 5.28
N PHE A 85 -10.73 -0.96 4.02
CA PHE A 85 -11.79 -0.89 3.02
C PHE A 85 -11.48 -1.80 1.85
N LEU A 86 -12.53 -2.30 1.20
CA LEU A 86 -12.39 -3.18 0.06
C LEU A 86 -12.22 -2.38 -1.22
N PHE A 87 -12.05 -3.07 -2.34
CA PHE A 87 -11.87 -2.42 -3.64
C PHE A 87 -13.20 -1.88 -4.15
N ASP A 88 -14.28 -2.31 -3.52
CA ASP A 88 -15.62 -1.86 -3.90
C ASP A 88 -16.02 -0.60 -3.13
N GLY A 89 -15.43 -0.42 -1.95
CA GLY A 89 -15.74 0.75 -1.16
C GLY A 89 -16.35 0.42 0.20
N THR A 90 -16.58 -0.86 0.46
CA THR A 90 -17.14 -1.27 1.74
C THR A 90 -16.06 -1.40 2.81
N ARG A 91 -16.41 -1.04 4.03
CA ARG A 91 -15.50 -1.10 5.16
C ARG A 91 -15.57 -2.46 5.81
N TRP A 92 -14.41 -3.07 6.02
CA TRP A 92 -14.33 -4.40 6.62
C TRP A 92 -14.21 -4.30 8.14
N GLY A 93 -13.34 -3.42 8.60
CA GLY A 93 -13.16 -3.25 10.03
C GLY A 93 -12.04 -2.28 10.35
N THR A 94 -11.85 -2.00 11.63
CA THR A 94 -10.82 -1.08 12.07
C THR A 94 -9.52 -1.84 12.39
N VAL A 95 -8.45 -1.46 11.70
CA VAL A 95 -7.16 -2.11 11.90
C VAL A 95 -6.23 -1.21 12.69
N ASP A 96 -5.79 -1.70 13.84
CA ASP A 96 -4.89 -0.94 14.70
C ASP A 96 -3.48 -1.48 14.62
N CYS A 97 -2.53 -0.62 14.29
CA CYS A 97 -1.14 -1.01 14.16
C CYS A 97 -0.34 -0.61 15.39
N THR A 98 -1.04 -0.24 16.46
CA THR A 98 -0.37 0.15 17.69
C THR A 98 0.15 -1.10 18.40
N THR A 99 -0.69 -2.12 18.46
CA THR A 99 -0.31 -3.38 19.09
C THR A 99 -0.26 -4.50 18.05
N ALA A 100 -0.09 -4.09 16.80
CA ALA A 100 -0.03 -5.04 15.69
C ALA A 100 0.99 -4.60 14.66
N ALA A 101 1.20 -5.45 13.66
CA ALA A 101 2.16 -5.16 12.60
C ALA A 101 1.48 -4.50 11.41
N CYS A 102 1.98 -3.33 11.04
CA CYS A 102 1.43 -2.60 9.90
C CYS A 102 2.23 -2.93 8.64
N GLN A 103 1.64 -2.71 7.48
CA GLN A 103 2.34 -2.99 6.23
C GLN A 103 1.80 -2.11 5.12
N VAL A 104 2.59 -1.96 4.07
CA VAL A 104 2.21 -1.14 2.94
C VAL A 104 2.02 -2.01 1.70
N GLY A 105 0.90 -1.85 1.03
CA GLY A 105 0.63 -2.66 -0.15
C GLY A 105 0.28 -1.82 -1.36
N LEU A 106 0.52 -2.40 -2.53
CA LEU A 106 0.22 -1.73 -3.80
C LEU A 106 -0.19 -2.78 -4.84
N SER A 107 -1.24 -2.50 -5.59
CA SER A 107 -1.70 -3.43 -6.60
C SER A 107 -2.49 -2.70 -7.68
N ASP A 108 -2.67 -3.35 -8.82
CA ASP A 108 -3.42 -2.77 -9.94
C ASP A 108 -4.92 -2.79 -9.65
N ALA A 109 -5.71 -2.34 -10.62
CA ALA A 109 -7.17 -2.31 -10.49
C ALA A 109 -7.73 -3.69 -10.18
N ALA A 110 -7.17 -4.72 -10.80
CA ALA A 110 -7.63 -6.09 -10.58
C ALA A 110 -7.23 -6.57 -9.19
N GLY A 111 -6.00 -6.31 -8.81
CA GLY A 111 -5.51 -6.73 -7.52
C GLY A 111 -4.22 -7.53 -7.61
N ASN A 112 -3.44 -7.26 -8.64
CA ASN A 112 -2.17 -7.94 -8.85
C ASN A 112 -1.03 -6.94 -8.84
N GLY A 113 0.19 -7.43 -8.93
CA GLY A 113 1.34 -6.55 -8.93
C GLY A 113 2.37 -6.98 -7.91
N PRO A 114 3.29 -6.09 -7.52
CA PRO A 114 4.34 -6.39 -6.54
C PRO A 114 3.76 -6.76 -5.18
N GLU A 115 4.55 -7.48 -4.39
CA GLU A 115 4.14 -7.90 -3.06
C GLU A 115 4.20 -6.75 -2.08
N GLY A 116 3.45 -6.88 -0.99
CA GLY A 116 3.43 -5.87 0.04
C GLY A 116 4.58 -6.03 1.01
N VAL A 117 5.02 -4.92 1.59
CA VAL A 117 6.12 -4.95 2.54
C VAL A 117 5.63 -4.58 3.94
N ALA A 118 5.91 -5.44 4.90
CA ALA A 118 5.50 -5.21 6.28
C ALA A 118 6.47 -4.25 6.96
N ILE A 119 5.93 -3.32 7.74
CA ILE A 119 6.73 -2.34 8.44
C ILE A 119 6.45 -2.39 9.94
N SER A 120 7.20 -1.63 10.71
CA SER A 120 7.03 -1.57 12.16
C SER A 120 7.56 -0.26 12.70
N PHE A 121 6.85 0.32 13.64
CA PHE A 121 7.26 1.59 14.24
C PHE A 121 8.23 1.32 15.40
N ASN A 122 8.87 2.36 15.89
CA ASN A 122 9.82 2.21 16.99
C ASN A 122 9.09 2.40 18.32
N ALA A 10 9.15 -11.67 -18.01
CA ALA A 10 10.21 -10.70 -17.65
C ALA A 10 10.03 -10.23 -16.21
N ALA A 11 11.14 -9.95 -15.55
CA ALA A 11 11.11 -9.49 -14.17
C ALA A 11 11.09 -7.97 -14.07
N PRO A 12 10.05 -7.41 -13.45
CA PRO A 12 9.92 -5.95 -13.29
C PRO A 12 10.89 -5.41 -12.24
N THR A 13 10.84 -4.10 -12.01
CA THR A 13 11.71 -3.47 -11.04
C THR A 13 10.91 -2.78 -9.93
N ALA A 14 10.76 -3.47 -8.81
CA ALA A 14 10.03 -2.90 -7.69
C ALA A 14 10.98 -2.30 -6.66
N THR A 15 10.82 -1.00 -6.42
CA THR A 15 11.68 -0.30 -5.46
C THR A 15 10.83 0.48 -4.46
N VAL A 16 10.73 -0.02 -3.25
CA VAL A 16 9.94 0.64 -2.22
C VAL A 16 10.81 0.95 -1.00
N THR A 17 10.53 2.07 -0.36
CA THR A 17 11.26 2.48 0.82
C THR A 17 10.49 2.08 2.08
N PRO A 18 10.94 1.03 2.78
CA PRO A 18 10.28 0.55 3.98
C PRO A 18 10.48 1.46 5.19
N SER A 19 9.47 1.59 6.01
CA SER A 19 9.53 2.42 7.20
C SER A 19 9.83 1.58 8.44
N SER A 20 10.58 0.51 8.25
CA SER A 20 10.95 -0.38 9.33
C SER A 20 11.81 0.36 10.36
N GLY A 21 11.23 0.62 11.54
CA GLY A 21 11.97 1.32 12.58
C GLY A 21 11.54 2.76 12.71
N LEU A 22 10.64 3.20 11.84
CA LEU A 22 10.15 4.57 11.88
C LEU A 22 8.78 4.61 12.55
N SER A 23 8.39 5.77 13.05
CA SER A 23 7.11 5.92 13.73
C SER A 23 5.99 6.29 12.75
N ASP A 24 4.81 6.57 13.29
CA ASP A 24 3.66 6.94 12.47
C ASP A 24 3.85 8.33 11.86
N GLY A 25 3.16 8.58 10.74
CA GLY A 25 3.28 9.85 10.07
C GLY A 25 4.43 9.86 9.08
N THR A 26 5.05 8.69 8.93
CA THR A 26 6.17 8.53 8.03
C THR A 26 5.70 8.42 6.58
N VAL A 27 6.40 9.11 5.70
CA VAL A 27 6.09 9.10 4.27
C VAL A 27 6.75 7.90 3.60
N VAL A 28 5.93 6.94 3.20
CA VAL A 28 6.41 5.74 2.53
C VAL A 28 6.55 6.00 1.04
N LYS A 29 7.70 5.66 0.47
CA LYS A 29 7.94 5.87 -0.96
C LYS A 29 7.80 4.56 -1.73
N VAL A 30 6.91 4.58 -2.72
CA VAL A 30 6.66 3.41 -3.55
C VAL A 30 6.97 3.74 -5.01
N ALA A 31 8.05 3.16 -5.54
CA ALA A 31 8.45 3.40 -6.92
C ALA A 31 8.49 2.09 -7.71
N GLY A 32 7.53 1.91 -8.58
CA GLY A 32 7.47 0.70 -9.38
C GLY A 32 7.79 0.95 -10.84
N ALA A 33 8.76 0.21 -11.34
CA ALA A 33 9.17 0.33 -12.74
C ALA A 33 8.92 -0.99 -13.46
N GLY A 34 8.54 -0.90 -14.72
CA GLY A 34 8.26 -2.09 -15.48
C GLY A 34 6.82 -2.51 -15.32
N LEU A 35 5.97 -1.53 -15.07
CA LEU A 35 4.55 -1.75 -14.86
C LEU A 35 3.80 -1.66 -16.19
N GLN A 36 2.49 -1.65 -16.12
CA GLN A 36 1.65 -1.58 -17.31
C GLN A 36 1.24 -0.14 -17.58
N ALA A 37 1.83 0.44 -18.63
CA ALA A 37 1.55 1.81 -19.02
C ALA A 37 0.07 2.02 -19.33
N GLY A 38 -0.60 2.80 -18.51
CA GLY A 38 -2.01 3.07 -18.72
C GLY A 38 -2.87 2.63 -17.55
N THR A 39 -2.49 1.54 -16.90
CA THR A 39 -3.25 1.03 -15.78
C THR A 39 -2.90 1.75 -14.48
N ALA A 40 -3.89 1.92 -13.62
CA ALA A 40 -3.69 2.59 -12.35
C ALA A 40 -3.56 1.56 -11.23
N TYR A 41 -2.87 1.94 -10.17
CA TYR A 41 -2.67 1.07 -9.04
C TYR A 41 -3.15 1.72 -7.75
N ASP A 42 -3.54 0.92 -6.78
CA ASP A 42 -4.00 1.40 -5.50
C ASP A 42 -3.00 1.01 -4.44
N VAL A 43 -2.32 2.00 -3.89
CA VAL A 43 -1.31 1.75 -2.86
C VAL A 43 -1.62 2.49 -1.57
N GLY A 44 -1.70 1.74 -0.48
CA GLY A 44 -1.97 2.34 0.83
C GLY A 44 -1.47 1.44 1.94
N GLN A 45 -1.69 1.86 3.18
CA GLN A 45 -1.27 1.04 4.31
C GLN A 45 -2.36 0.03 4.61
N CYS A 46 -2.00 -1.24 4.56
CA CYS A 46 -2.97 -2.29 4.80
C CYS A 46 -2.48 -3.25 5.87
N ALA A 47 -3.41 -3.95 6.48
CA ALA A 47 -3.10 -4.93 7.52
C ALA A 47 -4.23 -5.94 7.60
N TRP A 48 -4.06 -6.92 8.47
CA TRP A 48 -5.07 -7.96 8.65
C TRP A 48 -6.37 -7.36 9.17
N VAL A 49 -7.43 -7.49 8.37
CA VAL A 49 -8.73 -6.96 8.75
C VAL A 49 -9.67 -8.10 9.17
N ASP A 50 -9.34 -9.31 8.76
CA ASP A 50 -10.12 -10.49 9.07
C ASP A 50 -9.28 -11.73 8.84
N THR A 51 -9.83 -12.89 9.11
CA THR A 51 -9.12 -14.15 8.93
C THR A 51 -8.92 -14.46 7.44
N GLY A 52 -7.76 -14.06 6.92
CA GLY A 52 -7.46 -14.30 5.52
C GLY A 52 -7.74 -13.09 4.66
N VAL A 53 -8.33 -12.06 5.26
CA VAL A 53 -8.67 -10.85 4.53
C VAL A 53 -7.93 -9.65 5.11
N LEU A 54 -7.41 -8.80 4.24
CA LEU A 54 -6.69 -7.61 4.65
C LEU A 54 -7.43 -6.38 4.15
N ALA A 55 -7.02 -5.21 4.60
CA ALA A 55 -7.68 -3.97 4.17
C ALA A 55 -6.76 -2.77 4.32
N CYS A 56 -6.95 -1.79 3.45
CA CYS A 56 -6.15 -0.57 3.46
C CYS A 56 -7.04 0.62 3.82
N ASN A 57 -6.42 1.77 4.04
CA ASN A 57 -7.16 2.97 4.40
C ASN A 57 -7.42 3.85 3.18
N PRO A 58 -8.65 4.36 3.03
CA PRO A 58 -9.02 5.22 1.90
C PRO A 58 -8.75 6.69 2.20
N ALA A 59 -8.46 6.98 3.47
CA ALA A 59 -8.20 8.35 3.90
C ALA A 59 -6.80 8.83 3.51
N ASP A 60 -5.84 7.92 3.54
CA ASP A 60 -4.47 8.28 3.19
C ASP A 60 -3.87 7.27 2.23
N PHE A 61 -4.35 7.29 0.98
CA PHE A 61 -3.84 6.39 -0.04
C PHE A 61 -3.65 7.16 -1.34
N SER A 62 -2.76 6.67 -2.19
CA SER A 62 -2.50 7.35 -3.45
C SER A 62 -2.79 6.46 -4.64
N SER A 63 -3.66 6.95 -5.53
CA SER A 63 -4.01 6.23 -6.74
C SER A 63 -3.06 6.64 -7.86
N VAL A 64 -1.91 5.98 -7.90
CA VAL A 64 -0.90 6.29 -8.91
C VAL A 64 -1.11 5.45 -10.17
N THR A 65 -0.81 6.03 -11.31
CA THR A 65 -0.95 5.33 -12.59
C THR A 65 0.39 5.28 -13.29
N ALA A 66 0.63 4.22 -14.04
CA ALA A 66 1.89 4.05 -14.75
C ALA A 66 1.93 4.97 -15.97
N ASP A 67 3.07 5.64 -16.13
CA ASP A 67 3.27 6.57 -17.23
C ASP A 67 3.70 5.83 -18.50
N ALA A 68 4.04 6.59 -19.54
CA ALA A 68 4.48 6.04 -20.81
C ALA A 68 5.76 5.20 -20.67
N ASN A 69 6.54 5.50 -19.64
CA ASN A 69 7.79 4.77 -19.39
C ASN A 69 7.51 3.51 -18.59
N GLY A 70 6.26 3.35 -18.18
CA GLY A 70 5.87 2.18 -17.41
C GLY A 70 6.36 2.26 -15.98
N SER A 71 6.50 3.48 -15.48
CA SER A 71 6.96 3.69 -14.13
C SER A 71 5.95 4.50 -13.33
N ALA A 72 5.87 4.23 -12.04
CA ALA A 72 4.94 4.93 -11.17
C ALA A 72 5.51 5.06 -9.76
N SER A 73 5.68 6.28 -9.30
CA SER A 73 6.22 6.53 -7.96
C SER A 73 5.29 7.46 -7.19
N THR A 74 4.94 7.06 -5.99
CA THR A 74 4.06 7.84 -5.14
C THR A 74 4.45 7.67 -3.67
N SER A 75 3.80 8.42 -2.79
CA SER A 75 4.09 8.35 -1.37
C SER A 75 2.82 8.08 -0.56
N LEU A 76 3.00 7.48 0.61
CA LEU A 76 1.87 7.14 1.48
C LEU A 76 2.16 7.57 2.92
N THR A 77 1.18 8.15 3.58
CA THR A 77 1.34 8.57 4.97
C THR A 77 0.79 7.47 5.88
N VAL A 78 1.69 6.71 6.49
CA VAL A 78 1.28 5.62 7.36
C VAL A 78 0.81 6.14 8.73
N ARG A 79 -0.45 5.82 9.06
CA ARG A 79 -1.03 6.23 10.33
C ARG A 79 -0.93 5.07 11.33
N ARG A 80 -1.10 5.37 12.61
CA ARG A 80 -1.02 4.35 13.65
C ARG A 80 -2.26 3.47 13.63
N SER A 81 -3.39 4.08 13.33
CA SER A 81 -4.67 3.37 13.25
C SER A 81 -5.41 3.89 12.02
N PHE A 82 -6.23 3.04 11.39
CA PHE A 82 -6.95 3.46 10.20
C PHE A 82 -8.20 2.62 9.95
N GLU A 83 -8.93 2.98 8.92
CA GLU A 83 -10.15 2.30 8.53
C GLU A 83 -9.83 1.26 7.46
N GLY A 84 -10.30 0.04 7.66
CA GLY A 84 -10.04 -1.01 6.69
C GLY A 84 -11.06 -1.03 5.57
N PHE A 85 -10.58 -0.90 4.33
CA PHE A 85 -11.46 -0.89 3.17
C PHE A 85 -10.98 -1.89 2.13
N LEU A 86 -11.92 -2.50 1.45
CA LEU A 86 -11.61 -3.48 0.41
C LEU A 86 -11.34 -2.75 -0.91
N PHE A 87 -10.87 -3.49 -1.90
CA PHE A 87 -10.57 -2.91 -3.21
C PHE A 87 -11.83 -2.43 -3.92
N ASP A 88 -12.97 -3.02 -3.58
CA ASP A 88 -14.24 -2.63 -4.19
C ASP A 88 -14.76 -1.35 -3.55
N GLY A 89 -14.31 -1.07 -2.33
CA GLY A 89 -14.74 0.12 -1.63
C GLY A 89 -15.57 -0.17 -0.39
N THR A 90 -15.78 -1.44 -0.11
CA THR A 90 -16.54 -1.84 1.07
C THR A 90 -15.67 -1.82 2.32
N ARG A 91 -16.15 -1.18 3.37
CA ARG A 91 -15.41 -1.11 4.63
C ARG A 91 -15.61 -2.40 5.42
N TRP A 92 -14.58 -2.83 6.12
CA TRP A 92 -14.66 -4.05 6.90
C TRP A 92 -14.59 -3.78 8.40
N GLY A 93 -14.00 -2.65 8.77
CA GLY A 93 -13.89 -2.30 10.17
C GLY A 93 -12.68 -1.44 10.45
N THR A 94 -12.42 -1.18 11.72
CA THR A 94 -11.28 -0.36 12.11
C THR A 94 -10.03 -1.23 12.32
N VAL A 95 -8.93 -0.83 11.69
CA VAL A 95 -7.67 -1.57 11.80
C VAL A 95 -6.65 -0.74 12.58
N ASP A 96 -5.95 -1.38 13.50
CA ASP A 96 -4.95 -0.68 14.31
C ASP A 96 -3.59 -1.35 14.20
N CYS A 97 -2.55 -0.54 14.19
CA CYS A 97 -1.18 -1.05 14.10
C CYS A 97 -0.31 -0.49 15.22
N THR A 98 -0.94 -0.17 16.36
CA THR A 98 -0.21 0.34 17.51
C THR A 98 0.42 -0.82 18.27
N THR A 99 -0.15 -2.00 18.08
CA THR A 99 0.34 -3.20 18.73
C THR A 99 0.42 -4.34 17.70
N ALA A 100 0.44 -3.96 16.44
CA ALA A 100 0.50 -4.92 15.33
C ALA A 100 1.35 -4.35 14.20
N ALA A 101 1.67 -5.19 13.23
CA ALA A 101 2.48 -4.76 12.10
C ALA A 101 1.60 -4.44 10.89
N CYS A 102 1.97 -3.40 10.16
CA CYS A 102 1.24 -2.98 8.98
C CYS A 102 2.09 -3.24 7.73
N GLN A 103 1.46 -3.42 6.59
CA GLN A 103 2.20 -3.65 5.35
C GLN A 103 1.71 -2.73 4.25
N VAL A 104 2.59 -2.47 3.29
CA VAL A 104 2.25 -1.60 2.17
C VAL A 104 1.49 -2.38 1.10
N GLY A 105 0.24 -2.01 0.90
CA GLY A 105 -0.58 -2.67 -0.08
C GLY A 105 -0.47 -2.00 -1.42
N LEU A 106 0.20 -2.66 -2.36
CA LEU A 106 0.39 -2.13 -3.69
C LEU A 106 -0.06 -3.12 -4.75
N SER A 107 -1.18 -2.82 -5.38
CA SER A 107 -1.73 -3.68 -6.42
C SER A 107 -2.50 -2.86 -7.43
N ASP A 108 -2.75 -3.42 -8.60
CA ASP A 108 -3.47 -2.74 -9.65
C ASP A 108 -4.98 -2.76 -9.35
N ALA A 109 -5.76 -2.19 -10.25
CA ALA A 109 -7.21 -2.13 -10.09
C ALA A 109 -7.83 -3.52 -9.94
N ALA A 110 -7.20 -4.52 -10.54
CA ALA A 110 -7.68 -5.90 -10.45
C ALA A 110 -7.31 -6.49 -9.11
N GLY A 111 -6.01 -6.46 -8.79
CA GLY A 111 -5.53 -6.99 -7.52
C GLY A 111 -4.22 -7.74 -7.63
N ASN A 112 -3.36 -7.32 -8.54
CA ASN A 112 -2.06 -7.95 -8.72
C ASN A 112 -0.96 -6.90 -8.80
N GLY A 113 0.29 -7.32 -8.67
CA GLY A 113 1.40 -6.39 -8.72
C GLY A 113 2.56 -6.83 -7.86
N PRO A 114 3.30 -5.89 -7.27
CA PRO A 114 4.46 -6.21 -6.42
C PRO A 114 4.03 -6.84 -5.10
N GLU A 115 4.99 -7.40 -4.37
CA GLU A 115 4.70 -8.04 -3.09
C GLU A 115 4.64 -6.99 -1.98
N GLY A 116 3.67 -7.16 -1.08
CA GLY A 116 3.52 -6.23 0.01
C GLY A 116 4.66 -6.31 1.01
N VAL A 117 5.20 -5.17 1.37
CA VAL A 117 6.30 -5.12 2.32
C VAL A 117 5.79 -4.73 3.70
N ALA A 118 6.11 -5.55 4.70
CA ALA A 118 5.68 -5.30 6.06
C ALA A 118 6.61 -4.32 6.75
N ILE A 119 6.04 -3.42 7.54
CA ILE A 119 6.81 -2.44 8.29
C ILE A 119 6.35 -2.38 9.73
N SER A 120 7.21 -1.92 10.61
CA SER A 120 6.88 -1.83 12.02
C SER A 120 7.46 -0.56 12.62
N PHE A 121 6.73 0.04 13.55
CA PHE A 121 7.16 1.26 14.20
C PHE A 121 8.12 0.95 15.33
N ASN A 122 9.01 1.89 15.64
CA ASN A 122 10.00 1.70 16.70
C ASN A 122 9.32 1.74 18.06
N ALA A 10 8.66 -10.46 -18.73
CA ALA A 10 9.89 -9.69 -18.38
C ALA A 10 9.88 -9.34 -16.91
N ALA A 11 11.00 -9.54 -16.24
CA ALA A 11 11.13 -9.23 -14.82
C ALA A 11 11.04 -7.72 -14.58
N PRO A 12 10.14 -7.31 -13.68
CA PRO A 12 9.94 -5.90 -13.35
C PRO A 12 10.98 -5.39 -12.35
N THR A 13 10.97 -4.09 -12.11
CA THR A 13 11.91 -3.49 -11.18
C THR A 13 11.16 -2.80 -10.03
N ALA A 14 11.13 -3.45 -8.87
CA ALA A 14 10.46 -2.89 -7.71
C ALA A 14 11.44 -2.07 -6.88
N THR A 15 11.01 -0.87 -6.49
CA THR A 15 11.85 0.01 -5.68
C THR A 15 11.01 0.74 -4.63
N VAL A 16 10.67 0.03 -3.56
CA VAL A 16 9.87 0.62 -2.50
C VAL A 16 10.69 0.78 -1.23
N THR A 17 10.48 1.89 -0.54
CA THR A 17 11.19 2.19 0.70
C THR A 17 10.30 1.88 1.91
N PRO A 18 10.61 0.82 2.66
CA PRO A 18 9.84 0.45 3.85
C PRO A 18 10.21 1.25 5.09
N SER A 19 9.22 1.52 5.92
CA SER A 19 9.44 2.27 7.15
C SER A 19 9.71 1.30 8.31
N SER A 20 10.77 0.52 8.19
CA SER A 20 11.13 -0.45 9.22
C SER A 20 11.73 0.22 10.45
N GLY A 21 11.05 0.08 11.58
CA GLY A 21 11.55 0.65 12.83
C GLY A 21 11.41 2.16 12.88
N LEU A 22 10.44 2.70 12.17
CA LEU A 22 10.23 4.14 12.15
C LEU A 22 9.01 4.49 12.99
N SER A 23 8.57 5.74 12.90
CA SER A 23 7.41 6.19 13.64
C SER A 23 6.19 6.31 12.71
N ASP A 24 5.06 6.76 13.26
CA ASP A 24 3.86 6.93 12.47
C ASP A 24 3.89 8.25 11.72
N GLY A 25 3.18 8.33 10.61
CA GLY A 25 3.15 9.54 9.82
C GLY A 25 4.34 9.63 8.89
N THR A 26 5.10 8.54 8.81
CA THR A 26 6.27 8.48 7.96
C THR A 26 5.87 8.36 6.49
N VAL A 27 6.65 9.00 5.62
CA VAL A 27 6.39 8.99 4.20
C VAL A 27 6.99 7.76 3.54
N VAL A 28 6.13 6.88 3.05
CA VAL A 28 6.56 5.66 2.38
C VAL A 28 6.74 5.94 0.89
N LYS A 29 7.96 5.79 0.40
CA LYS A 29 8.26 6.02 -0.99
C LYS A 29 8.02 4.75 -1.81
N VAL A 30 7.04 4.81 -2.71
CA VAL A 30 6.71 3.67 -3.55
C VAL A 30 7.02 3.98 -5.01
N ALA A 31 8.03 3.31 -5.54
CA ALA A 31 8.43 3.51 -6.93
C ALA A 31 8.51 2.18 -7.67
N GLY A 32 7.64 1.99 -8.65
CA GLY A 32 7.63 0.77 -9.41
C GLY A 32 7.96 1.00 -10.87
N ALA A 33 8.78 0.13 -11.44
CA ALA A 33 9.15 0.24 -12.84
C ALA A 33 8.89 -1.07 -13.56
N GLY A 34 8.53 -0.99 -14.83
CA GLY A 34 8.22 -2.18 -15.59
C GLY A 34 6.76 -2.54 -15.50
N LEU A 35 5.94 -1.54 -15.18
CA LEU A 35 4.51 -1.73 -15.03
C LEU A 35 3.82 -1.50 -16.38
N GLN A 36 2.50 -1.55 -16.37
CA GLN A 36 1.72 -1.34 -17.58
C GLN A 36 1.29 0.11 -17.69
N ALA A 37 1.76 0.78 -18.74
CA ALA A 37 1.43 2.18 -18.96
C ALA A 37 -0.07 2.37 -19.16
N GLY A 38 -0.62 3.39 -18.52
CA GLY A 38 -2.04 3.67 -18.64
C GLY A 38 -2.87 2.88 -17.64
N THR A 39 -2.20 2.24 -16.70
CA THR A 39 -2.87 1.46 -15.67
C THR A 39 -2.76 2.17 -14.31
N ALA A 40 -3.86 2.17 -13.57
CA ALA A 40 -3.91 2.81 -12.25
C ALA A 40 -3.62 1.80 -11.14
N TYR A 41 -2.64 2.12 -10.31
CA TYR A 41 -2.26 1.26 -9.20
C TYR A 41 -2.65 1.88 -7.87
N ASP A 42 -3.47 1.16 -7.12
CA ASP A 42 -3.93 1.62 -5.82
C ASP A 42 -2.94 1.20 -4.75
N VAL A 43 -2.33 2.17 -4.10
CA VAL A 43 -1.35 1.90 -3.05
C VAL A 43 -1.78 2.54 -1.73
N GLY A 44 -2.00 1.73 -0.72
CA GLY A 44 -2.38 2.25 0.57
C GLY A 44 -1.84 1.41 1.71
N GLN A 45 -2.03 1.86 2.94
CA GLN A 45 -1.57 1.12 4.09
C GLN A 45 -2.63 0.10 4.48
N CYS A 46 -2.26 -1.16 4.50
CA CYS A 46 -3.17 -2.22 4.83
C CYS A 46 -2.67 -3.05 6.00
N ALA A 47 -3.57 -3.79 6.62
CA ALA A 47 -3.23 -4.65 7.75
C ALA A 47 -4.29 -5.72 7.90
N TRP A 48 -4.08 -6.64 8.83
CA TRP A 48 -5.03 -7.71 9.09
C TRP A 48 -6.31 -7.15 9.70
N VAL A 49 -7.32 -6.95 8.88
CA VAL A 49 -8.59 -6.43 9.35
C VAL A 49 -9.45 -7.56 9.92
N ASP A 50 -9.07 -8.78 9.58
CA ASP A 50 -9.77 -9.98 10.05
C ASP A 50 -8.82 -11.17 9.94
N THR A 51 -9.27 -12.33 10.39
CA THR A 51 -8.46 -13.53 10.34
C THR A 51 -8.34 -14.03 8.91
N GLY A 52 -7.30 -13.56 8.22
CA GLY A 52 -7.07 -13.95 6.84
C GLY A 52 -7.56 -12.90 5.87
N VAL A 53 -8.05 -11.79 6.40
CA VAL A 53 -8.56 -10.71 5.58
C VAL A 53 -7.74 -9.45 5.80
N LEU A 54 -7.37 -8.80 4.71
CA LEU A 54 -6.59 -7.57 4.78
C LEU A 54 -7.38 -6.42 4.18
N ALA A 55 -7.11 -5.21 4.62
CA ALA A 55 -7.81 -4.04 4.13
C ALA A 55 -6.94 -2.79 4.27
N CYS A 56 -7.04 -1.89 3.30
CA CYS A 56 -6.26 -0.65 3.32
C CYS A 56 -7.14 0.56 3.55
N ASN A 57 -6.52 1.67 3.90
CA ASN A 57 -7.24 2.91 4.13
C ASN A 57 -7.34 3.69 2.83
N PRO A 58 -8.57 3.99 2.37
CA PRO A 58 -8.79 4.72 1.11
C PRO A 58 -8.74 6.24 1.26
N ALA A 59 -8.50 6.72 2.48
CA ALA A 59 -8.44 8.15 2.71
C ALA A 59 -7.02 8.69 2.53
N ASP A 60 -6.07 8.05 3.19
CA ASP A 60 -4.68 8.45 3.10
C ASP A 60 -3.93 7.61 2.07
N PHE A 61 -4.64 7.23 1.01
CA PHE A 61 -4.04 6.42 -0.05
C PHE A 61 -3.94 7.24 -1.33
N SER A 62 -3.08 6.84 -2.24
CA SER A 62 -2.91 7.55 -3.49
C SER A 62 -2.91 6.58 -4.67
N SER A 63 -3.71 6.91 -5.67
CA SER A 63 -3.81 6.10 -6.87
C SER A 63 -2.76 6.55 -7.89
N VAL A 64 -1.64 5.86 -7.93
CA VAL A 64 -0.56 6.20 -8.82
C VAL A 64 -0.80 5.58 -10.20
N THR A 65 -0.51 6.33 -11.25
CA THR A 65 -0.69 5.85 -12.60
C THR A 65 0.65 5.64 -13.27
N ALA A 66 0.75 4.60 -14.08
CA ALA A 66 1.99 4.29 -14.78
C ALA A 66 2.22 5.26 -15.93
N ASP A 67 3.43 5.78 -16.01
CA ASP A 67 3.80 6.72 -17.06
C ASP A 67 4.16 5.99 -18.35
N ALA A 68 4.59 6.75 -19.36
CA ALA A 68 4.93 6.19 -20.66
C ALA A 68 6.14 5.27 -20.61
N ASN A 69 6.92 5.37 -19.53
CA ASN A 69 8.11 4.55 -19.37
C ASN A 69 7.74 3.25 -18.68
N GLY A 70 6.55 3.24 -18.09
CA GLY A 70 6.08 2.07 -17.38
C GLY A 70 6.44 2.13 -15.93
N SER A 71 6.56 3.34 -15.39
CA SER A 71 6.91 3.53 -14.00
C SER A 71 5.78 4.23 -13.25
N ALA A 72 5.78 4.05 -11.94
CA ALA A 72 4.78 4.65 -11.08
C ALA A 72 5.40 4.98 -9.73
N SER A 73 5.50 6.26 -9.43
CA SER A 73 6.09 6.70 -8.17
C SER A 73 5.11 7.55 -7.37
N THR A 74 4.95 7.22 -6.10
CA THR A 74 4.04 7.94 -5.22
C THR A 74 4.51 7.84 -3.76
N SER A 75 3.91 8.64 -2.89
CA SER A 75 4.28 8.63 -1.48
C SER A 75 3.05 8.38 -0.61
N LEU A 76 3.18 7.47 0.35
CA LEU A 76 2.08 7.13 1.25
C LEU A 76 2.40 7.55 2.68
N THR A 77 1.37 7.97 3.41
CA THR A 77 1.55 8.36 4.80
C THR A 77 0.97 7.29 5.72
N VAL A 78 1.84 6.46 6.25
CA VAL A 78 1.41 5.37 7.13
C VAL A 78 0.98 5.88 8.51
N ARG A 79 -0.30 5.68 8.82
CA ARG A 79 -0.84 6.10 10.09
C ARG A 79 -0.79 4.94 11.09
N ARG A 80 -0.95 5.27 12.37
CA ARG A 80 -0.92 4.28 13.43
C ARG A 80 -2.16 3.37 13.38
N SER A 81 -3.32 3.99 13.20
CA SER A 81 -4.57 3.27 13.12
C SER A 81 -5.38 3.81 11.94
N PHE A 82 -6.16 2.95 11.29
CA PHE A 82 -6.92 3.38 10.13
C PHE A 82 -8.12 2.48 9.86
N GLU A 83 -9.08 2.98 9.10
CA GLU A 83 -10.25 2.20 8.72
C GLU A 83 -9.89 1.33 7.52
N GLY A 84 -10.08 0.04 7.66
CA GLY A 84 -9.76 -0.88 6.58
C GLY A 84 -10.88 -1.06 5.59
N PHE A 85 -10.57 -0.93 4.30
CA PHE A 85 -11.55 -1.08 3.25
C PHE A 85 -11.07 -2.13 2.25
N LEU A 86 -12.00 -2.89 1.70
CA LEU A 86 -11.65 -3.91 0.72
C LEU A 86 -11.29 -3.26 -0.61
N PHE A 87 -10.83 -4.06 -1.56
CA PHE A 87 -10.43 -3.54 -2.86
C PHE A 87 -11.65 -3.19 -3.70
N ASP A 88 -12.82 -3.64 -3.25
CA ASP A 88 -14.07 -3.35 -3.95
C ASP A 88 -14.67 -2.05 -3.45
N GLY A 89 -14.21 -1.61 -2.28
CA GLY A 89 -14.73 -0.37 -1.70
C GLY A 89 -15.56 -0.59 -0.46
N THR A 90 -15.76 -1.84 -0.09
CA THR A 90 -16.55 -2.17 1.09
C THR A 90 -15.67 -2.17 2.35
N ARG A 91 -16.10 -1.42 3.36
CA ARG A 91 -15.36 -1.34 4.61
C ARG A 91 -15.58 -2.60 5.43
N TRP A 92 -14.51 -3.07 6.08
CA TRP A 92 -14.60 -4.28 6.90
C TRP A 92 -14.53 -3.90 8.38
N GLY A 93 -13.71 -2.92 8.71
CA GLY A 93 -13.58 -2.49 10.09
C GLY A 93 -12.36 -1.62 10.30
N THR A 94 -12.18 -1.12 11.51
CA THR A 94 -11.04 -0.27 11.81
C THR A 94 -9.88 -1.10 12.34
N VAL A 95 -8.70 -0.92 11.74
CA VAL A 95 -7.52 -1.66 12.15
C VAL A 95 -6.53 -0.76 12.89
N ASP A 96 -5.80 -1.36 13.82
CA ASP A 96 -4.81 -0.63 14.60
C ASP A 96 -3.45 -1.29 14.46
N CYS A 97 -2.43 -0.50 14.15
CA CYS A 97 -1.10 -1.03 13.99
C CYS A 97 -0.19 -0.65 15.16
N THR A 98 -0.79 -0.35 16.29
CA THR A 98 -0.03 0.00 17.48
C THR A 98 0.46 -1.28 18.15
N THR A 99 -0.43 -2.27 18.21
CA THR A 99 -0.11 -3.55 18.79
C THR A 99 -0.11 -4.62 17.70
N ALA A 100 0.05 -4.17 16.46
CA ALA A 100 0.08 -5.06 15.31
C ALA A 100 1.06 -4.55 14.27
N ALA A 101 1.06 -5.15 13.10
CA ALA A 101 1.96 -4.76 12.03
C ALA A 101 1.19 -4.19 10.84
N CYS A 102 1.72 -3.14 10.25
CA CYS A 102 1.10 -2.51 9.10
C CYS A 102 1.89 -2.88 7.84
N GLN A 103 1.22 -3.05 6.71
CA GLN A 103 1.91 -3.41 5.49
C GLN A 103 1.45 -2.55 4.32
N VAL A 104 2.35 -2.33 3.38
CA VAL A 104 2.06 -1.52 2.21
C VAL A 104 1.40 -2.36 1.12
N GLY A 105 0.19 -1.99 0.78
CA GLY A 105 -0.55 -2.71 -0.23
C GLY A 105 -0.52 -1.98 -1.57
N LEU A 106 0.24 -2.52 -2.50
CA LEU A 106 0.37 -1.93 -3.82
C LEU A 106 -0.11 -2.90 -4.88
N SER A 107 -1.24 -2.60 -5.51
CA SER A 107 -1.79 -3.47 -6.54
C SER A 107 -2.63 -2.65 -7.52
N ASP A 108 -2.89 -3.22 -8.69
CA ASP A 108 -3.68 -2.54 -9.72
C ASP A 108 -5.17 -2.65 -9.39
N ALA A 109 -6.00 -2.14 -10.29
CA ALA A 109 -7.45 -2.18 -10.10
C ALA A 109 -7.95 -3.60 -9.85
N ALA A 110 -7.37 -4.56 -10.55
CA ALA A 110 -7.74 -5.96 -10.40
C ALA A 110 -7.30 -6.47 -9.03
N GLY A 111 -6.01 -6.32 -8.74
CA GLY A 111 -5.48 -6.76 -7.46
C GLY A 111 -4.21 -7.57 -7.62
N ASN A 112 -3.41 -7.24 -8.61
CA ASN A 112 -2.16 -7.94 -8.84
C ASN A 112 -0.99 -6.96 -8.83
N GLY A 113 0.22 -7.49 -8.87
CA GLY A 113 1.41 -6.64 -8.85
C GLY A 113 2.46 -7.17 -7.92
N PRO A 114 3.38 -6.31 -7.45
CA PRO A 114 4.45 -6.70 -6.53
C PRO A 114 3.90 -7.14 -5.17
N GLU A 115 4.72 -7.83 -4.41
CA GLU A 115 4.30 -8.31 -3.10
C GLU A 115 4.32 -7.19 -2.07
N GLY A 116 3.42 -7.29 -1.10
CA GLY A 116 3.33 -6.29 -0.05
C GLY A 116 4.45 -6.41 0.96
N VAL A 117 4.84 -5.29 1.53
CA VAL A 117 5.91 -5.27 2.52
C VAL A 117 5.37 -4.82 3.88
N ALA A 118 5.59 -5.66 4.89
CA ALA A 118 5.14 -5.35 6.25
C ALA A 118 6.16 -4.51 6.99
N ILE A 119 5.68 -3.54 7.74
CA ILE A 119 6.53 -2.64 8.52
C ILE A 119 6.01 -2.54 9.94
N SER A 120 6.85 -2.06 10.84
CA SER A 120 6.45 -1.92 12.23
C SER A 120 7.07 -0.66 12.84
N PHE A 121 6.35 -0.07 13.78
CA PHE A 121 6.81 1.13 14.46
C PHE A 121 7.77 0.78 15.57
N ASN A 122 8.58 1.75 15.98
CA ASN A 122 9.55 1.56 17.04
C ASN A 122 8.91 1.78 18.40
N ALA A 10 8.35 -11.34 -17.87
CA ALA A 10 8.88 -9.98 -17.71
C ALA A 10 9.39 -9.76 -16.29
N ALA A 11 10.49 -9.05 -16.16
CA ALA A 11 11.06 -8.77 -14.85
C ALA A 11 10.66 -7.39 -14.36
N PRO A 12 9.83 -7.34 -13.31
CA PRO A 12 9.37 -6.06 -12.74
C PRO A 12 10.36 -5.48 -11.74
N THR A 13 10.61 -4.19 -11.84
CA THR A 13 11.53 -3.52 -10.95
C THR A 13 10.76 -2.79 -9.84
N ALA A 14 10.29 -3.55 -8.86
CA ALA A 14 9.54 -2.99 -7.76
C ALA A 14 10.47 -2.57 -6.63
N THR A 15 10.82 -1.30 -6.60
CA THR A 15 11.70 -0.78 -5.57
C THR A 15 10.93 0.14 -4.64
N VAL A 16 10.80 -0.27 -3.38
CA VAL A 16 10.08 0.53 -2.40
C VAL A 16 10.97 0.88 -1.22
N THR A 17 10.64 1.95 -0.53
CA THR A 17 11.41 2.38 0.63
C THR A 17 10.60 2.17 1.90
N PRO A 18 10.81 1.03 2.57
CA PRO A 18 10.08 0.68 3.79
C PRO A 18 10.52 1.51 5.00
N SER A 19 9.57 1.85 5.85
CA SER A 19 9.85 2.64 7.05
C SER A 19 10.16 1.74 8.24
N SER A 20 10.94 0.69 7.98
CA SER A 20 11.33 -0.26 9.01
C SER A 20 12.18 0.41 10.08
N GLY A 21 11.65 0.50 11.29
CA GLY A 21 12.39 1.11 12.38
C GLY A 21 11.96 2.54 12.66
N LEU A 22 11.11 3.08 11.79
CA LEU A 22 10.63 4.44 11.96
C LEU A 22 9.30 4.43 12.71
N SER A 23 8.83 5.60 13.09
CA SER A 23 7.58 5.71 13.84
C SER A 23 6.39 5.99 12.90
N ASP A 24 5.26 6.40 13.48
CA ASP A 24 4.06 6.69 12.71
C ASP A 24 4.17 8.05 12.04
N GLY A 25 3.36 8.28 11.01
CA GLY A 25 3.40 9.53 10.29
C GLY A 25 4.53 9.58 9.27
N THR A 26 5.14 8.44 9.05
CA THR A 26 6.24 8.32 8.10
C THR A 26 5.71 8.14 6.68
N VAL A 27 6.40 8.73 5.73
CA VAL A 27 6.02 8.65 4.32
C VAL A 27 6.73 7.49 3.63
N VAL A 28 5.95 6.52 3.17
CA VAL A 28 6.49 5.36 2.47
C VAL A 28 6.56 5.66 0.98
N LYS A 29 7.73 5.43 0.39
CA LYS A 29 7.92 5.68 -1.03
C LYS A 29 7.81 4.39 -1.82
N VAL A 30 6.98 4.42 -2.86
CA VAL A 30 6.77 3.26 -3.72
C VAL A 30 7.13 3.61 -5.15
N ALA A 31 8.16 2.95 -5.69
CA ALA A 31 8.60 3.19 -7.05
C ALA A 31 8.59 1.91 -7.87
N GLY A 32 7.46 1.62 -8.49
CA GLY A 32 7.33 0.42 -9.29
C GLY A 32 7.63 0.67 -10.75
N ALA A 33 8.77 0.19 -11.21
CA ALA A 33 9.18 0.36 -12.59
C ALA A 33 9.05 -0.94 -13.36
N GLY A 34 8.77 -0.84 -14.65
CA GLY A 34 8.63 -2.02 -15.46
C GLY A 34 7.26 -2.67 -15.31
N LEU A 35 6.26 -1.85 -15.07
CA LEU A 35 4.90 -2.35 -14.90
C LEU A 35 4.04 -1.98 -16.11
N GLN A 36 2.76 -2.28 -16.04
CA GLN A 36 1.85 -1.99 -17.14
C GLN A 36 1.52 -0.50 -17.16
N ALA A 37 1.86 0.16 -18.26
CA ALA A 37 1.61 1.59 -18.42
C ALA A 37 0.14 1.85 -18.68
N GLY A 38 -0.33 3.02 -18.25
CA GLY A 38 -1.72 3.37 -18.46
C GLY A 38 -2.65 2.65 -17.50
N THR A 39 -2.12 2.21 -16.38
CA THR A 39 -2.90 1.51 -15.37
C THR A 39 -2.73 2.18 -14.01
N ALA A 40 -3.80 2.24 -13.24
CA ALA A 40 -3.77 2.85 -11.91
C ALA A 40 -3.54 1.78 -10.85
N TYR A 41 -2.71 2.12 -9.88
CA TYR A 41 -2.37 1.20 -8.80
C TYR A 41 -2.81 1.79 -7.46
N ASP A 42 -3.49 0.99 -6.68
CA ASP A 42 -3.97 1.41 -5.37
C ASP A 42 -2.90 1.16 -4.32
N VAL A 43 -2.41 2.24 -3.72
CA VAL A 43 -1.39 2.13 -2.70
C VAL A 43 -1.87 2.71 -1.37
N GLY A 44 -1.91 1.87 -0.36
CA GLY A 44 -2.32 2.30 0.96
C GLY A 44 -1.65 1.47 2.03
N GLN A 45 -1.85 1.82 3.30
CA GLN A 45 -1.26 1.05 4.39
C GLN A 45 -2.17 -0.13 4.72
N CYS A 46 -2.49 -0.91 3.70
CA CYS A 46 -3.36 -2.07 3.82
C CYS A 46 -2.77 -3.11 4.77
N ALA A 47 -3.25 -3.08 6.01
CA ALA A 47 -2.79 -4.01 7.02
C ALA A 47 -3.82 -5.12 7.23
N TRP A 48 -3.49 -6.07 8.09
CA TRP A 48 -4.39 -7.18 8.38
C TRP A 48 -5.66 -6.71 9.08
N VAL A 49 -6.79 -6.92 8.43
CA VAL A 49 -8.08 -6.54 8.98
C VAL A 49 -8.84 -7.78 9.43
N ASP A 50 -8.47 -8.92 8.86
CA ASP A 50 -9.10 -10.19 9.17
C ASP A 50 -8.11 -11.32 8.91
N THR A 51 -8.51 -12.54 9.23
CA THR A 51 -7.67 -13.71 9.02
C THR A 51 -7.39 -13.94 7.54
N GLY A 52 -6.25 -13.45 7.08
CA GLY A 52 -5.88 -13.61 5.68
C GLY A 52 -6.46 -12.53 4.80
N VAL A 53 -7.03 -11.51 5.42
CA VAL A 53 -7.64 -10.41 4.68
C VAL A 53 -7.01 -9.09 5.11
N LEU A 54 -6.60 -8.31 4.13
CA LEU A 54 -5.99 -7.01 4.37
C LEU A 54 -6.93 -5.91 3.92
N ALA A 55 -6.75 -4.71 4.43
CA ALA A 55 -7.61 -3.60 4.05
C ALA A 55 -6.84 -2.29 4.01
N CYS A 56 -7.08 -1.51 2.97
CA CYS A 56 -6.39 -0.23 2.78
C CYS A 56 -7.19 0.93 3.38
N ASN A 57 -6.50 2.04 3.64
CA ASN A 57 -7.12 3.23 4.21
C ASN A 57 -7.58 4.19 3.12
N PRO A 58 -8.89 4.47 3.04
CA PRO A 58 -9.45 5.36 2.01
C PRO A 58 -9.40 6.83 2.42
N ALA A 59 -8.97 7.08 3.65
CA ALA A 59 -8.90 8.45 4.15
C ALA A 59 -7.50 9.05 3.98
N ASP A 60 -6.55 8.25 3.51
CA ASP A 60 -5.19 8.74 3.31
C ASP A 60 -4.38 7.80 2.42
N PHE A 61 -4.87 7.58 1.20
CA PHE A 61 -4.19 6.71 0.26
C PHE A 61 -3.86 7.49 -1.01
N SER A 62 -3.12 6.87 -1.92
CA SER A 62 -2.76 7.52 -3.17
C SER A 62 -3.02 6.62 -4.37
N SER A 63 -3.84 7.10 -5.30
CA SER A 63 -4.15 6.35 -6.51
C SER A 63 -3.17 6.75 -7.61
N VAL A 64 -2.02 6.10 -7.62
CA VAL A 64 -0.97 6.39 -8.60
C VAL A 64 -1.21 5.65 -9.92
N THR A 65 -0.71 6.20 -11.01
CA THR A 65 -0.85 5.59 -12.31
C THR A 65 0.52 5.41 -12.95
N ALA A 66 0.70 4.31 -13.68
CA ALA A 66 1.97 4.05 -14.34
C ALA A 66 2.11 4.98 -15.54
N ASP A 67 3.25 5.66 -15.61
CA ASP A 67 3.52 6.59 -16.68
C ASP A 67 3.83 5.87 -18.00
N ALA A 68 4.17 6.65 -19.03
CA ALA A 68 4.49 6.10 -20.33
C ALA A 68 5.79 5.29 -20.33
N ASN A 69 6.44 5.21 -19.17
CA ASN A 69 7.67 4.45 -19.04
C ASN A 69 7.39 3.16 -18.27
N GLY A 70 6.14 3.02 -17.83
CA GLY A 70 5.74 1.85 -17.08
C GLY A 70 6.19 1.94 -15.65
N SER A 71 6.32 3.16 -15.15
CA SER A 71 6.76 3.38 -13.78
C SER A 71 5.71 4.14 -12.98
N ALA A 72 5.58 3.78 -11.71
CA ALA A 72 4.61 4.42 -10.85
C ALA A 72 5.23 4.70 -9.48
N SER A 73 5.55 5.98 -9.25
CA SER A 73 6.13 6.39 -7.98
C SER A 73 5.10 7.19 -7.18
N THR A 74 4.88 6.80 -5.94
CA THR A 74 3.91 7.48 -5.10
C THR A 74 4.35 7.48 -3.63
N SER A 75 3.64 8.24 -2.81
CA SER A 75 3.95 8.34 -1.39
C SER A 75 2.73 7.96 -0.55
N LEU A 76 2.97 7.38 0.62
CA LEU A 76 1.90 6.97 1.51
C LEU A 76 2.21 7.35 2.96
N THR A 77 1.24 7.94 3.64
CA THR A 77 1.40 8.33 5.03
C THR A 77 0.81 7.26 5.95
N VAL A 78 1.68 6.62 6.72
CA VAL A 78 1.23 5.58 7.63
C VAL A 78 0.63 6.17 8.92
N ARG A 79 -0.65 5.94 9.11
CA ARG A 79 -1.35 6.44 10.30
C ARG A 79 -1.43 5.33 11.34
N ARG A 80 -1.73 5.69 12.58
CA ARG A 80 -1.83 4.71 13.66
C ARG A 80 -3.12 3.90 13.53
N SER A 81 -4.22 4.59 13.32
CA SER A 81 -5.51 3.94 13.18
C SER A 81 -6.19 4.40 11.90
N PHE A 82 -6.77 3.47 11.14
CA PHE A 82 -7.43 3.81 9.88
C PHE A 82 -8.57 2.86 9.57
N GLU A 83 -9.42 3.26 8.63
CA GLU A 83 -10.54 2.44 8.21
C GLU A 83 -10.08 1.47 7.15
N GLY A 84 -10.47 0.21 7.29
CA GLY A 84 -10.08 -0.80 6.33
C GLY A 84 -11.07 -0.95 5.20
N PHE A 85 -10.60 -0.77 3.98
CA PHE A 85 -11.46 -0.87 2.81
C PHE A 85 -10.94 -1.92 1.85
N LEU A 86 -11.85 -2.62 1.20
CA LEU A 86 -11.49 -3.65 0.24
C LEU A 86 -11.33 -3.04 -1.14
N PHE A 87 -10.91 -3.85 -2.11
CA PHE A 87 -10.70 -3.37 -3.48
C PHE A 87 -12.02 -3.23 -4.23
N ASP A 88 -13.10 -3.73 -3.64
CA ASP A 88 -14.41 -3.65 -4.27
C ASP A 88 -15.16 -2.40 -3.80
N GLY A 89 -14.61 -1.74 -2.78
CA GLY A 89 -15.20 -0.53 -2.26
C GLY A 89 -15.96 -0.74 -0.96
N THR A 90 -15.92 -1.95 -0.42
CA THR A 90 -16.61 -2.25 0.83
C THR A 90 -15.66 -2.11 2.02
N ARG A 91 -16.19 -1.66 3.15
CA ARG A 91 -15.38 -1.50 4.35
C ARG A 91 -15.53 -2.73 5.24
N TRP A 92 -14.42 -3.20 5.79
CA TRP A 92 -14.45 -4.39 6.64
C TRP A 92 -14.41 -4.03 8.12
N GLY A 93 -13.84 -2.86 8.43
CA GLY A 93 -13.76 -2.43 9.81
C GLY A 93 -12.60 -1.48 10.05
N THR A 94 -12.38 -1.10 11.30
CA THR A 94 -11.31 -0.18 11.65
C THR A 94 -10.04 -0.95 12.04
N VAL A 95 -8.94 -0.64 11.37
CA VAL A 95 -7.67 -1.29 11.64
C VAL A 95 -6.77 -0.38 12.46
N ASP A 96 -6.08 -0.96 13.43
CA ASP A 96 -5.19 -0.20 14.30
C ASP A 96 -3.77 -0.78 14.26
N CYS A 97 -2.78 0.10 14.35
CA CYS A 97 -1.38 -0.30 14.32
C CYS A 97 -0.66 0.14 15.61
N THR A 98 -1.35 0.07 16.73
CA THR A 98 -0.77 0.45 18.01
C THR A 98 -0.08 -0.72 18.70
N THR A 99 -0.68 -1.90 18.61
CA THR A 99 -0.12 -3.08 19.24
C THR A 99 0.23 -4.18 18.21
N ALA A 100 -0.04 -3.90 16.94
CA ALA A 100 0.23 -4.86 15.88
C ALA A 100 1.05 -4.22 14.77
N ALA A 101 1.55 -5.05 13.85
CA ALA A 101 2.35 -4.57 12.73
C ALA A 101 1.46 -4.28 11.53
N CYS A 102 2.02 -3.61 10.53
CA CYS A 102 1.28 -3.25 9.33
C CYS A 102 2.15 -3.41 8.10
N GLN A 103 1.53 -3.45 6.93
CA GLN A 103 2.26 -3.60 5.68
C GLN A 103 1.77 -2.58 4.66
N VAL A 104 2.52 -2.45 3.57
CA VAL A 104 2.17 -1.51 2.51
C VAL A 104 1.47 -2.26 1.38
N GLY A 105 0.24 -1.86 1.10
CA GLY A 105 -0.51 -2.49 0.05
C GLY A 105 -0.35 -1.79 -1.27
N LEU A 106 0.14 -2.51 -2.27
CA LEU A 106 0.36 -1.95 -3.59
C LEU A 106 -0.07 -2.94 -4.68
N SER A 107 -1.18 -2.65 -5.34
CA SER A 107 -1.68 -3.53 -6.39
C SER A 107 -2.50 -2.74 -7.40
N ASP A 108 -2.73 -3.32 -8.57
CA ASP A 108 -3.49 -2.68 -9.62
C ASP A 108 -4.99 -2.80 -9.34
N ALA A 109 -5.81 -2.26 -10.24
CA ALA A 109 -7.26 -2.30 -10.10
C ALA A 109 -7.80 -3.73 -9.99
N ALA A 110 -7.13 -4.66 -10.67
CA ALA A 110 -7.53 -6.06 -10.64
C ALA A 110 -7.14 -6.71 -9.32
N GLY A 111 -5.96 -6.35 -8.82
CA GLY A 111 -5.49 -6.90 -7.57
C GLY A 111 -4.19 -7.69 -7.73
N ASN A 112 -3.42 -7.33 -8.73
CA ASN A 112 -2.15 -7.99 -9.01
C ASN A 112 -1.00 -6.99 -8.95
N GLY A 113 0.22 -7.48 -9.09
CA GLY A 113 1.37 -6.61 -9.06
C GLY A 113 2.46 -7.16 -8.17
N PRO A 114 3.18 -6.29 -7.45
CA PRO A 114 4.24 -6.69 -6.53
C PRO A 114 3.68 -7.25 -5.23
N GLU A 115 4.52 -7.89 -4.44
CA GLU A 115 4.10 -8.46 -3.17
C GLU A 115 4.13 -7.39 -2.08
N GLY A 116 3.16 -7.45 -1.18
CA GLY A 116 3.07 -6.48 -0.10
C GLY A 116 4.19 -6.64 0.90
N VAL A 117 4.94 -5.56 1.11
CA VAL A 117 6.05 -5.56 2.05
C VAL A 117 5.57 -5.13 3.44
N ALA A 118 5.90 -5.93 4.44
CA ALA A 118 5.49 -5.65 5.82
C ALA A 118 6.54 -4.81 6.54
N ILE A 119 6.08 -3.90 7.39
CA ILE A 119 6.96 -3.02 8.14
C ILE A 119 6.55 -2.98 9.61
N SER A 120 7.40 -2.40 10.44
CA SER A 120 7.12 -2.29 11.86
C SER A 120 7.76 -1.04 12.43
N PHE A 121 7.11 -0.45 13.43
CA PHE A 121 7.63 0.75 14.06
C PHE A 121 8.72 0.37 15.05
N ASN A 122 9.43 1.35 15.58
CA ASN A 122 10.48 1.10 16.54
C ASN A 122 9.89 0.83 17.91
N ALA A 10 7.97 -11.29 -17.94
CA ALA A 10 9.09 -10.32 -17.88
C ALA A 10 9.62 -10.23 -16.45
N ALA A 11 10.56 -9.32 -16.22
CA ALA A 11 11.13 -9.13 -14.89
C ALA A 11 10.79 -7.75 -14.36
N PRO A 12 9.71 -7.62 -13.58
CA PRO A 12 9.30 -6.33 -13.02
C PRO A 12 10.30 -5.82 -11.98
N THR A 13 10.45 -4.51 -11.92
CA THR A 13 11.37 -3.91 -10.98
C THR A 13 10.63 -3.06 -9.95
N ALA A 14 10.29 -3.69 -8.83
CA ALA A 14 9.58 -3.01 -7.77
C ALA A 14 10.56 -2.50 -6.71
N THR A 15 10.56 -1.20 -6.49
CA THR A 15 11.44 -0.60 -5.51
C THR A 15 10.65 0.17 -4.45
N VAL A 16 10.65 -0.34 -3.23
CA VAL A 16 9.91 0.30 -2.16
C VAL A 16 10.84 0.71 -1.03
N THR A 17 10.45 1.75 -0.30
CA THR A 17 11.24 2.24 0.82
C THR A 17 10.53 1.92 2.14
N PRO A 18 11.02 0.90 2.85
CA PRO A 18 10.43 0.48 4.12
C PRO A 18 10.73 1.44 5.27
N SER A 19 9.68 1.78 6.03
CA SER A 19 9.83 2.68 7.16
C SER A 19 10.16 1.91 8.44
N SER A 20 10.82 0.77 8.26
CA SER A 20 11.20 -0.09 9.37
C SER A 20 12.16 0.62 10.32
N GLY A 21 11.74 0.75 11.57
CA GLY A 21 12.57 1.40 12.56
C GLY A 21 12.19 2.86 12.76
N LEU A 22 11.24 3.34 11.97
CA LEU A 22 10.80 4.72 12.08
C LEU A 22 9.54 4.84 12.92
N SER A 23 8.94 6.01 12.93
CA SER A 23 7.73 6.25 13.70
C SER A 23 6.51 6.34 12.78
N ASP A 24 5.40 6.85 13.31
CA ASP A 24 4.19 6.99 12.52
C ASP A 24 4.19 8.34 11.79
N GLY A 25 3.39 8.44 10.74
CA GLY A 25 3.33 9.67 9.97
C GLY A 25 4.43 9.73 8.94
N THR A 26 5.18 8.64 8.85
CA THR A 26 6.28 8.56 7.90
C THR A 26 5.77 8.47 6.46
N VAL A 27 6.51 9.08 5.56
CA VAL A 27 6.16 9.09 4.15
C VAL A 27 6.70 7.83 3.46
N VAL A 28 5.81 6.88 3.20
CA VAL A 28 6.22 5.64 2.54
C VAL A 28 6.38 5.88 1.04
N LYS A 29 7.60 5.75 0.55
CA LYS A 29 7.89 5.95 -0.86
C LYS A 29 7.82 4.64 -1.63
N VAL A 30 6.96 4.61 -2.63
CA VAL A 30 6.78 3.43 -3.46
C VAL A 30 7.04 3.77 -4.93
N ALA A 31 7.95 3.01 -5.55
CA ALA A 31 8.30 3.21 -6.95
C ALA A 31 8.33 1.88 -7.70
N GLY A 32 7.50 1.75 -8.72
CA GLY A 32 7.44 0.52 -9.47
C GLY A 32 7.68 0.75 -10.95
N ALA A 33 8.74 0.14 -11.47
CA ALA A 33 9.07 0.27 -12.88
C ALA A 33 8.83 -1.05 -13.60
N GLY A 34 8.39 -0.96 -14.84
CA GLY A 34 8.13 -2.16 -15.62
C GLY A 34 6.70 -2.61 -15.44
N LEU A 35 5.87 -1.70 -14.95
CA LEU A 35 4.46 -1.98 -14.71
C LEU A 35 3.64 -1.74 -15.97
N GLN A 36 2.33 -1.93 -15.87
CA GLN A 36 1.44 -1.74 -16.99
C GLN A 36 1.21 -0.24 -17.25
N ALA A 37 1.98 0.31 -18.18
CA ALA A 37 1.88 1.71 -18.51
C ALA A 37 0.47 2.09 -18.94
N GLY A 38 -0.12 3.07 -18.27
CA GLY A 38 -1.46 3.51 -18.60
C GLY A 38 -2.48 3.13 -17.55
N THR A 39 -2.18 2.11 -16.77
CA THR A 39 -3.12 1.67 -15.74
C THR A 39 -2.90 2.43 -14.44
N ALA A 40 -3.80 2.21 -13.49
CA ALA A 40 -3.73 2.86 -12.20
C ALA A 40 -3.46 1.85 -11.10
N TYR A 41 -2.48 2.14 -10.26
CA TYR A 41 -2.12 1.27 -9.16
C TYR A 41 -2.54 1.91 -7.85
N ASP A 42 -3.41 1.23 -7.13
CA ASP A 42 -3.91 1.72 -5.85
C ASP A 42 -3.00 1.24 -4.74
N VAL A 43 -2.36 2.19 -4.07
CA VAL A 43 -1.45 1.87 -2.98
C VAL A 43 -1.84 2.59 -1.70
N GLY A 44 -1.94 1.84 -0.62
CA GLY A 44 -2.28 2.42 0.66
C GLY A 44 -1.73 1.61 1.81
N GLN A 45 -1.99 2.02 3.04
CA GLN A 45 -1.52 1.29 4.19
C GLN A 45 -2.56 0.23 4.54
N CYS A 46 -2.13 -1.00 4.68
CA CYS A 46 -3.07 -2.07 4.98
C CYS A 46 -2.54 -2.95 6.10
N ALA A 47 -3.42 -3.77 6.65
CA ALA A 47 -3.07 -4.68 7.71
C ALA A 47 -4.09 -5.81 7.77
N TRP A 48 -3.88 -6.75 8.67
CA TRP A 48 -4.79 -7.88 8.82
C TRP A 48 -6.09 -7.43 9.46
N VAL A 49 -7.12 -7.23 8.63
CA VAL A 49 -8.41 -6.80 9.12
C VAL A 49 -9.21 -8.01 9.60
N ASP A 50 -8.83 -9.18 9.09
CA ASP A 50 -9.47 -10.42 9.47
C ASP A 50 -8.54 -11.59 9.12
N THR A 51 -9.01 -12.81 9.34
CA THR A 51 -8.22 -13.99 9.07
C THR A 51 -8.02 -14.22 7.57
N GLY A 52 -6.82 -13.88 7.09
CA GLY A 52 -6.50 -14.05 5.69
C GLY A 52 -6.99 -12.90 4.84
N VAL A 53 -7.71 -11.97 5.45
CA VAL A 53 -8.26 -10.82 4.75
C VAL A 53 -7.58 -9.55 5.22
N LEU A 54 -7.06 -8.79 4.28
CA LEU A 54 -6.38 -7.54 4.58
C LEU A 54 -7.19 -6.37 4.03
N ALA A 55 -6.96 -5.19 4.55
CA ALA A 55 -7.68 -4.01 4.11
C ALA A 55 -6.79 -2.77 4.23
N CYS A 56 -6.89 -1.87 3.26
CA CYS A 56 -6.10 -0.64 3.27
C CYS A 56 -6.94 0.55 3.66
N ASN A 57 -6.30 1.67 3.95
CA ASN A 57 -7.00 2.88 4.34
C ASN A 57 -7.59 3.59 3.12
N PRO A 58 -8.86 4.02 3.22
CA PRO A 58 -9.56 4.71 2.13
C PRO A 58 -9.50 6.22 2.22
N ALA A 59 -8.53 6.75 2.97
CA ALA A 59 -8.41 8.20 3.10
C ALA A 59 -7.02 8.68 2.70
N ASP A 60 -6.02 8.31 3.48
CA ASP A 60 -4.65 8.73 3.20
C ASP A 60 -3.98 7.82 2.18
N PHE A 61 -4.74 7.43 1.17
CA PHE A 61 -4.22 6.56 0.12
C PHE A 61 -4.03 7.38 -1.15
N SER A 62 -3.23 6.87 -2.07
CA SER A 62 -2.98 7.57 -3.31
C SER A 62 -2.94 6.59 -4.48
N SER A 63 -3.70 6.90 -5.53
CA SER A 63 -3.75 6.06 -6.71
C SER A 63 -2.77 6.59 -7.74
N VAL A 64 -1.65 5.91 -7.89
CA VAL A 64 -0.62 6.32 -8.83
C VAL A 64 -0.81 5.61 -10.17
N THR A 65 -0.68 6.35 -11.25
CA THR A 65 -0.83 5.78 -12.57
C THR A 65 0.54 5.58 -13.20
N ALA A 66 0.70 4.48 -13.91
CA ALA A 66 1.96 4.18 -14.56
C ALA A 66 2.18 5.12 -15.74
N ASP A 67 3.34 5.75 -15.76
CA ASP A 67 3.67 6.71 -16.80
C ASP A 67 4.12 6.00 -18.09
N ALA A 68 4.42 6.80 -19.12
CA ALA A 68 4.84 6.27 -20.41
C ALA A 68 6.12 5.45 -20.31
N ASN A 69 6.98 5.77 -19.35
CA ASN A 69 8.23 5.05 -19.17
C ASN A 69 7.97 3.71 -18.48
N GLY A 70 6.74 3.53 -17.99
CA GLY A 70 6.38 2.31 -17.32
C GLY A 70 6.76 2.34 -15.86
N SER A 71 6.85 3.54 -15.30
CA SER A 71 7.21 3.71 -13.91
C SER A 71 6.09 4.41 -13.14
N ALA A 72 6.16 4.34 -11.81
CA ALA A 72 5.17 4.96 -10.96
C ALA A 72 5.73 5.19 -9.57
N SER A 73 5.70 6.43 -9.10
CA SER A 73 6.21 6.75 -7.78
C SER A 73 5.15 7.48 -6.97
N THR A 74 4.90 7.00 -5.75
CA THR A 74 3.91 7.61 -4.89
C THR A 74 4.38 7.61 -3.44
N SER A 75 3.70 8.39 -2.61
CA SER A 75 4.05 8.49 -1.19
C SER A 75 2.78 8.39 -0.34
N LEU A 76 2.75 7.40 0.55
CA LEU A 76 1.58 7.18 1.39
C LEU A 76 1.83 7.64 2.83
N THR A 77 0.78 8.12 3.47
CA THR A 77 0.87 8.58 4.86
C THR A 77 0.41 7.46 5.79
N VAL A 78 1.38 6.84 6.47
CA VAL A 78 1.05 5.75 7.38
C VAL A 78 0.60 6.26 8.75
N ARG A 79 -0.62 5.93 9.10
CA ARG A 79 -1.20 6.32 10.38
C ARG A 79 -1.13 5.14 11.35
N ARG A 80 -1.37 5.41 12.62
CA ARG A 80 -1.34 4.35 13.63
C ARG A 80 -2.61 3.52 13.55
N SER A 81 -3.73 4.22 13.42
CA SER A 81 -5.04 3.58 13.30
C SER A 81 -5.72 4.09 12.02
N PHE A 82 -6.30 3.19 11.24
CA PHE A 82 -6.93 3.57 9.99
C PHE A 82 -8.18 2.75 9.72
N GLU A 83 -8.88 3.10 8.65
CA GLU A 83 -10.09 2.40 8.26
C GLU A 83 -9.75 1.29 7.27
N GLY A 84 -10.30 0.10 7.51
CA GLY A 84 -10.05 -1.02 6.61
C GLY A 84 -11.01 -1.04 5.44
N PHE A 85 -10.46 -0.89 4.25
CA PHE A 85 -11.28 -0.87 3.04
C PHE A 85 -10.78 -1.93 2.07
N LEU A 86 -11.72 -2.63 1.44
CA LEU A 86 -11.38 -3.67 0.48
C LEU A 86 -11.20 -3.03 -0.90
N PHE A 87 -10.70 -3.80 -1.86
CA PHE A 87 -10.47 -3.28 -3.20
C PHE A 87 -11.76 -3.32 -4.01
N ASP A 88 -12.78 -3.96 -3.46
CA ASP A 88 -14.08 -4.05 -4.13
C ASP A 88 -14.93 -2.83 -3.79
N GLY A 89 -14.64 -2.19 -2.65
CA GLY A 89 -15.38 -1.02 -2.26
C GLY A 89 -16.11 -1.17 -0.93
N THR A 90 -16.08 -2.36 -0.37
CA THR A 90 -16.76 -2.61 0.90
C THR A 90 -15.82 -2.33 2.08
N ARG A 91 -16.37 -1.73 3.13
CA ARG A 91 -15.57 -1.41 4.32
C ARG A 91 -15.70 -2.55 5.33
N TRP A 92 -14.64 -2.85 6.05
CA TRP A 92 -14.67 -3.92 7.04
C TRP A 92 -14.76 -3.35 8.45
N GLY A 93 -13.84 -2.45 8.78
CA GLY A 93 -13.84 -1.85 10.09
C GLY A 93 -12.57 -1.08 10.35
N THR A 94 -12.40 -0.58 11.56
CA THR A 94 -11.21 0.17 11.92
C THR A 94 -10.05 -0.76 12.27
N VAL A 95 -8.91 -0.54 11.63
CA VAL A 95 -7.72 -1.34 11.86
C VAL A 95 -6.70 -0.53 12.65
N ASP A 96 -5.98 -1.18 13.54
CA ASP A 96 -4.99 -0.49 14.35
C ASP A 96 -3.64 -1.19 14.28
N CYS A 97 -2.59 -0.41 14.05
CA CYS A 97 -1.25 -0.95 13.96
C CYS A 97 -0.42 -0.59 15.19
N THR A 98 -1.10 -0.22 16.28
CA THR A 98 -0.39 0.12 17.51
C THR A 98 0.00 -1.15 18.25
N THR A 99 -0.79 -2.21 18.05
CA THR A 99 -0.52 -3.49 18.68
C THR A 99 -0.25 -4.55 17.63
N ALA A 100 0.08 -4.10 16.43
CA ALA A 100 0.36 -5.00 15.32
C ALA A 100 1.33 -4.34 14.35
N ALA A 101 1.45 -4.89 13.15
CA ALA A 101 2.35 -4.36 12.14
C ALA A 101 1.55 -3.91 10.92
N CYS A 102 1.99 -2.83 10.29
CA CYS A 102 1.32 -2.31 9.12
C CYS A 102 2.09 -2.73 7.87
N GLN A 103 1.37 -3.03 6.80
CA GLN A 103 2.01 -3.45 5.56
C GLN A 103 1.59 -2.55 4.40
N VAL A 104 2.47 -2.42 3.43
CA VAL A 104 2.21 -1.59 2.26
C VAL A 104 1.44 -2.38 1.22
N GLY A 105 0.21 -1.98 0.95
CA GLY A 105 -0.61 -2.66 -0.03
C GLY A 105 -0.54 -1.99 -1.39
N LEU A 106 0.18 -2.63 -2.30
CA LEU A 106 0.35 -2.12 -3.64
C LEU A 106 -0.24 -3.09 -4.66
N SER A 107 -1.27 -2.67 -5.37
CA SER A 107 -1.92 -3.51 -6.37
C SER A 107 -2.51 -2.67 -7.48
N ASP A 108 -2.79 -3.31 -8.62
CA ASP A 108 -3.37 -2.62 -9.76
C ASP A 108 -4.90 -2.56 -9.61
N ALA A 109 -5.58 -2.08 -10.64
CA ALA A 109 -7.04 -1.99 -10.62
C ALA A 109 -7.67 -3.36 -10.40
N ALA A 110 -7.03 -4.41 -10.91
CA ALA A 110 -7.55 -5.77 -10.76
C ALA A 110 -7.29 -6.27 -9.34
N GLY A 111 -6.13 -5.90 -8.79
CA GLY A 111 -5.78 -6.30 -7.44
C GLY A 111 -4.56 -7.19 -7.39
N ASN A 112 -3.72 -7.14 -8.41
CA ASN A 112 -2.51 -7.96 -8.45
C ASN A 112 -1.27 -7.10 -8.64
N GLY A 113 -0.13 -7.74 -8.82
CA GLY A 113 1.12 -7.03 -9.02
C GLY A 113 2.22 -7.54 -8.12
N PRO A 114 3.03 -6.65 -7.53
CA PRO A 114 4.11 -7.04 -6.63
C PRO A 114 3.58 -7.51 -5.28
N GLU A 115 4.45 -8.10 -4.46
CA GLU A 115 4.07 -8.59 -3.14
C GLU A 115 4.13 -7.46 -2.12
N GLY A 116 3.15 -7.43 -1.22
CA GLY A 116 3.11 -6.40 -0.20
C GLY A 116 4.20 -6.56 0.84
N VAL A 117 4.79 -5.45 1.26
CA VAL A 117 5.86 -5.47 2.23
C VAL A 117 5.35 -5.04 3.61
N ALA A 118 5.66 -5.83 4.63
CA ALA A 118 5.23 -5.52 5.99
C ALA A 118 6.34 -4.81 6.76
N ILE A 119 5.99 -3.73 7.44
CA ILE A 119 6.96 -2.95 8.20
C ILE A 119 6.51 -2.83 9.66
N SER A 120 7.38 -2.29 10.49
CA SER A 120 7.07 -2.12 11.91
C SER A 120 7.69 -0.82 12.42
N PHE A 121 7.04 -0.20 13.39
CA PHE A 121 7.53 1.04 13.97
C PHE A 121 8.52 0.73 15.08
N ASN A 122 9.35 1.71 15.41
CA ASN A 122 10.36 1.55 16.46
C ASN A 122 9.68 1.47 17.83
N ALA A 10 8.86 -11.75 -18.40
CA ALA A 10 9.23 -10.34 -18.12
C ALA A 10 9.55 -10.17 -16.64
N ALA A 11 10.65 -9.50 -16.36
CA ALA A 11 11.09 -9.26 -14.98
C ALA A 11 10.92 -7.80 -14.60
N PRO A 12 9.95 -7.50 -13.74
CA PRO A 12 9.69 -6.13 -13.29
C PRO A 12 10.60 -5.73 -12.15
N THR A 13 10.60 -4.44 -11.82
CA THR A 13 11.43 -3.93 -10.73
C THR A 13 10.56 -3.25 -9.67
N ALA A 14 10.56 -3.82 -8.47
CA ALA A 14 9.78 -3.26 -7.37
C ALA A 14 10.66 -2.47 -6.41
N THR A 15 11.02 -1.26 -6.82
CA THR A 15 11.87 -0.39 -6.02
C THR A 15 11.06 0.30 -4.90
N VAL A 16 10.62 -0.48 -3.93
CA VAL A 16 9.85 0.04 -2.81
C VAL A 16 10.76 0.30 -1.61
N THR A 17 10.40 1.29 -0.82
CA THR A 17 11.19 1.63 0.36
C THR A 17 10.37 1.45 1.64
N PRO A 18 10.69 0.42 2.45
CA PRO A 18 10.00 0.15 3.70
C PRO A 18 10.39 1.15 4.79
N SER A 19 9.56 1.25 5.83
CA SER A 19 9.81 2.17 6.93
C SER A 19 10.00 1.41 8.23
N SER A 20 10.71 0.28 8.17
CA SER A 20 10.96 -0.54 9.34
C SER A 20 11.91 0.16 10.31
N GLY A 21 11.39 0.52 11.48
CA GLY A 21 12.19 1.19 12.47
C GLY A 21 11.80 2.64 12.64
N LEU A 22 10.91 3.11 11.78
CA LEU A 22 10.45 4.48 11.83
C LEU A 22 9.10 4.56 12.52
N SER A 23 8.72 5.75 12.96
CA SER A 23 7.46 5.95 13.66
C SER A 23 6.31 6.21 12.67
N ASP A 24 5.12 6.48 13.19
CA ASP A 24 3.97 6.75 12.34
C ASP A 24 4.08 8.13 11.71
N GLY A 25 3.44 8.32 10.57
CA GLY A 25 3.49 9.58 9.89
C GLY A 25 4.58 9.61 8.84
N THR A 26 5.38 8.55 8.80
CA THR A 26 6.46 8.44 7.83
C THR A 26 5.90 8.26 6.43
N VAL A 27 6.48 8.96 5.47
CA VAL A 27 6.04 8.87 4.09
C VAL A 27 6.71 7.70 3.39
N VAL A 28 5.95 6.62 3.21
CA VAL A 28 6.46 5.43 2.55
C VAL A 28 6.57 5.66 1.04
N LYS A 29 7.75 5.37 0.50
CA LYS A 29 8.00 5.56 -0.93
C LYS A 29 7.75 4.27 -1.69
N VAL A 30 6.82 4.34 -2.64
CA VAL A 30 6.48 3.18 -3.47
C VAL A 30 6.69 3.54 -4.93
N ALA A 31 7.76 3.01 -5.51
CA ALA A 31 8.07 3.27 -6.90
C ALA A 31 8.26 1.97 -7.67
N GLY A 32 7.37 1.71 -8.62
CA GLY A 32 7.47 0.51 -9.41
C GLY A 32 7.94 0.79 -10.83
N ALA A 33 8.75 -0.11 -11.37
CA ALA A 33 9.27 0.03 -12.72
C ALA A 33 9.01 -1.24 -13.51
N GLY A 34 8.70 -1.08 -14.79
CA GLY A 34 8.42 -2.23 -15.64
C GLY A 34 6.96 -2.64 -15.52
N LEU A 35 6.11 -1.65 -15.32
CA LEU A 35 4.68 -1.87 -15.17
C LEU A 35 3.95 -1.64 -16.50
N GLN A 36 2.63 -1.73 -16.47
CA GLN A 36 1.82 -1.52 -17.66
C GLN A 36 1.42 -0.05 -17.77
N ALA A 37 2.02 0.65 -18.72
CA ALA A 37 1.73 2.06 -18.92
C ALA A 37 0.26 2.26 -19.25
N GLY A 38 -0.41 3.15 -18.52
CA GLY A 38 -1.81 3.41 -18.77
C GLY A 38 -2.72 2.83 -17.72
N THR A 39 -2.15 2.13 -16.73
CA THR A 39 -2.96 1.55 -15.67
C THR A 39 -2.72 2.28 -14.35
N ALA A 40 -3.72 2.25 -13.48
CA ALA A 40 -3.63 2.91 -12.18
C ALA A 40 -3.37 1.90 -11.08
N TYR A 41 -2.44 2.22 -10.19
CA TYR A 41 -2.10 1.33 -9.10
C TYR A 41 -2.60 1.87 -7.77
N ASP A 42 -3.35 1.05 -7.06
CA ASP A 42 -3.90 1.41 -5.77
C ASP A 42 -2.89 1.09 -4.69
N VAL A 43 -2.44 2.10 -3.97
CA VAL A 43 -1.46 1.92 -2.92
C VAL A 43 -1.94 2.50 -1.60
N GLY A 44 -1.96 1.66 -0.57
CA GLY A 44 -2.38 2.09 0.74
C GLY A 44 -1.73 1.26 1.83
N GLN A 45 -1.88 1.66 3.08
CA GLN A 45 -1.28 0.92 4.18
C GLN A 45 -2.20 -0.24 4.56
N CYS A 46 -2.45 -1.09 3.59
CA CYS A 46 -3.32 -2.24 3.76
C CYS A 46 -2.76 -3.24 4.75
N ALA A 47 -3.23 -3.15 5.99
CA ALA A 47 -2.80 -4.05 7.05
C ALA A 47 -3.83 -5.16 7.25
N TRP A 48 -3.52 -6.12 8.10
CA TRP A 48 -4.42 -7.24 8.38
C TRP A 48 -5.69 -6.77 9.07
N VAL A 49 -6.83 -7.03 8.46
CA VAL A 49 -8.12 -6.64 9.02
C VAL A 49 -8.89 -7.87 9.50
N ASP A 50 -8.63 -9.01 8.87
CA ASP A 50 -9.30 -10.27 9.23
C ASP A 50 -8.31 -11.42 9.12
N THR A 51 -8.80 -12.64 9.30
CA THR A 51 -7.95 -13.83 9.23
C THR A 51 -7.48 -14.07 7.81
N GLY A 52 -6.37 -13.45 7.45
CA GLY A 52 -5.81 -13.62 6.12
C GLY A 52 -6.30 -12.55 5.16
N VAL A 53 -7.14 -11.65 5.66
CA VAL A 53 -7.67 -10.58 4.84
C VAL A 53 -7.09 -9.23 5.28
N LEU A 54 -6.63 -8.45 4.31
CA LEU A 54 -6.06 -7.15 4.60
C LEU A 54 -7.03 -6.04 4.18
N ALA A 55 -6.75 -4.82 4.58
CA ALA A 55 -7.60 -3.68 4.23
C ALA A 55 -6.80 -2.41 4.15
N CYS A 56 -7.03 -1.62 3.09
CA CYS A 56 -6.31 -0.36 2.89
C CYS A 56 -7.09 0.80 3.50
N ASN A 57 -6.42 1.95 3.62
CA ASN A 57 -7.04 3.14 4.18
C ASN A 57 -7.64 4.01 3.07
N PRO A 58 -8.91 4.40 3.20
CA PRO A 58 -9.60 5.22 2.20
C PRO A 58 -9.44 6.72 2.44
N ALA A 59 -8.79 7.09 3.52
CA ALA A 59 -8.61 8.50 3.85
C ALA A 59 -7.30 9.04 3.28
N ASP A 60 -6.18 8.49 3.74
CA ASP A 60 -4.87 8.94 3.28
C ASP A 60 -4.25 7.95 2.30
N PHE A 61 -4.87 7.81 1.14
CA PHE A 61 -4.37 6.92 0.12
C PHE A 61 -3.94 7.73 -1.10
N SER A 62 -3.11 7.14 -1.96
CA SER A 62 -2.65 7.83 -3.15
C SER A 62 -2.45 6.87 -4.31
N SER A 63 -3.38 6.88 -5.24
CA SER A 63 -3.30 6.02 -6.41
C SER A 63 -2.44 6.68 -7.47
N VAL A 64 -1.45 5.96 -7.96
CA VAL A 64 -0.55 6.50 -8.97
C VAL A 64 -0.72 5.75 -10.30
N THR A 65 -0.78 6.50 -11.38
CA THR A 65 -0.93 5.92 -12.70
C THR A 65 0.43 5.70 -13.35
N ALA A 66 0.61 4.55 -13.97
CA ALA A 66 1.87 4.23 -14.63
C ALA A 66 2.12 5.17 -15.79
N ASP A 67 3.25 5.86 -15.74
CA ASP A 67 3.62 6.81 -16.78
C ASP A 67 3.99 6.12 -18.08
N ALA A 68 4.34 6.91 -19.08
CA ALA A 68 4.71 6.40 -20.40
C ALA A 68 6.02 5.62 -20.35
N ASN A 69 6.70 5.66 -19.20
CA ASN A 69 7.96 4.94 -19.04
C ASN A 69 7.69 3.60 -18.38
N GLY A 70 6.43 3.37 -18.00
CA GLY A 70 6.05 2.13 -17.36
C GLY A 70 6.45 2.13 -15.90
N SER A 71 6.44 3.30 -15.30
CA SER A 71 6.80 3.45 -13.90
C SER A 71 5.72 4.19 -13.13
N ALA A 72 5.74 4.06 -11.81
CA ALA A 72 4.77 4.71 -10.96
C ALA A 72 5.33 4.92 -9.56
N SER A 73 5.44 6.18 -9.15
CA SER A 73 5.95 6.53 -7.85
C SER A 73 4.88 7.23 -7.02
N THR A 74 4.66 6.77 -5.80
CA THR A 74 3.65 7.35 -4.94
C THR A 74 4.15 7.46 -3.50
N SER A 75 3.48 8.30 -2.72
CA SER A 75 3.81 8.52 -1.33
C SER A 75 2.59 8.25 -0.45
N LEU A 76 2.76 7.41 0.57
CA LEU A 76 1.66 7.05 1.44
C LEU A 76 1.90 7.49 2.88
N THR A 77 0.90 8.11 3.48
CA THR A 77 0.98 8.57 4.86
C THR A 77 0.50 7.46 5.81
N VAL A 78 1.45 6.74 6.39
CA VAL A 78 1.11 5.65 7.30
C VAL A 78 0.58 6.17 8.64
N ARG A 79 -0.64 5.75 8.97
CA ARG A 79 -1.27 6.14 10.22
C ARG A 79 -1.23 4.99 11.21
N ARG A 80 -1.34 5.29 12.50
CA ARG A 80 -1.32 4.26 13.53
C ARG A 80 -2.66 3.54 13.60
N SER A 81 -3.70 4.20 13.12
CA SER A 81 -5.04 3.64 13.10
C SER A 81 -5.77 4.19 11.89
N PHE A 82 -6.51 3.33 11.19
CA PHE A 82 -7.22 3.75 9.99
C PHE A 82 -8.41 2.84 9.70
N GLU A 83 -9.28 3.29 8.81
CA GLU A 83 -10.44 2.52 8.42
C GLU A 83 -10.02 1.49 7.39
N GLY A 84 -10.40 0.24 7.61
CA GLY A 84 -10.03 -0.82 6.68
C GLY A 84 -11.04 -0.99 5.58
N PHE A 85 -10.59 -0.88 4.34
CA PHE A 85 -11.46 -1.01 3.19
C PHE A 85 -10.94 -2.09 2.26
N LEU A 86 -11.85 -2.91 1.75
CA LEU A 86 -11.48 -3.98 0.84
C LEU A 86 -11.22 -3.41 -0.55
N PHE A 87 -10.72 -4.25 -1.45
CA PHE A 87 -10.41 -3.80 -2.81
C PHE A 87 -11.69 -3.56 -3.59
N ASP A 88 -12.74 -4.32 -3.27
CA ASP A 88 -14.03 -4.17 -3.94
C ASP A 88 -14.68 -2.85 -3.55
N GLY A 89 -14.44 -2.40 -2.32
CA GLY A 89 -15.01 -1.15 -1.88
C GLY A 89 -15.70 -1.24 -0.54
N THR A 90 -16.06 -2.46 -0.14
CA THR A 90 -16.73 -2.68 1.13
C THR A 90 -15.78 -2.46 2.30
N ARG A 91 -16.28 -1.90 3.39
CA ARG A 91 -15.47 -1.66 4.57
C ARG A 91 -15.42 -2.92 5.43
N TRP A 92 -14.42 -3.04 6.27
CA TRP A 92 -14.31 -4.21 7.13
C TRP A 92 -14.02 -3.82 8.58
N GLY A 93 -14.15 -2.54 8.89
CA GLY A 93 -13.91 -2.09 10.25
C GLY A 93 -12.69 -1.19 10.37
N THR A 94 -12.22 -1.00 11.59
CA THR A 94 -11.07 -0.16 11.83
C THR A 94 -9.83 -1.01 12.11
N VAL A 95 -8.75 -0.71 11.41
CA VAL A 95 -7.50 -1.45 11.57
C VAL A 95 -6.56 -0.65 12.47
N ASP A 96 -5.96 -1.32 13.43
CA ASP A 96 -5.04 -0.66 14.35
C ASP A 96 -3.62 -1.17 14.21
N CYS A 97 -2.67 -0.27 14.15
CA CYS A 97 -1.26 -0.61 14.04
C CYS A 97 -0.52 -0.15 15.29
N THR A 98 -1.25 0.03 16.38
CA THR A 98 -0.67 0.45 17.64
C THR A 98 -0.25 -0.77 18.45
N THR A 99 -1.14 -1.75 18.53
CA THR A 99 -0.85 -2.97 19.26
C THR A 99 -0.66 -4.14 18.29
N ALA A 100 -1.04 -3.92 17.04
CA ALA A 100 -0.92 -4.95 16.02
C ALA A 100 0.10 -4.54 14.95
N ALA A 101 0.41 -5.48 14.07
CA ALA A 101 1.38 -5.22 13.01
C ALA A 101 0.81 -4.30 11.95
N CYS A 102 1.66 -3.85 11.04
CA CYS A 102 1.24 -2.94 9.97
C CYS A 102 2.06 -3.20 8.72
N GLN A 103 1.52 -2.86 7.56
CA GLN A 103 2.23 -3.08 6.30
C GLN A 103 1.69 -2.16 5.22
N VAL A 104 2.37 -2.14 4.07
CA VAL A 104 1.95 -1.31 2.94
C VAL A 104 1.69 -2.18 1.72
N GLY A 105 0.55 -1.98 1.07
CA GLY A 105 0.21 -2.76 -0.08
C GLY A 105 0.12 -1.92 -1.34
N LEU A 106 0.45 -2.52 -2.46
CA LEU A 106 0.41 -1.85 -3.75
C LEU A 106 0.01 -2.83 -4.86
N SER A 107 -1.14 -2.61 -5.46
CA SER A 107 -1.64 -3.48 -6.53
C SER A 107 -2.33 -2.66 -7.61
N ASP A 108 -2.55 -3.27 -8.76
CA ASP A 108 -3.22 -2.60 -9.88
C ASP A 108 -4.71 -2.39 -9.55
N ALA A 109 -5.44 -1.81 -10.48
CA ALA A 109 -6.87 -1.55 -10.29
C ALA A 109 -7.64 -2.83 -9.97
N ALA A 110 -7.18 -3.96 -10.48
CA ALA A 110 -7.83 -5.24 -10.23
C ALA A 110 -7.40 -5.82 -8.89
N GLY A 111 -6.09 -5.92 -8.68
CA GLY A 111 -5.57 -6.46 -7.45
C GLY A 111 -4.34 -7.33 -7.64
N ASN A 112 -3.57 -7.04 -8.68
CA ASN A 112 -2.36 -7.79 -8.97
C ASN A 112 -1.15 -6.88 -8.92
N GLY A 113 0.04 -7.48 -8.87
CA GLY A 113 1.26 -6.69 -8.80
C GLY A 113 2.29 -7.30 -7.89
N PRO A 114 3.28 -6.51 -7.44
CA PRO A 114 4.33 -6.98 -6.53
C PRO A 114 3.78 -7.30 -5.14
N GLU A 115 4.44 -8.18 -4.42
CA GLU A 115 4.01 -8.56 -3.08
C GLU A 115 4.13 -7.37 -2.12
N GLY A 116 3.21 -7.28 -1.18
CA GLY A 116 3.22 -6.21 -0.20
C GLY A 116 4.42 -6.27 0.70
N VAL A 117 4.69 -5.18 1.41
CA VAL A 117 5.84 -5.11 2.29
C VAL A 117 5.41 -4.80 3.73
N ALA A 118 5.76 -5.69 4.65
CA ALA A 118 5.43 -5.49 6.05
C ALA A 118 6.43 -4.55 6.70
N ILE A 119 5.95 -3.71 7.61
CA ILE A 119 6.81 -2.75 8.29
C ILE A 119 6.61 -2.83 9.80
N SER A 120 7.48 -2.17 10.53
CA SER A 120 7.41 -2.14 11.98
C SER A 120 7.85 -0.78 12.50
N PHE A 121 7.17 -0.28 13.50
CA PHE A 121 7.48 1.01 14.08
C PHE A 121 8.40 0.82 15.29
N ASN A 122 9.21 1.81 15.57
CA ASN A 122 10.14 1.74 16.70
C ASN A 122 9.38 1.87 18.01
N ALA A 10 9.01 -11.05 -18.79
CA ALA A 10 9.53 -9.72 -18.39
C ALA A 10 9.65 -9.62 -16.87
N ALA A 11 10.82 -9.23 -16.40
CA ALA A 11 11.05 -9.10 -14.96
C ALA A 11 10.81 -7.66 -14.51
N PRO A 12 9.81 -7.44 -13.64
CA PRO A 12 9.47 -6.12 -13.13
C PRO A 12 10.45 -5.65 -12.05
N THR A 13 10.45 -4.36 -11.77
CA THR A 13 11.33 -3.78 -10.77
C THR A 13 10.54 -2.98 -9.73
N ALA A 14 10.07 -3.67 -8.71
CA ALA A 14 9.29 -3.03 -7.66
C ALA A 14 10.20 -2.50 -6.55
N THR A 15 10.82 -1.36 -6.81
CA THR A 15 11.72 -0.74 -5.86
C THR A 15 10.95 0.09 -4.83
N VAL A 16 10.80 -0.46 -3.63
CA VAL A 16 10.09 0.23 -2.56
C VAL A 16 10.98 0.41 -1.34
N THR A 17 10.66 1.39 -0.52
CA THR A 17 11.42 1.67 0.69
C THR A 17 10.56 1.49 1.93
N PRO A 18 10.80 0.43 2.70
CA PRO A 18 10.04 0.14 3.92
C PRO A 18 10.45 1.06 5.07
N SER A 19 9.49 1.38 5.93
CA SER A 19 9.74 2.23 7.08
C SER A 19 10.05 1.39 8.31
N SER A 20 10.76 0.29 8.11
CA SER A 20 11.12 -0.60 9.19
C SER A 20 12.12 0.07 10.14
N GLY A 21 11.64 0.44 11.32
CA GLY A 21 12.49 1.09 12.30
C GLY A 21 12.09 2.53 12.49
N LEU A 22 11.00 2.92 11.85
CA LEU A 22 10.49 4.27 11.95
C LEU A 22 9.09 4.27 12.53
N SER A 23 8.73 5.35 13.23
CA SER A 23 7.41 5.47 13.83
C SER A 23 6.35 5.85 12.79
N ASP A 24 5.11 5.95 13.22
CA ASP A 24 4.01 6.31 12.33
C ASP A 24 4.17 7.74 11.84
N GLY A 25 3.49 8.08 10.75
CA GLY A 25 3.57 9.40 10.20
C GLY A 25 4.65 9.51 9.15
N THR A 26 5.54 8.52 9.13
CA THR A 26 6.63 8.48 8.18
C THR A 26 6.09 8.25 6.77
N VAL A 27 6.66 8.94 5.81
CA VAL A 27 6.23 8.82 4.42
C VAL A 27 6.93 7.67 3.72
N VAL A 28 6.16 6.67 3.30
CA VAL A 28 6.68 5.50 2.61
C VAL A 28 6.87 5.82 1.13
N LYS A 29 7.94 5.30 0.55
CA LYS A 29 8.23 5.53 -0.86
C LYS A 29 7.97 4.27 -1.68
N VAL A 30 7.12 4.41 -2.69
CA VAL A 30 6.78 3.31 -3.58
C VAL A 30 7.10 3.69 -5.02
N ALA A 31 8.09 3.04 -5.61
CA ALA A 31 8.48 3.31 -6.99
C ALA A 31 8.56 2.02 -7.80
N GLY A 32 7.47 1.66 -8.46
CA GLY A 32 7.46 0.46 -9.26
C GLY A 32 7.77 0.72 -10.72
N ALA A 33 8.74 -0.02 -11.25
CA ALA A 33 9.14 0.13 -12.64
C ALA A 33 8.85 -1.16 -13.41
N GLY A 34 8.56 -1.02 -14.69
CA GLY A 34 8.26 -2.17 -15.52
C GLY A 34 6.83 -2.63 -15.34
N LEU A 35 5.94 -1.70 -15.04
CA LEU A 35 4.54 -2.00 -14.83
C LEU A 35 3.75 -1.86 -16.13
N GLN A 36 2.43 -1.94 -16.03
CA GLN A 36 1.57 -1.80 -17.20
C GLN A 36 1.25 -0.33 -17.44
N ALA A 37 2.05 0.31 -18.29
CA ALA A 37 1.88 1.72 -18.62
C ALA A 37 0.46 2.04 -19.07
N GLY A 38 -0.13 3.06 -18.45
CA GLY A 38 -1.48 3.45 -18.81
C GLY A 38 -2.51 2.92 -17.83
N THR A 39 -2.06 2.12 -16.88
CA THR A 39 -2.97 1.56 -15.88
C THR A 39 -2.73 2.21 -14.52
N ALA A 40 -3.81 2.41 -13.76
CA ALA A 40 -3.71 3.02 -12.44
C ALA A 40 -3.43 1.98 -11.36
N TYR A 41 -2.53 2.33 -10.45
CA TYR A 41 -2.16 1.44 -9.35
C TYR A 41 -2.57 2.06 -8.01
N ASP A 42 -3.41 1.34 -7.28
CA ASP A 42 -3.89 1.81 -5.98
C ASP A 42 -2.92 1.39 -4.89
N VAL A 43 -2.38 2.36 -4.16
CA VAL A 43 -1.44 2.07 -3.08
C VAL A 43 -1.81 2.82 -1.80
N GLY A 44 -2.01 2.09 -0.72
CA GLY A 44 -2.33 2.72 0.55
C GLY A 44 -1.81 1.92 1.72
N GLN A 45 -2.06 2.39 2.93
CA GLN A 45 -1.63 1.68 4.12
C GLN A 45 -2.67 0.62 4.44
N CYS A 46 -2.23 -0.62 4.59
CA CYS A 46 -3.13 -1.72 4.88
C CYS A 46 -2.54 -2.64 5.93
N ALA A 47 -3.34 -3.59 6.40
CA ALA A 47 -2.91 -4.56 7.38
C ALA A 47 -3.95 -5.66 7.52
N TRP A 48 -3.75 -6.56 8.47
CA TRP A 48 -4.69 -7.66 8.69
C TRP A 48 -5.95 -7.16 9.36
N VAL A 49 -7.07 -7.24 8.64
CA VAL A 49 -8.35 -6.79 9.17
C VAL A 49 -9.17 -7.98 9.67
N ASP A 50 -8.87 -9.16 9.14
CA ASP A 50 -9.59 -10.37 9.52
C ASP A 50 -8.68 -11.57 9.33
N THR A 51 -9.26 -12.77 9.40
CA THR A 51 -8.51 -14.00 9.23
C THR A 51 -8.15 -14.21 7.76
N GLY A 52 -6.91 -13.89 7.41
CA GLY A 52 -6.45 -14.04 6.03
C GLY A 52 -6.91 -12.90 5.14
N VAL A 53 -7.72 -12.01 5.71
CA VAL A 53 -8.25 -10.87 4.97
C VAL A 53 -7.53 -9.60 5.39
N LEU A 54 -7.13 -8.81 4.40
CA LEU A 54 -6.44 -7.56 4.65
C LEU A 54 -7.32 -6.41 4.19
N ALA A 55 -6.98 -5.20 4.62
CA ALA A 55 -7.76 -4.03 4.23
C ALA A 55 -6.90 -2.78 4.22
N CYS A 56 -7.11 -1.94 3.21
CA CYS A 56 -6.37 -0.70 3.07
C CYS A 56 -7.22 0.47 3.54
N ASN A 57 -6.63 1.66 3.55
CA ASN A 57 -7.34 2.85 3.94
C ASN A 57 -7.75 3.65 2.71
N PRO A 58 -9.05 3.96 2.56
CA PRO A 58 -9.58 4.71 1.42
C PRO A 58 -9.48 6.22 1.59
N ALA A 59 -8.86 6.65 2.68
CA ALA A 59 -8.70 8.06 2.95
C ALA A 59 -7.25 8.49 2.76
N ASP A 60 -6.38 7.99 3.62
CA ASP A 60 -4.97 8.32 3.55
C ASP A 60 -4.23 7.39 2.61
N PHE A 61 -4.48 7.55 1.33
CA PHE A 61 -3.84 6.73 0.31
C PHE A 61 -3.77 7.53 -1.00
N SER A 62 -3.02 7.02 -1.96
CA SER A 62 -2.87 7.70 -3.23
C SER A 62 -2.69 6.71 -4.37
N SER A 63 -3.55 6.82 -5.38
CA SER A 63 -3.49 5.96 -6.54
C SER A 63 -2.57 6.58 -7.58
N VAL A 64 -1.50 5.89 -7.93
CA VAL A 64 -0.56 6.40 -8.90
C VAL A 64 -0.69 5.65 -10.22
N THR A 65 -0.82 6.39 -11.30
CA THR A 65 -0.95 5.79 -12.61
C THR A 65 0.43 5.58 -13.24
N ALA A 66 0.59 4.48 -13.96
CA ALA A 66 1.85 4.16 -14.61
C ALA A 66 2.09 5.09 -15.78
N ASP A 67 3.24 5.78 -15.76
CA ASP A 67 3.60 6.72 -16.81
C ASP A 67 4.00 5.99 -18.09
N ALA A 68 4.39 6.76 -19.11
CA ALA A 68 4.79 6.20 -20.40
C ALA A 68 6.03 5.33 -20.26
N ASN A 69 6.80 5.58 -19.21
CA ASN A 69 8.03 4.82 -18.97
C ASN A 69 7.68 3.46 -18.38
N GLY A 70 6.46 3.35 -17.88
CA GLY A 70 6.01 2.11 -17.28
C GLY A 70 6.32 2.08 -15.80
N SER A 71 6.39 3.25 -15.19
CA SER A 71 6.70 3.35 -13.78
C SER A 71 5.59 4.07 -13.02
N ALA A 72 5.52 3.79 -11.73
CA ALA A 72 4.54 4.40 -10.86
C ALA A 72 5.15 4.68 -9.50
N SER A 73 5.41 5.94 -9.22
CA SER A 73 6.00 6.34 -7.95
C SER A 73 5.00 7.16 -7.13
N THR A 74 4.91 6.85 -5.84
CA THR A 74 4.00 7.55 -4.96
C THR A 74 4.51 7.51 -3.51
N SER A 75 3.91 8.34 -2.66
CA SER A 75 4.28 8.42 -1.26
C SER A 75 3.03 8.32 -0.38
N LEU A 76 3.10 7.48 0.65
CA LEU A 76 1.97 7.27 1.55
C LEU A 76 2.31 7.65 2.99
N THR A 77 1.34 8.20 3.68
CA THR A 77 1.49 8.59 5.06
C THR A 77 0.80 7.57 5.97
N VAL A 78 1.58 6.68 6.56
CA VAL A 78 1.03 5.64 7.42
C VAL A 78 0.57 6.17 8.76
N ARG A 79 -0.69 5.90 9.08
CA ARG A 79 -1.28 6.31 10.35
C ARG A 79 -1.29 5.12 11.30
N ARG A 80 -1.38 5.39 12.60
CA ARG A 80 -1.38 4.33 13.61
C ARG A 80 -2.69 3.54 13.56
N SER A 81 -3.80 4.25 13.43
CA SER A 81 -5.11 3.62 13.35
C SER A 81 -5.83 4.10 12.10
N PHE A 82 -6.47 3.19 11.38
CA PHE A 82 -7.17 3.57 10.15
C PHE A 82 -8.33 2.62 9.86
N GLU A 83 -9.27 3.10 9.06
CA GLU A 83 -10.42 2.30 8.68
C GLU A 83 -10.02 1.33 7.57
N GLY A 84 -10.33 0.05 7.77
CA GLY A 84 -9.97 -0.95 6.78
C GLY A 84 -11.04 -1.15 5.74
N PHE A 85 -10.67 -0.99 4.49
CA PHE A 85 -11.60 -1.15 3.38
C PHE A 85 -11.02 -2.16 2.39
N LEU A 86 -11.90 -2.97 1.82
CA LEU A 86 -11.47 -3.96 0.85
C LEU A 86 -11.22 -3.29 -0.50
N PHE A 87 -10.62 -4.03 -1.43
CA PHE A 87 -10.32 -3.47 -2.74
C PHE A 87 -11.60 -3.25 -3.53
N ASP A 88 -12.65 -3.98 -3.16
CA ASP A 88 -13.93 -3.85 -3.83
C ASP A 88 -14.58 -2.52 -3.51
N GLY A 89 -14.21 -1.93 -2.37
CA GLY A 89 -14.76 -0.65 -1.97
C GLY A 89 -15.56 -0.72 -0.70
N THR A 90 -15.83 -1.93 -0.22
CA THR A 90 -16.61 -2.12 0.99
C THR A 90 -15.71 -2.16 2.23
N ARG A 91 -16.18 -1.59 3.32
CA ARG A 91 -15.41 -1.57 4.56
C ARG A 91 -15.57 -2.91 5.28
N TRP A 92 -14.59 -3.25 6.11
CA TRP A 92 -14.64 -4.50 6.86
C TRP A 92 -14.58 -4.22 8.36
N GLY A 93 -13.68 -3.33 8.74
CA GLY A 93 -13.51 -2.98 10.13
C GLY A 93 -12.33 -2.04 10.33
N THR A 94 -12.24 -1.44 11.50
CA THR A 94 -11.15 -0.54 11.81
C THR A 94 -9.87 -1.32 12.10
N VAL A 95 -8.79 -0.96 11.41
CA VAL A 95 -7.52 -1.63 11.61
C VAL A 95 -6.61 -0.77 12.49
N ASP A 96 -6.12 -1.34 13.56
CA ASP A 96 -5.28 -0.61 14.49
C ASP A 96 -3.87 -1.18 14.52
N CYS A 97 -2.90 -0.32 14.26
CA CYS A 97 -1.50 -0.71 14.27
C CYS A 97 -0.77 -0.12 15.48
N THR A 98 -1.52 0.17 16.54
CA THR A 98 -0.91 0.72 17.75
C THR A 98 -0.26 -0.42 18.54
N THR A 99 -0.79 -1.62 18.36
CA THR A 99 -0.27 -2.80 19.02
C THR A 99 0.10 -3.85 17.98
N ALA A 100 0.08 -3.43 16.72
CA ALA A 100 0.40 -4.33 15.62
C ALA A 100 1.23 -3.62 14.56
N ALA A 101 1.59 -4.34 13.51
CA ALA A 101 2.40 -3.76 12.44
C ALA A 101 1.56 -3.58 11.17
N CYS A 102 1.78 -2.48 10.49
CA CYS A 102 1.06 -2.18 9.26
C CYS A 102 1.89 -2.60 8.05
N GLN A 103 1.29 -2.58 6.87
CA GLN A 103 2.01 -2.95 5.65
C GLN A 103 1.57 -2.08 4.48
N VAL A 104 2.36 -2.08 3.41
CA VAL A 104 2.06 -1.31 2.23
C VAL A 104 1.23 -2.12 1.25
N GLY A 105 0.05 -1.61 0.93
CA GLY A 105 -0.83 -2.29 0.00
C GLY A 105 -0.78 -1.68 -1.38
N LEU A 106 -0.16 -2.40 -2.31
CA LEU A 106 -0.03 -1.94 -3.68
C LEU A 106 -0.67 -2.93 -4.63
N SER A 107 -1.65 -2.48 -5.40
CA SER A 107 -2.33 -3.34 -6.35
C SER A 107 -2.78 -2.54 -7.57
N ASP A 108 -2.83 -3.20 -8.72
CA ASP A 108 -3.24 -2.56 -9.97
C ASP A 108 -4.77 -2.50 -10.06
N ALA A 109 -5.28 -2.06 -11.21
CA ALA A 109 -6.72 -1.94 -11.43
C ALA A 109 -7.42 -3.30 -11.35
N ALA A 110 -6.67 -4.37 -11.57
CA ALA A 110 -7.21 -5.72 -11.51
C ALA A 110 -7.15 -6.26 -10.08
N GLY A 111 -6.02 -6.04 -9.43
CA GLY A 111 -5.84 -6.51 -8.06
C GLY A 111 -4.54 -7.25 -7.86
N ASN A 112 -3.64 -7.14 -8.83
CA ASN A 112 -2.35 -7.80 -8.76
C ASN A 112 -1.22 -6.79 -8.67
N GLY A 113 0.01 -7.25 -8.83
CA GLY A 113 1.15 -6.36 -8.76
C GLY A 113 2.26 -6.93 -7.90
N PRO A 114 3.07 -6.08 -7.26
CA PRO A 114 4.17 -6.53 -6.39
C PRO A 114 3.65 -7.07 -5.07
N GLU A 115 4.50 -7.77 -4.34
CA GLU A 115 4.12 -8.35 -3.06
C GLU A 115 4.11 -7.27 -1.98
N GLY A 116 3.21 -7.40 -1.02
CA GLY A 116 3.10 -6.44 0.05
C GLY A 116 4.25 -6.51 1.02
N VAL A 117 4.71 -5.35 1.48
CA VAL A 117 5.81 -5.27 2.42
C VAL A 117 5.34 -4.71 3.76
N ALA A 118 5.64 -5.42 4.84
CA ALA A 118 5.24 -4.99 6.17
C ALA A 118 6.28 -4.05 6.76
N ILE A 119 5.82 -3.09 7.57
CA ILE A 119 6.70 -2.13 8.20
C ILE A 119 6.70 -2.31 9.70
N SER A 120 7.84 -2.02 10.32
CA SER A 120 7.98 -2.16 11.77
C SER A 120 8.15 -0.77 12.40
N PHE A 121 7.30 -0.46 13.36
CA PHE A 121 7.35 0.83 14.04
C PHE A 121 8.44 0.83 15.10
N ASN A 122 9.10 1.97 15.27
CA ASN A 122 10.17 2.11 16.25
C ASN A 122 9.63 1.99 17.67
N ALA A 10 8.95 -11.59 -18.14
CA ALA A 10 9.74 -10.36 -17.90
C ALA A 10 9.79 -10.06 -16.41
N ALA A 11 10.98 -9.76 -15.93
CA ALA A 11 11.17 -9.46 -14.52
C ALA A 11 11.06 -7.96 -14.27
N PRO A 12 10.14 -7.54 -13.39
CA PRO A 12 9.93 -6.13 -13.07
C PRO A 12 10.95 -5.61 -12.05
N THR A 13 10.73 -4.39 -11.56
CA THR A 13 11.62 -3.78 -10.59
C THR A 13 10.81 -3.04 -9.54
N ALA A 14 10.49 -3.73 -8.44
CA ALA A 14 9.72 -3.15 -7.37
C ALA A 14 10.62 -2.48 -6.33
N THR A 15 10.99 -1.24 -6.59
CA THR A 15 11.85 -0.49 -5.69
C THR A 15 11.03 0.19 -4.60
N VAL A 16 10.72 -0.54 -3.56
CA VAL A 16 9.94 -0.02 -2.44
C VAL A 16 10.84 0.33 -1.26
N THR A 17 10.47 1.38 -0.54
CA THR A 17 11.24 1.82 0.63
C THR A 17 10.35 1.78 1.87
N PRO A 18 10.45 0.71 2.66
CA PRO A 18 9.65 0.56 3.88
C PRO A 18 10.14 1.47 5.01
N SER A 19 9.33 1.60 6.05
CA SER A 19 9.68 2.45 7.18
C SER A 19 9.74 1.63 8.47
N SER A 20 10.39 0.47 8.41
CA SER A 20 10.53 -0.39 9.57
C SER A 20 11.48 0.23 10.58
N GLY A 21 10.96 0.55 11.76
CA GLY A 21 11.77 1.13 12.81
C GLY A 21 11.39 2.57 13.09
N LEU A 22 10.53 3.14 12.25
CA LEU A 22 10.10 4.51 12.41
C LEU A 22 8.69 4.56 12.98
N SER A 23 8.31 5.72 13.51
CA SER A 23 6.99 5.89 14.09
C SER A 23 5.96 6.19 13.01
N ASP A 24 4.70 6.31 13.41
CA ASP A 24 3.62 6.61 12.47
C ASP A 24 3.76 8.04 11.97
N GLY A 25 3.20 8.31 10.81
CA GLY A 25 3.29 9.64 10.24
C GLY A 25 4.34 9.67 9.14
N THR A 26 5.16 8.61 9.11
CA THR A 26 6.20 8.48 8.10
C THR A 26 5.60 8.23 6.72
N VAL A 27 6.16 8.87 5.72
CA VAL A 27 5.66 8.72 4.35
C VAL A 27 6.42 7.62 3.62
N VAL A 28 5.81 6.45 3.52
CA VAL A 28 6.42 5.31 2.83
C VAL A 28 6.50 5.58 1.34
N LYS A 29 7.67 5.33 0.76
CA LYS A 29 7.87 5.56 -0.66
C LYS A 29 7.77 4.27 -1.46
N VAL A 30 6.96 4.29 -2.49
CA VAL A 30 6.76 3.13 -3.35
C VAL A 30 7.06 3.50 -4.80
N ALA A 31 8.10 2.91 -5.36
CA ALA A 31 8.47 3.18 -6.76
C ALA A 31 8.44 1.88 -7.56
N GLY A 32 7.37 1.67 -8.30
CA GLY A 32 7.24 0.48 -9.09
C GLY A 32 7.64 0.69 -10.54
N ALA A 33 8.64 -0.05 -10.97
CA ALA A 33 9.12 0.03 -12.35
C ALA A 33 8.96 -1.33 -13.03
N GLY A 34 8.84 -1.33 -14.34
CA GLY A 34 8.66 -2.57 -15.07
C GLY A 34 7.23 -3.03 -15.00
N LEU A 35 6.32 -2.08 -14.81
CA LEU A 35 4.90 -2.37 -14.70
C LEU A 35 4.22 -2.24 -16.06
N GLN A 36 2.93 -1.99 -16.05
CA GLN A 36 2.17 -1.85 -17.28
C GLN A 36 1.81 -0.38 -17.52
N ALA A 37 2.30 0.17 -18.63
CA ALA A 37 2.05 1.55 -18.98
C ALA A 37 0.55 1.80 -19.22
N GLY A 38 0.02 2.84 -18.60
CA GLY A 38 -1.38 3.17 -18.77
C GLY A 38 -2.28 2.32 -17.88
N THR A 39 -1.89 2.17 -16.63
CA THR A 39 -2.66 1.38 -15.67
C THR A 39 -2.62 2.05 -14.29
N ALA A 40 -3.76 2.07 -13.62
CA ALA A 40 -3.86 2.69 -12.30
C ALA A 40 -3.54 1.68 -11.20
N TYR A 41 -2.72 2.08 -10.25
CA TYR A 41 -2.34 1.21 -9.14
C TYR A 41 -2.82 1.81 -7.83
N ASP A 42 -3.55 1.02 -7.06
CA ASP A 42 -4.05 1.44 -5.77
C ASP A 42 -3.00 1.19 -4.72
N VAL A 43 -2.45 2.26 -4.17
CA VAL A 43 -1.41 2.15 -3.16
C VAL A 43 -1.86 2.77 -1.84
N GLY A 44 -1.86 1.96 -0.79
CA GLY A 44 -2.25 2.43 0.52
C GLY A 44 -1.69 1.54 1.60
N GLN A 45 -1.86 1.92 2.86
CA GLN A 45 -1.35 1.11 3.96
C GLN A 45 -2.32 -0.03 4.27
N CYS A 46 -2.36 -1.00 3.38
CA CYS A 46 -3.23 -2.15 3.54
C CYS A 46 -2.63 -3.14 4.53
N ALA A 47 -3.06 -3.05 5.78
CA ALA A 47 -2.55 -3.91 6.82
C ALA A 47 -3.46 -5.11 7.06
N TRP A 48 -2.93 -6.07 7.80
CA TRP A 48 -3.65 -7.29 8.15
C TRP A 48 -4.86 -6.95 9.03
N VAL A 49 -6.04 -7.01 8.45
CA VAL A 49 -7.27 -6.70 9.17
C VAL A 49 -7.99 -7.99 9.57
N ASP A 50 -7.77 -9.04 8.80
CA ASP A 50 -8.40 -10.32 9.08
C ASP A 50 -7.52 -11.46 8.56
N THR A 51 -7.93 -12.69 8.81
CA THR A 51 -7.19 -13.86 8.38
C THR A 51 -7.08 -13.92 6.86
N GLY A 52 -5.92 -13.55 6.34
CA GLY A 52 -5.71 -13.56 4.90
C GLY A 52 -6.38 -12.39 4.22
N VAL A 53 -6.77 -11.39 5.00
CA VAL A 53 -7.43 -10.21 4.45
C VAL A 53 -6.69 -8.95 4.88
N LEU A 54 -6.26 -8.18 3.89
CA LEU A 54 -5.58 -6.93 4.14
C LEU A 54 -6.42 -5.79 3.60
N ALA A 55 -6.52 -4.70 4.35
CA ALA A 55 -7.33 -3.57 3.92
C ALA A 55 -6.62 -2.25 4.17
N CYS A 56 -6.85 -1.28 3.30
CA CYS A 56 -6.24 0.04 3.40
C CYS A 56 -7.31 1.10 3.59
N ASN A 57 -6.91 2.29 4.02
CA ASN A 57 -7.84 3.39 4.25
C ASN A 57 -7.90 4.35 3.07
N PRO A 58 -9.10 4.80 2.69
CA PRO A 58 -9.28 5.74 1.58
C PRO A 58 -9.14 7.19 2.03
N ALA A 59 -8.63 7.37 3.26
CA ALA A 59 -8.46 8.70 3.82
C ALA A 59 -6.99 9.14 3.79
N ASP A 60 -6.12 8.25 3.30
CA ASP A 60 -4.70 8.55 3.22
C ASP A 60 -4.02 7.69 2.16
N PHE A 61 -4.74 7.43 1.07
CA PHE A 61 -4.21 6.63 -0.02
C PHE A 61 -4.00 7.49 -1.25
N SER A 62 -3.33 6.95 -2.25
CA SER A 62 -3.08 7.67 -3.49
C SER A 62 -2.97 6.71 -4.65
N SER A 63 -3.91 6.80 -5.58
CA SER A 63 -3.92 5.94 -6.74
C SER A 63 -3.04 6.51 -7.84
N VAL A 64 -1.83 5.99 -7.94
CA VAL A 64 -0.89 6.45 -8.95
C VAL A 64 -1.06 5.63 -10.24
N THR A 65 -1.02 6.30 -11.38
CA THR A 65 -1.16 5.60 -12.64
C THR A 65 0.19 5.50 -13.35
N ALA A 66 0.47 4.33 -13.90
CA ALA A 66 1.73 4.11 -14.59
C ALA A 66 1.81 4.95 -15.85
N ASP A 67 2.95 5.60 -16.02
CA ASP A 67 3.19 6.46 -17.18
C ASP A 67 3.55 5.63 -18.40
N ALA A 68 3.94 6.31 -19.48
CA ALA A 68 4.29 5.63 -20.72
C ALA A 68 5.64 4.91 -20.60
N ASN A 69 6.22 4.97 -19.42
CA ASN A 69 7.49 4.31 -19.18
C ASN A 69 7.26 3.05 -18.35
N GLY A 70 6.01 2.82 -18.00
CA GLY A 70 5.67 1.65 -17.20
C GLY A 70 6.15 1.79 -15.77
N SER A 71 6.17 3.01 -15.28
CA SER A 71 6.62 3.27 -13.93
C SER A 71 5.57 4.05 -13.13
N ALA A 72 5.51 3.78 -11.83
CA ALA A 72 4.56 4.44 -10.95
C ALA A 72 5.12 4.59 -9.54
N SER A 73 5.40 5.82 -9.15
CA SER A 73 5.94 6.10 -7.82
C SER A 73 4.95 6.93 -7.01
N THR A 74 4.91 6.69 -5.70
CA THR A 74 4.02 7.41 -4.82
C THR A 74 4.50 7.30 -3.37
N SER A 75 3.93 8.12 -2.50
CA SER A 75 4.29 8.13 -1.09
C SER A 75 3.02 8.21 -0.24
N LEU A 76 2.91 7.32 0.77
CA LEU A 76 1.73 7.28 1.61
C LEU A 76 2.08 7.51 3.08
N THR A 77 1.22 8.24 3.77
CA THR A 77 1.43 8.51 5.19
C THR A 77 0.81 7.41 6.04
N VAL A 78 1.65 6.59 6.66
CA VAL A 78 1.17 5.49 7.47
C VAL A 78 0.56 5.99 8.80
N ARG A 79 -0.70 5.63 9.01
CA ARG A 79 -1.41 6.01 10.22
C ARG A 79 -1.31 4.91 11.26
N ARG A 80 -1.56 5.26 12.52
CA ARG A 80 -1.52 4.29 13.62
C ARG A 80 -2.81 3.47 13.61
N SER A 81 -3.92 4.15 13.35
CA SER A 81 -5.23 3.53 13.29
C SER A 81 -5.95 4.04 12.05
N PHE A 82 -6.59 3.16 11.31
CA PHE A 82 -7.30 3.55 10.11
C PHE A 82 -8.42 2.57 9.77
N GLU A 83 -9.36 3.02 8.96
CA GLU A 83 -10.48 2.17 8.55
C GLU A 83 -10.08 1.31 7.35
N GLY A 84 -10.21 0.00 7.49
CA GLY A 84 -9.88 -0.90 6.41
C GLY A 84 -10.97 -0.94 5.37
N PHE A 85 -10.63 -0.65 4.12
CA PHE A 85 -11.61 -0.63 3.05
C PHE A 85 -11.18 -1.49 1.88
N LEU A 86 -12.17 -2.07 1.20
CA LEU A 86 -11.94 -2.89 0.03
C LEU A 86 -12.02 -2.01 -1.21
N PHE A 87 -11.67 -2.56 -2.37
CA PHE A 87 -11.69 -1.78 -3.61
C PHE A 87 -13.12 -1.46 -4.04
N ASP A 88 -14.06 -2.27 -3.60
CA ASP A 88 -15.47 -2.06 -3.94
C ASP A 88 -16.10 -0.98 -3.06
N GLY A 89 -15.55 -0.80 -1.88
CA GLY A 89 -16.06 0.21 -0.96
C GLY A 89 -16.48 -0.39 0.37
N THR A 90 -16.42 -1.71 0.46
CA THR A 90 -16.78 -2.42 1.68
C THR A 90 -15.75 -2.15 2.76
N ARG A 91 -16.24 -1.86 3.96
CA ARG A 91 -15.37 -1.60 5.10
C ARG A 91 -15.25 -2.85 5.97
N TRP A 92 -14.03 -3.27 6.24
CA TRP A 92 -13.80 -4.46 7.04
C TRP A 92 -13.75 -4.13 8.53
N GLY A 93 -13.42 -2.88 8.83
CA GLY A 93 -13.33 -2.46 10.21
C GLY A 93 -12.12 -1.59 10.45
N THR A 94 -11.98 -1.07 11.66
CA THR A 94 -10.85 -0.21 11.99
C THR A 94 -9.61 -1.05 12.28
N VAL A 95 -8.58 -0.85 11.47
CA VAL A 95 -7.33 -1.56 11.62
C VAL A 95 -6.37 -0.72 12.45
N ASP A 96 -5.88 -1.27 13.54
CA ASP A 96 -4.95 -0.57 14.40
C ASP A 96 -3.61 -1.29 14.42
N CYS A 97 -2.53 -0.54 14.28
CA CYS A 97 -1.21 -1.12 14.26
C CYS A 97 -0.34 -0.62 15.42
N THR A 98 -0.98 -0.32 16.56
CA THR A 98 -0.24 0.15 17.72
C THR A 98 0.64 -0.96 18.27
N THR A 99 0.06 -2.15 18.42
CA THR A 99 0.80 -3.29 18.92
C THR A 99 0.81 -4.40 17.86
N ALA A 100 -0.01 -4.23 16.84
CA ALA A 100 -0.11 -5.18 15.76
C ALA A 100 0.85 -4.83 14.64
N ALA A 101 0.88 -5.64 13.59
CA ALA A 101 1.75 -5.41 12.46
C ALA A 101 1.04 -4.63 11.37
N CYS A 102 1.80 -3.77 10.70
CA CYS A 102 1.26 -2.96 9.61
C CYS A 102 2.09 -3.16 8.35
N GLN A 103 1.47 -3.02 7.19
CA GLN A 103 2.18 -3.18 5.93
C GLN A 103 1.60 -2.26 4.87
N VAL A 104 2.27 -2.18 3.72
CA VAL A 104 1.83 -1.34 2.62
C VAL A 104 1.43 -2.19 1.42
N GLY A 105 0.35 -1.80 0.75
CA GLY A 105 -0.13 -2.56 -0.38
C GLY A 105 -0.18 -1.74 -1.65
N LEU A 106 0.13 -2.38 -2.77
CA LEU A 106 0.12 -1.72 -4.07
C LEU A 106 -0.24 -2.74 -5.16
N SER A 107 -1.35 -2.51 -5.83
CA SER A 107 -1.80 -3.41 -6.89
C SER A 107 -2.71 -2.69 -7.87
N ASP A 108 -3.01 -3.33 -8.98
CA ASP A 108 -3.89 -2.76 -10.00
C ASP A 108 -5.35 -2.90 -9.58
N ALA A 109 -6.26 -2.61 -10.49
CA ALA A 109 -7.69 -2.71 -10.23
C ALA A 109 -8.11 -4.15 -9.89
N ALA A 110 -7.37 -5.11 -10.44
CA ALA A 110 -7.67 -6.50 -10.19
C ALA A 110 -7.12 -6.94 -8.83
N GLY A 111 -5.92 -6.47 -8.52
CA GLY A 111 -5.31 -6.81 -7.25
C GLY A 111 -3.98 -7.50 -7.43
N ASN A 112 -3.37 -7.31 -8.59
CA ASN A 112 -2.08 -7.93 -8.89
C ASN A 112 -0.99 -6.87 -9.01
N GLY A 113 0.24 -7.28 -8.75
CA GLY A 113 1.35 -6.35 -8.83
C GLY A 113 2.48 -6.77 -7.90
N PRO A 114 3.39 -5.84 -7.58
CA PRO A 114 4.52 -6.13 -6.68
C PRO A 114 4.05 -6.59 -5.30
N GLU A 115 4.77 -7.54 -4.73
CA GLU A 115 4.44 -8.08 -3.42
C GLU A 115 4.51 -7.01 -2.34
N GLY A 116 3.46 -6.93 -1.52
CA GLY A 116 3.43 -5.94 -0.46
C GLY A 116 4.44 -6.25 0.62
N VAL A 117 5.04 -5.21 1.18
CA VAL A 117 6.05 -5.38 2.21
C VAL A 117 5.53 -4.87 3.55
N ALA A 118 5.90 -5.55 4.63
CA ALA A 118 5.47 -5.18 5.97
C ALA A 118 6.48 -4.26 6.64
N ILE A 119 6.01 -3.49 7.61
CA ILE A 119 6.85 -2.56 8.33
C ILE A 119 6.69 -2.77 9.83
N SER A 120 7.37 -1.96 10.63
CA SER A 120 7.30 -2.06 12.08
C SER A 120 7.58 -0.70 12.71
N PHE A 121 6.96 -0.43 13.84
CA PHE A 121 7.15 0.84 14.54
C PHE A 121 8.17 0.67 15.66
N ASN A 122 8.79 1.76 16.08
CA ASN A 122 9.79 1.70 17.16
C ASN A 122 9.09 1.70 18.51
N ALA A 10 8.51 -10.90 -18.44
CA ALA A 10 9.50 -9.86 -18.08
C ALA A 10 9.66 -9.78 -16.58
N ALA A 11 10.74 -9.16 -16.13
CA ALA A 11 11.00 -9.00 -14.70
C ALA A 11 10.87 -7.54 -14.30
N PRO A 12 9.81 -7.20 -13.55
CA PRO A 12 9.59 -5.83 -13.09
C PRO A 12 10.54 -5.43 -11.96
N THR A 13 10.72 -4.13 -11.79
CA THR A 13 11.61 -3.61 -10.76
C THR A 13 10.81 -2.92 -9.65
N ALA A 14 10.70 -3.59 -8.51
CA ALA A 14 9.97 -3.05 -7.37
C ALA A 14 10.96 -2.39 -6.40
N THR A 15 11.06 -1.08 -6.50
CA THR A 15 11.96 -0.31 -5.65
C THR A 15 11.20 0.40 -4.54
N VAL A 16 10.61 -0.38 -3.64
CA VAL A 16 9.85 0.19 -2.53
C VAL A 16 10.71 0.29 -1.27
N THR A 17 10.58 1.41 -0.56
CA THR A 17 11.34 1.65 0.66
C THR A 17 10.45 1.48 1.89
N PRO A 18 10.71 0.45 2.71
CA PRO A 18 9.93 0.19 3.91
C PRO A 18 10.32 1.08 5.10
N SER A 19 9.33 1.57 5.81
CA SER A 19 9.55 2.43 6.96
C SER A 19 9.78 1.60 8.23
N SER A 20 10.81 0.76 8.20
CA SER A 20 11.12 -0.09 9.33
C SER A 20 11.85 0.69 10.43
N GLY A 21 11.24 0.76 11.60
CA GLY A 21 11.84 1.47 12.72
C GLY A 21 11.34 2.89 12.86
N LEU A 22 10.55 3.33 11.90
CA LEU A 22 10.00 4.68 11.93
C LEU A 22 8.61 4.67 12.53
N SER A 23 8.23 5.76 13.15
CA SER A 23 6.90 5.88 13.78
C SER A 23 5.82 6.19 12.74
N ASP A 24 4.61 6.45 13.23
CA ASP A 24 3.50 6.77 12.34
C ASP A 24 3.69 8.14 11.72
N GLY A 25 3.04 8.38 10.59
CA GLY A 25 3.16 9.65 9.91
C GLY A 25 4.32 9.66 8.94
N THR A 26 5.10 8.58 8.95
CA THR A 26 6.24 8.46 8.06
C THR A 26 5.78 8.23 6.63
N VAL A 27 6.49 8.83 5.69
CA VAL A 27 6.16 8.69 4.29
C VAL A 27 6.80 7.46 3.69
N VAL A 28 5.97 6.53 3.24
CA VAL A 28 6.44 5.30 2.62
C VAL A 28 6.67 5.55 1.14
N LYS A 29 7.90 5.36 0.69
CA LYS A 29 8.24 5.58 -0.70
C LYS A 29 7.89 4.36 -1.54
N VAL A 30 6.97 4.56 -2.48
CA VAL A 30 6.53 3.49 -3.36
C VAL A 30 6.94 3.79 -4.79
N ALA A 31 7.93 3.06 -5.29
CA ALA A 31 8.42 3.25 -6.64
C ALA A 31 8.48 1.93 -7.38
N GLY A 32 7.80 1.85 -8.51
CA GLY A 32 7.79 0.64 -9.30
C GLY A 32 8.12 0.91 -10.75
N ALA A 33 8.98 0.08 -11.31
CA ALA A 33 9.38 0.21 -12.71
C ALA A 33 9.13 -1.10 -13.44
N GLY A 34 8.92 -1.01 -14.74
CA GLY A 34 8.66 -2.22 -15.52
C GLY A 34 7.24 -2.69 -15.33
N LEU A 35 6.33 -1.75 -15.12
CA LEU A 35 4.93 -2.05 -14.92
C LEU A 35 4.16 -1.92 -16.24
N GLN A 36 2.85 -1.70 -16.16
CA GLN A 36 2.04 -1.57 -17.35
C GLN A 36 1.66 -0.11 -17.58
N ALA A 37 2.31 0.51 -18.55
CA ALA A 37 2.04 1.91 -18.87
C ALA A 37 0.58 2.10 -19.27
N GLY A 38 -0.12 2.99 -18.57
CA GLY A 38 -1.51 3.25 -18.88
C GLY A 38 -2.48 2.73 -17.82
N THR A 39 -1.94 2.09 -16.78
CA THR A 39 -2.79 1.57 -15.72
C THR A 39 -2.57 2.33 -14.41
N ALA A 40 -3.52 2.17 -13.48
CA ALA A 40 -3.43 2.84 -12.19
C ALA A 40 -3.28 1.80 -11.08
N TYR A 41 -2.53 2.15 -10.05
CA TYR A 41 -2.29 1.24 -8.93
C TYR A 41 -2.71 1.87 -7.61
N ASP A 42 -3.53 1.15 -6.87
CA ASP A 42 -4.00 1.61 -5.56
C ASP A 42 -3.08 1.06 -4.49
N VAL A 43 -2.34 1.96 -3.85
CA VAL A 43 -1.39 1.58 -2.81
C VAL A 43 -1.77 2.20 -1.47
N GLY A 44 -1.71 1.38 -0.43
CA GLY A 44 -2.02 1.84 0.92
C GLY A 44 -1.38 0.95 1.95
N GLN A 45 -1.63 1.21 3.22
CA GLN A 45 -1.05 0.38 4.28
C GLN A 45 -1.97 -0.82 4.54
N CYS A 46 -2.36 -1.47 3.45
CA CYS A 46 -3.25 -2.62 3.48
C CYS A 46 -2.63 -3.79 4.25
N ALA A 47 -3.00 -3.90 5.52
CA ALA A 47 -2.50 -4.97 6.36
C ALA A 47 -3.62 -5.96 6.66
N TRP A 48 -3.33 -6.92 7.54
CA TRP A 48 -4.31 -7.92 7.93
C TRP A 48 -5.46 -7.28 8.70
N VAL A 49 -6.60 -7.12 8.03
CA VAL A 49 -7.76 -6.51 8.65
C VAL A 49 -8.54 -7.57 9.44
N ASP A 50 -8.39 -8.82 9.03
CA ASP A 50 -9.07 -9.94 9.66
C ASP A 50 -8.36 -11.23 9.30
N THR A 51 -8.86 -12.35 9.79
CA THR A 51 -8.25 -13.64 9.52
C THR A 51 -8.36 -13.98 8.03
N GLY A 52 -7.26 -13.81 7.30
CA GLY A 52 -7.25 -14.10 5.89
C GLY A 52 -7.85 -12.98 5.07
N VAL A 53 -8.12 -11.85 5.72
CA VAL A 53 -8.70 -10.70 5.04
C VAL A 53 -7.80 -9.47 5.22
N LEU A 54 -7.57 -8.76 4.13
CA LEU A 54 -6.75 -7.56 4.16
C LEU A 54 -7.54 -6.38 3.62
N ALA A 55 -7.19 -5.17 4.06
CA ALA A 55 -7.89 -3.98 3.61
C ALA A 55 -6.95 -2.78 3.59
N CYS A 56 -7.19 -1.88 2.65
CA CYS A 56 -6.36 -0.68 2.49
C CYS A 56 -6.97 0.51 3.23
N ASN A 57 -6.24 1.63 3.27
CA ASN A 57 -6.72 2.84 3.93
C ASN A 57 -7.11 3.90 2.91
N PRO A 58 -8.42 4.10 2.70
CA PRO A 58 -8.94 5.07 1.73
C PRO A 58 -8.88 6.52 2.19
N ALA A 59 -8.31 6.75 3.37
CA ALA A 59 -8.21 8.11 3.89
C ALA A 59 -6.92 8.78 3.48
N ASP A 60 -5.87 7.98 3.27
CA ASP A 60 -4.57 8.52 2.86
C ASP A 60 -4.02 7.77 1.66
N PHE A 61 -4.90 7.10 0.94
CA PHE A 61 -4.50 6.31 -0.23
C PHE A 61 -4.12 7.22 -1.40
N SER A 62 -3.36 6.67 -2.33
CA SER A 62 -2.92 7.41 -3.50
C SER A 62 -2.88 6.49 -4.72
N SER A 63 -3.82 6.68 -5.62
CA SER A 63 -3.91 5.88 -6.83
C SER A 63 -2.96 6.41 -7.89
N VAL A 64 -1.71 5.98 -7.82
CA VAL A 64 -0.70 6.43 -8.76
C VAL A 64 -0.91 5.79 -10.14
N THR A 65 -0.77 6.58 -11.18
CA THR A 65 -0.92 6.10 -12.53
C THR A 65 0.44 5.84 -13.16
N ALA A 66 0.51 4.81 -14.00
CA ALA A 66 1.76 4.47 -14.66
C ALA A 66 2.06 5.44 -15.78
N ASP A 67 3.29 5.96 -15.80
CA ASP A 67 3.71 6.91 -16.82
C ASP A 67 4.01 6.19 -18.12
N ALA A 68 4.40 6.96 -19.14
CA ALA A 68 4.71 6.40 -20.45
C ALA A 68 5.93 5.50 -20.40
N ASN A 69 6.75 5.67 -19.37
CA ASN A 69 7.95 4.87 -19.22
C ASN A 69 7.63 3.53 -18.58
N GLY A 70 6.37 3.38 -18.16
CA GLY A 70 5.93 2.15 -17.53
C GLY A 70 6.37 2.09 -16.08
N SER A 71 6.39 3.25 -15.44
CA SER A 71 6.79 3.33 -14.04
C SER A 71 5.75 4.09 -13.22
N ALA A 72 5.84 3.94 -11.91
CA ALA A 72 4.92 4.61 -11.00
C ALA A 72 5.62 4.90 -9.67
N SER A 73 5.60 6.15 -9.25
CA SER A 73 6.24 6.55 -8.01
C SER A 73 5.29 7.43 -7.20
N THR A 74 5.01 7.03 -5.97
CA THR A 74 4.11 7.78 -5.11
C THR A 74 4.58 7.75 -3.65
N SER A 75 3.84 8.42 -2.80
CA SER A 75 4.16 8.50 -1.37
C SER A 75 2.92 8.19 -0.53
N LEU A 76 3.07 7.29 0.44
CA LEU A 76 1.95 6.92 1.29
C LEU A 76 2.23 7.30 2.75
N THR A 77 1.22 7.84 3.41
CA THR A 77 1.35 8.23 4.81
C THR A 77 0.78 7.14 5.71
N VAL A 78 1.64 6.49 6.48
CA VAL A 78 1.21 5.43 7.38
C VAL A 78 0.63 6.01 8.68
N ARG A 79 -0.54 5.52 9.05
CA ARG A 79 -1.21 5.95 10.26
C ARG A 79 -1.15 4.86 11.31
N ARG A 80 -1.32 5.25 12.57
CA ARG A 80 -1.31 4.28 13.66
C ARG A 80 -2.65 3.54 13.69
N SER A 81 -3.65 4.16 13.11
CA SER A 81 -4.98 3.58 13.01
C SER A 81 -5.57 3.96 11.66
N PHE A 82 -6.14 2.99 10.96
CA PHE A 82 -6.71 3.26 9.65
C PHE A 82 -7.97 2.44 9.42
N GLU A 83 -8.89 2.99 8.64
CA GLU A 83 -10.13 2.31 8.33
C GLU A 83 -9.90 1.36 7.17
N GLY A 84 -10.04 0.07 7.42
CA GLY A 84 -9.83 -0.91 6.38
C GLY A 84 -10.99 -0.98 5.40
N PHE A 85 -10.66 -0.90 4.12
CA PHE A 85 -11.67 -0.96 3.07
C PHE A 85 -11.31 -2.04 2.06
N LEU A 86 -12.33 -2.76 1.62
CA LEU A 86 -12.12 -3.82 0.64
C LEU A 86 -12.11 -3.23 -0.76
N PHE A 87 -11.66 -4.03 -1.73
CA PHE A 87 -11.55 -3.59 -3.12
C PHE A 87 -12.92 -3.29 -3.72
N ASP A 88 -13.96 -3.87 -3.15
CA ASP A 88 -15.32 -3.65 -3.66
C ASP A 88 -15.95 -2.42 -3.02
N GLY A 89 -15.46 -2.04 -1.85
CA GLY A 89 -16.01 -0.89 -1.17
C GLY A 89 -16.48 -1.21 0.25
N THR A 90 -16.60 -2.50 0.54
CA THR A 90 -17.04 -2.93 1.87
C THR A 90 -16.06 -2.46 2.94
N ARG A 91 -16.59 -1.84 3.99
CA ARG A 91 -15.75 -1.33 5.06
C ARG A 91 -15.71 -2.33 6.22
N TRP A 92 -14.52 -2.51 6.78
CA TRP A 92 -14.34 -3.42 7.90
C TRP A 92 -14.36 -2.67 9.22
N GLY A 93 -13.55 -1.61 9.29
CA GLY A 93 -13.48 -0.82 10.50
C GLY A 93 -12.10 -0.26 10.72
N THR A 94 -11.90 0.40 11.84
CA THR A 94 -10.61 0.99 12.16
C THR A 94 -9.66 -0.06 12.72
N VAL A 95 -8.56 -0.28 12.02
CA VAL A 95 -7.55 -1.24 12.43
C VAL A 95 -6.48 -0.55 13.26
N ASP A 96 -6.16 -1.13 14.41
CA ASP A 96 -5.15 -0.54 15.28
C ASP A 96 -3.76 -1.11 14.95
N CYS A 97 -2.84 -0.21 14.64
CA CYS A 97 -1.47 -0.60 14.31
C CYS A 97 -0.54 -0.27 15.47
N THR A 98 -1.10 -0.16 16.65
CA THR A 98 -0.32 0.15 17.84
C THR A 98 0.17 -1.15 18.48
N THR A 99 -0.63 -2.20 18.31
CA THR A 99 -0.29 -3.51 18.85
C THR A 99 -0.07 -4.51 17.71
N ALA A 100 0.01 -3.99 16.48
CA ALA A 100 0.20 -4.83 15.31
C ALA A 100 1.15 -4.18 14.31
N ALA A 101 1.62 -4.98 13.36
CA ALA A 101 2.53 -4.49 12.35
C ALA A 101 1.82 -4.32 11.02
N CYS A 102 1.89 -3.11 10.47
CA CYS A 102 1.25 -2.81 9.20
C CYS A 102 2.18 -3.13 8.05
N GLN A 103 1.66 -3.08 6.84
CA GLN A 103 2.43 -3.35 5.64
C GLN A 103 1.91 -2.51 4.49
N VAL A 104 2.68 -2.39 3.44
CA VAL A 104 2.28 -1.61 2.28
C VAL A 104 1.71 -2.52 1.20
N GLY A 105 0.44 -2.33 0.87
CA GLY A 105 -0.18 -3.15 -0.14
C GLY A 105 -0.29 -2.45 -1.47
N LEU A 106 0.17 -3.13 -2.51
CA LEU A 106 0.14 -2.58 -3.87
C LEU A 106 -0.80 -3.42 -4.72
N SER A 107 -1.89 -2.80 -5.17
CA SER A 107 -2.86 -3.51 -5.98
C SER A 107 -3.25 -2.70 -7.21
N ASP A 108 -3.16 -3.33 -8.38
CA ASP A 108 -3.54 -2.67 -9.62
C ASP A 108 -5.06 -2.64 -9.75
N ALA A 109 -5.57 -2.28 -10.92
CA ALA A 109 -7.01 -2.23 -11.17
C ALA A 109 -7.67 -3.58 -10.87
N ALA A 110 -6.92 -4.66 -11.10
CA ALA A 110 -7.42 -6.01 -10.84
C ALA A 110 -7.17 -6.39 -9.39
N GLY A 111 -5.93 -6.26 -8.95
CA GLY A 111 -5.59 -6.59 -7.59
C GLY A 111 -4.26 -7.33 -7.49
N ASN A 112 -3.36 -7.05 -8.42
CA ASN A 112 -2.05 -7.69 -8.45
C ASN A 112 -0.95 -6.64 -8.50
N GLY A 113 0.28 -7.09 -8.65
CA GLY A 113 1.40 -6.17 -8.71
C GLY A 113 2.52 -6.58 -7.77
N PRO A 114 3.35 -5.63 -7.33
CA PRO A 114 4.45 -5.90 -6.40
C PRO A 114 3.94 -6.48 -5.08
N GLU A 115 4.76 -7.32 -4.45
CA GLU A 115 4.40 -7.94 -3.19
C GLU A 115 4.39 -6.90 -2.07
N GLY A 116 3.47 -7.08 -1.12
CA GLY A 116 3.37 -6.15 -0.01
C GLY A 116 4.50 -6.31 0.99
N VAL A 117 5.17 -5.21 1.27
CA VAL A 117 6.28 -5.22 2.22
C VAL A 117 5.80 -4.77 3.60
N ALA A 118 6.16 -5.53 4.63
CA ALA A 118 5.73 -5.21 5.98
C ALA A 118 6.66 -4.18 6.63
N ILE A 119 6.12 -3.45 7.60
CA ILE A 119 6.90 -2.45 8.33
C ILE A 119 6.58 -2.55 9.81
N SER A 120 7.35 -1.85 10.62
CA SER A 120 7.16 -1.86 12.07
C SER A 120 7.65 -0.54 12.65
N PHE A 121 6.91 -0.03 13.63
CA PHE A 121 7.26 1.23 14.27
C PHE A 121 8.23 0.98 15.42
N ASN A 122 8.83 2.04 15.93
CA ASN A 122 9.75 1.93 17.04
C ASN A 122 8.98 1.91 18.36
N ALA A 10 8.95 -10.70 -18.61
CA ALA A 10 10.05 -9.82 -18.15
C ALA A 10 9.92 -9.56 -16.66
N ALA A 11 11.05 -9.43 -15.99
CA ALA A 11 11.07 -9.19 -14.56
C ALA A 11 10.91 -7.70 -14.25
N PRO A 12 9.91 -7.34 -13.43
CA PRO A 12 9.66 -5.95 -13.04
C PRO A 12 10.56 -5.53 -11.88
N THR A 13 10.78 -4.24 -11.74
CA THR A 13 11.60 -3.72 -10.66
C THR A 13 10.75 -3.04 -9.60
N ALA A 14 10.62 -3.67 -8.45
CA ALA A 14 9.84 -3.12 -7.36
C ALA A 14 10.72 -2.36 -6.37
N THR A 15 11.05 -1.14 -6.73
CA THR A 15 11.87 -0.28 -5.88
C THR A 15 11.02 0.43 -4.83
N VAL A 16 10.78 -0.23 -3.71
CA VAL A 16 9.99 0.34 -2.64
C VAL A 16 10.85 0.64 -1.42
N THR A 17 10.43 1.63 -0.63
CA THR A 17 11.15 2.00 0.57
C THR A 17 10.27 1.83 1.80
N PRO A 18 10.31 0.65 2.44
CA PRO A 18 9.50 0.34 3.62
C PRO A 18 10.00 1.10 4.85
N SER A 19 9.07 1.71 5.57
CA SER A 19 9.40 2.46 6.78
C SER A 19 9.49 1.54 7.99
N SER A 20 10.50 0.67 8.00
CA SER A 20 10.69 -0.26 9.10
C SER A 20 11.60 0.36 10.16
N GLY A 21 11.11 0.43 11.39
CA GLY A 21 11.89 1.00 12.48
C GLY A 21 11.54 2.44 12.75
N LEU A 22 10.76 3.02 11.85
CA LEU A 22 10.34 4.40 11.99
C LEU A 22 9.00 4.48 12.72
N SER A 23 8.59 5.68 13.08
CA SER A 23 7.33 5.88 13.79
C SER A 23 6.17 6.08 12.81
N ASP A 24 4.99 6.34 13.34
CA ASP A 24 3.82 6.56 12.50
C ASP A 24 3.87 7.96 11.90
N GLY A 25 3.11 8.17 10.85
CA GLY A 25 3.10 9.47 10.19
C GLY A 25 4.14 9.55 9.12
N THR A 26 5.05 8.57 9.12
CA THR A 26 6.12 8.51 8.14
C THR A 26 5.55 8.18 6.77
N VAL A 27 6.15 8.77 5.75
CA VAL A 27 5.72 8.55 4.37
C VAL A 27 6.42 7.34 3.76
N VAL A 28 5.63 6.42 3.23
CA VAL A 28 6.18 5.24 2.59
C VAL A 28 6.31 5.48 1.08
N LYS A 29 7.52 5.36 0.57
CA LYS A 29 7.77 5.59 -0.85
C LYS A 29 7.67 4.29 -1.64
N VAL A 30 6.82 4.30 -2.65
CA VAL A 30 6.64 3.14 -3.51
C VAL A 30 6.89 3.53 -4.96
N ALA A 31 7.96 2.98 -5.55
CA ALA A 31 8.31 3.27 -6.93
C ALA A 31 8.33 2.00 -7.76
N GLY A 32 7.30 1.81 -8.57
CA GLY A 32 7.22 0.64 -9.40
C GLY A 32 7.78 0.89 -10.79
N ALA A 33 8.78 0.09 -11.17
CA ALA A 33 9.41 0.22 -12.47
C ALA A 33 9.13 -1.02 -13.32
N GLY A 34 8.83 -0.80 -14.60
CA GLY A 34 8.55 -1.91 -15.48
C GLY A 34 7.09 -2.32 -15.38
N LEU A 35 6.23 -1.34 -15.25
CA LEU A 35 4.80 -1.57 -15.12
C LEU A 35 4.10 -1.32 -16.46
N GLN A 36 2.80 -1.55 -16.49
CA GLN A 36 2.02 -1.34 -17.70
C GLN A 36 1.54 0.11 -17.77
N ALA A 37 1.98 0.83 -18.79
CA ALA A 37 1.62 2.23 -18.96
C ALA A 37 0.11 2.41 -19.16
N GLY A 38 -0.43 3.50 -18.62
CA GLY A 38 -1.85 3.77 -18.75
C GLY A 38 -2.68 3.02 -17.73
N THR A 39 -2.02 2.26 -16.87
CA THR A 39 -2.72 1.49 -15.86
C THR A 39 -2.67 2.19 -14.51
N ALA A 40 -3.77 2.16 -13.79
CA ALA A 40 -3.86 2.77 -12.49
C ALA A 40 -3.48 1.76 -11.40
N TYR A 41 -2.55 2.14 -10.54
CA TYR A 41 -2.12 1.26 -9.47
C TYR A 41 -2.58 1.80 -8.12
N ASP A 42 -3.37 0.99 -7.42
CA ASP A 42 -3.88 1.36 -6.11
C ASP A 42 -2.88 0.99 -5.03
N VAL A 43 -2.42 2.00 -4.30
CA VAL A 43 -1.45 1.79 -3.24
C VAL A 43 -1.86 2.52 -1.97
N GLY A 44 -1.96 1.79 -0.87
CA GLY A 44 -2.33 2.37 0.40
C GLY A 44 -1.73 1.60 1.55
N GLN A 45 -1.88 2.12 2.76
CA GLN A 45 -1.37 1.44 3.94
C GLN A 45 -2.42 0.47 4.47
N CYS A 46 -2.09 -0.80 4.52
CA CYS A 46 -3.02 -1.81 4.97
C CYS A 46 -2.45 -2.62 6.12
N ALA A 47 -3.27 -3.49 6.68
CA ALA A 47 -2.87 -4.36 7.77
C ALA A 47 -3.89 -5.47 7.94
N TRP A 48 -3.66 -6.36 8.90
CA TRP A 48 -4.57 -7.47 9.16
C TRP A 48 -5.83 -6.99 9.87
N VAL A 49 -6.92 -6.85 9.11
CA VAL A 49 -8.18 -6.42 9.66
C VAL A 49 -8.97 -7.63 10.15
N ASP A 50 -8.65 -8.79 9.59
CA ASP A 50 -9.30 -10.04 9.94
C ASP A 50 -8.24 -11.13 10.03
N THR A 51 -8.67 -12.37 10.26
CA THR A 51 -7.73 -13.48 10.36
C THR A 51 -7.27 -13.95 8.98
N GLY A 52 -6.54 -13.09 8.30
CA GLY A 52 -6.03 -13.41 6.98
C GLY A 52 -6.37 -12.33 5.97
N VAL A 53 -7.53 -11.72 6.18
CA VAL A 53 -7.99 -10.65 5.29
C VAL A 53 -7.36 -9.32 5.70
N LEU A 54 -6.91 -8.57 4.72
CA LEU A 54 -6.29 -7.28 4.96
C LEU A 54 -7.18 -6.15 4.46
N ALA A 55 -6.84 -4.92 4.81
CA ALA A 55 -7.61 -3.76 4.38
C ALA A 55 -6.81 -2.48 4.55
N CYS A 56 -7.04 -1.51 3.67
CA CYS A 56 -6.31 -0.23 3.72
C CYS A 56 -7.29 0.92 3.89
N ASN A 57 -6.77 2.11 4.19
CA ASN A 57 -7.62 3.29 4.36
C ASN A 57 -7.62 4.14 3.09
N PRO A 58 -8.82 4.59 2.67
CA PRO A 58 -8.96 5.41 1.47
C PRO A 58 -8.77 6.89 1.73
N ALA A 59 -8.33 7.22 2.92
CA ALA A 59 -8.11 8.61 3.31
C ALA A 59 -6.68 9.04 2.97
N ASP A 60 -5.73 8.14 3.16
CA ASP A 60 -4.33 8.45 2.89
C ASP A 60 -3.86 7.70 1.65
N PHE A 61 -4.73 6.90 1.06
CA PHE A 61 -4.39 6.15 -0.13
C PHE A 61 -4.20 7.10 -1.30
N SER A 62 -3.35 6.73 -2.24
CA SER A 62 -3.08 7.56 -3.40
C SER A 62 -2.78 6.70 -4.62
N SER A 63 -3.81 6.44 -5.42
CA SER A 63 -3.67 5.64 -6.62
C SER A 63 -2.81 6.38 -7.63
N VAL A 64 -1.77 5.73 -8.13
CA VAL A 64 -0.88 6.33 -9.08
C VAL A 64 -0.96 5.61 -10.41
N THR A 65 -1.13 6.37 -11.48
CA THR A 65 -1.20 5.81 -12.81
C THR A 65 0.20 5.71 -13.41
N ALA A 66 0.49 4.58 -14.06
CA ALA A 66 1.79 4.38 -14.66
C ALA A 66 1.96 5.30 -15.86
N ASP A 67 3.05 6.04 -15.89
CA ASP A 67 3.32 6.98 -16.97
C ASP A 67 3.69 6.25 -18.25
N ALA A 68 3.93 7.01 -19.31
CA ALA A 68 4.30 6.47 -20.61
C ALA A 68 5.64 5.74 -20.56
N ASN A 69 6.37 5.93 -19.47
CA ASN A 69 7.67 5.30 -19.30
C ASN A 69 7.50 3.93 -18.66
N GLY A 70 6.30 3.66 -18.16
CA GLY A 70 6.03 2.39 -17.51
C GLY A 70 6.49 2.39 -16.07
N SER A 71 6.39 3.54 -15.43
CA SER A 71 6.81 3.68 -14.04
C SER A 71 5.73 4.38 -13.22
N ALA A 72 5.66 4.06 -11.94
CA ALA A 72 4.67 4.67 -11.06
C ALA A 72 5.23 4.90 -9.66
N SER A 73 5.39 6.16 -9.28
CA SER A 73 5.91 6.52 -7.97
C SER A 73 4.82 7.16 -7.13
N THR A 74 4.64 6.66 -5.92
CA THR A 74 3.62 7.19 -5.01
C THR A 74 4.15 7.22 -3.58
N SER A 75 3.57 8.09 -2.76
CA SER A 75 3.96 8.23 -1.37
C SER A 75 2.73 8.17 -0.47
N LEU A 76 2.74 7.26 0.49
CA LEU A 76 1.60 7.09 1.39
C LEU A 76 1.96 7.40 2.83
N THR A 77 1.04 8.04 3.54
CA THR A 77 1.24 8.38 4.94
C THR A 77 0.66 7.29 5.83
N VAL A 78 1.52 6.48 6.42
CA VAL A 78 1.06 5.39 7.27
C VAL A 78 0.73 5.89 8.69
N ARG A 79 -0.50 5.66 9.10
CA ARG A 79 -0.95 6.06 10.41
C ARG A 79 -0.84 4.90 11.38
N ARG A 80 -0.95 5.18 12.67
CA ARG A 80 -0.87 4.14 13.68
C ARG A 80 -2.19 3.37 13.72
N SER A 81 -3.28 4.10 13.49
CA SER A 81 -4.61 3.53 13.47
C SER A 81 -5.32 4.03 12.22
N PHE A 82 -5.94 3.12 11.47
CA PHE A 82 -6.62 3.52 10.24
C PHE A 82 -7.87 2.69 10.00
N GLU A 83 -8.66 3.15 9.02
CA GLU A 83 -9.89 2.50 8.64
C GLU A 83 -9.59 1.37 7.67
N GLY A 84 -10.31 0.27 7.80
CA GLY A 84 -10.08 -0.87 6.92
C GLY A 84 -11.10 -0.95 5.80
N PHE A 85 -10.63 -0.84 4.57
CA PHE A 85 -11.51 -0.91 3.42
C PHE A 85 -11.01 -1.99 2.47
N LEU A 86 -11.95 -2.70 1.88
CA LEU A 86 -11.61 -3.76 0.94
C LEU A 86 -11.20 -3.19 -0.42
N PHE A 87 -10.75 -4.06 -1.30
CA PHE A 87 -10.30 -3.63 -2.64
C PHE A 87 -11.46 -3.05 -3.46
N ASP A 88 -12.67 -3.54 -3.20
CA ASP A 88 -13.85 -3.06 -3.92
C ASP A 88 -14.32 -1.72 -3.36
N GLY A 89 -13.88 -1.39 -2.16
CA GLY A 89 -14.27 -0.14 -1.54
C GLY A 89 -15.18 -0.32 -0.34
N THR A 90 -15.56 -1.56 -0.06
CA THR A 90 -16.43 -1.83 1.08
C THR A 90 -15.64 -1.79 2.39
N ARG A 91 -16.18 -1.06 3.37
CA ARG A 91 -15.55 -0.94 4.68
C ARG A 91 -15.70 -2.22 5.48
N TRP A 92 -14.60 -2.78 5.96
CA TRP A 92 -14.64 -4.00 6.75
C TRP A 92 -14.57 -3.66 8.25
N GLY A 93 -14.07 -2.47 8.57
CA GLY A 93 -13.97 -2.06 9.95
C GLY A 93 -12.80 -1.13 10.19
N THR A 94 -12.15 -1.27 11.33
CA THR A 94 -11.01 -0.44 11.68
C THR A 94 -9.80 -1.31 11.99
N VAL A 95 -8.61 -0.83 11.64
CA VAL A 95 -7.38 -1.57 11.89
C VAL A 95 -6.41 -0.72 12.71
N ASP A 96 -5.90 -1.29 13.79
CA ASP A 96 -4.98 -0.58 14.65
C ASP A 96 -3.61 -1.24 14.61
N CYS A 97 -2.60 -0.47 14.23
CA CYS A 97 -1.24 -0.97 14.16
C CYS A 97 -0.43 -0.56 15.39
N THR A 98 -1.13 -0.09 16.43
CA THR A 98 -0.48 0.30 17.67
C THR A 98 -0.19 -0.96 18.46
N THR A 99 -1.02 -1.96 18.25
CA THR A 99 -0.90 -3.24 18.91
C THR A 99 -0.68 -4.35 17.88
N ALA A 100 -0.43 -3.94 16.64
CA ALA A 100 -0.22 -4.89 15.54
C ALA A 100 0.81 -4.36 14.55
N ALA A 101 0.86 -4.96 13.36
CA ALA A 101 1.82 -4.54 12.33
C ALA A 101 1.10 -4.12 11.06
N CYS A 102 1.65 -3.13 10.39
CA CYS A 102 1.08 -2.60 9.15
C CYS A 102 1.90 -3.07 7.94
N GLN A 103 1.29 -3.04 6.76
CA GLN A 103 1.96 -3.45 5.54
C GLN A 103 1.59 -2.52 4.38
N VAL A 104 2.44 -2.50 3.35
CA VAL A 104 2.22 -1.68 2.19
C VAL A 104 1.39 -2.43 1.15
N GLY A 105 0.19 -1.92 0.88
CA GLY A 105 -0.67 -2.56 -0.09
C GLY A 105 -0.56 -1.92 -1.45
N LEU A 106 -0.07 -2.68 -2.41
CA LEU A 106 0.09 -2.20 -3.78
C LEU A 106 -0.46 -3.21 -4.77
N SER A 107 -1.42 -2.80 -5.59
CA SER A 107 -2.02 -3.69 -6.57
C SER A 107 -2.45 -2.92 -7.81
N ASP A 108 -2.45 -3.61 -8.95
CA ASP A 108 -2.85 -3.00 -10.22
C ASP A 108 -4.38 -2.95 -10.33
N ALA A 109 -4.89 -2.55 -11.49
CA ALA A 109 -6.33 -2.46 -11.72
C ALA A 109 -7.02 -3.79 -11.47
N ALA A 110 -6.34 -4.89 -11.81
CA ALA A 110 -6.91 -6.22 -11.59
C ALA A 110 -6.78 -6.61 -10.12
N GLY A 111 -5.62 -6.33 -9.55
CA GLY A 111 -5.39 -6.65 -8.16
C GLY A 111 -4.15 -7.51 -7.95
N ASN A 112 -3.23 -7.44 -8.89
CA ASN A 112 -2.00 -8.22 -8.81
C ASN A 112 -0.78 -7.33 -8.95
N GLY A 113 0.38 -7.94 -9.10
CA GLY A 113 1.62 -7.21 -9.23
C GLY A 113 2.61 -7.62 -8.16
N PRO A 114 3.48 -6.71 -7.70
CA PRO A 114 4.46 -7.01 -6.66
C PRO A 114 3.79 -7.42 -5.36
N GLU A 115 4.45 -8.26 -4.58
CA GLU A 115 3.90 -8.72 -3.32
C GLU A 115 3.99 -7.64 -2.25
N GLY A 116 3.04 -7.67 -1.32
CA GLY A 116 3.00 -6.69 -0.26
C GLY A 116 4.15 -6.85 0.73
N VAL A 117 4.62 -5.74 1.27
CA VAL A 117 5.71 -5.76 2.23
C VAL A 117 5.24 -5.22 3.57
N ALA A 118 5.51 -5.95 4.64
CA ALA A 118 5.10 -5.54 5.97
C ALA A 118 6.17 -4.68 6.64
N ILE A 119 5.76 -3.84 7.57
CA ILE A 119 6.66 -2.97 8.29
C ILE A 119 6.34 -2.95 9.78
N SER A 120 7.28 -2.46 10.58
CA SER A 120 7.08 -2.39 12.02
C SER A 120 7.58 -1.05 12.55
N PHE A 121 6.87 -0.50 13.52
CA PHE A 121 7.26 0.77 14.10
C PHE A 121 8.12 0.55 15.35
N ASN A 122 8.81 1.60 15.78
CA ASN A 122 9.68 1.51 16.95
C ASN A 122 8.87 1.77 18.22
N ALA A 10 9.48 -11.31 -18.35
CA ALA A 10 10.02 -9.97 -18.01
C ALA A 10 10.03 -9.77 -16.50
N ALA A 11 11.13 -9.26 -15.98
CA ALA A 11 11.26 -9.02 -14.55
C ALA A 11 11.20 -7.52 -14.25
N PRO A 12 10.08 -7.06 -13.65
CA PRO A 12 9.92 -5.64 -13.31
C PRO A 12 10.71 -5.26 -12.06
N THR A 13 10.89 -3.97 -11.85
CA THR A 13 11.64 -3.48 -10.71
C THR A 13 10.72 -2.83 -9.69
N ALA A 14 10.53 -3.49 -8.56
CA ALA A 14 9.68 -2.97 -7.50
C ALA A 14 10.51 -2.34 -6.40
N THR A 15 10.87 -1.09 -6.59
CA THR A 15 11.68 -0.36 -5.62
C THR A 15 10.81 0.34 -4.58
N VAL A 16 10.71 -0.25 -3.40
CA VAL A 16 9.92 0.32 -2.33
C VAL A 16 10.79 0.64 -1.12
N THR A 17 10.41 1.67 -0.37
CA THR A 17 11.15 2.08 0.80
C THR A 17 10.29 1.93 2.05
N PRO A 18 10.42 0.79 2.74
CA PRO A 18 9.65 0.50 3.95
C PRO A 18 10.15 1.30 5.16
N SER A 19 9.22 1.81 5.94
CA SER A 19 9.55 2.60 7.12
C SER A 19 9.76 1.70 8.34
N SER A 20 10.78 0.85 8.29
CA SER A 20 11.08 -0.06 9.38
C SER A 20 11.83 0.65 10.49
N GLY A 21 11.23 0.71 11.67
CA GLY A 21 11.86 1.35 12.81
C GLY A 21 11.43 2.79 12.97
N LEU A 22 10.68 3.31 12.02
CA LEU A 22 10.21 4.68 12.07
C LEU A 22 8.83 4.74 12.70
N SER A 23 8.47 5.90 13.24
CA SER A 23 7.18 6.09 13.88
C SER A 23 6.10 6.40 12.84
N ASP A 24 4.90 6.70 13.31
CA ASP A 24 3.79 7.01 12.42
C ASP A 24 3.96 8.43 11.87
N GLY A 25 3.26 8.72 10.78
CA GLY A 25 3.38 10.03 10.16
C GLY A 25 4.50 10.07 9.14
N THR A 26 5.16 8.93 8.99
CA THR A 26 6.26 8.78 8.05
C THR A 26 5.73 8.58 6.64
N VAL A 27 6.49 9.02 5.65
CA VAL A 27 6.09 8.89 4.26
C VAL A 27 6.74 7.67 3.61
N VAL A 28 5.90 6.72 3.23
CA VAL A 28 6.37 5.51 2.57
C VAL A 28 6.35 5.71 1.06
N LYS A 29 7.50 5.55 0.42
CA LYS A 29 7.58 5.75 -1.02
C LYS A 29 7.58 4.42 -1.77
N VAL A 30 6.74 4.35 -2.79
CA VAL A 30 6.63 3.16 -3.63
C VAL A 30 6.89 3.55 -5.09
N ALA A 31 8.02 3.09 -5.63
CA ALA A 31 8.38 3.40 -7.00
C ALA A 31 8.54 2.12 -7.82
N GLY A 32 7.56 1.83 -8.64
CA GLY A 32 7.62 0.64 -9.46
C GLY A 32 7.99 0.95 -10.90
N ALA A 33 8.83 0.11 -11.48
CA ALA A 33 9.27 0.26 -12.85
C ALA A 33 9.02 -1.02 -13.63
N GLY A 34 8.51 -0.89 -14.84
CA GLY A 34 8.22 -2.06 -15.64
C GLY A 34 6.79 -2.51 -15.45
N LEU A 35 5.92 -1.55 -15.18
CA LEU A 35 4.52 -1.81 -14.96
C LEU A 35 3.74 -1.66 -16.26
N GLN A 36 2.42 -1.75 -16.17
CA GLN A 36 1.57 -1.62 -17.35
C GLN A 36 1.27 -0.14 -17.61
N ALA A 37 1.93 0.42 -18.61
CA ALA A 37 1.77 1.82 -18.98
C ALA A 37 0.32 2.15 -19.31
N GLY A 38 -0.32 2.92 -18.45
CA GLY A 38 -1.70 3.30 -18.69
C GLY A 38 -2.65 2.79 -17.61
N THR A 39 -2.13 1.96 -16.72
CA THR A 39 -2.93 1.41 -15.65
C THR A 39 -2.72 2.19 -14.35
N ALA A 40 -3.79 2.32 -13.57
CA ALA A 40 -3.72 3.02 -12.29
C ALA A 40 -3.43 2.01 -11.19
N TYR A 41 -2.40 2.28 -10.41
CA TYR A 41 -2.01 1.39 -9.32
C TYR A 41 -2.43 1.97 -7.98
N ASP A 42 -3.21 1.18 -7.24
CA ASP A 42 -3.70 1.60 -5.94
C ASP A 42 -2.75 1.15 -4.85
N VAL A 43 -2.30 2.09 -4.04
CA VAL A 43 -1.37 1.80 -2.95
C VAL A 43 -1.84 2.46 -1.66
N GLY A 44 -2.00 1.67 -0.61
CA GLY A 44 -2.42 2.21 0.66
C GLY A 44 -1.85 1.43 1.83
N GLN A 45 -2.12 1.89 3.04
CA GLN A 45 -1.66 1.22 4.24
C GLN A 45 -2.67 0.13 4.61
N CYS A 46 -2.24 -1.11 4.55
CA CYS A 46 -3.13 -2.22 4.85
C CYS A 46 -2.61 -3.08 5.99
N ALA A 47 -3.50 -3.89 6.55
CA ALA A 47 -3.17 -4.78 7.64
C ALA A 47 -4.25 -5.85 7.76
N TRP A 48 -4.02 -6.84 8.62
CA TRP A 48 -5.00 -7.89 8.80
C TRP A 48 -6.26 -7.33 9.45
N VAL A 49 -7.37 -7.42 8.74
CA VAL A 49 -8.63 -6.91 9.25
C VAL A 49 -9.51 -8.06 9.75
N ASP A 50 -9.27 -9.26 9.23
CA ASP A 50 -10.02 -10.44 9.63
C ASP A 50 -9.24 -11.71 9.29
N THR A 51 -9.88 -12.86 9.48
CA THR A 51 -9.25 -14.16 9.22
C THR A 51 -8.87 -14.32 7.75
N GLY A 52 -7.61 -14.00 7.44
CA GLY A 52 -7.12 -14.14 6.09
C GLY A 52 -7.54 -12.98 5.21
N VAL A 53 -8.10 -11.95 5.83
CA VAL A 53 -8.55 -10.78 5.08
C VAL A 53 -7.78 -9.55 5.51
N LEU A 54 -7.32 -8.78 4.54
CA LEU A 54 -6.58 -7.56 4.81
C LEU A 54 -7.37 -6.37 4.27
N ALA A 55 -7.06 -5.18 4.74
CA ALA A 55 -7.75 -3.99 4.29
C ALA A 55 -6.85 -2.77 4.36
N CYS A 56 -7.02 -1.83 3.43
CA CYS A 56 -6.19 -0.62 3.39
C CYS A 56 -6.99 0.62 3.76
N ASN A 57 -6.29 1.69 4.11
CA ASN A 57 -6.95 2.93 4.48
C ASN A 57 -7.21 3.80 3.24
N PRO A 58 -8.47 4.19 3.01
CA PRO A 58 -8.85 5.01 1.86
C PRO A 58 -8.65 6.50 2.14
N ALA A 59 -8.09 6.81 3.31
CA ALA A 59 -7.85 8.19 3.70
C ALA A 59 -6.55 8.72 3.12
N ASP A 60 -5.44 8.05 3.44
CA ASP A 60 -4.12 8.47 2.97
C ASP A 60 -3.65 7.67 1.78
N PHE A 61 -4.58 7.05 1.07
CA PHE A 61 -4.23 6.25 -0.10
C PHE A 61 -3.98 7.19 -1.29
N SER A 62 -3.10 6.80 -2.18
CA SER A 62 -2.79 7.60 -3.35
C SER A 62 -2.50 6.71 -4.55
N SER A 63 -3.51 6.51 -5.37
CA SER A 63 -3.37 5.68 -6.56
C SER A 63 -2.60 6.42 -7.64
N VAL A 64 -1.45 5.89 -8.01
CA VAL A 64 -0.62 6.52 -9.02
C VAL A 64 -0.81 5.84 -10.36
N THR A 65 -0.93 6.63 -11.41
CA THR A 65 -1.12 6.09 -12.75
C THR A 65 0.25 5.81 -13.38
N ALA A 66 0.37 4.66 -14.04
CA ALA A 66 1.60 4.31 -14.70
C ALA A 66 1.77 5.12 -15.95
N ASP A 67 2.90 5.82 -16.04
CA ASP A 67 3.19 6.67 -17.19
C ASP A 67 3.45 5.83 -18.44
N ALA A 68 3.67 6.52 -19.56
CA ALA A 68 3.92 5.85 -20.83
C ALA A 68 5.26 5.12 -20.86
N ASN A 69 6.08 5.32 -19.83
CA ASN A 69 7.37 4.67 -19.75
C ASN A 69 7.21 3.35 -19.02
N GLY A 70 6.13 3.24 -18.27
CA GLY A 70 5.85 2.03 -17.52
C GLY A 70 6.30 2.13 -16.08
N SER A 71 6.37 3.34 -15.57
CA SER A 71 6.78 3.55 -14.19
C SER A 71 5.70 4.26 -13.39
N ALA A 72 5.77 4.13 -12.07
CA ALA A 72 4.81 4.77 -11.17
C ALA A 72 5.42 4.98 -9.80
N SER A 73 5.26 6.17 -9.26
CA SER A 73 5.80 6.50 -7.95
C SER A 73 4.74 7.21 -7.10
N THR A 74 4.56 6.75 -5.88
CA THR A 74 3.58 7.35 -4.99
C THR A 74 4.12 7.43 -3.56
N SER A 75 3.55 8.32 -2.77
CA SER A 75 3.95 8.52 -1.39
C SER A 75 2.76 8.35 -0.45
N LEU A 76 2.86 7.43 0.48
CA LEU A 76 1.77 7.16 1.42
C LEU A 76 2.15 7.56 2.85
N THR A 77 1.23 8.18 3.55
CA THR A 77 1.46 8.58 4.92
C THR A 77 0.98 7.48 5.87
N VAL A 78 1.91 6.83 6.54
CA VAL A 78 1.57 5.75 7.46
C VAL A 78 1.00 6.29 8.77
N ARG A 79 -0.07 5.65 9.23
CA ARG A 79 -0.74 6.03 10.46
C ARG A 79 -0.61 4.91 11.47
N ARG A 80 -0.97 5.19 12.72
CA ARG A 80 -0.91 4.18 13.76
C ARG A 80 -2.19 3.34 13.74
N SER A 81 -3.30 4.02 13.49
CA SER A 81 -4.61 3.37 13.40
C SER A 81 -5.28 3.84 12.12
N PHE A 82 -6.03 2.95 11.46
CA PHE A 82 -6.68 3.32 10.21
C PHE A 82 -7.93 2.51 9.94
N GLU A 83 -8.79 3.02 9.07
CA GLU A 83 -10.01 2.33 8.69
C GLU A 83 -9.71 1.41 7.52
N GLY A 84 -9.98 0.12 7.70
CA GLY A 84 -9.70 -0.84 6.66
C GLY A 84 -10.79 -0.93 5.61
N PHE A 85 -10.38 -0.86 4.34
CA PHE A 85 -11.31 -0.93 3.22
C PHE A 85 -10.77 -1.90 2.18
N LEU A 86 -11.67 -2.49 1.40
CA LEU A 86 -11.27 -3.42 0.36
C LEU A 86 -11.02 -2.65 -0.95
N PHE A 87 -10.43 -3.33 -1.92
CA PHE A 87 -10.09 -2.72 -3.21
C PHE A 87 -11.34 -2.45 -4.07
N ASP A 88 -12.52 -2.68 -3.51
CA ASP A 88 -13.76 -2.46 -4.24
C ASP A 88 -14.61 -1.39 -3.55
N GLY A 89 -14.13 -0.87 -2.42
CA GLY A 89 -14.86 0.17 -1.71
C GLY A 89 -15.62 -0.36 -0.51
N THR A 90 -15.62 -1.68 -0.33
CA THR A 90 -16.32 -2.29 0.79
C THR A 90 -15.57 -2.02 2.10
N ARG A 91 -16.31 -1.68 3.14
CA ARG A 91 -15.73 -1.41 4.44
C ARG A 91 -15.82 -2.63 5.34
N TRP A 92 -14.71 -3.00 5.96
CA TRP A 92 -14.69 -4.16 6.84
C TRP A 92 -14.67 -3.71 8.31
N GLY A 93 -13.68 -2.90 8.65
CA GLY A 93 -13.57 -2.42 10.01
C GLY A 93 -12.29 -1.63 10.22
N THR A 94 -12.14 -1.06 11.40
CA THR A 94 -10.97 -0.27 11.73
C THR A 94 -9.84 -1.17 12.23
N VAL A 95 -8.62 -0.92 11.75
CA VAL A 95 -7.47 -1.71 12.16
C VAL A 95 -6.46 -0.83 12.88
N ASP A 96 -5.89 -1.35 13.96
CA ASP A 96 -4.91 -0.62 14.74
C ASP A 96 -3.54 -1.29 14.62
N CYS A 97 -2.53 -0.51 14.30
CA CYS A 97 -1.18 -1.03 14.15
C CYS A 97 -0.27 -0.48 15.24
N THR A 98 -0.84 -0.15 16.39
CA THR A 98 -0.06 0.34 17.51
C THR A 98 0.59 -0.85 18.23
N THR A 99 -0.17 -1.92 18.33
CA THR A 99 0.28 -3.14 18.97
C THR A 99 0.58 -4.20 17.91
N ALA A 100 0.14 -3.92 16.68
CA ALA A 100 0.34 -4.85 15.57
C ALA A 100 1.23 -4.22 14.50
N ALA A 101 1.40 -4.92 13.39
CA ALA A 101 2.22 -4.43 12.30
C ALA A 101 1.37 -4.20 11.05
N CYS A 102 1.72 -3.18 10.29
CA CYS A 102 1.00 -2.85 9.06
C CYS A 102 1.85 -3.20 7.85
N GLN A 103 1.21 -3.41 6.71
CA GLN A 103 1.92 -3.75 5.48
C GLN A 103 1.45 -2.86 4.33
N VAL A 104 2.37 -2.53 3.45
CA VAL A 104 2.08 -1.69 2.30
C VAL A 104 1.35 -2.50 1.22
N GLY A 105 0.13 -2.08 0.91
CA GLY A 105 -0.65 -2.77 -0.08
C GLY A 105 -0.65 -2.05 -1.41
N LEU A 106 0.00 -2.64 -2.40
CA LEU A 106 0.08 -2.05 -3.72
C LEU A 106 -0.36 -3.06 -4.78
N SER A 107 -1.37 -2.68 -5.54
CA SER A 107 -1.90 -3.54 -6.59
C SER A 107 -2.51 -2.69 -7.71
N ASP A 108 -2.68 -3.31 -8.87
CA ASP A 108 -3.26 -2.61 -10.02
C ASP A 108 -4.78 -2.77 -10.03
N ALA A 109 -5.40 -2.40 -11.16
CA ALA A 109 -6.85 -2.50 -11.31
C ALA A 109 -7.34 -3.94 -11.21
N ALA A 110 -6.45 -4.88 -11.53
CA ALA A 110 -6.78 -6.30 -11.49
C ALA A 110 -6.52 -6.88 -10.10
N GLY A 111 -5.97 -6.06 -9.20
CA GLY A 111 -5.68 -6.50 -7.87
C GLY A 111 -4.42 -7.34 -7.80
N ASN A 112 -3.54 -7.18 -8.79
CA ASN A 112 -2.29 -7.92 -8.85
C ASN A 112 -1.11 -6.97 -8.82
N GLY A 113 0.09 -7.52 -8.74
CA GLY A 113 1.29 -6.71 -8.72
C GLY A 113 2.36 -7.31 -7.83
N PRO A 114 3.26 -6.48 -7.31
CA PRO A 114 4.34 -6.92 -6.43
C PRO A 114 3.84 -7.32 -5.05
N GLU A 115 4.63 -8.10 -4.33
CA GLU A 115 4.26 -8.56 -3.00
C GLU A 115 4.36 -7.41 -1.99
N GLY A 116 3.39 -7.33 -1.09
CA GLY A 116 3.38 -6.29 -0.08
C GLY A 116 4.49 -6.44 0.92
N VAL A 117 4.89 -5.34 1.54
CA VAL A 117 5.96 -5.35 2.53
C VAL A 117 5.43 -4.93 3.89
N ALA A 118 5.77 -5.68 4.92
CA ALA A 118 5.33 -5.38 6.28
C ALA A 118 6.31 -4.44 6.98
N ILE A 119 5.77 -3.47 7.69
CA ILE A 119 6.58 -2.51 8.41
C ILE A 119 6.18 -2.50 9.89
N SER A 120 7.09 -2.05 10.73
CA SER A 120 6.84 -1.97 12.16
C SER A 120 7.46 -0.70 12.72
N PHE A 121 6.75 -0.06 13.63
CA PHE A 121 7.22 1.16 14.26
C PHE A 121 8.18 0.83 15.39
N ASN A 122 8.78 1.87 15.96
CA ASN A 122 9.71 1.68 17.07
C ASN A 122 8.94 1.66 18.38
N ALA A 10 8.79 -10.96 -18.59
CA ALA A 10 9.70 -9.82 -18.30
C ALA A 10 9.83 -9.61 -16.80
N ALA A 11 11.06 -9.32 -16.36
CA ALA A 11 11.33 -9.09 -14.95
C ALA A 11 11.07 -7.64 -14.57
N PRO A 12 10.15 -7.41 -13.62
CA PRO A 12 9.80 -6.06 -13.17
C PRO A 12 10.83 -5.51 -12.17
N THR A 13 10.63 -4.27 -11.75
CA THR A 13 11.52 -3.64 -10.79
C THR A 13 10.72 -2.90 -9.72
N ALA A 14 10.42 -3.60 -8.64
CA ALA A 14 9.66 -3.02 -7.55
C ALA A 14 10.59 -2.45 -6.47
N THR A 15 10.90 -1.18 -6.57
CA THR A 15 11.76 -0.52 -5.62
C THR A 15 10.93 0.25 -4.60
N VAL A 16 10.73 -0.34 -3.43
CA VAL A 16 9.95 0.28 -2.38
C VAL A 16 10.81 0.50 -1.14
N THR A 17 10.59 1.62 -0.45
CA THR A 17 11.32 1.93 0.76
C THR A 17 10.39 1.86 1.97
N PRO A 18 10.29 0.67 2.60
CA PRO A 18 9.42 0.47 3.76
C PRO A 18 9.89 1.22 5.00
N SER A 19 8.94 1.66 5.80
CA SER A 19 9.24 2.40 7.01
C SER A 19 9.56 1.47 8.18
N SER A 20 10.49 0.56 7.96
CA SER A 20 10.88 -0.40 8.98
C SER A 20 11.71 0.25 10.08
N GLY A 21 11.16 0.29 11.28
CA GLY A 21 11.87 0.87 12.40
C GLY A 21 11.60 2.34 12.59
N LEU A 22 10.62 2.85 11.88
CA LEU A 22 10.26 4.26 11.98
C LEU A 22 8.99 4.43 12.81
N SER A 23 8.59 5.67 13.03
CA SER A 23 7.39 5.95 13.81
C SER A 23 6.17 6.11 12.91
N ASP A 24 5.04 6.45 13.50
CA ASP A 24 3.81 6.65 12.75
C ASP A 24 3.86 7.98 12.01
N GLY A 25 3.16 8.07 10.90
CA GLY A 25 3.15 9.29 10.12
C GLY A 25 4.31 9.33 9.15
N THR A 26 4.97 8.20 8.99
CA THR A 26 6.11 8.10 8.10
C THR A 26 5.64 7.95 6.65
N VAL A 27 6.34 8.62 5.75
CA VAL A 27 6.01 8.57 4.33
C VAL A 27 6.74 7.41 3.64
N VAL A 28 5.99 6.38 3.28
CA VAL A 28 6.55 5.22 2.60
C VAL A 28 6.62 5.50 1.10
N LYS A 29 7.81 5.42 0.54
CA LYS A 29 8.00 5.67 -0.89
C LYS A 29 7.87 4.37 -1.68
N VAL A 30 6.97 4.38 -2.64
CA VAL A 30 6.73 3.22 -3.49
C VAL A 30 6.99 3.58 -4.94
N ALA A 31 8.05 3.02 -5.52
CA ALA A 31 8.39 3.28 -6.90
C ALA A 31 8.47 1.99 -7.70
N GLY A 32 7.45 1.72 -8.49
CA GLY A 32 7.43 0.51 -9.29
C GLY A 32 7.76 0.77 -10.74
N ALA A 33 8.77 0.08 -11.25
CA ALA A 33 9.18 0.22 -12.63
C ALA A 33 8.97 -1.10 -13.37
N GLY A 34 8.75 -1.01 -14.67
CA GLY A 34 8.51 -2.20 -15.46
C GLY A 34 7.07 -2.65 -15.34
N LEU A 35 6.17 -1.67 -15.21
CA LEU A 35 4.76 -1.94 -15.06
C LEU A 35 4.02 -1.76 -16.39
N GLN A 36 2.72 -1.57 -16.33
CA GLN A 36 1.91 -1.40 -17.52
C GLN A 36 1.48 0.06 -17.69
N ALA A 37 1.94 0.69 -18.77
CA ALA A 37 1.61 2.08 -19.05
C ALA A 37 0.12 2.25 -19.26
N GLY A 38 -0.47 3.16 -18.50
CA GLY A 38 -1.91 3.40 -18.62
C GLY A 38 -2.70 2.68 -17.55
N THR A 39 -2.00 2.00 -16.65
CA THR A 39 -2.66 1.27 -15.59
C THR A 39 -2.56 2.04 -14.28
N ALA A 40 -3.68 2.15 -13.58
CA ALA A 40 -3.73 2.84 -12.31
C ALA A 40 -3.50 1.87 -11.16
N TYR A 41 -2.55 2.20 -10.31
CA TYR A 41 -2.21 1.36 -9.17
C TYR A 41 -2.71 1.98 -7.88
N ASP A 42 -3.41 1.18 -7.10
CA ASP A 42 -3.96 1.62 -5.82
C ASP A 42 -2.97 1.28 -4.72
N VAL A 43 -2.48 2.30 -4.04
CA VAL A 43 -1.52 2.10 -2.97
C VAL A 43 -1.99 2.76 -1.67
N GLY A 44 -2.14 1.94 -0.64
CA GLY A 44 -2.58 2.45 0.65
C GLY A 44 -2.00 1.63 1.79
N GLN A 45 -2.15 2.11 3.01
CA GLN A 45 -1.64 1.39 4.16
C GLN A 45 -2.73 0.43 4.64
N CYS A 46 -2.35 -0.83 4.78
CA CYS A 46 -3.29 -1.86 5.22
C CYS A 46 -2.71 -2.66 6.36
N ALA A 47 -3.44 -3.65 6.82
CA ALA A 47 -3.00 -4.53 7.89
C ALA A 47 -3.85 -5.77 7.97
N TRP A 48 -3.29 -6.84 8.51
CA TRP A 48 -3.98 -8.10 8.66
C TRP A 48 -5.16 -7.95 9.61
N VAL A 49 -6.37 -7.97 9.08
CA VAL A 49 -7.56 -7.81 9.90
C VAL A 49 -8.22 -9.15 10.19
N ASP A 50 -8.22 -10.04 9.18
CA ASP A 50 -8.82 -11.36 9.31
C ASP A 50 -7.89 -12.39 8.67
N THR A 51 -8.17 -13.67 8.90
CA THR A 51 -7.36 -14.75 8.35
C THR A 51 -7.31 -14.72 6.82
N GLY A 52 -6.29 -14.07 6.29
CA GLY A 52 -6.11 -14.00 4.84
C GLY A 52 -6.75 -12.76 4.24
N VAL A 53 -7.34 -11.92 5.08
CA VAL A 53 -7.99 -10.71 4.59
C VAL A 53 -7.39 -9.47 5.23
N LEU A 54 -7.12 -8.46 4.42
CA LEU A 54 -6.55 -7.21 4.89
C LEU A 54 -7.41 -6.06 4.40
N ALA A 55 -7.14 -4.87 4.89
CA ALA A 55 -7.91 -3.69 4.49
C ALA A 55 -7.05 -2.43 4.59
N CYS A 56 -7.16 -1.56 3.60
CA CYS A 56 -6.37 -0.33 3.57
C CYS A 56 -7.24 0.91 3.80
N ASN A 57 -6.60 2.06 3.98
CA ASN A 57 -7.30 3.31 4.21
C ASN A 57 -7.67 4.00 2.90
N PRO A 58 -8.91 4.52 2.79
CA PRO A 58 -9.38 5.20 1.59
C PRO A 58 -9.21 6.72 1.63
N ALA A 59 -8.67 7.24 2.73
CA ALA A 59 -8.47 8.67 2.85
C ALA A 59 -7.02 9.08 2.62
N ASP A 60 -6.14 8.69 3.53
CA ASP A 60 -4.71 9.03 3.40
C ASP A 60 -4.02 8.08 2.43
N PHE A 61 -4.66 7.81 1.31
CA PHE A 61 -4.09 6.93 0.30
C PHE A 61 -3.71 7.74 -0.94
N SER A 62 -3.01 7.13 -1.89
CA SER A 62 -2.61 7.85 -3.08
C SER A 62 -2.53 6.92 -4.28
N SER A 63 -3.46 7.09 -5.22
CA SER A 63 -3.49 6.29 -6.44
C SER A 63 -2.50 6.85 -7.44
N VAL A 64 -1.71 5.99 -8.06
CA VAL A 64 -0.74 6.42 -9.04
C VAL A 64 -0.93 5.68 -10.36
N THR A 65 -0.83 6.40 -11.47
CA THR A 65 -0.99 5.80 -12.78
C THR A 65 0.39 5.64 -13.43
N ALA A 66 0.63 4.47 -14.00
CA ALA A 66 1.90 4.20 -14.66
C ALA A 66 2.02 5.02 -15.93
N ASP A 67 3.09 5.80 -16.01
CA ASP A 67 3.35 6.67 -17.15
C ASP A 67 3.71 5.87 -18.40
N ALA A 68 4.02 6.58 -19.49
CA ALA A 68 4.37 5.96 -20.76
C ALA A 68 5.57 5.03 -20.63
N ASN A 69 6.44 5.30 -19.66
CA ASN A 69 7.62 4.47 -19.43
C ASN A 69 7.26 3.23 -18.64
N GLY A 70 6.02 3.16 -18.19
CA GLY A 70 5.56 2.03 -17.42
C GLY A 70 6.10 2.04 -16.02
N SER A 71 6.12 3.21 -15.41
CA SER A 71 6.62 3.36 -14.05
C SER A 71 5.65 4.18 -13.21
N ALA A 72 5.46 3.75 -11.98
CA ALA A 72 4.55 4.44 -11.06
C ALA A 72 5.22 4.66 -9.71
N SER A 73 5.39 5.91 -9.33
CA SER A 73 6.01 6.25 -8.07
C SER A 73 5.06 7.09 -7.21
N THR A 74 4.95 6.75 -5.94
CA THR A 74 4.06 7.46 -5.04
C THR A 74 4.57 7.39 -3.59
N SER A 75 3.98 8.20 -2.73
CA SER A 75 4.35 8.26 -1.33
C SER A 75 3.10 8.06 -0.46
N LEU A 76 3.18 7.12 0.49
CA LEU A 76 2.06 6.82 1.36
C LEU A 76 2.38 7.13 2.83
N THR A 77 1.55 7.93 3.45
CA THR A 77 1.73 8.28 4.86
C THR A 77 1.00 7.28 5.75
N VAL A 78 1.75 6.37 6.36
CA VAL A 78 1.17 5.34 7.21
C VAL A 78 0.91 5.85 8.63
N ARG A 79 -0.34 5.72 9.07
CA ARG A 79 -0.74 6.15 10.41
C ARG A 79 -0.75 4.96 11.36
N ARG A 80 -0.81 5.25 12.66
CA ARG A 80 -0.85 4.18 13.66
C ARG A 80 -2.22 3.53 13.68
N SER A 81 -3.24 4.33 13.38
CA SER A 81 -4.62 3.86 13.33
C SER A 81 -5.26 4.37 12.05
N PHE A 82 -6.05 3.53 11.38
CA PHE A 82 -6.67 3.93 10.11
C PHE A 82 -7.95 3.15 9.83
N GLU A 83 -8.60 3.50 8.74
CA GLU A 83 -9.83 2.84 8.32
C GLU A 83 -9.51 1.64 7.44
N GLY A 84 -10.36 0.62 7.48
CA GLY A 84 -10.13 -0.56 6.67
C GLY A 84 -11.16 -0.73 5.57
N PHE A 85 -10.68 -0.71 4.33
CA PHE A 85 -11.57 -0.87 3.19
C PHE A 85 -11.04 -1.95 2.27
N LEU A 86 -11.93 -2.77 1.74
CA LEU A 86 -11.56 -3.85 0.84
C LEU A 86 -11.35 -3.31 -0.56
N PHE A 87 -10.74 -4.13 -1.41
CA PHE A 87 -10.43 -3.74 -2.79
C PHE A 87 -11.70 -3.46 -3.60
N ASP A 88 -12.79 -4.15 -3.27
CA ASP A 88 -14.05 -3.99 -3.99
C ASP A 88 -14.83 -2.76 -3.49
N GLY A 89 -14.31 -2.13 -2.44
CA GLY A 89 -14.97 -0.95 -1.91
C GLY A 89 -15.70 -1.23 -0.60
N THR A 90 -15.89 -2.50 -0.28
CA THR A 90 -16.58 -2.88 0.94
C THR A 90 -15.79 -2.45 2.17
N ARG A 91 -16.46 -1.80 3.12
CA ARG A 91 -15.79 -1.35 4.33
C ARG A 91 -15.81 -2.45 5.39
N TRP A 92 -14.74 -2.50 6.18
CA TRP A 92 -14.65 -3.49 7.24
C TRP A 92 -14.79 -2.82 8.60
N GLY A 93 -14.08 -1.72 8.77
CA GLY A 93 -14.12 -0.99 10.03
C GLY A 93 -12.85 -0.21 10.29
N THR A 94 -12.35 -0.30 11.52
CA THR A 94 -11.14 0.41 11.89
C THR A 94 -9.99 -0.56 12.14
N VAL A 95 -8.87 -0.32 11.49
CA VAL A 95 -7.69 -1.16 11.65
C VAL A 95 -6.65 -0.40 12.47
N ASP A 96 -5.94 -1.10 13.33
CA ASP A 96 -4.96 -0.46 14.18
C ASP A 96 -3.60 -1.14 14.12
N CYS A 97 -2.56 -0.32 14.13
CA CYS A 97 -1.18 -0.79 14.10
C CYS A 97 -0.41 -0.28 15.30
N THR A 98 -1.14 0.03 16.38
CA THR A 98 -0.52 0.52 17.60
C THR A 98 0.05 -0.65 18.40
N THR A 99 -0.69 -1.75 18.40
CA THR A 99 -0.26 -2.94 19.12
C THR A 99 0.09 -4.06 18.13
N ALA A 100 0.32 -3.68 16.89
CA ALA A 100 0.64 -4.62 15.82
C ALA A 100 1.47 -3.93 14.75
N ALA A 101 1.77 -4.64 13.68
CA ALA A 101 2.55 -4.10 12.58
C ALA A 101 1.65 -3.79 11.40
N CYS A 102 1.97 -2.73 10.67
CA CYS A 102 1.19 -2.33 9.51
C CYS A 102 1.74 -2.98 8.25
N GLN A 103 0.97 -2.95 7.17
CA GLN A 103 1.39 -3.54 5.90
C GLN A 103 1.18 -2.56 4.76
N VAL A 104 2.06 -2.61 3.78
CA VAL A 104 1.97 -1.73 2.62
C VAL A 104 1.21 -2.43 1.49
N GLY A 105 0.06 -1.88 1.12
CA GLY A 105 -0.75 -2.47 0.08
C GLY A 105 -0.61 -1.75 -1.24
N LEU A 106 -0.38 -2.53 -2.30
CA LEU A 106 -0.22 -1.99 -3.64
C LEU A 106 -0.72 -2.98 -4.68
N SER A 107 -1.64 -2.54 -5.53
CA SER A 107 -2.20 -3.40 -6.57
C SER A 107 -2.66 -2.57 -7.76
N ASP A 108 -2.87 -3.23 -8.89
CA ASP A 108 -3.33 -2.57 -10.11
C ASP A 108 -4.86 -2.49 -10.14
N ALA A 109 -5.42 -2.30 -11.33
CA ALA A 109 -6.86 -2.20 -11.50
C ALA A 109 -7.54 -3.55 -11.25
N ALA A 110 -6.82 -4.64 -11.48
CA ALA A 110 -7.35 -5.97 -11.28
C ALA A 110 -7.11 -6.44 -9.85
N GLY A 111 -5.88 -6.28 -9.39
CA GLY A 111 -5.54 -6.69 -8.04
C GLY A 111 -4.24 -7.45 -7.97
N ASN A 112 -3.29 -7.09 -8.82
CA ASN A 112 -1.99 -7.75 -8.84
C ASN A 112 -0.89 -6.71 -8.74
N GLY A 113 0.35 -7.15 -8.89
CA GLY A 113 1.48 -6.25 -8.83
C GLY A 113 2.57 -6.78 -7.92
N PRO A 114 3.33 -5.89 -7.26
CA PRO A 114 4.40 -6.27 -6.34
C PRO A 114 3.85 -6.92 -5.07
N GLU A 115 4.74 -7.45 -4.25
CA GLU A 115 4.32 -8.12 -3.02
C GLU A 115 4.19 -7.10 -1.89
N GLY A 116 3.20 -7.31 -1.03
CA GLY A 116 2.97 -6.43 0.10
C GLY A 116 4.07 -6.56 1.13
N VAL A 117 4.56 -5.43 1.62
CA VAL A 117 5.63 -5.42 2.62
C VAL A 117 5.09 -5.04 3.99
N ALA A 118 5.54 -5.75 5.00
CA ALA A 118 5.14 -5.47 6.37
C ALA A 118 6.07 -4.42 7.00
N ILE A 119 5.48 -3.47 7.70
CA ILE A 119 6.27 -2.41 8.33
C ILE A 119 5.96 -2.33 9.82
N SER A 120 6.99 -2.46 10.63
CA SER A 120 6.84 -2.38 12.07
C SER A 120 7.47 -1.11 12.62
N PHE A 121 6.77 -0.47 13.56
CA PHE A 121 7.25 0.76 14.16
C PHE A 121 8.09 0.47 15.40
N ASN A 122 8.90 1.44 15.79
CA ASN A 122 9.77 1.30 16.96
C ASN A 122 9.06 1.83 18.20
N ALA A 10 9.01 -11.48 -17.85
CA ALA A 10 9.50 -10.11 -17.55
C ALA A 10 9.58 -9.89 -16.04
N ALA A 11 10.78 -9.61 -15.56
CA ALA A 11 11.00 -9.37 -14.14
C ALA A 11 10.85 -7.88 -13.82
N PRO A 12 9.78 -7.50 -13.10
CA PRO A 12 9.52 -6.10 -12.74
C PRO A 12 10.55 -5.57 -11.75
N THR A 13 10.64 -4.25 -11.66
CA THR A 13 11.58 -3.61 -10.76
C THR A 13 10.81 -2.79 -9.71
N ALA A 14 10.32 -3.47 -8.68
CA ALA A 14 9.57 -2.82 -7.63
C ALA A 14 10.50 -2.29 -6.54
N THR A 15 10.66 -0.97 -6.52
CA THR A 15 11.51 -0.33 -5.52
C THR A 15 10.65 0.34 -4.46
N VAL A 16 10.52 -0.31 -3.31
CA VAL A 16 9.72 0.22 -2.22
C VAL A 16 10.58 0.50 -0.98
N THR A 17 10.25 1.57 -0.28
CA THR A 17 10.99 1.94 0.93
C THR A 17 10.16 1.63 2.18
N PRO A 18 10.55 0.59 2.93
CA PRO A 18 9.86 0.20 4.16
C PRO A 18 10.24 1.11 5.32
N SER A 19 9.23 1.55 6.07
CA SER A 19 9.44 2.44 7.20
C SER A 19 9.72 1.64 8.48
N SER A 20 10.49 0.56 8.35
CA SER A 20 10.83 -0.31 9.46
C SER A 20 11.65 0.45 10.51
N GLY A 21 11.06 0.66 11.67
CA GLY A 21 11.76 1.36 12.74
C GLY A 21 11.30 2.80 12.87
N LEU A 22 10.41 3.24 12.01
CA LEU A 22 9.92 4.60 12.06
C LEU A 22 8.51 4.64 12.65
N SER A 23 8.17 5.73 13.31
CA SER A 23 6.87 5.89 13.94
C SER A 23 5.79 6.23 12.92
N ASP A 24 4.56 6.45 13.41
CA ASP A 24 3.43 6.78 12.55
C ASP A 24 3.56 8.19 12.00
N GLY A 25 2.98 8.43 10.84
CA GLY A 25 3.04 9.74 10.21
C GLY A 25 4.16 9.80 9.19
N THR A 26 4.95 8.74 9.16
CA THR A 26 6.07 8.63 8.25
C THR A 26 5.59 8.36 6.82
N VAL A 27 6.25 8.97 5.86
CA VAL A 27 5.87 8.81 4.47
C VAL A 27 6.58 7.62 3.84
N VAL A 28 5.80 6.66 3.37
CA VAL A 28 6.33 5.47 2.71
C VAL A 28 6.46 5.76 1.23
N LYS A 29 7.61 5.44 0.65
CA LYS A 29 7.86 5.69 -0.75
C LYS A 29 7.71 4.42 -1.57
N VAL A 30 6.95 4.51 -2.65
CA VAL A 30 6.73 3.38 -3.54
C VAL A 30 7.05 3.75 -4.98
N ALA A 31 7.98 3.02 -5.58
CA ALA A 31 8.37 3.27 -6.97
C ALA A 31 8.40 1.95 -7.74
N GLY A 32 7.28 1.62 -8.37
CA GLY A 32 7.21 0.39 -9.13
C GLY A 32 7.51 0.61 -10.60
N ALA A 33 8.62 0.04 -11.06
CA ALA A 33 9.00 0.15 -12.45
C ALA A 33 8.84 -1.18 -13.14
N GLY A 34 8.45 -1.16 -14.41
CA GLY A 34 8.26 -2.40 -15.13
C GLY A 34 6.83 -2.86 -15.06
N LEU A 35 5.94 -1.93 -14.74
CA LEU A 35 4.52 -2.22 -14.62
C LEU A 35 3.83 -2.02 -15.97
N GLN A 36 2.53 -2.22 -16.00
CA GLN A 36 1.75 -2.07 -17.22
C GLN A 36 1.34 -0.61 -17.40
N ALA A 37 1.99 0.07 -18.35
CA ALA A 37 1.71 1.47 -18.64
C ALA A 37 0.25 1.69 -19.00
N GLY A 38 -0.30 2.81 -18.53
CA GLY A 38 -1.68 3.14 -18.83
C GLY A 38 -2.65 2.48 -17.87
N THR A 39 -2.13 1.86 -16.82
CA THR A 39 -2.98 1.20 -15.84
C THR A 39 -2.81 1.83 -14.46
N ALA A 40 -3.88 1.91 -13.71
CA ALA A 40 -3.86 2.50 -12.37
C ALA A 40 -3.45 1.48 -11.32
N TYR A 41 -2.46 1.84 -10.51
CA TYR A 41 -1.98 0.99 -9.45
C TYR A 41 -2.29 1.64 -8.11
N ASP A 42 -3.29 1.11 -7.42
CA ASP A 42 -3.70 1.66 -6.13
C ASP A 42 -2.76 1.19 -5.03
N VAL A 43 -2.17 2.14 -4.33
CA VAL A 43 -1.24 1.83 -3.25
C VAL A 43 -1.60 2.60 -2.00
N GLY A 44 -1.65 1.89 -0.88
CA GLY A 44 -1.96 2.50 0.40
C GLY A 44 -1.25 1.77 1.51
N GLN A 45 -1.48 2.19 2.76
CA GLN A 45 -0.85 1.52 3.90
C GLN A 45 -1.76 0.40 4.40
N CYS A 46 -2.31 -0.33 3.44
CA CYS A 46 -3.22 -1.43 3.71
C CYS A 46 -2.56 -2.49 4.58
N ALA A 47 -3.18 -2.79 5.71
CA ALA A 47 -2.66 -3.77 6.63
C ALA A 47 -3.63 -4.93 6.82
N TRP A 48 -3.25 -5.89 7.65
CA TRP A 48 -4.05 -7.07 7.93
C TRP A 48 -5.34 -6.67 8.64
N VAL A 49 -6.47 -6.92 8.00
CA VAL A 49 -7.76 -6.59 8.59
C VAL A 49 -8.47 -7.83 9.14
N ASP A 50 -8.17 -8.98 8.54
CA ASP A 50 -8.75 -10.24 8.97
C ASP A 50 -7.88 -11.41 8.53
N THR A 51 -8.29 -12.61 8.87
CA THR A 51 -7.53 -13.81 8.51
C THR A 51 -7.50 -14.00 7.01
N GLY A 52 -6.36 -13.67 6.40
CA GLY A 52 -6.22 -13.81 4.97
C GLY A 52 -6.82 -12.65 4.21
N VAL A 53 -7.19 -11.60 4.94
CA VAL A 53 -7.80 -10.42 4.33
C VAL A 53 -7.08 -9.16 4.78
N LEU A 54 -6.86 -8.24 3.85
CA LEU A 54 -6.20 -6.99 4.15
C LEU A 54 -7.09 -5.83 3.69
N ALA A 55 -6.89 -4.65 4.25
CA ALA A 55 -7.71 -3.50 3.88
C ALA A 55 -6.89 -2.22 3.87
N CYS A 56 -7.26 -1.31 2.98
CA CYS A 56 -6.56 -0.03 2.84
C CYS A 56 -7.30 1.07 3.59
N ASN A 57 -6.73 2.27 3.57
CA ASN A 57 -7.33 3.42 4.23
C ASN A 57 -7.64 4.52 3.23
N PRO A 58 -8.93 4.81 3.00
CA PRO A 58 -9.36 5.85 2.07
C PRO A 58 -9.23 7.25 2.65
N ALA A 59 -8.25 7.43 3.51
CA ALA A 59 -8.01 8.72 4.14
C ALA A 59 -6.58 9.19 3.91
N ASP A 60 -5.71 8.27 3.50
CA ASP A 60 -4.31 8.61 3.25
C ASP A 60 -3.74 7.79 2.09
N PHE A 61 -4.63 7.26 1.27
CA PHE A 61 -4.21 6.47 0.12
C PHE A 61 -3.96 7.37 -1.07
N SER A 62 -3.21 6.89 -2.04
CA SER A 62 -2.90 7.67 -3.23
C SER A 62 -2.63 6.77 -4.41
N SER A 63 -3.68 6.49 -5.17
CA SER A 63 -3.58 5.64 -6.35
C SER A 63 -2.75 6.33 -7.43
N VAL A 64 -1.68 5.68 -7.86
CA VAL A 64 -0.82 6.23 -8.89
C VAL A 64 -0.91 5.38 -10.15
N THR A 65 -1.10 6.04 -11.28
CA THR A 65 -1.19 5.35 -12.55
C THR A 65 0.19 5.15 -13.16
N ALA A 66 0.35 4.12 -13.97
CA ALA A 66 1.61 3.85 -14.62
C ALA A 66 1.81 4.80 -15.78
N ASP A 67 2.94 5.50 -15.77
CA ASP A 67 3.27 6.46 -16.82
C ASP A 67 3.66 5.77 -18.12
N ALA A 68 4.07 6.56 -19.10
CA ALA A 68 4.47 6.04 -20.40
C ALA A 68 5.78 5.25 -20.31
N ASN A 69 6.42 5.30 -19.16
CA ASN A 69 7.67 4.58 -18.96
C ASN A 69 7.38 3.25 -18.28
N GLY A 70 6.14 3.06 -17.89
CA GLY A 70 5.73 1.83 -17.23
C GLY A 70 6.12 1.84 -15.77
N SER A 71 6.08 3.02 -15.17
CA SER A 71 6.44 3.17 -13.76
C SER A 71 5.35 3.90 -13.00
N ALA A 72 5.34 3.71 -11.68
CA ALA A 72 4.37 4.35 -10.82
C ALA A 72 4.99 4.63 -9.44
N SER A 73 5.09 5.91 -9.10
CA SER A 73 5.64 6.30 -7.83
C SER A 73 4.62 7.08 -7.01
N THR A 74 4.50 6.74 -5.74
CA THR A 74 3.54 7.40 -4.87
C THR A 74 4.04 7.43 -3.43
N SER A 75 3.39 8.26 -2.62
CA SER A 75 3.76 8.40 -1.21
C SER A 75 2.58 8.07 -0.31
N LEU A 76 2.81 7.24 0.71
CA LEU A 76 1.75 6.84 1.62
C LEU A 76 2.09 7.19 3.06
N THR A 77 1.22 7.95 3.69
CA THR A 77 1.42 8.32 5.08
C THR A 77 0.82 7.26 5.99
N VAL A 78 1.68 6.44 6.56
CA VAL A 78 1.23 5.36 7.43
C VAL A 78 0.85 5.88 8.82
N ARG A 79 -0.37 5.60 9.22
CA ARG A 79 -0.87 6.03 10.53
C ARG A 79 -0.81 4.86 11.49
N ARG A 80 -1.12 5.11 12.76
CA ARG A 80 -1.09 4.06 13.77
C ARG A 80 -2.35 3.21 13.69
N SER A 81 -3.46 3.83 13.34
CA SER A 81 -4.74 3.14 13.22
C SER A 81 -5.57 3.76 12.09
N PHE A 82 -6.40 2.95 11.45
CA PHE A 82 -7.22 3.44 10.36
C PHE A 82 -8.40 2.51 10.09
N GLU A 83 -9.36 2.99 9.33
CA GLU A 83 -10.52 2.20 8.96
C GLU A 83 -10.18 1.36 7.74
N GLY A 84 -10.27 0.05 7.88
CA GLY A 84 -9.96 -0.84 6.79
C GLY A 84 -11.04 -0.88 5.73
N PHE A 85 -10.64 -0.63 4.49
CA PHE A 85 -11.57 -0.62 3.37
C PHE A 85 -11.04 -1.50 2.25
N LEU A 86 -11.92 -2.19 1.56
CA LEU A 86 -11.51 -3.06 0.47
C LEU A 86 -11.18 -2.23 -0.76
N PHE A 87 -10.73 -2.88 -1.82
CA PHE A 87 -10.34 -2.20 -3.05
C PHE A 87 -11.57 -1.57 -3.71
N ASP A 88 -12.70 -2.26 -3.62
CA ASP A 88 -13.94 -1.77 -4.21
C ASP A 88 -14.53 -0.60 -3.41
N GLY A 89 -14.06 -0.43 -2.18
CA GLY A 89 -14.54 0.65 -1.35
C GLY A 89 -15.40 0.19 -0.20
N THR A 90 -15.65 -1.11 -0.13
CA THR A 90 -16.47 -1.66 0.94
C THR A 90 -15.66 -1.72 2.24
N ARG A 91 -16.25 -1.23 3.32
CA ARG A 91 -15.57 -1.24 4.62
C ARG A 91 -15.59 -2.63 5.23
N TRP A 92 -14.54 -2.98 5.96
CA TRP A 92 -14.45 -4.28 6.59
C TRP A 92 -14.38 -4.13 8.10
N GLY A 93 -13.27 -3.55 8.57
CA GLY A 93 -13.08 -3.34 9.99
C GLY A 93 -11.95 -2.39 10.26
N THR A 94 -11.92 -1.83 11.46
CA THR A 94 -10.88 -0.90 11.85
C THR A 94 -9.57 -1.63 12.10
N VAL A 95 -8.51 -1.20 11.42
CA VAL A 95 -7.20 -1.82 11.59
C VAL A 95 -6.35 -0.96 12.50
N ASP A 96 -5.76 -1.58 13.51
CA ASP A 96 -4.92 -0.87 14.46
C ASP A 96 -3.54 -1.49 14.52
N CYS A 97 -2.52 -0.68 14.27
CA CYS A 97 -1.14 -1.14 14.29
C CYS A 97 -0.39 -0.58 15.49
N THR A 98 -1.07 -0.46 16.62
CA THR A 98 -0.42 0.03 17.83
C THR A 98 0.34 -1.10 18.49
N THR A 99 -0.28 -2.27 18.53
CA THR A 99 0.33 -3.45 19.13
C THR A 99 0.78 -4.41 18.03
N ALA A 100 0.71 -3.96 16.79
CA ALA A 100 1.10 -4.77 15.65
C ALA A 100 1.80 -3.91 14.61
N ALA A 101 2.12 -4.51 13.48
CA ALA A 101 2.80 -3.79 12.41
C ALA A 101 1.96 -3.79 11.14
N CYS A 102 1.94 -2.65 10.46
CA CYS A 102 1.17 -2.51 9.23
C CYS A 102 2.02 -2.97 8.04
N GLN A 103 1.50 -2.83 6.84
CA GLN A 103 2.24 -3.21 5.64
C GLN A 103 1.83 -2.32 4.47
N VAL A 104 2.55 -2.45 3.37
CA VAL A 104 2.25 -1.66 2.18
C VAL A 104 1.29 -2.40 1.26
N GLY A 105 0.18 -1.75 0.92
CA GLY A 105 -0.80 -2.37 0.06
C GLY A 105 -0.68 -1.93 -1.38
N LEU A 106 -0.35 -2.86 -2.25
CA LEU A 106 -0.21 -2.58 -3.67
C LEU A 106 -1.09 -3.50 -4.49
N SER A 107 -2.02 -2.94 -5.24
CA SER A 107 -2.90 -3.72 -6.09
C SER A 107 -3.38 -2.88 -7.27
N ASP A 108 -3.40 -3.50 -8.45
CA ASP A 108 -3.84 -2.82 -9.66
C ASP A 108 -5.32 -3.09 -9.92
N ALA A 109 -5.77 -2.74 -11.13
CA ALA A 109 -7.16 -2.95 -11.53
C ALA A 109 -7.55 -4.42 -11.38
N ALA A 110 -6.61 -5.32 -11.65
CA ALA A 110 -6.87 -6.75 -11.54
C ALA A 110 -6.75 -7.19 -10.09
N GLY A 111 -5.77 -6.64 -9.39
CA GLY A 111 -5.56 -6.98 -8.00
C GLY A 111 -4.23 -7.66 -7.77
N ASN A 112 -3.32 -7.46 -8.71
CA ASN A 112 -2.00 -8.08 -8.64
C ASN A 112 -0.91 -6.99 -8.55
N GLY A 113 0.32 -7.37 -8.81
CA GLY A 113 1.41 -6.42 -8.75
C GLY A 113 2.44 -6.83 -7.72
N PRO A 114 3.36 -5.93 -7.34
CA PRO A 114 4.41 -6.21 -6.35
C PRO A 114 3.82 -6.69 -5.02
N GLU A 115 4.50 -7.64 -4.39
CA GLU A 115 4.05 -8.19 -3.12
C GLU A 115 4.17 -7.17 -2.01
N GLY A 116 3.20 -7.18 -1.10
CA GLY A 116 3.20 -6.26 0.01
C GLY A 116 4.31 -6.52 0.99
N VAL A 117 4.90 -5.46 1.52
CA VAL A 117 5.98 -5.57 2.50
C VAL A 117 5.53 -5.04 3.84
N ALA A 118 5.85 -5.76 4.90
CA ALA A 118 5.48 -5.35 6.25
C ALA A 118 6.38 -4.25 6.76
N ILE A 119 5.78 -3.27 7.44
CA ILE A 119 6.52 -2.14 7.99
C ILE A 119 6.25 -2.02 9.49
N SER A 120 7.26 -2.32 10.29
CA SER A 120 7.13 -2.28 11.73
C SER A 120 7.59 -0.92 12.26
N PHE A 121 6.90 -0.45 13.28
CA PHE A 121 7.22 0.82 13.92
C PHE A 121 8.19 0.58 15.07
N ASN A 122 8.81 1.64 15.57
CA ASN A 122 9.75 1.51 16.68
C ASN A 122 9.00 1.37 18.00
N ALA A 10 9.82 -11.37 -18.13
CA ALA A 10 10.21 -9.97 -17.83
C ALA A 10 9.91 -9.64 -16.37
N ALA A 11 10.96 -9.57 -15.57
CA ALA A 11 10.80 -9.27 -14.15
C ALA A 11 10.92 -7.77 -13.90
N PRO A 12 9.85 -7.15 -13.36
CA PRO A 12 9.84 -5.72 -13.05
C PRO A 12 10.73 -5.36 -11.86
N THR A 13 10.90 -4.08 -11.63
CA THR A 13 11.71 -3.60 -10.53
C THR A 13 10.84 -2.89 -9.49
N ALA A 14 10.41 -3.63 -8.49
CA ALA A 14 9.59 -3.07 -7.43
C ALA A 14 10.46 -2.49 -6.32
N THR A 15 10.85 -1.24 -6.47
CA THR A 15 11.68 -0.58 -5.48
C THR A 15 10.84 0.20 -4.48
N VAL A 16 10.67 -0.36 -3.29
CA VAL A 16 9.88 0.29 -2.26
C VAL A 16 10.74 0.54 -1.02
N THR A 17 10.45 1.63 -0.33
CA THR A 17 11.18 1.98 0.88
C THR A 17 10.31 1.78 2.11
N PRO A 18 10.49 0.66 2.83
CA PRO A 18 9.71 0.36 4.02
C PRO A 18 10.13 1.20 5.22
N SER A 19 9.15 1.72 5.95
CA SER A 19 9.42 2.55 7.12
C SER A 19 9.72 1.69 8.36
N SER A 20 10.62 0.72 8.18
CA SER A 20 11.01 -0.19 9.23
C SER A 20 11.78 0.53 10.34
N GLY A 21 11.17 0.66 11.51
CA GLY A 21 11.82 1.30 12.63
C GLY A 21 11.44 2.76 12.77
N LEU A 22 10.58 3.23 11.89
CA LEU A 22 10.14 4.62 11.92
C LEU A 22 8.78 4.72 12.59
N SER A 23 8.41 5.93 12.98
CA SER A 23 7.13 6.15 13.65
C SER A 23 6.03 6.48 12.63
N ASP A 24 4.84 6.78 13.13
CA ASP A 24 3.71 7.13 12.27
C ASP A 24 3.89 8.52 11.67
N GLY A 25 3.18 8.79 10.60
CA GLY A 25 3.28 10.08 9.95
C GLY A 25 4.42 10.11 8.95
N THR A 26 5.13 9.00 8.88
CA THR A 26 6.27 8.87 7.97
C THR A 26 5.79 8.65 6.54
N VAL A 27 6.49 9.25 5.59
CA VAL A 27 6.17 9.13 4.19
C VAL A 27 6.83 7.90 3.58
N VAL A 28 6.02 6.95 3.18
CA VAL A 28 6.52 5.72 2.57
C VAL A 28 6.75 5.94 1.07
N LYS A 29 7.88 5.49 0.58
CA LYS A 29 8.21 5.65 -0.84
C LYS A 29 7.94 4.36 -1.61
N VAL A 30 7.05 4.45 -2.59
CA VAL A 30 6.70 3.30 -3.41
C VAL A 30 6.96 3.62 -4.88
N ALA A 31 7.98 2.99 -5.46
CA ALA A 31 8.33 3.22 -6.85
C ALA A 31 8.40 1.91 -7.63
N GLY A 32 7.35 1.65 -8.40
CA GLY A 32 7.32 0.42 -9.19
C GLY A 32 7.73 0.67 -10.63
N ALA A 33 8.85 0.10 -11.03
CA ALA A 33 9.34 0.25 -12.39
C ALA A 33 9.12 -1.03 -13.19
N GLY A 34 8.73 -0.87 -14.44
CA GLY A 34 8.50 -2.02 -15.28
C GLY A 34 7.09 -2.57 -15.13
N LEU A 35 6.15 -1.68 -14.92
CA LEU A 35 4.75 -2.06 -14.75
C LEU A 35 4.01 -1.97 -16.08
N GLN A 36 2.69 -1.92 -16.04
CA GLN A 36 1.91 -1.84 -17.27
C GLN A 36 1.40 -0.41 -17.48
N ALA A 37 2.00 0.28 -18.43
CA ALA A 37 1.63 1.66 -18.76
C ALA A 37 0.18 1.74 -19.21
N GLY A 38 -0.56 2.67 -18.61
CA GLY A 38 -1.96 2.84 -18.96
C GLY A 38 -2.88 2.43 -17.83
N THR A 39 -2.39 1.55 -16.98
CA THR A 39 -3.18 1.07 -15.86
C THR A 39 -2.88 1.87 -14.59
N ALA A 40 -3.90 2.03 -13.75
CA ALA A 40 -3.75 2.75 -12.51
C ALA A 40 -3.55 1.76 -11.36
N TYR A 41 -2.78 2.17 -10.36
CA TYR A 41 -2.50 1.30 -9.23
C TYR A 41 -2.95 1.93 -7.93
N ASP A 42 -3.45 1.10 -7.03
CA ASP A 42 -3.92 1.56 -5.73
C ASP A 42 -2.92 1.19 -4.66
N VAL A 43 -2.43 2.18 -3.92
CA VAL A 43 -1.43 1.93 -2.89
C VAL A 43 -1.84 2.56 -1.56
N GLY A 44 -1.93 1.73 -0.52
CA GLY A 44 -2.27 2.20 0.79
C GLY A 44 -1.71 1.29 1.87
N GLN A 45 -1.81 1.68 3.12
CA GLN A 45 -1.31 0.84 4.19
C GLN A 45 -2.42 -0.14 4.60
N CYS A 46 -2.13 -1.42 4.49
CA CYS A 46 -3.10 -2.44 4.82
C CYS A 46 -2.56 -3.35 5.91
N ALA A 47 -3.43 -3.81 6.78
CA ALA A 47 -3.01 -4.69 7.85
C ALA A 47 -3.86 -5.95 7.89
N TRP A 48 -3.38 -6.96 8.60
CA TRP A 48 -4.09 -8.22 8.73
C TRP A 48 -5.34 -8.05 9.58
N VAL A 49 -6.49 -7.97 8.92
CA VAL A 49 -7.75 -7.79 9.64
C VAL A 49 -8.50 -9.11 9.80
N ASP A 50 -8.16 -10.09 8.97
CA ASP A 50 -8.79 -11.40 9.02
C ASP A 50 -7.89 -12.44 8.36
N THR A 51 -8.31 -13.69 8.39
CA THR A 51 -7.55 -14.78 7.79
C THR A 51 -7.57 -14.69 6.27
N GLY A 52 -6.50 -14.16 5.69
CA GLY A 52 -6.42 -14.03 4.25
C GLY A 52 -7.01 -12.73 3.74
N VAL A 53 -7.67 -12.00 4.62
CA VAL A 53 -8.29 -10.73 4.26
C VAL A 53 -7.58 -9.58 4.95
N LEU A 54 -7.16 -8.61 4.17
CA LEU A 54 -6.49 -7.44 4.70
C LEU A 54 -7.27 -6.19 4.32
N ALA A 55 -6.99 -5.07 4.95
CA ALA A 55 -7.70 -3.83 4.65
C ALA A 55 -6.78 -2.62 4.74
N CYS A 56 -6.93 -1.68 3.81
CA CYS A 56 -6.11 -0.48 3.79
C CYS A 56 -6.92 0.76 4.14
N ASN A 57 -6.25 1.91 4.21
CA ASN A 57 -6.91 3.18 4.55
C ASN A 57 -7.14 4.04 3.29
N PRO A 58 -8.40 4.17 2.86
CA PRO A 58 -8.74 4.98 1.69
C PRO A 58 -8.72 6.48 2.00
N ALA A 59 -8.52 6.81 3.27
CA ALA A 59 -8.47 8.20 3.71
C ALA A 59 -7.11 8.83 3.42
N ASP A 60 -6.08 8.01 3.29
CA ASP A 60 -4.74 8.53 3.04
C ASP A 60 -4.07 7.81 1.88
N PHE A 61 -4.81 6.98 1.15
CA PHE A 61 -4.25 6.25 0.03
C PHE A 61 -3.97 7.21 -1.13
N SER A 62 -3.03 6.84 -1.98
CA SER A 62 -2.67 7.67 -3.12
C SER A 62 -2.95 6.94 -4.43
N SER A 63 -3.66 7.60 -5.32
CA SER A 63 -3.98 7.01 -6.62
C SER A 63 -2.85 7.30 -7.60
N VAL A 64 -2.06 6.28 -7.91
CA VAL A 64 -0.95 6.43 -8.82
C VAL A 64 -1.23 5.71 -10.14
N THR A 65 -0.62 6.18 -11.22
CA THR A 65 -0.79 5.57 -12.52
C THR A 65 0.56 5.36 -13.19
N ALA A 66 0.64 4.36 -14.05
CA ALA A 66 1.89 4.06 -14.74
C ALA A 66 2.11 5.05 -15.88
N ASP A 67 3.26 5.70 -15.86
CA ASP A 67 3.61 6.69 -16.87
C ASP A 67 4.02 6.01 -18.18
N ALA A 68 4.45 6.81 -19.15
CA ALA A 68 4.87 6.31 -20.45
C ALA A 68 6.07 5.37 -20.34
N ASN A 69 6.81 5.50 -19.25
CA ASN A 69 7.99 4.67 -19.03
C ASN A 69 7.61 3.40 -18.28
N GLY A 70 6.33 3.24 -17.98
CA GLY A 70 5.86 2.06 -17.28
C GLY A 70 6.27 2.07 -15.81
N SER A 71 6.32 3.25 -15.22
CA SER A 71 6.69 3.38 -13.83
C SER A 71 5.59 4.07 -13.04
N ALA A 72 5.45 3.67 -11.78
CA ALA A 72 4.45 4.24 -10.91
C ALA A 72 5.04 4.49 -9.53
N SER A 73 5.31 5.75 -9.23
CA SER A 73 5.88 6.11 -7.95
C SER A 73 4.94 7.06 -7.21
N THR A 74 4.76 6.83 -5.91
CA THR A 74 3.89 7.64 -5.10
C THR A 74 4.34 7.64 -3.64
N SER A 75 3.74 8.51 -2.84
CA SER A 75 4.06 8.60 -1.43
C SER A 75 2.85 8.25 -0.59
N LEU A 76 3.08 7.57 0.53
CA LEU A 76 2.02 7.16 1.43
C LEU A 76 2.28 7.63 2.86
N THR A 77 1.24 8.14 3.51
CA THR A 77 1.37 8.59 4.90
C THR A 77 0.80 7.52 5.83
N VAL A 78 1.69 6.84 6.55
CA VAL A 78 1.29 5.77 7.45
C VAL A 78 0.76 6.32 8.77
N ARG A 79 -0.42 5.86 9.16
CA ARG A 79 -1.05 6.27 10.41
C ARG A 79 -0.93 5.16 11.44
N ARG A 80 -1.13 5.50 12.72
CA ARG A 80 -1.04 4.52 13.79
C ARG A 80 -2.38 3.77 13.93
N SER A 81 -3.43 4.39 13.42
CA SER A 81 -4.76 3.79 13.46
C SER A 81 -5.57 4.30 12.27
N PHE A 82 -6.32 3.41 11.62
CA PHE A 82 -7.09 3.81 10.46
C PHE A 82 -8.28 2.88 10.24
N GLU A 83 -9.12 3.25 9.30
CA GLU A 83 -10.27 2.46 8.94
C GLU A 83 -9.90 1.57 7.75
N GLY A 84 -10.03 0.27 7.93
CA GLY A 84 -9.69 -0.67 6.88
C GLY A 84 -10.80 -0.84 5.87
N PHE A 85 -10.45 -0.78 4.60
CA PHE A 85 -11.39 -0.94 3.52
C PHE A 85 -10.90 -1.99 2.55
N LEU A 86 -11.82 -2.62 1.85
CA LEU A 86 -11.47 -3.64 0.88
C LEU A 86 -11.12 -2.99 -0.45
N PHE A 87 -10.50 -3.76 -1.33
CA PHE A 87 -10.08 -3.26 -2.63
C PHE A 87 -11.26 -2.82 -3.51
N ASP A 88 -12.45 -3.31 -3.18
CA ASP A 88 -13.64 -2.96 -3.95
C ASP A 88 -14.23 -1.64 -3.44
N GLY A 89 -13.89 -1.26 -2.22
CA GLY A 89 -14.41 -0.02 -1.66
C GLY A 89 -15.22 -0.23 -0.40
N THR A 90 -15.61 -1.47 -0.12
CA THR A 90 -16.41 -1.77 1.06
C THR A 90 -15.56 -1.70 2.32
N ARG A 91 -16.09 -1.03 3.34
CA ARG A 91 -15.38 -0.90 4.62
C ARG A 91 -15.45 -2.20 5.40
N TRP A 92 -14.44 -2.44 6.22
CA TRP A 92 -14.39 -3.63 7.05
C TRP A 92 -14.49 -3.25 8.52
N GLY A 93 -13.77 -2.20 8.89
CA GLY A 93 -13.78 -1.75 10.27
C GLY A 93 -12.48 -1.06 10.63
N THR A 94 -12.35 -0.68 11.88
CA THR A 94 -11.15 -0.01 12.34
C THR A 94 -9.97 -0.97 12.48
N VAL A 95 -8.85 -0.61 11.89
CA VAL A 95 -7.66 -1.42 11.94
C VAL A 95 -6.58 -0.67 12.72
N ASP A 96 -6.08 -1.29 13.78
CA ASP A 96 -5.07 -0.67 14.62
C ASP A 96 -3.66 -1.06 14.18
N CYS A 97 -2.77 -0.08 14.22
CA CYS A 97 -1.39 -0.29 13.86
C CYS A 97 -0.49 0.09 15.05
N THR A 98 -1.09 0.06 16.24
CA THR A 98 -0.36 0.39 17.45
C THR A 98 0.07 -0.89 18.15
N THR A 99 -0.83 -1.86 18.22
CA THR A 99 -0.54 -3.14 18.86
C THR A 99 -0.11 -4.17 17.82
N ALA A 100 -0.26 -3.80 16.55
CA ALA A 100 0.11 -4.67 15.45
C ALA A 100 0.82 -3.88 14.36
N ALA A 101 1.40 -4.58 13.40
CA ALA A 101 2.11 -3.93 12.31
C ALA A 101 1.24 -3.91 11.05
N CYS A 102 1.60 -3.06 10.11
CA CYS A 102 0.86 -2.94 8.86
C CYS A 102 1.78 -3.17 7.68
N GLN A 103 1.22 -3.55 6.55
CA GLN A 103 2.00 -3.81 5.35
C GLN A 103 1.59 -2.88 4.22
N VAL A 104 2.51 -2.64 3.30
CA VAL A 104 2.25 -1.77 2.16
C VAL A 104 1.45 -2.53 1.11
N GLY A 105 0.21 -2.10 0.90
CA GLY A 105 -0.65 -2.75 -0.06
C GLY A 105 -0.69 -2.02 -1.38
N LEU A 106 -0.26 -2.70 -2.43
CA LEU A 106 -0.25 -2.13 -3.76
C LEU A 106 -0.78 -3.16 -4.76
N SER A 107 -1.73 -2.73 -5.56
CA SER A 107 -2.33 -3.59 -6.58
C SER A 107 -2.85 -2.75 -7.74
N ASP A 108 -3.00 -3.38 -8.91
CA ASP A 108 -3.50 -2.69 -10.10
C ASP A 108 -5.03 -2.53 -10.03
N ALA A 109 -5.63 -2.14 -11.15
CA ALA A 109 -7.07 -1.97 -11.23
C ALA A 109 -7.81 -3.27 -10.92
N ALA A 110 -7.21 -4.39 -11.31
CA ALA A 110 -7.81 -5.69 -11.05
C ALA A 110 -7.54 -6.12 -9.62
N GLY A 111 -6.28 -6.07 -9.23
CA GLY A 111 -5.92 -6.44 -7.88
C GLY A 111 -4.69 -7.34 -7.82
N ASN A 112 -3.77 -7.15 -8.75
CA ASN A 112 -2.56 -7.96 -8.79
C ASN A 112 -1.34 -7.07 -9.00
N GLY A 113 -0.15 -7.65 -8.95
CA GLY A 113 1.07 -6.90 -9.14
C GLY A 113 2.16 -7.37 -8.18
N PRO A 114 3.07 -6.46 -7.78
CA PRO A 114 4.16 -6.79 -6.84
C PRO A 114 3.63 -7.27 -5.48
N GLU A 115 4.47 -7.97 -4.74
CA GLU A 115 4.08 -8.48 -3.44
C GLU A 115 4.11 -7.38 -2.37
N GLY A 116 3.23 -7.51 -1.38
CA GLY A 116 3.18 -6.54 -0.31
C GLY A 116 4.31 -6.70 0.68
N VAL A 117 4.81 -5.57 1.18
CA VAL A 117 5.91 -5.58 2.14
C VAL A 117 5.43 -5.06 3.50
N ALA A 118 5.68 -5.83 4.54
CA ALA A 118 5.25 -5.45 5.88
C ALA A 118 6.26 -4.52 6.54
N ILE A 119 5.74 -3.48 7.21
CA ILE A 119 6.57 -2.51 7.89
C ILE A 119 6.21 -2.50 9.38
N SER A 120 7.11 -1.99 10.20
CA SER A 120 6.87 -1.92 11.64
C SER A 120 7.50 -0.67 12.23
N PHE A 121 6.86 -0.13 13.26
CA PHE A 121 7.33 1.06 13.94
C PHE A 121 8.30 0.70 15.05
N ASN A 122 8.98 1.71 15.58
CA ASN A 122 9.93 1.50 16.67
C ASN A 122 9.18 1.46 18.01
N ALA A 10 9.16 -10.29 -18.42
CA ALA A 10 10.35 -9.51 -17.99
C ALA A 10 10.31 -9.29 -16.49
N ALA A 11 11.49 -9.30 -15.88
CA ALA A 11 11.60 -9.08 -14.44
C ALA A 11 11.41 -7.61 -14.08
N PRO A 12 10.33 -7.29 -13.35
CA PRO A 12 10.03 -5.92 -12.97
C PRO A 12 10.95 -5.41 -11.85
N THR A 13 10.90 -4.11 -11.61
CA THR A 13 11.70 -3.49 -10.58
C THR A 13 10.80 -2.81 -9.55
N ALA A 14 10.59 -3.49 -8.44
CA ALA A 14 9.74 -2.95 -7.38
C ALA A 14 10.55 -2.25 -6.30
N THR A 15 10.94 -1.02 -6.58
CA THR A 15 11.73 -0.22 -5.64
C THR A 15 10.83 0.41 -4.57
N VAL A 16 10.87 -0.14 -3.37
CA VAL A 16 10.05 0.38 -2.29
C VAL A 16 10.88 0.71 -1.07
N THR A 17 10.45 1.72 -0.32
CA THR A 17 11.15 2.15 0.88
C THR A 17 10.27 1.93 2.10
N PRO A 18 10.51 0.83 2.84
CA PRO A 18 9.73 0.51 4.04
C PRO A 18 10.16 1.30 5.27
N SER A 19 9.16 1.78 6.02
CA SER A 19 9.40 2.55 7.23
C SER A 19 9.66 1.61 8.41
N SER A 20 10.70 0.81 8.30
CA SER A 20 11.06 -0.14 9.34
C SER A 20 11.80 0.54 10.48
N GLY A 21 11.14 0.63 11.63
CA GLY A 21 11.74 1.25 12.80
C GLY A 21 11.35 2.70 12.94
N LEU A 22 10.47 3.15 12.07
CA LEU A 22 10.02 4.53 12.09
C LEU A 22 8.64 4.63 12.73
N SER A 23 8.30 5.81 13.22
CA SER A 23 7.02 6.02 13.88
C SER A 23 5.91 6.25 12.85
N ASP A 24 4.70 6.49 13.34
CA ASP A 24 3.56 6.74 12.45
C ASP A 24 3.68 8.12 11.84
N GLY A 25 3.02 8.32 10.71
CA GLY A 25 3.08 9.60 10.04
C GLY A 25 4.20 9.66 9.03
N THR A 26 5.00 8.60 8.98
CA THR A 26 6.12 8.52 8.07
C THR A 26 5.66 8.36 6.62
N VAL A 27 6.41 8.94 5.71
CA VAL A 27 6.09 8.89 4.30
C VAL A 27 6.68 7.63 3.66
N VAL A 28 5.82 6.73 3.23
CA VAL A 28 6.25 5.50 2.59
C VAL A 28 6.40 5.72 1.09
N LYS A 29 7.55 5.34 0.55
CA LYS A 29 7.84 5.53 -0.87
C LYS A 29 7.66 4.23 -1.64
N VAL A 30 6.82 4.27 -2.67
CA VAL A 30 6.57 3.10 -3.50
C VAL A 30 6.81 3.44 -4.97
N ALA A 31 7.85 2.87 -5.56
CA ALA A 31 8.19 3.12 -6.95
C ALA A 31 8.22 1.83 -7.75
N GLY A 32 7.21 1.64 -8.59
CA GLY A 32 7.15 0.45 -9.39
C GLY A 32 7.61 0.70 -10.81
N ALA A 33 8.70 0.06 -11.21
CA ALA A 33 9.22 0.22 -12.55
C ALA A 33 9.03 -1.07 -13.34
N GLY A 34 8.61 -0.94 -14.58
CA GLY A 34 8.37 -2.10 -15.41
C GLY A 34 6.94 -2.56 -15.34
N LEU A 35 6.05 -1.63 -15.04
CA LEU A 35 4.63 -1.91 -14.91
C LEU A 35 3.96 -1.76 -16.27
N GLN A 36 2.63 -1.76 -16.28
CA GLN A 36 1.88 -1.61 -17.51
C GLN A 36 1.42 -0.18 -17.68
N ALA A 37 2.06 0.54 -18.60
CA ALA A 37 1.74 1.93 -18.87
C ALA A 37 0.26 2.14 -19.14
N GLY A 38 -0.31 3.16 -18.51
CA GLY A 38 -1.72 3.45 -18.72
C GLY A 38 -2.64 2.79 -17.72
N THR A 39 -2.06 2.05 -16.77
CA THR A 39 -2.85 1.37 -15.76
C THR A 39 -2.66 2.03 -14.39
N ALA A 40 -3.74 2.12 -13.63
CA ALA A 40 -3.70 2.72 -12.31
C ALA A 40 -3.40 1.67 -11.24
N TYR A 41 -2.55 2.02 -10.30
CA TYR A 41 -2.18 1.11 -9.23
C TYR A 41 -2.60 1.70 -7.88
N ASP A 42 -3.48 0.98 -7.19
CA ASP A 42 -3.98 1.41 -5.90
C ASP A 42 -2.98 1.05 -4.80
N VAL A 43 -2.45 2.07 -4.13
CA VAL A 43 -1.46 1.85 -3.08
C VAL A 43 -1.93 2.40 -1.73
N GLY A 44 -1.89 1.54 -0.71
CA GLY A 44 -2.27 1.95 0.63
C GLY A 44 -1.65 1.04 1.67
N GLN A 45 -1.74 1.39 2.94
CA GLN A 45 -1.18 0.54 3.98
C GLN A 45 -2.16 -0.57 4.33
N CYS A 46 -2.39 -1.42 3.35
CA CYS A 46 -3.30 -2.55 3.50
C CYS A 46 -2.76 -3.58 4.49
N ALA A 47 -3.22 -3.47 5.73
CA ALA A 47 -2.79 -4.37 6.79
C ALA A 47 -3.80 -5.50 6.99
N TRP A 48 -3.45 -6.41 7.89
CA TRP A 48 -4.29 -7.55 8.21
C TRP A 48 -5.46 -7.13 9.10
N VAL A 49 -6.57 -6.76 8.47
CA VAL A 49 -7.75 -6.32 9.21
C VAL A 49 -8.47 -7.51 9.85
N ASP A 50 -8.37 -8.68 9.22
CA ASP A 50 -9.00 -9.88 9.73
C ASP A 50 -8.26 -11.12 9.26
N THR A 51 -8.72 -12.28 9.67
CA THR A 51 -8.10 -13.55 9.30
C THR A 51 -8.19 -13.79 7.80
N GLY A 52 -7.09 -13.57 7.10
CA GLY A 52 -7.07 -13.78 5.66
C GLY A 52 -7.70 -12.62 4.92
N VAL A 53 -7.99 -11.55 5.64
CA VAL A 53 -8.61 -10.38 5.07
C VAL A 53 -7.73 -9.16 5.29
N LEU A 54 -7.38 -8.49 4.21
CA LEU A 54 -6.56 -7.29 4.29
C LEU A 54 -7.34 -6.11 3.75
N ALA A 55 -7.02 -4.92 4.24
CA ALA A 55 -7.72 -3.72 3.80
C ALA A 55 -6.81 -2.50 3.82
N CYS A 56 -6.94 -1.65 2.82
CA CYS A 56 -6.11 -0.45 2.71
C CYS A 56 -6.78 0.75 3.37
N ASN A 57 -6.11 1.90 3.37
CA ASN A 57 -6.64 3.11 3.99
C ASN A 57 -6.91 4.22 2.95
N PRO A 58 -8.17 4.37 2.53
CA PRO A 58 -8.54 5.40 1.56
C PRO A 58 -8.33 6.82 2.08
N ALA A 59 -8.08 6.94 3.38
CA ALA A 59 -7.85 8.23 4.01
C ALA A 59 -6.49 8.81 3.62
N ASP A 60 -5.53 7.95 3.32
CA ASP A 60 -4.18 8.40 2.95
C ASP A 60 -3.64 7.56 1.80
N PHE A 61 -4.53 7.04 0.98
CA PHE A 61 -4.12 6.23 -0.15
C PHE A 61 -3.87 7.13 -1.36
N SER A 62 -3.20 6.60 -2.36
CA SER A 62 -2.92 7.34 -3.56
C SER A 62 -2.81 6.41 -4.76
N SER A 63 -3.77 6.49 -5.66
CA SER A 63 -3.77 5.66 -6.84
C SER A 63 -2.86 6.28 -7.90
N VAL A 64 -1.67 5.72 -8.05
CA VAL A 64 -0.73 6.24 -9.01
C VAL A 64 -0.85 5.49 -10.34
N THR A 65 -0.96 6.24 -11.43
CA THR A 65 -1.07 5.64 -12.74
C THR A 65 0.30 5.49 -13.37
N ALA A 66 0.55 4.34 -13.99
CA ALA A 66 1.82 4.09 -14.64
C ALA A 66 2.00 5.00 -15.84
N ASP A 67 3.11 5.71 -15.87
CA ASP A 67 3.42 6.63 -16.94
C ASP A 67 3.70 5.88 -18.23
N ALA A 68 3.91 6.62 -19.32
CA ALA A 68 4.18 6.03 -20.63
C ALA A 68 5.49 5.25 -20.65
N ASN A 69 6.32 5.46 -19.63
CA ASN A 69 7.60 4.75 -19.53
C ASN A 69 7.40 3.40 -18.85
N GLY A 70 6.28 3.28 -18.15
CA GLY A 70 5.97 2.04 -17.46
C GLY A 70 6.43 2.09 -16.02
N SER A 71 6.37 3.27 -15.42
CA SER A 71 6.78 3.45 -14.04
C SER A 71 5.70 4.16 -13.23
N ALA A 72 5.71 3.97 -11.93
CA ALA A 72 4.73 4.61 -11.05
C ALA A 72 5.30 4.76 -9.64
N SER A 73 5.57 6.00 -9.25
CA SER A 73 6.11 6.28 -7.93
C SER A 73 5.15 7.18 -7.16
N THR A 74 4.88 6.81 -5.91
CA THR A 74 3.98 7.59 -5.07
C THR A 74 4.44 7.52 -3.62
N SER A 75 3.83 8.34 -2.77
CA SER A 75 4.17 8.39 -1.36
C SER A 75 2.91 8.30 -0.50
N LEU A 76 2.93 7.41 0.48
CA LEU A 76 1.78 7.21 1.36
C LEU A 76 2.12 7.63 2.79
N THR A 77 1.10 7.83 3.60
CA THR A 77 1.31 8.20 4.99
C THR A 77 0.80 7.08 5.89
N VAL A 78 1.72 6.41 6.56
CA VAL A 78 1.34 5.33 7.46
C VAL A 78 0.73 5.89 8.74
N ARG A 79 -0.49 5.49 9.03
CA ARG A 79 -1.19 5.95 10.22
C ARG A 79 -1.12 4.88 11.30
N ARG A 80 -1.35 5.28 12.54
CA ARG A 80 -1.31 4.35 13.66
C ARG A 80 -2.59 3.51 13.67
N SER A 81 -3.68 4.15 13.31
CA SER A 81 -4.98 3.50 13.25
C SER A 81 -5.73 4.02 12.03
N PHE A 82 -6.31 3.13 11.25
CA PHE A 82 -7.04 3.53 10.05
C PHE A 82 -8.22 2.62 9.77
N GLU A 83 -9.15 3.12 8.97
CA GLU A 83 -10.32 2.37 8.58
C GLU A 83 -9.95 1.47 7.41
N GLY A 84 -10.07 0.17 7.59
CA GLY A 84 -9.74 -0.76 6.54
C GLY A 84 -10.85 -0.87 5.51
N PHE A 85 -10.50 -0.73 4.24
CA PHE A 85 -11.49 -0.81 3.18
C PHE A 85 -11.10 -1.84 2.14
N LEU A 86 -12.08 -2.55 1.62
CA LEU A 86 -11.84 -3.55 0.59
C LEU A 86 -11.77 -2.84 -0.76
N PHE A 87 -11.45 -3.57 -1.81
CA PHE A 87 -11.33 -2.99 -3.14
C PHE A 87 -12.70 -2.66 -3.73
N ASP A 88 -13.76 -3.14 -3.08
CA ASP A 88 -15.12 -2.89 -3.55
C ASP A 88 -15.62 -1.55 -3.03
N GLY A 89 -15.01 -1.07 -1.95
CA GLY A 89 -15.40 0.20 -1.37
C GLY A 89 -16.05 0.06 -0.01
N THR A 90 -16.23 -1.18 0.44
CA THR A 90 -16.84 -1.42 1.75
C THR A 90 -15.78 -1.57 2.82
N ARG A 91 -16.04 -0.98 3.99
CA ARG A 91 -15.12 -1.07 5.11
C ARG A 91 -15.32 -2.36 5.88
N TRP A 92 -14.22 -2.98 6.29
CA TRP A 92 -14.28 -4.22 7.04
C TRP A 92 -14.25 -3.92 8.54
N GLY A 93 -13.43 -2.94 8.92
CA GLY A 93 -13.32 -2.57 10.31
C GLY A 93 -12.12 -1.67 10.56
N THR A 94 -11.95 -1.25 11.79
CA THR A 94 -10.86 -0.38 12.17
C THR A 94 -9.57 -1.18 12.36
N VAL A 95 -8.55 -0.84 11.58
CA VAL A 95 -7.27 -1.53 11.67
C VAL A 95 -6.30 -0.69 12.49
N ASP A 96 -5.84 -1.24 13.59
CA ASP A 96 -4.93 -0.54 14.47
C ASP A 96 -3.57 -1.24 14.48
N CYS A 97 -2.51 -0.46 14.36
CA CYS A 97 -1.16 -1.00 14.34
C CYS A 97 -0.35 -0.50 15.53
N THR A 98 -1.00 -0.21 16.65
CA THR A 98 -0.32 0.27 17.84
C THR A 98 0.59 -0.83 18.39
N THR A 99 0.05 -2.04 18.44
CA THR A 99 0.80 -3.20 18.92
C THR A 99 0.91 -4.24 17.81
N ALA A 100 -0.09 -4.27 16.92
CA ALA A 100 -0.12 -5.20 15.80
C ALA A 100 0.86 -4.77 14.74
N ALA A 101 1.14 -5.66 13.79
CA ALA A 101 2.06 -5.38 12.71
C ALA A 101 1.34 -4.68 11.57
N CYS A 102 2.00 -3.70 10.98
CA CYS A 102 1.43 -2.95 9.87
C CYS A 102 2.20 -3.26 8.60
N GLN A 103 1.53 -3.19 7.47
CA GLN A 103 2.18 -3.47 6.19
C GLN A 103 1.60 -2.58 5.10
N VAL A 104 2.37 -2.38 4.05
CA VAL A 104 1.96 -1.56 2.93
C VAL A 104 1.92 -2.40 1.65
N GLY A 105 0.80 -2.38 0.96
CA GLY A 105 0.66 -3.14 -0.24
C GLY A 105 0.01 -2.35 -1.35
N LEU A 106 -0.05 -2.93 -2.54
CA LEU A 106 -0.64 -2.25 -3.68
C LEU A 106 -1.10 -3.27 -4.70
N SER A 107 -2.11 -2.90 -5.47
CA SER A 107 -2.65 -3.76 -6.51
C SER A 107 -3.18 -2.90 -7.65
N ASP A 108 -3.12 -3.44 -8.85
CA ASP A 108 -3.60 -2.72 -10.03
C ASP A 108 -5.13 -2.79 -10.11
N ALA A 109 -5.67 -2.44 -11.26
CA ALA A 109 -7.11 -2.46 -11.49
C ALA A 109 -7.65 -3.89 -11.37
N ALA A 110 -6.81 -4.86 -11.70
CA ALA A 110 -7.21 -6.26 -11.63
C ALA A 110 -7.09 -6.78 -10.20
N GLY A 111 -5.99 -6.44 -9.53
CA GLY A 111 -5.79 -6.85 -8.16
C GLY A 111 -4.46 -7.56 -7.95
N ASN A 112 -3.50 -7.29 -8.81
CA ASN A 112 -2.18 -7.90 -8.70
C ASN A 112 -1.10 -6.84 -8.78
N GLY A 113 0.14 -7.26 -8.56
CA GLY A 113 1.25 -6.32 -8.60
C GLY A 113 2.39 -6.73 -7.69
N PRO A 114 3.22 -5.77 -7.24
CA PRO A 114 4.35 -6.06 -6.34
C PRO A 114 3.90 -6.67 -5.02
N GLU A 115 4.79 -7.44 -4.42
CA GLU A 115 4.51 -8.10 -3.14
C GLU A 115 4.39 -7.07 -2.02
N GLY A 116 3.46 -7.30 -1.10
CA GLY A 116 3.26 -6.38 0.01
C GLY A 116 4.43 -6.39 0.97
N VAL A 117 4.83 -5.22 1.43
CA VAL A 117 5.95 -5.10 2.34
C VAL A 117 5.49 -4.76 3.76
N ALA A 118 5.99 -5.52 4.73
CA ALA A 118 5.64 -5.32 6.12
C ALA A 118 6.56 -4.31 6.77
N ILE A 119 6.00 -3.49 7.65
CA ILE A 119 6.78 -2.48 8.35
C ILE A 119 6.54 -2.58 9.86
N SER A 120 7.29 -1.83 10.63
CA SER A 120 7.14 -1.84 12.08
C SER A 120 7.57 -0.51 12.67
N PHE A 121 6.95 -0.13 13.77
CA PHE A 121 7.26 1.13 14.43
C PHE A 121 8.23 0.92 15.58
N ASN A 122 8.80 2.01 16.07
CA ASN A 122 9.74 1.93 17.18
C ASN A 122 8.97 1.94 18.49
N ALA A 10 9.92 -11.55 -17.98
CA ALA A 10 9.99 -10.08 -17.80
C ALA A 10 9.92 -9.72 -16.32
N ALA A 11 11.08 -9.48 -15.72
CA ALA A 11 11.14 -9.12 -14.30
C ALA A 11 11.02 -7.62 -14.11
N PRO A 12 10.02 -7.18 -13.33
CA PRO A 12 9.81 -5.76 -13.05
C PRO A 12 10.76 -5.25 -11.96
N THR A 13 10.71 -3.96 -11.68
CA THR A 13 11.59 -3.38 -10.67
C THR A 13 10.75 -2.70 -9.59
N ALA A 14 10.51 -3.42 -8.50
CA ALA A 14 9.74 -2.88 -7.39
C ALA A 14 10.64 -2.19 -6.37
N THR A 15 11.09 -1.00 -6.70
CA THR A 15 11.95 -0.23 -5.82
C THR A 15 11.12 0.42 -4.71
N VAL A 16 10.99 -0.28 -3.59
CA VAL A 16 10.21 0.23 -2.47
C VAL A 16 11.09 0.57 -1.28
N THR A 17 10.63 1.48 -0.45
CA THR A 17 11.34 1.89 0.74
C THR A 17 10.43 1.79 1.96
N PRO A 18 10.46 0.65 2.66
CA PRO A 18 9.61 0.43 3.84
C PRO A 18 10.13 1.12 5.08
N SER A 19 9.21 1.47 5.98
CA SER A 19 9.55 2.12 7.22
C SER A 19 9.86 1.07 8.29
N SER A 20 11.13 0.70 8.39
CA SER A 20 11.54 -0.29 9.36
C SER A 20 12.03 0.36 10.64
N GLY A 21 11.13 0.51 11.60
CA GLY A 21 11.48 1.11 12.87
C GLY A 21 11.39 2.61 12.85
N LEU A 22 10.22 3.12 12.49
CA LEU A 22 10.01 4.56 12.45
C LEU A 22 8.76 4.94 13.23
N SER A 23 8.42 6.21 13.22
CA SER A 23 7.25 6.69 13.94
C SER A 23 6.01 6.68 13.04
N ASP A 24 4.84 6.90 13.63
CA ASP A 24 3.61 6.94 12.85
C ASP A 24 3.53 8.28 12.15
N GLY A 25 2.99 8.28 10.95
CA GLY A 25 2.90 9.50 10.17
C GLY A 25 4.09 9.63 9.25
N THR A 26 4.75 8.51 9.02
CA THR A 26 5.93 8.45 8.17
C THR A 26 5.54 8.34 6.70
N VAL A 27 6.28 9.03 5.84
CA VAL A 27 6.02 9.01 4.41
C VAL A 27 6.75 7.84 3.76
N VAL A 28 6.00 6.79 3.43
CA VAL A 28 6.56 5.60 2.78
C VAL A 28 6.66 5.85 1.28
N LYS A 29 7.82 5.54 0.70
CA LYS A 29 8.02 5.74 -0.72
C LYS A 29 7.83 4.43 -1.49
N VAL A 30 7.02 4.50 -2.54
CA VAL A 30 6.75 3.35 -3.40
C VAL A 30 7.06 3.70 -4.85
N ALA A 31 7.95 2.92 -5.46
CA ALA A 31 8.32 3.16 -6.84
C ALA A 31 8.35 1.84 -7.61
N GLY A 32 7.38 1.66 -8.49
CA GLY A 32 7.31 0.44 -9.28
C GLY A 32 7.61 0.69 -10.74
N ALA A 33 8.69 0.12 -11.23
CA ALA A 33 9.06 0.27 -12.62
C ALA A 33 8.87 -1.05 -13.35
N GLY A 34 8.52 -0.97 -14.62
CA GLY A 34 8.30 -2.18 -15.40
C GLY A 34 6.92 -2.74 -15.15
N LEU A 35 5.96 -1.84 -14.95
CA LEU A 35 4.58 -2.23 -14.70
C LEU A 35 3.79 -2.15 -15.99
N GLN A 36 2.47 -2.22 -15.89
CA GLN A 36 1.62 -2.16 -17.06
C GLN A 36 1.24 -0.71 -17.35
N ALA A 37 1.80 -0.15 -18.42
CA ALA A 37 1.51 1.22 -18.82
C ALA A 37 0.01 1.42 -19.04
N GLY A 38 -0.50 2.55 -18.55
CA GLY A 38 -1.91 2.85 -18.71
C GLY A 38 -2.77 2.20 -17.64
N THR A 39 -2.15 1.80 -16.54
CA THR A 39 -2.88 1.17 -15.46
C THR A 39 -2.71 1.96 -14.16
N ALA A 40 -3.81 2.12 -13.43
CA ALA A 40 -3.79 2.84 -12.17
C ALA A 40 -3.56 1.87 -11.01
N TYR A 41 -2.49 2.09 -10.28
CA TYR A 41 -2.14 1.24 -9.16
C TYR A 41 -2.52 1.92 -7.85
N ASP A 42 -3.41 1.28 -7.11
CA ASP A 42 -3.86 1.79 -5.82
C ASP A 42 -2.89 1.39 -4.74
N VAL A 43 -2.25 2.36 -4.12
CA VAL A 43 -1.29 2.08 -3.08
C VAL A 43 -1.66 2.80 -1.79
N GLY A 44 -1.73 2.06 -0.70
CA GLY A 44 -2.06 2.65 0.58
C GLY A 44 -1.56 1.78 1.72
N GLN A 45 -1.75 2.23 2.94
CA GLN A 45 -1.33 1.46 4.10
C GLN A 45 -2.43 0.46 4.43
N CYS A 46 -2.09 -0.81 4.45
CA CYS A 46 -3.07 -1.83 4.75
C CYS A 46 -2.63 -2.71 5.90
N ALA A 47 -3.58 -3.37 6.54
CA ALA A 47 -3.30 -4.26 7.64
C ALA A 47 -4.30 -5.39 7.67
N TRP A 48 -4.05 -6.37 8.54
CA TRP A 48 -4.92 -7.52 8.67
C TRP A 48 -6.28 -7.13 9.23
N VAL A 49 -7.31 -7.23 8.41
CA VAL A 49 -8.66 -6.89 8.82
C VAL A 49 -9.47 -8.16 9.09
N ASP A 50 -9.16 -9.22 8.37
CA ASP A 50 -9.84 -10.50 8.53
C ASP A 50 -8.83 -11.63 8.33
N THR A 51 -9.31 -12.87 8.37
CA THR A 51 -8.46 -14.03 8.19
C THR A 51 -7.94 -14.11 6.75
N GLY A 52 -6.70 -13.71 6.56
CA GLY A 52 -6.10 -13.75 5.25
C GLY A 52 -6.51 -12.58 4.37
N VAL A 53 -7.37 -11.73 4.91
CA VAL A 53 -7.86 -10.57 4.18
C VAL A 53 -7.32 -9.29 4.79
N LEU A 54 -6.63 -8.53 3.98
CA LEU A 54 -6.06 -7.26 4.41
C LEU A 54 -6.87 -6.12 3.85
N ALA A 55 -6.78 -4.95 4.47
CA ALA A 55 -7.53 -3.79 4.01
C ALA A 55 -6.76 -2.51 4.27
N CYS A 56 -6.91 -1.55 3.36
CA CYS A 56 -6.23 -0.26 3.48
C CYS A 56 -7.21 0.84 3.79
N ASN A 57 -6.71 2.03 4.09
CA ASN A 57 -7.57 3.16 4.40
C ASN A 57 -7.65 4.14 3.23
N PRO A 58 -8.85 4.72 3.00
CA PRO A 58 -9.05 5.69 1.93
C PRO A 58 -8.81 7.12 2.40
N ALA A 59 -8.22 7.26 3.57
CA ALA A 59 -7.95 8.57 4.14
C ALA A 59 -6.52 9.02 3.86
N ASP A 60 -5.65 8.09 3.47
CA ASP A 60 -4.26 8.43 3.19
C ASP A 60 -3.69 7.55 2.09
N PHE A 61 -4.54 7.16 1.15
CA PHE A 61 -4.10 6.32 0.03
C PHE A 61 -3.86 7.18 -1.19
N SER A 62 -3.25 6.61 -2.21
CA SER A 62 -2.98 7.35 -3.43
C SER A 62 -2.97 6.43 -4.64
N SER A 63 -3.76 6.78 -5.64
CA SER A 63 -3.82 5.99 -6.86
C SER A 63 -2.79 6.52 -7.86
N VAL A 64 -1.69 5.79 -8.00
CA VAL A 64 -0.63 6.19 -8.91
C VAL A 64 -0.75 5.43 -10.24
N THR A 65 -0.80 6.18 -11.32
CA THR A 65 -0.91 5.57 -12.63
C THR A 65 0.47 5.38 -13.26
N ALA A 66 0.63 4.28 -13.99
CA ALA A 66 1.89 3.98 -14.66
C ALA A 66 2.08 4.93 -15.83
N ASP A 67 3.23 5.58 -15.88
CA ASP A 67 3.54 6.53 -16.94
C ASP A 67 3.79 5.83 -18.26
N ALA A 68 4.16 6.60 -19.28
CA ALA A 68 4.41 6.07 -20.62
C ALA A 68 5.56 5.07 -20.63
N ASN A 69 6.47 5.20 -19.68
CA ASN A 69 7.60 4.30 -19.59
C ASN A 69 7.21 3.01 -18.87
N GLY A 70 6.09 3.07 -18.15
CA GLY A 70 5.61 1.91 -17.43
C GLY A 70 6.06 1.90 -15.99
N SER A 71 6.26 3.09 -15.43
CA SER A 71 6.70 3.22 -14.05
C SER A 71 5.70 4.07 -13.25
N ALA A 72 5.61 3.79 -11.96
CA ALA A 72 4.70 4.52 -11.08
C ALA A 72 5.32 4.72 -9.70
N SER A 73 5.42 5.97 -9.27
CA SER A 73 5.99 6.27 -7.96
C SER A 73 5.03 7.15 -7.16
N THR A 74 4.92 6.88 -5.87
CA THR A 74 4.04 7.64 -5.00
C THR A 74 4.54 7.57 -3.55
N SER A 75 3.91 8.35 -2.67
CA SER A 75 4.27 8.39 -1.26
C SER A 75 3.03 8.20 -0.39
N LEU A 76 3.13 7.32 0.60
CA LEU A 76 2.00 7.04 1.49
C LEU A 76 2.35 7.31 2.95
N THR A 77 1.50 8.06 3.62
CA THR A 77 1.72 8.37 5.03
C THR A 77 1.10 7.29 5.91
N VAL A 78 1.94 6.44 6.50
CA VAL A 78 1.46 5.35 7.34
C VAL A 78 1.01 5.86 8.72
N ARG A 79 -0.28 5.69 8.99
CA ARG A 79 -0.85 6.09 10.27
C ARG A 79 -0.80 4.93 11.25
N ARG A 80 -1.07 5.20 12.52
CA ARG A 80 -1.04 4.18 13.54
C ARG A 80 -2.34 3.36 13.54
N SER A 81 -3.45 4.04 13.36
CA SER A 81 -4.75 3.40 13.32
C SER A 81 -5.55 3.95 12.15
N PHE A 82 -6.35 3.10 11.51
CA PHE A 82 -7.13 3.54 10.36
C PHE A 82 -8.33 2.61 10.13
N GLU A 83 -9.07 2.88 9.06
CA GLU A 83 -10.24 2.08 8.72
C GLU A 83 -9.91 1.17 7.53
N GLY A 84 -10.22 -0.11 7.66
CA GLY A 84 -9.93 -1.05 6.60
C GLY A 84 -11.04 -1.10 5.56
N PHE A 85 -10.68 -0.93 4.29
CA PHE A 85 -11.65 -0.95 3.21
C PHE A 85 -11.30 -2.03 2.20
N LEU A 86 -12.33 -2.67 1.65
CA LEU A 86 -12.15 -3.72 0.66
C LEU A 86 -11.88 -3.10 -0.72
N PHE A 87 -11.54 -3.94 -1.69
CA PHE A 87 -11.23 -3.47 -3.04
C PHE A 87 -12.47 -2.89 -3.73
N ASP A 88 -13.65 -3.31 -3.28
CA ASP A 88 -14.89 -2.81 -3.86
C ASP A 88 -15.22 -1.42 -3.30
N GLY A 89 -14.63 -1.09 -2.17
CA GLY A 89 -14.86 0.21 -1.57
C GLY A 89 -15.66 0.15 -0.27
N THR A 90 -16.06 -1.04 0.14
CA THR A 90 -16.83 -1.20 1.37
C THR A 90 -15.89 -1.45 2.56
N ARG A 91 -16.18 -0.81 3.69
CA ARG A 91 -15.37 -0.99 4.89
C ARG A 91 -15.66 -2.33 5.54
N TRP A 92 -14.62 -3.03 5.93
CA TRP A 92 -14.78 -4.33 6.57
C TRP A 92 -14.66 -4.20 8.08
N GLY A 93 -13.91 -3.20 8.51
CA GLY A 93 -13.73 -2.98 9.93
C GLY A 93 -12.59 -2.04 10.22
N THR A 94 -12.51 -1.56 11.45
CA THR A 94 -11.45 -0.67 11.86
C THR A 94 -10.19 -1.47 12.17
N VAL A 95 -9.03 -0.94 11.81
CA VAL A 95 -7.77 -1.63 12.05
C VAL A 95 -6.79 -0.74 12.83
N ASP A 96 -6.00 -1.36 13.69
CA ASP A 96 -5.04 -0.63 14.50
C ASP A 96 -3.67 -1.31 14.45
N CYS A 97 -2.63 -0.53 14.27
CA CYS A 97 -1.27 -1.04 14.21
C CYS A 97 -0.39 -0.46 15.32
N THR A 98 -0.99 -0.21 16.48
CA THR A 98 -0.24 0.33 17.60
C THR A 98 0.46 -0.81 18.32
N THR A 99 -0.17 -1.97 18.31
CA THR A 99 0.38 -3.15 18.94
C THR A 99 0.57 -4.24 17.88
N ALA A 100 0.66 -3.82 16.61
CA ALA A 100 0.84 -4.74 15.51
C ALA A 100 1.70 -4.08 14.43
N ALA A 101 2.00 -4.82 13.38
CA ALA A 101 2.81 -4.32 12.28
C ALA A 101 2.00 -4.25 11.00
N CYS A 102 1.88 -3.05 10.45
CA CYS A 102 1.12 -2.82 9.22
C CYS A 102 1.96 -3.19 8.00
N GLN A 103 1.37 -3.09 6.82
CA GLN A 103 2.06 -3.39 5.58
C GLN A 103 1.66 -2.43 4.47
N VAL A 104 2.42 -2.42 3.40
CA VAL A 104 2.14 -1.55 2.27
C VAL A 104 1.35 -2.30 1.20
N GLY A 105 0.19 -1.78 0.87
CA GLY A 105 -0.65 -2.41 -0.12
C GLY A 105 -0.55 -1.75 -1.47
N LEU A 106 0.05 -2.44 -2.42
CA LEU A 106 0.21 -1.93 -3.77
C LEU A 106 -0.37 -2.93 -4.77
N SER A 107 -1.44 -2.54 -5.45
CA SER A 107 -2.08 -3.41 -6.42
C SER A 107 -2.79 -2.61 -7.50
N ASP A 108 -2.99 -3.24 -8.65
CA ASP A 108 -3.67 -2.59 -9.78
C ASP A 108 -5.19 -2.67 -9.60
N ALA A 109 -5.93 -2.41 -10.67
CA ALA A 109 -7.39 -2.47 -10.64
C ALA A 109 -7.89 -3.86 -10.28
N ALA A 110 -7.19 -4.89 -10.76
CA ALA A 110 -7.57 -6.26 -10.48
C ALA A 110 -7.05 -6.72 -9.12
N GLY A 111 -5.77 -6.48 -8.87
CA GLY A 111 -5.18 -6.87 -7.61
C GLY A 111 -3.86 -7.60 -7.79
N ASN A 112 -3.05 -7.13 -8.73
CA ASN A 112 -1.76 -7.74 -9.00
C ASN A 112 -0.65 -6.71 -8.92
N GLY A 113 0.57 -7.14 -9.19
CA GLY A 113 1.71 -6.25 -9.14
C GLY A 113 2.78 -6.77 -8.21
N PRO A 114 3.57 -5.87 -7.60
CA PRO A 114 4.62 -6.26 -6.66
C PRO A 114 4.04 -6.83 -5.37
N GLU A 115 4.82 -7.61 -4.65
CA GLU A 115 4.36 -8.20 -3.40
C GLU A 115 4.31 -7.15 -2.30
N GLY A 116 3.42 -7.35 -1.33
CA GLY A 116 3.28 -6.42 -0.24
C GLY A 116 4.43 -6.51 0.75
N VAL A 117 4.93 -5.36 1.15
CA VAL A 117 6.03 -5.29 2.10
C VAL A 117 5.50 -4.93 3.50
N ALA A 118 6.00 -5.62 4.51
CA ALA A 118 5.57 -5.38 5.87
C ALA A 118 6.47 -4.34 6.53
N ILE A 119 5.88 -3.49 7.36
CA ILE A 119 6.62 -2.46 8.06
C ILE A 119 6.42 -2.58 9.56
N SER A 120 7.24 -1.91 10.33
CA SER A 120 7.15 -1.96 11.78
C SER A 120 7.53 -0.61 12.38
N PHE A 121 6.85 -0.23 13.44
CA PHE A 121 7.12 1.03 14.11
C PHE A 121 8.28 0.89 15.09
N ASN A 122 8.85 2.01 15.47
CA ASN A 122 9.98 2.03 16.39
C ASN A 122 9.58 1.49 17.76
N ALA A 10 8.28 -11.20 -18.23
CA ALA A 10 9.26 -10.08 -18.17
C ALA A 10 9.73 -9.89 -16.73
N ALA A 11 10.86 -9.21 -16.57
CA ALA A 11 11.40 -8.96 -15.25
C ALA A 11 11.18 -7.51 -14.83
N PRO A 12 10.23 -7.27 -13.91
CA PRO A 12 9.93 -5.93 -13.43
C PRO A 12 10.90 -5.49 -12.33
N THR A 13 10.84 -4.22 -11.98
CA THR A 13 11.71 -3.68 -10.95
C THR A 13 10.89 -3.11 -9.80
N ALA A 14 10.95 -3.75 -8.65
CA ALA A 14 10.21 -3.31 -7.48
C ALA A 14 11.13 -2.54 -6.53
N THR A 15 10.87 -1.26 -6.36
CA THR A 15 11.68 -0.42 -5.49
C THR A 15 10.81 0.29 -4.46
N VAL A 16 10.73 -0.27 -3.27
CA VAL A 16 9.94 0.31 -2.20
C VAL A 16 10.82 0.66 -1.00
N THR A 17 10.47 1.74 -0.33
CA THR A 17 11.22 2.19 0.84
C THR A 17 10.41 1.92 2.11
N PRO A 18 10.68 0.79 2.78
CA PRO A 18 9.98 0.38 3.99
C PRO A 18 10.37 1.21 5.22
N SER A 19 9.37 1.64 5.98
CA SER A 19 9.60 2.43 7.18
C SER A 19 9.87 1.53 8.40
N SER A 20 10.61 0.45 8.17
CA SER A 20 10.94 -0.50 9.22
C SER A 20 11.76 0.18 10.33
N GLY A 21 11.14 0.33 11.49
CA GLY A 21 11.83 0.94 12.61
C GLY A 21 11.45 2.41 12.80
N LEU A 22 10.58 2.91 11.94
CA LEU A 22 10.15 4.30 12.04
C LEU A 22 8.78 4.39 12.69
N SER A 23 8.39 5.58 13.10
CA SER A 23 7.11 5.79 13.77
C SER A 23 6.00 6.07 12.75
N ASP A 24 4.78 6.28 13.23
CA ASP A 24 3.65 6.57 12.36
C ASP A 24 3.78 7.99 11.83
N GLY A 25 3.16 8.26 10.70
CA GLY A 25 3.23 9.57 10.10
C GLY A 25 4.37 9.66 9.11
N THR A 26 5.15 8.60 9.05
CA THR A 26 6.28 8.52 8.15
C THR A 26 5.81 8.22 6.73
N VAL A 27 6.30 9.00 5.78
CA VAL A 27 5.94 8.84 4.38
C VAL A 27 6.66 7.65 3.77
N VAL A 28 5.88 6.72 3.24
CA VAL A 28 6.41 5.53 2.60
C VAL A 28 6.43 5.73 1.09
N LYS A 29 7.61 5.63 0.50
CA LYS A 29 7.75 5.81 -0.94
C LYS A 29 7.68 4.47 -1.67
N VAL A 30 6.86 4.44 -2.71
CA VAL A 30 6.69 3.24 -3.53
C VAL A 30 7.00 3.58 -4.97
N ALA A 31 7.92 2.83 -5.57
CA ALA A 31 8.30 3.05 -6.96
C ALA A 31 8.39 1.73 -7.72
N GLY A 32 7.46 1.52 -8.63
CA GLY A 32 7.45 0.30 -9.41
C GLY A 32 7.78 0.55 -10.86
N ALA A 33 8.73 -0.18 -11.38
CA ALA A 33 9.14 -0.05 -12.77
C ALA A 33 8.89 -1.35 -13.51
N GLY A 34 8.59 -1.26 -14.79
CA GLY A 34 8.32 -2.47 -15.56
C GLY A 34 6.87 -2.90 -15.41
N LEU A 35 6.02 -1.93 -15.14
CA LEU A 35 4.60 -2.17 -14.96
C LEU A 35 3.86 -1.97 -16.27
N GLN A 36 2.54 -2.00 -16.21
CA GLN A 36 1.72 -1.81 -17.39
C GLN A 36 1.36 -0.34 -17.56
N ALA A 37 1.94 0.29 -18.57
CA ALA A 37 1.68 1.70 -18.84
C ALA A 37 0.23 1.92 -19.23
N GLY A 38 -0.46 2.80 -18.52
CA GLY A 38 -1.85 3.06 -18.80
C GLY A 38 -2.77 2.46 -17.76
N THR A 39 -2.21 1.71 -16.83
CA THR A 39 -2.99 1.09 -15.77
C THR A 39 -2.85 1.87 -14.47
N ALA A 40 -3.95 1.96 -13.73
CA ALA A 40 -3.96 2.66 -12.46
C ALA A 40 -3.58 1.73 -11.32
N TYR A 41 -2.65 2.18 -10.48
CA TYR A 41 -2.20 1.39 -9.35
C TYR A 41 -2.60 2.08 -8.04
N ASP A 42 -3.31 1.36 -7.21
CA ASP A 42 -3.76 1.89 -5.93
C ASP A 42 -2.83 1.44 -4.81
N VAL A 43 -2.24 2.41 -4.12
CA VAL A 43 -1.32 2.11 -3.03
C VAL A 43 -1.77 2.80 -1.75
N GLY A 44 -1.83 2.04 -0.66
CA GLY A 44 -2.21 2.61 0.60
C GLY A 44 -1.70 1.80 1.77
N GLN A 45 -1.94 2.28 2.98
CA GLN A 45 -1.51 1.57 4.17
C GLN A 45 -2.57 0.54 4.54
N CYS A 46 -2.15 -0.71 4.69
CA CYS A 46 -3.07 -1.78 5.01
C CYS A 46 -2.54 -2.64 6.15
N ALA A 47 -3.36 -3.58 6.60
CA ALA A 47 -3.00 -4.49 7.67
C ALA A 47 -4.02 -5.61 7.76
N TRP A 48 -3.76 -6.59 8.62
CA TRP A 48 -4.66 -7.71 8.82
C TRP A 48 -5.94 -7.26 9.51
N VAL A 49 -7.01 -7.14 8.74
CA VAL A 49 -8.28 -6.72 9.30
C VAL A 49 -9.10 -7.94 9.72
N ASP A 50 -8.80 -9.08 9.11
CA ASP A 50 -9.48 -10.33 9.41
C ASP A 50 -8.57 -11.49 9.04
N THR A 51 -8.99 -12.71 9.36
CA THR A 51 -8.20 -13.88 9.04
C THR A 51 -8.08 -14.08 7.53
N GLY A 52 -6.91 -13.75 7.00
CA GLY A 52 -6.67 -13.88 5.58
C GLY A 52 -7.24 -12.72 4.79
N VAL A 53 -7.68 -11.69 5.50
CA VAL A 53 -8.24 -10.51 4.85
C VAL A 53 -7.47 -9.27 5.23
N LEU A 54 -6.89 -8.61 4.23
CA LEU A 54 -6.14 -7.39 4.44
C LEU A 54 -6.84 -6.25 3.74
N ALA A 55 -6.87 -5.09 4.37
CA ALA A 55 -7.54 -3.94 3.80
C ALA A 55 -6.75 -2.66 4.08
N CYS A 56 -6.84 -1.70 3.17
CA CYS A 56 -6.10 -0.45 3.31
C CYS A 56 -7.04 0.71 3.62
N ASN A 57 -6.47 1.82 4.09
CA ASN A 57 -7.24 3.01 4.40
C ASN A 57 -7.43 3.86 3.14
N PRO A 58 -8.68 4.18 2.79
CA PRO A 58 -9.00 4.98 1.60
C PRO A 58 -9.03 6.48 1.85
N ALA A 59 -8.24 6.94 2.81
CA ALA A 59 -8.19 8.36 3.14
C ALA A 59 -6.81 8.93 2.80
N ASP A 60 -5.78 8.30 3.32
CA ASP A 60 -4.40 8.75 3.09
C ASP A 60 -3.76 7.99 1.94
N PHE A 61 -4.55 7.15 1.28
CA PHE A 61 -4.04 6.36 0.16
C PHE A 61 -3.88 7.25 -1.07
N SER A 62 -3.16 6.77 -2.07
CA SER A 62 -2.95 7.55 -3.27
C SER A 62 -3.05 6.68 -4.53
N SER A 63 -3.79 7.17 -5.49
CA SER A 63 -3.99 6.50 -6.75
C SER A 63 -2.96 7.00 -7.77
N VAL A 64 -1.99 6.17 -8.08
CA VAL A 64 -0.95 6.55 -9.02
C VAL A 64 -1.12 5.77 -10.32
N THR A 65 -0.99 6.47 -11.44
CA THR A 65 -1.12 5.84 -12.73
C THR A 65 0.24 5.69 -13.39
N ALA A 66 0.47 4.55 -14.02
CA ALA A 66 1.73 4.26 -14.69
C ALA A 66 1.97 5.23 -15.84
N ASP A 67 3.19 5.75 -15.94
CA ASP A 67 3.55 6.71 -16.99
C ASP A 67 3.84 5.99 -18.30
N ALA A 68 4.19 6.76 -19.32
CA ALA A 68 4.51 6.22 -20.64
C ALA A 68 5.73 5.33 -20.60
N ASN A 69 6.55 5.50 -19.56
CA ASN A 69 7.76 4.71 -19.40
C ASN A 69 7.42 3.33 -18.86
N GLY A 70 6.32 3.27 -18.12
CA GLY A 70 5.89 2.01 -17.54
C GLY A 70 6.28 1.95 -16.07
N SER A 71 6.36 3.11 -15.44
CA SER A 71 6.72 3.19 -14.05
C SER A 71 5.73 4.05 -13.27
N ALA A 72 5.60 3.77 -11.98
CA ALA A 72 4.69 4.52 -11.12
C ALA A 72 5.28 4.68 -9.74
N SER A 73 5.30 5.91 -9.23
CA SER A 73 5.84 6.18 -7.91
C SER A 73 4.90 7.10 -7.14
N THR A 74 4.72 6.81 -5.86
CA THR A 74 3.86 7.61 -5.01
C THR A 74 4.37 7.60 -3.57
N SER A 75 3.69 8.31 -2.69
CA SER A 75 4.09 8.39 -1.29
C SER A 75 2.86 8.31 -0.38
N LEU A 76 2.92 7.41 0.61
CA LEU A 76 1.79 7.21 1.53
C LEU A 76 2.17 7.57 2.96
N THR A 77 1.21 8.09 3.70
CA THR A 77 1.44 8.44 5.10
C THR A 77 0.76 7.40 5.99
N VAL A 78 1.54 6.48 6.52
CA VAL A 78 1.01 5.42 7.37
C VAL A 78 0.62 5.94 8.77
N ARG A 79 -0.62 5.69 9.16
CA ARG A 79 -1.12 6.10 10.45
C ARG A 79 -1.16 4.92 11.41
N ARG A 80 -1.38 5.18 12.69
CA ARG A 80 -1.43 4.14 13.70
C ARG A 80 -2.82 3.50 13.73
N SER A 81 -3.85 4.32 13.66
CA SER A 81 -5.23 3.84 13.67
C SER A 81 -5.91 4.22 12.35
N PHE A 82 -6.47 3.25 11.67
CA PHE A 82 -7.12 3.49 10.38
C PHE A 82 -8.24 2.48 10.11
N GLU A 83 -8.99 2.75 9.06
CA GLU A 83 -10.09 1.88 8.65
C GLU A 83 -9.63 0.95 7.53
N GLY A 84 -10.16 -0.26 7.53
CA GLY A 84 -9.79 -1.23 6.53
C GLY A 84 -10.82 -1.30 5.42
N PHE A 85 -10.41 -0.93 4.22
CA PHE A 85 -11.30 -0.95 3.07
C PHE A 85 -10.69 -1.80 1.96
N LEU A 86 -11.53 -2.56 1.27
CA LEU A 86 -11.07 -3.41 0.19
C LEU A 86 -11.00 -2.59 -1.10
N PHE A 87 -10.47 -3.20 -2.15
CA PHE A 87 -10.32 -2.51 -3.44
C PHE A 87 -11.68 -2.26 -4.10
N ASP A 88 -12.73 -2.87 -3.55
CA ASP A 88 -14.08 -2.70 -4.08
C ASP A 88 -14.80 -1.61 -3.30
N GLY A 89 -14.12 -1.06 -2.29
CA GLY A 89 -14.69 0.01 -1.49
C GLY A 89 -15.45 -0.50 -0.29
N THR A 90 -15.42 -1.81 -0.05
CA THR A 90 -16.12 -2.39 1.08
C THR A 90 -15.28 -2.28 2.35
N ARG A 91 -15.91 -1.85 3.43
CA ARG A 91 -15.22 -1.72 4.70
C ARG A 91 -15.29 -3.02 5.48
N TRP A 92 -14.20 -3.38 6.14
CA TRP A 92 -14.16 -4.60 6.92
C TRP A 92 -14.05 -4.28 8.41
N GLY A 93 -13.92 -3.01 8.72
CA GLY A 93 -13.81 -2.59 10.10
C GLY A 93 -12.58 -1.74 10.34
N THR A 94 -12.35 -1.38 11.59
CA THR A 94 -11.19 -0.57 11.95
C THR A 94 -9.97 -1.46 12.20
N VAL A 95 -8.82 -1.01 11.72
CA VAL A 95 -7.59 -1.76 11.90
C VAL A 95 -6.64 -0.98 12.81
N ASP A 96 -6.09 -1.65 13.80
CA ASP A 96 -5.17 -1.01 14.73
C ASP A 96 -3.74 -1.46 14.51
N CYS A 97 -2.88 -0.50 14.22
CA CYS A 97 -1.46 -0.78 14.00
C CYS A 97 -0.65 -0.19 15.15
N THR A 98 -1.28 -0.11 16.31
CA THR A 98 -0.63 0.43 17.49
C THR A 98 0.16 -0.66 18.20
N THR A 99 -0.47 -1.81 18.41
CA THR A 99 0.19 -2.94 19.05
C THR A 99 0.61 -3.97 18.01
N ALA A 100 0.35 -3.65 16.75
CA ALA A 100 0.69 -4.53 15.64
C ALA A 100 1.51 -3.80 14.59
N ALA A 101 1.84 -4.48 13.50
CA ALA A 101 2.62 -3.90 12.43
C ALA A 101 1.76 -3.71 11.19
N CYS A 102 1.97 -2.59 10.50
CA CYS A 102 1.22 -2.29 9.29
C CYS A 102 1.97 -2.81 8.06
N GLN A 103 1.29 -2.85 6.93
CA GLN A 103 1.89 -3.32 5.69
C GLN A 103 1.50 -2.41 4.53
N VAL A 104 2.40 -2.25 3.59
CA VAL A 104 2.17 -1.41 2.43
C VAL A 104 1.51 -2.22 1.32
N GLY A 105 0.35 -1.76 0.87
CA GLY A 105 -0.36 -2.45 -0.18
C GLY A 105 -0.36 -1.69 -1.49
N LEU A 106 0.23 -2.29 -2.50
CA LEU A 106 0.32 -1.67 -3.82
C LEU A 106 -0.15 -2.64 -4.90
N SER A 107 -1.38 -2.45 -5.37
CA SER A 107 -1.93 -3.33 -6.39
C SER A 107 -2.59 -2.51 -7.50
N ASP A 108 -2.77 -3.14 -8.66
CA ASP A 108 -3.40 -2.48 -9.78
C ASP A 108 -4.93 -2.62 -9.70
N ALA A 109 -5.61 -2.20 -10.76
CA ALA A 109 -7.07 -2.27 -10.82
C ALA A 109 -7.58 -3.70 -10.65
N ALA A 110 -6.79 -4.67 -11.06
CA ALA A 110 -7.16 -6.08 -10.95
C ALA A 110 -6.79 -6.63 -9.58
N GLY A 111 -6.17 -5.79 -8.77
CA GLY A 111 -5.78 -6.19 -7.43
C GLY A 111 -4.55 -7.08 -7.43
N ASN A 112 -3.73 -6.96 -8.46
CA ASN A 112 -2.51 -7.77 -8.58
C ASN A 112 -1.28 -6.88 -8.61
N GLY A 113 -0.12 -7.50 -8.78
CA GLY A 113 1.13 -6.77 -8.82
C GLY A 113 2.13 -7.33 -7.84
N PRO A 114 3.21 -6.59 -7.54
CA PRO A 114 4.25 -7.03 -6.59
C PRO A 114 3.68 -7.27 -5.18
N GLU A 115 4.38 -8.07 -4.41
CA GLU A 115 3.95 -8.39 -3.06
C GLU A 115 4.08 -7.20 -2.12
N GLY A 116 3.24 -7.18 -1.09
CA GLY A 116 3.28 -6.11 -0.12
C GLY A 116 4.42 -6.26 0.86
N VAL A 117 4.72 -5.22 1.59
CA VAL A 117 5.82 -5.25 2.55
C VAL A 117 5.34 -4.84 3.93
N ALA A 118 5.63 -5.68 4.93
CA ALA A 118 5.24 -5.39 6.30
C ALA A 118 6.27 -4.51 6.98
N ILE A 119 5.80 -3.51 7.71
CA ILE A 119 6.70 -2.59 8.41
C ILE A 119 6.29 -2.45 9.87
N SER A 120 7.27 -2.50 10.75
CA SER A 120 7.02 -2.38 12.18
C SER A 120 7.52 -1.03 12.69
N PHE A 121 6.80 -0.46 13.64
CA PHE A 121 7.17 0.83 14.20
C PHE A 121 8.09 0.63 15.38
N ASN A 122 8.91 1.63 15.67
CA ASN A 122 9.84 1.55 16.79
C ASN A 122 9.09 1.62 18.11
N ALA A 10 9.41 -10.89 -18.82
CA ALA A 10 10.44 -9.97 -18.29
C ALA A 10 10.26 -9.78 -16.80
N ALA A 11 11.29 -9.27 -16.14
CA ALA A 11 11.25 -9.02 -14.71
C ALA A 11 11.19 -7.53 -14.42
N PRO A 12 10.15 -7.08 -13.69
CA PRO A 12 9.98 -5.66 -13.35
C PRO A 12 10.94 -5.20 -12.26
N THR A 13 11.16 -3.90 -12.20
CA THR A 13 12.03 -3.32 -11.19
C THR A 13 11.20 -2.64 -10.10
N ALA A 14 10.93 -3.37 -9.03
CA ALA A 14 10.12 -2.84 -7.94
C ALA A 14 11.00 -2.25 -6.85
N THR A 15 10.89 -0.94 -6.66
CA THR A 15 11.67 -0.25 -5.64
C THR A 15 10.73 0.33 -4.58
N VAL A 16 10.86 -0.16 -3.36
CA VAL A 16 10.02 0.31 -2.26
C VAL A 16 10.88 0.64 -1.04
N THR A 17 10.54 1.71 -0.34
CA THR A 17 11.26 2.10 0.84
C THR A 17 10.45 1.82 2.10
N PRO A 18 10.71 0.69 2.77
CA PRO A 18 9.99 0.30 3.98
C PRO A 18 10.34 1.16 5.18
N SER A 19 9.32 1.51 5.97
CA SER A 19 9.51 2.33 7.16
C SER A 19 9.77 1.45 8.39
N SER A 20 10.47 0.35 8.18
CA SER A 20 10.80 -0.58 9.24
C SER A 20 11.65 0.09 10.32
N GLY A 21 11.05 0.35 11.47
CA GLY A 21 11.76 0.97 12.56
C GLY A 21 11.36 2.42 12.78
N LEU A 22 10.56 2.96 11.87
CA LEU A 22 10.12 4.34 11.98
C LEU A 22 8.78 4.43 12.67
N SER A 23 8.42 5.62 13.15
CA SER A 23 7.15 5.83 13.84
C SER A 23 6.01 6.06 12.86
N ASP A 24 4.85 6.43 13.38
CA ASP A 24 3.69 6.68 12.55
C ASP A 24 3.80 8.05 11.88
N GLY A 25 3.08 8.23 10.78
CA GLY A 25 3.13 9.50 10.05
C GLY A 25 4.27 9.52 9.05
N THR A 26 4.99 8.42 8.97
CA THR A 26 6.10 8.30 8.05
C THR A 26 5.61 8.17 6.60
N VAL A 27 6.41 8.69 5.68
CA VAL A 27 6.06 8.63 4.28
C VAL A 27 6.73 7.44 3.60
N VAL A 28 5.92 6.50 3.13
CA VAL A 28 6.42 5.31 2.47
C VAL A 28 6.52 5.58 0.97
N LYS A 29 7.70 5.37 0.41
CA LYS A 29 7.91 5.60 -1.01
C LYS A 29 7.75 4.31 -1.80
N VAL A 30 6.87 4.34 -2.79
CA VAL A 30 6.63 3.20 -3.64
C VAL A 30 6.86 3.59 -5.10
N ALA A 31 7.93 3.07 -5.68
CA ALA A 31 8.26 3.36 -7.07
C ALA A 31 8.52 2.08 -7.85
N GLY A 32 7.54 1.68 -8.65
CA GLY A 32 7.68 0.47 -9.41
C GLY A 32 7.86 0.71 -10.89
N ALA A 33 8.88 0.11 -11.46
CA ALA A 33 9.16 0.22 -12.89
C ALA A 33 8.94 -1.12 -13.56
N GLY A 34 8.57 -1.09 -14.83
CA GLY A 34 8.32 -2.32 -15.55
C GLY A 34 6.87 -2.73 -15.45
N LEU A 35 6.04 -1.77 -15.13
CA LEU A 35 4.61 -2.00 -15.00
C LEU A 35 3.93 -1.81 -16.34
N GLN A 36 2.62 -1.86 -16.35
CA GLN A 36 1.87 -1.69 -17.58
C GLN A 36 1.56 -0.21 -17.77
N ALA A 37 2.20 0.39 -18.76
CA ALA A 37 2.01 1.81 -19.06
C ALA A 37 0.56 2.12 -19.35
N GLY A 38 0.08 3.23 -18.79
CA GLY A 38 -1.31 3.63 -19.00
C GLY A 38 -2.28 2.84 -18.15
N THR A 39 -1.84 2.44 -16.97
CA THR A 39 -2.69 1.70 -16.04
C THR A 39 -2.61 2.32 -14.66
N ALA A 40 -3.72 2.25 -13.92
CA ALA A 40 -3.77 2.83 -12.59
C ALA A 40 -3.44 1.79 -11.52
N TYR A 41 -2.57 2.18 -10.60
CA TYR A 41 -2.15 1.33 -9.51
C TYR A 41 -2.58 1.94 -8.19
N ASP A 42 -3.32 1.17 -7.41
CA ASP A 42 -3.82 1.64 -6.12
C ASP A 42 -2.84 1.27 -5.01
N VAL A 43 -2.48 2.27 -4.22
CA VAL A 43 -1.56 2.06 -3.11
C VAL A 43 -2.14 2.62 -1.82
N GLY A 44 -2.21 1.78 -0.79
CA GLY A 44 -2.71 2.21 0.48
C GLY A 44 -2.09 1.43 1.62
N GLN A 45 -2.12 1.99 2.81
CA GLN A 45 -1.58 1.30 3.97
C GLN A 45 -2.60 0.29 4.48
N CYS A 46 -2.30 -0.98 4.32
CA CYS A 46 -3.21 -2.03 4.72
C CYS A 46 -2.66 -2.80 5.90
N ALA A 47 -3.54 -3.22 6.79
CA ALA A 47 -3.16 -4.00 7.95
C ALA A 47 -4.03 -5.23 8.05
N TRP A 48 -3.67 -6.14 8.94
CA TRP A 48 -4.43 -7.37 9.13
C TRP A 48 -5.76 -7.07 9.82
N VAL A 49 -6.82 -6.96 9.04
CA VAL A 49 -8.14 -6.68 9.59
C VAL A 49 -8.78 -7.99 10.06
N ASP A 50 -8.35 -9.09 9.45
CA ASP A 50 -8.84 -10.41 9.79
C ASP A 50 -7.76 -11.43 9.48
N THR A 51 -8.03 -12.70 9.72
CA THR A 51 -7.05 -13.73 9.46
C THR A 51 -6.98 -14.01 7.96
N GLY A 52 -5.95 -13.51 7.32
CA GLY A 52 -5.78 -13.72 5.90
C GLY A 52 -6.46 -12.62 5.09
N VAL A 53 -6.95 -11.60 5.76
CA VAL A 53 -7.63 -10.49 5.11
C VAL A 53 -7.01 -9.16 5.53
N LEU A 54 -6.60 -8.37 4.55
CA LEU A 54 -6.00 -7.07 4.81
C LEU A 54 -7.04 -5.97 4.60
N ALA A 55 -6.71 -4.77 5.04
CA ALA A 55 -7.60 -3.62 4.89
C ALA A 55 -6.81 -2.32 4.90
N CYS A 56 -7.01 -1.50 3.87
CA CYS A 56 -6.30 -0.23 3.77
C CYS A 56 -7.25 0.94 4.01
N ASN A 57 -6.71 2.10 4.32
CA ASN A 57 -7.55 3.27 4.56
C ASN A 57 -7.71 4.11 3.29
N PRO A 58 -8.94 4.52 2.99
CA PRO A 58 -9.24 5.33 1.81
C PRO A 58 -8.98 6.82 2.04
N ALA A 59 -8.51 7.14 3.25
CA ALA A 59 -8.23 8.51 3.62
C ALA A 59 -6.85 8.95 3.16
N ASP A 60 -5.87 8.05 3.28
CA ASP A 60 -4.50 8.37 2.89
C ASP A 60 -4.11 7.65 1.62
N PHE A 61 -4.99 6.78 1.13
CA PHE A 61 -4.72 6.02 -0.10
C PHE A 61 -4.49 6.98 -1.27
N SER A 62 -3.62 6.57 -2.18
CA SER A 62 -3.31 7.39 -3.34
C SER A 62 -3.16 6.53 -4.59
N SER A 63 -3.93 6.84 -5.62
CA SER A 63 -3.86 6.10 -6.87
C SER A 63 -2.81 6.71 -7.78
N VAL A 64 -1.88 5.89 -8.22
CA VAL A 64 -0.83 6.35 -9.11
C VAL A 64 -1.01 5.72 -10.48
N THR A 65 -0.76 6.50 -11.52
CA THR A 65 -0.89 6.01 -12.88
C THR A 65 0.47 5.74 -13.49
N ALA A 66 0.59 4.59 -14.17
CA ALA A 66 1.85 4.23 -14.80
C ALA A 66 2.13 5.17 -15.97
N ASP A 67 3.30 5.77 -15.98
CA ASP A 67 3.69 6.71 -17.03
C ASP A 67 3.98 5.99 -18.34
N ALA A 68 4.40 6.76 -19.34
CA ALA A 68 4.71 6.23 -20.65
C ALA A 68 5.89 5.26 -20.63
N ASN A 69 6.67 5.28 -19.57
CA ASN A 69 7.81 4.39 -19.43
C ASN A 69 7.41 3.10 -18.73
N GLY A 70 6.22 3.10 -18.15
CA GLY A 70 5.74 1.95 -17.43
C GLY A 70 6.21 1.96 -15.99
N SER A 71 6.30 3.16 -15.42
CA SER A 71 6.74 3.33 -14.05
C SER A 71 5.69 4.07 -13.23
N ALA A 72 5.63 3.81 -11.95
CA ALA A 72 4.68 4.46 -11.07
C ALA A 72 5.31 4.77 -9.71
N SER A 73 5.50 6.05 -9.44
CA SER A 73 6.08 6.50 -8.18
C SER A 73 5.05 7.27 -7.37
N THR A 74 4.89 6.91 -6.11
CA THR A 74 3.93 7.57 -5.25
C THR A 74 4.40 7.52 -3.80
N SER A 75 3.77 8.31 -2.95
CA SER A 75 4.10 8.37 -1.54
C SER A 75 2.87 8.16 -0.68
N LEU A 76 2.95 7.22 0.25
CA LEU A 76 1.83 6.91 1.12
C LEU A 76 2.18 7.17 2.58
N THR A 77 1.26 7.80 3.29
CA THR A 77 1.47 8.10 4.71
C THR A 77 0.88 6.99 5.56
N VAL A 78 1.68 6.41 6.44
CA VAL A 78 1.22 5.32 7.30
C VAL A 78 0.77 5.83 8.67
N ARG A 79 -0.50 5.62 8.97
CA ARG A 79 -1.08 6.03 10.25
C ARG A 79 -1.00 4.88 11.24
N ARG A 80 -1.24 5.17 12.50
CA ARG A 80 -1.21 4.16 13.54
C ARG A 80 -2.58 3.48 13.65
N SER A 81 -3.62 4.29 13.52
CA SER A 81 -4.99 3.80 13.57
C SER A 81 -5.74 4.35 12.35
N PHE A 82 -6.47 3.50 11.65
CA PHE A 82 -7.20 3.94 10.46
C PHE A 82 -8.43 3.09 10.18
N GLU A 83 -9.18 3.50 9.17
CA GLU A 83 -10.38 2.79 8.74
C GLU A 83 -10.02 1.78 7.67
N GLY A 84 -10.19 0.51 7.97
CA GLY A 84 -9.86 -0.53 7.01
C GLY A 84 -10.98 -0.78 6.02
N PHE A 85 -10.63 -0.80 4.74
CA PHE A 85 -11.60 -1.05 3.68
C PHE A 85 -11.13 -2.21 2.84
N LEU A 86 -12.09 -2.97 2.29
CA LEU A 86 -11.74 -4.10 1.44
C LEU A 86 -11.30 -3.60 0.07
N PHE A 87 -10.78 -4.49 -0.75
CA PHE A 87 -10.31 -4.12 -2.09
C PHE A 87 -11.46 -3.62 -2.94
N ASP A 88 -12.65 -4.15 -2.68
CA ASP A 88 -13.84 -3.75 -3.42
C ASP A 88 -14.37 -2.40 -2.93
N GLY A 89 -14.05 -2.07 -1.68
CA GLY A 89 -14.50 -0.81 -1.11
C GLY A 89 -15.37 -0.97 0.11
N THR A 90 -15.67 -2.21 0.48
CA THR A 90 -16.50 -2.47 1.66
C THR A 90 -15.73 -2.13 2.93
N ARG A 91 -16.31 -1.29 3.78
CA ARG A 91 -15.67 -0.91 5.03
C ARG A 91 -15.81 -2.02 6.05
N TRP A 92 -14.72 -2.39 6.69
CA TRP A 92 -14.75 -3.46 7.69
C TRP A 92 -14.71 -2.89 9.10
N GLY A 93 -14.07 -1.75 9.26
CA GLY A 93 -13.99 -1.13 10.58
C GLY A 93 -12.65 -0.50 10.83
N THR A 94 -12.45 -0.03 12.05
CA THR A 94 -11.21 0.61 12.43
C THR A 94 -10.13 -0.43 12.71
N VAL A 95 -8.93 -0.17 12.21
CA VAL A 95 -7.80 -1.07 12.41
C VAL A 95 -6.72 -0.36 13.21
N ASP A 96 -6.07 -1.11 14.09
CA ASP A 96 -5.01 -0.56 14.94
C ASP A 96 -3.68 -1.26 14.66
N CYS A 97 -2.68 -0.48 14.26
CA CYS A 97 -1.36 -1.04 13.97
C CYS A 97 -0.43 -0.78 15.15
N THR A 98 -1.01 -0.45 16.30
CA THR A 98 -0.24 -0.20 17.51
C THR A 98 0.02 -1.52 18.22
N THR A 99 -1.01 -2.35 18.30
CA THR A 99 -0.90 -3.65 18.93
C THR A 99 -0.76 -4.73 17.86
N ALA A 100 -1.04 -4.36 16.63
CA ALA A 100 -0.96 -5.28 15.51
C ALA A 100 0.10 -4.86 14.51
N ALA A 101 0.24 -5.63 13.45
CA ALA A 101 1.23 -5.34 12.41
C ALA A 101 0.61 -4.53 11.30
N CYS A 102 1.44 -3.76 10.60
CA CYS A 102 1.00 -2.93 9.50
C CYS A 102 1.85 -3.21 8.26
N GLN A 103 1.26 -3.09 7.08
CA GLN A 103 2.01 -3.32 5.85
C GLN A 103 1.57 -2.37 4.74
N VAL A 104 2.23 -2.44 3.60
CA VAL A 104 1.90 -1.58 2.47
C VAL A 104 1.28 -2.38 1.34
N GLY A 105 0.08 -1.98 0.93
CA GLY A 105 -0.60 -2.66 -0.15
C GLY A 105 -0.58 -1.87 -1.43
N LEU A 106 -0.14 -2.51 -2.51
CA LEU A 106 -0.07 -1.87 -3.81
C LEU A 106 -0.38 -2.87 -4.92
N SER A 107 -1.25 -2.49 -5.83
CA SER A 107 -1.63 -3.37 -6.94
C SER A 107 -2.29 -2.57 -8.06
N ASP A 108 -2.46 -3.19 -9.21
CA ASP A 108 -3.08 -2.53 -10.36
C ASP A 108 -4.61 -2.55 -10.24
N ALA A 109 -5.28 -2.19 -11.33
CA ALA A 109 -6.74 -2.17 -11.36
C ALA A 109 -7.33 -3.55 -11.07
N ALA A 110 -6.71 -4.59 -11.61
CA ALA A 110 -7.17 -5.95 -11.40
C ALA A 110 -6.83 -6.43 -9.99
N GLY A 111 -5.64 -6.08 -9.52
CA GLY A 111 -5.23 -6.47 -8.20
C GLY A 111 -3.97 -7.31 -8.21
N ASN A 112 -3.13 -7.12 -9.21
CA ASN A 112 -1.89 -7.86 -9.32
C ASN A 112 -0.70 -6.91 -9.27
N GLY A 113 0.50 -7.47 -9.18
CA GLY A 113 1.70 -6.66 -9.12
C GLY A 113 2.69 -7.19 -8.12
N PRO A 114 3.58 -6.33 -7.59
CA PRO A 114 4.58 -6.74 -6.60
C PRO A 114 3.95 -7.15 -5.28
N GLU A 115 4.69 -7.92 -4.49
CA GLU A 115 4.20 -8.40 -3.20
C GLU A 115 4.14 -7.28 -2.17
N GLY A 116 3.24 -7.43 -1.21
CA GLY A 116 3.11 -6.43 -0.17
C GLY A 116 4.16 -6.60 0.92
N VAL A 117 4.88 -5.54 1.21
CA VAL A 117 5.92 -5.59 2.23
C VAL A 117 5.38 -5.09 3.57
N ALA A 118 5.66 -5.84 4.63
CA ALA A 118 5.21 -5.48 5.96
C ALA A 118 6.21 -4.56 6.63
N ILE A 119 5.72 -3.73 7.54
CA ILE A 119 6.58 -2.80 8.25
C ILE A 119 6.28 -2.83 9.74
N SER A 120 7.18 -2.27 10.53
CA SER A 120 7.02 -2.23 11.97
C SER A 120 7.50 -0.89 12.51
N PHE A 121 6.86 -0.42 13.57
CA PHE A 121 7.23 0.85 14.18
C PHE A 121 8.25 0.61 15.28
N ASN A 122 8.85 1.67 15.78
CA ASN A 122 9.83 1.55 16.85
C ASN A 122 9.14 1.41 18.19
N ALA A 10 8.27 -10.88 -18.44
CA ALA A 10 9.51 -10.12 -18.19
C ALA A 10 9.65 -9.81 -16.71
N ALA A 11 10.87 -9.58 -16.27
CA ALA A 11 11.14 -9.29 -14.87
C ALA A 11 10.87 -7.82 -14.56
N PRO A 12 9.91 -7.54 -13.67
CA PRO A 12 9.55 -6.17 -13.27
C PRO A 12 10.56 -5.58 -12.30
N THR A 13 10.39 -4.31 -11.98
CA THR A 13 11.28 -3.63 -11.06
C THR A 13 10.50 -2.91 -9.96
N ALA A 14 10.40 -3.55 -8.81
CA ALA A 14 9.68 -2.97 -7.68
C ALA A 14 10.66 -2.33 -6.71
N THR A 15 10.63 -1.01 -6.63
CA THR A 15 11.52 -0.27 -5.74
C THR A 15 10.73 0.52 -4.71
N VAL A 16 10.55 -0.05 -3.52
CA VAL A 16 9.81 0.62 -2.47
C VAL A 16 10.69 0.87 -1.25
N THR A 17 10.30 1.85 -0.45
CA THR A 17 11.05 2.19 0.76
C THR A 17 10.20 1.93 2.00
N PRO A 18 10.50 0.85 2.74
CA PRO A 18 9.75 0.49 3.95
C PRO A 18 10.16 1.35 5.16
N SER A 19 9.20 1.61 6.04
CA SER A 19 9.44 2.40 7.23
C SER A 19 9.70 1.51 8.43
N SER A 20 10.42 0.41 8.20
CA SER A 20 10.75 -0.54 9.25
C SER A 20 11.61 0.11 10.34
N GLY A 21 11.03 0.26 11.53
CA GLY A 21 11.76 0.84 12.63
C GLY A 21 11.53 2.33 12.78
N LEU A 22 10.54 2.85 12.07
CA LEU A 22 10.22 4.28 12.13
C LEU A 22 8.93 4.51 12.92
N SER A 23 8.63 5.77 13.18
CA SER A 23 7.43 6.13 13.92
C SER A 23 6.21 6.17 13.01
N ASP A 24 5.03 6.39 13.59
CA ASP A 24 3.82 6.48 12.80
C ASP A 24 3.70 7.86 12.18
N GLY A 25 3.05 7.94 11.02
CA GLY A 25 2.91 9.21 10.34
C GLY A 25 4.00 9.42 9.31
N THR A 26 4.88 8.44 9.19
CA THR A 26 5.98 8.49 8.24
C THR A 26 5.47 8.31 6.82
N VAL A 27 6.17 8.90 5.86
CA VAL A 27 5.80 8.80 4.46
C VAL A 27 6.51 7.62 3.80
N VAL A 28 5.73 6.70 3.26
CA VAL A 28 6.29 5.52 2.59
C VAL A 28 6.38 5.77 1.09
N LYS A 29 7.57 5.56 0.53
CA LYS A 29 7.79 5.77 -0.89
C LYS A 29 7.65 4.47 -1.66
N VAL A 30 6.81 4.48 -2.69
CA VAL A 30 6.58 3.30 -3.51
C VAL A 30 6.82 3.63 -4.98
N ALA A 31 7.83 3.01 -5.57
CA ALA A 31 8.17 3.23 -6.96
C ALA A 31 8.16 1.93 -7.75
N GLY A 32 7.16 1.77 -8.60
CA GLY A 32 7.05 0.58 -9.41
C GLY A 32 7.41 0.86 -10.85
N ALA A 33 8.35 0.10 -11.38
CA ALA A 33 8.79 0.26 -12.75
C ALA A 33 8.67 -1.05 -13.51
N GLY A 34 8.47 -0.96 -14.81
CA GLY A 34 8.31 -2.16 -15.61
C GLY A 34 6.90 -2.69 -15.55
N LEU A 35 5.95 -1.76 -15.41
CA LEU A 35 4.55 -2.12 -15.32
C LEU A 35 3.81 -1.63 -16.56
N GLN A 36 2.57 -2.04 -16.74
CA GLN A 36 1.78 -1.63 -17.89
C GLN A 36 1.41 -0.16 -17.78
N ALA A 37 1.71 0.60 -18.83
CA ALA A 37 1.43 2.03 -18.86
C ALA A 37 -0.07 2.29 -19.03
N GLY A 38 -0.52 3.43 -18.50
CA GLY A 38 -1.92 3.79 -18.61
C GLY A 38 -2.75 3.25 -17.46
N THR A 39 -2.37 2.08 -16.96
CA THR A 39 -3.08 1.44 -15.86
C THR A 39 -2.88 2.21 -14.55
N ALA A 40 -3.91 2.23 -13.73
CA ALA A 40 -3.86 2.89 -12.43
C ALA A 40 -3.51 1.88 -11.35
N TYR A 41 -2.68 2.28 -10.40
CA TYR A 41 -2.27 1.39 -9.33
C TYR A 41 -2.67 1.94 -7.97
N ASP A 42 -3.47 1.16 -7.25
CA ASP A 42 -3.95 1.53 -5.94
C ASP A 42 -2.98 1.05 -4.87
N VAL A 43 -2.25 1.98 -4.28
CA VAL A 43 -1.29 1.63 -3.24
C VAL A 43 -1.61 2.36 -1.94
N GLY A 44 -1.86 1.59 -0.88
CA GLY A 44 -2.16 2.20 0.39
C GLY A 44 -1.64 1.38 1.55
N GLN A 45 -1.79 1.92 2.75
CA GLN A 45 -1.35 1.21 3.94
C GLN A 45 -2.42 0.22 4.35
N CYS A 46 -2.02 -1.02 4.54
CA CYS A 46 -2.97 -2.06 4.91
C CYS A 46 -2.45 -2.88 6.08
N ALA A 47 -3.29 -3.77 6.60
CA ALA A 47 -2.93 -4.64 7.70
C ALA A 47 -3.96 -5.74 7.85
N TRP A 48 -3.67 -6.70 8.72
CA TRP A 48 -4.58 -7.80 8.97
C TRP A 48 -5.74 -7.32 9.83
N VAL A 49 -6.92 -7.27 9.24
CA VAL A 49 -8.09 -6.80 9.96
C VAL A 49 -8.96 -7.97 10.43
N ASP A 50 -8.88 -9.08 9.71
CA ASP A 50 -9.66 -10.27 10.05
C ASP A 50 -8.92 -11.53 9.60
N THR A 51 -9.49 -12.67 9.92
CA THR A 51 -8.90 -13.96 9.56
C THR A 51 -8.84 -14.12 8.04
N GLY A 52 -7.65 -13.92 7.48
CA GLY A 52 -7.46 -14.05 6.06
C GLY A 52 -8.02 -12.86 5.31
N VAL A 53 -8.21 -11.76 6.01
CA VAL A 53 -8.73 -10.55 5.42
C VAL A 53 -7.87 -9.35 5.78
N LEU A 54 -7.41 -8.64 4.75
CA LEU A 54 -6.59 -7.47 4.94
C LEU A 54 -7.37 -6.27 4.43
N ALA A 55 -7.00 -5.07 4.87
CA ALA A 55 -7.70 -3.87 4.44
C ALA A 55 -6.77 -2.66 4.45
N CYS A 56 -6.95 -1.79 3.46
CA CYS A 56 -6.11 -0.59 3.35
C CYS A 56 -6.90 0.67 3.67
N ASN A 57 -6.19 1.75 3.92
CA ASN A 57 -6.83 3.03 4.23
C ASN A 57 -7.07 3.83 2.95
N PRO A 58 -8.32 4.24 2.70
CA PRO A 58 -8.67 5.01 1.51
C PRO A 58 -8.62 6.52 1.72
N ALA A 59 -7.94 6.96 2.77
CA ALA A 59 -7.84 8.39 3.06
C ALA A 59 -6.42 8.90 2.86
N ASP A 60 -5.46 8.24 3.48
CA ASP A 60 -4.06 8.65 3.37
C ASP A 60 -3.29 7.83 2.34
N PHE A 61 -3.97 7.39 1.30
CA PHE A 61 -3.35 6.61 0.25
C PHE A 61 -3.45 7.36 -1.06
N SER A 62 -2.74 6.90 -2.09
CA SER A 62 -2.77 7.58 -3.37
C SER A 62 -2.80 6.58 -4.53
N SER A 63 -3.66 6.84 -5.50
CA SER A 63 -3.79 5.99 -6.67
C SER A 63 -2.94 6.55 -7.80
N VAL A 64 -1.71 6.07 -7.89
CA VAL A 64 -0.79 6.54 -8.92
C VAL A 64 -0.97 5.77 -10.22
N THR A 65 -0.87 6.47 -11.33
CA THR A 65 -1.01 5.86 -12.64
C THR A 65 0.36 5.70 -13.30
N ALA A 66 0.50 4.72 -14.16
CA ALA A 66 1.76 4.46 -14.85
C ALA A 66 1.95 5.43 -16.01
N ASP A 67 3.14 6.02 -16.08
CA ASP A 67 3.46 6.98 -17.13
C ASP A 67 3.82 6.27 -18.43
N ALA A 68 4.17 7.06 -19.45
CA ALA A 68 4.53 6.53 -20.77
C ALA A 68 5.79 5.67 -20.73
N ASN A 69 6.52 5.70 -19.63
CA ASN A 69 7.74 4.91 -19.50
C ASN A 69 7.46 3.60 -18.77
N GLY A 70 6.20 3.41 -18.39
CA GLY A 70 5.80 2.20 -17.70
C GLY A 70 6.25 2.20 -16.25
N SER A 71 6.29 3.38 -15.65
CA SER A 71 6.71 3.52 -14.27
C SER A 71 5.73 4.37 -13.47
N ALA A 72 5.72 4.19 -12.15
CA ALA A 72 4.84 4.94 -11.29
C ALA A 72 5.44 5.05 -9.89
N SER A 73 5.53 6.27 -9.38
CA SER A 73 6.08 6.49 -8.06
C SER A 73 5.09 7.29 -7.22
N THR A 74 4.94 6.92 -5.96
CA THR A 74 4.01 7.60 -5.07
C THR A 74 4.47 7.51 -3.62
N SER A 75 3.90 8.35 -2.78
CA SER A 75 4.21 8.37 -1.36
C SER A 75 2.91 8.26 -0.56
N LEU A 76 2.87 7.31 0.36
CA LEU A 76 1.69 7.09 1.19
C LEU A 76 1.97 7.45 2.64
N THR A 77 0.97 7.96 3.34
CA THR A 77 1.12 8.31 4.74
C THR A 77 0.63 7.17 5.61
N VAL A 78 1.55 6.48 6.30
CA VAL A 78 1.16 5.35 7.14
C VAL A 78 0.71 5.81 8.53
N ARG A 79 -0.57 5.64 8.80
CA ARG A 79 -1.15 6.00 10.08
C ARG A 79 -1.09 4.82 11.03
N ARG A 80 -1.21 5.10 12.33
CA ARG A 80 -1.17 4.05 13.33
C ARG A 80 -2.50 3.30 13.37
N SER A 81 -3.58 4.06 13.36
CA SER A 81 -4.92 3.51 13.37
C SER A 81 -5.68 4.09 12.18
N PHE A 82 -6.14 3.23 11.29
CA PHE A 82 -6.83 3.68 10.09
C PHE A 82 -8.04 2.81 9.77
N GLU A 83 -8.94 3.32 8.93
CA GLU A 83 -10.11 2.58 8.51
C GLU A 83 -9.70 1.60 7.41
N GLY A 84 -10.09 0.35 7.56
CA GLY A 84 -9.73 -0.65 6.58
C GLY A 84 -10.79 -0.84 5.51
N PHE A 85 -10.36 -0.79 4.26
CA PHE A 85 -11.25 -0.95 3.13
C PHE A 85 -10.68 -1.98 2.16
N LEU A 86 -11.57 -2.68 1.47
CA LEU A 86 -11.15 -3.68 0.50
C LEU A 86 -10.92 -3.01 -0.85
N PHE A 87 -10.19 -3.68 -1.73
CA PHE A 87 -9.89 -3.11 -3.05
C PHE A 87 -11.13 -3.00 -3.93
N ASP A 88 -12.23 -3.62 -3.50
CA ASP A 88 -13.48 -3.58 -4.25
C ASP A 88 -14.35 -2.39 -3.81
N GLY A 89 -14.07 -1.88 -2.62
CA GLY A 89 -14.84 -0.75 -2.09
C GLY A 89 -15.52 -1.06 -0.78
N THR A 90 -15.68 -2.34 -0.48
CA THR A 90 -16.32 -2.76 0.76
C THR A 90 -15.45 -2.42 1.96
N ARG A 91 -16.06 -1.95 3.04
CA ARG A 91 -15.32 -1.61 4.24
C ARG A 91 -15.43 -2.72 5.27
N TRP A 92 -14.38 -2.91 6.05
CA TRP A 92 -14.39 -3.96 7.07
C TRP A 92 -14.49 -3.37 8.47
N GLY A 93 -13.73 -2.31 8.71
CA GLY A 93 -13.76 -1.68 10.00
C GLY A 93 -12.46 -0.95 10.29
N THR A 94 -12.32 -0.48 11.51
CA THR A 94 -11.14 0.26 11.91
C THR A 94 -10.00 -0.69 12.28
N VAL A 95 -8.85 -0.49 11.66
CA VAL A 95 -7.66 -1.29 11.89
C VAL A 95 -6.69 -0.53 12.78
N ASP A 96 -5.95 -1.25 13.62
CA ASP A 96 -5.01 -0.59 14.53
C ASP A 96 -3.67 -1.31 14.58
N CYS A 97 -2.60 -0.54 14.41
CA CYS A 97 -1.24 -1.07 14.46
C CYS A 97 -0.49 -0.49 15.64
N THR A 98 -1.22 -0.15 16.71
CA THR A 98 -0.60 0.41 17.91
C THR A 98 0.00 -0.72 18.73
N THR A 99 -0.53 -1.91 18.52
CA THR A 99 -0.06 -3.11 19.20
C THR A 99 0.12 -4.25 18.19
N ALA A 100 0.30 -3.85 16.93
CA ALA A 100 0.46 -4.79 15.84
C ALA A 100 1.34 -4.18 14.76
N ALA A 101 1.61 -4.95 13.71
CA ALA A 101 2.44 -4.47 12.62
C ALA A 101 1.58 -4.20 11.38
N CYS A 102 1.90 -3.14 10.67
CA CYS A 102 1.17 -2.77 9.47
C CYS A 102 1.96 -3.18 8.23
N GLN A 103 1.36 -3.06 7.06
CA GLN A 103 2.04 -3.43 5.82
C GLN A 103 1.61 -2.51 4.67
N VAL A 104 2.35 -2.57 3.57
CA VAL A 104 2.03 -1.76 2.40
C VAL A 104 1.34 -2.60 1.34
N GLY A 105 0.15 -2.16 0.93
CA GLY A 105 -0.59 -2.89 -0.08
C GLY A 105 -0.52 -2.22 -1.43
N LEU A 106 0.24 -2.82 -2.33
CA LEU A 106 0.40 -2.28 -3.68
C LEU A 106 -0.20 -3.23 -4.69
N SER A 107 -1.28 -2.80 -5.34
CA SER A 107 -1.94 -3.63 -6.34
C SER A 107 -2.50 -2.76 -7.46
N ASP A 108 -2.70 -3.36 -8.63
CA ASP A 108 -3.25 -2.66 -9.77
C ASP A 108 -4.78 -2.68 -9.72
N ALA A 109 -5.42 -2.24 -10.79
CA ALA A 109 -6.88 -2.21 -10.85
C ALA A 109 -7.47 -3.60 -10.65
N ALA A 110 -6.76 -4.62 -11.13
CA ALA A 110 -7.23 -5.99 -10.98
C ALA A 110 -6.89 -6.54 -9.60
N GLY A 111 -5.64 -6.35 -9.19
CA GLY A 111 -5.20 -6.82 -7.89
C GLY A 111 -3.86 -7.55 -7.95
N ASN A 112 -3.01 -7.13 -8.86
CA ASN A 112 -1.69 -7.74 -9.02
C ASN A 112 -0.60 -6.70 -8.80
N GLY A 113 0.65 -7.10 -9.00
CA GLY A 113 1.74 -6.18 -8.81
C GLY A 113 2.85 -6.76 -7.95
N PRO A 114 3.58 -5.91 -7.21
CA PRO A 114 4.66 -6.37 -6.35
C PRO A 114 4.16 -7.01 -5.06
N GLU A 115 5.02 -7.73 -4.38
CA GLU A 115 4.66 -8.38 -3.13
C GLU A 115 4.54 -7.35 -2.02
N GLY A 116 3.58 -7.55 -1.11
CA GLY A 116 3.37 -6.64 -0.01
C GLY A 116 4.54 -6.63 0.96
N VAL A 117 4.86 -5.46 1.49
CA VAL A 117 5.97 -5.33 2.43
C VAL A 117 5.45 -4.92 3.80
N ALA A 118 5.88 -5.64 4.84
CA ALA A 118 5.46 -5.35 6.20
C ALA A 118 6.32 -4.26 6.81
N ILE A 119 5.71 -3.43 7.64
CA ILE A 119 6.42 -2.32 8.28
C ILE A 119 6.01 -2.18 9.75
N SER A 120 6.98 -2.37 10.64
CA SER A 120 6.74 -2.25 12.07
C SER A 120 7.23 -0.89 12.56
N PHE A 121 6.53 -0.33 13.53
CA PHE A 121 6.89 0.97 14.07
C PHE A 121 7.92 0.85 15.18
N ASN A 122 8.61 1.94 15.47
CA ASN A 122 9.63 1.96 16.50
C ASN A 122 8.99 1.82 17.88
N ALA A 10 8.94 -10.96 -18.38
CA ALA A 10 10.11 -10.09 -18.09
C ALA A 10 10.10 -9.68 -16.62
N ALA A 11 11.28 -9.63 -16.02
CA ALA A 11 11.41 -9.26 -14.62
C ALA A 11 11.34 -7.74 -14.47
N PRO A 12 10.43 -7.26 -13.61
CA PRO A 12 10.26 -5.83 -13.36
C PRO A 12 11.20 -5.33 -12.26
N THR A 13 10.97 -4.11 -11.79
CA THR A 13 11.79 -3.52 -10.74
C THR A 13 10.92 -2.74 -9.76
N ALA A 14 10.42 -3.42 -8.74
CA ALA A 14 9.59 -2.79 -7.73
C ALA A 14 10.43 -2.26 -6.58
N THR A 15 10.89 -1.02 -6.70
CA THR A 15 11.72 -0.41 -5.67
C THR A 15 10.88 0.33 -4.64
N VAL A 16 10.44 -0.39 -3.62
CA VAL A 16 9.64 0.21 -2.56
C VAL A 16 10.50 0.43 -1.31
N THR A 17 10.29 1.54 -0.64
CA THR A 17 11.06 1.86 0.55
C THR A 17 10.19 1.76 1.80
N PRO A 18 10.42 0.73 2.63
CA PRO A 18 9.66 0.52 3.86
C PRO A 18 10.07 1.51 4.96
N SER A 19 9.23 1.60 5.99
CA SER A 19 9.50 2.50 7.10
C SER A 19 9.68 1.71 8.40
N SER A 20 10.25 0.52 8.29
CA SER A 20 10.49 -0.33 9.44
C SER A 20 11.48 0.33 10.40
N GLY A 21 10.98 0.74 11.55
CA GLY A 21 11.82 1.38 12.53
C GLY A 21 11.39 2.81 12.80
N LEU A 22 10.61 3.36 11.89
CA LEU A 22 10.13 4.72 12.04
C LEU A 22 8.76 4.75 12.72
N SER A 23 8.39 5.91 13.24
CA SER A 23 7.12 6.06 13.93
C SER A 23 5.97 6.21 12.94
N ASP A 24 4.79 6.51 13.44
CA ASP A 24 3.62 6.68 12.58
C ASP A 24 3.61 8.08 11.98
N GLY A 25 2.87 8.25 10.90
CA GLY A 25 2.82 9.54 10.23
C GLY A 25 4.00 9.70 9.28
N THR A 26 4.69 8.60 9.04
CA THR A 26 5.85 8.58 8.17
C THR A 26 5.44 8.41 6.70
N VAL A 27 6.22 8.99 5.82
CA VAL A 27 5.97 8.93 4.39
C VAL A 27 6.65 7.71 3.76
N VAL A 28 5.85 6.77 3.30
CA VAL A 28 6.36 5.56 2.65
C VAL A 28 6.48 5.80 1.16
N LYS A 29 7.62 5.47 0.58
CA LYS A 29 7.83 5.68 -0.84
C LYS A 29 7.67 4.38 -1.63
N VAL A 30 6.85 4.45 -2.67
CA VAL A 30 6.61 3.30 -3.53
C VAL A 30 6.91 3.68 -4.98
N ALA A 31 8.01 3.14 -5.51
CA ALA A 31 8.41 3.42 -6.87
C ALA A 31 8.56 2.12 -7.65
N GLY A 32 7.56 1.79 -8.46
CA GLY A 32 7.61 0.57 -9.24
C GLY A 32 7.89 0.82 -10.70
N ALA A 33 8.82 0.05 -11.27
CA ALA A 33 9.17 0.17 -12.67
C ALA A 33 8.94 -1.16 -13.37
N GLY A 34 8.53 -1.11 -14.62
CA GLY A 34 8.27 -2.32 -15.37
C GLY A 34 6.82 -2.73 -15.25
N LEU A 35 5.95 -1.74 -15.11
CA LEU A 35 4.52 -1.97 -14.97
C LEU A 35 3.80 -1.68 -16.29
N GLN A 36 2.54 -2.06 -16.37
CA GLN A 36 1.74 -1.84 -17.57
C GLN A 36 1.36 -0.37 -17.68
N ALA A 37 1.97 0.33 -18.62
CA ALA A 37 1.71 1.74 -18.84
C ALA A 37 0.23 1.98 -19.12
N GLY A 38 -0.37 2.89 -18.36
CA GLY A 38 -1.77 3.20 -18.54
C GLY A 38 -2.65 2.62 -17.46
N THR A 39 -2.09 1.77 -16.63
CA THR A 39 -2.85 1.16 -15.54
C THR A 39 -2.72 1.97 -14.26
N ALA A 40 -3.81 2.01 -13.48
CA ALA A 40 -3.81 2.74 -12.22
C ALA A 40 -3.57 1.78 -11.06
N TYR A 41 -2.67 2.18 -10.16
CA TYR A 41 -2.34 1.35 -9.01
C TYR A 41 -2.73 2.05 -7.71
N ASP A 42 -3.57 1.39 -6.93
CA ASP A 42 -4.02 1.93 -5.66
C ASP A 42 -3.05 1.50 -4.56
N VAL A 43 -2.33 2.45 -3.99
CA VAL A 43 -1.36 2.14 -2.94
C VAL A 43 -1.77 2.70 -1.59
N GLY A 44 -1.64 1.89 -0.55
CA GLY A 44 -1.98 2.32 0.80
C GLY A 44 -1.45 1.34 1.82
N GLN A 45 -1.67 1.60 3.10
CA GLN A 45 -1.20 0.67 4.14
C GLN A 45 -2.17 -0.49 4.26
N CYS A 46 -2.09 -1.39 3.30
CA CYS A 46 -2.95 -2.57 3.25
C CYS A 46 -2.50 -3.61 4.27
N ALA A 47 -3.04 -3.50 5.48
CA ALA A 47 -2.71 -4.41 6.56
C ALA A 47 -3.84 -5.41 6.75
N TRP A 48 -3.62 -6.38 7.63
CA TRP A 48 -4.61 -7.41 7.91
C TRP A 48 -5.82 -6.80 8.62
N VAL A 49 -6.96 -6.82 7.94
CA VAL A 49 -8.18 -6.27 8.49
C VAL A 49 -9.03 -7.36 9.12
N ASP A 50 -8.80 -8.60 8.70
CA ASP A 50 -9.54 -9.75 9.21
C ASP A 50 -8.67 -11.00 9.11
N THR A 51 -9.32 -12.16 9.19
CA THR A 51 -8.62 -13.43 9.12
C THR A 51 -8.19 -13.73 7.70
N GLY A 52 -6.99 -13.28 7.34
CA GLY A 52 -6.47 -13.51 6.00
C GLY A 52 -6.82 -12.39 5.04
N VAL A 53 -7.81 -11.59 5.40
CA VAL A 53 -8.25 -10.50 4.56
C VAL A 53 -7.48 -9.22 4.92
N LEU A 54 -6.90 -8.60 3.91
CA LEU A 54 -6.15 -7.37 4.11
C LEU A 54 -6.92 -6.19 3.54
N ALA A 55 -6.60 -4.99 4.00
CA ALA A 55 -7.28 -3.79 3.54
C ALA A 55 -6.41 -2.56 3.73
N CYS A 56 -6.51 -1.61 2.82
CA CYS A 56 -5.71 -0.38 2.89
C CYS A 56 -6.55 0.75 3.46
N ASN A 57 -5.94 1.91 3.67
CA ASN A 57 -6.64 3.06 4.20
C ASN A 57 -7.04 4.02 3.07
N PRO A 58 -8.32 4.38 3.00
CA PRO A 58 -8.83 5.28 1.96
C PRO A 58 -8.68 6.74 2.33
N ALA A 59 -8.04 7.00 3.47
CA ALA A 59 -7.86 8.35 3.95
C ALA A 59 -6.52 8.94 3.54
N ASP A 60 -5.50 8.09 3.43
CA ASP A 60 -4.16 8.56 3.08
C ASP A 60 -3.54 7.73 1.95
N PHE A 61 -4.38 7.21 1.07
CA PHE A 61 -3.89 6.40 -0.04
C PHE A 61 -3.66 7.28 -1.27
N SER A 62 -2.92 6.76 -2.23
CA SER A 62 -2.64 7.51 -3.44
C SER A 62 -2.72 6.59 -4.66
N SER A 63 -3.64 6.89 -5.56
CA SER A 63 -3.80 6.11 -6.77
C SER A 63 -2.84 6.64 -7.83
N VAL A 64 -1.73 5.93 -8.01
CA VAL A 64 -0.72 6.33 -8.98
C VAL A 64 -0.95 5.60 -10.29
N THR A 65 -1.01 6.37 -11.37
CA THR A 65 -1.21 5.80 -12.69
C THR A 65 0.14 5.58 -13.37
N ALA A 66 0.28 4.45 -14.01
CA ALA A 66 1.52 4.11 -14.70
C ALA A 66 1.72 5.03 -15.91
N ASP A 67 2.81 5.77 -15.87
CA ASP A 67 3.16 6.71 -16.94
C ASP A 67 3.49 5.96 -18.22
N ALA A 68 3.80 6.71 -19.27
CA ALA A 68 4.13 6.13 -20.57
C ALA A 68 5.41 5.27 -20.51
N ASN A 69 6.20 5.47 -19.47
CA ASN A 69 7.44 4.72 -19.30
C ASN A 69 7.14 3.41 -18.58
N GLY A 70 5.93 3.29 -18.07
CA GLY A 70 5.54 2.09 -17.36
C GLY A 70 6.07 2.09 -15.93
N SER A 71 6.06 3.26 -15.32
CA SER A 71 6.54 3.41 -13.96
C SER A 71 5.46 4.03 -13.07
N ALA A 72 5.67 3.96 -11.77
CA ALA A 72 4.72 4.52 -10.81
C ALA A 72 5.43 4.87 -9.51
N SER A 73 5.58 6.17 -9.25
CA SER A 73 6.24 6.64 -8.05
C SER A 73 5.28 7.49 -7.23
N THR A 74 5.00 7.04 -6.01
CA THR A 74 4.10 7.76 -5.13
C THR A 74 4.53 7.58 -3.67
N SER A 75 3.82 8.24 -2.76
CA SER A 75 4.14 8.16 -1.35
C SER A 75 2.86 8.10 -0.52
N LEU A 76 2.88 7.30 0.54
CA LEU A 76 1.71 7.14 1.41
C LEU A 76 2.06 7.50 2.84
N THR A 77 1.09 8.01 3.56
CA THR A 77 1.29 8.38 4.96
C THR A 77 0.73 7.27 5.85
N VAL A 78 1.62 6.46 6.41
CA VAL A 78 1.21 5.36 7.26
C VAL A 78 0.75 5.85 8.64
N ARG A 79 -0.48 5.51 8.99
CA ARG A 79 -1.05 5.89 10.29
C ARG A 79 -0.94 4.73 11.26
N ARG A 80 -0.98 5.04 12.55
CA ARG A 80 -0.91 3.99 13.57
C ARG A 80 -2.19 3.17 13.56
N SER A 81 -3.29 3.86 13.37
CA SER A 81 -4.61 3.22 13.28
C SER A 81 -5.30 3.76 12.03
N PHE A 82 -5.99 2.90 11.30
CA PHE A 82 -6.66 3.33 10.07
C PHE A 82 -7.92 2.53 9.80
N GLU A 83 -8.69 2.97 8.82
CA GLU A 83 -9.91 2.29 8.43
C GLU A 83 -9.62 1.40 7.23
N GLY A 84 -9.88 0.10 7.37
CA GLY A 84 -9.61 -0.83 6.29
C GLY A 84 -10.63 -0.75 5.18
N PHE A 85 -10.14 -0.65 3.94
CA PHE A 85 -10.99 -0.57 2.78
C PHE A 85 -10.68 -1.72 1.84
N LEU A 86 -11.71 -2.48 1.48
CA LEU A 86 -11.54 -3.61 0.58
C LEU A 86 -11.48 -3.14 -0.87
N PHE A 87 -11.17 -4.07 -1.77
CA PHE A 87 -11.04 -3.76 -3.19
C PHE A 87 -12.38 -3.33 -3.78
N ASP A 88 -13.46 -3.89 -3.26
CA ASP A 88 -14.81 -3.56 -3.74
C ASP A 88 -15.30 -2.24 -3.15
N GLY A 89 -14.55 -1.72 -2.18
CA GLY A 89 -14.95 -0.47 -1.54
C GLY A 89 -15.59 -0.68 -0.19
N THR A 90 -15.74 -1.94 0.23
CA THR A 90 -16.33 -2.25 1.51
C THR A 90 -15.37 -1.93 2.67
N ARG A 91 -15.86 -1.21 3.66
CA ARG A 91 -15.06 -0.87 4.82
C ARG A 91 -15.29 -1.91 5.90
N TRP A 92 -14.36 -2.84 6.00
CA TRP A 92 -14.46 -3.93 6.98
C TRP A 92 -14.43 -3.42 8.42
N GLY A 93 -13.55 -2.48 8.70
CA GLY A 93 -13.47 -1.94 10.05
C GLY A 93 -12.17 -1.18 10.29
N THR A 94 -11.96 -0.78 11.54
CA THR A 94 -10.77 -0.05 11.92
C THR A 94 -9.64 -0.99 12.34
N VAL A 95 -8.48 -0.82 11.71
CA VAL A 95 -7.31 -1.64 12.00
C VAL A 95 -6.34 -0.85 12.87
N ASP A 96 -5.79 -1.49 13.88
CA ASP A 96 -4.84 -0.82 14.77
C ASP A 96 -3.48 -1.48 14.70
N CYS A 97 -2.47 -0.68 14.38
CA CYS A 97 -1.11 -1.17 14.29
C CYS A 97 -0.28 -0.71 15.49
N THR A 98 -0.98 -0.32 16.56
CA THR A 98 -0.31 0.12 17.78
C THR A 98 0.06 -1.09 18.62
N THR A 99 -0.88 -2.02 18.72
CA THR A 99 -0.68 -3.24 19.48
C THR A 99 -0.44 -4.41 18.54
N ALA A 100 -0.31 -4.11 17.24
CA ALA A 100 -0.08 -5.14 16.24
C ALA A 100 0.89 -4.65 15.17
N ALA A 101 1.11 -5.48 14.16
CA ALA A 101 2.01 -5.15 13.07
C ALA A 101 1.27 -4.41 11.97
N CYS A 102 2.02 -3.74 11.11
CA CYS A 102 1.45 -3.00 9.99
C CYS A 102 2.22 -3.29 8.72
N GLN A 103 1.63 -2.98 7.57
CA GLN A 103 2.28 -3.23 6.30
C GLN A 103 1.73 -2.30 5.21
N VAL A 104 2.41 -2.26 4.08
CA VAL A 104 2.01 -1.43 2.96
C VAL A 104 1.97 -2.24 1.67
N GLY A 105 0.98 -1.98 0.82
CA GLY A 105 0.87 -2.70 -0.43
C GLY A 105 0.16 -1.89 -1.50
N LEU A 106 0.12 -2.42 -2.71
CA LEU A 106 -0.53 -1.76 -3.82
C LEU A 106 -1.26 -2.76 -4.70
N SER A 107 -2.43 -2.37 -5.20
CA SER A 107 -3.22 -3.23 -6.06
C SER A 107 -3.55 -2.51 -7.36
N ASP A 108 -3.40 -3.21 -8.48
CA ASP A 108 -3.70 -2.63 -9.78
C ASP A 108 -5.20 -2.67 -10.03
N ALA A 109 -5.59 -2.41 -11.28
CA ALA A 109 -7.00 -2.41 -11.65
C ALA A 109 -7.64 -3.78 -11.46
N ALA A 110 -6.85 -4.83 -11.63
CA ALA A 110 -7.33 -6.20 -11.48
C ALA A 110 -7.27 -6.62 -10.01
N GLY A 111 -6.11 -6.45 -9.40
CA GLY A 111 -5.94 -6.83 -8.02
C GLY A 111 -4.70 -7.66 -7.80
N ASN A 112 -3.64 -7.35 -8.53
CA ASN A 112 -2.38 -8.06 -8.42
C ASN A 112 -1.23 -7.07 -8.41
N GLY A 113 -0.01 -7.58 -8.41
CA GLY A 113 1.15 -6.73 -8.40
C GLY A 113 2.25 -7.28 -7.51
N PRO A 114 3.25 -6.45 -7.17
CA PRO A 114 4.36 -6.87 -6.31
C PRO A 114 3.89 -7.29 -4.92
N GLU A 115 4.69 -8.10 -4.23
CA GLU A 115 4.33 -8.56 -2.90
C GLU A 115 4.32 -7.41 -1.90
N GLY A 116 3.36 -7.44 -0.99
CA GLY A 116 3.27 -6.41 0.03
C GLY A 116 4.43 -6.46 0.98
N VAL A 117 4.80 -5.31 1.53
CA VAL A 117 5.92 -5.21 2.45
C VAL A 117 5.46 -4.81 3.84
N ALA A 118 5.81 -5.62 4.83
CA ALA A 118 5.43 -5.35 6.21
C ALA A 118 6.44 -4.41 6.86
N ILE A 119 5.95 -3.60 7.81
CA ILE A 119 6.79 -2.65 8.52
C ILE A 119 6.47 -2.67 10.00
N SER A 120 7.20 -1.90 10.77
CA SER A 120 6.99 -1.83 12.21
C SER A 120 7.45 -0.48 12.74
N PHE A 121 6.78 0.01 13.77
CA PHE A 121 7.12 1.29 14.36
C PHE A 121 8.06 1.08 15.55
N ASN A 122 8.81 2.12 15.90
CA ASN A 122 9.74 2.03 17.02
C ASN A 122 9.01 2.18 18.34
N ALA A 10 8.13 -11.67 -17.44
CA ALA A 10 9.39 -10.90 -17.39
C ALA A 10 9.79 -10.66 -15.93
N ALA A 11 10.85 -9.88 -15.73
CA ALA A 11 11.32 -9.57 -14.39
C ALA A 11 11.02 -8.11 -14.03
N PRO A 12 9.95 -7.87 -13.25
CA PRO A 12 9.58 -6.52 -12.82
C PRO A 12 10.59 -5.96 -11.82
N THR A 13 10.54 -4.66 -11.60
CA THR A 13 11.47 -4.02 -10.69
C THR A 13 10.75 -3.32 -9.53
N ALA A 14 10.95 -3.84 -8.33
CA ALA A 14 10.35 -3.27 -7.13
C ALA A 14 11.32 -2.26 -6.51
N THR A 15 10.83 -1.08 -6.21
CA THR A 15 11.67 -0.05 -5.62
C THR A 15 10.92 0.71 -4.54
N VAL A 16 10.51 0.00 -3.50
CA VAL A 16 9.77 0.60 -2.41
C VAL A 16 10.68 0.80 -1.21
N THR A 17 10.38 1.81 -0.40
CA THR A 17 11.16 2.12 0.79
C THR A 17 10.33 1.83 2.05
N PRO A 18 10.71 0.80 2.82
CA PRO A 18 10.00 0.44 4.04
C PRO A 18 10.41 1.30 5.24
N SER A 19 9.43 1.61 6.09
CA SER A 19 9.66 2.42 7.26
C SER A 19 9.94 1.53 8.48
N SER A 20 10.85 0.58 8.32
CA SER A 20 11.20 -0.35 9.39
C SER A 20 11.95 0.37 10.51
N GLY A 21 11.25 0.63 11.62
CA GLY A 21 11.86 1.31 12.74
C GLY A 21 11.45 2.76 12.83
N LEU A 22 10.52 3.17 11.99
CA LEU A 22 10.06 4.55 11.99
C LEU A 22 8.66 4.62 12.61
N SER A 23 8.36 5.73 13.26
CA SER A 23 7.05 5.92 13.91
C SER A 23 5.97 6.29 12.89
N ASP A 24 4.74 6.45 13.39
CA ASP A 24 3.61 6.81 12.53
C ASP A 24 3.77 8.22 12.00
N GLY A 25 3.09 8.52 10.90
CA GLY A 25 3.19 9.84 10.30
C GLY A 25 4.29 9.91 9.28
N THR A 26 5.10 8.87 9.24
CA THR A 26 6.21 8.78 8.30
C THR A 26 5.70 8.50 6.89
N VAL A 27 6.34 9.12 5.92
CA VAL A 27 5.97 8.95 4.52
C VAL A 27 6.65 7.72 3.92
N VAL A 28 5.84 6.77 3.46
CA VAL A 28 6.35 5.55 2.85
C VAL A 28 6.42 5.71 1.34
N LYS A 29 7.60 5.51 0.77
CA LYS A 29 7.79 5.65 -0.68
C LYS A 29 7.51 4.33 -1.39
N VAL A 30 6.62 4.38 -2.37
CA VAL A 30 6.28 3.20 -3.15
C VAL A 30 6.52 3.46 -4.64
N ALA A 31 7.60 2.92 -5.16
CA ALA A 31 7.94 3.09 -6.57
C ALA A 31 8.14 1.76 -7.26
N GLY A 32 7.69 1.65 -8.50
CA GLY A 32 7.82 0.42 -9.24
C GLY A 32 8.15 0.66 -10.70
N ALA A 33 8.86 -0.29 -11.31
CA ALA A 33 9.23 -0.19 -12.71
C ALA A 33 8.90 -1.49 -13.43
N GLY A 34 8.60 -1.39 -14.72
CA GLY A 34 8.26 -2.57 -15.49
C GLY A 34 6.79 -2.90 -15.36
N LEU A 35 6.00 -1.89 -15.02
CA LEU A 35 4.57 -2.05 -14.85
C LEU A 35 3.84 -1.73 -16.15
N GLN A 36 2.56 -2.09 -16.19
CA GLN A 36 1.73 -1.85 -17.38
C GLN A 36 1.43 -0.36 -17.51
N ALA A 37 2.03 0.27 -18.52
CA ALA A 37 1.82 1.69 -18.76
C ALA A 37 0.37 1.99 -19.08
N GLY A 38 -0.20 2.94 -18.35
CA GLY A 38 -1.59 3.31 -18.58
C GLY A 38 -2.53 2.76 -17.52
N THR A 39 -2.00 1.99 -16.57
CA THR A 39 -2.84 1.42 -15.52
C THR A 39 -2.68 2.19 -14.23
N ALA A 40 -3.63 2.03 -13.32
CA ALA A 40 -3.61 2.70 -12.02
C ALA A 40 -3.45 1.68 -10.90
N TYR A 41 -2.63 2.03 -9.92
CA TYR A 41 -2.39 1.16 -8.78
C TYR A 41 -2.81 1.82 -7.49
N ASP A 42 -3.63 1.14 -6.71
CA ASP A 42 -4.09 1.65 -5.43
C ASP A 42 -3.08 1.31 -4.36
N VAL A 43 -2.50 2.32 -3.74
CA VAL A 43 -1.49 2.10 -2.72
C VAL A 43 -1.91 2.67 -1.37
N GLY A 44 -1.80 1.86 -0.34
CA GLY A 44 -2.14 2.28 1.00
C GLY A 44 -1.53 1.35 2.02
N GLN A 45 -1.73 1.64 3.30
CA GLN A 45 -1.19 0.80 4.35
C GLN A 45 -2.14 -0.37 4.61
N CYS A 46 -2.37 -1.15 3.57
CA CYS A 46 -3.26 -2.30 3.62
C CYS A 46 -2.71 -3.40 4.52
N ALA A 47 -3.18 -3.44 5.75
CA ALA A 47 -2.73 -4.43 6.72
C ALA A 47 -3.79 -5.52 6.90
N TRP A 48 -3.47 -6.50 7.72
CA TRP A 48 -4.38 -7.61 8.00
C TRP A 48 -5.57 -7.13 8.82
N VAL A 49 -6.76 -7.18 8.23
CA VAL A 49 -7.95 -6.75 8.93
C VAL A 49 -8.76 -7.96 9.40
N ASP A 50 -8.54 -9.09 8.76
CA ASP A 50 -9.21 -10.34 9.11
C ASP A 50 -8.30 -11.50 8.76
N THR A 51 -8.78 -12.72 8.95
CA THR A 51 -7.98 -13.90 8.66
C THR A 51 -7.81 -14.08 7.14
N GLY A 52 -6.74 -13.51 6.62
CA GLY A 52 -6.45 -13.61 5.20
C GLY A 52 -6.99 -12.44 4.42
N VAL A 53 -7.65 -11.54 5.11
CA VAL A 53 -8.24 -10.36 4.48
C VAL A 53 -7.41 -9.12 4.80
N LEU A 54 -6.98 -8.43 3.75
CA LEU A 54 -6.21 -7.22 3.90
C LEU A 54 -7.03 -6.05 3.39
N ALA A 55 -6.92 -4.90 4.03
CA ALA A 55 -7.69 -3.73 3.61
C ALA A 55 -6.84 -2.46 3.64
N CYS A 56 -7.03 -1.60 2.64
CA CYS A 56 -6.26 -0.36 2.55
C CYS A 56 -7.04 0.80 3.18
N ASN A 57 -6.35 1.91 3.42
CA ASN A 57 -6.96 3.10 4.00
C ASN A 57 -7.37 4.08 2.91
N PRO A 58 -8.64 4.50 2.88
CA PRO A 58 -9.14 5.44 1.87
C PRO A 58 -8.86 6.91 2.21
N ALA A 59 -8.35 7.15 3.41
CA ALA A 59 -8.07 8.52 3.83
C ALA A 59 -6.68 8.99 3.37
N ASP A 60 -5.65 8.20 3.68
CA ASP A 60 -4.29 8.56 3.31
C ASP A 60 -3.75 7.63 2.23
N PHE A 61 -4.49 7.48 1.15
CA PHE A 61 -4.08 6.61 0.06
C PHE A 61 -3.79 7.45 -1.17
N SER A 62 -3.17 6.84 -2.17
CA SER A 62 -2.85 7.53 -3.41
C SER A 62 -2.81 6.53 -4.57
N SER A 63 -3.72 6.70 -5.51
CA SER A 63 -3.79 5.83 -6.67
C SER A 63 -2.92 6.36 -7.79
N VAL A 64 -1.66 5.97 -7.80
CA VAL A 64 -0.71 6.42 -8.81
C VAL A 64 -0.86 5.59 -10.08
N THR A 65 -0.66 6.23 -11.23
CA THR A 65 -0.77 5.56 -12.50
C THR A 65 0.61 5.37 -13.12
N ALA A 66 0.76 4.32 -13.92
CA ALA A 66 2.01 4.04 -14.59
C ALA A 66 2.14 4.95 -15.81
N ASP A 67 3.20 5.73 -15.83
CA ASP A 67 3.46 6.67 -16.92
C ASP A 67 3.87 5.96 -18.20
N ALA A 68 4.26 6.75 -19.20
CA ALA A 68 4.69 6.22 -20.49
C ALA A 68 5.98 5.43 -20.39
N ASN A 69 6.64 5.52 -19.25
CA ASN A 69 7.89 4.80 -19.03
C ASN A 69 7.59 3.49 -18.31
N GLY A 70 6.31 3.25 -18.04
CA GLY A 70 5.90 2.04 -17.37
C GLY A 70 6.32 2.05 -15.91
N SER A 71 6.39 3.25 -15.34
CA SER A 71 6.78 3.39 -13.95
C SER A 71 5.72 4.13 -13.16
N ALA A 72 5.71 3.90 -11.86
CA ALA A 72 4.77 4.55 -10.96
C ALA A 72 5.40 4.76 -9.59
N SER A 73 5.32 5.97 -9.09
CA SER A 73 5.89 6.30 -7.79
C SER A 73 4.95 7.18 -6.98
N THR A 74 4.72 6.79 -5.75
CA THR A 74 3.85 7.54 -4.86
C THR A 74 4.33 7.43 -3.42
N SER A 75 3.75 8.22 -2.53
CA SER A 75 4.14 8.21 -1.14
C SER A 75 2.90 8.26 -0.26
N LEU A 76 2.85 7.41 0.77
CA LEU A 76 1.69 7.35 1.65
C LEU A 76 2.06 7.73 3.07
N THR A 77 1.08 8.20 3.82
CA THR A 77 1.28 8.58 5.22
C THR A 77 0.76 7.47 6.12
N VAL A 78 1.65 6.69 6.70
CA VAL A 78 1.26 5.59 7.56
C VAL A 78 0.76 6.10 8.92
N ARG A 79 -0.46 5.72 9.25
CA ARG A 79 -1.07 6.12 10.52
C ARG A 79 -1.06 4.95 11.50
N ARG A 80 -1.43 5.23 12.74
CA ARG A 80 -1.49 4.21 13.77
C ARG A 80 -2.79 3.42 13.65
N SER A 81 -3.86 4.13 13.27
CA SER A 81 -5.17 3.53 13.09
C SER A 81 -5.79 4.09 11.81
N PHE A 82 -6.42 3.23 11.03
CA PHE A 82 -7.03 3.64 9.77
C PHE A 82 -8.25 2.79 9.46
N GLU A 83 -9.02 3.20 8.49
CA GLU A 83 -10.21 2.46 8.10
C GLU A 83 -9.87 1.49 6.98
N GLY A 84 -10.18 0.22 7.18
CA GLY A 84 -9.87 -0.77 6.19
C GLY A 84 -10.95 -0.91 5.13
N PHE A 85 -10.57 -0.74 3.87
CA PHE A 85 -11.51 -0.83 2.77
C PHE A 85 -11.04 -1.87 1.76
N LEU A 86 -11.98 -2.59 1.20
CA LEU A 86 -11.66 -3.60 0.20
C LEU A 86 -11.80 -2.99 -1.19
N PHE A 87 -11.49 -3.78 -2.21
CA PHE A 87 -11.55 -3.30 -3.59
C PHE A 87 -12.99 -3.21 -4.10
N ASP A 88 -13.91 -3.83 -3.37
CA ASP A 88 -15.32 -3.83 -3.75
C ASP A 88 -16.03 -2.62 -3.14
N GLY A 89 -15.28 -1.80 -2.39
CA GLY A 89 -15.85 -0.61 -1.78
C GLY A 89 -16.39 -0.85 -0.38
N THR A 90 -16.28 -2.09 0.10
CA THR A 90 -16.77 -2.42 1.43
C THR A 90 -15.70 -2.19 2.48
N ARG A 91 -16.13 -1.75 3.66
CA ARG A 91 -15.21 -1.50 4.75
C ARG A 91 -15.33 -2.63 5.77
N TRP A 92 -14.20 -3.05 6.31
CA TRP A 92 -14.20 -4.13 7.29
C TRP A 92 -14.05 -3.59 8.70
N GLY A 93 -13.85 -2.28 8.80
CA GLY A 93 -13.70 -1.65 10.11
C GLY A 93 -12.39 -0.91 10.24
N THR A 94 -12.06 -0.50 11.45
CA THR A 94 -10.83 0.23 11.69
C THR A 94 -9.70 -0.74 12.04
N VAL A 95 -8.57 -0.56 11.38
CA VAL A 95 -7.39 -1.39 11.60
C VAL A 95 -6.40 -0.65 12.49
N ASP A 96 -5.78 -1.38 13.41
CA ASP A 96 -4.81 -0.80 14.32
C ASP A 96 -3.44 -1.45 14.15
N CYS A 97 -2.40 -0.64 14.16
CA CYS A 97 -1.03 -1.15 14.01
C CYS A 97 -0.15 -0.68 15.17
N THR A 98 -0.72 -0.62 16.36
CA THR A 98 0.02 -0.19 17.53
C THR A 98 0.73 -1.36 18.23
N THR A 99 0.09 -2.52 18.21
CA THR A 99 0.66 -3.70 18.84
C THR A 99 1.05 -4.74 17.79
N ALA A 100 0.71 -4.44 16.54
CA ALA A 100 1.02 -5.34 15.43
C ALA A 100 1.96 -4.67 14.43
N ALA A 101 2.25 -5.36 13.35
CA ALA A 101 3.12 -4.82 12.32
C ALA A 101 2.30 -4.42 11.09
N CYS A 102 2.29 -3.12 10.81
CA CYS A 102 1.56 -2.60 9.66
C CYS A 102 2.29 -2.95 8.37
N GLN A 103 1.64 -2.74 7.24
CA GLN A 103 2.26 -3.05 5.96
C GLN A 103 1.70 -2.14 4.87
N VAL A 104 2.45 -2.01 3.80
CA VAL A 104 2.04 -1.18 2.68
C VAL A 104 2.08 -1.99 1.40
N GLY A 105 0.99 -1.98 0.65
CA GLY A 105 0.93 -2.73 -0.58
C GLY A 105 0.22 -1.96 -1.66
N LEU A 106 0.32 -2.44 -2.88
CA LEU A 106 -0.32 -1.80 -4.01
C LEU A 106 -0.87 -2.85 -4.96
N SER A 107 -1.99 -2.55 -5.58
CA SER A 107 -2.62 -3.45 -6.51
C SER A 107 -3.34 -2.67 -7.61
N ASP A 108 -3.43 -3.27 -8.79
CA ASP A 108 -4.09 -2.65 -9.92
C ASP A 108 -5.60 -2.78 -9.79
N ALA A 109 -6.31 -2.37 -10.84
CA ALA A 109 -7.77 -2.44 -10.85
C ALA A 109 -8.26 -3.87 -10.58
N ALA A 110 -7.53 -4.85 -11.12
CA ALA A 110 -7.89 -6.25 -10.92
C ALA A 110 -7.59 -6.68 -9.49
N GLY A 111 -6.37 -6.39 -9.04
CA GLY A 111 -5.99 -6.75 -7.69
C GLY A 111 -4.64 -7.43 -7.62
N ASN A 112 -3.80 -7.19 -8.61
CA ASN A 112 -2.48 -7.82 -8.65
C ASN A 112 -1.39 -6.75 -8.69
N GLY A 113 -0.14 -7.17 -8.56
CA GLY A 113 0.97 -6.23 -8.57
C GLY A 113 2.12 -6.70 -7.70
N PRO A 114 3.06 -5.81 -7.39
CA PRO A 114 4.22 -6.13 -6.54
C PRO A 114 3.81 -6.60 -5.15
N GLU A 115 4.63 -7.43 -4.54
CA GLU A 115 4.36 -7.96 -3.21
C GLU A 115 4.39 -6.84 -2.17
N GLY A 116 3.47 -6.92 -1.21
CA GLY A 116 3.40 -5.93 -0.16
C GLY A 116 4.51 -6.09 0.85
N VAL A 117 5.00 -4.99 1.38
CA VAL A 117 6.09 -5.02 2.35
C VAL A 117 5.58 -4.64 3.73
N ALA A 118 5.96 -5.42 4.73
CA ALA A 118 5.55 -5.16 6.10
C ALA A 118 6.53 -4.23 6.79
N ILE A 119 6.00 -3.32 7.59
CA ILE A 119 6.81 -2.35 8.32
C ILE A 119 6.52 -2.45 9.81
N SER A 120 7.29 -1.74 10.62
CA SER A 120 7.10 -1.76 12.05
C SER A 120 7.58 -0.45 12.66
N PHE A 121 6.86 0.03 13.66
CA PHE A 121 7.21 1.26 14.33
C PHE A 121 8.20 0.99 15.46
N ASN A 122 8.97 2.00 15.83
CA ASN A 122 9.95 1.85 16.90
C ASN A 122 9.29 2.00 18.26
N ALA A 10 8.98 -11.02 -18.10
CA ALA A 10 9.77 -9.78 -17.88
C ALA A 10 9.98 -9.53 -16.40
N ALA A 11 11.24 -9.37 -16.00
CA ALA A 11 11.58 -9.13 -14.61
C ALA A 11 11.26 -7.69 -14.21
N PRO A 12 10.37 -7.51 -13.22
CA PRO A 12 9.98 -6.19 -12.74
C PRO A 12 10.99 -5.57 -11.79
N THR A 13 10.97 -4.26 -11.68
CA THR A 13 11.88 -3.54 -10.80
C THR A 13 11.10 -2.78 -9.73
N ALA A 14 10.76 -3.49 -8.66
CA ALA A 14 10.01 -2.88 -7.56
C ALA A 14 10.95 -2.29 -6.53
N THR A 15 11.08 -0.98 -6.53
CA THR A 15 11.94 -0.28 -5.60
C THR A 15 11.10 0.49 -4.58
N VAL A 16 10.88 -0.11 -3.43
CA VAL A 16 10.08 0.52 -2.39
C VAL A 16 10.96 0.91 -1.20
N THR A 17 10.52 1.90 -0.45
CA THR A 17 11.23 2.34 0.73
C THR A 17 10.41 2.09 1.98
N PRO A 18 10.67 0.98 2.68
CA PRO A 18 9.94 0.63 3.90
C PRO A 18 10.33 1.51 5.09
N SER A 19 9.34 1.87 5.89
CA SER A 19 9.54 2.71 7.07
C SER A 19 9.80 1.84 8.31
N SER A 20 10.36 0.66 8.08
CA SER A 20 10.66 -0.27 9.14
C SER A 20 11.61 0.33 10.17
N GLY A 21 11.10 0.54 11.38
CA GLY A 21 11.91 1.10 12.44
C GLY A 21 11.48 2.50 12.80
N LEU A 22 10.69 3.12 11.94
CA LEU A 22 10.22 4.48 12.17
C LEU A 22 8.81 4.47 12.75
N SER A 23 8.38 5.58 13.32
CA SER A 23 7.05 5.67 13.92
C SER A 23 6.00 5.97 12.86
N ASP A 24 4.77 6.20 13.31
CA ASP A 24 3.66 6.50 12.40
C ASP A 24 3.82 7.91 11.85
N GLY A 25 3.10 8.20 10.79
CA GLY A 25 3.18 9.51 10.16
C GLY A 25 4.30 9.58 9.15
N THR A 26 5.09 8.51 9.09
CA THR A 26 6.20 8.42 8.17
C THR A 26 5.72 8.22 6.73
N VAL A 27 6.46 8.80 5.79
CA VAL A 27 6.12 8.69 4.39
C VAL A 27 6.71 7.43 3.77
N VAL A 28 5.84 6.58 3.25
CA VAL A 28 6.26 5.34 2.60
C VAL A 28 6.35 5.55 1.11
N LYS A 29 7.55 5.35 0.55
CA LYS A 29 7.75 5.54 -0.88
C LYS A 29 7.61 4.22 -1.62
N VAL A 30 6.76 4.22 -2.64
CA VAL A 30 6.53 3.03 -3.46
C VAL A 30 6.78 3.35 -4.92
N ALA A 31 7.91 2.91 -5.44
CA ALA A 31 8.26 3.14 -6.83
C ALA A 31 8.36 1.81 -7.59
N GLY A 32 7.34 1.50 -8.36
CA GLY A 32 7.33 0.26 -9.11
C GLY A 32 7.62 0.48 -10.58
N ALA A 33 8.71 -0.10 -11.05
CA ALA A 33 9.10 0.01 -12.45
C ALA A 33 8.88 -1.33 -13.15
N GLY A 34 8.41 -1.28 -14.39
CA GLY A 34 8.16 -2.50 -15.13
C GLY A 34 6.69 -2.87 -15.08
N LEU A 35 5.85 -1.86 -14.91
CA LEU A 35 4.42 -2.05 -14.83
C LEU A 35 3.79 -1.79 -16.19
N GLN A 36 2.50 -2.03 -16.30
CA GLN A 36 1.79 -1.84 -17.56
C GLN A 36 1.42 -0.37 -17.74
N ALA A 37 2.09 0.29 -18.67
CA ALA A 37 1.84 1.70 -18.95
C ALA A 37 0.39 1.92 -19.36
N GLY A 38 -0.40 2.50 -18.47
CA GLY A 38 -1.80 2.75 -18.76
C GLY A 38 -2.69 2.34 -17.61
N THR A 39 -2.36 1.22 -16.97
CA THR A 39 -3.16 0.74 -15.85
C THR A 39 -2.89 1.55 -14.59
N ALA A 40 -3.92 1.70 -13.76
CA ALA A 40 -3.81 2.45 -12.53
C ALA A 40 -3.64 1.51 -11.35
N TYR A 41 -2.78 1.90 -10.42
CA TYR A 41 -2.50 1.10 -9.25
C TYR A 41 -2.83 1.87 -7.98
N ASP A 42 -3.55 1.24 -7.07
CA ASP A 42 -3.92 1.86 -5.80
C ASP A 42 -2.94 1.41 -4.74
N VAL A 43 -2.36 2.35 -4.02
CA VAL A 43 -1.39 2.04 -2.99
C VAL A 43 -1.83 2.63 -1.64
N GLY A 44 -1.67 1.85 -0.59
CA GLY A 44 -2.03 2.30 0.74
C GLY A 44 -1.49 1.39 1.82
N GLN A 45 -1.67 1.78 3.07
CA GLN A 45 -1.20 0.97 4.19
C GLN A 45 -2.20 -0.16 4.48
N CYS A 46 -2.35 -1.03 3.50
CA CYS A 46 -3.26 -2.15 3.62
C CYS A 46 -2.71 -3.23 4.54
N ALA A 47 -3.28 -3.32 5.73
CA ALA A 47 -2.85 -4.31 6.71
C ALA A 47 -3.93 -5.37 6.90
N TRP A 48 -3.58 -6.42 7.63
CA TRP A 48 -4.50 -7.52 7.90
C TRP A 48 -5.77 -7.06 8.62
N VAL A 49 -6.86 -7.02 7.89
CA VAL A 49 -8.15 -6.63 8.44
C VAL A 49 -8.93 -7.88 8.84
N ASP A 50 -8.49 -9.00 8.31
CA ASP A 50 -9.11 -10.28 8.59
C ASP A 50 -8.05 -11.37 8.51
N THR A 51 -8.49 -12.61 8.59
CA THR A 51 -7.57 -13.75 8.52
C THR A 51 -7.14 -14.00 7.08
N GLY A 52 -6.13 -13.27 6.64
CA GLY A 52 -5.64 -13.42 5.29
C GLY A 52 -6.07 -12.28 4.40
N VAL A 53 -7.08 -11.55 4.85
CA VAL A 53 -7.60 -10.41 4.10
C VAL A 53 -6.97 -9.12 4.60
N LEU A 54 -6.49 -8.31 3.67
CA LEU A 54 -5.88 -7.04 4.00
C LEU A 54 -6.76 -5.89 3.52
N ALA A 55 -6.65 -4.75 4.18
CA ALA A 55 -7.42 -3.57 3.79
C ALA A 55 -6.70 -2.30 4.24
N CYS A 56 -6.89 -1.23 3.46
CA CYS A 56 -6.27 0.05 3.75
C CYS A 56 -7.31 1.14 3.93
N ASN A 57 -6.91 2.28 4.50
CA ASN A 57 -7.84 3.38 4.71
C ASN A 57 -7.85 4.30 3.50
N PRO A 58 -9.04 4.75 3.08
CA PRO A 58 -9.19 5.64 1.93
C PRO A 58 -8.72 7.05 2.22
N ALA A 59 -8.59 7.38 3.49
CA ALA A 59 -8.16 8.71 3.90
C ALA A 59 -6.67 8.94 3.70
N ASP A 60 -5.89 7.88 3.53
CA ASP A 60 -4.44 8.04 3.36
C ASP A 60 -3.89 7.26 2.17
N PHE A 61 -4.75 6.62 1.40
CA PHE A 61 -4.31 5.87 0.24
C PHE A 61 -4.15 6.80 -0.96
N SER A 62 -3.42 6.34 -1.97
CA SER A 62 -3.22 7.15 -3.17
C SER A 62 -3.20 6.28 -4.42
N SER A 63 -3.79 6.79 -5.49
CA SER A 63 -3.84 6.08 -6.76
C SER A 63 -2.81 6.66 -7.71
N VAL A 64 -2.01 5.78 -8.30
CA VAL A 64 -0.99 6.23 -9.24
C VAL A 64 -1.05 5.41 -10.52
N THR A 65 -1.08 6.09 -11.65
CA THR A 65 -1.14 5.41 -12.93
C THR A 65 0.27 5.25 -13.48
N ALA A 66 0.52 4.14 -14.16
CA ALA A 66 1.83 3.88 -14.74
C ALA A 66 2.11 4.88 -15.85
N ASP A 67 3.25 5.57 -15.73
CA ASP A 67 3.65 6.56 -16.72
C ASP A 67 4.07 5.90 -18.03
N ALA A 68 4.42 6.71 -19.01
CA ALA A 68 4.83 6.21 -20.33
C ALA A 68 6.03 5.27 -20.26
N ASN A 69 6.88 5.44 -19.25
CA ASN A 69 8.05 4.58 -19.08
C ASN A 69 7.63 3.23 -18.50
N GLY A 70 6.44 3.19 -17.92
CA GLY A 70 5.94 1.98 -17.32
C GLY A 70 6.30 1.87 -15.86
N SER A 71 6.31 3.02 -15.19
CA SER A 71 6.64 3.06 -13.78
C SER A 71 5.62 3.86 -12.99
N ALA A 72 5.46 3.53 -11.72
CA ALA A 72 4.51 4.22 -10.86
C ALA A 72 5.14 4.49 -9.50
N SER A 73 5.38 5.75 -9.20
CA SER A 73 5.96 6.14 -7.93
C SER A 73 4.98 6.99 -7.13
N THR A 74 4.75 6.60 -5.90
CA THR A 74 3.83 7.32 -5.02
C THR A 74 4.31 7.25 -3.58
N SER A 75 3.79 8.13 -2.75
CA SER A 75 4.16 8.18 -1.35
C SER A 75 2.91 8.12 -0.48
N LEU A 76 2.92 7.25 0.54
CA LEU A 76 1.77 7.10 1.42
C LEU A 76 2.11 7.54 2.83
N THR A 77 1.09 7.96 3.56
CA THR A 77 1.26 8.38 4.94
C THR A 77 0.71 7.30 5.87
N VAL A 78 1.59 6.53 6.49
CA VAL A 78 1.18 5.45 7.38
C VAL A 78 0.69 5.98 8.72
N ARG A 79 -0.54 5.62 9.08
CA ARG A 79 -1.12 6.04 10.35
C ARG A 79 -1.01 4.93 11.38
N ARG A 80 -1.14 5.28 12.65
CA ARG A 80 -1.07 4.33 13.74
C ARG A 80 -2.37 3.54 13.84
N SER A 81 -3.48 4.26 13.74
CA SER A 81 -4.79 3.64 13.80
C SER A 81 -5.61 4.03 12.58
N PHE A 82 -6.16 3.06 11.86
CA PHE A 82 -6.94 3.34 10.66
C PHE A 82 -8.01 2.28 10.43
N GLU A 83 -8.91 2.55 9.49
CA GLU A 83 -9.97 1.62 9.17
C GLU A 83 -9.64 0.88 7.88
N GLY A 84 -10.07 -0.37 7.78
CA GLY A 84 -9.79 -1.15 6.61
C GLY A 84 -10.93 -1.12 5.61
N PHE A 85 -10.62 -0.75 4.38
CA PHE A 85 -11.63 -0.65 3.33
C PHE A 85 -11.29 -1.61 2.21
N LEU A 86 -12.32 -2.16 1.58
CA LEU A 86 -12.12 -3.09 0.49
C LEU A 86 -11.99 -2.34 -0.84
N PHE A 87 -11.55 -3.05 -1.88
CA PHE A 87 -11.36 -2.45 -3.19
C PHE A 87 -12.68 -2.05 -3.83
N ASP A 88 -13.78 -2.55 -3.28
CA ASP A 88 -15.10 -2.22 -3.80
C ASP A 88 -15.58 -0.89 -3.23
N GLY A 89 -14.90 -0.41 -2.19
CA GLY A 89 -15.25 0.84 -1.57
C GLY A 89 -15.97 0.67 -0.25
N THR A 90 -16.27 -0.57 0.12
CA THR A 90 -16.97 -0.84 1.36
C THR A 90 -15.98 -1.20 2.47
N ARG A 91 -16.23 -0.68 3.66
CA ARG A 91 -15.37 -0.96 4.80
C ARG A 91 -15.58 -2.38 5.30
N TRP A 92 -14.50 -3.03 5.71
CA TRP A 92 -14.60 -4.39 6.21
C TRP A 92 -14.41 -4.42 7.72
N GLY A 93 -13.61 -3.48 8.23
CA GLY A 93 -13.35 -3.41 9.64
C GLY A 93 -12.35 -2.34 10.00
N THR A 94 -11.71 -2.49 11.14
CA THR A 94 -10.72 -1.53 11.58
C THR A 94 -9.38 -2.22 11.83
N VAL A 95 -8.28 -1.55 11.48
CA VAL A 95 -6.96 -2.11 11.67
C VAL A 95 -6.09 -1.18 12.49
N ASP A 96 -5.67 -1.65 13.66
CA ASP A 96 -4.84 -0.84 14.53
C ASP A 96 -3.39 -1.31 14.44
N CYS A 97 -2.49 -0.36 14.22
CA CYS A 97 -1.08 -0.66 14.13
C CYS A 97 -0.34 -0.16 15.36
N THR A 98 -1.08 0.02 16.46
CA THR A 98 -0.49 0.48 17.71
C THR A 98 -0.01 -0.72 18.50
N THR A 99 -0.71 -1.83 18.35
CA THR A 99 -0.36 -3.06 19.04
C THR A 99 0.03 -4.14 18.03
N ALA A 100 0.27 -3.73 16.80
CA ALA A 100 0.64 -4.65 15.74
C ALA A 100 1.50 -3.95 14.70
N ALA A 101 2.21 -4.74 13.91
CA ALA A 101 3.06 -4.20 12.85
C ALA A 101 2.22 -3.81 11.65
N CYS A 102 2.48 -2.62 11.12
CA CYS A 102 1.74 -2.13 9.97
C CYS A 102 2.39 -2.65 8.69
N GLN A 103 1.78 -2.35 7.55
CA GLN A 103 2.31 -2.80 6.28
C GLN A 103 1.73 -1.96 5.15
N VAL A 104 2.39 -1.97 4.00
CA VAL A 104 1.95 -1.21 2.85
C VAL A 104 2.04 -2.06 1.58
N GLY A 105 1.03 -1.96 0.72
CA GLY A 105 1.02 -2.72 -0.51
C GLY A 105 0.30 -1.97 -1.61
N LEU A 106 0.34 -2.53 -2.82
CA LEU A 106 -0.31 -1.92 -3.96
C LEU A 106 -0.96 -2.97 -4.84
N SER A 107 -1.98 -2.58 -5.56
CA SER A 107 -2.69 -3.48 -6.44
C SER A 107 -3.27 -2.70 -7.62
N ASP A 108 -3.37 -3.36 -8.78
CA ASP A 108 -3.92 -2.73 -9.96
C ASP A 108 -5.44 -2.79 -9.92
N ALA A 109 -6.08 -2.46 -11.04
CA ALA A 109 -7.53 -2.49 -11.14
C ALA A 109 -8.08 -3.89 -10.85
N ALA A 110 -7.35 -4.91 -11.29
CA ALA A 110 -7.77 -6.28 -11.07
C ALA A 110 -7.47 -6.69 -9.63
N GLY A 111 -6.24 -6.51 -9.21
CA GLY A 111 -5.86 -6.86 -7.86
C GLY A 111 -4.57 -7.67 -7.79
N ASN A 112 -3.61 -7.30 -8.62
CA ASN A 112 -2.33 -7.99 -8.65
C ASN A 112 -1.18 -6.99 -8.71
N GLY A 113 0.04 -7.51 -8.62
CA GLY A 113 1.22 -6.67 -8.67
C GLY A 113 2.31 -7.20 -7.76
N PRO A 114 3.19 -6.35 -7.25
CA PRO A 114 4.27 -6.76 -6.34
C PRO A 114 3.73 -7.22 -4.98
N GLU A 115 4.60 -7.81 -4.18
CA GLU A 115 4.20 -8.31 -2.87
C GLU A 115 4.10 -7.17 -1.85
N GLY A 116 3.35 -7.41 -0.79
CA GLY A 116 3.20 -6.41 0.24
C GLY A 116 4.34 -6.44 1.24
N VAL A 117 4.78 -5.27 1.67
CA VAL A 117 5.89 -5.17 2.62
C VAL A 117 5.40 -4.66 3.96
N ALA A 118 5.86 -5.31 5.03
CA ALA A 118 5.47 -4.93 6.37
C ALA A 118 6.44 -3.90 6.94
N ILE A 119 5.92 -3.01 7.78
CA ILE A 119 6.71 -1.95 8.39
C ILE A 119 6.36 -1.83 9.88
N SER A 120 7.26 -2.29 10.72
CA SER A 120 7.07 -2.23 12.16
C SER A 120 7.59 -0.90 12.71
N PHE A 121 6.85 -0.33 13.65
CA PHE A 121 7.25 0.94 14.25
C PHE A 121 8.22 0.70 15.39
N ASN A 122 8.89 1.75 15.85
CA ASN A 122 9.84 1.63 16.95
C ASN A 122 9.11 1.76 18.27
N ALA A 10 8.52 -11.25 -18.11
CA ALA A 10 9.45 -10.11 -17.97
C ALA A 10 9.72 -9.84 -16.50
N ALA A 11 10.96 -9.52 -16.17
CA ALA A 11 11.35 -9.24 -14.80
C ALA A 11 11.06 -7.78 -14.45
N PRO A 12 10.09 -7.54 -13.56
CA PRO A 12 9.71 -6.19 -13.15
C PRO A 12 10.70 -5.60 -12.14
N THR A 13 10.75 -4.29 -12.08
CA THR A 13 11.64 -3.60 -11.16
C THR A 13 10.85 -2.88 -10.06
N ALA A 14 10.80 -3.48 -8.88
CA ALA A 14 10.08 -2.89 -7.77
C ALA A 14 11.04 -2.24 -6.78
N THR A 15 10.90 -0.92 -6.63
CA THR A 15 11.75 -0.17 -5.72
C THR A 15 10.91 0.45 -4.62
N VAL A 16 10.91 -0.16 -3.45
CA VAL A 16 10.15 0.34 -2.33
C VAL A 16 11.06 0.69 -1.17
N THR A 17 10.66 1.69 -0.40
CA THR A 17 11.44 2.13 0.75
C THR A 17 10.65 1.89 2.04
N PRO A 18 10.86 0.74 2.70
CA PRO A 18 10.16 0.41 3.95
C PRO A 18 10.54 1.33 5.10
N SER A 19 9.56 1.65 5.93
CA SER A 19 9.77 2.51 7.08
C SER A 19 10.01 1.69 8.35
N SER A 20 10.73 0.60 8.20
CA SER A 20 11.04 -0.28 9.33
C SER A 20 11.87 0.44 10.38
N GLY A 21 11.27 0.70 11.53
CA GLY A 21 11.95 1.37 12.60
C GLY A 21 11.53 2.82 12.76
N LEU A 22 10.68 3.29 11.85
CA LEU A 22 10.22 4.66 11.91
C LEU A 22 8.83 4.72 12.54
N SER A 23 8.47 5.89 13.05
CA SER A 23 7.18 6.07 13.71
C SER A 23 6.10 6.39 12.68
N ASP A 24 4.86 6.57 13.16
CA ASP A 24 3.75 6.89 12.27
C ASP A 24 3.93 8.28 11.69
N GLY A 25 3.28 8.54 10.58
CA GLY A 25 3.39 9.83 9.92
C GLY A 25 4.46 9.82 8.85
N THR A 26 5.25 8.75 8.85
CA THR A 26 6.31 8.59 7.87
C THR A 26 5.74 8.42 6.48
N VAL A 27 6.37 9.07 5.51
CA VAL A 27 5.94 9.00 4.13
C VAL A 27 6.69 7.89 3.40
N VAL A 28 6.02 6.77 3.20
CA VAL A 28 6.62 5.63 2.53
C VAL A 28 6.78 5.92 1.03
N LYS A 29 7.89 5.47 0.46
CA LYS A 29 8.17 5.70 -0.94
C LYS A 29 8.01 4.41 -1.72
N VAL A 30 7.11 4.41 -2.70
CA VAL A 30 6.87 3.24 -3.52
C VAL A 30 7.05 3.60 -4.99
N ALA A 31 8.01 2.96 -5.64
CA ALA A 31 8.28 3.23 -7.04
C ALA A 31 8.37 1.91 -7.83
N GLY A 32 7.48 1.74 -8.79
CA GLY A 32 7.49 0.55 -9.60
C GLY A 32 7.85 0.85 -11.04
N ALA A 33 8.80 0.10 -11.58
CA ALA A 33 9.22 0.29 -12.95
C ALA A 33 9.02 -0.98 -13.76
N GLY A 34 8.47 -0.85 -14.95
CA GLY A 34 8.22 -2.00 -15.79
C GLY A 34 6.80 -2.47 -15.64
N LEU A 35 5.94 -1.56 -15.19
CA LEU A 35 4.53 -1.86 -14.97
C LEU A 35 3.76 -1.73 -16.29
N GLN A 36 2.43 -1.80 -16.18
CA GLN A 36 1.57 -1.68 -17.34
C GLN A 36 1.17 -0.23 -17.55
N ALA A 37 1.56 0.34 -18.68
CA ALA A 37 1.24 1.73 -19.00
C ALA A 37 -0.26 1.89 -19.25
N GLY A 38 -0.81 3.01 -18.77
CA GLY A 38 -2.22 3.28 -18.96
C GLY A 38 -3.05 2.91 -17.74
N THR A 39 -2.66 1.84 -17.07
CA THR A 39 -3.37 1.36 -15.89
C THR A 39 -2.94 2.11 -14.64
N ALA A 40 -3.88 2.31 -13.73
CA ALA A 40 -3.61 2.99 -12.48
C ALA A 40 -3.36 1.97 -11.37
N TYR A 41 -2.50 2.30 -10.43
CA TYR A 41 -2.19 1.39 -9.34
C TYR A 41 -2.66 1.99 -8.01
N ASP A 42 -3.10 1.11 -7.12
CA ASP A 42 -3.59 1.51 -5.82
C ASP A 42 -2.64 1.06 -4.73
N VAL A 43 -2.12 2.03 -3.98
CA VAL A 43 -1.19 1.72 -2.89
C VAL A 43 -1.62 2.41 -1.61
N GLY A 44 -1.76 1.62 -0.54
CA GLY A 44 -2.15 2.18 0.74
C GLY A 44 -1.65 1.32 1.88
N GLN A 45 -1.93 1.73 3.11
CA GLN A 45 -1.51 0.98 4.27
C GLN A 45 -2.60 0.00 4.67
N CYS A 46 -2.29 -1.28 4.63
CA CYS A 46 -3.25 -2.30 4.98
C CYS A 46 -2.73 -3.18 6.11
N ALA A 47 -3.63 -3.88 6.77
CA ALA A 47 -3.27 -4.78 7.85
C ALA A 47 -4.30 -5.88 8.00
N TRP A 48 -4.05 -6.80 8.94
CA TRP A 48 -4.95 -7.92 9.20
C TRP A 48 -6.23 -7.44 9.88
N VAL A 49 -7.26 -7.20 9.09
CA VAL A 49 -8.54 -6.75 9.63
C VAL A 49 -9.39 -7.94 10.04
N ASP A 50 -9.03 -9.11 9.51
CA ASP A 50 -9.73 -10.36 9.82
C ASP A 50 -8.79 -11.53 9.54
N THR A 51 -9.29 -12.74 9.69
CA THR A 51 -8.49 -13.93 9.46
C THR A 51 -8.18 -14.12 7.97
N GLY A 52 -7.06 -13.58 7.54
CA GLY A 52 -6.65 -13.70 6.16
C GLY A 52 -7.13 -12.53 5.31
N VAL A 53 -8.02 -11.73 5.89
CA VAL A 53 -8.55 -10.57 5.17
C VAL A 53 -7.74 -9.33 5.51
N LEU A 54 -7.15 -8.76 4.49
CA LEU A 54 -6.35 -7.56 4.64
C LEU A 54 -6.96 -6.44 3.81
N ALA A 55 -7.10 -5.27 4.40
CA ALA A 55 -7.69 -4.15 3.71
C ALA A 55 -6.98 -2.85 4.12
N CYS A 56 -6.95 -1.89 3.20
CA CYS A 56 -6.30 -0.61 3.45
C CYS A 56 -7.33 0.50 3.58
N ASN A 57 -6.87 1.70 3.90
CA ASN A 57 -7.77 2.83 4.06
C ASN A 57 -7.73 3.76 2.85
N PRO A 58 -8.91 4.09 2.29
CA PRO A 58 -9.01 4.96 1.13
C PRO A 58 -8.99 6.44 1.51
N ALA A 59 -8.64 6.71 2.77
CA ALA A 59 -8.59 8.08 3.27
C ALA A 59 -7.18 8.66 3.16
N ASP A 60 -6.18 7.80 3.31
CA ASP A 60 -4.78 8.27 3.24
C ASP A 60 -4.00 7.50 2.18
N PHE A 61 -4.72 6.88 1.26
CA PHE A 61 -4.09 6.11 0.19
C PHE A 61 -3.66 7.04 -0.93
N SER A 62 -2.82 6.54 -1.83
CA SER A 62 -2.36 7.33 -2.96
C SER A 62 -2.54 6.58 -4.28
N SER A 63 -3.32 7.16 -5.17
CA SER A 63 -3.57 6.57 -6.47
C SER A 63 -2.51 7.07 -7.46
N VAL A 64 -1.78 6.15 -8.07
CA VAL A 64 -0.74 6.54 -9.02
C VAL A 64 -0.88 5.78 -10.33
N THR A 65 -0.78 6.51 -11.44
CA THR A 65 -0.86 5.89 -12.75
C THR A 65 0.54 5.74 -13.35
N ALA A 66 0.72 4.77 -14.22
CA ALA A 66 2.00 4.52 -14.85
C ALA A 66 2.28 5.57 -15.92
N ASP A 67 3.54 5.95 -16.06
CA ASP A 67 3.93 6.94 -17.06
C ASP A 67 4.34 6.26 -18.36
N ALA A 68 4.79 7.06 -19.32
CA ALA A 68 5.22 6.54 -20.62
C ALA A 68 6.47 5.67 -20.51
N ASN A 69 7.13 5.73 -19.35
CA ASN A 69 8.33 4.94 -19.12
C ASN A 69 7.97 3.65 -18.41
N GLY A 70 6.68 3.51 -18.11
CA GLY A 70 6.21 2.32 -17.43
C GLY A 70 6.56 2.32 -15.95
N SER A 71 6.72 3.51 -15.39
CA SER A 71 7.06 3.65 -13.99
C SER A 71 5.98 4.40 -13.22
N ALA A 72 5.92 4.18 -11.93
CA ALA A 72 4.95 4.83 -11.07
C ALA A 72 5.54 5.03 -9.68
N SER A 73 5.59 6.28 -9.24
CA SER A 73 6.12 6.60 -7.93
C SER A 73 5.05 7.31 -7.09
N THR A 74 4.88 6.87 -5.86
CA THR A 74 3.89 7.47 -4.99
C THR A 74 4.37 7.54 -3.54
N SER A 75 3.75 8.43 -2.77
CA SER A 75 4.10 8.62 -1.38
C SER A 75 2.91 8.29 -0.48
N LEU A 76 3.12 7.46 0.54
CA LEU A 76 2.06 7.05 1.44
C LEU A 76 2.35 7.47 2.88
N THR A 77 1.37 8.08 3.53
CA THR A 77 1.52 8.49 4.92
C THR A 77 0.92 7.41 5.83
N VAL A 78 1.77 6.57 6.40
CA VAL A 78 1.32 5.50 7.27
C VAL A 78 0.86 6.03 8.63
N ARG A 79 -0.37 5.74 8.99
CA ARG A 79 -0.92 6.15 10.28
C ARG A 79 -0.84 4.99 11.26
N ARG A 80 -0.98 5.29 12.54
CA ARG A 80 -0.92 4.27 13.57
C ARG A 80 -2.23 3.48 13.60
N SER A 81 -3.31 4.13 13.22
CA SER A 81 -4.62 3.49 13.17
C SER A 81 -5.37 3.92 11.91
N PHE A 82 -6.16 3.02 11.34
CA PHE A 82 -6.90 3.31 10.11
C PHE A 82 -8.13 2.39 9.98
N GLU A 83 -8.77 2.44 8.82
CA GLU A 83 -9.93 1.61 8.56
C GLU A 83 -9.64 0.66 7.40
N GLY A 84 -10.17 -0.55 7.48
CA GLY A 84 -9.95 -1.53 6.43
C GLY A 84 -11.07 -1.55 5.43
N PHE A 85 -10.77 -1.12 4.21
CA PHE A 85 -11.76 -1.10 3.14
C PHE A 85 -11.31 -2.00 1.99
N LEU A 86 -12.26 -2.67 1.36
CA LEU A 86 -11.95 -3.54 0.25
C LEU A 86 -11.80 -2.74 -1.05
N PHE A 87 -11.43 -3.43 -2.12
CA PHE A 87 -11.23 -2.79 -3.41
C PHE A 87 -12.55 -2.32 -4.01
N ASP A 88 -13.65 -2.84 -3.50
CA ASP A 88 -14.97 -2.47 -3.98
C ASP A 88 -15.57 -1.31 -3.19
N GLY A 89 -14.91 -0.98 -2.07
CA GLY A 89 -15.38 0.12 -1.25
C GLY A 89 -16.04 -0.33 0.05
N THR A 90 -16.24 -1.62 0.21
CA THR A 90 -16.87 -2.14 1.43
C THR A 90 -15.89 -2.14 2.60
N ARG A 91 -16.32 -1.63 3.74
CA ARG A 91 -15.47 -1.62 4.91
C ARG A 91 -15.63 -2.92 5.69
N TRP A 92 -14.53 -3.45 6.18
CA TRP A 92 -14.56 -4.69 6.94
C TRP A 92 -14.52 -4.37 8.44
N GLY A 93 -13.78 -3.35 8.78
CA GLY A 93 -13.65 -2.93 10.16
C GLY A 93 -12.48 -2.00 10.35
N THR A 94 -12.27 -1.57 11.57
CA THR A 94 -11.17 -0.67 11.88
C THR A 94 -9.93 -1.46 12.23
N VAL A 95 -8.78 -1.02 11.74
CA VAL A 95 -7.52 -1.71 11.99
C VAL A 95 -6.54 -0.79 12.71
N ASP A 96 -5.86 -1.35 13.69
CA ASP A 96 -4.89 -0.59 14.47
C ASP A 96 -3.51 -1.21 14.35
N CYS A 97 -2.51 -0.37 14.12
CA CYS A 97 -1.15 -0.84 13.99
C CYS A 97 -0.27 -0.36 15.15
N THR A 98 -0.89 -0.10 16.30
CA THR A 98 -0.14 0.32 17.48
C THR A 98 0.49 -0.89 18.14
N THR A 99 -0.32 -1.94 18.29
CA THR A 99 0.14 -3.19 18.87
C THR A 99 0.33 -4.23 17.76
N ALA A 100 0.14 -3.79 16.53
CA ALA A 100 0.29 -4.66 15.37
C ALA A 100 1.21 -4.02 14.34
N ALA A 101 1.35 -4.64 13.19
CA ALA A 101 2.20 -4.11 12.14
C ALA A 101 1.39 -3.75 10.92
N CYS A 102 1.77 -2.66 10.28
CA CYS A 102 1.12 -2.18 9.08
C CYS A 102 1.94 -2.58 7.88
N GLN A 103 1.30 -2.92 6.78
CA GLN A 103 2.02 -3.30 5.58
C GLN A 103 1.54 -2.52 4.36
N VAL A 104 2.46 -2.25 3.47
CA VAL A 104 2.15 -1.51 2.25
C VAL A 104 1.46 -2.43 1.25
N GLY A 105 0.23 -2.07 0.88
CA GLY A 105 -0.52 -2.87 -0.06
C GLY A 105 -0.40 -2.35 -1.47
N LEU A 106 0.31 -3.10 -2.30
CA LEU A 106 0.49 -2.72 -3.70
C LEU A 106 -0.49 -3.48 -4.57
N SER A 107 -1.47 -2.78 -5.11
CA SER A 107 -2.47 -3.41 -5.97
C SER A 107 -2.61 -2.69 -7.30
N ASP A 108 -2.78 -3.45 -8.37
CA ASP A 108 -2.94 -2.87 -9.69
C ASP A 108 -4.43 -2.75 -10.02
N ALA A 109 -4.74 -2.35 -11.24
CA ALA A 109 -6.12 -2.19 -11.68
C ALA A 109 -6.91 -3.50 -11.56
N ALA A 110 -6.22 -4.62 -11.73
CA ALA A 110 -6.85 -5.94 -11.62
C ALA A 110 -6.96 -6.38 -10.17
N GLY A 111 -5.93 -6.05 -9.39
CA GLY A 111 -5.92 -6.40 -7.98
C GLY A 111 -4.68 -7.17 -7.59
N ASN A 112 -3.74 -7.28 -8.51
CA ASN A 112 -2.50 -7.99 -8.26
C ASN A 112 -1.34 -7.00 -8.14
N GLY A 113 -0.14 -7.44 -8.50
CA GLY A 113 1.01 -6.56 -8.42
C GLY A 113 2.07 -7.13 -7.50
N PRO A 114 3.00 -6.30 -7.02
CA PRO A 114 4.08 -6.73 -6.12
C PRO A 114 3.53 -7.18 -4.77
N GLU A 115 4.29 -8.02 -4.07
CA GLU A 115 3.87 -8.51 -2.76
C GLU A 115 3.86 -7.41 -1.73
N GLY A 116 3.15 -7.63 -0.63
CA GLY A 116 3.05 -6.65 0.42
C GLY A 116 4.29 -6.58 1.28
N VAL A 117 4.63 -5.36 1.72
CA VAL A 117 5.80 -5.15 2.55
C VAL A 117 5.37 -4.69 3.95
N ALA A 118 5.60 -5.53 4.94
CA ALA A 118 5.24 -5.20 6.31
C ALA A 118 6.32 -4.37 7.00
N ILE A 119 5.90 -3.34 7.72
CA ILE A 119 6.84 -2.47 8.42
C ILE A 119 6.46 -2.33 9.88
N SER A 120 7.45 -2.26 10.74
CA SER A 120 7.22 -2.11 12.17
C SER A 120 7.73 -0.76 12.65
N PHE A 121 7.06 -0.20 13.66
CA PHE A 121 7.44 1.09 14.22
C PHE A 121 8.49 0.92 15.30
N ASN A 122 8.99 2.03 15.81
CA ASN A 122 9.99 1.99 16.87
C ASN A 122 9.30 2.07 18.23
N ALA A 10 9.39 -10.31 -19.06
CA ALA A 10 10.46 -9.38 -18.62
C ALA A 10 10.54 -9.31 -17.11
N ALA A 11 11.56 -8.65 -16.60
CA ALA A 11 11.76 -8.50 -15.16
C ALA A 11 11.51 -7.06 -14.74
N PRO A 12 10.47 -6.83 -13.92
CA PRO A 12 10.13 -5.50 -13.44
C PRO A 12 11.07 -4.99 -12.35
N THR A 13 11.05 -3.70 -12.11
CA THR A 13 11.90 -3.07 -11.11
C THR A 13 11.08 -2.65 -9.89
N ALA A 14 11.15 -3.42 -8.83
CA ALA A 14 10.41 -3.13 -7.61
C ALA A 14 11.29 -2.38 -6.61
N THR A 15 11.41 -1.07 -6.81
CA THR A 15 12.24 -0.24 -5.94
C THR A 15 11.38 0.55 -4.96
N VAL A 16 11.05 -0.08 -3.84
CA VAL A 16 10.22 0.57 -2.82
C VAL A 16 11.05 0.85 -1.56
N THR A 17 10.66 1.87 -0.82
CA THR A 17 11.36 2.23 0.40
C THR A 17 10.52 1.90 1.63
N PRO A 18 10.86 0.83 2.35
CA PRO A 18 10.12 0.42 3.56
C PRO A 18 10.40 1.33 4.74
N SER A 19 9.42 1.48 5.62
CA SER A 19 9.54 2.31 6.80
C SER A 19 9.70 1.44 8.05
N SER A 20 10.65 0.52 8.00
CA SER A 20 10.90 -0.38 9.11
C SER A 20 11.65 0.33 10.22
N GLY A 21 11.11 0.27 11.43
CA GLY A 21 11.76 0.91 12.57
C GLY A 21 11.42 2.38 12.67
N LEU A 22 10.47 2.83 11.86
CA LEU A 22 10.07 4.22 11.86
C LEU A 22 8.74 4.39 12.59
N SER A 23 8.46 5.60 13.04
CA SER A 23 7.24 5.87 13.78
C SER A 23 6.07 6.18 12.85
N ASP A 24 4.90 6.45 13.42
CA ASP A 24 3.71 6.77 12.62
C ASP A 24 3.84 8.14 11.99
N GLY A 25 3.24 8.31 10.83
CA GLY A 25 3.30 9.58 10.13
C GLY A 25 4.39 9.58 9.08
N THR A 26 5.12 8.49 9.01
CA THR A 26 6.22 8.37 8.05
C THR A 26 5.68 8.24 6.63
N VAL A 27 6.38 8.86 5.69
CA VAL A 27 6.01 8.83 4.29
C VAL A 27 6.75 7.71 3.57
N VAL A 28 6.00 6.68 3.18
CA VAL A 28 6.55 5.54 2.47
C VAL A 28 6.66 5.86 0.99
N LYS A 29 7.83 5.60 0.41
CA LYS A 29 8.04 5.88 -1.00
C LYS A 29 7.93 4.61 -1.82
N VAL A 30 7.02 4.63 -2.78
CA VAL A 30 6.81 3.49 -3.66
C VAL A 30 7.18 3.87 -5.10
N ALA A 31 8.10 3.14 -5.68
CA ALA A 31 8.53 3.41 -7.06
C ALA A 31 8.69 2.11 -7.84
N GLY A 32 7.68 1.80 -8.65
CA GLY A 32 7.73 0.59 -9.44
C GLY A 32 7.91 0.87 -10.91
N ALA A 33 8.93 0.29 -11.50
CA ALA A 33 9.20 0.47 -12.92
C ALA A 33 9.06 -0.86 -13.64
N GLY A 34 8.78 -0.81 -14.94
CA GLY A 34 8.62 -2.04 -15.70
C GLY A 34 7.19 -2.52 -15.65
N LEU A 35 6.28 -1.59 -15.42
CA LEU A 35 4.85 -1.88 -15.36
C LEU A 35 4.20 -1.59 -16.70
N GLN A 36 2.88 -1.59 -16.71
CA GLN A 36 2.15 -1.33 -17.93
C GLN A 36 1.68 0.12 -17.98
N ALA A 37 2.23 0.87 -18.93
CA ALA A 37 1.87 2.28 -19.11
C ALA A 37 0.37 2.44 -19.33
N GLY A 38 -0.23 3.38 -18.63
CA GLY A 38 -1.66 3.61 -18.78
C GLY A 38 -2.50 2.78 -17.81
N THR A 39 -1.91 2.41 -16.68
CA THR A 39 -2.62 1.62 -15.68
C THR A 39 -2.54 2.30 -14.32
N ALA A 40 -3.67 2.34 -13.61
CA ALA A 40 -3.72 2.95 -12.29
C ALA A 40 -3.53 1.91 -11.18
N TYR A 41 -2.58 2.17 -10.29
CA TYR A 41 -2.28 1.26 -9.20
C TYR A 41 -2.73 1.85 -7.86
N ASP A 42 -3.45 1.06 -7.09
CA ASP A 42 -3.93 1.47 -5.78
C ASP A 42 -2.93 1.04 -4.71
N VAL A 43 -2.39 2.01 -3.99
CA VAL A 43 -1.42 1.74 -2.95
C VAL A 43 -1.82 2.37 -1.63
N GLY A 44 -1.97 1.54 -0.60
CA GLY A 44 -2.33 2.04 0.72
C GLY A 44 -1.74 1.18 1.81
N GLN A 45 -1.89 1.60 3.06
CA GLN A 45 -1.37 0.81 4.17
C GLN A 45 -2.45 -0.20 4.55
N CYS A 46 -2.09 -1.47 4.53
CA CYS A 46 -3.03 -2.52 4.84
C CYS A 46 -2.56 -3.36 6.01
N ALA A 47 -3.52 -3.85 6.79
CA ALA A 47 -3.24 -4.68 7.93
C ALA A 47 -4.39 -5.65 8.17
N TRP A 48 -4.20 -6.58 9.08
CA TRP A 48 -5.22 -7.57 9.41
C TRP A 48 -6.38 -6.92 10.14
N VAL A 49 -7.46 -6.66 9.41
CA VAL A 49 -8.63 -6.04 9.99
C VAL A 49 -9.51 -7.08 10.68
N ASP A 50 -9.46 -8.31 10.20
CA ASP A 50 -10.23 -9.40 10.77
C ASP A 50 -9.56 -10.73 10.50
N THR A 51 -10.24 -11.81 10.88
CA THR A 51 -9.71 -13.16 10.69
C THR A 51 -9.47 -13.48 9.22
N GLY A 52 -8.23 -13.35 8.79
CA GLY A 52 -7.86 -13.64 7.42
C GLY A 52 -8.32 -12.55 6.46
N VAL A 53 -8.69 -11.40 7.00
CA VAL A 53 -9.16 -10.29 6.18
C VAL A 53 -8.21 -9.10 6.26
N LEU A 54 -7.80 -8.62 5.09
CA LEU A 54 -6.90 -7.47 5.01
C LEU A 54 -7.67 -6.24 4.54
N ALA A 55 -7.23 -5.07 4.96
CA ALA A 55 -7.88 -3.83 4.58
C ALA A 55 -6.91 -2.67 4.64
N CYS A 56 -7.06 -1.71 3.72
CA CYS A 56 -6.18 -0.55 3.67
C CYS A 56 -6.95 0.74 3.90
N ASN A 57 -6.21 1.82 4.17
CA ASN A 57 -6.78 3.14 4.42
C ASN A 57 -7.23 3.80 3.13
N PRO A 58 -8.55 4.06 3.00
CA PRO A 58 -9.12 4.67 1.80
C PRO A 58 -9.08 6.20 1.80
N ALA A 59 -8.83 6.80 2.95
CA ALA A 59 -8.79 8.25 3.04
C ALA A 59 -7.38 8.78 3.25
N ASP A 60 -6.40 7.88 3.18
CA ASP A 60 -5.01 8.28 3.36
C ASP A 60 -4.10 7.53 2.41
N PHE A 61 -4.67 7.06 1.31
CA PHE A 61 -3.91 6.32 0.33
C PHE A 61 -3.70 7.18 -0.91
N SER A 62 -2.88 6.71 -1.84
CA SER A 62 -2.61 7.46 -3.05
C SER A 62 -2.50 6.53 -4.25
N SER A 63 -3.39 6.72 -5.22
CA SER A 63 -3.38 5.92 -6.43
C SER A 63 -2.46 6.55 -7.46
N VAL A 64 -1.59 5.76 -8.05
CA VAL A 64 -0.64 6.25 -9.03
C VAL A 64 -0.81 5.55 -10.37
N THR A 65 -0.80 6.33 -11.44
CA THR A 65 -0.92 5.78 -12.78
C THR A 65 0.46 5.61 -13.40
N ALA A 66 0.66 4.51 -14.11
CA ALA A 66 1.94 4.24 -14.74
C ALA A 66 2.17 5.21 -15.90
N ASP A 67 3.29 5.91 -15.88
CA ASP A 67 3.62 6.89 -16.92
C ASP A 67 3.95 6.19 -18.24
N ALA A 68 4.28 6.97 -19.26
CA ALA A 68 4.60 6.45 -20.58
C ALA A 68 5.85 5.56 -20.55
N ASN A 69 6.66 5.74 -19.53
CA ASN A 69 7.89 4.96 -19.38
C ASN A 69 7.57 3.62 -18.74
N GLY A 70 6.37 3.52 -18.17
CA GLY A 70 5.96 2.30 -17.52
C GLY A 70 6.38 2.27 -16.06
N SER A 71 6.41 3.45 -15.45
CA SER A 71 6.80 3.57 -14.06
C SER A 71 5.71 4.26 -13.24
N ALA A 72 5.55 3.81 -12.00
CA ALA A 72 4.56 4.37 -11.10
C ALA A 72 5.19 4.66 -9.74
N SER A 73 5.21 5.92 -9.35
CA SER A 73 5.79 6.31 -8.07
C SER A 73 4.80 7.15 -7.27
N THR A 74 4.74 6.90 -5.97
CA THR A 74 3.84 7.64 -5.10
C THR A 74 4.34 7.59 -3.65
N SER A 75 3.72 8.40 -2.81
CA SER A 75 4.08 8.48 -1.40
C SER A 75 2.87 8.14 -0.53
N LEU A 76 3.08 7.25 0.44
CA LEU A 76 2.01 6.83 1.34
C LEU A 76 2.29 7.25 2.77
N THR A 77 1.24 7.65 3.48
CA THR A 77 1.37 8.06 4.87
C THR A 77 0.91 6.94 5.79
N VAL A 78 1.85 6.30 6.47
CA VAL A 78 1.52 5.21 7.38
C VAL A 78 1.13 5.75 8.75
N ARG A 79 -0.12 5.50 9.14
CA ARG A 79 -0.63 5.95 10.42
C ARG A 79 -0.74 4.77 11.37
N ARG A 80 -0.98 5.05 12.65
CA ARG A 80 -1.13 4.00 13.65
C ARG A 80 -2.53 3.42 13.58
N SER A 81 -3.52 4.29 13.46
CA SER A 81 -4.91 3.88 13.36
C SER A 81 -5.49 4.39 12.04
N PHE A 82 -6.25 3.54 11.35
CA PHE A 82 -6.82 3.91 10.06
C PHE A 82 -8.06 3.09 9.74
N GLU A 83 -8.86 3.59 8.81
CA GLU A 83 -10.08 2.91 8.39
C GLU A 83 -9.72 1.79 7.42
N GLY A 84 -10.35 0.64 7.59
CA GLY A 84 -10.08 -0.48 6.72
C GLY A 84 -11.16 -0.70 5.69
N PHE A 85 -10.76 -0.82 4.43
CA PHE A 85 -11.70 -1.04 3.34
C PHE A 85 -11.22 -2.20 2.47
N LEU A 86 -12.16 -2.95 1.91
CA LEU A 86 -11.82 -4.09 1.08
C LEU A 86 -11.39 -3.63 -0.31
N PHE A 87 -10.92 -4.57 -1.13
CA PHE A 87 -10.45 -4.26 -2.46
C PHE A 87 -11.60 -3.98 -3.42
N ASP A 88 -12.74 -4.59 -3.15
CA ASP A 88 -13.92 -4.42 -3.99
C ASP A 88 -14.59 -3.07 -3.72
N GLY A 89 -14.37 -2.53 -2.53
CA GLY A 89 -14.96 -1.25 -2.17
C GLY A 89 -15.80 -1.32 -0.91
N THR A 90 -16.07 -2.54 -0.46
CA THR A 90 -16.87 -2.74 0.74
C THR A 90 -16.04 -2.43 1.99
N ARG A 91 -16.67 -1.84 2.99
CA ARG A 91 -15.98 -1.51 4.23
C ARG A 91 -16.11 -2.64 5.23
N TRP A 92 -15.15 -2.77 6.13
CA TRP A 92 -15.16 -3.84 7.13
C TRP A 92 -15.11 -3.28 8.54
N GLY A 93 -14.07 -2.51 8.84
CA GLY A 93 -13.91 -1.94 10.16
C GLY A 93 -12.61 -1.19 10.29
N THR A 94 -12.45 -0.48 11.38
CA THR A 94 -11.23 0.28 11.63
C THR A 94 -10.08 -0.65 12.00
N VAL A 95 -8.89 -0.35 11.48
CA VAL A 95 -7.71 -1.15 11.75
C VAL A 95 -6.73 -0.34 12.59
N ASP A 96 -5.90 -1.03 13.35
CA ASP A 96 -4.93 -0.37 14.21
C ASP A 96 -3.61 -1.15 14.24
N CYS A 97 -2.50 -0.44 14.17
CA CYS A 97 -1.19 -1.06 14.18
C CYS A 97 -0.34 -0.60 15.38
N THR A 98 -0.99 -0.39 16.52
CA THR A 98 -0.28 0.03 17.73
C THR A 98 0.48 -1.14 18.34
N THR A 99 -0.03 -2.35 18.13
CA THR A 99 0.60 -3.55 18.65
C THR A 99 0.73 -4.59 17.53
N ALA A 100 0.44 -4.15 16.31
CA ALA A 100 0.50 -5.03 15.15
C ALA A 100 1.34 -4.39 14.05
N ALA A 101 1.70 -5.17 13.05
CA ALA A 101 2.50 -4.68 11.96
C ALA A 101 1.63 -4.33 10.76
N CYS A 102 1.96 -3.22 10.12
CA CYS A 102 1.23 -2.76 8.94
C CYS A 102 2.06 -3.03 7.70
N GLN A 103 1.41 -3.39 6.60
CA GLN A 103 2.15 -3.68 5.37
C GLN A 103 1.68 -2.78 4.23
N VAL A 104 2.56 -2.55 3.27
CA VAL A 104 2.25 -1.72 2.12
C VAL A 104 1.48 -2.52 1.07
N GLY A 105 0.23 -2.17 0.88
CA GLY A 105 -0.59 -2.86 -0.10
C GLY A 105 -0.62 -2.13 -1.42
N LEU A 106 -0.02 -2.75 -2.43
CA LEU A 106 0.04 -2.16 -3.76
C LEU A 106 -0.46 -3.14 -4.81
N SER A 107 -1.53 -2.78 -5.51
CA SER A 107 -2.10 -3.63 -6.54
C SER A 107 -2.82 -2.79 -7.59
N ASP A 108 -2.92 -3.32 -8.80
CA ASP A 108 -3.60 -2.63 -9.88
C ASP A 108 -5.10 -2.85 -9.80
N ALA A 109 -5.82 -2.41 -10.83
CA ALA A 109 -7.27 -2.56 -10.88
C ALA A 109 -7.67 -4.04 -10.83
N ALA A 110 -6.87 -4.89 -11.47
CA ALA A 110 -7.13 -6.32 -11.48
C ALA A 110 -6.88 -6.92 -10.10
N GLY A 111 -5.87 -6.41 -9.42
CA GLY A 111 -5.55 -6.88 -8.09
C GLY A 111 -4.21 -7.58 -8.00
N ASN A 112 -3.30 -7.26 -8.92
CA ASN A 112 -1.98 -7.88 -8.93
C ASN A 112 -0.90 -6.81 -8.92
N GLY A 113 0.35 -7.24 -8.96
CA GLY A 113 1.46 -6.30 -8.95
C GLY A 113 2.58 -6.76 -8.05
N PRO A 114 3.25 -5.82 -7.36
CA PRO A 114 4.35 -6.14 -6.45
C PRO A 114 3.84 -6.79 -5.16
N GLU A 115 4.74 -7.41 -4.43
CA GLU A 115 4.38 -8.07 -3.17
C GLU A 115 4.28 -7.07 -2.02
N GLY A 116 3.49 -7.42 -1.02
CA GLY A 116 3.32 -6.56 0.13
C GLY A 116 4.51 -6.56 1.06
N VAL A 117 4.99 -5.37 1.40
CA VAL A 117 6.13 -5.22 2.28
C VAL A 117 5.64 -4.83 3.68
N ALA A 118 5.92 -5.67 4.66
CA ALA A 118 5.50 -5.42 6.03
C ALA A 118 6.51 -4.54 6.76
N ILE A 119 6.00 -3.58 7.53
CA ILE A 119 6.84 -2.66 8.29
C ILE A 119 6.34 -2.59 9.74
N SER A 120 7.24 -2.28 10.66
CA SER A 120 6.88 -2.18 12.06
C SER A 120 7.44 -0.89 12.67
N PHE A 121 6.72 -0.34 13.64
CA PHE A 121 7.14 0.90 14.28
C PHE A 121 8.21 0.63 15.34
N ASN A 122 8.85 1.69 15.80
CA ASN A 122 9.90 1.56 16.81
C ASN A 122 9.32 1.71 18.20
N ALA A 10 8.60 -11.41 -17.89
CA ALA A 10 9.39 -10.15 -17.79
C ALA A 10 9.74 -9.89 -16.34
N ALA A 11 10.95 -9.40 -16.10
CA ALA A 11 11.41 -9.10 -14.75
C ALA A 11 11.23 -7.62 -14.43
N PRO A 12 10.19 -7.26 -13.67
CA PRO A 12 9.90 -5.88 -13.29
C PRO A 12 10.80 -5.41 -12.15
N THR A 13 10.70 -4.13 -11.82
CA THR A 13 11.51 -3.56 -10.76
C THR A 13 10.62 -2.95 -9.69
N ALA A 14 10.47 -3.66 -8.57
CA ALA A 14 9.65 -3.19 -7.47
C ALA A 14 10.53 -2.53 -6.41
N THR A 15 10.86 -1.27 -6.64
CA THR A 15 11.69 -0.52 -5.72
C THR A 15 10.85 0.23 -4.69
N VAL A 16 10.80 -0.29 -3.47
CA VAL A 16 10.02 0.34 -2.42
C VAL A 16 10.91 0.75 -1.24
N THR A 17 10.52 1.80 -0.55
CA THR A 17 11.28 2.28 0.61
C THR A 17 10.41 2.20 1.85
N PRO A 18 10.34 1.03 2.49
CA PRO A 18 9.52 0.82 3.69
C PRO A 18 10.08 1.49 4.93
N SER A 19 9.19 1.95 5.81
CA SER A 19 9.60 2.61 7.04
C SER A 19 9.64 1.62 8.20
N SER A 20 10.63 0.74 8.19
CA SER A 20 10.77 -0.26 9.23
C SER A 20 11.57 0.29 10.41
N GLY A 21 10.90 0.49 11.54
CA GLY A 21 11.57 1.00 12.72
C GLY A 21 11.28 2.48 12.93
N LEU A 22 10.62 3.08 11.96
CA LEU A 22 10.27 4.49 12.04
C LEU A 22 8.89 4.63 12.65
N SER A 23 8.67 5.74 13.33
CA SER A 23 7.39 6.01 13.99
C SER A 23 6.28 6.26 12.97
N ASP A 24 5.04 6.28 13.44
CA ASP A 24 3.89 6.51 12.56
C ASP A 24 3.93 7.94 12.03
N GLY A 25 3.31 8.14 10.89
CA GLY A 25 3.28 9.45 10.28
C GLY A 25 4.40 9.61 9.27
N THR A 26 5.12 8.53 9.03
CA THR A 26 6.21 8.53 8.07
C THR A 26 5.67 8.27 6.66
N VAL A 27 6.25 8.94 5.67
CA VAL A 27 5.82 8.78 4.30
C VAL A 27 6.62 7.68 3.59
N VAL A 28 5.93 6.63 3.19
CA VAL A 28 6.56 5.51 2.51
C VAL A 28 6.59 5.75 1.00
N LYS A 29 7.74 5.53 0.39
CA LYS A 29 7.89 5.73 -1.05
C LYS A 29 7.76 4.41 -1.80
N VAL A 30 6.88 4.40 -2.79
CA VAL A 30 6.65 3.21 -3.61
C VAL A 30 6.91 3.56 -5.08
N ALA A 31 7.94 2.97 -5.65
CA ALA A 31 8.29 3.22 -7.05
C ALA A 31 8.36 1.92 -7.83
N GLY A 32 7.31 1.64 -8.58
CA GLY A 32 7.27 0.42 -9.37
C GLY A 32 7.57 0.68 -10.83
N ALA A 33 8.54 -0.05 -11.35
CA ALA A 33 8.93 0.08 -12.75
C ALA A 33 8.78 -1.26 -13.44
N GLY A 34 8.57 -1.24 -14.75
CA GLY A 34 8.39 -2.47 -15.50
C GLY A 34 6.96 -2.97 -15.39
N LEU A 35 6.04 -2.03 -15.23
CA LEU A 35 4.63 -2.35 -15.11
C LEU A 35 3.91 -2.04 -16.41
N GLN A 36 2.58 -2.11 -16.37
CA GLN A 36 1.76 -1.85 -17.55
C GLN A 36 1.41 -0.37 -17.62
N ALA A 37 1.94 0.32 -18.63
CA ALA A 37 1.70 1.75 -18.81
C ALA A 37 0.22 2.04 -19.03
N GLY A 38 -0.30 3.04 -18.31
CA GLY A 38 -1.70 3.41 -18.46
C GLY A 38 -2.57 2.94 -17.31
N THR A 39 -2.20 1.81 -16.72
CA THR A 39 -2.94 1.24 -15.61
C THR A 39 -2.76 2.07 -14.34
N ALA A 40 -3.81 2.13 -13.52
CA ALA A 40 -3.77 2.86 -12.27
C ALA A 40 -3.50 1.90 -11.13
N TYR A 41 -2.45 2.17 -10.36
CA TYR A 41 -2.10 1.31 -9.23
C TYR A 41 -2.48 1.98 -7.91
N ASP A 42 -3.38 1.33 -7.18
CA ASP A 42 -3.85 1.86 -5.90
C ASP A 42 -2.91 1.43 -4.80
N VAL A 43 -2.37 2.40 -4.06
CA VAL A 43 -1.44 2.12 -2.98
C VAL A 43 -1.86 2.79 -1.67
N GLY A 44 -1.78 2.03 -0.58
CA GLY A 44 -2.10 2.56 0.71
C GLY A 44 -1.60 1.66 1.83
N GLN A 45 -1.75 2.10 3.07
CA GLN A 45 -1.33 1.28 4.20
C GLN A 45 -2.41 0.25 4.50
N CYS A 46 -2.04 -1.01 4.52
CA CYS A 46 -3.00 -2.07 4.75
C CYS A 46 -2.54 -3.01 5.86
N ALA A 47 -3.48 -3.79 6.37
CA ALA A 47 -3.21 -4.75 7.43
C ALA A 47 -4.34 -5.78 7.47
N TRP A 48 -4.20 -6.79 8.32
CA TRP A 48 -5.21 -7.84 8.45
C TRP A 48 -6.48 -7.28 9.08
N VAL A 49 -7.53 -7.18 8.29
CA VAL A 49 -8.80 -6.68 8.77
C VAL A 49 -9.72 -7.84 9.17
N ASP A 50 -9.36 -9.03 8.71
CA ASP A 50 -10.12 -10.23 9.01
C ASP A 50 -9.19 -11.44 8.97
N THR A 51 -9.76 -12.64 8.91
CA THR A 51 -8.97 -13.85 8.87
C THR A 51 -8.39 -14.09 7.47
N GLY A 52 -7.22 -13.51 7.22
CA GLY A 52 -6.57 -13.67 5.93
C GLY A 52 -6.90 -12.52 4.98
N VAL A 53 -7.91 -11.74 5.36
CA VAL A 53 -8.33 -10.62 4.55
C VAL A 53 -7.58 -9.35 4.95
N LEU A 54 -7.02 -8.67 3.97
CA LEU A 54 -6.28 -7.44 4.21
C LEU A 54 -7.10 -6.25 3.73
N ALA A 55 -6.88 -5.10 4.34
CA ALA A 55 -7.61 -3.89 3.97
C ALA A 55 -6.72 -2.66 4.17
N CYS A 56 -6.87 -1.67 3.30
CA CYS A 56 -6.07 -0.45 3.38
C CYS A 56 -6.90 0.73 3.83
N ASN A 57 -6.22 1.81 4.19
CA ASN A 57 -6.87 3.03 4.64
C ASN A 57 -7.36 3.86 3.46
N PRO A 58 -8.65 4.20 3.42
CA PRO A 58 -9.25 4.98 2.33
C PRO A 58 -9.14 6.49 2.54
N ALA A 59 -8.17 6.91 3.35
CA ALA A 59 -7.98 8.33 3.61
C ALA A 59 -6.62 8.80 3.12
N ASP A 60 -5.56 8.17 3.61
CA ASP A 60 -4.21 8.55 3.23
C ASP A 60 -3.70 7.73 2.05
N PHE A 61 -4.63 7.15 1.30
CA PHE A 61 -4.29 6.35 0.14
C PHE A 61 -3.96 7.27 -1.04
N SER A 62 -3.28 6.73 -2.04
CA SER A 62 -2.93 7.49 -3.23
C SER A 62 -2.69 6.56 -4.41
N SER A 63 -3.62 6.55 -5.34
CA SER A 63 -3.52 5.71 -6.52
C SER A 63 -2.76 6.44 -7.61
N VAL A 64 -1.64 5.86 -8.03
CA VAL A 64 -0.82 6.48 -9.06
C VAL A 64 -0.86 5.63 -10.33
N THR A 65 -1.05 6.28 -11.47
CA THR A 65 -1.10 5.57 -12.74
C THR A 65 0.29 5.47 -13.36
N ALA A 66 0.54 4.38 -14.04
CA ALA A 66 1.81 4.17 -14.69
C ALA A 66 1.97 5.12 -15.86
N ASP A 67 3.12 5.77 -15.92
CA ASP A 67 3.42 6.73 -16.99
C ASP A 67 3.72 6.00 -18.28
N ALA A 68 4.12 6.76 -19.31
CA ALA A 68 4.43 6.19 -20.62
C ALA A 68 5.69 5.32 -20.56
N ASN A 69 6.37 5.36 -19.42
CA ASN A 69 7.58 4.57 -19.23
C ASN A 69 7.24 3.26 -18.55
N GLY A 70 5.99 3.12 -18.14
CA GLY A 70 5.55 1.93 -17.46
C GLY A 70 5.99 1.91 -16.02
N SER A 71 6.06 3.09 -15.42
CA SER A 71 6.48 3.21 -14.04
C SER A 71 5.52 4.10 -13.24
N ALA A 72 5.46 3.88 -11.94
CA ALA A 72 4.59 4.67 -11.08
C ALA A 72 5.20 4.82 -9.69
N SER A 73 5.36 6.07 -9.25
CA SER A 73 5.92 6.34 -7.94
C SER A 73 4.94 7.17 -7.12
N THR A 74 4.70 6.74 -5.90
CA THR A 74 3.78 7.42 -5.00
C THR A 74 4.34 7.46 -3.57
N SER A 75 3.74 8.28 -2.72
CA SER A 75 4.16 8.43 -1.33
C SER A 75 2.96 8.30 -0.40
N LEU A 76 3.01 7.35 0.52
CA LEU A 76 1.90 7.11 1.45
C LEU A 76 2.30 7.32 2.90
N THR A 77 1.46 8.03 3.64
CA THR A 77 1.73 8.29 5.05
C THR A 77 1.10 7.18 5.90
N VAL A 78 1.94 6.34 6.50
CA VAL A 78 1.46 5.24 7.32
C VAL A 78 1.06 5.72 8.73
N ARG A 79 -0.21 5.58 9.05
CA ARG A 79 -0.73 5.98 10.35
C ARG A 79 -0.73 4.79 11.31
N ARG A 80 -0.93 5.07 12.59
CA ARG A 80 -0.96 4.02 13.60
C ARG A 80 -2.28 3.26 13.56
N SER A 81 -3.38 4.01 13.45
CA SER A 81 -4.71 3.42 13.38
C SER A 81 -5.41 3.91 12.11
N PHE A 82 -6.13 3.03 11.43
CA PHE A 82 -6.82 3.41 10.20
C PHE A 82 -7.97 2.46 9.90
N GLU A 83 -8.97 2.97 9.17
CA GLU A 83 -10.11 2.16 8.78
C GLU A 83 -9.68 1.25 7.64
N GLY A 84 -10.19 0.03 7.63
CA GLY A 84 -9.83 -0.90 6.59
C GLY A 84 -10.89 -1.00 5.50
N PHE A 85 -10.45 -0.84 4.26
CA PHE A 85 -11.34 -0.90 3.12
C PHE A 85 -10.84 -1.93 2.13
N LEU A 86 -11.76 -2.65 1.52
CA LEU A 86 -11.40 -3.68 0.56
C LEU A 86 -11.11 -3.06 -0.80
N PHE A 87 -10.67 -3.88 -1.74
CA PHE A 87 -10.35 -3.40 -3.08
C PHE A 87 -11.58 -3.33 -3.96
N ASP A 88 -12.48 -2.41 -3.60
CA ASP A 88 -13.73 -2.20 -4.33
C ASP A 88 -14.53 -1.08 -3.69
N GLY A 89 -14.40 -0.97 -2.37
CA GLY A 89 -15.11 0.05 -1.64
C GLY A 89 -15.83 -0.52 -0.43
N THR A 90 -15.89 -1.84 -0.37
CA THR A 90 -16.53 -2.52 0.75
C THR A 90 -15.73 -2.30 2.02
N ARG A 91 -16.40 -1.81 3.05
CA ARG A 91 -15.74 -1.54 4.33
C ARG A 91 -15.82 -2.78 5.22
N TRP A 92 -14.87 -2.91 6.13
CA TRP A 92 -14.84 -4.06 7.01
C TRP A 92 -14.77 -3.63 8.47
N GLY A 93 -13.98 -2.61 8.76
CA GLY A 93 -13.84 -2.12 10.11
C GLY A 93 -12.64 -1.22 10.27
N THR A 94 -12.00 -1.27 11.43
CA THR A 94 -10.84 -0.46 11.69
C THR A 94 -9.67 -1.33 12.14
N VAL A 95 -8.48 -1.05 11.61
CA VAL A 95 -7.28 -1.79 11.96
C VAL A 95 -6.34 -0.89 12.74
N ASP A 96 -5.68 -1.45 13.74
CA ASP A 96 -4.75 -0.70 14.57
C ASP A 96 -3.41 -1.38 14.62
N CYS A 97 -2.34 -0.61 14.40
CA CYS A 97 -1.00 -1.16 14.42
C CYS A 97 -0.20 -0.63 15.61
N THR A 98 -0.87 -0.31 16.71
CA THR A 98 -0.18 0.17 17.90
C THR A 98 0.59 -0.98 18.55
N THR A 99 0.00 -2.17 18.50
CA THR A 99 0.62 -3.36 19.07
C THR A 99 0.73 -4.44 18.00
N ALA A 100 0.59 -4.00 16.75
CA ALA A 100 0.66 -4.91 15.60
C ALA A 100 1.53 -4.31 14.51
N ALA A 101 1.62 -5.00 13.38
CA ALA A 101 2.43 -4.53 12.27
C ALA A 101 1.57 -4.08 11.10
N CYS A 102 1.97 -3.00 10.47
CA CYS A 102 1.26 -2.45 9.32
C CYS A 102 2.08 -2.73 8.07
N GLN A 103 1.41 -2.97 6.95
CA GLN A 103 2.14 -3.25 5.72
C GLN A 103 1.69 -2.35 4.59
N VAL A 104 2.57 -2.14 3.64
CA VAL A 104 2.26 -1.31 2.48
C VAL A 104 1.64 -2.17 1.40
N GLY A 105 0.45 -1.79 0.94
CA GLY A 105 -0.22 -2.56 -0.07
C GLY A 105 -0.52 -1.77 -1.32
N LEU A 106 -0.38 -2.44 -2.46
CA LEU A 106 -0.62 -1.83 -3.75
C LEU A 106 -1.27 -2.85 -4.68
N SER A 107 -2.17 -2.39 -5.54
CA SER A 107 -2.85 -3.26 -6.46
C SER A 107 -3.09 -2.58 -7.81
N ASP A 108 -3.09 -3.38 -8.87
CA ASP A 108 -3.32 -2.88 -10.23
C ASP A 108 -4.82 -2.80 -10.54
N ALA A 109 -5.19 -3.03 -11.79
CA ALA A 109 -6.59 -2.98 -12.21
C ALA A 109 -7.34 -4.24 -11.77
N ALA A 110 -6.61 -5.28 -11.40
CA ALA A 110 -7.22 -6.53 -10.98
C ALA A 110 -7.06 -6.74 -9.48
N GLY A 111 -5.86 -6.50 -8.98
CA GLY A 111 -5.58 -6.67 -7.58
C GLY A 111 -4.24 -7.32 -7.35
N ASN A 112 -3.37 -7.24 -8.34
CA ASN A 112 -2.05 -7.83 -8.26
C ASN A 112 -0.97 -6.76 -8.30
N GLY A 113 0.26 -7.20 -8.53
CA GLY A 113 1.38 -6.28 -8.60
C GLY A 113 2.46 -6.68 -7.62
N PRO A 114 3.46 -5.82 -7.39
CA PRO A 114 4.55 -6.11 -6.45
C PRO A 114 4.03 -6.51 -5.08
N GLU A 115 4.71 -7.49 -4.47
CA GLU A 115 4.32 -7.97 -3.15
C GLU A 115 4.40 -6.85 -2.12
N GLY A 116 3.53 -6.93 -1.11
CA GLY A 116 3.52 -5.94 -0.06
C GLY A 116 4.71 -6.03 0.86
N VAL A 117 4.90 -5.00 1.68
CA VAL A 117 6.01 -4.98 2.62
C VAL A 117 5.53 -4.62 4.01
N ALA A 118 5.79 -5.50 4.97
CA ALA A 118 5.39 -5.29 6.35
C ALA A 118 6.40 -4.42 7.07
N ILE A 119 5.91 -3.41 7.77
CA ILE A 119 6.76 -2.50 8.53
C ILE A 119 6.28 -2.41 9.97
N SER A 120 7.06 -1.76 10.82
CA SER A 120 6.70 -1.61 12.21
C SER A 120 7.26 -0.29 12.76
N PHE A 121 6.62 0.23 13.79
CA PHE A 121 7.04 1.48 14.41
C PHE A 121 7.92 1.21 15.63
N ASN A 122 8.65 2.23 16.06
CA ASN A 122 9.53 2.10 17.20
C ASN A 122 8.75 2.31 18.50
N ALA A 10 7.54 -10.85 -18.09
CA ALA A 10 8.87 -10.23 -17.95
C ALA A 10 9.17 -9.96 -16.47
N ALA A 11 10.38 -9.54 -16.17
CA ALA A 11 10.77 -9.26 -14.80
C ALA A 11 10.68 -7.77 -14.51
N PRO A 12 9.74 -7.36 -13.66
CA PRO A 12 9.56 -5.96 -13.30
C PRO A 12 10.60 -5.51 -12.28
N THR A 13 10.40 -4.33 -11.71
CA THR A 13 11.32 -3.78 -10.72
C THR A 13 10.57 -3.00 -9.65
N ALA A 14 10.12 -3.70 -8.62
CA ALA A 14 9.40 -3.09 -7.52
C ALA A 14 10.37 -2.63 -6.44
N THR A 15 10.63 -1.34 -6.41
CA THR A 15 11.53 -0.76 -5.44
C THR A 15 10.77 0.16 -4.49
N VAL A 16 10.42 -0.35 -3.33
CA VAL A 16 9.69 0.44 -2.35
C VAL A 16 10.56 0.78 -1.15
N THR A 17 10.18 1.80 -0.40
CA THR A 17 10.93 2.20 0.77
C THR A 17 10.13 1.89 2.04
N PRO A 18 10.32 0.69 2.59
CA PRO A 18 9.61 0.26 3.80
C PRO A 18 10.13 0.96 5.05
N SER A 19 9.20 1.43 5.88
CA SER A 19 9.54 2.12 7.11
C SER A 19 9.67 1.12 8.24
N SER A 20 10.80 0.43 8.30
CA SER A 20 11.05 -0.54 9.34
C SER A 20 11.96 0.06 10.41
N GLY A 21 11.34 0.58 11.46
CA GLY A 21 12.10 1.20 12.53
C GLY A 21 11.71 2.65 12.74
N LEU A 22 10.69 3.09 12.02
CA LEU A 22 10.21 4.46 12.13
C LEU A 22 8.82 4.50 12.71
N SER A 23 8.47 5.60 13.35
CA SER A 23 7.15 5.76 13.95
C SER A 23 6.11 6.05 12.86
N ASP A 24 4.85 6.12 13.25
CA ASP A 24 3.77 6.39 12.30
C ASP A 24 3.88 7.81 11.78
N GLY A 25 3.20 8.09 10.68
CA GLY A 25 3.26 9.40 10.08
C GLY A 25 4.40 9.49 9.09
N THR A 26 5.19 8.43 9.02
CA THR A 26 6.32 8.37 8.10
C THR A 26 5.83 8.27 6.66
N VAL A 27 6.42 9.09 5.80
CA VAL A 27 6.06 9.10 4.40
C VAL A 27 6.69 7.90 3.67
N VAL A 28 5.86 6.89 3.42
CA VAL A 28 6.30 5.68 2.73
C VAL A 28 6.43 5.96 1.23
N LYS A 29 7.58 5.62 0.66
CA LYS A 29 7.83 5.85 -0.76
C LYS A 29 7.71 4.56 -1.56
N VAL A 30 6.97 4.62 -2.66
CA VAL A 30 6.77 3.45 -3.52
C VAL A 30 7.16 3.79 -4.96
N ALA A 31 8.15 3.08 -5.48
CA ALA A 31 8.60 3.29 -6.85
C ALA A 31 8.59 1.98 -7.62
N GLY A 32 7.54 1.75 -8.36
CA GLY A 32 7.42 0.51 -9.12
C GLY A 32 7.68 0.71 -10.59
N ALA A 33 8.61 -0.07 -11.12
CA ALA A 33 8.96 -0.01 -12.53
C ALA A 33 8.66 -1.34 -13.20
N GLY A 34 8.40 -1.31 -14.50
CA GLY A 34 8.09 -2.52 -15.22
C GLY A 34 6.62 -2.87 -15.11
N LEU A 35 5.81 -1.86 -14.86
CA LEU A 35 4.38 -2.04 -14.72
C LEU A 35 3.68 -1.79 -16.05
N GLN A 36 2.36 -1.85 -16.05
CA GLN A 36 1.60 -1.62 -17.27
C GLN A 36 1.31 -0.14 -17.43
N ALA A 37 1.85 0.44 -18.49
CA ALA A 37 1.63 1.85 -18.77
C ALA A 37 0.16 2.11 -19.05
N GLY A 38 -0.38 3.15 -18.43
CA GLY A 38 -1.78 3.47 -18.62
C GLY A 38 -2.68 2.70 -17.68
N THR A 39 -2.18 2.41 -16.49
CA THR A 39 -2.94 1.70 -15.49
C THR A 39 -2.72 2.32 -14.12
N ALA A 40 -3.81 2.58 -13.40
CA ALA A 40 -3.72 3.18 -12.08
C ALA A 40 -3.52 2.11 -11.03
N TYR A 41 -2.49 2.28 -10.21
CA TYR A 41 -2.20 1.31 -9.16
C TYR A 41 -2.63 1.85 -7.80
N ASP A 42 -3.55 1.13 -7.17
CA ASP A 42 -4.07 1.50 -5.86
C ASP A 42 -3.10 1.06 -4.78
N VAL A 43 -2.28 2.00 -4.32
CA VAL A 43 -1.30 1.72 -3.29
C VAL A 43 -1.64 2.49 -2.02
N GLY A 44 -1.78 1.78 -0.91
CA GLY A 44 -2.09 2.43 0.35
C GLY A 44 -1.57 1.64 1.53
N GLN A 45 -1.80 2.17 2.72
CA GLN A 45 -1.38 1.50 3.94
C GLN A 45 -2.44 0.49 4.35
N CYS A 46 -2.05 -0.77 4.46
CA CYS A 46 -2.96 -1.83 4.83
C CYS A 46 -2.44 -2.60 6.03
N ALA A 47 -3.25 -3.53 6.52
CA ALA A 47 -2.88 -4.36 7.66
C ALA A 47 -3.86 -5.51 7.81
N TRP A 48 -3.64 -6.33 8.83
CA TRP A 48 -4.50 -7.48 9.11
C TRP A 48 -5.84 -7.03 9.67
N VAL A 49 -6.86 -6.99 8.82
CA VAL A 49 -8.19 -6.57 9.26
C VAL A 49 -9.01 -7.77 9.76
N ASP A 50 -8.72 -8.94 9.21
CA ASP A 50 -9.44 -10.16 9.60
C ASP A 50 -8.49 -11.36 9.52
N THR A 51 -9.03 -12.55 9.64
CA THR A 51 -8.24 -13.78 9.59
C THR A 51 -7.75 -14.06 8.17
N GLY A 52 -6.72 -13.33 7.76
CA GLY A 52 -6.16 -13.51 6.43
C GLY A 52 -6.59 -12.40 5.49
N VAL A 53 -7.75 -11.81 5.76
CA VAL A 53 -8.27 -10.73 4.96
C VAL A 53 -7.47 -9.46 5.20
N LEU A 54 -7.01 -8.84 4.13
CA LEU A 54 -6.24 -7.62 4.22
C LEU A 54 -7.04 -6.45 3.67
N ALA A 55 -6.85 -5.27 4.24
CA ALA A 55 -7.56 -4.09 3.80
C ALA A 55 -6.69 -2.85 3.98
N CYS A 56 -6.81 -1.90 3.05
CA CYS A 56 -6.03 -0.67 3.09
C CYS A 56 -6.89 0.54 3.42
N ASN A 57 -6.25 1.60 3.88
CA ASN A 57 -6.96 2.83 4.22
C ASN A 57 -7.11 3.69 2.97
N PRO A 58 -8.35 3.97 2.56
CA PRO A 58 -8.63 4.76 1.36
C PRO A 58 -8.52 6.26 1.59
N ALA A 59 -8.40 6.67 2.84
CA ALA A 59 -8.30 8.08 3.17
C ALA A 59 -6.92 8.62 2.86
N ASP A 60 -5.89 7.86 3.22
CA ASP A 60 -4.52 8.28 2.99
C ASP A 60 -3.84 7.52 1.86
N PHE A 61 -4.65 6.89 1.02
CA PHE A 61 -4.12 6.14 -0.11
C PHE A 61 -4.03 7.04 -1.34
N SER A 62 -3.14 6.71 -2.26
CA SER A 62 -2.98 7.51 -3.47
C SER A 62 -2.79 6.61 -4.68
N SER A 63 -3.73 6.67 -5.61
CA SER A 63 -3.67 5.86 -6.81
C SER A 63 -2.71 6.48 -7.82
N VAL A 64 -1.57 5.84 -8.02
CA VAL A 64 -0.59 6.34 -8.95
C VAL A 64 -0.65 5.54 -10.25
N THR A 65 -0.73 6.25 -11.36
CA THR A 65 -0.80 5.60 -12.67
C THR A 65 0.59 5.50 -13.27
N ALA A 66 0.85 4.42 -13.98
CA ALA A 66 2.14 4.20 -14.62
C ALA A 66 2.29 5.09 -15.84
N ASP A 67 3.42 5.80 -15.91
CA ASP A 67 3.70 6.70 -17.01
C ASP A 67 4.07 5.93 -18.28
N ALA A 68 4.46 6.67 -19.32
CA ALA A 68 4.84 6.06 -20.59
C ALA A 68 6.12 5.24 -20.44
N ASN A 69 6.83 5.46 -19.34
CA ASN A 69 8.07 4.73 -19.08
C ASN A 69 7.78 3.43 -18.35
N GLY A 70 6.51 3.24 -17.98
CA GLY A 70 6.09 2.04 -17.29
C GLY A 70 6.49 2.06 -15.83
N SER A 71 6.54 3.24 -15.25
CA SER A 71 6.92 3.39 -13.85
C SER A 71 5.91 4.24 -13.09
N ALA A 72 5.83 4.03 -11.78
CA ALA A 72 4.91 4.79 -10.94
C ALA A 72 5.50 5.01 -9.54
N SER A 73 5.47 6.25 -9.07
CA SER A 73 5.99 6.59 -7.77
C SER A 73 4.94 7.35 -6.96
N THR A 74 4.78 6.98 -5.71
CA THR A 74 3.81 7.62 -4.84
C THR A 74 4.25 7.53 -3.38
N SER A 75 3.74 8.45 -2.57
CA SER A 75 4.06 8.49 -1.15
C SER A 75 2.79 8.30 -0.31
N LEU A 76 2.87 7.43 0.69
CA LEU A 76 1.73 7.15 1.55
C LEU A 76 2.03 7.55 2.99
N THR A 77 1.04 8.11 3.66
CA THR A 77 1.20 8.51 5.04
C THR A 77 0.58 7.44 5.93
N VAL A 78 1.42 6.57 6.50
CA VAL A 78 0.95 5.49 7.34
C VAL A 78 0.51 6.00 8.71
N ARG A 79 -0.77 5.79 9.02
CA ARG A 79 -1.34 6.20 10.30
C ARG A 79 -1.21 5.07 11.32
N ARG A 80 -1.51 5.36 12.57
CA ARG A 80 -1.43 4.37 13.64
C ARG A 80 -2.66 3.46 13.58
N SER A 81 -3.83 4.05 13.60
CA SER A 81 -5.07 3.29 13.52
C SER A 81 -5.90 3.85 12.36
N PHE A 82 -6.53 2.97 11.60
CA PHE A 82 -7.30 3.39 10.44
C PHE A 82 -8.38 2.39 10.07
N GLU A 83 -9.25 2.78 9.16
CA GLU A 83 -10.31 1.92 8.68
C GLU A 83 -9.80 1.12 7.49
N GLY A 84 -10.06 -0.18 7.49
CA GLY A 84 -9.61 -1.01 6.39
C GLY A 84 -10.67 -1.16 5.32
N PHE A 85 -10.28 -0.92 4.07
CA PHE A 85 -11.20 -1.01 2.95
C PHE A 85 -10.63 -1.93 1.88
N LEU A 86 -11.50 -2.57 1.13
CA LEU A 86 -11.08 -3.45 0.05
C LEU A 86 -10.84 -2.63 -1.20
N PHE A 87 -10.37 -3.28 -2.27
CA PHE A 87 -10.12 -2.57 -3.53
C PHE A 87 -11.43 -2.05 -4.12
N ASP A 88 -12.51 -2.76 -3.83
CA ASP A 88 -13.83 -2.38 -4.32
C ASP A 88 -14.35 -1.13 -3.64
N GLY A 89 -13.85 -0.87 -2.43
CA GLY A 89 -14.27 0.31 -1.70
C GLY A 89 -15.11 -0.02 -0.47
N THR A 90 -15.25 -1.30 -0.15
CA THR A 90 -16.03 -1.72 1.00
C THR A 90 -15.17 -1.75 2.27
N ARG A 91 -15.76 -1.29 3.37
CA ARG A 91 -15.07 -1.28 4.66
C ARG A 91 -15.25 -2.62 5.35
N TRP A 92 -14.15 -3.27 5.66
CA TRP A 92 -14.20 -4.57 6.32
C TRP A 92 -14.26 -4.38 7.83
N GLY A 93 -13.48 -3.42 8.32
CA GLY A 93 -13.44 -3.14 9.74
C GLY A 93 -12.33 -2.20 10.08
N THR A 94 -12.22 -1.86 11.36
CA THR A 94 -11.18 -0.96 11.82
C THR A 94 -9.88 -1.73 12.07
N VAL A 95 -8.79 -1.23 11.53
CA VAL A 95 -7.49 -1.87 11.70
C VAL A 95 -6.61 -1.02 12.59
N ASP A 96 -5.95 -1.65 13.56
CA ASP A 96 -5.10 -0.93 14.48
C ASP A 96 -3.65 -1.41 14.40
N CYS A 97 -2.74 -0.47 14.17
CA CYS A 97 -1.33 -0.77 14.10
C CYS A 97 -0.61 -0.24 15.34
N THR A 98 -1.34 -0.16 16.44
CA THR A 98 -0.77 0.30 17.70
C THR A 98 -0.07 -0.86 18.39
N THR A 99 -0.69 -2.03 18.31
CA THR A 99 -0.11 -3.23 18.89
C THR A 99 0.22 -4.23 17.79
N ALA A 100 0.14 -3.76 16.55
CA ALA A 100 0.44 -4.60 15.39
C ALA A 100 1.26 -3.80 14.37
N ALA A 101 1.76 -4.47 13.35
CA ALA A 101 2.56 -3.80 12.33
C ALA A 101 1.76 -3.58 11.06
N CYS A 102 1.92 -2.40 10.47
CA CYS A 102 1.23 -2.05 9.23
C CYS A 102 2.03 -2.58 8.03
N GLN A 103 1.39 -2.65 6.89
CA GLN A 103 2.04 -3.12 5.67
C GLN A 103 1.63 -2.28 4.47
N VAL A 104 2.45 -2.35 3.42
CA VAL A 104 2.19 -1.62 2.19
C VAL A 104 1.44 -2.50 1.21
N GLY A 105 0.26 -2.08 0.82
CA GLY A 105 -0.53 -2.86 -0.11
C GLY A 105 -0.58 -2.24 -1.49
N LEU A 106 -0.25 -3.04 -2.49
CA LEU A 106 -0.23 -2.59 -3.88
C LEU A 106 -1.17 -3.44 -4.71
N SER A 107 -2.30 -2.87 -5.11
CA SER A 107 -3.27 -3.59 -5.92
C SER A 107 -3.63 -2.79 -7.17
N ASP A 108 -3.57 -3.43 -8.32
CA ASP A 108 -3.90 -2.78 -9.59
C ASP A 108 -5.39 -2.93 -9.88
N ALA A 109 -5.79 -2.57 -11.10
CA ALA A 109 -7.18 -2.66 -11.53
C ALA A 109 -7.71 -4.08 -11.44
N ALA A 110 -6.82 -5.06 -11.56
CA ALA A 110 -7.20 -6.46 -11.50
C ALA A 110 -7.22 -6.96 -10.06
N GLY A 111 -6.32 -6.43 -9.26
CA GLY A 111 -6.23 -6.81 -7.86
C GLY A 111 -4.93 -7.50 -7.53
N ASN A 112 -3.91 -7.26 -8.35
CA ASN A 112 -2.59 -7.84 -8.14
C ASN A 112 -1.53 -6.75 -8.21
N GLY A 113 -0.30 -7.13 -8.54
CA GLY A 113 0.76 -6.15 -8.65
C GLY A 113 1.97 -6.55 -7.82
N PRO A 114 2.77 -5.57 -7.38
CA PRO A 114 3.97 -5.84 -6.57
C PRO A 114 3.61 -6.49 -5.24
N GLU A 115 4.54 -7.23 -4.67
CA GLU A 115 4.33 -7.91 -3.41
C GLU A 115 4.27 -6.92 -2.25
N GLY A 116 3.45 -7.23 -1.26
CA GLY A 116 3.31 -6.36 -0.11
C GLY A 116 4.50 -6.44 0.84
N VAL A 117 4.83 -5.32 1.46
CA VAL A 117 5.95 -5.26 2.39
C VAL A 117 5.46 -4.73 3.73
N ALA A 118 5.82 -5.41 4.81
CA ALA A 118 5.42 -5.00 6.14
C ALA A 118 6.43 -4.03 6.74
N ILE A 119 5.93 -3.04 7.47
CA ILE A 119 6.79 -2.06 8.11
C ILE A 119 6.87 -2.34 9.61
N SER A 120 7.63 -1.55 10.33
CA SER A 120 7.78 -1.74 11.76
C SER A 120 8.01 -0.40 12.46
N PHE A 121 7.40 -0.23 13.62
CA PHE A 121 7.54 0.99 14.38
C PHE A 121 8.56 0.80 15.50
N ASN A 122 9.24 1.86 15.88
CA ASN A 122 10.22 1.79 16.94
C ASN A 122 9.53 1.93 18.29
N ALA A 10 9.09 -10.89 -18.39
CA ALA A 10 9.85 -9.67 -18.06
C ALA A 10 9.98 -9.52 -16.55
N ALA A 11 11.20 -9.30 -16.08
CA ALA A 11 11.45 -9.15 -14.66
C ALA A 11 11.17 -7.70 -14.23
N PRO A 12 10.18 -7.49 -13.37
CA PRO A 12 9.82 -6.15 -12.88
C PRO A 12 10.84 -5.63 -11.87
N THR A 13 10.78 -4.33 -11.61
CA THR A 13 11.69 -3.69 -10.67
C THR A 13 10.91 -2.89 -9.63
N ALA A 14 10.60 -3.54 -8.52
CA ALA A 14 9.86 -2.91 -7.44
C ALA A 14 10.80 -2.35 -6.39
N THR A 15 10.87 -1.03 -6.33
CA THR A 15 11.72 -0.36 -5.37
C THR A 15 10.88 0.48 -4.41
N VAL A 16 10.69 -0.04 -3.20
CA VAL A 16 9.91 0.67 -2.21
C VAL A 16 10.74 0.98 -0.96
N THR A 17 10.35 2.02 -0.24
CA THR A 17 11.04 2.41 0.97
C THR A 17 10.14 2.16 2.18
N PRO A 18 10.30 0.98 2.83
CA PRO A 18 9.50 0.61 4.00
C PRO A 18 9.79 1.47 5.22
N SER A 19 8.73 1.81 5.95
CA SER A 19 8.85 2.63 7.14
C SER A 19 9.22 1.78 8.36
N SER A 20 10.17 0.89 8.17
CA SER A 20 10.62 -0.01 9.24
C SER A 20 11.42 0.77 10.29
N GLY A 21 10.90 0.80 11.50
CA GLY A 21 11.55 1.49 12.59
C GLY A 21 11.16 2.95 12.67
N LEU A 22 10.09 3.30 11.99
CA LEU A 22 9.61 4.67 11.99
C LEU A 22 8.21 4.76 12.58
N SER A 23 7.93 5.85 13.25
CA SER A 23 6.64 6.07 13.89
C SER A 23 5.56 6.41 12.86
N ASP A 24 4.32 6.57 13.32
CA ASP A 24 3.22 6.92 12.44
C ASP A 24 3.42 8.34 11.92
N GLY A 25 2.90 8.61 10.73
CA GLY A 25 3.05 9.92 10.14
C GLY A 25 4.19 9.90 9.13
N THR A 26 4.96 8.83 9.15
CA THR A 26 6.07 8.67 8.23
C THR A 26 5.55 8.37 6.83
N VAL A 27 6.16 9.01 5.85
CA VAL A 27 5.77 8.83 4.46
C VAL A 27 6.52 7.67 3.82
N VAL A 28 5.77 6.72 3.29
CA VAL A 28 6.33 5.55 2.61
C VAL A 28 6.51 5.85 1.13
N LYS A 29 7.70 5.61 0.60
CA LYS A 29 7.98 5.87 -0.79
C LYS A 29 7.81 4.60 -1.63
N VAL A 30 7.05 4.71 -2.70
CA VAL A 30 6.81 3.58 -3.59
C VAL A 30 7.22 3.93 -5.02
N ALA A 31 8.14 3.15 -5.58
CA ALA A 31 8.60 3.38 -6.94
C ALA A 31 8.66 2.06 -7.71
N GLY A 32 7.67 1.83 -8.54
CA GLY A 32 7.62 0.59 -9.31
C GLY A 32 7.96 0.82 -10.77
N ALA A 33 8.99 0.14 -11.24
CA ALA A 33 9.40 0.25 -12.63
C ALA A 33 9.18 -1.06 -13.36
N GLY A 34 8.67 -0.98 -14.58
CA GLY A 34 8.40 -2.18 -15.35
C GLY A 34 7.00 -2.68 -15.10
N LEU A 35 6.05 -1.77 -15.12
CA LEU A 35 4.66 -2.10 -14.89
C LEU A 35 3.85 -1.95 -16.17
N GLN A 36 2.54 -2.08 -16.07
CA GLN A 36 1.68 -1.96 -17.23
C GLN A 36 1.38 -0.49 -17.52
N ALA A 37 1.96 0.03 -18.59
CA ALA A 37 1.79 1.42 -18.97
C ALA A 37 0.32 1.73 -19.27
N GLY A 38 -0.18 2.80 -18.67
CA GLY A 38 -1.56 3.20 -18.90
C GLY A 38 -2.51 2.64 -17.86
N THR A 39 -2.02 1.78 -16.98
CA THR A 39 -2.87 1.20 -15.95
C THR A 39 -2.67 1.92 -14.62
N ALA A 40 -3.75 2.01 -13.84
CA ALA A 40 -3.70 2.66 -12.55
C ALA A 40 -3.37 1.65 -11.45
N TYR A 41 -2.57 2.06 -10.49
CA TYR A 41 -2.18 1.20 -9.39
C TYR A 41 -2.60 1.77 -8.06
N ASP A 42 -3.41 1.02 -7.33
CA ASP A 42 -3.90 1.44 -6.03
C ASP A 42 -2.87 1.08 -4.98
N VAL A 43 -2.31 2.09 -4.32
CA VAL A 43 -1.30 1.85 -3.30
C VAL A 43 -1.67 2.53 -1.99
N GLY A 44 -1.80 1.75 -0.94
CA GLY A 44 -2.10 2.29 0.36
C GLY A 44 -1.53 1.42 1.45
N GLN A 45 -1.48 1.92 2.68
CA GLN A 45 -0.97 1.14 3.79
C GLN A 45 -2.09 0.23 4.29
N CYS A 46 -1.83 -1.06 4.33
CA CYS A 46 -2.83 -2.02 4.75
C CYS A 46 -2.32 -2.94 5.84
N ALA A 47 -3.24 -3.65 6.47
CA ALA A 47 -2.91 -4.60 7.53
C ALA A 47 -4.01 -5.64 7.64
N TRP A 48 -3.82 -6.60 8.52
CA TRP A 48 -4.81 -7.66 8.73
C TRP A 48 -6.05 -7.09 9.40
N VAL A 49 -7.21 -7.32 8.79
CA VAL A 49 -8.46 -6.81 9.33
C VAL A 49 -9.35 -7.95 9.81
N ASP A 50 -9.14 -9.14 9.28
CA ASP A 50 -9.93 -10.30 9.66
C ASP A 50 -9.09 -11.56 9.53
N THR A 51 -9.73 -12.71 9.60
CA THR A 51 -9.06 -13.98 9.48
C THR A 51 -8.72 -14.25 8.02
N GLY A 52 -7.57 -13.76 7.60
CA GLY A 52 -7.14 -13.94 6.23
C GLY A 52 -7.40 -12.71 5.39
N VAL A 53 -8.38 -11.92 5.82
CA VAL A 53 -8.75 -10.71 5.10
C VAL A 53 -7.92 -9.51 5.59
N LEU A 54 -7.47 -8.71 4.64
CA LEU A 54 -6.68 -7.53 4.95
C LEU A 54 -7.37 -6.30 4.37
N ALA A 55 -7.01 -5.13 4.87
CA ALA A 55 -7.62 -3.88 4.38
C ALA A 55 -6.70 -2.70 4.56
N CYS A 56 -6.87 -1.69 3.70
CA CYS A 56 -6.05 -0.48 3.75
C CYS A 56 -6.89 0.69 4.26
N ASN A 57 -6.24 1.84 4.45
CA ASN A 57 -6.94 3.02 4.94
C ASN A 57 -7.44 3.86 3.76
N PRO A 58 -8.66 4.38 3.87
CA PRO A 58 -9.29 5.20 2.83
C PRO A 58 -8.94 6.68 2.95
N ALA A 59 -7.92 6.97 3.75
CA ALA A 59 -7.50 8.36 3.96
C ALA A 59 -6.20 8.66 3.23
N ASP A 60 -5.12 8.01 3.67
CA ASP A 60 -3.81 8.24 3.07
C ASP A 60 -3.51 7.20 2.00
N PHE A 61 -4.25 7.25 0.91
CA PHE A 61 -4.05 6.32 -0.20
C PHE A 61 -3.97 7.12 -1.49
N SER A 62 -3.20 6.63 -2.45
CA SER A 62 -3.06 7.33 -3.73
C SER A 62 -2.92 6.35 -4.89
N SER A 63 -3.85 6.44 -5.83
CA SER A 63 -3.82 5.58 -7.00
C SER A 63 -2.92 6.20 -8.08
N VAL A 64 -1.69 5.74 -8.12
CA VAL A 64 -0.73 6.24 -9.08
C VAL A 64 -0.91 5.57 -10.44
N THR A 65 -0.84 6.36 -11.50
CA THR A 65 -1.00 5.83 -12.84
C THR A 65 0.36 5.59 -13.48
N ALA A 66 0.52 4.46 -14.16
CA ALA A 66 1.76 4.14 -14.82
C ALA A 66 1.94 5.03 -16.05
N ASP A 67 3.09 5.69 -16.12
CA ASP A 67 3.37 6.59 -17.23
C ASP A 67 3.71 5.81 -18.50
N ALA A 68 4.02 6.53 -19.57
CA ALA A 68 4.35 5.93 -20.86
C ALA A 68 5.58 5.03 -20.78
N ASN A 69 6.47 5.30 -19.83
CA ASN A 69 7.69 4.51 -19.66
C ASN A 69 7.40 3.22 -18.89
N GLY A 70 6.19 3.12 -18.35
CA GLY A 70 5.80 1.94 -17.60
C GLY A 70 6.26 1.97 -16.16
N SER A 71 6.25 3.16 -15.56
CA SER A 71 6.68 3.31 -14.18
C SER A 71 5.63 4.06 -13.36
N ALA A 72 5.62 3.82 -12.06
CA ALA A 72 4.68 4.47 -11.16
C ALA A 72 5.32 4.71 -9.80
N SER A 73 5.26 5.96 -9.34
CA SER A 73 5.83 6.31 -8.05
C SER A 73 4.84 7.15 -7.25
N THR A 74 4.76 6.89 -5.96
CA THR A 74 3.86 7.62 -5.09
C THR A 74 4.33 7.50 -3.64
N SER A 75 3.75 8.29 -2.76
CA SER A 75 4.12 8.28 -1.35
C SER A 75 2.88 8.22 -0.47
N LEU A 76 2.85 7.29 0.48
CA LEU A 76 1.70 7.12 1.36
C LEU A 76 2.08 7.38 2.81
N THR A 77 1.17 7.96 3.57
CA THR A 77 1.42 8.25 4.98
C THR A 77 0.90 7.11 5.87
N VAL A 78 1.78 6.51 6.65
CA VAL A 78 1.39 5.42 7.53
C VAL A 78 0.78 5.95 8.83
N ARG A 79 -0.29 5.31 9.28
CA ARG A 79 -0.98 5.70 10.49
C ARG A 79 -0.89 4.59 11.54
N ARG A 80 -1.06 4.95 12.80
CA ARG A 80 -1.01 3.98 13.89
C ARG A 80 -2.32 3.20 13.95
N SER A 81 -3.42 3.90 13.68
CA SER A 81 -4.74 3.30 13.66
C SER A 81 -5.50 3.88 12.48
N PHE A 82 -6.25 3.04 11.78
CA PHE A 82 -6.99 3.50 10.62
C PHE A 82 -8.22 2.64 10.35
N GLU A 83 -8.98 3.04 9.35
CA GLU A 83 -10.19 2.32 8.96
C GLU A 83 -9.83 1.29 7.89
N GLY A 84 -10.41 0.10 7.98
CA GLY A 84 -10.12 -0.94 7.01
C GLY A 84 -11.07 -0.92 5.84
N PHE A 85 -10.53 -0.77 4.64
CA PHE A 85 -11.34 -0.72 3.43
C PHE A 85 -10.87 -1.77 2.43
N LEU A 86 -11.83 -2.37 1.74
CA LEU A 86 -11.51 -3.38 0.74
C LEU A 86 -11.16 -2.73 -0.59
N PHE A 87 -10.81 -3.54 -1.58
CA PHE A 87 -10.42 -3.04 -2.89
C PHE A 87 -11.62 -2.43 -3.64
N ASP A 88 -12.82 -2.79 -3.24
CA ASP A 88 -14.02 -2.26 -3.89
C ASP A 88 -14.55 -1.03 -3.15
N GLY A 89 -14.04 -0.79 -1.95
CA GLY A 89 -14.49 0.35 -1.18
C GLY A 89 -15.35 -0.04 0.02
N THR A 90 -15.55 -1.33 0.22
CA THR A 90 -16.34 -1.81 1.34
C THR A 90 -15.56 -1.68 2.64
N ARG A 91 -16.21 -1.15 3.67
CA ARG A 91 -15.58 -0.99 4.96
C ARG A 91 -15.73 -2.26 5.79
N TRP A 92 -14.62 -2.75 6.33
CA TRP A 92 -14.65 -3.96 7.13
C TRP A 92 -14.67 -3.62 8.61
N GLY A 93 -14.12 -2.46 8.95
CA GLY A 93 -14.07 -2.02 10.33
C GLY A 93 -12.87 -1.16 10.61
N THR A 94 -12.30 -1.30 11.80
CA THR A 94 -11.13 -0.52 12.19
C THR A 94 -9.91 -1.42 12.33
N VAL A 95 -8.76 -0.92 11.92
CA VAL A 95 -7.51 -1.68 12.01
C VAL A 95 -6.50 -0.90 12.84
N ASP A 96 -5.91 -1.56 13.82
CA ASP A 96 -4.93 -0.92 14.67
C ASP A 96 -3.55 -1.50 14.42
N CYS A 97 -2.57 -0.61 14.29
CA CYS A 97 -1.19 -1.01 14.05
C CYS A 97 -0.30 -0.63 15.23
N THR A 98 -0.91 -0.33 16.37
CA THR A 98 -0.15 0.05 17.55
C THR A 98 0.41 -1.19 18.25
N THR A 99 -0.26 -2.32 18.06
CA THR A 99 0.17 -3.57 18.65
C THR A 99 0.30 -4.64 17.57
N ALA A 100 0.22 -4.21 16.32
CA ALA A 100 0.32 -5.11 15.18
C ALA A 100 1.26 -4.54 14.12
N ALA A 101 1.52 -5.32 13.08
CA ALA A 101 2.39 -4.88 12.00
C ALA A 101 1.61 -4.72 10.71
N CYS A 102 1.84 -3.60 10.04
CA CYS A 102 1.15 -3.30 8.78
C CYS A 102 2.04 -3.64 7.59
N GLN A 103 1.55 -3.38 6.39
CA GLN A 103 2.28 -3.65 5.16
C GLN A 103 1.84 -2.69 4.06
N VAL A 104 2.68 -2.54 3.04
CA VAL A 104 2.37 -1.67 1.93
C VAL A 104 1.57 -2.44 0.88
N GLY A 105 0.31 -2.05 0.70
CA GLY A 105 -0.54 -2.71 -0.26
C GLY A 105 -0.54 -2.02 -1.60
N LEU A 106 0.09 -2.66 -2.57
CA LEU A 106 0.17 -2.13 -3.92
C LEU A 106 -0.39 -3.12 -4.92
N SER A 107 -1.44 -2.72 -5.62
CA SER A 107 -2.05 -3.59 -6.61
C SER A 107 -2.66 -2.76 -7.72
N ASP A 108 -2.62 -3.29 -8.94
CA ASP A 108 -3.17 -2.61 -10.10
C ASP A 108 -4.69 -2.58 -10.02
N ALA A 109 -5.32 -2.00 -11.03
CA ALA A 109 -6.78 -1.91 -11.09
C ALA A 109 -7.44 -3.28 -10.91
N ALA A 110 -6.76 -4.33 -11.35
CA ALA A 110 -7.28 -5.68 -11.22
C ALA A 110 -7.01 -6.23 -9.82
N GLY A 111 -5.74 -6.22 -9.42
CA GLY A 111 -5.39 -6.71 -8.11
C GLY A 111 -4.09 -7.49 -8.08
N ASN A 112 -3.13 -7.11 -8.92
CA ASN A 112 -1.85 -7.78 -8.97
C ASN A 112 -0.73 -6.76 -9.14
N GLY A 113 0.50 -7.24 -9.20
CA GLY A 113 1.63 -6.35 -9.37
C GLY A 113 2.82 -6.78 -8.54
N PRO A 114 3.44 -5.87 -7.79
CA PRO A 114 4.59 -6.18 -6.95
C PRO A 114 4.20 -6.90 -5.66
N GLU A 115 5.18 -7.31 -4.88
CA GLU A 115 4.90 -8.00 -3.62
C GLU A 115 4.79 -7.00 -2.50
N GLY A 116 3.90 -7.28 -1.55
CA GLY A 116 3.72 -6.39 -0.42
C GLY A 116 4.84 -6.50 0.58
N VAL A 117 5.21 -5.37 1.17
CA VAL A 117 6.29 -5.34 2.15
C VAL A 117 5.74 -4.93 3.51
N ALA A 118 6.04 -5.73 4.52
CA ALA A 118 5.57 -5.46 5.88
C ALA A 118 6.43 -4.37 6.53
N ILE A 119 5.79 -3.58 7.39
CA ILE A 119 6.48 -2.51 8.09
C ILE A 119 6.14 -2.52 9.57
N SER A 120 6.96 -1.88 10.38
CA SER A 120 6.74 -1.82 11.82
C SER A 120 7.27 -0.51 12.37
N PHE A 121 6.58 0.01 13.39
CA PHE A 121 6.96 1.27 14.02
C PHE A 121 8.04 1.02 15.08
N ASN A 122 8.61 2.09 15.61
CA ASN A 122 9.64 1.96 16.63
C ASN A 122 9.00 1.96 18.01
N ALA A 10 9.15 -10.54 -18.41
CA ALA A 10 10.39 -9.90 -17.95
C ALA A 10 10.43 -9.82 -16.43
N ALA A 11 11.47 -9.18 -15.89
CA ALA A 11 11.61 -9.02 -14.45
C ALA A 11 11.39 -7.57 -14.06
N PRO A 12 10.21 -7.25 -13.48
CA PRO A 12 9.88 -5.89 -13.06
C PRO A 12 10.82 -5.37 -11.98
N THR A 13 11.00 -4.06 -11.93
CA THR A 13 11.87 -3.44 -10.96
C THR A 13 11.07 -2.79 -9.84
N ALA A 14 10.93 -3.50 -8.74
CA ALA A 14 10.18 -2.98 -7.61
C ALA A 14 11.10 -2.26 -6.64
N THR A 15 10.89 -0.96 -6.49
CA THR A 15 11.71 -0.16 -5.59
C THR A 15 10.84 0.52 -4.54
N VAL A 16 10.71 -0.13 -3.39
CA VAL A 16 9.90 0.39 -2.31
C VAL A 16 10.76 0.72 -1.10
N THR A 17 10.38 1.76 -0.37
CA THR A 17 11.10 2.16 0.82
C THR A 17 10.24 1.94 2.06
N PRO A 18 10.50 0.85 2.80
CA PRO A 18 9.74 0.52 4.00
C PRO A 18 10.22 1.28 5.23
N SER A 19 9.27 1.79 6.00
CA SER A 19 9.56 2.56 7.22
C SER A 19 9.85 1.63 8.40
N SER A 20 10.75 0.68 8.19
CA SER A 20 11.10 -0.27 9.23
C SER A 20 11.81 0.41 10.39
N GLY A 21 11.18 0.41 11.56
CA GLY A 21 11.77 1.01 12.73
C GLY A 21 11.41 2.47 12.90
N LEU A 22 10.64 3.01 11.97
CA LEU A 22 10.24 4.40 12.03
C LEU A 22 8.90 4.56 12.71
N SER A 23 8.59 5.77 13.15
CA SER A 23 7.35 6.04 13.84
C SER A 23 6.21 6.28 12.85
N ASP A 24 5.00 6.47 13.37
CA ASP A 24 3.85 6.72 12.51
C ASP A 24 3.93 8.13 11.92
N GLY A 25 3.33 8.30 10.76
CA GLY A 25 3.38 9.59 10.10
C GLY A 25 4.44 9.64 9.02
N THR A 26 5.23 8.58 8.97
CA THR A 26 6.30 8.47 7.98
C THR A 26 5.74 8.29 6.57
N VAL A 27 6.46 8.83 5.60
CA VAL A 27 6.05 8.75 4.21
C VAL A 27 6.69 7.54 3.53
N VAL A 28 5.87 6.55 3.20
CA VAL A 28 6.33 5.34 2.53
C VAL A 28 6.39 5.58 1.03
N LYS A 29 7.56 5.38 0.44
CA LYS A 29 7.73 5.61 -0.99
C LYS A 29 7.60 4.29 -1.77
N VAL A 30 6.73 4.30 -2.77
CA VAL A 30 6.52 3.14 -3.61
C VAL A 30 6.78 3.50 -5.07
N ALA A 31 7.91 3.04 -5.58
CA ALA A 31 8.29 3.31 -6.97
C ALA A 31 8.39 2.01 -7.76
N GLY A 32 7.46 1.82 -8.69
CA GLY A 32 7.47 0.62 -9.49
C GLY A 32 7.88 0.90 -10.92
N ALA A 33 8.88 0.16 -11.40
CA ALA A 33 9.37 0.32 -12.75
C ALA A 33 9.11 -0.95 -13.55
N GLY A 34 8.89 -0.79 -14.85
CA GLY A 34 8.62 -1.95 -15.69
C GLY A 34 7.21 -2.44 -15.50
N LEU A 35 6.29 -1.50 -15.34
CA LEU A 35 4.89 -1.83 -15.13
C LEU A 35 4.11 -1.65 -16.44
N GLN A 36 2.79 -1.71 -16.36
CA GLN A 36 1.95 -1.57 -17.54
C GLN A 36 1.52 -0.12 -17.74
N ALA A 37 2.15 0.55 -18.70
CA ALA A 37 1.84 1.93 -19.00
C ALA A 37 0.38 2.07 -19.40
N GLY A 38 -0.37 2.86 -18.63
CA GLY A 38 -1.76 3.06 -18.92
C GLY A 38 -2.68 2.53 -17.83
N THR A 39 -2.12 1.76 -16.91
CA THR A 39 -2.91 1.20 -15.82
C THR A 39 -2.70 2.00 -14.53
N ALA A 40 -3.63 1.86 -13.60
CA ALA A 40 -3.57 2.55 -12.33
C ALA A 40 -3.41 1.56 -11.19
N TYR A 41 -2.69 1.97 -10.15
CA TYR A 41 -2.46 1.12 -8.99
C TYR A 41 -2.87 1.83 -7.71
N ASP A 42 -3.84 1.26 -7.00
CA ASP A 42 -4.32 1.82 -5.75
C ASP A 42 -3.39 1.41 -4.62
N VAL A 43 -2.48 2.29 -4.25
CA VAL A 43 -1.51 1.99 -3.21
C VAL A 43 -1.86 2.69 -1.89
N GLY A 44 -1.75 1.94 -0.79
CA GLY A 44 -2.04 2.49 0.52
C GLY A 44 -1.48 1.60 1.63
N GLN A 45 -1.67 2.01 2.87
CA GLN A 45 -1.21 1.23 4.01
C GLN A 45 -2.31 0.25 4.40
N CYS A 46 -1.97 -1.01 4.52
CA CYS A 46 -2.97 -2.02 4.83
C CYS A 46 -2.51 -2.94 5.95
N ALA A 47 -3.44 -3.73 6.46
CA ALA A 47 -3.16 -4.68 7.53
C ALA A 47 -4.20 -5.79 7.53
N TRP A 48 -3.98 -6.80 8.37
CA TRP A 48 -4.89 -7.93 8.47
C TRP A 48 -6.17 -7.52 9.18
N VAL A 49 -7.20 -7.23 8.40
CA VAL A 49 -8.48 -6.82 8.96
C VAL A 49 -9.33 -8.05 9.28
N ASP A 50 -9.02 -9.16 8.63
CA ASP A 50 -9.74 -10.42 8.85
C ASP A 50 -8.82 -11.59 8.55
N THR A 51 -9.36 -12.79 8.66
CA THR A 51 -8.59 -14.01 8.41
C THR A 51 -8.29 -14.17 6.93
N GLY A 52 -7.08 -13.81 6.53
CA GLY A 52 -6.70 -13.93 5.14
C GLY A 52 -7.18 -12.76 4.30
N VAL A 53 -7.75 -11.77 4.97
CA VAL A 53 -8.26 -10.59 4.29
C VAL A 53 -7.57 -9.35 4.80
N LEU A 54 -6.94 -8.63 3.90
CA LEU A 54 -6.24 -7.41 4.24
C LEU A 54 -6.96 -6.21 3.62
N ALA A 55 -6.89 -5.07 4.29
CA ALA A 55 -7.54 -3.87 3.79
C ALA A 55 -6.68 -2.63 4.07
N CYS A 56 -6.71 -1.67 3.14
CA CYS A 56 -5.93 -0.45 3.28
C CYS A 56 -6.80 0.72 3.69
N ASN A 57 -6.19 1.87 3.94
CA ASN A 57 -6.92 3.07 4.36
C ASN A 57 -7.30 3.96 3.17
N PRO A 58 -8.55 4.45 3.14
CA PRO A 58 -9.04 5.32 2.08
C PRO A 58 -8.86 6.80 2.42
N ALA A 59 -7.96 7.08 3.35
CA ALA A 59 -7.71 8.44 3.79
C ALA A 59 -6.43 9.00 3.20
N ASP A 60 -5.36 8.22 3.29
CA ASP A 60 -4.07 8.66 2.77
C ASP A 60 -3.67 7.81 1.56
N PHE A 61 -4.66 7.18 0.94
CA PHE A 61 -4.43 6.33 -0.23
C PHE A 61 -4.04 7.19 -1.42
N SER A 62 -3.36 6.59 -2.38
CA SER A 62 -2.95 7.31 -3.58
C SER A 62 -2.97 6.39 -4.79
N SER A 63 -3.96 6.60 -5.65
CA SER A 63 -4.10 5.81 -6.86
C SER A 63 -3.19 6.37 -7.94
N VAL A 64 -1.97 5.85 -7.99
CA VAL A 64 -0.99 6.31 -8.96
C VAL A 64 -1.19 5.62 -10.31
N THR A 65 -0.98 6.36 -11.38
CA THR A 65 -1.12 5.83 -12.71
C THR A 65 0.25 5.66 -13.37
N ALA A 66 0.41 4.59 -14.13
CA ALA A 66 1.67 4.31 -14.81
C ALA A 66 1.89 5.32 -15.93
N ASP A 67 3.05 5.97 -15.89
CA ASP A 67 3.44 6.98 -16.88
C ASP A 67 3.78 6.33 -18.22
N ALA A 68 4.16 7.16 -19.18
CA ALA A 68 4.52 6.70 -20.52
C ALA A 68 5.70 5.72 -20.51
N ASN A 69 6.58 5.87 -19.53
CA ASN A 69 7.73 4.98 -19.41
C ASN A 69 7.35 3.66 -18.75
N GLY A 70 6.09 3.56 -18.34
CA GLY A 70 5.61 2.34 -17.71
C GLY A 70 6.06 2.23 -16.27
N SER A 71 6.04 3.35 -15.56
CA SER A 71 6.45 3.37 -14.18
C SER A 71 5.49 4.20 -13.34
N ALA A 72 5.49 3.99 -12.04
CA ALA A 72 4.62 4.71 -11.14
C ALA A 72 5.29 4.91 -9.78
N SER A 73 5.39 6.15 -9.35
CA SER A 73 6.01 6.47 -8.07
C SER A 73 5.07 7.34 -7.25
N THR A 74 4.78 6.93 -6.03
CA THR A 74 3.90 7.67 -5.16
C THR A 74 4.36 7.56 -3.70
N SER A 75 3.79 8.41 -2.85
CA SER A 75 4.15 8.43 -1.44
C SER A 75 2.91 8.23 -0.57
N LEU A 76 3.02 7.30 0.39
CA LEU A 76 1.91 7.00 1.29
C LEU A 76 2.22 7.41 2.72
N THR A 77 1.26 8.02 3.38
CA THR A 77 1.43 8.43 4.76
C THR A 77 0.85 7.36 5.68
N VAL A 78 1.73 6.63 6.35
CA VAL A 78 1.30 5.54 7.24
C VAL A 78 0.92 6.07 8.62
N ARG A 79 -0.30 5.73 9.06
CA ARG A 79 -0.79 6.12 10.36
C ARG A 79 -0.68 4.96 11.34
N ARG A 80 -0.87 5.25 12.62
CA ARG A 80 -0.81 4.23 13.65
C ARG A 80 -2.08 3.40 13.65
N SER A 81 -3.18 4.05 13.32
CA SER A 81 -4.48 3.39 13.24
C SER A 81 -5.20 3.90 11.99
N PHE A 82 -5.98 3.04 11.34
CA PHE A 82 -6.67 3.43 10.11
C PHE A 82 -7.90 2.58 9.86
N GLU A 83 -8.75 3.04 8.96
CA GLU A 83 -9.95 2.30 8.58
C GLU A 83 -9.63 1.36 7.44
N GLY A 84 -9.92 0.08 7.64
CA GLY A 84 -9.65 -0.92 6.61
C GLY A 84 -10.75 -0.98 5.55
N PHE A 85 -10.39 -0.70 4.32
CA PHE A 85 -11.34 -0.71 3.22
C PHE A 85 -10.91 -1.68 2.15
N LEU A 86 -11.87 -2.38 1.56
CA LEU A 86 -11.58 -3.32 0.49
C LEU A 86 -11.36 -2.56 -0.81
N PHE A 87 -10.93 -3.27 -1.85
CA PHE A 87 -10.67 -2.64 -3.14
C PHE A 87 -11.94 -2.06 -3.77
N ASP A 88 -13.07 -2.71 -3.51
CA ASP A 88 -14.35 -2.25 -4.05
C ASP A 88 -14.86 -1.03 -3.28
N GLY A 89 -14.46 -0.91 -2.02
CA GLY A 89 -14.89 0.23 -1.21
C GLY A 89 -15.59 -0.18 0.06
N THR A 90 -15.83 -1.48 0.22
CA THR A 90 -16.51 -1.99 1.41
C THR A 90 -15.56 -1.97 2.61
N ARG A 91 -15.97 -1.30 3.67
CA ARG A 91 -15.17 -1.25 4.89
C ARG A 91 -15.34 -2.55 5.65
N TRP A 92 -14.25 -3.10 6.15
CA TRP A 92 -14.31 -4.34 6.88
C TRP A 92 -14.11 -4.11 8.38
N GLY A 93 -13.63 -2.92 8.72
CA GLY A 93 -13.43 -2.60 10.11
C GLY A 93 -12.21 -1.71 10.32
N THR A 94 -12.12 -1.11 11.49
CA THR A 94 -10.99 -0.25 11.81
C THR A 94 -9.82 -1.08 12.30
N VAL A 95 -8.67 -0.94 11.63
CA VAL A 95 -7.48 -1.69 11.99
C VAL A 95 -6.52 -0.79 12.77
N ASP A 96 -5.73 -1.40 13.65
CA ASP A 96 -4.79 -0.65 14.46
C ASP A 96 -3.41 -1.28 14.41
N CYS A 97 -2.39 -0.44 14.27
CA CYS A 97 -1.01 -0.92 14.20
C CYS A 97 -0.22 -0.43 15.41
N THR A 98 -0.92 0.02 16.46
CA THR A 98 -0.27 0.48 17.68
C THR A 98 0.24 -0.71 18.47
N THR A 99 -0.58 -1.75 18.51
CA THR A 99 -0.24 -2.97 19.21
C THR A 99 -0.17 -4.12 18.21
N ALA A 100 0.19 -3.77 16.98
CA ALA A 100 0.31 -4.74 15.90
C ALA A 100 1.28 -4.22 14.84
N ALA A 101 1.30 -4.87 13.70
CA ALA A 101 2.20 -4.48 12.61
C ALA A 101 1.41 -3.93 11.42
N CYS A 102 2.04 -3.04 10.68
CA CYS A 102 1.42 -2.44 9.51
C CYS A 102 2.19 -2.86 8.26
N GLN A 103 1.56 -2.77 7.10
CA GLN A 103 2.24 -3.13 5.87
C GLN A 103 1.72 -2.32 4.70
N VAL A 104 2.48 -2.31 3.61
CA VAL A 104 2.10 -1.56 2.43
C VAL A 104 1.51 -2.50 1.38
N GLY A 105 0.50 -2.02 0.66
CA GLY A 105 -0.12 -2.82 -0.36
C GLY A 105 -0.63 -1.99 -1.52
N LEU A 106 -0.83 -2.64 -2.65
CA LEU A 106 -1.32 -1.96 -3.85
C LEU A 106 -2.20 -2.90 -4.65
N SER A 107 -3.11 -2.35 -5.43
CA SER A 107 -4.00 -3.16 -6.25
C SER A 107 -4.26 -2.51 -7.59
N ASP A 108 -4.10 -3.29 -8.65
CA ASP A 108 -4.35 -2.83 -10.01
C ASP A 108 -5.82 -3.01 -10.35
N ALA A 109 -6.13 -3.22 -11.62
CA ALA A 109 -7.50 -3.43 -12.05
C ALA A 109 -8.02 -4.75 -11.51
N ALA A 110 -7.11 -5.71 -11.34
CA ALA A 110 -7.45 -7.02 -10.81
C ALA A 110 -7.17 -7.07 -9.32
N GLY A 111 -5.91 -6.82 -8.95
CA GLY A 111 -5.54 -6.84 -7.55
C GLY A 111 -4.33 -7.72 -7.28
N ASN A 112 -3.24 -7.46 -8.00
CA ASN A 112 -2.01 -8.23 -7.85
C ASN A 112 -0.80 -7.33 -8.02
N GLY A 113 0.36 -7.95 -8.23
CA GLY A 113 1.59 -7.20 -8.41
C GLY A 113 2.63 -7.60 -7.38
N PRO A 114 3.43 -6.65 -6.88
CA PRO A 114 4.47 -6.93 -5.88
C PRO A 114 3.87 -7.48 -4.59
N GLU A 115 4.70 -8.14 -3.79
CA GLU A 115 4.25 -8.73 -2.53
C GLU A 115 4.18 -7.65 -1.45
N GLY A 116 3.31 -7.86 -0.46
CA GLY A 116 3.16 -6.91 0.61
C GLY A 116 4.38 -6.86 1.51
N VAL A 117 4.76 -5.65 1.92
CA VAL A 117 5.92 -5.46 2.78
C VAL A 117 5.48 -5.03 4.17
N ALA A 118 5.77 -5.85 5.17
CA ALA A 118 5.40 -5.57 6.54
C ALA A 118 6.44 -4.69 7.22
N ILE A 119 5.97 -3.75 8.03
CA ILE A 119 6.84 -2.84 8.74
C ILE A 119 6.34 -2.60 10.16
N SER A 120 7.27 -2.38 11.07
CA SER A 120 6.92 -2.14 12.46
C SER A 120 7.47 -0.80 12.91
N PHE A 121 6.76 -0.13 13.81
CA PHE A 121 7.18 1.15 14.33
C PHE A 121 8.05 0.94 15.56
N ASN A 122 8.78 1.98 15.95
CA ASN A 122 9.65 1.88 17.13
C ASN A 122 8.84 2.06 18.39
N ALA A 10 8.75 -11.56 -18.09
CA ALA A 10 9.63 -10.39 -17.84
C ALA A 10 9.72 -10.11 -16.35
N ALA A 11 10.84 -9.53 -15.92
CA ALA A 11 11.04 -9.23 -14.52
C ALA A 11 11.04 -7.71 -14.28
N PRO A 12 10.05 -7.22 -13.54
CA PRO A 12 9.93 -5.79 -13.22
C PRO A 12 10.86 -5.35 -12.10
N THR A 13 10.76 -4.10 -11.69
CA THR A 13 11.59 -3.55 -10.63
C THR A 13 10.73 -2.91 -9.54
N ALA A 14 10.51 -3.62 -8.45
CA ALA A 14 9.71 -3.11 -7.36
C ALA A 14 10.56 -2.33 -6.37
N THR A 15 11.01 -1.16 -6.78
CA THR A 15 11.84 -0.31 -5.92
C THR A 15 10.97 0.43 -4.90
N VAL A 16 10.70 -0.21 -3.78
CA VAL A 16 9.88 0.41 -2.74
C VAL A 16 10.72 0.76 -1.51
N THR A 17 10.35 1.82 -0.83
CA THR A 17 11.04 2.26 0.36
C THR A 17 10.21 1.92 1.60
N PRO A 18 10.61 0.88 2.35
CA PRO A 18 9.90 0.43 3.54
C PRO A 18 10.05 1.38 4.73
N SER A 19 9.48 0.97 5.86
CA SER A 19 9.54 1.75 7.07
C SER A 19 9.75 0.83 8.27
N SER A 20 11.00 0.48 8.54
CA SER A 20 11.34 -0.41 9.64
C SER A 20 12.10 0.35 10.71
N GLY A 21 11.45 0.61 11.84
CA GLY A 21 12.10 1.32 12.92
C GLY A 21 11.68 2.77 12.98
N LEU A 22 10.76 3.16 12.12
CA LEU A 22 10.28 4.52 12.08
C LEU A 22 9.01 4.66 12.91
N SER A 23 8.48 5.86 13.02
CA SER A 23 7.28 6.09 13.80
C SER A 23 6.08 6.31 12.89
N ASP A 24 4.92 6.61 13.46
CA ASP A 24 3.72 6.85 12.68
C ASP A 24 3.81 8.20 11.98
N GLY A 25 3.08 8.36 10.89
CA GLY A 25 3.12 9.60 10.15
C GLY A 25 4.23 9.61 9.12
N THR A 26 4.98 8.53 9.09
CA THR A 26 6.09 8.38 8.15
C THR A 26 5.59 8.22 6.73
N VAL A 27 6.34 8.78 5.78
CA VAL A 27 5.98 8.71 4.38
C VAL A 27 6.62 7.52 3.69
N VAL A 28 5.80 6.60 3.22
CA VAL A 28 6.28 5.42 2.53
C VAL A 28 6.38 5.70 1.04
N LYS A 29 7.56 5.55 0.48
CA LYS A 29 7.77 5.80 -0.94
C LYS A 29 7.63 4.51 -1.74
N VAL A 30 6.78 4.55 -2.75
CA VAL A 30 6.54 3.38 -3.60
C VAL A 30 6.84 3.72 -5.05
N ALA A 31 7.83 3.05 -5.64
CA ALA A 31 8.19 3.29 -7.02
C ALA A 31 8.28 1.98 -7.78
N GLY A 32 7.27 1.70 -8.58
CA GLY A 32 7.26 0.47 -9.35
C GLY A 32 7.66 0.69 -10.80
N ALA A 33 8.64 -0.06 -11.26
CA ALA A 33 9.11 0.06 -12.63
C ALA A 33 8.83 -1.24 -13.38
N GLY A 34 8.53 -1.13 -14.66
CA GLY A 34 8.22 -2.30 -15.46
C GLY A 34 6.76 -2.65 -15.36
N LEU A 35 5.97 -1.68 -14.91
CA LEU A 35 4.54 -1.87 -14.75
C LEU A 35 3.81 -1.62 -16.07
N GLN A 36 2.50 -1.81 -16.07
CA GLN A 36 1.70 -1.61 -17.27
C GLN A 36 1.42 -0.13 -17.46
N ALA A 37 2.02 0.46 -18.49
CA ALA A 37 1.83 1.88 -18.78
C ALA A 37 0.37 2.18 -19.07
N GLY A 38 -0.22 3.06 -18.26
CA GLY A 38 -1.61 3.42 -18.43
C GLY A 38 -2.49 2.77 -17.38
N THR A 39 -1.89 1.95 -16.53
CA THR A 39 -2.62 1.27 -15.49
C THR A 39 -2.45 1.96 -14.14
N ALA A 40 -3.57 2.18 -13.44
CA ALA A 40 -3.55 2.82 -12.15
C ALA A 40 -3.49 1.78 -11.04
N TYR A 41 -2.50 1.93 -10.17
CA TYR A 41 -2.32 1.00 -9.07
C TYR A 41 -2.77 1.63 -7.75
N ASP A 42 -3.67 0.94 -7.06
CA ASP A 42 -4.16 1.43 -5.78
C ASP A 42 -3.15 1.12 -4.69
N VAL A 43 -2.52 2.14 -4.16
CA VAL A 43 -1.51 1.95 -3.12
C VAL A 43 -1.92 2.64 -1.82
N GLY A 44 -1.94 1.89 -0.73
CA GLY A 44 -2.29 2.44 0.55
C GLY A 44 -1.69 1.65 1.69
N GLN A 45 -1.83 2.15 2.91
CA GLN A 45 -1.32 1.43 4.07
C GLN A 45 -2.38 0.47 4.58
N CYS A 46 -2.02 -0.79 4.70
CA CYS A 46 -2.96 -1.80 5.14
C CYS A 46 -2.38 -2.66 6.25
N ALA A 47 -3.21 -3.57 6.76
CA ALA A 47 -2.83 -4.49 7.81
C ALA A 47 -3.85 -5.61 7.89
N TRP A 48 -3.65 -6.55 8.80
CA TRP A 48 -4.57 -7.67 8.94
C TRP A 48 -5.82 -7.24 9.72
N VAL A 49 -6.94 -7.19 9.02
CA VAL A 49 -8.19 -6.79 9.64
C VAL A 49 -9.02 -8.03 10.02
N ASP A 50 -8.75 -9.14 9.34
CA ASP A 50 -9.47 -10.38 9.60
C ASP A 50 -8.60 -11.56 9.17
N THR A 51 -9.09 -12.77 9.38
CA THR A 51 -8.37 -13.97 9.02
C THR A 51 -8.20 -14.07 7.51
N GLY A 52 -7.01 -13.74 7.04
CA GLY A 52 -6.72 -13.79 5.61
C GLY A 52 -7.29 -12.62 4.86
N VAL A 53 -7.72 -11.60 5.59
CA VAL A 53 -8.30 -10.41 4.96
C VAL A 53 -7.46 -9.18 5.25
N LEU A 54 -6.99 -8.55 4.19
CA LEU A 54 -6.19 -7.34 4.29
C LEU A 54 -7.01 -6.15 3.80
N ALA A 55 -6.86 -5.02 4.46
CA ALA A 55 -7.61 -3.82 4.08
C ALA A 55 -6.80 -2.57 4.36
N CYS A 56 -6.89 -1.60 3.46
CA CYS A 56 -6.17 -0.33 3.59
C CYS A 56 -7.16 0.82 3.78
N ASN A 57 -6.65 1.99 4.12
CA ASN A 57 -7.50 3.15 4.30
C ASN A 57 -7.51 4.01 3.04
N PRO A 58 -8.69 4.43 2.59
CA PRO A 58 -8.83 5.25 1.39
C PRO A 58 -8.52 6.72 1.65
N ALA A 59 -8.31 7.05 2.91
CA ALA A 59 -8.01 8.42 3.32
C ALA A 59 -6.62 8.85 2.85
N ASP A 60 -5.60 8.14 3.31
CA ASP A 60 -4.22 8.48 2.97
C ASP A 60 -3.72 7.65 1.80
N PHE A 61 -4.63 7.01 1.09
CA PHE A 61 -4.26 6.19 -0.05
C PHE A 61 -4.09 7.06 -1.29
N SER A 62 -3.26 6.62 -2.21
CA SER A 62 -2.99 7.36 -3.43
C SER A 62 -2.88 6.40 -4.61
N SER A 63 -3.78 6.57 -5.59
CA SER A 63 -3.76 5.73 -6.77
C SER A 63 -2.75 6.25 -7.79
N VAL A 64 -1.60 5.62 -7.84
CA VAL A 64 -0.56 6.03 -8.77
C VAL A 64 -0.69 5.28 -10.09
N THR A 65 -0.62 6.00 -11.19
CA THR A 65 -0.73 5.39 -12.50
C THR A 65 0.63 5.30 -13.16
N ALA A 66 0.87 4.19 -13.84
CA ALA A 66 2.12 3.98 -14.54
C ALA A 66 2.19 4.86 -15.78
N ASP A 67 3.18 5.73 -15.82
CA ASP A 67 3.37 6.65 -16.94
C ASP A 67 3.87 5.93 -18.18
N ALA A 68 4.16 6.72 -19.22
CA ALA A 68 4.65 6.17 -20.48
C ALA A 68 5.97 5.43 -20.32
N ASN A 69 6.69 5.71 -19.24
CA ASN A 69 7.96 5.06 -18.99
C ASN A 69 7.73 3.73 -18.29
N GLY A 70 6.48 3.44 -17.96
CA GLY A 70 6.13 2.21 -17.29
C GLY A 70 6.52 2.23 -15.84
N SER A 71 6.57 3.42 -15.26
CA SER A 71 6.95 3.59 -13.87
C SER A 71 5.84 4.27 -13.09
N ALA A 72 5.77 3.97 -11.79
CA ALA A 72 4.76 4.56 -10.93
C ALA A 72 5.34 4.85 -9.55
N SER A 73 5.68 6.11 -9.30
CA SER A 73 6.23 6.51 -8.03
C SER A 73 5.21 7.35 -7.25
N THR A 74 5.00 7.00 -6.00
CA THR A 74 4.07 7.72 -5.14
C THR A 74 4.53 7.67 -3.68
N SER A 75 3.80 8.34 -2.81
CA SER A 75 4.15 8.39 -1.40
C SER A 75 2.88 8.28 -0.54
N LEU A 76 2.92 7.42 0.47
CA LEU A 76 1.78 7.21 1.35
C LEU A 76 2.13 7.57 2.79
N THR A 77 1.12 8.00 3.55
CA THR A 77 1.32 8.35 4.95
C THR A 77 0.71 7.26 5.83
N VAL A 78 1.54 6.61 6.63
CA VAL A 78 1.05 5.54 7.49
C VAL A 78 0.59 6.05 8.86
N ARG A 79 -0.65 5.74 9.19
CA ARG A 79 -1.25 6.12 10.46
C ARG A 79 -1.12 4.98 11.46
N ARG A 80 -1.44 5.25 12.72
CA ARG A 80 -1.38 4.23 13.75
C ARG A 80 -2.66 3.41 13.76
N SER A 81 -3.79 4.10 13.63
CA SER A 81 -5.09 3.46 13.59
C SER A 81 -5.87 4.02 12.39
N PHE A 82 -6.44 3.13 11.59
CA PHE A 82 -7.17 3.55 10.40
C PHE A 82 -8.34 2.62 10.12
N GLU A 83 -9.15 2.98 9.13
CA GLU A 83 -10.31 2.18 8.75
C GLU A 83 -9.94 1.33 7.54
N GLY A 84 -10.15 0.02 7.65
CA GLY A 84 -9.82 -0.89 6.56
C GLY A 84 -10.93 -0.99 5.54
N PHE A 85 -10.57 -0.81 4.27
CA PHE A 85 -11.53 -0.87 3.18
C PHE A 85 -11.10 -1.87 2.14
N LEU A 86 -12.04 -2.36 1.35
CA LEU A 86 -11.77 -3.32 0.30
C LEU A 86 -11.48 -2.59 -1.00
N PHE A 87 -11.36 -3.36 -2.08
CA PHE A 87 -11.07 -2.80 -3.40
C PHE A 87 -12.32 -2.17 -4.01
N ASP A 88 -13.47 -2.74 -3.69
CA ASP A 88 -14.75 -2.25 -4.22
C ASP A 88 -15.18 -0.97 -3.51
N GLY A 89 -14.83 -0.83 -2.24
CA GLY A 89 -15.21 0.36 -1.50
C GLY A 89 -15.87 0.07 -0.18
N THR A 90 -16.16 -1.21 0.08
CA THR A 90 -16.79 -1.59 1.35
C THR A 90 -15.75 -1.70 2.45
N ARG A 91 -16.10 -1.22 3.64
CA ARG A 91 -15.18 -1.29 4.78
C ARG A 91 -15.30 -2.64 5.47
N TRP A 92 -14.24 -3.06 6.15
CA TRP A 92 -14.25 -4.32 6.85
C TRP A 92 -14.22 -4.08 8.35
N GLY A 93 -13.47 -3.08 8.76
CA GLY A 93 -13.37 -2.74 10.17
C GLY A 93 -12.16 -1.88 10.44
N THR A 94 -12.13 -1.29 11.62
CA THR A 94 -11.03 -0.43 12.01
C THR A 94 -9.77 -1.24 12.32
N VAL A 95 -8.70 -0.98 11.60
CA VAL A 95 -7.44 -1.68 11.80
C VAL A 95 -6.49 -0.82 12.61
N ASP A 96 -5.90 -1.40 13.64
CA ASP A 96 -4.98 -0.66 14.49
C ASP A 96 -3.61 -1.31 14.49
N CYS A 97 -2.57 -0.51 14.29
CA CYS A 97 -1.22 -1.02 14.27
C CYS A 97 -0.44 -0.57 15.51
N THR A 98 -1.16 -0.18 16.56
CA THR A 98 -0.52 0.22 17.81
C THR A 98 0.08 -1.02 18.49
N THR A 99 -0.59 -2.15 18.27
CA THR A 99 -0.16 -3.42 18.83
C THR A 99 -0.05 -4.46 17.71
N ALA A 100 0.09 -3.99 16.48
CA ALA A 100 0.20 -4.86 15.32
C ALA A 100 1.20 -4.30 14.31
N ALA A 101 1.44 -5.04 13.24
CA ALA A 101 2.37 -4.61 12.21
C ALA A 101 1.63 -4.23 10.93
N CYS A 102 1.86 -3.01 10.47
CA CYS A 102 1.23 -2.52 9.25
C CYS A 102 2.05 -2.93 8.04
N GLN A 103 1.46 -2.82 6.85
CA GLN A 103 2.15 -3.17 5.62
C GLN A 103 1.69 -2.27 4.49
N VAL A 104 2.45 -2.24 3.42
CA VAL A 104 2.11 -1.42 2.26
C VAL A 104 1.36 -2.25 1.22
N GLY A 105 0.12 -1.86 0.93
CA GLY A 105 -0.67 -2.58 -0.03
C GLY A 105 -0.71 -1.87 -1.36
N LEU A 106 -0.29 -2.58 -2.40
CA LEU A 106 -0.26 -2.03 -3.74
C LEU A 106 -0.73 -3.07 -4.74
N SER A 107 -1.78 -2.75 -5.49
CA SER A 107 -2.33 -3.67 -6.47
C SER A 107 -3.00 -2.92 -7.63
N ASP A 108 -3.13 -3.60 -8.76
CA ASP A 108 -3.77 -3.02 -9.94
C ASP A 108 -5.26 -3.29 -9.93
N ALA A 109 -5.92 -3.01 -11.06
CA ALA A 109 -7.36 -3.22 -11.21
C ALA A 109 -7.76 -4.69 -11.03
N ALA A 110 -6.83 -5.60 -11.31
CA ALA A 110 -7.11 -7.03 -11.19
C ALA A 110 -6.79 -7.53 -9.78
N GLY A 111 -5.98 -6.77 -9.06
CA GLY A 111 -5.59 -7.15 -7.72
C GLY A 111 -4.24 -7.84 -7.70
N ASN A 112 -3.44 -7.52 -8.70
CA ASN A 112 -2.11 -8.09 -8.82
C ASN A 112 -1.06 -6.99 -8.79
N GLY A 113 0.19 -7.35 -9.05
CA GLY A 113 1.26 -6.38 -9.05
C GLY A 113 2.43 -6.80 -8.19
N PRO A 114 3.27 -5.86 -7.75
CA PRO A 114 4.44 -6.16 -6.91
C PRO A 114 4.02 -6.70 -5.55
N GLU A 115 4.90 -7.47 -4.93
CA GLU A 115 4.63 -8.03 -3.62
C GLU A 115 4.68 -6.94 -2.56
N GLY A 116 3.71 -6.97 -1.64
CA GLY A 116 3.66 -5.99 -0.58
C GLY A 116 4.76 -6.19 0.45
N VAL A 117 5.09 -5.12 1.16
CA VAL A 117 6.12 -5.19 2.18
C VAL A 117 5.57 -4.72 3.52
N ALA A 118 5.88 -5.47 4.57
CA ALA A 118 5.43 -5.13 5.91
C ALA A 118 6.38 -4.14 6.55
N ILE A 119 5.84 -3.27 7.39
CA ILE A 119 6.63 -2.28 8.08
C ILE A 119 6.50 -2.47 9.58
N SER A 120 7.32 -1.79 10.35
CA SER A 120 7.27 -1.90 11.80
C SER A 120 7.75 -0.62 12.47
N PHE A 121 7.00 -0.17 13.47
CA PHE A 121 7.34 1.04 14.19
C PHE A 121 8.35 0.75 15.29
N ASN A 122 9.07 1.77 15.72
CA ASN A 122 10.07 1.64 16.78
C ASN A 122 9.40 1.44 18.13
N ALA A 10 9.27 -10.95 -18.37
CA ALA A 10 10.38 -10.06 -17.92
C ALA A 10 10.22 -9.73 -16.44
N ALA A 11 11.33 -9.59 -15.74
CA ALA A 11 11.32 -9.29 -14.33
C ALA A 11 11.26 -7.78 -14.08
N PRO A 12 10.19 -7.30 -13.41
CA PRO A 12 10.02 -5.88 -13.12
C PRO A 12 10.86 -5.44 -11.93
N THR A 13 10.82 -4.17 -11.61
CA THR A 13 11.59 -3.63 -10.51
C THR A 13 10.68 -3.04 -9.43
N ALA A 14 10.64 -3.69 -8.27
CA ALA A 14 9.81 -3.24 -7.17
C ALA A 14 10.65 -2.44 -6.18
N THR A 15 10.96 -1.21 -6.55
CA THR A 15 11.76 -0.33 -5.71
C THR A 15 10.89 0.40 -4.69
N VAL A 16 10.75 -0.19 -3.51
CA VAL A 16 9.95 0.40 -2.46
C VAL A 16 10.78 0.59 -1.19
N THR A 17 10.53 1.69 -0.49
CA THR A 17 11.25 1.98 0.74
C THR A 17 10.31 1.91 1.94
N PRO A 18 10.34 0.79 2.68
CA PRO A 18 9.49 0.59 3.84
C PRO A 18 9.99 1.33 5.07
N SER A 19 9.06 1.84 5.88
CA SER A 19 9.41 2.58 7.08
C SER A 19 9.71 1.63 8.24
N SER A 20 10.74 0.81 8.07
CA SER A 20 11.14 -0.15 9.08
C SER A 20 11.81 0.54 10.26
N GLY A 21 11.20 0.47 11.43
CA GLY A 21 11.75 1.07 12.61
C GLY A 21 11.43 2.54 12.74
N LEU A 22 10.35 2.96 12.09
CA LEU A 22 9.92 4.35 12.12
C LEU A 22 8.53 4.46 12.73
N SER A 23 8.20 5.63 13.24
CA SER A 23 6.91 5.87 13.86
C SER A 23 5.86 6.25 12.83
N ASP A 24 4.62 6.42 13.27
CA ASP A 24 3.54 6.79 12.37
C ASP A 24 3.74 8.24 11.91
N GLY A 25 3.31 8.51 10.69
CA GLY A 25 3.49 9.84 10.13
C GLY A 25 4.60 9.85 9.11
N THR A 26 5.31 8.73 9.04
CA THR A 26 6.40 8.58 8.10
C THR A 26 5.86 8.36 6.69
N VAL A 27 6.58 8.85 5.71
CA VAL A 27 6.16 8.72 4.33
C VAL A 27 6.84 7.51 3.67
N VAL A 28 6.03 6.61 3.13
CA VAL A 28 6.53 5.43 2.46
C VAL A 28 6.71 5.71 0.97
N LYS A 29 7.92 5.49 0.48
CA LYS A 29 8.22 5.74 -0.93
C LYS A 29 8.01 4.48 -1.76
N VAL A 30 7.04 4.54 -2.66
CA VAL A 30 6.73 3.42 -3.54
C VAL A 30 6.99 3.81 -4.99
N ALA A 31 8.03 3.23 -5.57
CA ALA A 31 8.39 3.52 -6.95
C ALA A 31 8.49 2.23 -7.76
N GLY A 32 7.40 1.85 -8.40
CA GLY A 32 7.38 0.64 -9.19
C GLY A 32 7.83 0.90 -10.61
N ALA A 33 8.68 0.03 -11.13
CA ALA A 33 9.18 0.17 -12.49
C ALA A 33 9.02 -1.14 -13.26
N GLY A 34 8.81 -1.05 -14.57
CA GLY A 34 8.65 -2.24 -15.37
C GLY A 34 7.24 -2.80 -15.25
N LEU A 35 6.28 -1.91 -15.03
CA LEU A 35 4.89 -2.30 -14.89
C LEU A 35 4.15 -2.19 -16.22
N GLN A 36 2.86 -1.93 -16.17
CA GLN A 36 2.06 -1.79 -17.37
C GLN A 36 1.59 -0.35 -17.53
N ALA A 37 2.06 0.32 -18.58
CA ALA A 37 1.68 1.70 -18.84
C ALA A 37 0.20 1.80 -19.15
N GLY A 38 -0.42 2.88 -18.72
CA GLY A 38 -1.84 3.07 -18.95
C GLY A 38 -2.71 2.39 -17.90
N THR A 39 -2.08 1.96 -16.82
CA THR A 39 -2.80 1.28 -15.74
C THR A 39 -2.71 2.08 -14.45
N ALA A 40 -3.79 2.07 -13.67
CA ALA A 40 -3.83 2.78 -12.40
C ALA A 40 -3.62 1.83 -11.24
N TYR A 41 -2.65 2.15 -10.39
CA TYR A 41 -2.34 1.30 -9.24
C TYR A 41 -2.79 1.97 -7.95
N ASP A 42 -3.38 1.19 -7.06
CA ASP A 42 -3.85 1.71 -5.78
C ASP A 42 -2.91 1.25 -4.67
N VAL A 43 -2.30 2.20 -3.98
CA VAL A 43 -1.38 1.88 -2.92
C VAL A 43 -1.78 2.57 -1.62
N GLY A 44 -1.86 1.80 -0.54
CA GLY A 44 -2.20 2.37 0.75
C GLY A 44 -1.66 1.53 1.88
N GLN A 45 -1.90 1.94 3.11
CA GLN A 45 -1.43 1.18 4.25
C GLN A 45 -2.49 0.14 4.58
N CYS A 46 -2.10 -1.11 4.62
CA CYS A 46 -3.03 -2.19 4.89
C CYS A 46 -2.52 -3.06 6.02
N ALA A 47 -3.36 -3.98 6.46
CA ALA A 47 -3.01 -4.90 7.54
C ALA A 47 -3.98 -6.05 7.58
N TRP A 48 -3.59 -7.14 8.25
CA TRP A 48 -4.45 -8.31 8.38
C TRP A 48 -5.70 -7.98 9.19
N VAL A 49 -6.82 -7.85 8.50
CA VAL A 49 -8.08 -7.51 9.17
C VAL A 49 -8.87 -8.78 9.50
N ASP A 50 -8.53 -9.87 8.83
CA ASP A 50 -9.17 -11.16 9.05
C ASP A 50 -8.25 -12.27 8.57
N THR A 51 -8.75 -13.50 8.59
CA THR A 51 -7.97 -14.66 8.16
C THR A 51 -7.71 -14.62 6.66
N GLY A 52 -6.56 -14.08 6.29
CA GLY A 52 -6.20 -14.00 4.88
C GLY A 52 -6.68 -12.73 4.22
N VAL A 53 -7.57 -12.02 4.89
CA VAL A 53 -8.11 -10.77 4.35
C VAL A 53 -7.39 -9.57 4.93
N LEU A 54 -6.96 -8.68 4.03
CA LEU A 54 -6.25 -7.48 4.43
C LEU A 54 -7.09 -6.27 4.02
N ALA A 55 -6.86 -5.13 4.63
CA ALA A 55 -7.61 -3.93 4.30
C ALA A 55 -6.72 -2.69 4.36
N CYS A 56 -6.87 -1.78 3.40
CA CYS A 56 -6.07 -0.56 3.36
C CYS A 56 -6.89 0.67 3.74
N ASN A 57 -6.19 1.78 3.94
CA ASN A 57 -6.83 3.04 4.30
C ASN A 57 -7.28 3.81 3.06
N PRO A 58 -8.55 4.24 3.01
CA PRO A 58 -9.09 4.99 1.88
C PRO A 58 -8.98 6.51 2.07
N ALA A 59 -8.33 6.94 3.14
CA ALA A 59 -8.20 8.37 3.42
C ALA A 59 -6.82 8.89 3.01
N ASP A 60 -5.78 8.39 3.65
CA ASP A 60 -4.41 8.82 3.35
C ASP A 60 -3.77 7.95 2.28
N PHE A 61 -4.57 7.46 1.34
CA PHE A 61 -4.06 6.62 0.26
C PHE A 61 -3.71 7.48 -0.95
N SER A 62 -3.00 6.90 -1.89
CA SER A 62 -2.61 7.63 -3.09
C SER A 62 -2.77 6.76 -4.33
N SER A 63 -3.58 7.23 -5.27
CA SER A 63 -3.83 6.52 -6.51
C SER A 63 -2.80 6.93 -7.57
N VAL A 64 -1.78 6.12 -7.75
CA VAL A 64 -0.74 6.43 -8.72
C VAL A 64 -0.93 5.63 -10.00
N THR A 65 -0.90 6.34 -11.12
CA THR A 65 -1.06 5.72 -12.41
C THR A 65 0.31 5.58 -13.08
N ALA A 66 0.49 4.55 -13.88
CA ALA A 66 1.75 4.32 -14.57
C ALA A 66 1.95 5.34 -15.68
N ASP A 67 3.16 5.83 -15.81
CA ASP A 67 3.48 6.82 -16.84
C ASP A 67 3.67 6.13 -18.20
N ALA A 68 4.04 6.92 -19.20
CA ALA A 68 4.26 6.40 -20.55
C ALA A 68 5.47 5.48 -20.62
N ASN A 69 6.31 5.53 -19.60
CA ASN A 69 7.51 4.71 -19.54
C ASN A 69 7.16 3.33 -19.00
N GLY A 70 6.31 3.32 -17.98
CA GLY A 70 5.89 2.09 -17.35
C GLY A 70 6.23 2.07 -15.88
N SER A 71 6.42 3.25 -15.31
CA SER A 71 6.76 3.38 -13.90
C SER A 71 5.66 4.12 -13.14
N ALA A 72 5.63 3.90 -11.82
CA ALA A 72 4.65 4.54 -10.96
C ALA A 72 5.25 4.85 -9.61
N SER A 73 5.44 6.13 -9.31
CA SER A 73 6.01 6.55 -8.04
C SER A 73 4.97 7.30 -7.21
N THR A 74 4.92 7.01 -5.92
CA THR A 74 3.97 7.66 -5.04
C THR A 74 4.47 7.67 -3.60
N SER A 75 3.78 8.43 -2.75
CA SER A 75 4.14 8.54 -1.35
C SER A 75 2.94 8.22 -0.48
N LEU A 76 3.10 7.31 0.47
CA LEU A 76 2.01 6.91 1.35
C LEU A 76 2.30 7.31 2.80
N THR A 77 1.33 7.95 3.44
CA THR A 77 1.47 8.36 4.82
C THR A 77 0.90 7.27 5.74
N VAL A 78 1.77 6.61 6.48
CA VAL A 78 1.33 5.54 7.36
C VAL A 78 0.89 6.09 8.73
N ARG A 79 -0.37 5.84 9.06
CA ARG A 79 -0.95 6.26 10.33
C ARG A 79 -0.92 5.10 11.31
N ARG A 80 -1.22 5.38 12.57
CA ARG A 80 -1.24 4.34 13.58
C ARG A 80 -2.61 3.67 13.60
N SER A 81 -3.63 4.42 13.20
CA SER A 81 -4.99 3.93 13.14
C SER A 81 -5.64 4.40 11.85
N PHE A 82 -6.34 3.51 11.15
CA PHE A 82 -6.98 3.85 9.90
C PHE A 82 -8.23 3.00 9.64
N GLU A 83 -8.97 3.36 8.60
CA GLU A 83 -10.17 2.62 8.22
C GLU A 83 -9.79 1.51 7.26
N GLY A 84 -10.20 0.29 7.56
CA GLY A 84 -9.88 -0.83 6.70
C GLY A 84 -10.89 -1.00 5.59
N PHE A 85 -10.45 -0.85 4.36
CA PHE A 85 -11.33 -0.97 3.21
C PHE A 85 -10.79 -1.97 2.22
N LEU A 86 -11.69 -2.66 1.54
CA LEU A 86 -11.31 -3.66 0.54
C LEU A 86 -11.10 -2.96 -0.80
N PHE A 87 -10.65 -3.70 -1.80
CA PHE A 87 -10.39 -3.13 -3.12
C PHE A 87 -11.68 -2.97 -3.92
N ASP A 88 -12.78 -3.40 -3.34
CA ASP A 88 -14.08 -3.32 -4.00
C ASP A 88 -14.87 -2.11 -3.49
N GLY A 89 -14.52 -1.63 -2.30
CA GLY A 89 -15.21 -0.49 -1.73
C GLY A 89 -15.87 -0.80 -0.40
N THR A 90 -15.92 -2.08 -0.05
CA THR A 90 -16.54 -2.50 1.20
C THR A 90 -15.64 -2.18 2.39
N ARG A 91 -16.26 -1.74 3.49
CA ARG A 91 -15.52 -1.41 4.69
C ARG A 91 -15.67 -2.52 5.74
N TRP A 92 -14.56 -2.89 6.35
CA TRP A 92 -14.58 -3.95 7.36
C TRP A 92 -14.65 -3.34 8.76
N GLY A 93 -14.00 -2.20 8.93
CA GLY A 93 -13.98 -1.53 10.22
C GLY A 93 -12.72 -0.72 10.40
N THR A 94 -12.41 -0.40 11.64
CA THR A 94 -11.22 0.39 11.93
C THR A 94 -10.05 -0.52 12.30
N VAL A 95 -8.93 -0.34 11.61
CA VAL A 95 -7.74 -1.14 11.86
C VAL A 95 -6.71 -0.30 12.59
N ASP A 96 -6.07 -0.89 13.59
CA ASP A 96 -5.08 -0.18 14.37
C ASP A 96 -3.74 -0.92 14.35
N CYS A 97 -2.65 -0.17 14.31
CA CYS A 97 -1.31 -0.73 14.29
C CYS A 97 -0.46 -0.18 15.43
N THR A 98 -1.09 0.08 16.58
CA THR A 98 -0.37 0.60 17.74
C THR A 98 0.46 -0.50 18.39
N THR A 99 -0.10 -1.69 18.45
CA THR A 99 0.59 -2.84 19.02
C THR A 99 0.84 -3.88 17.93
N ALA A 100 0.19 -3.67 16.79
CA ALA A 100 0.32 -4.56 15.64
C ALA A 100 1.30 -3.98 14.62
N ALA A 101 1.38 -4.62 13.46
CA ALA A 101 2.27 -4.17 12.41
C ALA A 101 1.49 -3.97 11.12
N CYS A 102 1.68 -2.82 10.50
CA CYS A 102 1.00 -2.49 9.25
C CYS A 102 1.85 -2.95 8.07
N GLN A 103 1.27 -2.96 6.88
CA GLN A 103 2.00 -3.38 5.69
C GLN A 103 1.62 -2.50 4.50
N VAL A 104 2.56 -2.32 3.59
CA VAL A 104 2.32 -1.51 2.40
C VAL A 104 1.57 -2.32 1.36
N GLY A 105 0.35 -1.92 1.07
CA GLY A 105 -0.46 -2.63 0.09
C GLY A 105 -0.47 -1.92 -1.24
N LEU A 106 -0.01 -2.62 -2.27
CA LEU A 106 0.03 -2.07 -3.61
C LEU A 106 -0.55 -3.07 -4.61
N SER A 107 -1.62 -2.67 -5.28
CA SER A 107 -2.25 -3.53 -6.27
C SER A 107 -2.90 -2.70 -7.37
N ASP A 108 -3.03 -3.29 -8.54
CA ASP A 108 -3.64 -2.62 -9.67
C ASP A 108 -5.16 -2.72 -9.61
N ALA A 109 -5.85 -2.25 -10.64
CA ALA A 109 -7.30 -2.29 -10.70
C ALA A 109 -7.83 -3.73 -10.63
N ALA A 110 -7.02 -4.68 -11.06
CA ALA A 110 -7.40 -6.09 -11.03
C ALA A 110 -7.06 -6.71 -9.67
N GLY A 111 -6.46 -5.92 -8.79
CA GLY A 111 -6.09 -6.39 -7.48
C GLY A 111 -4.85 -7.27 -7.50
N ASN A 112 -3.97 -7.02 -8.45
CA ASN A 112 -2.74 -7.80 -8.58
C ASN A 112 -1.52 -6.89 -8.65
N GLY A 113 -0.35 -7.48 -8.80
CA GLY A 113 0.87 -6.71 -8.89
C GLY A 113 1.96 -7.29 -8.02
N PRO A 114 2.78 -6.45 -7.38
CA PRO A 114 3.87 -6.90 -6.49
C PRO A 114 3.34 -7.40 -5.16
N GLU A 115 4.20 -8.00 -4.36
CA GLU A 115 3.81 -8.53 -3.06
C GLU A 115 3.85 -7.42 -2.02
N GLY A 116 3.01 -7.56 -0.99
CA GLY A 116 2.96 -6.57 0.07
C GLY A 116 4.18 -6.61 0.95
N VAL A 117 4.61 -5.43 1.41
CA VAL A 117 5.77 -5.32 2.27
C VAL A 117 5.35 -4.86 3.67
N ALA A 118 5.61 -5.70 4.67
CA ALA A 118 5.24 -5.39 6.04
C ALA A 118 6.20 -4.38 6.65
N ILE A 119 5.68 -3.48 7.47
CA ILE A 119 6.49 -2.46 8.12
C ILE A 119 6.24 -2.45 9.63
N SER A 120 7.31 -2.54 10.39
CA SER A 120 7.21 -2.53 11.84
C SER A 120 7.65 -1.19 12.39
N PHE A 121 6.89 -0.66 13.34
CA PHE A 121 7.18 0.63 13.95
C PHE A 121 8.32 0.46 14.97
N ASN A 122 8.83 1.58 15.47
CA ASN A 122 9.92 1.55 16.44
C ASN A 122 9.38 1.39 17.85
N ALA A 10 8.42 -10.45 -18.64
CA ALA A 10 9.65 -9.68 -18.41
C ALA A 10 9.93 -9.56 -16.91
N ALA A 11 11.05 -8.94 -16.57
CA ALA A 11 11.43 -8.75 -15.18
C ALA A 11 11.26 -7.29 -14.76
N PRO A 12 10.24 -7.01 -13.95
CA PRO A 12 9.99 -5.65 -13.47
C PRO A 12 10.99 -5.22 -12.40
N THR A 13 10.91 -3.96 -12.00
CA THR A 13 11.82 -3.43 -11.00
C THR A 13 11.05 -2.62 -9.96
N ALA A 14 10.61 -3.28 -8.90
CA ALA A 14 9.85 -2.63 -7.84
C ALA A 14 10.79 -2.15 -6.74
N THR A 15 11.06 -0.85 -6.75
CA THR A 15 11.94 -0.24 -5.75
C THR A 15 11.13 0.54 -4.72
N VAL A 16 10.83 -0.10 -3.59
CA VAL A 16 10.05 0.54 -2.54
C VAL A 16 10.90 0.77 -1.30
N THR A 17 10.58 1.81 -0.56
CA THR A 17 11.30 2.13 0.67
C THR A 17 10.44 1.84 1.90
N PRO A 18 10.70 0.70 2.58
CA PRO A 18 9.94 0.31 3.78
C PRO A 18 10.17 1.27 4.94
N SER A 19 9.11 1.52 5.70
CA SER A 19 9.18 2.42 6.85
C SER A 19 9.50 1.67 8.14
N SER A 20 9.93 0.43 8.01
CA SER A 20 10.27 -0.41 9.16
C SER A 20 11.41 0.23 9.96
N GLY A 21 11.11 0.58 11.21
CA GLY A 21 12.10 1.18 12.07
C GLY A 21 11.76 2.61 12.41
N LEU A 22 10.78 3.17 11.70
CA LEU A 22 10.36 4.54 11.92
C LEU A 22 9.06 4.58 12.75
N SER A 23 8.45 5.75 12.85
CA SER A 23 7.22 5.90 13.61
C SER A 23 6.04 6.14 12.68
N ASP A 24 4.90 6.48 13.25
CA ASP A 24 3.70 6.76 12.47
C ASP A 24 3.79 8.17 11.87
N GLY A 25 3.16 8.34 10.71
CA GLY A 25 3.20 9.63 10.04
C GLY A 25 4.29 9.67 9.01
N THR A 26 5.07 8.59 8.94
CA THR A 26 6.16 8.48 8.00
C THR A 26 5.63 8.29 6.58
N VAL A 27 6.31 8.90 5.62
CA VAL A 27 5.92 8.81 4.23
C VAL A 27 6.65 7.69 3.52
N VAL A 28 5.90 6.67 3.14
CA VAL A 28 6.46 5.51 2.44
C VAL A 28 6.58 5.83 0.95
N LYS A 29 7.73 5.53 0.37
CA LYS A 29 7.94 5.80 -1.05
C LYS A 29 7.78 4.53 -1.87
N VAL A 30 6.89 4.60 -2.84
CA VAL A 30 6.62 3.47 -3.73
C VAL A 30 6.99 3.85 -5.16
N ALA A 31 8.06 3.25 -5.67
CA ALA A 31 8.51 3.53 -7.03
C ALA A 31 8.65 2.24 -7.83
N GLY A 32 7.66 1.96 -8.65
CA GLY A 32 7.67 0.75 -9.47
C GLY A 32 8.04 1.04 -10.91
N ALA A 33 9.09 0.39 -11.39
CA ALA A 33 9.54 0.58 -12.76
C ALA A 33 9.36 -0.72 -13.54
N GLY A 34 9.00 -0.60 -14.82
CA GLY A 34 8.79 -1.78 -15.64
C GLY A 34 7.40 -2.33 -15.45
N LEU A 35 6.42 -1.44 -15.45
CA LEU A 35 5.03 -1.82 -15.28
C LEU A 35 4.25 -1.55 -16.56
N GLN A 36 2.92 -1.59 -16.47
CA GLN A 36 2.06 -1.35 -17.63
C GLN A 36 1.66 0.12 -17.69
N ALA A 37 2.16 0.81 -18.69
CA ALA A 37 1.87 2.23 -18.87
C ALA A 37 0.38 2.49 -19.08
N GLY A 38 -0.16 3.46 -18.36
CA GLY A 38 -1.56 3.81 -18.51
C GLY A 38 -2.48 3.13 -17.51
N THR A 39 -1.92 2.38 -16.57
CA THR A 39 -2.74 1.70 -15.57
C THR A 39 -2.57 2.34 -14.19
N ALA A 40 -3.68 2.46 -13.46
CA ALA A 40 -3.68 3.03 -12.13
C ALA A 40 -3.52 1.94 -11.07
N TYR A 41 -2.64 2.19 -10.10
CA TYR A 41 -2.39 1.22 -9.05
C TYR A 41 -2.89 1.75 -7.71
N ASP A 42 -3.52 0.86 -6.96
CA ASP A 42 -4.05 1.19 -5.65
C ASP A 42 -3.05 0.76 -4.58
N VAL A 43 -2.40 1.73 -3.97
CA VAL A 43 -1.41 1.46 -2.94
C VAL A 43 -1.78 2.17 -1.65
N GLY A 44 -1.96 1.40 -0.58
CA GLY A 44 -2.29 1.98 0.70
C GLY A 44 -1.73 1.17 1.85
N GLN A 45 -1.88 1.68 3.06
CA GLN A 45 -1.39 0.97 4.24
C GLN A 45 -2.47 0.00 4.72
N CYS A 46 -2.16 -1.28 4.68
CA CYS A 46 -3.10 -2.30 5.09
C CYS A 46 -2.58 -3.06 6.31
N ALA A 47 -3.47 -3.80 6.96
CA ALA A 47 -3.09 -4.59 8.13
C ALA A 47 -4.11 -5.69 8.36
N TRP A 48 -3.89 -6.47 9.42
CA TRP A 48 -4.79 -7.56 9.78
C TRP A 48 -6.10 -7.02 10.33
N VAL A 49 -7.12 -6.97 9.48
CA VAL A 49 -8.41 -6.46 9.89
C VAL A 49 -9.32 -7.59 10.37
N ASP A 50 -9.03 -8.79 9.91
CA ASP A 50 -9.81 -9.97 10.28
C ASP A 50 -8.95 -11.21 10.17
N THR A 51 -9.53 -12.37 10.48
CA THR A 51 -8.81 -13.63 10.43
C THR A 51 -8.39 -13.97 9.00
N GLY A 52 -7.16 -13.62 8.64
CA GLY A 52 -6.64 -13.89 7.33
C GLY A 52 -7.12 -12.88 6.29
N VAL A 53 -7.64 -11.76 6.77
CA VAL A 53 -8.16 -10.72 5.89
C VAL A 53 -7.41 -9.41 6.12
N LEU A 54 -7.02 -8.76 5.04
CA LEU A 54 -6.29 -7.50 5.11
C LEU A 54 -7.14 -6.38 4.51
N ALA A 55 -6.96 -5.17 5.02
CA ALA A 55 -7.69 -4.01 4.53
C ALA A 55 -6.87 -2.75 4.70
N CYS A 56 -7.02 -1.81 3.78
CA CYS A 56 -6.30 -0.54 3.83
C CYS A 56 -7.27 0.62 3.80
N ASN A 57 -6.80 1.80 4.15
CA ASN A 57 -7.66 2.97 4.15
C ASN A 57 -7.45 3.79 2.87
N PRO A 58 -8.54 4.26 2.24
CA PRO A 58 -8.48 5.05 1.03
C PRO A 58 -8.31 6.54 1.32
N ALA A 59 -8.11 6.87 2.58
CA ALA A 59 -7.92 8.25 2.98
C ALA A 59 -6.49 8.70 2.74
N ASP A 60 -5.53 7.95 3.27
CA ASP A 60 -4.12 8.28 3.12
C ASP A 60 -3.51 7.59 1.92
N PHE A 61 -4.31 6.82 1.19
CA PHE A 61 -3.85 6.11 0.01
C PHE A 61 -3.68 7.10 -1.16
N SER A 62 -2.79 6.77 -2.07
CA SER A 62 -2.54 7.62 -3.23
C SER A 62 -2.75 6.86 -4.54
N SER A 63 -3.60 7.40 -5.40
CA SER A 63 -3.87 6.77 -6.68
C SER A 63 -2.87 7.27 -7.72
N VAL A 64 -1.95 6.40 -8.12
CA VAL A 64 -0.94 6.76 -9.10
C VAL A 64 -1.04 5.88 -10.34
N THR A 65 -0.81 6.48 -11.50
CA THR A 65 -0.86 5.76 -12.75
C THR A 65 0.55 5.66 -13.35
N ALA A 66 0.76 4.65 -14.18
CA ALA A 66 2.06 4.46 -14.80
C ALA A 66 2.24 5.41 -15.97
N ASP A 67 3.38 6.08 -16.01
CA ASP A 67 3.70 7.04 -17.06
C ASP A 67 4.06 6.30 -18.35
N ALA A 68 4.40 7.07 -19.40
CA ALA A 68 4.75 6.51 -20.70
C ALA A 68 5.95 5.56 -20.62
N ASN A 69 6.82 5.79 -19.65
CA ASN A 69 8.00 4.96 -19.46
C ASN A 69 7.65 3.66 -18.75
N GLY A 70 6.40 3.56 -18.32
CA GLY A 70 5.94 2.37 -17.63
C GLY A 70 6.40 2.34 -16.19
N SER A 71 6.41 3.49 -15.54
CA SER A 71 6.81 3.57 -14.15
C SER A 71 5.79 4.35 -13.33
N ALA A 72 5.69 4.02 -12.05
CA ALA A 72 4.75 4.69 -11.16
C ALA A 72 5.36 4.92 -9.79
N SER A 73 5.43 6.18 -9.39
CA SER A 73 6.00 6.54 -8.09
C SER A 73 4.99 7.35 -7.29
N THR A 74 4.85 7.04 -6.01
CA THR A 74 3.91 7.75 -5.16
C THR A 74 4.35 7.68 -3.69
N SER A 75 3.61 8.36 -2.82
CA SER A 75 3.92 8.38 -1.41
C SER A 75 2.71 7.92 -0.58
N LEU A 76 2.98 7.25 0.53
CA LEU A 76 1.92 6.76 1.41
C LEU A 76 2.20 7.12 2.85
N THR A 77 1.24 7.75 3.51
CA THR A 77 1.40 8.14 4.90
C THR A 77 0.84 7.06 5.82
N VAL A 78 1.73 6.28 6.42
CA VAL A 78 1.32 5.20 7.31
C VAL A 78 0.96 5.72 8.70
N ARG A 79 -0.31 5.54 9.06
CA ARG A 79 -0.78 5.96 10.37
C ARG A 79 -0.83 4.76 11.30
N ARG A 80 -1.02 5.02 12.58
CA ARG A 80 -1.09 3.94 13.56
C ARG A 80 -2.49 3.34 13.54
N SER A 81 -3.48 4.18 13.35
CA SER A 81 -4.87 3.74 13.29
C SER A 81 -5.48 4.22 11.96
N PHE A 82 -6.16 3.34 11.26
CA PHE A 82 -6.76 3.69 9.97
C PHE A 82 -8.03 2.90 9.70
N GLU A 83 -8.74 3.27 8.65
CA GLU A 83 -9.98 2.59 8.28
C GLU A 83 -9.67 1.36 7.44
N GLY A 84 -10.47 0.32 7.59
CA GLY A 84 -10.25 -0.89 6.82
C GLY A 84 -11.21 -0.99 5.66
N PHE A 85 -10.68 -0.88 4.45
CA PHE A 85 -11.52 -0.95 3.26
C PHE A 85 -11.00 -2.03 2.33
N LEU A 86 -11.92 -2.72 1.68
CA LEU A 86 -11.55 -3.78 0.76
C LEU A 86 -11.20 -3.19 -0.59
N PHE A 87 -10.71 -4.02 -1.49
CA PHE A 87 -10.33 -3.58 -2.82
C PHE A 87 -11.57 -3.28 -3.66
N ASP A 88 -12.67 -3.96 -3.35
CA ASP A 88 -13.93 -3.77 -4.06
C ASP A 88 -14.57 -2.43 -3.67
N GLY A 89 -14.42 -2.06 -2.40
CA GLY A 89 -14.99 -0.81 -1.93
C GLY A 89 -15.66 -0.95 -0.58
N THR A 90 -16.13 -2.14 -0.27
CA THR A 90 -16.80 -2.42 1.00
C THR A 90 -15.84 -2.22 2.17
N ARG A 91 -16.30 -1.58 3.23
CA ARG A 91 -15.46 -1.37 4.41
C ARG A 91 -15.61 -2.53 5.38
N TRP A 92 -14.56 -2.78 6.16
CA TRP A 92 -14.58 -3.86 7.13
C TRP A 92 -14.66 -3.31 8.54
N GLY A 93 -14.17 -2.08 8.71
CA GLY A 93 -14.20 -1.45 10.01
C GLY A 93 -12.97 -0.59 10.23
N THR A 94 -12.42 -0.65 11.44
CA THR A 94 -11.24 0.13 11.78
C THR A 94 -10.07 -0.80 12.11
N VAL A 95 -8.89 -0.48 11.59
CA VAL A 95 -7.70 -1.27 11.83
C VAL A 95 -6.67 -0.45 12.58
N ASP A 96 -6.18 -1.00 13.69
CA ASP A 96 -5.20 -0.30 14.49
C ASP A 96 -3.90 -1.09 14.56
N CYS A 97 -2.78 -0.39 14.39
CA CYS A 97 -1.48 -1.01 14.43
C CYS A 97 -0.65 -0.49 15.61
N THR A 98 -1.32 -0.02 16.67
CA THR A 98 -0.63 0.47 17.84
C THR A 98 0.07 -0.67 18.57
N THR A 99 -0.52 -1.86 18.49
CA THR A 99 0.04 -3.04 19.11
C THR A 99 0.02 -4.21 18.13
N ALA A 100 0.14 -3.89 16.85
CA ALA A 100 0.14 -4.89 15.80
C ALA A 100 1.06 -4.44 14.66
N ALA A 101 1.23 -5.30 13.66
CA ALA A 101 2.08 -4.99 12.53
C ALA A 101 1.26 -4.53 11.32
N CYS A 102 1.78 -3.55 10.59
CA CYS A 102 1.11 -3.02 9.42
C CYS A 102 1.90 -3.38 8.17
N GLN A 103 1.31 -3.20 6.98
CA GLN A 103 2.00 -3.52 5.75
C GLN A 103 1.55 -2.61 4.60
N VAL A 104 2.35 -2.57 3.55
CA VAL A 104 2.03 -1.76 2.38
C VAL A 104 1.36 -2.63 1.32
N GLY A 105 0.16 -2.24 0.92
CA GLY A 105 -0.57 -3.01 -0.06
C GLY A 105 -0.52 -2.42 -1.44
N LEU A 106 -0.03 -3.20 -2.40
CA LEU A 106 0.07 -2.75 -3.78
C LEU A 106 -0.78 -3.65 -4.67
N SER A 107 -1.71 -3.07 -5.40
CA SER A 107 -2.56 -3.83 -6.29
C SER A 107 -3.01 -3.01 -7.49
N ASP A 108 -2.98 -3.63 -8.66
CA ASP A 108 -3.39 -2.96 -9.89
C ASP A 108 -4.91 -3.08 -10.05
N ALA A 109 -5.43 -2.61 -11.19
CA ALA A 109 -6.86 -2.66 -11.46
C ALA A 109 -7.40 -4.10 -11.35
N ALA A 110 -6.58 -5.08 -11.70
CA ALA A 110 -6.98 -6.47 -11.64
C ALA A 110 -6.85 -7.02 -10.22
N GLY A 111 -5.99 -6.39 -9.43
CA GLY A 111 -5.78 -6.83 -8.06
C GLY A 111 -4.47 -7.57 -7.87
N ASN A 112 -3.56 -7.40 -8.82
CA ASN A 112 -2.25 -8.06 -8.75
C ASN A 112 -1.15 -7.00 -8.68
N GLY A 113 0.08 -7.41 -8.98
CA GLY A 113 1.20 -6.49 -8.95
C GLY A 113 2.29 -6.94 -7.99
N PRO A 114 3.09 -6.01 -7.47
CA PRO A 114 4.17 -6.32 -6.52
C PRO A 114 3.64 -6.92 -5.22
N GLU A 115 4.47 -7.70 -4.55
CA GLU A 115 4.09 -8.35 -3.30
C GLU A 115 4.08 -7.34 -2.16
N GLY A 116 3.15 -7.53 -1.22
CA GLY A 116 3.04 -6.64 -0.09
C GLY A 116 4.24 -6.71 0.84
N VAL A 117 4.62 -5.57 1.38
CA VAL A 117 5.76 -5.50 2.29
C VAL A 117 5.29 -5.18 3.70
N ALA A 118 5.67 -6.01 4.65
CA ALA A 118 5.30 -5.81 6.05
C ALA A 118 6.26 -4.83 6.70
N ILE A 119 5.72 -3.88 7.44
CA ILE A 119 6.52 -2.89 8.12
C ILE A 119 6.25 -2.89 9.62
N SER A 120 7.19 -2.37 10.38
CA SER A 120 7.06 -2.30 11.82
C SER A 120 7.57 -0.97 12.34
N PHE A 121 6.92 -0.46 13.37
CA PHE A 121 7.30 0.82 13.95
C PHE A 121 8.34 0.60 15.04
N ASN A 122 9.01 1.67 15.44
CA ASN A 122 10.03 1.58 16.48
C ASN A 122 9.38 1.75 17.85
N ALA A 10 8.28 -11.39 -18.00
CA ALA A 10 9.49 -10.57 -17.77
C ALA A 10 9.63 -10.22 -16.30
N ALA A 11 10.86 -9.95 -15.86
CA ALA A 11 11.12 -9.61 -14.47
C ALA A 11 11.02 -8.10 -14.25
N PRO A 12 9.99 -7.64 -13.52
CA PRO A 12 9.81 -6.23 -13.23
C PRO A 12 10.78 -5.74 -12.15
N THR A 13 10.68 -4.47 -11.79
CA THR A 13 11.56 -3.90 -10.80
C THR A 13 10.79 -3.04 -9.79
N ALA A 14 10.30 -3.67 -8.73
CA ALA A 14 9.56 -2.97 -7.69
C ALA A 14 10.51 -2.48 -6.60
N THR A 15 10.74 -1.17 -6.56
CA THR A 15 11.62 -0.59 -5.57
C THR A 15 10.83 0.24 -4.56
N VAL A 16 10.64 -0.30 -3.37
CA VAL A 16 9.90 0.39 -2.33
C VAL A 16 10.76 0.56 -1.09
N THR A 17 10.44 1.57 -0.29
CA THR A 17 11.17 1.85 0.93
C THR A 17 10.31 1.56 2.16
N PRO A 18 10.58 0.43 2.85
CA PRO A 18 9.85 0.06 4.06
C PRO A 18 10.26 0.88 5.27
N SER A 19 9.27 1.49 5.92
CA SER A 19 9.52 2.32 7.10
C SER A 19 9.68 1.46 8.36
N SER A 20 10.52 0.45 8.27
CA SER A 20 10.77 -0.46 9.39
C SER A 20 11.64 0.21 10.44
N GLY A 21 11.09 0.37 11.64
CA GLY A 21 11.83 0.98 12.73
C GLY A 21 11.57 2.47 12.83
N LEU A 22 10.59 2.96 12.10
CA LEU A 22 10.28 4.38 12.12
C LEU A 22 8.98 4.64 12.88
N SER A 23 8.59 5.90 12.97
CA SER A 23 7.38 6.27 13.68
C SER A 23 6.21 6.44 12.71
N ASP A 24 5.03 6.73 13.24
CA ASP A 24 3.85 6.94 12.42
C ASP A 24 3.93 8.30 11.74
N GLY A 25 3.29 8.42 10.59
CA GLY A 25 3.31 9.67 9.85
C GLY A 25 4.44 9.72 8.84
N THR A 26 5.31 8.72 8.88
CA THR A 26 6.45 8.65 7.98
C THR A 26 5.97 8.45 6.53
N VAL A 27 6.63 9.13 5.62
CA VAL A 27 6.31 9.03 4.21
C VAL A 27 6.93 7.78 3.59
N VAL A 28 6.09 6.86 3.16
CA VAL A 28 6.54 5.62 2.55
C VAL A 28 6.74 5.84 1.04
N LYS A 29 7.90 5.45 0.53
CA LYS A 29 8.20 5.60 -0.88
C LYS A 29 7.90 4.34 -1.65
N VAL A 30 7.08 4.47 -2.69
CA VAL A 30 6.73 3.34 -3.53
C VAL A 30 7.04 3.67 -4.98
N ALA A 31 8.13 3.13 -5.49
CA ALA A 31 8.53 3.37 -6.87
C ALA A 31 8.61 2.07 -7.66
N GLY A 32 7.55 1.77 -8.40
CA GLY A 32 7.52 0.56 -9.19
C GLY A 32 7.90 0.80 -10.63
N ALA A 33 8.82 -0.01 -11.15
CA ALA A 33 9.25 0.11 -12.52
C ALA A 33 9.02 -1.20 -13.25
N GLY A 34 8.64 -1.12 -14.52
CA GLY A 34 8.37 -2.31 -15.30
C GLY A 34 6.93 -2.74 -15.13
N LEU A 35 6.05 -1.77 -15.04
CA LEU A 35 4.63 -2.02 -14.86
C LEU A 35 3.89 -1.87 -16.18
N GLN A 36 2.56 -1.88 -16.13
CA GLN A 36 1.74 -1.73 -17.33
C GLN A 36 1.42 -0.26 -17.57
N ALA A 37 2.08 0.33 -18.54
CA ALA A 37 1.87 1.73 -18.87
C ALA A 37 0.43 1.99 -19.28
N GLY A 38 -0.23 2.89 -18.57
CA GLY A 38 -1.61 3.22 -18.88
C GLY A 38 -2.60 2.72 -17.85
N THR A 39 -2.12 2.00 -16.84
CA THR A 39 -3.00 1.48 -15.80
C THR A 39 -2.79 2.24 -14.50
N ALA A 40 -3.81 2.24 -13.64
CA ALA A 40 -3.72 2.93 -12.36
C ALA A 40 -3.48 1.94 -11.23
N TYR A 41 -2.47 2.23 -10.43
CA TYR A 41 -2.13 1.39 -9.30
C TYR A 41 -2.53 2.08 -8.00
N ASP A 42 -3.25 1.36 -7.16
CA ASP A 42 -3.71 1.90 -5.89
C ASP A 42 -2.78 1.47 -4.77
N VAL A 43 -2.35 2.43 -3.96
CA VAL A 43 -1.45 2.15 -2.86
C VAL A 43 -1.97 2.77 -1.56
N GLY A 44 -2.00 1.97 -0.50
CA GLY A 44 -2.44 2.46 0.79
C GLY A 44 -1.85 1.65 1.92
N GLN A 45 -2.03 2.11 3.15
CA GLN A 45 -1.52 1.38 4.31
C GLN A 45 -2.57 0.35 4.72
N CYS A 46 -2.18 -0.90 4.78
CA CYS A 46 -3.11 -1.96 5.13
C CYS A 46 -2.52 -2.88 6.19
N ALA A 47 -3.37 -3.73 6.75
CA ALA A 47 -2.95 -4.69 7.76
C ALA A 47 -3.87 -5.89 7.72
N TRP A 48 -3.47 -6.97 8.38
CA TRP A 48 -4.26 -8.19 8.41
C TRP A 48 -5.45 -8.01 9.34
N VAL A 49 -6.65 -8.06 8.78
CA VAL A 49 -7.86 -7.90 9.57
C VAL A 49 -8.57 -9.25 9.76
N ASP A 50 -8.33 -10.18 8.84
CA ASP A 50 -8.93 -11.50 8.89
C ASP A 50 -8.00 -12.49 8.21
N THR A 51 -8.35 -13.77 8.27
CA THR A 51 -7.55 -14.82 7.65
C THR A 51 -7.52 -14.68 6.14
N GLY A 52 -6.44 -14.10 5.63
CA GLY A 52 -6.29 -13.92 4.20
C GLY A 52 -7.01 -12.69 3.71
N VAL A 53 -7.35 -11.80 4.63
CA VAL A 53 -8.04 -10.56 4.27
C VAL A 53 -7.33 -9.35 4.86
N LEU A 54 -6.90 -8.45 3.97
CA LEU A 54 -6.23 -7.23 4.38
C LEU A 54 -7.10 -6.05 4.00
N ALA A 55 -6.93 -4.95 4.70
CA ALA A 55 -7.72 -3.76 4.42
C ALA A 55 -6.86 -2.50 4.54
N CYS A 56 -6.93 -1.64 3.53
CA CYS A 56 -6.15 -0.41 3.51
C CYS A 56 -7.03 0.78 3.87
N ASN A 57 -6.41 1.91 4.16
CA ASN A 57 -7.15 3.11 4.54
C ASN A 57 -7.46 3.98 3.32
N PRO A 58 -8.69 4.51 3.25
CA PRO A 58 -9.12 5.38 2.17
C PRO A 58 -8.95 6.86 2.50
N ALA A 59 -8.29 7.12 3.62
CA ALA A 59 -8.06 8.48 4.07
C ALA A 59 -6.73 9.05 3.59
N ASP A 60 -5.76 8.17 3.34
CA ASP A 60 -4.44 8.62 2.87
C ASP A 60 -3.98 7.83 1.66
N PHE A 61 -4.87 7.01 1.11
CA PHE A 61 -4.54 6.20 -0.07
C PHE A 61 -4.16 7.10 -1.23
N SER A 62 -3.28 6.62 -2.09
CA SER A 62 -2.85 7.40 -3.23
C SER A 62 -2.79 6.55 -4.49
N SER A 63 -3.71 6.81 -5.41
CA SER A 63 -3.75 6.09 -6.67
C SER A 63 -2.77 6.72 -7.66
N VAL A 64 -1.82 5.94 -8.13
CA VAL A 64 -0.83 6.44 -9.07
C VAL A 64 -0.99 5.79 -10.44
N THR A 65 -1.04 6.62 -11.46
CA THR A 65 -1.18 6.13 -12.82
C THR A 65 0.18 5.89 -13.45
N ALA A 66 0.38 4.69 -13.97
CA ALA A 66 1.65 4.33 -14.61
C ALA A 66 1.88 5.15 -15.86
N ASP A 67 3.05 5.78 -15.92
CA ASP A 67 3.42 6.61 -17.05
C ASP A 67 3.79 5.75 -18.25
N ALA A 68 4.11 6.40 -19.37
CA ALA A 68 4.46 5.71 -20.61
C ALA A 68 5.79 4.97 -20.49
N ASN A 69 6.52 5.22 -19.42
CA ASN A 69 7.79 4.55 -19.18
C ASN A 69 7.55 3.25 -18.44
N GLY A 70 6.31 3.08 -17.99
CA GLY A 70 5.94 1.88 -17.26
C GLY A 70 6.35 1.96 -15.81
N SER A 71 6.33 3.17 -15.26
CA SER A 71 6.71 3.37 -13.88
C SER A 71 5.58 4.02 -13.09
N ALA A 72 5.60 3.79 -11.78
CA ALA A 72 4.60 4.36 -10.89
C ALA A 72 5.24 4.68 -9.54
N SER A 73 5.45 5.96 -9.30
CA SER A 73 6.06 6.39 -8.05
C SER A 73 5.07 7.21 -7.22
N THR A 74 4.87 6.80 -5.98
CA THR A 74 3.96 7.51 -5.11
C THR A 74 4.45 7.47 -3.67
N SER A 75 3.83 8.28 -2.82
CA SER A 75 4.20 8.36 -1.42
C SER A 75 2.98 8.15 -0.54
N LEU A 76 3.12 7.32 0.49
CA LEU A 76 2.01 7.02 1.38
C LEU A 76 2.31 7.45 2.81
N THR A 77 1.30 7.99 3.49
CA THR A 77 1.44 8.41 4.86
C THR A 77 0.81 7.37 5.79
N VAL A 78 1.65 6.59 6.46
CA VAL A 78 1.16 5.55 7.35
C VAL A 78 0.77 6.11 8.72
N ARG A 79 -0.50 5.94 9.07
CA ARG A 79 -1.01 6.40 10.35
C ARG A 79 -0.99 5.26 11.36
N ARG A 80 -1.33 5.58 12.61
CA ARG A 80 -1.35 4.58 13.67
C ARG A 80 -2.67 3.80 13.63
N SER A 81 -3.77 4.53 13.44
CA SER A 81 -5.09 3.92 13.37
C SER A 81 -5.81 4.40 12.12
N PHE A 82 -6.51 3.49 11.43
CA PHE A 82 -7.21 3.86 10.21
C PHE A 82 -8.41 2.96 9.96
N GLU A 83 -9.17 3.28 8.91
CA GLU A 83 -10.35 2.50 8.55
C GLU A 83 -9.97 1.50 7.46
N GLY A 84 -10.21 0.23 7.70
CA GLY A 84 -9.86 -0.79 6.74
C GLY A 84 -10.90 -0.93 5.63
N PHE A 85 -10.44 -0.83 4.39
CA PHE A 85 -11.33 -0.94 3.26
C PHE A 85 -10.83 -1.99 2.29
N LEU A 86 -11.74 -2.60 1.57
CA LEU A 86 -11.39 -3.63 0.61
C LEU A 86 -11.19 -3.00 -0.77
N PHE A 87 -10.93 -3.82 -1.78
CA PHE A 87 -10.70 -3.32 -3.13
C PHE A 87 -12.01 -2.95 -3.81
N ASP A 88 -13.07 -3.68 -3.47
CA ASP A 88 -14.39 -3.42 -4.05
C ASP A 88 -15.02 -2.16 -3.47
N GLY A 89 -14.62 -1.82 -2.25
CA GLY A 89 -15.16 -0.62 -1.61
C GLY A 89 -15.75 -0.92 -0.25
N THR A 90 -16.15 -2.17 -0.03
CA THR A 90 -16.72 -2.58 1.24
C THR A 90 -15.73 -2.37 2.38
N ARG A 91 -16.20 -1.82 3.49
CA ARG A 91 -15.35 -1.57 4.64
C ARG A 91 -15.46 -2.73 5.63
N TRP A 92 -14.36 -3.07 6.26
CA TRP A 92 -14.35 -4.16 7.22
C TRP A 92 -14.50 -3.60 8.64
N GLY A 93 -13.69 -2.60 8.95
CA GLY A 93 -13.74 -1.99 10.26
C GLY A 93 -12.49 -1.19 10.55
N THR A 94 -12.41 -0.63 11.74
CA THR A 94 -11.25 0.16 12.11
C THR A 94 -10.05 -0.74 12.41
N VAL A 95 -8.95 -0.49 11.72
CA VAL A 95 -7.75 -1.27 11.91
C VAL A 95 -6.70 -0.42 12.63
N ASP A 96 -6.22 -0.91 13.75
CA ASP A 96 -5.23 -0.19 14.53
C ASP A 96 -3.88 -0.90 14.48
N CYS A 97 -2.81 -0.14 14.27
CA CYS A 97 -1.47 -0.71 14.20
C CYS A 97 -0.57 -0.20 15.32
N THR A 98 -1.12 -0.14 16.53
CA THR A 98 -0.34 0.32 17.68
C THR A 98 0.37 -0.86 18.35
N THR A 99 -0.33 -1.98 18.47
CA THR A 99 0.23 -3.17 19.07
C THR A 99 0.63 -4.18 17.99
N ALA A 100 0.14 -3.95 16.78
CA ALA A 100 0.44 -4.81 15.65
C ALA A 100 1.27 -4.07 14.60
N ALA A 101 1.57 -4.76 13.50
CA ALA A 101 2.36 -4.16 12.45
C ALA A 101 1.52 -3.97 11.18
N CYS A 102 1.80 -2.91 10.47
CA CYS A 102 1.08 -2.60 9.24
C CYS A 102 1.95 -2.94 8.03
N GLN A 103 1.33 -3.02 6.86
CA GLN A 103 2.06 -3.33 5.63
C GLN A 103 1.62 -2.40 4.51
N VAL A 104 2.45 -2.31 3.48
CA VAL A 104 2.16 -1.46 2.33
C VAL A 104 1.33 -2.22 1.31
N GLY A 105 0.13 -1.73 1.04
CA GLY A 105 -0.74 -2.38 0.09
C GLY A 105 -0.66 -1.75 -1.28
N LEU A 106 -0.29 -2.55 -2.26
CA LEU A 106 -0.17 -2.08 -3.63
C LEU A 106 -0.86 -3.05 -4.59
N SER A 107 -1.74 -2.52 -5.41
CA SER A 107 -2.47 -3.33 -6.38
C SER A 107 -2.81 -2.51 -7.62
N ASP A 108 -2.95 -3.19 -8.75
CA ASP A 108 -3.26 -2.54 -10.01
C ASP A 108 -4.77 -2.26 -10.12
N ALA A 109 -5.27 -2.24 -11.34
CA ALA A 109 -6.70 -1.98 -11.58
C ALA A 109 -7.53 -3.24 -11.39
N ALA A 110 -6.88 -4.34 -11.07
CA ALA A 110 -7.59 -5.61 -10.87
C ALA A 110 -7.38 -6.13 -9.46
N GLY A 111 -6.14 -6.10 -8.99
CA GLY A 111 -5.84 -6.59 -7.65
C GLY A 111 -4.52 -7.35 -7.58
N ASN A 112 -3.62 -7.07 -8.52
CA ASN A 112 -2.32 -7.75 -8.55
C ASN A 112 -1.19 -6.73 -8.58
N GLY A 113 0.03 -7.23 -8.74
CA GLY A 113 1.18 -6.36 -8.78
C GLY A 113 2.28 -6.82 -7.84
N PRO A 114 3.14 -5.91 -7.37
CA PRO A 114 4.22 -6.24 -6.45
C PRO A 114 3.70 -6.76 -5.12
N GLU A 115 4.42 -7.68 -4.51
CA GLU A 115 4.00 -8.24 -3.22
C GLU A 115 4.09 -7.18 -2.13
N GLY A 116 3.20 -7.26 -1.16
CA GLY A 116 3.18 -6.30 -0.08
C GLY A 116 4.36 -6.48 0.86
N VAL A 117 4.81 -5.38 1.45
CA VAL A 117 5.92 -5.40 2.38
C VAL A 117 5.44 -4.92 3.74
N ALA A 118 5.75 -5.67 4.78
CA ALA A 118 5.34 -5.32 6.13
C ALA A 118 6.38 -4.44 6.80
N ILE A 119 5.89 -3.51 7.61
CA ILE A 119 6.76 -2.58 8.33
C ILE A 119 6.44 -2.63 9.81
N SER A 120 7.23 -1.96 10.62
CA SER A 120 7.00 -1.95 12.06
C SER A 120 7.46 -0.62 12.66
N PHE A 121 6.77 -0.15 13.70
CA PHE A 121 7.13 1.12 14.33
C PHE A 121 8.04 0.89 15.53
N ASN A 122 8.94 1.83 15.78
CA ASN A 122 9.87 1.71 16.90
C ASN A 122 9.18 2.11 18.20
#